data_5V5S
#
_entry.id   5V5S
#
_cell.length_a   1.000
_cell.length_b   1.000
_cell.length_c   1.000
_cell.angle_alpha   90.00
_cell.angle_beta   90.00
_cell.angle_gamma   90.00
#
_symmetry.space_group_name_H-M   'P 1'
#
loop_
_entity.id
_entity.type
_entity.pdbx_description
1 polymer 'Outer membrane protein TolC'
2 polymer 'Multidrug efflux pump subunit AcrA'
3 polymer 'Multidrug efflux pump subunit AcrB'
#
loop_
_entity_poly.entity_id
_entity_poly.type
_entity_poly.pdbx_seq_one_letter_code
_entity_poly.pdbx_strand_id
1 'polypeptide(L)'
;ENL(MSE)QVYQQARLSNPELRKSAADRDAAFEKINEARSPLLPQLGLGADYTYSNGYRDANGINSNATSASLQLTQSIF
D(MSE)SKWRALTLQEKAAGIQDVTYQTDQQTLILNTATAYFNVLNAIDVLSYTQAQKEAIYRQLDQTTQRFNVGLVAIT
DVQNARAQYDTVLANEVTARNNLDNAVEQLRQITGNYYPELAALNVENFKTDKPQPVNALLKEAEKRNLSLLQARLSQDL
AREQIRQAQDGHLPTLDLTASTGISDTSYSGSKTRGAAGTQYDDSN(MSE)GQNKVGLSFSLPIYQGG(MSE)VNSQVKQ
AQYNFVGASEQLESAHRSVVQTVRSSFNNINASISSINAYKQAVVSAQSSLDA(MSE)EAGYSVGTRTIVDVLDATTTLY
NAKQELANARYNYLINQLNIKSALGTLNEQDLLALNNALSKPVSTNPENVAPQTPEQNAIAD
;
A,B,C
2 'polypeptide(L)'
;MNKNRGFTPLAVVLMLSGSLALTGCDDKQAQQGGQQMPAVGVVTVKTEPLQITTELPGRTSAYRIAEVRPQVSGIILKRN
FKEGSDIEAGVSLYQIDPATYQATYDSAKGDLAKAQAAANIAQLTVNRYQKLLGTQYISKQEYDQALADAQQANAAVTAA
KAAVETARINLAYTKVTSPISGRIGKSNVTEGALVQNGQATALATVQQLDPIYVDVTQSSNDFLRLKQELANGTLKQENG
KAKVSLITSDGIKFPQDGTLEFSDVTVDQTTGCITLRAIFPNPDHTLLPGMFVRARLEEGLNPNAILVPQQGVTRTPRGD
ATVLVVGADDKVETRPIVASQAIGDKWLVTEGLKAGDRVVISGLQKVRPGVQVKAQEVTADNNQQAASGAQPEQSKS
;
D,E,F,G,H,I
3 'polypeptide(L)'
;MPNFFIDRPIFAWVIAIIIMLAGGLAILKLPVAQYPTIAPPAVTISASYPGADAKTVQDTVTQVIEQNMNGIDNLMYMSS
NSDSTGTVQITLTFESGTDADIAQVQVQNKLQLAMPLLPQEVQQQGVSVEKSSSSFLMVVGVINTDGTMTQEDISDYVAA
NMKDAISRTSGVGDVQLFGSQYAMRIWMNPNELNKFQLTPVDVITAIKAQNAQVAAGQLGGTPPVKGQQLNASIIAQTRL
TSTEEFGKILLKVNQDGCRVLLRDVAKIELGGENYDIIAEFNGQPASGLGIKLATGANALDTAAAIRAELAKMEPFFPSG
LKIVYPYDTTPFVKISIHEVVKTLVEAIILVFLVMYLFLQNFRATLIPTIAVPVVLLGTFAVLAAFGFSINTLTMFGMVL
AIGLLVDDAIVVVENVERVMAEEGLPPKEATRKSMGQIQGALVGIAMVLSAVFVPMAFFGGSTGAIYRQFSITIVSAMAL
SVLVALILTPALCATMLKPIAKGDHGEGKKGFFGWFNRMFEKSTHHYTDSVGGILRSTGRYLVLYLIIVVGMAYLFVRLP
SSFLPDEDQGVFMTMVQLPAGATQERTQKVLNEVTHYYLTKEKNNVESVFAVNGFGFAGRGQNTGIAFVSLKDWADRPGE
ENKVEAITMRATRAFSQIKDAMVFAFNLPAIVELGTATGFDFELIDQAGLGHEKLTQARNQLLAEAAKHPDMLTSVRPNG
LEDTPQFKIDIDQEKAQALGVSINDINTTLGAAWGGSYVNDFIDRGRVKKVYVMSEAKYRMLPDDIGDWYVRAADGQMVP
FSAFSSSRWEYGSPRLERYNGLPSMEILGQAAPGKSTGEAMELMEQLASKLPTGVGYDWTGMSYQERLSGNQAPSLYAIS
LIVVFLCLAALYESWSIPFSVMLVVPLGVIGALLAATFRGLTNDVYFQVGLLTTIGLSAKNAILIVEFAKDLMDKEGKGL
IEATLDAVRMRLRPILMTSLAFILGVMPLVISTGAGSGAQNAVGTGVMGGMVTATVLAIFFVPVFFVVVRRRFSRKNEDI
EHSHTVDHH
;
J,K,L
#
# COMPACT_ATOMS: atom_id res chain seq x y z
N GLU A 1 -103.25 -58.79 -66.95
CA GLU A 1 -102.13 -58.08 -66.35
C GLU A 1 -102.58 -57.54 -65.00
N ASN A 2 -103.57 -56.67 -65.04
CA ASN A 2 -104.32 -56.33 -63.85
C ASN A 2 -105.15 -57.55 -63.40
N LEU A 3 -105.77 -57.42 -62.24
CA LEU A 3 -106.33 -58.56 -61.54
C LEU A 3 -107.47 -59.25 -62.28
N MSE A 4 -108.58 -58.54 -62.50
CA MSE A 4 -109.83 -59.19 -62.91
C MSE A 4 -109.74 -59.80 -64.30
O MSE A 4 -110.35 -60.84 -64.55
CB MSE A 4 -111.01 -58.22 -62.84
CG MSE A 4 -111.13 -57.18 -63.94
SE MSE A 4 -112.81 -56.24 -63.81
CE MSE A 4 -113.98 -57.67 -64.47
N GLN A 5 -108.91 -59.19 -65.16
CA GLN A 5 -108.73 -59.72 -66.51
C GLN A 5 -108.00 -61.04 -66.47
N VAL A 6 -107.01 -61.15 -65.59
CA VAL A 6 -106.40 -62.44 -65.32
C VAL A 6 -107.44 -63.37 -64.71
N TYR A 7 -108.32 -62.82 -63.85
CA TYR A 7 -109.51 -63.56 -63.43
C TYR A 7 -110.37 -63.91 -64.63
N GLN A 8 -110.50 -63.00 -65.59
CA GLN A 8 -111.16 -63.36 -66.84
C GLN A 8 -110.39 -64.48 -67.52
N GLN A 9 -109.07 -64.40 -67.52
CA GLN A 9 -108.25 -65.51 -67.96
C GLN A 9 -108.38 -66.71 -67.04
N ALA A 10 -108.70 -66.49 -65.78
CA ALA A 10 -109.13 -67.60 -64.94
C ALA A 10 -110.55 -68.03 -65.27
N ARG A 11 -111.45 -67.09 -65.55
CA ARG A 11 -112.84 -67.50 -65.74
C ARG A 11 -113.03 -68.08 -67.13
N LEU A 12 -112.04 -67.91 -68.01
CA LEU A 12 -112.06 -68.68 -69.25
C LEU A 12 -111.16 -69.92 -69.13
N SER A 13 -110.04 -69.83 -68.41
CA SER A 13 -109.06 -70.91 -68.41
C SER A 13 -108.65 -71.27 -66.99
N ASN A 14 -109.62 -71.38 -66.09
CA ASN A 14 -109.37 -72.28 -64.97
C ASN A 14 -109.87 -73.63 -65.41
N PRO A 15 -109.05 -74.68 -65.35
CA PRO A 15 -109.55 -76.04 -65.61
C PRO A 15 -110.58 -76.53 -64.60
N GLU A 16 -110.78 -75.83 -63.49
CA GLU A 16 -111.82 -76.20 -62.55
C GLU A 16 -113.00 -75.23 -62.60
N LEU A 17 -112.82 -74.08 -63.24
CA LEU A 17 -114.01 -73.34 -63.64
C LEU A 17 -114.66 -74.07 -64.80
N ARG A 18 -113.84 -74.63 -65.69
CA ARG A 18 -114.39 -75.38 -66.80
C ARG A 18 -114.80 -76.77 -66.37
N LYS A 19 -113.92 -77.46 -65.64
CA LYS A 19 -114.21 -78.82 -65.22
C LYS A 19 -115.27 -78.83 -64.13
N SER A 20 -115.21 -77.86 -63.23
CA SER A 20 -116.21 -77.82 -62.17
C SER A 20 -117.48 -77.14 -62.62
N ALA A 21 -117.40 -76.28 -63.63
CA ALA A 21 -118.62 -75.87 -64.32
C ALA A 21 -119.28 -77.07 -64.96
N ALA A 22 -118.47 -77.95 -65.54
CA ALA A 22 -118.97 -79.21 -66.07
C ALA A 22 -119.44 -80.13 -64.95
N ASP A 23 -118.96 -79.93 -63.73
CA ASP A 23 -119.49 -80.68 -62.61
C ASP A 23 -120.86 -80.16 -62.23
N ARG A 24 -121.07 -78.85 -62.31
CA ARG A 24 -122.35 -78.32 -61.88
C ARG A 24 -123.40 -78.51 -62.95
N ASP A 25 -122.98 -78.48 -64.22
CA ASP A 25 -123.87 -78.84 -65.30
C ASP A 25 -124.07 -80.33 -65.35
N ALA A 26 -123.14 -81.09 -64.78
CA ALA A 26 -123.38 -82.51 -64.58
C ALA A 26 -124.38 -82.73 -63.46
N ALA A 27 -124.41 -81.81 -62.50
CA ALA A 27 -125.37 -81.92 -61.40
C ALA A 27 -126.77 -81.57 -61.88
N PHE A 28 -126.88 -80.57 -62.74
CA PHE A 28 -128.20 -80.12 -63.20
C PHE A 28 -128.68 -81.00 -64.35
N GLU A 29 -127.74 -81.43 -65.19
CA GLU A 29 -127.97 -82.50 -66.15
C GLU A 29 -128.34 -83.79 -65.43
N LYS A 30 -127.87 -83.94 -64.19
CA LYS A 30 -128.23 -85.06 -63.36
C LYS A 30 -129.56 -84.85 -62.67
N ILE A 31 -130.04 -83.60 -62.59
CA ILE A 31 -131.44 -83.40 -62.24
C ILE A 31 -132.30 -83.85 -63.40
N ASN A 32 -131.83 -83.64 -64.64
CA ASN A 32 -132.58 -84.10 -65.81
C ASN A 32 -132.67 -85.62 -65.86
N GLU A 33 -131.54 -86.31 -65.71
CA GLU A 33 -131.62 -87.76 -65.73
C GLU A 33 -132.15 -88.33 -64.42
N ALA A 34 -132.13 -87.56 -63.34
CA ALA A 34 -132.80 -87.99 -62.12
C ALA A 34 -134.31 -87.91 -62.28
N ARG A 35 -134.75 -87.00 -63.14
CA ARG A 35 -136.15 -86.91 -63.51
C ARG A 35 -136.52 -87.95 -64.57
N SER A 36 -135.54 -88.41 -65.35
CA SER A 36 -135.81 -89.35 -66.44
C SER A 36 -136.46 -90.70 -66.07
N PRO A 37 -136.25 -91.34 -64.90
CA PRO A 37 -136.98 -92.60 -64.67
C PRO A 37 -138.44 -92.42 -64.39
N LEU A 38 -138.88 -91.20 -64.07
CA LEU A 38 -140.29 -90.92 -63.86
C LEU A 38 -141.12 -91.06 -65.13
N LEU A 39 -140.49 -90.98 -66.30
CA LEU A 39 -141.16 -90.99 -67.58
C LEU A 39 -141.64 -92.39 -67.93
N PRO A 40 -142.63 -92.51 -68.83
CA PRO A 40 -143.00 -93.84 -69.33
C PRO A 40 -141.88 -94.48 -70.11
N GLN A 41 -141.89 -95.81 -70.18
CA GLN A 41 -140.81 -96.56 -70.80
C GLN A 41 -141.38 -97.47 -71.88
N LEU A 42 -140.90 -97.31 -73.11
CA LEU A 42 -141.39 -98.08 -74.23
C LEU A 42 -140.24 -98.81 -74.91
N GLY A 43 -140.46 -100.09 -75.20
CA GLY A 43 -139.41 -100.95 -75.74
C GLY A 43 -140.00 -102.14 -76.44
N LEU A 44 -139.12 -102.98 -76.99
CA LEU A 44 -139.45 -104.06 -77.88
C LEU A 44 -139.10 -105.41 -77.25
N GLY A 45 -139.74 -106.47 -77.73
CA GLY A 45 -139.36 -107.82 -77.37
C GLY A 45 -139.65 -108.77 -78.51
N ALA A 46 -138.85 -109.84 -78.57
CA ALA A 46 -139.01 -110.90 -79.57
C ALA A 46 -138.24 -112.13 -79.10
N ASP A 47 -138.79 -113.31 -79.35
CA ASP A 47 -138.11 -114.53 -78.94
C ASP A 47 -138.50 -115.71 -79.84
N TYR A 48 -137.56 -116.64 -79.96
CA TYR A 48 -137.72 -117.89 -80.69
C TYR A 48 -137.41 -119.04 -79.74
N THR A 49 -138.36 -119.98 -79.62
CA THR A 49 -138.23 -121.07 -78.67
C THR A 49 -138.57 -122.37 -79.38
N TYR A 50 -137.79 -123.42 -79.15
CA TYR A 50 -138.06 -124.75 -79.66
C TYR A 50 -138.32 -125.72 -78.51
N SER A 51 -139.21 -126.68 -78.74
CA SER A 51 -139.51 -127.70 -77.76
C SER A 51 -139.25 -129.07 -78.35
N ASN A 52 -138.78 -129.98 -77.49
CA ASN A 52 -138.57 -131.38 -77.85
C ASN A 52 -138.86 -132.21 -76.61
N GLY A 53 -139.62 -133.29 -76.80
CA GLY A 53 -140.11 -134.02 -75.65
C GLY A 53 -139.73 -135.47 -75.55
N TYR A 54 -139.79 -135.99 -74.32
CA TYR A 54 -139.51 -137.39 -74.03
C TYR A 54 -140.18 -137.73 -72.71
N ARG A 55 -140.52 -139.01 -72.53
CA ARG A 55 -140.91 -139.59 -71.24
C ARG A 55 -142.16 -138.90 -70.67
N ASP A 56 -143.30 -139.26 -71.30
CA ASP A 56 -144.64 -138.65 -71.23
C ASP A 56 -144.73 -137.39 -72.09
N ALA A 57 -143.61 -136.99 -72.70
CA ALA A 57 -143.64 -136.00 -73.75
C ALA A 57 -143.08 -136.55 -75.05
N ASN A 58 -142.89 -137.86 -75.15
CA ASN A 58 -142.20 -138.46 -76.27
C ASN A 58 -143.13 -138.58 -77.47
N GLY A 59 -142.89 -137.77 -78.49
CA GLY A 59 -143.69 -137.76 -79.69
C GLY A 59 -144.47 -136.47 -79.92
N ILE A 60 -144.66 -135.65 -78.90
CA ILE A 60 -145.28 -134.35 -79.04
C ILE A 60 -144.19 -133.29 -79.06
N ASN A 61 -144.23 -132.44 -80.08
CA ASN A 61 -143.20 -131.43 -80.28
C ASN A 61 -143.87 -130.12 -80.67
N SER A 62 -143.14 -129.03 -80.46
CA SER A 62 -143.64 -127.71 -80.80
C SER A 62 -142.47 -126.75 -80.89
N ASN A 63 -142.79 -125.51 -81.24
CA ASN A 63 -141.83 -124.41 -81.18
C ASN A 63 -142.61 -123.12 -80.92
N ALA A 64 -141.93 -122.10 -80.42
CA ALA A 64 -142.58 -120.85 -80.04
C ALA A 64 -141.80 -119.64 -80.54
N THR A 65 -142.54 -118.60 -80.90
CA THR A 65 -141.96 -117.35 -81.42
C THR A 65 -142.94 -116.24 -81.09
N SER A 66 -142.48 -115.17 -80.45
CA SER A 66 -143.40 -114.10 -80.07
C SER A 66 -142.74 -112.74 -80.25
N ALA A 67 -143.57 -111.72 -80.42
CA ALA A 67 -143.11 -110.34 -80.44
C ALA A 67 -143.96 -109.54 -79.47
N SER A 68 -143.44 -108.39 -79.03
CA SER A 68 -144.06 -107.64 -77.94
C SER A 68 -143.60 -106.19 -77.97
N LEU A 69 -144.47 -105.30 -77.48
CA LEU A 69 -144.20 -103.88 -77.30
C LEU A 69 -144.67 -103.44 -75.93
N GLN A 70 -143.83 -102.70 -75.20
CA GLN A 70 -144.03 -102.50 -73.77
C GLN A 70 -143.79 -101.06 -73.37
N LEU A 71 -144.84 -100.39 -72.89
CA LEU A 71 -144.71 -99.09 -72.27
C LEU A 71 -145.28 -99.17 -70.86
N THR A 72 -144.50 -98.72 -69.88
CA THR A 72 -144.84 -98.79 -68.47
C THR A 72 -144.79 -97.40 -67.84
N GLN A 73 -145.50 -97.26 -66.73
CA GLN A 73 -145.47 -96.04 -65.93
C GLN A 73 -145.76 -96.39 -64.47
N SER A 74 -144.94 -95.83 -63.57
CA SER A 74 -145.03 -96.11 -62.14
C SER A 74 -146.25 -95.41 -61.53
N ILE A 75 -147.00 -96.13 -60.69
CA ILE A 75 -148.14 -95.56 -59.95
C ILE A 75 -147.80 -95.69 -58.46
N PHE A 76 -146.51 -95.52 -58.15
CA PHE A 76 -145.99 -94.93 -56.91
C PHE A 76 -144.50 -94.71 -57.01
N ASP A 77 -144.05 -93.52 -56.63
CA ASP A 77 -142.68 -93.33 -56.17
C ASP A 77 -142.59 -92.05 -55.37
N MSE A 78 -141.75 -92.06 -54.33
CA MSE A 78 -141.38 -90.85 -53.62
C MSE A 78 -139.86 -90.76 -53.54
O MSE A 78 -139.30 -89.72 -53.21
CB MSE A 78 -141.99 -90.81 -52.23
CG MSE A 78 -143.49 -90.65 -52.23
SE MSE A 78 -144.01 -89.01 -53.15
CE MSE A 78 -143.17 -87.72 -51.97
N SER A 79 -139.23 -91.88 -53.83
CA SER A 79 -137.78 -91.96 -53.79
C SER A 79 -137.15 -91.18 -54.94
N LYS A 80 -137.79 -91.15 -56.10
CA LYS A 80 -137.27 -90.35 -57.22
C LYS A 80 -137.49 -88.87 -56.98
N TRP A 81 -138.36 -88.54 -56.02
CA TRP A 81 -138.46 -87.15 -55.57
C TRP A 81 -137.33 -86.83 -54.62
N ARG A 82 -136.76 -87.85 -54.00
CA ARG A 82 -135.62 -87.61 -53.12
C ARG A 82 -134.33 -88.13 -53.78
N ALA A 83 -134.47 -88.88 -54.86
CA ALA A 83 -133.37 -88.88 -55.83
C ALA A 83 -133.30 -87.52 -56.50
N LEU A 84 -134.45 -86.90 -56.70
CA LEU A 84 -134.51 -85.64 -57.40
C LEU A 84 -134.15 -84.48 -56.48
N THR A 85 -134.39 -84.63 -55.17
CA THR A 85 -134.11 -83.51 -54.27
C THR A 85 -132.95 -83.83 -53.33
N LEU A 86 -132.53 -85.09 -53.26
CA LEU A 86 -131.08 -85.32 -53.17
C LEU A 86 -130.37 -84.67 -54.33
N GLN A 87 -130.95 -84.73 -55.52
CA GLN A 87 -130.27 -84.26 -56.70
C GLN A 87 -130.31 -82.73 -56.77
N GLU A 88 -131.27 -82.12 -56.09
CA GLU A 88 -131.37 -80.68 -56.10
C GLU A 88 -130.76 -80.05 -54.86
N LYS A 89 -130.88 -80.70 -53.70
CA LYS A 89 -130.09 -80.27 -52.56
C LYS A 89 -128.61 -80.47 -52.82
N ALA A 90 -128.27 -81.56 -53.51
CA ALA A 90 -126.87 -81.90 -53.74
C ALA A 90 -126.34 -81.22 -55.00
N ALA A 91 -127.20 -81.00 -55.99
CA ALA A 91 -126.83 -80.12 -57.07
C ALA A 91 -126.65 -78.70 -56.57
N GLY A 92 -127.46 -78.32 -55.58
CA GLY A 92 -127.25 -77.05 -54.90
C GLY A 92 -126.05 -77.06 -53.99
N ILE A 93 -125.63 -78.24 -53.53
CA ILE A 93 -124.34 -78.37 -52.86
C ILE A 93 -123.22 -78.15 -53.85
N GLN A 94 -123.40 -78.63 -55.07
CA GLN A 94 -122.44 -78.38 -56.13
C GLN A 94 -122.46 -76.93 -56.57
N ASP A 95 -123.58 -76.24 -56.36
CA ASP A 95 -123.58 -74.81 -56.63
C ASP A 95 -123.01 -74.05 -55.44
N VAL A 96 -123.14 -74.61 -54.24
CA VAL A 96 -122.50 -74.04 -53.06
C VAL A 96 -120.98 -74.08 -53.23
N THR A 97 -120.47 -75.23 -53.62
CA THR A 97 -119.04 -75.33 -53.79
C THR A 97 -118.59 -74.75 -55.12
N TYR A 98 -119.51 -74.54 -56.06
CA TYR A 98 -119.08 -73.95 -57.33
C TYR A 98 -119.08 -72.44 -57.25
N GLN A 99 -119.96 -71.90 -56.42
CA GLN A 99 -119.77 -70.55 -55.93
C GLN A 99 -118.55 -70.47 -55.03
N THR A 100 -118.14 -71.59 -54.46
CA THR A 100 -116.83 -71.63 -53.84
C THR A 100 -115.78 -72.05 -54.87
N ASP A 101 -116.14 -72.15 -56.15
CA ASP A 101 -115.11 -72.34 -57.16
C ASP A 101 -114.82 -71.04 -57.86
N GLN A 102 -115.80 -70.16 -57.90
CA GLN A 102 -115.50 -68.78 -58.24
C GLN A 102 -114.94 -68.06 -57.01
N GLN A 103 -115.44 -68.41 -55.83
CA GLN A 103 -114.90 -67.81 -54.61
C GLN A 103 -113.52 -68.37 -54.31
N THR A 104 -113.33 -69.68 -54.54
CA THR A 104 -112.01 -70.26 -54.42
C THR A 104 -111.13 -69.84 -55.59
N LEU A 105 -111.74 -69.58 -56.74
CA LEU A 105 -110.99 -69.15 -57.90
C LEU A 105 -110.39 -67.77 -57.72
N ILE A 106 -111.24 -66.82 -57.29
CA ILE A 106 -110.76 -65.48 -56.94
C ILE A 106 -109.86 -65.57 -55.71
N LEU A 107 -110.13 -66.52 -54.83
CA LEU A 107 -109.38 -66.65 -53.59
C LEU A 107 -107.94 -67.07 -53.84
N ASN A 108 -107.73 -68.14 -54.59
CA ASN A 108 -106.38 -68.64 -54.77
C ASN A 108 -105.74 -68.10 -56.03
N THR A 109 -106.54 -67.50 -56.90
CA THR A 109 -105.96 -66.87 -58.07
C THR A 109 -105.55 -65.44 -57.76
N ALA A 110 -106.35 -64.78 -56.93
CA ALA A 110 -105.95 -63.47 -56.42
C ALA A 110 -104.89 -63.61 -55.34
N THR A 111 -105.06 -64.61 -54.46
CA THR A 111 -104.02 -64.95 -53.50
C THR A 111 -102.73 -65.32 -54.20
N ALA A 112 -102.82 -66.18 -55.22
CA ALA A 112 -101.67 -66.56 -55.99
C ALA A 112 -101.09 -65.40 -56.77
N TYR A 113 -101.95 -64.46 -57.17
CA TYR A 113 -101.48 -63.23 -57.78
C TYR A 113 -100.70 -62.41 -56.76
N PHE A 114 -101.11 -62.48 -55.49
CA PHE A 114 -100.38 -61.80 -54.43
C PHE A 114 -99.13 -62.55 -54.07
N ASN A 115 -99.04 -63.82 -54.47
CA ASN A 115 -97.80 -64.57 -54.29
C ASN A 115 -96.84 -64.27 -55.41
N VAL A 116 -97.37 -64.00 -56.60
CA VAL A 116 -96.55 -63.52 -57.70
C VAL A 116 -95.99 -62.16 -57.36
N LEU A 117 -96.87 -61.24 -56.93
CA LEU A 117 -96.43 -59.92 -56.51
C LEU A 117 -95.53 -60.00 -55.29
N ASN A 118 -95.77 -60.99 -54.45
CA ASN A 118 -94.94 -61.20 -53.27
C ASN A 118 -93.54 -61.64 -53.68
N ALA A 119 -93.45 -62.50 -54.70
CA ALA A 119 -92.14 -62.94 -55.16
C ALA A 119 -91.43 -61.84 -55.94
N ILE A 120 -92.17 -61.03 -56.69
CA ILE A 120 -91.57 -59.92 -57.43
C ILE A 120 -91.03 -58.88 -56.48
N ASP A 121 -91.77 -58.59 -55.42
CA ASP A 121 -91.43 -57.44 -54.60
C ASP A 121 -90.46 -57.82 -53.49
N VAL A 122 -90.67 -58.99 -52.89
CA VAL A 122 -89.69 -59.53 -51.95
C VAL A 122 -88.39 -59.86 -52.67
N LEU A 123 -88.49 -60.40 -53.87
CA LEU A 123 -87.30 -60.57 -54.71
C LEU A 123 -86.71 -59.22 -55.11
N SER A 124 -87.55 -58.19 -55.21
CA SER A 124 -87.03 -56.88 -55.60
C SER A 124 -86.24 -56.25 -54.47
N TYR A 125 -86.72 -56.38 -53.25
CA TYR A 125 -85.95 -55.90 -52.11
C TYR A 125 -84.79 -56.84 -51.82
N THR A 126 -84.87 -58.08 -52.30
CA THR A 126 -83.69 -58.94 -52.29
C THR A 126 -82.64 -58.41 -53.25
N GLN A 127 -83.08 -57.88 -54.40
CA GLN A 127 -82.17 -57.28 -55.35
C GLN A 127 -81.53 -56.02 -54.79
N ALA A 128 -82.34 -55.10 -54.28
CA ALA A 128 -81.82 -53.86 -53.73
C ALA A 128 -81.02 -54.10 -52.46
N GLN A 129 -81.35 -55.17 -51.73
CA GLN A 129 -80.56 -55.56 -50.58
C GLN A 129 -79.20 -56.06 -51.01
N LYS A 130 -79.15 -56.85 -52.09
CA LYS A 130 -77.89 -57.24 -52.70
C LYS A 130 -77.12 -56.02 -53.20
N GLU A 131 -77.84 -55.00 -53.68
CA GLU A 131 -77.21 -53.76 -54.07
C GLU A 131 -76.60 -53.05 -52.86
N ALA A 132 -77.24 -53.17 -51.70
CA ALA A 132 -76.69 -52.54 -50.51
C ALA A 132 -75.45 -53.27 -50.00
N ILE A 133 -75.51 -54.60 -49.99
CA ILE A 133 -74.37 -55.44 -49.63
C ILE A 133 -73.24 -55.27 -50.64
N TYR A 134 -73.57 -54.91 -51.87
CA TYR A 134 -72.54 -54.70 -52.88
C TYR A 134 -71.98 -53.29 -52.84
N ARG A 135 -72.75 -52.30 -52.38
CA ARG A 135 -72.18 -50.98 -52.19
C ARG A 135 -71.25 -50.94 -50.99
N GLN A 136 -71.65 -51.59 -49.90
CA GLN A 136 -70.78 -51.58 -48.73
C GLN A 136 -69.69 -52.62 -48.83
N LEU A 137 -69.95 -53.72 -49.54
CA LEU A 137 -68.90 -54.69 -49.87
C LEU A 137 -67.88 -54.07 -50.81
N ASP A 138 -68.36 -53.44 -51.87
CA ASP A 138 -67.49 -52.86 -52.89
C ASP A 138 -66.74 -51.66 -52.32
N GLN A 139 -67.41 -50.88 -51.47
CA GLN A 139 -66.77 -49.74 -50.84
C GLN A 139 -65.77 -50.19 -49.79
N THR A 140 -66.09 -51.26 -49.07
CA THR A 140 -65.18 -51.82 -48.07
C THR A 140 -63.94 -52.39 -48.72
N THR A 141 -64.12 -53.09 -49.84
CA THR A 141 -63.00 -53.63 -50.59
C THR A 141 -62.18 -52.50 -51.21
N GLN A 142 -62.86 -51.41 -51.57
CA GLN A 142 -62.17 -50.23 -52.09
C GLN A 142 -61.32 -49.56 -51.02
N ARG A 143 -61.79 -49.56 -49.78
CA ARG A 143 -60.95 -49.07 -48.69
C ARG A 143 -59.86 -50.08 -48.36
N PHE A 144 -60.06 -51.35 -48.72
CA PHE A 144 -58.99 -52.32 -48.59
C PHE A 144 -57.94 -52.15 -49.69
N ASN A 145 -58.28 -51.49 -50.79
CA ASN A 145 -57.31 -51.29 -51.87
C ASN A 145 -56.18 -50.37 -51.44
N VAL A 146 -56.41 -49.51 -50.46
CA VAL A 146 -55.33 -48.81 -49.79
C VAL A 146 -54.93 -49.52 -48.50
N GLY A 147 -55.77 -50.42 -48.00
CA GLY A 147 -55.39 -51.21 -46.84
C GLY A 147 -55.92 -50.67 -45.53
N LEU A 148 -57.22 -50.43 -45.44
CA LEU A 148 -57.79 -49.90 -44.20
C LEU A 148 -58.32 -50.98 -43.25
N VAL A 149 -59.00 -52.00 -43.77
CA VAL A 149 -59.70 -52.95 -42.91
C VAL A 149 -59.12 -54.35 -43.04
N ALA A 150 -59.69 -55.29 -42.28
CA ALA A 150 -59.30 -56.70 -42.36
C ALA A 150 -60.04 -57.37 -43.50
N ILE A 151 -59.42 -58.40 -44.07
CA ILE A 151 -59.99 -59.04 -45.26
C ILE A 151 -61.21 -59.88 -44.90
N THR A 152 -61.37 -60.24 -43.63
CA THR A 152 -62.49 -61.08 -43.23
C THR A 152 -63.80 -60.31 -43.23
N ASP A 153 -63.75 -58.98 -43.26
CA ASP A 153 -64.95 -58.22 -43.50
C ASP A 153 -65.39 -58.35 -44.95
N VAL A 154 -64.41 -58.29 -45.86
CA VAL A 154 -64.68 -58.44 -47.29
C VAL A 154 -65.15 -59.86 -47.60
N GLN A 155 -64.62 -60.84 -46.87
CA GLN A 155 -64.95 -62.22 -47.18
C GLN A 155 -66.16 -62.73 -46.40
N ASN A 156 -66.43 -62.15 -45.22
CA ASN A 156 -67.72 -62.38 -44.59
C ASN A 156 -68.82 -61.75 -45.41
N ALA A 157 -68.58 -60.55 -45.94
CA ALA A 157 -69.55 -59.97 -46.86
C ALA A 157 -69.51 -60.65 -48.22
N ARG A 158 -68.51 -61.50 -48.48
CA ARG A 158 -68.55 -62.35 -49.66
C ARG A 158 -69.40 -63.58 -49.40
N ALA A 159 -69.36 -64.10 -48.18
CA ALA A 159 -70.24 -65.20 -47.82
C ALA A 159 -71.68 -64.75 -47.74
N GLN A 160 -71.92 -63.59 -47.12
CA GLN A 160 -73.25 -62.99 -47.10
C GLN A 160 -73.65 -62.50 -48.48
N TYR A 161 -72.66 -62.12 -49.27
CA TYR A 161 -72.92 -61.76 -50.66
C TYR A 161 -73.37 -62.98 -51.45
N ASP A 162 -72.74 -64.13 -51.19
CA ASP A 162 -73.20 -65.40 -51.74
C ASP A 162 -74.56 -65.78 -51.18
N THR A 163 -74.87 -65.32 -49.98
CA THR A 163 -76.15 -65.63 -49.37
C THR A 163 -77.26 -64.88 -50.08
N VAL A 164 -77.06 -63.58 -50.31
CA VAL A 164 -78.09 -62.81 -51.00
C VAL A 164 -78.11 -63.13 -52.49
N LEU A 165 -76.99 -63.58 -53.05
CA LEU A 165 -77.00 -64.20 -54.37
C LEU A 165 -77.86 -65.44 -54.37
N ALA A 166 -77.76 -66.25 -53.30
CA ALA A 166 -78.60 -67.43 -53.19
C ALA A 166 -80.06 -67.05 -52.96
N ASN A 167 -80.30 -65.87 -52.37
CA ASN A 167 -81.66 -65.46 -52.09
C ASN A 167 -82.33 -64.92 -53.35
N GLU A 168 -81.57 -64.23 -54.20
CA GLU A 168 -82.11 -63.86 -55.50
C GLU A 168 -82.09 -65.05 -56.45
N VAL A 169 -81.33 -66.09 -56.11
CA VAL A 169 -81.37 -67.34 -56.87
C VAL A 169 -82.65 -68.12 -56.60
N THR A 170 -82.88 -68.49 -55.34
CA THR A 170 -84.06 -69.29 -55.06
C THR A 170 -85.32 -68.42 -55.00
N ALA A 171 -85.18 -67.13 -54.77
CA ALA A 171 -86.32 -66.25 -54.85
C ALA A 171 -86.58 -65.84 -56.29
N ARG A 172 -85.52 -65.86 -57.11
CA ARG A 172 -85.72 -65.90 -58.56
C ARG A 172 -86.47 -67.16 -58.95
N ASN A 173 -86.19 -68.27 -58.27
CA ASN A 173 -86.96 -69.48 -58.54
C ASN A 173 -88.38 -69.34 -58.00
N ASN A 174 -88.56 -68.50 -56.98
CA ASN A 174 -89.92 -68.25 -56.54
C ASN A 174 -90.64 -67.33 -57.51
N LEU A 175 -89.89 -66.54 -58.25
CA LEU A 175 -90.48 -65.82 -59.37
C LEU A 175 -90.80 -66.80 -60.50
N ASP A 176 -89.98 -67.82 -60.67
CA ASP A 176 -90.22 -68.82 -61.71
C ASP A 176 -91.45 -69.64 -61.40
N ASN A 177 -91.61 -69.99 -60.12
CA ASN A 177 -92.77 -70.72 -59.69
C ASN A 177 -93.96 -69.79 -59.54
N ALA A 178 -93.71 -68.49 -59.46
CA ALA A 178 -94.78 -67.51 -59.54
C ALA A 178 -95.28 -67.40 -60.98
N VAL A 179 -94.38 -67.55 -61.95
CA VAL A 179 -94.76 -67.76 -63.33
C VAL A 179 -95.46 -69.11 -63.46
N GLU A 180 -95.20 -70.03 -62.53
CA GLU A 180 -96.03 -71.21 -62.46
C GLU A 180 -97.22 -71.03 -61.52
N GLN A 181 -97.45 -69.83 -61.00
CA GLN A 181 -98.77 -69.55 -60.43
C GLN A 181 -99.67 -68.95 -61.48
N LEU A 182 -99.11 -68.03 -62.25
CA LEU A 182 -99.75 -67.51 -63.44
C LEU A 182 -99.91 -68.59 -64.50
N ARG A 183 -99.05 -69.60 -64.48
CA ARG A 183 -99.05 -70.62 -65.49
C ARG A 183 -99.63 -71.93 -64.97
N GLN A 184 -99.54 -72.17 -63.67
CA GLN A 184 -100.34 -73.24 -63.07
C GLN A 184 -101.82 -72.89 -63.06
N ILE A 185 -102.12 -71.62 -62.82
CA ILE A 185 -103.52 -71.24 -62.63
C ILE A 185 -104.03 -70.46 -63.82
N THR A 186 -103.32 -69.41 -64.19
CA THR A 186 -103.74 -68.63 -65.34
C THR A 186 -103.41 -69.36 -66.64
N GLY A 187 -102.25 -70.00 -66.68
CA GLY A 187 -101.83 -70.78 -67.82
C GLY A 187 -100.75 -70.14 -68.67
N ASN A 188 -100.39 -68.89 -68.39
CA ASN A 188 -99.62 -68.10 -69.33
C ASN A 188 -98.54 -67.31 -68.62
N TYR A 189 -97.99 -66.33 -69.34
CA TYR A 189 -96.94 -65.45 -68.86
C TYR A 189 -97.30 -63.99 -69.11
N TYR A 190 -96.87 -63.12 -68.19
CA TYR A 190 -96.83 -61.70 -68.36
C TYR A 190 -95.42 -61.17 -68.12
N PRO A 191 -94.97 -60.21 -68.94
CA PRO A 191 -93.69 -59.56 -68.65
C PRO A 191 -93.74 -58.64 -67.45
N GLU A 192 -94.90 -58.05 -67.16
CA GLU A 192 -95.05 -57.16 -66.02
C GLU A 192 -96.48 -57.28 -65.51
N LEU A 193 -96.67 -56.93 -64.24
CA LEU A 193 -97.99 -57.04 -63.65
C LEU A 193 -98.31 -55.79 -62.83
N ALA A 194 -99.60 -55.59 -62.61
CA ALA A 194 -100.09 -54.41 -61.91
C ALA A 194 -99.79 -54.54 -60.42
N ALA A 195 -98.85 -53.74 -59.92
CA ALA A 195 -98.43 -53.83 -58.54
C ALA A 195 -99.40 -53.08 -57.63
N LEU A 196 -99.02 -52.95 -56.37
CA LEU A 196 -99.85 -52.30 -55.37
C LEU A 196 -99.40 -50.87 -55.12
N ASN A 197 -100.39 -49.97 -55.04
CA ASN A 197 -100.14 -48.60 -54.61
C ASN A 197 -99.99 -48.63 -53.09
N VAL A 198 -98.77 -48.92 -52.64
CA VAL A 198 -98.50 -49.08 -51.22
C VAL A 198 -98.44 -47.75 -50.50
N GLU A 199 -98.35 -46.65 -51.24
CA GLU A 199 -98.07 -45.35 -50.66
C GLU A 199 -99.31 -44.68 -50.09
N ASN A 200 -100.50 -45.05 -50.58
CA ASN A 200 -101.74 -44.46 -50.10
C ASN A 200 -102.54 -45.43 -49.25
N PHE A 201 -101.87 -46.40 -48.65
CA PHE A 201 -102.57 -47.45 -47.92
C PHE A 201 -103.12 -46.92 -46.59
N LYS A 202 -104.30 -47.40 -46.24
CA LYS A 202 -104.97 -47.02 -45.00
C LYS A 202 -105.43 -48.29 -44.29
N THR A 203 -105.68 -48.15 -43.00
CA THR A 203 -106.02 -49.28 -42.15
C THR A 203 -107.53 -49.27 -41.89
N ASP A 204 -108.24 -50.12 -42.61
CA ASP A 204 -109.68 -50.22 -42.45
C ASP A 204 -109.99 -51.11 -41.25
N LYS A 205 -110.91 -50.66 -40.43
CA LYS A 205 -111.21 -51.50 -39.28
C LYS A 205 -112.35 -52.46 -39.60
N PRO A 206 -112.23 -53.72 -39.21
CA PRO A 206 -113.17 -54.74 -39.66
C PRO A 206 -114.49 -54.69 -38.90
N GLN A 207 -115.31 -55.67 -39.17
CA GLN A 207 -116.65 -55.77 -38.59
C GLN A 207 -116.56 -56.17 -37.12
N PRO A 208 -117.61 -55.90 -36.35
CA PRO A 208 -117.71 -56.48 -35.01
C PRO A 208 -117.84 -57.99 -35.08
N VAL A 209 -117.34 -58.63 -34.03
CA VAL A 209 -117.10 -60.07 -34.08
C VAL A 209 -118.40 -60.85 -33.97
N ASN A 210 -119.36 -60.35 -33.20
CA ASN A 210 -120.63 -61.04 -33.05
C ASN A 210 -121.54 -60.71 -34.22
N ALA A 211 -121.33 -59.53 -34.83
CA ALA A 211 -121.93 -59.24 -36.12
C ALA A 211 -121.41 -60.17 -37.20
N LEU A 212 -120.23 -60.74 -37.01
CA LEU A 212 -119.76 -61.80 -37.87
C LEU A 212 -120.16 -63.19 -37.39
N LEU A 213 -120.68 -63.31 -36.17
CA LEU A 213 -121.40 -64.54 -35.84
C LEU A 213 -122.72 -64.58 -36.59
N LYS A 214 -123.43 -63.45 -36.59
CA LYS A 214 -124.67 -63.38 -37.35
C LYS A 214 -124.40 -63.38 -38.85
N GLU A 215 -123.35 -62.70 -39.29
CA GLU A 215 -123.06 -62.63 -40.72
C GLU A 215 -122.47 -63.94 -41.23
N ALA A 216 -121.61 -64.56 -40.44
CA ALA A 216 -121.01 -65.83 -40.83
C ALA A 216 -122.03 -66.95 -40.76
N GLU A 217 -122.79 -67.04 -39.66
CA GLU A 217 -123.90 -67.99 -39.56
C GLU A 217 -125.06 -67.63 -40.49
N LYS A 218 -125.05 -66.44 -41.07
CA LYS A 218 -126.02 -66.02 -42.05
C LYS A 218 -125.65 -66.49 -43.45
N ARG A 219 -124.40 -66.28 -43.86
CA ARG A 219 -124.01 -66.53 -45.23
C ARG A 219 -122.85 -67.50 -45.31
N ASN A 220 -122.84 -68.52 -44.48
CA ASN A 220 -121.92 -69.62 -44.70
C ASN A 220 -122.44 -70.48 -45.84
N LEU A 221 -121.52 -70.95 -46.67
CA LEU A 221 -121.86 -71.95 -47.66
C LEU A 221 -121.77 -73.35 -47.09
N SER A 222 -120.97 -73.51 -46.04
CA SER A 222 -120.56 -74.83 -45.61
C SER A 222 -121.61 -75.48 -44.72
N LEU A 223 -122.14 -74.75 -43.74
CA LEU A 223 -123.13 -75.38 -42.89
C LEU A 223 -124.54 -75.18 -43.43
N LEU A 224 -124.71 -74.24 -44.35
CA LEU A 224 -125.87 -74.28 -45.25
C LEU A 224 -125.85 -75.56 -46.05
N GLN A 225 -124.70 -75.88 -46.63
CA GLN A 225 -124.46 -77.13 -47.32
C GLN A 225 -124.67 -78.32 -46.40
N ALA A 226 -124.33 -78.18 -45.12
CA ALA A 226 -124.64 -79.23 -44.14
C ALA A 226 -126.12 -79.29 -43.83
N ARG A 227 -126.85 -78.20 -44.03
CA ARG A 227 -128.31 -78.28 -43.93
C ARG A 227 -128.90 -78.96 -45.16
N LEU A 228 -128.26 -78.80 -46.31
CA LEU A 228 -128.70 -79.52 -47.49
C LEU A 228 -128.49 -81.02 -47.32
N SER A 229 -127.30 -81.39 -46.86
CA SER A 229 -127.04 -82.79 -46.54
C SER A 229 -127.84 -83.26 -45.34
N GLN A 230 -128.32 -82.34 -44.52
CA GLN A 230 -128.88 -82.71 -43.23
C GLN A 230 -130.38 -82.93 -43.34
N ASP A 231 -131.09 -82.03 -44.03
CA ASP A 231 -132.47 -82.32 -44.42
C ASP A 231 -132.52 -83.44 -45.43
N LEU A 232 -131.49 -83.53 -46.26
CA LEU A 232 -131.29 -84.71 -47.10
C LEU A 232 -131.24 -85.98 -46.28
N ALA A 233 -130.54 -85.94 -45.14
CA ALA A 233 -130.53 -87.06 -44.19
C ALA A 233 -131.88 -87.22 -43.51
N ARG A 234 -132.64 -86.14 -43.36
CA ARG A 234 -133.98 -86.25 -42.80
C ARG A 234 -134.92 -87.00 -43.73
N GLU A 235 -134.71 -86.82 -45.04
CA GLU A 235 -135.46 -87.64 -45.98
C GLU A 235 -134.73 -88.91 -46.33
N GLN A 236 -133.61 -89.20 -45.68
CA GLN A 236 -133.10 -90.55 -45.67
C GLN A 236 -133.67 -91.35 -44.51
N ILE A 237 -133.93 -90.67 -43.38
CA ILE A 237 -134.88 -91.18 -42.40
C ILE A 237 -136.19 -91.47 -43.09
N ARG A 238 -136.73 -90.45 -43.76
CA ARG A 238 -138.01 -90.58 -44.45
C ARG A 238 -137.89 -91.28 -45.78
N GLN A 239 -136.70 -91.76 -46.13
CA GLN A 239 -136.55 -92.54 -47.34
C GLN A 239 -136.36 -94.01 -47.02
N ALA A 240 -135.85 -94.31 -45.81
CA ALA A 240 -136.20 -95.57 -45.20
C ALA A 240 -137.70 -95.65 -45.00
N GLN A 241 -138.33 -94.53 -44.67
CA GLN A 241 -139.78 -94.50 -44.64
C GLN A 241 -140.38 -94.47 -46.03
N ASP A 242 -139.60 -94.14 -47.06
CA ASP A 242 -140.05 -94.46 -48.41
C ASP A 242 -139.96 -95.96 -48.67
N GLY A 243 -139.04 -96.66 -48.00
CA GLY A 243 -139.05 -98.11 -48.00
C GLY A 243 -140.18 -98.70 -47.19
N HIS A 244 -140.78 -97.91 -46.31
CA HIS A 244 -141.97 -98.31 -45.56
C HIS A 244 -143.26 -98.20 -46.36
N LEU A 245 -143.21 -97.77 -47.66
CA LEU A 245 -144.44 -97.36 -48.33
C LEU A 245 -144.93 -98.40 -49.33
N PRO A 246 -146.27 -98.52 -49.44
CA PRO A 246 -146.87 -99.39 -50.47
C PRO A 246 -146.81 -98.79 -51.86
N THR A 247 -147.17 -99.54 -52.89
CA THR A 247 -146.96 -99.03 -54.24
C THR A 247 -147.98 -99.57 -55.23
N LEU A 248 -148.21 -98.80 -56.31
CA LEU A 248 -149.04 -99.23 -57.42
C LEU A 248 -148.23 -99.11 -58.71
N ASP A 249 -148.56 -99.95 -59.70
CA ASP A 249 -147.71 -100.16 -60.85
C ASP A 249 -148.54 -100.18 -62.12
N LEU A 250 -148.07 -99.50 -63.17
CA LEU A 250 -148.70 -99.54 -64.49
C LEU A 250 -147.73 -100.14 -65.51
N THR A 251 -148.21 -101.13 -66.26
CA THR A 251 -147.48 -101.67 -67.40
C THR A 251 -148.40 -101.73 -68.62
N ALA A 252 -147.80 -101.95 -69.78
CA ALA A 252 -148.52 -102.02 -71.05
C ALA A 252 -147.68 -102.82 -72.03
N SER A 253 -148.33 -103.69 -72.80
CA SER A 253 -147.63 -104.52 -73.76
C SER A 253 -148.62 -105.02 -74.81
N THR A 254 -148.05 -105.59 -75.87
CA THR A 254 -148.81 -106.33 -76.88
C THR A 254 -147.85 -107.30 -77.52
N GLY A 255 -148.40 -108.29 -78.22
CA GLY A 255 -147.52 -109.30 -78.80
C GLY A 255 -148.25 -110.20 -79.76
N ILE A 256 -147.45 -110.91 -80.55
CA ILE A 256 -147.94 -111.91 -81.49
C ILE A 256 -147.21 -113.21 -81.25
N SER A 257 -147.88 -114.32 -81.59
CA SER A 257 -147.31 -115.65 -81.43
C SER A 257 -147.91 -116.56 -82.50
N ASP A 258 -147.09 -117.48 -83.02
CA ASP A 258 -147.48 -118.36 -84.10
C ASP A 258 -147.61 -119.82 -83.67
N THR A 259 -146.53 -120.40 -83.12
CA THR A 259 -146.49 -121.72 -82.50
C THR A 259 -146.91 -122.82 -83.49
N SER A 260 -146.02 -123.05 -84.46
CA SER A 260 -146.21 -124.15 -85.39
C SER A 260 -146.05 -125.50 -84.67
N TYR A 261 -146.58 -126.54 -85.29
CA TYR A 261 -146.70 -127.85 -84.66
C TYR A 261 -146.00 -128.91 -85.49
N SER A 262 -145.52 -129.94 -84.80
CA SER A 262 -144.77 -131.03 -85.41
C SER A 262 -144.73 -132.18 -84.43
N GLY A 263 -144.48 -133.38 -84.95
CA GLY A 263 -144.30 -134.55 -84.11
C GLY A 263 -145.17 -135.72 -84.57
N SER A 264 -144.87 -136.88 -83.97
CA SER A 264 -145.60 -138.11 -84.29
C SER A 264 -146.86 -138.24 -83.45
N LYS A 265 -146.74 -138.05 -82.13
CA LYS A 265 -147.92 -138.02 -81.27
C LYS A 265 -148.71 -136.73 -81.41
N THR A 266 -148.12 -135.70 -82.03
CA THR A 266 -148.86 -134.47 -82.28
C THR A 266 -149.94 -134.68 -83.33
N ARG A 267 -149.54 -135.03 -84.55
CA ARG A 267 -150.49 -135.33 -85.61
C ARG A 267 -151.15 -136.68 -85.36
N GLY A 268 -152.45 -136.74 -85.61
CA GLY A 268 -153.22 -137.91 -85.25
C GLY A 268 -153.93 -137.70 -83.94
N ALA A 269 -155.26 -137.87 -83.96
CA ALA A 269 -156.17 -137.58 -82.85
C ALA A 269 -156.00 -136.15 -82.36
N ALA A 270 -155.86 -135.21 -83.30
CA ALA A 270 -155.77 -133.80 -82.93
C ALA A 270 -157.14 -133.19 -82.68
N GLY A 271 -158.00 -133.18 -83.69
CA GLY A 271 -159.36 -132.68 -83.56
C GLY A 271 -159.45 -131.19 -83.28
N THR A 272 -158.88 -130.37 -84.17
CA THR A 272 -158.88 -128.91 -84.18
C THR A 272 -158.04 -128.30 -83.04
N GLN A 273 -157.53 -129.13 -82.13
CA GLN A 273 -156.64 -128.69 -81.07
C GLN A 273 -155.29 -128.27 -81.63
N TYR A 274 -154.80 -128.99 -82.64
CA TYR A 274 -153.47 -128.76 -83.19
C TYR A 274 -153.52 -128.11 -84.57
N ASP A 275 -154.63 -127.46 -84.91
CA ASP A 275 -154.65 -126.57 -86.07
C ASP A 275 -153.89 -125.29 -85.75
N ASP A 276 -153.35 -124.67 -86.78
CA ASP A 276 -152.52 -123.50 -86.61
C ASP A 276 -153.35 -122.23 -86.45
N SER A 277 -153.10 -121.53 -85.35
CA SER A 277 -153.64 -120.20 -85.10
C SER A 277 -152.45 -119.27 -84.93
N ASN A 278 -152.71 -117.97 -85.03
CA ASN A 278 -151.62 -117.00 -85.13
C ASN A 278 -151.82 -115.89 -84.12
N MSE A 279 -152.08 -116.29 -82.86
CA MSE A 279 -152.56 -115.47 -81.74
C MSE A 279 -152.00 -114.05 -81.59
O MSE A 279 -150.79 -113.84 -81.67
CB MSE A 279 -152.25 -116.22 -80.44
CG MSE A 279 -152.87 -117.60 -80.28
SE MSE A 279 -154.79 -117.62 -80.01
CE MSE A 279 -155.07 -119.54 -79.79
N GLY A 280 -152.89 -113.09 -81.36
CA GLY A 280 -152.49 -111.72 -81.11
C GLY A 280 -153.03 -111.28 -79.79
N GLN A 281 -152.29 -110.40 -79.11
CA GLN A 281 -152.58 -110.13 -77.72
C GLN A 281 -152.27 -108.69 -77.36
N ASN A 282 -153.19 -108.06 -76.63
CA ASN A 282 -152.99 -106.75 -76.03
C ASN A 282 -153.11 -106.88 -74.53
N LYS A 283 -152.21 -106.23 -73.80
CA LYS A 283 -152.13 -106.38 -72.35
C LYS A 283 -151.87 -105.05 -71.66
N VAL A 284 -152.49 -104.86 -70.49
CA VAL A 284 -152.21 -103.76 -69.59
C VAL A 284 -151.90 -104.36 -68.23
N GLY A 285 -151.46 -103.52 -67.30
CA GLY A 285 -151.13 -104.06 -65.98
C GLY A 285 -151.10 -102.99 -64.91
N LEU A 286 -151.47 -103.43 -63.71
CA LEU A 286 -151.34 -102.68 -62.47
C LEU A 286 -150.86 -103.65 -61.40
N SER A 287 -150.08 -103.15 -60.43
CA SER A 287 -149.61 -104.05 -59.37
C SER A 287 -149.42 -103.27 -58.08
N PHE A 288 -150.10 -103.71 -57.03
CA PHE A 288 -149.93 -103.16 -55.70
C PHE A 288 -148.92 -104.01 -54.93
N SER A 289 -148.19 -103.37 -54.02
CA SER A 289 -147.38 -104.11 -53.07
C SER A 289 -147.47 -103.44 -51.71
N LEU A 290 -147.53 -104.29 -50.66
CA LEU A 290 -147.84 -103.95 -49.28
C LEU A 290 -146.67 -104.27 -48.36
N PRO A 291 -146.16 -103.29 -47.61
CA PRO A 291 -145.10 -103.58 -46.63
C PRO A 291 -145.61 -104.31 -45.39
N ILE A 292 -145.92 -105.60 -45.51
CA ILE A 292 -146.46 -106.31 -44.36
C ILE A 292 -145.34 -106.64 -43.39
N TYR A 293 -144.24 -107.20 -43.90
CA TYR A 293 -143.18 -107.70 -43.04
C TYR A 293 -141.87 -107.69 -43.81
N GLN A 294 -140.99 -106.74 -43.45
CA GLN A 294 -139.84 -106.42 -44.29
C GLN A 294 -138.50 -106.54 -43.58
N GLY A 295 -138.44 -107.30 -42.49
CA GLY A 295 -137.16 -107.77 -42.00
C GLY A 295 -136.43 -106.86 -41.04
N GLY A 296 -136.79 -105.59 -40.94
CA GLY A 296 -136.16 -104.71 -39.98
C GLY A 296 -134.98 -103.89 -40.47
N MSE A 297 -134.78 -103.81 -41.78
CA MSE A 297 -133.90 -102.79 -42.34
C MSE A 297 -134.77 -101.55 -42.43
O MSE A 297 -134.30 -100.41 -42.46
CB MSE A 297 -133.39 -103.20 -43.72
CG MSE A 297 -132.30 -102.31 -44.25
SE MSE A 297 -131.69 -102.98 -45.97
CE MSE A 297 -130.76 -104.57 -45.36
N VAL A 298 -136.06 -101.86 -42.52
CA VAL A 298 -137.12 -101.02 -41.98
C VAL A 298 -136.69 -100.44 -40.64
N ASN A 299 -136.73 -99.11 -40.55
CA ASN A 299 -136.44 -98.27 -39.39
C ASN A 299 -134.98 -98.26 -38.98
N SER A 300 -134.14 -99.07 -39.62
CA SER A 300 -132.73 -99.06 -39.26
C SER A 300 -132.03 -97.86 -39.87
N GLN A 301 -132.34 -97.56 -41.13
CA GLN A 301 -131.74 -96.41 -41.79
C GLN A 301 -132.47 -95.13 -41.41
N VAL A 302 -133.66 -95.25 -40.84
CA VAL A 302 -134.22 -94.18 -40.03
C VAL A 302 -133.23 -93.79 -38.95
N LYS A 303 -132.75 -94.77 -38.19
CA LYS A 303 -131.82 -94.51 -37.10
C LYS A 303 -130.46 -94.05 -37.62
N GLN A 304 -130.02 -94.63 -38.73
CA GLN A 304 -128.69 -94.30 -39.24
C GLN A 304 -128.68 -92.96 -39.93
N ALA A 305 -129.83 -92.55 -40.46
CA ALA A 305 -129.92 -91.20 -40.97
C ALA A 305 -130.38 -90.23 -39.90
N GLN A 306 -130.68 -90.74 -38.70
CA GLN A 306 -130.59 -89.90 -37.52
C GLN A 306 -129.15 -89.76 -37.07
N TYR A 307 -128.31 -90.76 -37.35
CA TYR A 307 -126.89 -90.59 -37.10
C TYR A 307 -126.26 -89.74 -38.19
N ASN A 308 -126.94 -89.61 -39.32
CA ASN A 308 -126.52 -88.68 -40.35
C ASN A 308 -127.16 -87.33 -40.13
N PHE A 309 -128.31 -87.31 -39.47
CA PHE A 309 -128.91 -86.05 -39.09
C PHE A 309 -128.11 -85.40 -37.99
N VAL A 310 -127.80 -86.15 -36.93
CA VAL A 310 -126.90 -85.65 -35.91
C VAL A 310 -125.48 -85.65 -36.44
N GLY A 311 -125.21 -86.44 -37.49
CA GLY A 311 -123.89 -86.41 -38.09
C GLY A 311 -123.63 -85.09 -38.78
N ALA A 312 -124.56 -84.66 -39.63
CA ALA A 312 -124.44 -83.36 -40.28
C ALA A 312 -124.79 -82.24 -39.32
N SER A 313 -125.36 -82.57 -38.16
CA SER A 313 -125.49 -81.59 -37.11
C SER A 313 -124.17 -81.38 -36.41
N GLU A 314 -123.31 -82.40 -36.41
CA GLU A 314 -121.97 -82.21 -35.90
C GLU A 314 -121.03 -81.80 -37.02
N GLN A 315 -121.55 -81.75 -38.24
CA GLN A 315 -120.85 -81.09 -39.33
C GLN A 315 -121.31 -79.65 -39.44
N LEU A 316 -122.43 -79.33 -38.81
CA LEU A 316 -122.80 -77.94 -38.63
C LEU A 316 -122.29 -77.43 -37.30
N GLU A 317 -121.90 -78.36 -36.43
CA GLU A 317 -121.17 -77.98 -35.22
C GLU A 317 -119.68 -77.88 -35.52
N SER A 318 -119.17 -78.85 -36.27
CA SER A 318 -117.81 -78.74 -36.77
C SER A 318 -117.68 -77.57 -37.73
N ALA A 319 -118.67 -77.41 -38.60
CA ALA A 319 -118.69 -76.26 -39.50
C ALA A 319 -118.97 -74.98 -38.73
N HIS A 320 -119.71 -75.10 -37.64
CA HIS A 320 -120.01 -73.94 -36.80
C HIS A 320 -118.75 -73.41 -36.15
N ARG A 321 -118.03 -74.28 -35.44
CA ARG A 321 -116.77 -73.90 -34.81
C ARG A 321 -115.70 -73.63 -35.85
N SER A 322 -115.90 -74.14 -37.06
CA SER A 322 -114.92 -74.00 -38.12
C SER A 322 -115.03 -72.64 -38.80
N VAL A 323 -116.25 -72.14 -38.97
CA VAL A 323 -116.35 -70.86 -39.66
C VAL A 323 -116.45 -69.71 -38.65
N VAL A 324 -116.96 -70.00 -37.44
CA VAL A 324 -116.66 -69.17 -36.29
C VAL A 324 -115.16 -69.07 -36.10
N GLN A 325 -114.47 -70.19 -36.25
CA GLN A 325 -113.03 -70.21 -36.23
C GLN A 325 -112.44 -69.44 -37.41
N THR A 326 -113.14 -69.42 -38.54
CA THR A 326 -112.58 -68.80 -39.74
C THR A 326 -112.68 -67.29 -39.66
N VAL A 327 -113.84 -66.78 -39.23
CA VAL A 327 -113.99 -65.34 -39.23
C VAL A 327 -113.42 -64.75 -37.95
N ARG A 328 -113.34 -65.54 -36.88
CA ARG A 328 -112.72 -65.03 -35.66
C ARG A 328 -111.21 -65.13 -35.73
N SER A 329 -110.71 -66.27 -36.21
CA SER A 329 -109.30 -66.40 -36.51
C SER A 329 -108.85 -65.37 -37.53
N SER A 330 -109.65 -65.20 -38.59
CA SER A 330 -109.36 -64.21 -39.61
C SER A 330 -109.46 -62.81 -39.03
N PHE A 331 -110.39 -62.60 -38.10
CA PHE A 331 -110.55 -61.33 -37.41
C PHE A 331 -109.29 -60.98 -36.65
N ASN A 332 -108.75 -61.94 -35.90
CA ASN A 332 -107.51 -61.68 -35.17
C ASN A 332 -106.32 -61.60 -36.12
N ASN A 333 -106.42 -62.25 -37.27
CA ASN A 333 -105.39 -62.10 -38.30
C ASN A 333 -105.38 -60.70 -38.85
N ILE A 334 -106.55 -60.08 -38.98
CA ILE A 334 -106.59 -58.69 -39.41
C ILE A 334 -106.12 -57.78 -38.29
N ASN A 335 -106.38 -58.16 -37.04
CA ASN A 335 -105.98 -57.34 -35.91
C ASN A 335 -104.46 -57.29 -35.77
N ALA A 336 -103.83 -58.45 -35.64
CA ALA A 336 -102.37 -58.52 -35.60
C ALA A 336 -101.75 -58.14 -36.94
N SER A 337 -102.52 -58.24 -38.02
CA SER A 337 -102.05 -57.73 -39.31
C SER A 337 -101.86 -56.23 -39.26
N ILE A 338 -102.92 -55.49 -38.89
CA ILE A 338 -102.88 -54.03 -38.90
C ILE A 338 -101.90 -53.51 -37.86
N SER A 339 -101.97 -54.06 -36.65
CA SER A 339 -101.07 -53.63 -35.60
C SER A 339 -99.63 -54.03 -35.92
N SER A 340 -99.45 -55.14 -36.63
CA SER A 340 -98.14 -55.49 -37.12
C SER A 340 -97.68 -54.55 -38.23
N ILE A 341 -98.62 -54.04 -39.04
CA ILE A 341 -98.28 -53.02 -40.04
C ILE A 341 -97.77 -51.77 -39.36
N ASN A 342 -98.37 -51.41 -38.23
CA ASN A 342 -97.88 -50.28 -37.45
C ASN A 342 -96.49 -50.57 -36.90
N ALA A 343 -96.28 -51.82 -36.47
CA ALA A 343 -94.96 -52.24 -36.00
C ALA A 343 -93.93 -52.17 -37.11
N TYR A 344 -94.28 -52.52 -38.34
CA TYR A 344 -93.31 -52.46 -39.42
C TYR A 344 -93.13 -51.06 -39.97
N LYS A 345 -94.12 -50.19 -39.82
CA LYS A 345 -93.91 -48.78 -40.18
C LYS A 345 -92.93 -48.14 -39.22
N GLN A 346 -93.10 -48.41 -37.91
CA GLN A 346 -92.12 -47.92 -36.95
C GLN A 346 -90.78 -48.64 -37.10
N ALA A 347 -90.79 -49.85 -37.66
CA ALA A 347 -89.54 -50.50 -38.00
C ALA A 347 -88.87 -49.84 -39.20
N VAL A 348 -89.66 -49.31 -40.13
CA VAL A 348 -89.11 -48.55 -41.25
C VAL A 348 -88.50 -47.26 -40.74
N VAL A 349 -89.17 -46.59 -39.82
CA VAL A 349 -88.67 -45.32 -39.30
C VAL A 349 -87.44 -45.53 -38.43
N SER A 350 -87.58 -46.36 -37.39
CA SER A 350 -86.51 -46.59 -36.43
C SER A 350 -85.33 -47.32 -37.07
N ALA A 351 -85.60 -48.26 -37.97
CA ALA A 351 -84.52 -48.90 -38.70
C ALA A 351 -83.93 -47.97 -39.74
N GLN A 352 -84.70 -46.98 -40.18
CA GLN A 352 -84.19 -46.05 -41.18
C GLN A 352 -83.19 -45.08 -40.57
N SER A 353 -83.62 -44.32 -39.56
CA SER A 353 -82.70 -43.38 -38.94
C SER A 353 -81.69 -44.10 -38.08
N SER A 354 -82.02 -45.31 -37.61
CA SER A 354 -81.01 -46.14 -36.97
C SER A 354 -79.97 -46.60 -37.96
N LEU A 355 -80.38 -46.90 -39.18
CA LEU A 355 -79.43 -47.23 -40.23
C LEU A 355 -78.56 -46.03 -40.57
N ASP A 356 -79.16 -44.84 -40.58
CA ASP A 356 -78.41 -43.63 -40.87
C ASP A 356 -77.47 -43.28 -39.73
N ALA A 357 -77.84 -43.63 -38.49
CA ALA A 357 -76.96 -43.42 -37.36
C ALA A 357 -76.00 -44.60 -37.18
N MSE A 358 -76.16 -45.64 -37.98
CA MSE A 358 -75.11 -46.65 -38.14
C MSE A 358 -74.14 -46.24 -39.24
O MSE A 358 -72.99 -46.67 -39.25
CB MSE A 358 -75.69 -48.03 -38.46
CG MSE A 358 -76.23 -48.77 -37.26
SE MSE A 358 -74.80 -49.12 -35.98
CE MSE A 358 -75.76 -50.20 -34.68
N GLU A 359 -74.62 -45.44 -40.18
CA GLU A 359 -73.70 -44.78 -41.10
C GLU A 359 -72.89 -43.74 -40.36
N ALA A 360 -73.52 -43.06 -39.39
CA ALA A 360 -72.78 -42.20 -38.49
C ALA A 360 -71.87 -43.00 -37.56
N GLY A 361 -72.39 -44.08 -37.00
CA GLY A 361 -71.62 -44.90 -36.06
C GLY A 361 -70.49 -45.67 -36.70
N TYR A 362 -70.54 -45.86 -38.03
CA TYR A 362 -69.45 -46.45 -38.77
C TYR A 362 -68.50 -45.40 -39.33
N SER A 363 -69.01 -44.20 -39.64
CA SER A 363 -68.14 -43.11 -40.05
C SER A 363 -67.22 -42.67 -38.93
N VAL A 364 -67.67 -42.82 -37.68
CA VAL A 364 -66.80 -42.60 -36.52
C VAL A 364 -66.06 -43.87 -36.12
N GLY A 365 -66.46 -45.03 -36.64
CA GLY A 365 -65.73 -46.26 -36.39
C GLY A 365 -66.05 -46.95 -35.09
N THR A 366 -67.02 -46.45 -34.31
CA THR A 366 -67.38 -47.12 -33.07
C THR A 366 -68.06 -48.46 -33.30
N ARG A 367 -68.70 -48.63 -34.45
CA ARG A 367 -69.27 -49.90 -34.85
C ARG A 367 -68.69 -50.29 -36.21
N THR A 368 -68.67 -51.59 -36.48
CA THR A 368 -68.14 -52.07 -37.74
C THR A 368 -69.20 -51.97 -38.83
N ILE A 369 -68.83 -52.40 -40.05
CA ILE A 369 -69.75 -52.40 -41.17
C ILE A 369 -70.78 -53.52 -41.03
N VAL A 370 -70.54 -54.45 -40.12
CA VAL A 370 -71.45 -55.56 -39.87
C VAL A 370 -72.78 -55.05 -39.37
N ASP A 371 -72.77 -54.09 -38.44
CA ASP A 371 -74.00 -53.50 -37.93
C ASP A 371 -74.71 -52.67 -38.99
N VAL A 372 -73.95 -52.08 -39.91
CA VAL A 372 -74.54 -51.36 -41.03
C VAL A 372 -75.31 -52.31 -41.92
N LEU A 373 -74.75 -53.49 -42.17
CA LEU A 373 -75.47 -54.48 -42.97
C LEU A 373 -76.59 -55.14 -42.18
N ASP A 374 -76.55 -55.10 -40.85
CA ASP A 374 -77.62 -55.70 -40.07
C ASP A 374 -78.82 -54.77 -39.97
N ALA A 375 -78.56 -53.48 -39.80
CA ALA A 375 -79.67 -52.52 -39.84
C ALA A 375 -80.16 -52.33 -41.27
N THR A 376 -79.28 -52.52 -42.24
CA THR A 376 -79.69 -52.56 -43.63
C THR A 376 -80.62 -53.73 -43.89
N THR A 377 -80.17 -54.92 -43.50
CA THR A 377 -80.93 -56.15 -43.68
C THR A 377 -82.27 -56.08 -42.95
N THR A 378 -82.24 -55.60 -41.72
CA THR A 378 -83.44 -55.44 -40.92
C THR A 378 -84.37 -54.41 -41.52
N LEU A 379 -83.80 -53.37 -42.15
CA LEU A 379 -84.63 -52.41 -42.88
C LEU A 379 -85.31 -53.05 -44.07
N TYR A 380 -84.59 -53.90 -44.80
CA TYR A 380 -85.22 -54.65 -45.89
C TYR A 380 -86.21 -55.69 -45.36
N ASN A 381 -86.09 -56.09 -44.09
CA ASN A 381 -87.12 -56.93 -43.49
C ASN A 381 -88.35 -56.09 -43.18
N ALA A 382 -88.16 -54.83 -42.82
CA ALA A 382 -89.30 -53.95 -42.65
C ALA A 382 -89.88 -53.55 -44.00
N LYS A 383 -89.11 -53.68 -45.07
CA LYS A 383 -89.60 -53.41 -46.42
C LYS A 383 -90.41 -54.58 -46.94
N GLN A 384 -89.82 -55.77 -46.88
CA GLN A 384 -90.51 -56.96 -47.35
C GLN A 384 -91.63 -57.37 -46.41
N GLU A 385 -91.61 -56.90 -45.18
CA GLU A 385 -92.63 -57.33 -44.25
C GLU A 385 -93.57 -56.19 -43.88
N LEU A 386 -93.24 -54.98 -44.29
CA LEU A 386 -94.28 -53.96 -44.34
C LEU A 386 -95.05 -54.06 -45.65
N ALA A 387 -94.33 -54.29 -46.75
CA ALA A 387 -94.99 -54.52 -48.03
C ALA A 387 -95.66 -55.87 -48.07
N ASN A 388 -95.07 -56.87 -47.42
CA ASN A 388 -95.73 -58.16 -47.32
C ASN A 388 -96.64 -58.18 -46.10
N ALA A 389 -96.52 -57.18 -45.23
CA ALA A 389 -97.58 -56.99 -44.27
C ALA A 389 -98.81 -56.44 -44.96
N ARG A 390 -98.59 -55.63 -46.00
CA ARG A 390 -99.70 -55.21 -46.84
C ARG A 390 -100.21 -56.36 -47.67
N TYR A 391 -99.32 -57.23 -48.14
CA TYR A 391 -99.76 -58.34 -48.98
C TYR A 391 -100.48 -59.40 -48.19
N ASN A 392 -99.97 -59.73 -47.02
CA ASN A 392 -100.70 -60.60 -46.12
C ASN A 392 -101.93 -59.90 -45.57
N TYR A 393 -101.95 -58.58 -45.59
CA TYR A 393 -103.20 -57.90 -45.31
C TYR A 393 -104.17 -58.02 -46.47
N LEU A 394 -103.66 -58.16 -47.69
CA LEU A 394 -104.55 -58.42 -48.82
C LEU A 394 -105.10 -59.83 -48.72
N ILE A 395 -104.27 -60.76 -48.25
CA ILE A 395 -104.74 -62.10 -47.97
C ILE A 395 -105.75 -62.05 -46.84
N ASN A 396 -105.55 -61.15 -45.87
CA ASN A 396 -106.53 -60.93 -44.81
C ASN A 396 -107.82 -60.36 -45.35
N GLN A 397 -107.72 -59.54 -46.40
CA GLN A 397 -108.92 -59.06 -47.07
C GLN A 397 -109.66 -60.20 -47.73
N LEU A 398 -108.93 -61.19 -48.22
CA LEU A 398 -109.58 -62.37 -48.77
C LEU A 398 -109.99 -63.33 -47.66
N ASN A 399 -109.43 -63.17 -46.47
CA ASN A 399 -109.87 -63.95 -45.33
C ASN A 399 -111.20 -63.48 -44.81
N ILE A 400 -111.37 -62.17 -44.62
CA ILE A 400 -112.68 -61.66 -44.28
C ILE A 400 -113.65 -61.87 -45.43
N LYS A 401 -113.34 -61.39 -46.64
CA LYS A 401 -114.34 -61.32 -47.69
C LYS A 401 -114.64 -62.70 -48.25
N SER A 402 -113.63 -63.57 -48.31
CA SER A 402 -113.88 -64.93 -48.72
C SER A 402 -114.46 -65.75 -47.57
N ALA A 403 -114.16 -65.38 -46.33
CA ALA A 403 -114.77 -66.09 -45.21
C ALA A 403 -116.24 -65.74 -45.06
N LEU A 404 -116.66 -64.58 -45.56
CA LEU A 404 -118.06 -64.19 -45.46
C LEU A 404 -118.94 -64.98 -46.40
N GLY A 405 -118.41 -65.44 -47.53
CA GLY A 405 -119.25 -65.92 -48.60
C GLY A 405 -119.94 -64.84 -49.38
N THR A 406 -119.66 -63.57 -49.08
CA THR A 406 -120.21 -62.44 -49.81
C THR A 406 -119.31 -62.03 -50.96
N LEU A 407 -118.21 -62.73 -51.17
CA LEU A 407 -117.21 -62.34 -52.14
C LEU A 407 -117.74 -62.53 -53.55
N ASN A 408 -117.56 -61.51 -54.37
CA ASN A 408 -118.01 -61.56 -55.75
C ASN A 408 -116.89 -61.13 -56.69
N GLU A 409 -117.25 -60.91 -57.95
CA GLU A 409 -116.32 -60.31 -58.89
C GLU A 409 -116.24 -58.81 -58.74
N GLN A 410 -117.00 -58.23 -57.82
CA GLN A 410 -116.92 -56.82 -57.56
C GLN A 410 -116.04 -56.52 -56.35
N ASP A 411 -115.97 -57.45 -55.40
CA ASP A 411 -114.90 -57.40 -54.43
C ASP A 411 -113.56 -57.66 -55.10
N LEU A 412 -113.54 -58.69 -55.95
CA LEU A 412 -112.45 -58.93 -56.89
C LEU A 412 -112.14 -57.71 -57.74
N LEU A 413 -113.16 -57.02 -58.22
CA LEU A 413 -112.93 -55.85 -59.06
C LEU A 413 -112.39 -54.70 -58.24
N ALA A 414 -112.85 -54.56 -56.99
CA ALA A 414 -112.35 -53.51 -56.11
C ALA A 414 -110.91 -53.75 -55.72
N LEU A 415 -110.54 -55.02 -55.57
CA LEU A 415 -109.14 -55.33 -55.34
C LEU A 415 -108.32 -55.16 -56.60
N ASN A 416 -108.95 -55.25 -57.78
CA ASN A 416 -108.25 -54.80 -58.97
C ASN A 416 -108.08 -53.28 -58.97
N ASN A 417 -109.04 -52.56 -58.38
CA ASN A 417 -108.90 -51.12 -58.26
C ASN A 417 -107.86 -50.73 -57.22
N ALA A 418 -107.57 -51.63 -56.29
CA ALA A 418 -106.49 -51.39 -55.34
C ALA A 418 -105.11 -51.45 -55.98
N LEU A 419 -104.99 -52.00 -57.18
CA LEU A 419 -103.70 -52.18 -57.83
C LEU A 419 -103.12 -50.86 -58.33
N SER A 420 -101.97 -50.96 -58.98
CA SER A 420 -101.22 -49.80 -59.46
C SER A 420 -100.31 -50.20 -60.60
N LYS A 421 -99.29 -49.38 -60.83
CA LYS A 421 -98.21 -49.42 -61.82
C LYS A 421 -97.66 -50.83 -62.05
N PRO A 422 -97.41 -51.21 -63.30
CA PRO A 422 -96.87 -52.55 -63.56
C PRO A 422 -95.37 -52.60 -63.33
N VAL A 423 -94.94 -53.69 -62.73
CA VAL A 423 -93.53 -53.96 -62.45
C VAL A 423 -93.18 -55.24 -63.20
N SER A 424 -91.97 -55.27 -63.78
CA SER A 424 -91.53 -56.36 -64.65
C SER A 424 -91.43 -57.68 -63.90
N THR A 425 -91.49 -58.77 -64.66
CA THR A 425 -91.48 -60.11 -64.07
C THR A 425 -90.25 -60.92 -64.45
N ASN A 426 -89.24 -60.31 -65.08
CA ASN A 426 -87.93 -60.92 -65.23
C ASN A 426 -86.87 -59.84 -65.43
N PRO A 427 -86.38 -59.24 -64.36
CA PRO A 427 -85.19 -58.40 -64.46
C PRO A 427 -83.94 -59.26 -64.27
N GLU A 428 -82.79 -58.59 -64.20
CA GLU A 428 -81.56 -59.27 -63.82
C GLU A 428 -81.22 -58.98 -62.37
N GLU B 1 -77.14 -101.60 -48.81
CA GLU B 1 -76.28 -100.49 -48.46
C GLU B 1 -76.16 -99.50 -49.62
N ASN B 2 -75.39 -99.88 -50.64
CA ASN B 2 -75.36 -99.10 -51.87
C ASN B 2 -76.71 -99.22 -52.58
N LEU B 3 -76.94 -98.29 -53.50
CA LEU B 3 -78.27 -97.72 -53.70
C LEU B 3 -79.27 -98.75 -54.21
N MSE B 4 -79.05 -99.29 -55.41
CA MSE B 4 -80.12 -100.04 -56.07
C MSE B 4 -80.36 -101.38 -55.40
O MSE B 4 -81.47 -101.90 -55.45
CB MSE B 4 -79.83 -100.27 -57.56
CG MSE B 4 -78.86 -101.34 -57.93
SE MSE B 4 -79.02 -101.62 -59.84
CE MSE B 4 -80.78 -102.46 -59.84
N GLN B 5 -79.33 -101.88 -54.71
CA GLN B 5 -79.49 -103.11 -53.92
C GLN B 5 -80.45 -102.87 -52.77
N VAL B 6 -80.38 -101.68 -52.16
CA VAL B 6 -81.40 -101.28 -51.19
C VAL B 6 -82.75 -101.28 -51.87
N TYR B 7 -82.79 -100.75 -53.09
CA TYR B 7 -83.96 -100.88 -53.95
C TYR B 7 -84.34 -102.33 -54.16
N GLN B 8 -83.36 -103.20 -54.38
CA GLN B 8 -83.65 -104.62 -54.41
C GLN B 8 -84.21 -105.06 -53.06
N GLN B 9 -83.57 -104.63 -51.99
CA GLN B 9 -84.09 -104.83 -50.65
C GLN B 9 -85.29 -103.95 -50.34
N ALA B 10 -85.71 -103.12 -51.29
CA ALA B 10 -87.02 -102.49 -51.24
C ALA B 10 -87.96 -103.01 -52.32
N ARG B 11 -87.48 -103.66 -53.38
CA ARG B 11 -88.43 -104.09 -54.41
C ARG B 11 -89.18 -105.33 -53.97
N LEU B 12 -88.47 -106.28 -53.37
CA LEU B 12 -89.13 -107.39 -52.72
C LEU B 12 -89.90 -106.91 -51.49
N SER B 13 -89.43 -105.86 -50.84
CA SER B 13 -90.00 -105.41 -49.58
C SER B 13 -90.64 -104.03 -49.70
N ASN B 14 -91.19 -103.70 -50.87
CA ASN B 14 -92.13 -102.59 -50.86
C ASN B 14 -93.48 -103.15 -50.52
N PRO B 15 -94.16 -102.63 -49.51
CA PRO B 15 -95.58 -102.95 -49.35
C PRO B 15 -96.48 -102.43 -50.46
N GLU B 16 -95.99 -101.58 -51.36
CA GLU B 16 -96.83 -101.07 -52.44
C GLU B 16 -96.36 -101.54 -53.80
N LEU B 17 -95.22 -102.21 -53.89
CA LEU B 17 -95.00 -103.03 -55.06
C LEU B 17 -95.64 -104.39 -54.85
N ARG B 18 -95.74 -104.82 -53.60
CA ARG B 18 -96.50 -106.03 -53.33
C ARG B 18 -97.98 -105.74 -53.29
N LYS B 19 -98.36 -104.66 -52.60
CA LYS B 19 -99.73 -104.18 -52.61
C LYS B 19 -100.15 -103.79 -54.02
N SER B 20 -99.35 -102.96 -54.69
CA SER B 20 -99.81 -102.43 -55.95
C SER B 20 -99.54 -103.37 -57.11
N ALA B 21 -98.59 -104.29 -56.98
CA ALA B 21 -98.50 -105.36 -57.95
C ALA B 21 -99.65 -106.32 -57.76
N ALA B 22 -100.08 -106.50 -56.51
CA ALA B 22 -101.32 -107.22 -56.26
C ALA B 22 -102.52 -106.47 -56.81
N ASP B 23 -102.41 -105.14 -56.92
CA ASP B 23 -103.48 -104.36 -57.52
C ASP B 23 -103.49 -104.54 -59.03
N ARG B 24 -102.32 -104.61 -59.63
CA ARG B 24 -102.30 -104.67 -61.08
C ARG B 24 -102.57 -106.09 -61.56
N ASP B 25 -102.15 -107.08 -60.77
CA ASP B 25 -102.56 -108.46 -61.03
C ASP B 25 -104.02 -108.67 -60.67
N ALA B 26 -104.55 -107.85 -59.77
CA ALA B 26 -105.99 -107.79 -59.59
C ALA B 26 -106.67 -107.15 -60.79
N ALA B 27 -105.96 -106.26 -61.48
CA ALA B 27 -106.54 -105.62 -62.65
C ALA B 27 -106.52 -106.56 -63.85
N PHE B 28 -105.48 -107.40 -63.94
CA PHE B 28 -105.37 -108.37 -65.03
C PHE B 28 -106.27 -109.56 -64.77
N GLU B 29 -106.31 -109.98 -63.51
CA GLU B 29 -107.28 -110.98 -63.06
C GLU B 29 -108.70 -110.42 -63.19
N LYS B 30 -108.82 -109.10 -63.20
CA LYS B 30 -110.09 -108.43 -63.42
C LYS B 30 -110.36 -108.25 -64.90
N ILE B 31 -109.35 -108.36 -65.75
CA ILE B 31 -109.61 -108.57 -67.17
C ILE B 31 -110.20 -109.96 -67.36
N ASN B 32 -109.71 -110.94 -66.58
CA ASN B 32 -110.25 -112.30 -66.66
C ASN B 32 -111.70 -112.36 -66.22
N GLU B 33 -112.00 -111.85 -65.02
CA GLU B 33 -113.38 -111.87 -64.59
C GLU B 33 -114.22 -110.81 -65.27
N ALA B 34 -113.59 -109.81 -65.89
CA ALA B 34 -114.35 -108.87 -66.72
C ALA B 34 -114.72 -109.51 -68.04
N ARG B 35 -113.99 -110.55 -68.43
CA ARG B 35 -114.35 -111.37 -69.56
C ARG B 35 -115.34 -112.47 -69.18
N SER B 36 -115.35 -112.89 -67.91
CA SER B 36 -116.24 -113.96 -67.47
C SER B 36 -117.75 -113.77 -67.70
N PRO B 37 -118.34 -112.57 -67.81
CA PRO B 37 -119.74 -112.52 -68.26
C PRO B 37 -119.91 -112.77 -69.74
N LEU B 38 -118.86 -112.57 -70.55
CA LEU B 38 -118.94 -112.84 -71.98
C LEU B 38 -119.01 -114.33 -72.28
N LEU B 39 -118.66 -115.18 -71.34
CA LEU B 39 -118.69 -116.63 -71.51
C LEU B 39 -120.13 -117.14 -71.54
N PRO B 40 -120.36 -118.27 -72.20
CA PRO B 40 -121.63 -118.99 -72.02
C PRO B 40 -121.76 -119.45 -70.58
N GLN B 41 -122.96 -119.35 -70.04
CA GLN B 41 -123.17 -119.58 -68.61
C GLN B 41 -124.11 -120.75 -68.41
N LEU B 42 -123.69 -121.73 -67.60
CA LEU B 42 -124.43 -122.97 -67.41
C LEU B 42 -124.69 -123.21 -65.92
N GLY B 43 -125.87 -123.69 -65.61
CA GLY B 43 -126.27 -123.91 -64.22
C GLY B 43 -127.47 -124.84 -64.13
N LEU B 44 -127.76 -125.26 -62.91
CA LEU B 44 -128.79 -126.24 -62.60
C LEU B 44 -129.90 -125.60 -61.77
N GLY B 45 -131.12 -126.12 -61.93
CA GLY B 45 -132.21 -125.76 -61.06
C GLY B 45 -133.05 -126.97 -60.71
N ALA B 46 -133.77 -126.86 -59.59
CA ALA B 46 -134.66 -127.91 -59.12
C ALA B 46 -135.66 -127.30 -58.15
N ASP B 47 -136.94 -127.67 -58.29
CA ASP B 47 -137.95 -127.17 -57.35
C ASP B 47 -139.13 -128.13 -57.26
N TYR B 48 -140.07 -127.76 -56.39
CA TYR B 48 -141.21 -128.58 -55.99
C TYR B 48 -142.34 -127.67 -55.53
N THR B 49 -143.58 -127.98 -55.91
CA THR B 49 -144.71 -127.09 -55.65
C THR B 49 -145.96 -127.91 -55.37
N TYR B 50 -146.64 -127.61 -54.27
CA TYR B 50 -147.91 -128.24 -53.93
C TYR B 50 -149.07 -127.31 -54.21
N SER B 51 -150.21 -127.90 -54.59
CA SER B 51 -151.41 -127.14 -54.91
C SER B 51 -152.54 -127.55 -53.98
N ASN B 52 -153.38 -126.58 -53.64
CA ASN B 52 -154.58 -126.80 -52.85
C ASN B 52 -155.53 -125.65 -53.11
N GLY B 53 -156.82 -125.94 -53.25
CA GLY B 53 -157.80 -124.95 -53.63
C GLY B 53 -158.86 -124.71 -52.57
N TYR B 54 -159.63 -123.64 -52.78
CA TYR B 54 -160.78 -123.30 -51.97
C TYR B 54 -161.61 -122.29 -52.75
N ARG B 55 -162.80 -121.98 -52.22
CA ARG B 55 -163.72 -120.96 -52.74
C ARG B 55 -164.11 -121.27 -54.18
N ASP B 56 -164.93 -122.31 -54.36
CA ASP B 56 -165.35 -122.87 -55.65
C ASP B 56 -164.15 -123.42 -56.43
N ALA B 57 -163.09 -123.82 -55.72
CA ALA B 57 -161.93 -124.43 -56.33
C ALA B 57 -161.34 -125.51 -55.44
N ASN B 58 -162.06 -125.97 -54.41
CA ASN B 58 -161.48 -126.85 -53.42
C ASN B 58 -161.42 -128.28 -53.96
N GLY B 59 -160.29 -128.94 -53.73
CA GLY B 59 -160.14 -130.36 -54.04
C GLY B 59 -159.20 -130.68 -55.18
N ILE B 60 -158.21 -129.85 -55.50
CA ILE B 60 -157.26 -130.15 -56.55
C ILE B 60 -155.84 -130.06 -55.97
N ASN B 61 -155.06 -131.12 -56.16
CA ASN B 61 -153.72 -131.19 -55.59
C ASN B 61 -152.77 -131.84 -56.60
N SER B 62 -151.56 -131.30 -56.66
CA SER B 62 -150.57 -131.81 -57.60
C SER B 62 -149.19 -131.44 -57.08
N ASN B 63 -148.18 -132.06 -57.69
CA ASN B 63 -146.79 -131.76 -57.34
C ASN B 63 -145.87 -132.11 -58.51
N ALA B 64 -144.73 -131.44 -58.60
CA ALA B 64 -143.80 -131.59 -59.71
C ALA B 64 -142.40 -131.14 -59.25
N THR B 65 -141.42 -132.02 -59.41
CA THR B 65 -140.03 -131.69 -59.13
C THR B 65 -139.29 -131.45 -60.44
N SER B 66 -138.93 -130.19 -60.71
CA SER B 66 -138.30 -129.87 -61.97
C SER B 66 -136.81 -129.71 -61.77
N ALA B 67 -136.05 -130.16 -62.76
CA ALA B 67 -134.63 -129.89 -62.85
C ALA B 67 -134.36 -129.24 -64.19
N SER B 68 -133.33 -128.41 -64.26
CA SER B 68 -133.13 -127.55 -65.41
C SER B 68 -131.65 -127.31 -65.64
N LEU B 69 -131.24 -127.37 -66.90
CA LEU B 69 -129.88 -127.10 -67.33
C LEU B 69 -129.89 -125.89 -68.23
N GLN B 70 -129.11 -124.86 -67.87
CA GLN B 70 -129.26 -123.55 -68.48
C GLN B 70 -127.90 -123.01 -68.90
N LEU B 71 -127.75 -122.78 -70.21
CA LEU B 71 -126.57 -122.13 -70.74
C LEU B 71 -127.01 -120.97 -71.63
N THR B 72 -126.42 -119.80 -71.39
CA THR B 72 -126.82 -118.57 -72.05
C THR B 72 -125.61 -117.94 -72.75
N GLN B 73 -125.91 -117.18 -73.79
CA GLN B 73 -124.92 -116.44 -74.56
C GLN B 73 -125.59 -115.22 -75.21
N SER B 74 -124.96 -114.05 -75.04
CA SER B 74 -125.52 -112.78 -75.46
C SER B 74 -125.39 -112.61 -76.98
N ILE B 75 -126.45 -112.12 -77.62
CA ILE B 75 -126.45 -111.76 -79.05
C ILE B 75 -126.70 -110.25 -79.14
N PHE B 76 -126.17 -109.52 -78.16
CA PHE B 76 -125.60 -108.18 -78.29
C PHE B 76 -124.95 -107.75 -76.99
N ASP B 77 -123.72 -107.26 -77.07
CA ASP B 77 -123.16 -106.45 -76.00
C ASP B 77 -122.00 -105.64 -76.56
N MSE B 78 -121.81 -104.43 -76.04
CA MSE B 78 -120.58 -103.69 -76.24
C MSE B 78 -120.07 -103.26 -74.88
O MSE B 78 -118.92 -102.87 -74.70
CB MSE B 78 -120.78 -102.47 -77.13
CG MSE B 78 -121.10 -102.82 -78.57
SE MSE B 78 -119.68 -103.90 -79.36
CE MSE B 78 -118.23 -102.59 -79.26
N SER B 79 -120.98 -103.34 -73.90
CA SER B 79 -120.70 -102.86 -72.56
C SER B 79 -119.68 -103.74 -71.84
N LYS B 80 -119.82 -105.08 -71.94
CA LYS B 80 -118.84 -105.97 -71.34
C LYS B 80 -117.51 -105.85 -72.07
N TRP B 81 -117.56 -105.49 -73.36
CA TRP B 81 -116.35 -105.17 -74.09
C TRP B 81 -115.78 -103.85 -73.62
N ARG B 82 -116.66 -102.92 -73.22
CA ARG B 82 -116.19 -101.62 -72.76
C ARG B 82 -115.97 -101.67 -71.24
N ALA B 83 -116.51 -102.68 -70.58
CA ALA B 83 -116.01 -103.03 -69.26
C ALA B 83 -114.65 -103.69 -69.36
N LEU B 84 -114.40 -104.37 -70.48
CA LEU B 84 -113.15 -105.09 -70.63
C LEU B 84 -112.04 -104.16 -71.10
N THR B 85 -112.41 -103.08 -71.78
CA THR B 85 -111.42 -102.14 -72.28
C THR B 85 -111.39 -100.88 -71.44
N LEU B 86 -112.43 -100.70 -70.61
CA LEU B 86 -112.23 -99.97 -69.35
C LEU B 86 -111.48 -100.81 -68.35
N GLN B 87 -111.38 -102.11 -68.59
CA GLN B 87 -110.54 -102.94 -67.73
C GLN B 87 -109.13 -103.01 -68.32
N GLU B 88 -108.99 -102.57 -69.57
CA GLU B 88 -107.67 -102.37 -70.15
C GLU B 88 -107.23 -100.92 -70.00
N LYS B 89 -108.18 -100.01 -69.85
CA LYS B 89 -107.86 -98.67 -69.39
C LYS B 89 -107.72 -98.64 -67.89
N ALA B 90 -108.28 -99.63 -67.20
CA ALA B 90 -108.10 -99.68 -65.76
C ALA B 90 -106.88 -100.48 -65.40
N ALA B 91 -106.59 -101.52 -66.17
CA ALA B 91 -105.34 -102.24 -66.02
C ALA B 91 -104.21 -101.48 -66.68
N GLY B 92 -104.54 -100.60 -67.63
CA GLY B 92 -103.52 -99.82 -68.32
C GLY B 92 -103.21 -98.52 -67.62
N ILE B 93 -104.24 -97.83 -67.12
CA ILE B 93 -104.02 -96.77 -66.14
C ILE B 93 -103.41 -97.33 -64.88
N GLN B 94 -103.82 -98.54 -64.50
CA GLN B 94 -103.19 -99.22 -63.38
C GLN B 94 -101.74 -99.58 -63.68
N ASP B 95 -101.40 -99.78 -64.95
CA ASP B 95 -100.00 -99.98 -65.30
C ASP B 95 -99.26 -98.65 -65.31
N VAL B 96 -99.95 -97.58 -65.69
CA VAL B 96 -99.39 -96.22 -65.59
C VAL B 96 -99.03 -95.90 -64.16
N THR B 97 -99.94 -96.22 -63.24
CA THR B 97 -99.69 -95.99 -61.83
C THR B 97 -98.64 -96.95 -61.30
N TYR B 98 -98.58 -98.17 -61.83
CA TYR B 98 -97.64 -99.11 -61.23
C TYR B 98 -96.23 -98.87 -61.75
N GLN B 99 -96.12 -98.36 -62.97
CA GLN B 99 -94.87 -97.77 -63.42
C GLN B 99 -94.56 -96.50 -62.63
N THR B 100 -95.60 -95.85 -62.11
CA THR B 100 -95.35 -94.77 -61.18
C THR B 100 -95.17 -95.32 -59.76
N ASP B 101 -95.24 -96.63 -59.59
CA ASP B 101 -94.99 -97.21 -58.27
C ASP B 101 -93.58 -97.72 -58.19
N GLN B 102 -93.09 -98.28 -59.28
CA GLN B 102 -91.66 -98.51 -59.39
C GLN B 102 -90.93 -97.19 -59.51
N GLN B 103 -91.48 -96.29 -60.33
CA GLN B 103 -90.90 -94.96 -60.51
C GLN B 103 -90.93 -94.15 -59.23
N THR B 104 -92.09 -94.13 -58.56
CA THR B 104 -92.22 -93.38 -57.33
C THR B 104 -91.49 -94.09 -56.19
N LEU B 105 -91.37 -95.41 -56.28
CA LEU B 105 -90.67 -96.16 -55.24
C LEU B 105 -89.17 -95.92 -55.32
N ILE B 106 -88.63 -95.87 -56.55
CA ILE B 106 -87.23 -95.49 -56.72
C ILE B 106 -87.05 -94.03 -56.33
N LEU B 107 -88.07 -93.22 -56.63
CA LEU B 107 -88.05 -91.80 -56.32
C LEU B 107 -87.95 -91.56 -54.82
N ASN B 108 -88.67 -92.35 -54.02
CA ASN B 108 -88.71 -92.05 -52.60
C ASN B 108 -87.81 -92.97 -51.80
N THR B 109 -87.35 -94.05 -52.42
CA THR B 109 -86.31 -94.84 -51.77
C THR B 109 -84.97 -94.17 -51.94
N ALA B 110 -84.76 -93.55 -53.11
CA ALA B 110 -83.55 -92.77 -53.32
C ALA B 110 -83.65 -91.40 -52.67
N THR B 111 -84.85 -90.82 -52.69
CA THR B 111 -85.08 -89.57 -51.98
C THR B 111 -84.87 -89.75 -50.49
N ALA B 112 -85.54 -90.77 -49.93
CA ALA B 112 -85.40 -91.10 -48.52
C ALA B 112 -83.98 -91.53 -48.19
N TYR B 113 -83.31 -92.18 -49.15
CA TYR B 113 -81.90 -92.49 -49.00
C TYR B 113 -81.08 -91.23 -48.86
N PHE B 114 -81.41 -90.21 -49.66
CA PHE B 114 -80.75 -88.92 -49.56
C PHE B 114 -81.12 -88.21 -48.27
N ASN B 115 -82.27 -88.54 -47.69
CA ASN B 115 -82.63 -87.95 -46.42
C ASN B 115 -81.86 -88.59 -45.29
N VAL B 116 -81.61 -89.90 -45.39
CA VAL B 116 -80.76 -90.57 -44.42
C VAL B 116 -79.35 -90.03 -44.51
N LEU B 117 -78.84 -89.91 -45.75
CA LEU B 117 -77.54 -89.30 -46.00
C LEU B 117 -77.49 -87.87 -45.50
N ASN B 118 -78.62 -87.17 -45.61
CA ASN B 118 -78.68 -85.79 -45.18
C ASN B 118 -78.60 -85.68 -43.67
N ALA B 119 -79.33 -86.55 -42.96
CA ALA B 119 -79.27 -86.55 -41.50
C ALA B 119 -77.89 -86.97 -41.01
N ILE B 120 -77.23 -87.88 -41.73
CA ILE B 120 -75.88 -88.28 -41.36
C ILE B 120 -74.91 -87.13 -41.57
N ASP B 121 -74.98 -86.46 -42.71
CA ASP B 121 -73.95 -85.49 -43.05
C ASP B 121 -74.14 -84.19 -42.28
N VAL B 122 -75.38 -83.72 -42.19
CA VAL B 122 -75.68 -82.55 -41.36
C VAL B 122 -75.43 -82.87 -39.90
N LEU B 123 -75.70 -84.12 -39.49
CA LEU B 123 -75.36 -84.56 -38.14
C LEU B 123 -73.86 -84.50 -37.91
N SER B 124 -73.06 -84.90 -38.89
CA SER B 124 -71.61 -84.91 -38.71
C SER B 124 -71.04 -83.51 -38.74
N TYR B 125 -71.64 -82.62 -39.54
CA TYR B 125 -71.23 -81.23 -39.51
C TYR B 125 -71.64 -80.57 -38.20
N THR B 126 -72.74 -81.04 -37.60
CA THR B 126 -73.09 -80.62 -36.25
C THR B 126 -72.07 -81.15 -35.24
N GLN B 127 -71.55 -82.36 -35.49
CA GLN B 127 -70.52 -82.94 -34.62
C GLN B 127 -69.25 -82.09 -34.64
N ALA B 128 -68.68 -81.89 -35.83
CA ALA B 128 -67.41 -81.17 -35.92
C ALA B 128 -67.57 -79.69 -35.62
N GLN B 129 -68.77 -79.15 -35.83
CA GLN B 129 -69.04 -77.78 -35.40
C GLN B 129 -69.05 -77.69 -33.89
N LYS B 130 -69.68 -78.67 -33.22
CA LYS B 130 -69.58 -78.79 -31.77
C LYS B 130 -68.15 -78.95 -31.30
N GLU B 131 -67.34 -79.67 -32.09
CA GLU B 131 -65.92 -79.81 -31.79
C GLU B 131 -65.21 -78.47 -31.85
N ALA B 132 -65.59 -77.62 -32.80
CA ALA B 132 -64.97 -76.30 -32.89
C ALA B 132 -65.39 -75.41 -31.73
N ILE B 133 -66.69 -75.46 -31.37
CA ILE B 133 -67.21 -74.73 -30.21
C ILE B 133 -66.53 -75.20 -28.93
N TYR B 134 -66.19 -76.49 -28.85
CA TYR B 134 -65.54 -76.99 -27.65
C TYR B 134 -64.04 -76.71 -27.64
N ARG B 135 -63.41 -76.60 -28.81
CA ARG B 135 -62.00 -76.22 -28.83
C ARG B 135 -61.83 -74.76 -28.44
N GLN B 136 -62.62 -73.88 -29.02
CA GLN B 136 -62.48 -72.47 -28.67
C GLN B 136 -63.08 -72.15 -27.32
N LEU B 137 -64.13 -72.88 -26.94
CA LEU B 137 -64.68 -72.82 -25.59
C LEU B 137 -63.66 -73.27 -24.56
N ASP B 138 -62.99 -74.39 -24.84
CA ASP B 138 -62.06 -74.98 -23.90
C ASP B 138 -60.80 -74.12 -23.77
N GLN B 139 -60.29 -73.64 -24.90
CA GLN B 139 -59.15 -72.75 -24.90
C GLN B 139 -59.49 -71.42 -24.24
N THR B 140 -60.73 -70.96 -24.43
CA THR B 140 -61.20 -69.74 -23.76
C THR B 140 -61.25 -69.93 -22.26
N THR B 141 -61.74 -71.08 -21.80
CA THR B 141 -61.80 -71.36 -20.38
C THR B 141 -60.40 -71.51 -19.78
N GLN B 142 -59.47 -72.06 -20.56
CA GLN B 142 -58.10 -72.17 -20.10
C GLN B 142 -57.43 -70.80 -20.04
N ARG B 143 -57.82 -69.88 -20.93
CA ARG B 143 -57.35 -68.51 -20.80
C ARG B 143 -58.01 -67.80 -19.63
N PHE B 144 -59.18 -68.27 -19.18
CA PHE B 144 -59.69 -67.75 -17.92
C PHE B 144 -58.95 -68.35 -16.73
N ASN B 145 -58.37 -69.55 -16.90
CA ASN B 145 -57.64 -70.16 -15.80
C ASN B 145 -56.38 -69.38 -15.47
N VAL B 146 -55.83 -68.65 -16.43
CA VAL B 146 -54.82 -67.64 -16.12
C VAL B 146 -55.47 -66.26 -15.95
N GLY B 147 -56.68 -66.08 -16.47
CA GLY B 147 -57.42 -64.85 -16.25
C GLY B 147 -57.41 -63.87 -17.39
N LEU B 148 -57.64 -64.31 -18.63
CA LEU B 148 -57.55 -63.39 -19.76
C LEU B 148 -58.91 -62.83 -20.15
N VAL B 149 -59.95 -63.66 -20.16
CA VAL B 149 -61.22 -63.28 -20.80
C VAL B 149 -62.34 -63.10 -19.77
N ALA B 150 -63.50 -62.68 -20.25
CA ALA B 150 -64.70 -62.62 -19.45
C ALA B 150 -65.46 -63.94 -19.56
N ILE B 151 -66.23 -64.26 -18.52
CA ILE B 151 -66.87 -65.57 -18.46
C ILE B 151 -68.09 -65.64 -19.38
N THR B 152 -68.55 -64.50 -19.90
CA THR B 152 -69.79 -64.49 -20.66
C THR B 152 -69.63 -65.13 -22.03
N ASP B 153 -68.40 -65.21 -22.55
CA ASP B 153 -68.19 -66.00 -23.76
C ASP B 153 -68.12 -67.48 -23.43
N VAL B 154 -67.73 -67.80 -22.19
CA VAL B 154 -67.66 -69.20 -21.77
C VAL B 154 -69.06 -69.74 -21.55
N GLN B 155 -69.93 -68.92 -20.94
CA GLN B 155 -71.26 -69.40 -20.59
C GLN B 155 -72.28 -69.08 -21.68
N ASN B 156 -72.03 -68.06 -22.50
CA ASN B 156 -72.77 -67.94 -23.75
C ASN B 156 -72.34 -69.03 -24.72
N ALA B 157 -71.08 -69.45 -24.66
CA ALA B 157 -70.68 -70.63 -25.40
C ALA B 157 -71.10 -71.90 -24.70
N ARG B 158 -71.64 -71.80 -23.48
CA ARG B 158 -72.33 -72.94 -22.87
C ARG B 158 -73.79 -72.93 -23.30
N ALA B 159 -74.35 -71.75 -23.54
CA ALA B 159 -75.67 -71.70 -24.15
C ALA B 159 -75.63 -72.19 -25.59
N GLN B 160 -74.63 -71.76 -26.34
CA GLN B 160 -74.45 -72.25 -27.70
C GLN B 160 -73.92 -73.68 -27.70
N TYR B 161 -73.18 -74.04 -26.66
CA TYR B 161 -72.68 -75.40 -26.56
C TYR B 161 -73.82 -76.36 -26.27
N ASP B 162 -74.73 -75.96 -25.37
CA ASP B 162 -75.95 -76.72 -25.15
C ASP B 162 -76.87 -76.66 -26.36
N THR B 163 -76.74 -75.61 -27.16
CA THR B 163 -77.53 -75.53 -28.38
C THR B 163 -77.08 -76.57 -29.38
N VAL B 164 -75.77 -76.65 -29.64
CA VAL B 164 -75.28 -77.63 -30.59
C VAL B 164 -75.31 -79.03 -29.99
N LEU B 165 -75.31 -79.15 -28.66
CA LEU B 165 -75.67 -80.41 -28.03
C LEU B 165 -77.11 -80.77 -28.34
N ALA B 166 -78.00 -79.78 -28.30
CA ALA B 166 -79.39 -80.04 -28.67
C ALA B 166 -79.54 -80.27 -30.17
N ASN B 167 -78.53 -79.89 -30.95
CA ASN B 167 -78.62 -80.02 -32.41
C ASN B 167 -78.06 -81.35 -32.87
N GLU B 168 -77.05 -81.87 -32.17
CA GLU B 168 -76.62 -83.23 -32.40
C GLU B 168 -77.54 -84.20 -31.67
N VAL B 169 -78.32 -83.67 -30.73
CA VAL B 169 -79.38 -84.45 -30.10
C VAL B 169 -80.59 -84.58 -31.00
N THR B 170 -81.07 -83.46 -31.54
CA THR B 170 -82.24 -83.57 -32.41
C THR B 170 -81.84 -84.00 -33.81
N ALA B 171 -80.59 -83.79 -34.19
CA ALA B 171 -80.12 -84.28 -35.47
C ALA B 171 -79.67 -85.72 -35.33
N ARG B 172 -79.28 -86.10 -34.11
CA ARG B 172 -79.24 -87.51 -33.75
C ARG B 172 -80.62 -88.12 -33.87
N ASN B 173 -81.65 -87.35 -33.51
CA ASN B 173 -83.00 -87.85 -33.67
C ASN B 173 -83.40 -87.90 -35.14
N ASN B 174 -82.86 -86.99 -35.95
CA ASN B 174 -83.14 -87.05 -37.38
C ASN B 174 -82.43 -88.22 -38.02
N LEU B 175 -81.25 -88.56 -37.48
CA LEU B 175 -80.62 -89.83 -37.81
C LEU B 175 -81.50 -90.99 -37.45
N ASP B 176 -82.07 -90.98 -36.25
CA ASP B 176 -82.88 -92.10 -35.77
C ASP B 176 -84.14 -92.25 -36.59
N ASN B 177 -84.76 -91.13 -36.92
CA ASN B 177 -85.94 -91.16 -37.76
C ASN B 177 -85.58 -91.49 -39.19
N ALA B 178 -84.34 -91.20 -39.60
CA ALA B 178 -83.86 -91.62 -40.91
C ALA B 178 -83.64 -93.12 -40.93
N VAL B 179 -83.23 -93.69 -39.80
CA VAL B 179 -83.23 -95.14 -39.62
C VAL B 179 -84.67 -95.64 -39.65
N GLU B 180 -85.62 -94.80 -39.26
CA GLU B 180 -87.02 -95.16 -39.45
C GLU B 180 -87.51 -94.76 -40.85
N GLN B 181 -86.64 -94.23 -41.70
CA GLN B 181 -86.98 -94.09 -43.12
C GLN B 181 -86.49 -95.29 -43.89
N LEU B 182 -85.31 -95.80 -43.52
CA LEU B 182 -84.86 -97.06 -44.05
C LEU B 182 -85.62 -98.21 -43.43
N ARG B 183 -86.19 -97.99 -42.24
CA ARG B 183 -87.02 -99.00 -41.60
C ARG B 183 -88.48 -98.73 -41.90
N GLN B 184 -88.79 -97.53 -42.40
CA GLN B 184 -90.11 -97.26 -42.92
C GLN B 184 -90.27 -97.79 -44.34
N ILE B 185 -89.21 -97.72 -45.13
CA ILE B 185 -89.33 -98.11 -46.54
C ILE B 185 -88.55 -99.38 -46.80
N THR B 186 -87.27 -99.41 -46.43
CA THR B 186 -86.50 -100.63 -46.52
C THR B 186 -87.01 -101.65 -45.51
N GLY B 187 -87.43 -101.18 -44.34
CA GLY B 187 -88.00 -102.05 -43.35
C GLY B 187 -87.03 -102.51 -42.27
N ASN B 188 -85.75 -102.19 -42.40
CA ASN B 188 -84.73 -102.85 -41.61
C ASN B 188 -83.74 -101.83 -41.08
N TYR B 189 -82.60 -102.34 -40.61
CA TYR B 189 -81.48 -101.53 -40.17
C TYR B 189 -80.24 -101.82 -41.00
N TYR B 190 -79.53 -100.76 -41.40
CA TYR B 190 -78.20 -100.90 -41.96
C TYR B 190 -77.23 -100.22 -41.01
N PRO B 191 -76.04 -100.78 -40.80
CA PRO B 191 -75.07 -100.11 -39.92
C PRO B 191 -74.38 -98.92 -40.54
N GLU B 192 -74.32 -98.85 -41.87
CA GLU B 192 -73.56 -97.80 -42.55
C GLU B 192 -74.12 -97.65 -43.95
N LEU B 193 -73.90 -96.48 -44.54
CA LEU B 193 -74.37 -96.25 -45.90
C LEU B 193 -73.32 -95.53 -46.72
N ALA B 194 -73.57 -95.49 -48.03
CA ALA B 194 -72.61 -95.03 -49.00
C ALA B 194 -72.58 -93.50 -49.02
N ALA B 195 -71.52 -92.92 -48.44
CA ALA B 195 -71.34 -91.48 -48.49
C ALA B 195 -70.96 -91.07 -49.91
N LEU B 196 -71.11 -89.79 -50.21
CA LEU B 196 -70.85 -89.29 -51.55
C LEU B 196 -69.40 -88.88 -51.72
N ASN B 197 -68.81 -89.28 -52.84
CA ASN B 197 -67.54 -88.70 -53.27
C ASN B 197 -67.85 -87.30 -53.80
N VAL B 198 -67.81 -86.34 -52.89
CA VAL B 198 -68.14 -84.96 -53.24
C VAL B 198 -67.04 -84.25 -53.99
N GLU B 199 -65.87 -84.88 -54.12
CA GLU B 199 -64.71 -84.20 -54.66
C GLU B 199 -64.78 -84.08 -56.18
N ASN B 200 -65.25 -85.13 -56.86
CA ASN B 200 -65.38 -85.13 -58.30
C ASN B 200 -66.73 -84.60 -58.75
N PHE B 201 -67.51 -84.04 -57.83
CA PHE B 201 -68.83 -83.53 -58.17
C PHE B 201 -68.72 -82.31 -59.05
N LYS B 202 -69.47 -82.32 -60.15
CA LYS B 202 -69.44 -81.27 -61.15
C LYS B 202 -70.88 -80.93 -61.54
N THR B 203 -71.04 -79.76 -62.14
CA THR B 203 -72.35 -79.33 -62.59
C THR B 203 -72.61 -79.85 -64.00
N ASP B 204 -73.85 -80.26 -64.25
CA ASP B 204 -74.27 -80.67 -65.57
C ASP B 204 -75.44 -79.80 -65.98
N LYS B 205 -75.39 -79.32 -67.20
CA LYS B 205 -76.43 -78.36 -67.56
C LYS B 205 -77.65 -79.08 -68.13
N PRO B 206 -78.84 -78.63 -67.79
CA PRO B 206 -80.06 -79.37 -68.14
C PRO B 206 -80.45 -79.19 -69.60
N GLN B 207 -81.61 -79.72 -69.92
CA GLN B 207 -82.11 -79.71 -71.27
C GLN B 207 -82.79 -78.38 -71.58
N PRO B 208 -82.96 -78.05 -72.86
CA PRO B 208 -83.80 -76.90 -73.21
C PRO B 208 -85.24 -77.11 -72.79
N VAL B 209 -85.88 -76.01 -72.40
CA VAL B 209 -87.12 -76.10 -71.63
C VAL B 209 -88.30 -76.48 -72.52
N ASN B 210 -88.32 -76.03 -73.76
CA ASN B 210 -89.40 -76.40 -74.66
C ASN B 210 -89.17 -77.79 -75.23
N ALA B 211 -87.91 -78.19 -75.34
CA ALA B 211 -87.58 -79.59 -75.59
C ALA B 211 -88.06 -80.45 -74.43
N LEU B 212 -88.08 -79.91 -73.23
CA LEU B 212 -88.70 -80.60 -72.11
C LEU B 212 -90.21 -80.47 -72.11
N LEU B 213 -90.77 -79.56 -72.90
CA LEU B 213 -92.21 -79.64 -73.14
C LEU B 213 -92.52 -80.76 -74.12
N LYS B 214 -91.57 -81.06 -75.00
CA LYS B 214 -91.72 -82.25 -75.84
C LYS B 214 -91.50 -83.52 -75.04
N GLU B 215 -90.48 -83.54 -74.18
CA GLU B 215 -90.19 -84.73 -73.37
C GLU B 215 -91.25 -84.94 -72.31
N ALA B 216 -91.84 -83.85 -71.81
CA ALA B 216 -92.85 -83.95 -70.78
C ALA B 216 -94.22 -84.28 -71.39
N GLU B 217 -94.66 -83.49 -72.37
CA GLU B 217 -95.93 -83.73 -73.05
C GLU B 217 -95.91 -85.01 -73.87
N LYS B 218 -94.73 -85.51 -74.21
CA LYS B 218 -94.60 -86.83 -74.78
C LYS B 218 -94.56 -87.90 -73.69
N ARG B 219 -93.87 -87.63 -72.60
CA ARG B 219 -93.49 -88.67 -71.66
C ARG B 219 -94.10 -88.48 -70.28
N ASN B 220 -95.28 -87.89 -70.20
CA ASN B 220 -96.00 -87.89 -68.94
C ASN B 220 -96.81 -89.17 -68.83
N LEU B 221 -96.83 -89.73 -67.63
CA LEU B 221 -97.77 -90.80 -67.34
C LEU B 221 -99.13 -90.25 -66.97
N SER B 222 -99.17 -89.02 -66.46
CA SER B 222 -100.36 -88.51 -65.81
C SER B 222 -101.39 -88.00 -66.80
N LEU B 223 -100.96 -87.20 -67.78
CA LEU B 223 -101.94 -86.73 -68.75
C LEU B 223 -102.12 -87.73 -69.88
N LEU B 224 -101.19 -88.68 -70.01
CA LEU B 224 -101.48 -89.91 -70.72
C LEU B 224 -102.61 -90.65 -70.06
N GLN B 225 -102.54 -90.78 -68.74
CA GLN B 225 -103.59 -91.38 -67.94
C GLN B 225 -104.88 -90.57 -68.03
N ALA B 226 -104.77 -89.26 -68.25
CA ALA B 226 -105.94 -88.45 -68.55
C ALA B 226 -106.45 -88.69 -69.96
N ARG B 227 -105.57 -89.09 -70.88
CA ARG B 227 -106.06 -89.50 -72.20
C ARG B 227 -106.82 -90.82 -72.12
N LEU B 228 -106.34 -91.72 -71.27
CA LEU B 228 -107.01 -93.01 -71.14
C LEU B 228 -108.33 -92.86 -70.40
N SER B 229 -108.33 -92.03 -69.37
CA SER B 229 -109.58 -91.63 -68.71
C SER B 229 -110.48 -90.85 -69.65
N GLN B 230 -109.89 -90.21 -70.65
CA GLN B 230 -110.63 -89.29 -71.49
C GLN B 230 -111.35 -90.03 -72.61
N ASP B 231 -110.65 -90.96 -73.28
CA ASP B 231 -111.32 -91.84 -74.24
C ASP B 231 -112.21 -92.83 -73.53
N LEU B 232 -111.84 -93.22 -72.31
CA LEU B 232 -112.77 -93.86 -71.39
C LEU B 232 -114.07 -93.08 -71.27
N ALA B 233 -113.97 -91.76 -71.06
CA ALA B 233 -115.16 -90.93 -71.06
C ALA B 233 -115.79 -90.81 -72.43
N ARG B 234 -115.04 -91.05 -73.51
CA ARG B 234 -115.63 -90.99 -74.83
C ARG B 234 -116.52 -92.19 -75.10
N GLU B 235 -116.12 -93.37 -74.62
CA GLU B 235 -117.07 -94.45 -74.71
C GLU B 235 -117.85 -94.59 -73.41
N GLN B 236 -117.86 -93.55 -72.58
CA GLN B 236 -118.94 -93.40 -71.61
C GLN B 236 -120.03 -92.48 -72.16
N ILE B 237 -119.64 -91.49 -72.97
CA ILE B 237 -120.56 -90.87 -73.91
C ILE B 237 -121.23 -91.96 -74.74
N ARG B 238 -120.41 -92.75 -75.42
CA ARG B 238 -120.95 -93.77 -76.27
C ARG B 238 -121.19 -95.08 -75.55
N GLN B 239 -121.08 -95.11 -74.22
CA GLN B 239 -121.56 -96.25 -73.48
C GLN B 239 -122.89 -95.95 -72.83
N ALA B 240 -123.14 -94.67 -72.55
CA ALA B 240 -124.51 -94.21 -72.52
C ALA B 240 -125.20 -94.54 -73.83
N GLN B 241 -124.56 -94.21 -74.95
CA GLN B 241 -125.14 -94.56 -76.24
C GLN B 241 -125.10 -96.06 -76.49
N ASP B 242 -124.25 -96.81 -75.77
CA ASP B 242 -124.52 -98.24 -75.65
C ASP B 242 -125.81 -98.49 -74.90
N GLY B 243 -126.17 -97.60 -73.97
CA GLY B 243 -127.49 -97.60 -73.40
C GLY B 243 -128.60 -97.23 -74.39
N HIS B 244 -128.26 -96.52 -75.47
CA HIS B 244 -129.20 -96.33 -76.58
C HIS B 244 -129.20 -97.47 -77.59
N LEU B 245 -128.59 -98.62 -77.27
CA LEU B 245 -128.56 -99.61 -78.35
C LEU B 245 -129.61 -100.71 -78.15
N PRO B 246 -130.20 -101.16 -79.27
CA PRO B 246 -131.02 -102.39 -79.24
C PRO B 246 -130.16 -103.63 -79.05
N THR B 247 -130.78 -104.77 -78.72
CA THR B 247 -129.99 -105.91 -78.27
C THR B 247 -130.70 -107.23 -78.56
N LEU B 248 -129.91 -108.30 -78.75
CA LEU B 248 -130.50 -109.62 -78.90
C LEU B 248 -129.82 -110.57 -77.93
N ASP B 249 -130.54 -111.63 -77.53
CA ASP B 249 -130.09 -112.49 -76.44
C ASP B 249 -130.36 -113.94 -76.80
N LEU B 250 -129.47 -114.84 -76.39
CA LEU B 250 -129.64 -116.28 -76.59
C LEU B 250 -129.61 -116.99 -75.24
N THR B 251 -130.61 -117.83 -74.99
CA THR B 251 -130.66 -118.68 -73.81
C THR B 251 -130.93 -120.11 -74.21
N ALA B 252 -130.61 -121.03 -73.31
CA ALA B 252 -130.81 -122.45 -73.51
C ALA B 252 -131.06 -123.11 -72.18
N SER B 253 -131.96 -124.11 -72.17
CA SER B 253 -132.33 -124.79 -70.94
C SER B 253 -132.96 -126.12 -71.29
N THR B 254 -133.08 -126.98 -70.29
CA THR B 254 -133.83 -128.23 -70.38
C THR B 254 -134.15 -128.68 -68.96
N GLY B 255 -134.75 -129.86 -68.85
CA GLY B 255 -134.94 -130.45 -67.54
C GLY B 255 -136.14 -131.37 -67.52
N ILE B 256 -136.51 -131.77 -66.31
CA ILE B 256 -137.60 -132.71 -66.09
C ILE B 256 -138.58 -132.15 -65.09
N SER B 257 -139.79 -132.70 -65.11
CA SER B 257 -140.80 -132.45 -64.09
C SER B 257 -141.57 -133.74 -63.91
N ASP B 258 -142.23 -133.89 -62.76
CA ASP B 258 -142.85 -135.17 -62.40
C ASP B 258 -144.36 -135.11 -62.50
N THR B 259 -145.00 -134.18 -61.77
CA THR B 259 -146.43 -133.85 -61.83
C THR B 259 -147.29 -135.08 -61.50
N SER B 260 -147.20 -135.50 -60.24
CA SER B 260 -148.18 -136.44 -59.71
C SER B 260 -149.35 -135.69 -59.10
N TYR B 261 -150.41 -136.42 -58.79
CA TYR B 261 -151.72 -135.86 -58.51
C TYR B 261 -152.29 -136.45 -57.22
N SER B 262 -153.11 -135.64 -56.55
CA SER B 262 -153.82 -136.08 -55.35
C SER B 262 -154.99 -135.13 -55.11
N GLY B 263 -155.95 -135.59 -54.32
CA GLY B 263 -157.08 -134.76 -53.96
C GLY B 263 -158.39 -135.53 -54.04
N SER B 264 -159.43 -134.90 -53.48
CA SER B 264 -160.77 -135.46 -53.45
C SER B 264 -161.55 -135.11 -54.71
N LYS B 265 -161.65 -133.82 -55.04
CA LYS B 265 -162.23 -133.40 -56.30
C LYS B 265 -161.28 -133.61 -57.47
N THR B 266 -160.01 -133.94 -57.20
CA THR B 266 -159.12 -134.41 -58.26
C THR B 266 -159.63 -135.72 -58.85
N ARG B 267 -159.73 -136.76 -58.02
CA ARG B 267 -160.24 -138.05 -58.45
C ARG B 267 -161.74 -137.97 -58.72
N GLY B 268 -162.18 -138.73 -59.72
CA GLY B 268 -163.52 -138.59 -60.23
C GLY B 268 -163.51 -137.97 -61.61
N ALA B 269 -163.87 -138.76 -62.62
CA ALA B 269 -163.83 -138.39 -64.04
C ALA B 269 -162.45 -137.91 -64.46
N ALA B 270 -161.45 -138.80 -64.34
CA ALA B 270 -160.11 -138.47 -64.79
C ALA B 270 -159.96 -138.63 -66.29
N GLY B 271 -160.12 -139.85 -66.79
CA GLY B 271 -160.04 -140.13 -68.22
C GLY B 271 -158.69 -139.89 -68.84
N THR B 272 -157.65 -140.57 -68.36
CA THR B 272 -156.25 -140.58 -68.82
C THR B 272 -155.53 -139.24 -68.55
N GLN B 273 -156.26 -138.24 -68.05
CA GLN B 273 -155.66 -136.96 -67.71
C GLN B 273 -154.78 -137.06 -66.48
N TYR B 274 -155.15 -137.94 -65.55
CA TYR B 274 -154.51 -138.01 -64.24
C TYR B 274 -153.65 -139.25 -64.08
N ASP B 275 -153.09 -139.75 -65.18
CA ASP B 275 -152.09 -140.81 -65.13
C ASP B 275 -150.72 -140.18 -64.87
N ASP B 276 -149.94 -140.84 -64.02
CA ASP B 276 -148.71 -140.26 -63.53
C ASP B 276 -147.49 -140.85 -64.25
N SER B 277 -146.82 -140.00 -65.02
CA SER B 277 -145.51 -140.28 -65.57
C SER B 277 -144.82 -138.94 -65.83
N ASN B 278 -143.48 -138.97 -65.78
CA ASN B 278 -142.71 -137.81 -65.39
C ASN B 278 -142.04 -137.16 -66.59
N MSE B 279 -142.49 -135.94 -66.92
CA MSE B 279 -142.11 -135.18 -68.12
C MSE B 279 -140.63 -134.90 -68.35
O MSE B 279 -139.81 -134.96 -67.43
CB MSE B 279 -142.83 -133.84 -68.09
CG MSE B 279 -144.34 -133.95 -68.16
SE MSE B 279 -144.93 -134.65 -69.88
CE MSE B 279 -146.85 -134.62 -69.58
N GLY B 280 -140.29 -134.61 -69.60
CA GLY B 280 -138.99 -134.09 -69.99
C GLY B 280 -139.15 -132.97 -71.01
N GLN B 281 -138.27 -131.96 -70.97
CA GLN B 281 -138.53 -130.74 -71.72
C GLN B 281 -137.24 -130.03 -72.10
N ASN B 282 -137.21 -129.47 -73.31
CA ASN B 282 -136.06 -128.75 -73.84
C ASN B 282 -136.51 -127.39 -74.36
N LYS B 283 -135.71 -126.35 -74.08
CA LYS B 283 -136.11 -124.97 -74.41
C LYS B 283 -134.89 -124.14 -74.84
N VAL B 284 -135.15 -123.12 -75.67
CA VAL B 284 -134.17 -122.09 -76.00
C VAL B 284 -134.86 -120.74 -75.91
N GLY B 285 -134.13 -119.68 -76.24
CA GLY B 285 -134.76 -118.36 -76.22
C GLY B 285 -133.88 -117.29 -76.82
N LEU B 286 -134.53 -116.16 -77.15
CA LEU B 286 -133.87 -114.98 -77.68
C LEU B 286 -134.50 -113.76 -77.00
N SER B 287 -133.86 -112.60 -77.20
CA SER B 287 -134.50 -111.33 -76.79
C SER B 287 -133.91 -110.19 -77.60
N PHE B 288 -134.71 -109.61 -78.48
CA PHE B 288 -134.33 -108.36 -79.13
C PHE B 288 -135.19 -107.23 -78.59
N SER B 289 -134.55 -106.22 -78.02
CA SER B 289 -135.26 -105.08 -77.45
C SER B 289 -134.69 -103.81 -78.04
N LEU B 290 -135.56 -102.82 -78.25
CA LEU B 290 -135.15 -101.59 -78.90
C LEU B 290 -135.47 -100.40 -78.01
N PRO B 291 -134.55 -99.43 -77.91
CA PRO B 291 -134.83 -98.20 -77.15
C PRO B 291 -135.87 -97.33 -77.83
N ILE B 292 -137.15 -97.67 -77.71
CA ILE B 292 -138.19 -96.93 -78.41
C ILE B 292 -138.40 -95.61 -77.68
N TYR B 293 -138.70 -95.67 -76.38
CA TYR B 293 -138.91 -94.48 -75.58
C TYR B 293 -138.49 -94.79 -74.15
N GLN B 294 -137.35 -94.23 -73.75
CA GLN B 294 -136.72 -94.61 -72.48
C GLN B 294 -136.67 -93.49 -71.47
N GLY B 295 -137.30 -92.35 -71.73
CA GLY B 295 -137.28 -91.28 -70.77
C GLY B 295 -136.10 -90.35 -70.84
N GLY B 296 -135.11 -90.62 -71.69
CA GLY B 296 -134.00 -89.72 -71.86
C GLY B 296 -132.99 -89.69 -70.74
N MSE B 297 -132.72 -90.84 -70.13
CA MSE B 297 -131.64 -90.94 -69.17
C MSE B 297 -130.34 -90.80 -69.88
O MSE B 297 -129.45 -90.05 -69.48
CB MSE B 297 -131.70 -92.29 -68.46
CG MSE B 297 -130.64 -92.47 -67.42
SE MSE B 297 -130.83 -94.23 -66.63
CE MSE B 297 -132.46 -93.92 -65.64
N VAL B 298 -130.21 -91.56 -70.96
CA VAL B 298 -129.16 -91.34 -71.92
C VAL B 298 -129.42 -90.00 -72.60
N ASN B 299 -128.33 -89.36 -73.05
CA ASN B 299 -128.09 -88.00 -73.54
C ASN B 299 -127.92 -87.06 -72.37
N SER B 300 -128.13 -87.51 -71.14
CA SER B 300 -127.61 -86.79 -69.99
C SER B 300 -126.24 -87.34 -69.60
N GLN B 301 -126.09 -88.66 -69.63
CA GLN B 301 -124.80 -89.28 -69.37
C GLN B 301 -123.84 -89.04 -70.51
N VAL B 302 -124.38 -88.86 -71.72
CA VAL B 302 -123.58 -88.41 -72.86
C VAL B 302 -122.96 -87.06 -72.55
N LYS B 303 -123.77 -86.11 -72.10
CA LYS B 303 -123.26 -84.79 -71.80
C LYS B 303 -122.37 -84.79 -70.57
N GLN B 304 -122.58 -85.75 -69.68
CA GLN B 304 -121.79 -85.77 -68.45
C GLN B 304 -120.50 -86.53 -68.63
N ALA B 305 -120.41 -87.34 -69.68
CA ALA B 305 -119.11 -87.85 -70.06
C ALA B 305 -118.48 -86.99 -71.13
N GLN B 306 -119.21 -85.99 -71.62
CA GLN B 306 -118.59 -84.80 -72.17
C GLN B 306 -118.04 -83.94 -71.04
N TYR B 307 -118.68 -84.00 -69.88
CA TYR B 307 -118.20 -83.28 -68.71
C TYR B 307 -117.05 -84.03 -68.07
N ASN B 308 -116.96 -85.33 -68.36
CA ASN B 308 -115.79 -86.11 -68.01
C ASN B 308 -114.77 -86.06 -69.13
N PHE B 309 -115.24 -85.76 -70.35
CA PHE B 309 -114.30 -85.56 -71.44
C PHE B 309 -113.53 -84.27 -71.22
N VAL B 310 -114.22 -83.21 -70.82
CA VAL B 310 -113.53 -82.01 -70.37
C VAL B 310 -113.11 -82.18 -68.92
N GLY B 311 -113.59 -83.23 -68.27
CA GLY B 311 -113.02 -83.59 -66.99
C GLY B 311 -111.56 -83.96 -67.12
N ALA B 312 -111.27 -85.02 -67.88
CA ALA B 312 -109.90 -85.43 -68.09
C ALA B 312 -109.19 -84.56 -69.12
N SER B 313 -109.93 -83.72 -69.85
CA SER B 313 -109.27 -82.75 -70.71
C SER B 313 -108.78 -81.57 -69.90
N GLU B 314 -109.51 -81.20 -68.85
CA GLU B 314 -109.00 -80.18 -67.95
C GLU B 314 -108.18 -80.82 -66.84
N GLN B 315 -108.06 -82.14 -66.88
CA GLN B 315 -107.01 -82.82 -66.14
C GLN B 315 -105.79 -83.03 -67.02
N LEU B 316 -105.96 -82.84 -68.32
CA LEU B 316 -104.78 -82.75 -69.18
C LEU B 316 -104.37 -81.30 -69.31
N GLU B 317 -105.26 -80.39 -68.95
CA GLU B 317 -104.89 -78.99 -68.78
C GLU B 317 -104.32 -78.75 -67.40
N SER B 318 -104.98 -79.32 -66.39
CA SER B 318 -104.42 -79.31 -65.05
C SER B 318 -103.11 -80.07 -65.00
N ALA B 319 -103.07 -81.25 -65.62
CA ALA B 319 -101.84 -82.02 -65.67
C ALA B 319 -100.84 -81.38 -66.60
N HIS B 320 -101.33 -80.68 -67.63
CA HIS B 320 -100.47 -79.94 -68.54
C HIS B 320 -99.71 -78.86 -67.80
N ARG B 321 -100.45 -77.98 -67.11
CA ARG B 321 -99.82 -76.90 -66.34
C ARG B 321 -99.07 -77.47 -65.15
N SER B 322 -99.43 -78.67 -64.72
CA SER B 322 -98.79 -79.28 -63.57
C SER B 322 -97.43 -79.86 -63.93
N VAL B 323 -97.29 -80.38 -65.15
CA VAL B 323 -95.99 -80.97 -65.47
C VAL B 323 -95.12 -79.98 -66.23
N VAL B 324 -95.74 -79.02 -66.91
CA VAL B 324 -95.07 -77.77 -67.23
C VAL B 324 -94.50 -77.16 -65.96
N GLN B 325 -95.31 -77.16 -64.91
CA GLN B 325 -94.86 -76.70 -63.61
C GLN B 325 -93.77 -77.61 -63.04
N THR B 326 -93.83 -78.90 -63.35
CA THR B 326 -92.89 -79.83 -62.76
C THR B 326 -91.52 -79.70 -63.38
N VAL B 327 -91.46 -79.59 -64.70
CA VAL B 327 -90.15 -79.56 -65.33
C VAL B 327 -89.64 -78.13 -65.43
N ARG B 328 -90.52 -77.13 -65.38
CA ARG B 328 -90.02 -75.77 -65.34
C ARG B 328 -89.64 -75.38 -63.92
N SER B 329 -90.45 -75.76 -62.95
CA SER B 329 -90.10 -75.59 -61.55
C SER B 329 -88.84 -76.35 -61.21
N SER B 330 -88.82 -77.64 -61.59
CA SER B 330 -87.64 -78.48 -61.34
C SER B 330 -86.45 -78.00 -62.14
N PHE B 331 -86.71 -77.46 -63.33
CA PHE B 331 -85.68 -76.85 -64.17
C PHE B 331 -85.00 -75.70 -63.45
N ASN B 332 -85.79 -74.79 -62.88
CA ASN B 332 -85.20 -73.68 -62.17
C ASN B 332 -84.67 -74.11 -60.81
N ASN B 333 -85.12 -75.26 -60.32
CA ASN B 333 -84.49 -75.84 -59.13
C ASN B 333 -83.12 -76.39 -59.47
N ILE B 334 -82.94 -76.87 -60.70
CA ILE B 334 -81.61 -77.25 -61.15
C ILE B 334 -80.74 -76.01 -61.30
N ASN B 335 -81.32 -74.93 -61.82
CA ASN B 335 -80.56 -73.73 -62.08
C ASN B 335 -80.10 -73.06 -60.79
N ALA B 336 -81.05 -72.81 -59.88
CA ALA B 336 -80.70 -72.28 -58.57
C ALA B 336 -79.93 -73.29 -57.73
N SER B 337 -80.08 -74.59 -58.01
CA SER B 337 -79.25 -75.58 -57.35
C SER B 337 -77.79 -75.41 -57.74
N ILE B 338 -77.53 -75.26 -59.05
CA ILE B 338 -76.17 -75.13 -59.54
C ILE B 338 -75.55 -73.82 -59.06
N SER B 339 -76.21 -72.71 -59.35
CA SER B 339 -75.65 -71.40 -59.01
C SER B 339 -75.59 -71.20 -57.49
N SER B 340 -76.54 -71.79 -56.78
CA SER B 340 -76.49 -71.75 -55.32
C SER B 340 -75.31 -72.55 -54.80
N ILE B 341 -75.03 -73.69 -55.44
CA ILE B 341 -73.84 -74.47 -55.08
C ILE B 341 -72.57 -73.70 -55.35
N ASN B 342 -72.54 -72.92 -56.43
CA ASN B 342 -71.38 -72.07 -56.69
C ASN B 342 -71.23 -71.01 -55.61
N ALA B 343 -72.35 -70.43 -55.18
CA ALA B 343 -72.35 -69.54 -54.03
C ALA B 343 -71.93 -70.27 -52.76
N TYR B 344 -72.18 -71.58 -52.68
CA TYR B 344 -71.80 -72.32 -51.49
C TYR B 344 -70.32 -72.59 -51.48
N LYS B 345 -69.73 -72.81 -52.64
CA LYS B 345 -68.30 -73.05 -52.72
C LYS B 345 -67.54 -71.77 -52.46
N GLN B 346 -68.01 -70.64 -53.00
CA GLN B 346 -67.40 -69.37 -52.64
C GLN B 346 -67.69 -69.01 -51.19
N ALA B 347 -68.78 -69.51 -50.63
CA ALA B 347 -69.00 -69.38 -49.19
C ALA B 347 -68.04 -70.25 -48.40
N VAL B 348 -67.63 -71.39 -48.95
CA VAL B 348 -66.66 -72.25 -48.29
C VAL B 348 -65.29 -71.59 -48.29
N VAL B 349 -64.90 -71.02 -49.43
CA VAL B 349 -63.58 -70.40 -49.54
C VAL B 349 -63.53 -69.11 -48.75
N SER B 350 -64.49 -68.22 -48.99
CA SER B 350 -64.53 -66.93 -48.33
C SER B 350 -64.79 -67.06 -46.85
N ALA B 351 -65.61 -68.03 -46.45
CA ALA B 351 -65.82 -68.28 -45.03
C ALA B 351 -64.63 -68.99 -44.41
N GLN B 352 -63.86 -69.72 -45.21
CA GLN B 352 -62.68 -70.39 -44.68
C GLN B 352 -61.57 -69.40 -44.39
N SER B 353 -61.15 -68.64 -45.41
CA SER B 353 -60.09 -67.67 -45.22
C SER B 353 -60.58 -66.50 -44.38
N SER B 354 -61.88 -66.22 -44.42
CA SER B 354 -62.45 -65.26 -43.50
C SER B 354 -62.41 -65.76 -42.07
N LEU B 355 -62.64 -67.06 -41.89
CA LEU B 355 -62.53 -67.67 -40.57
C LEU B 355 -61.09 -67.61 -40.08
N ASP B 356 -60.14 -67.80 -40.98
CA ASP B 356 -58.73 -67.76 -40.61
C ASP B 356 -58.29 -66.33 -40.31
N ALA B 357 -58.87 -65.36 -41.01
CA ALA B 357 -58.56 -63.97 -40.73
C ALA B 357 -59.33 -63.47 -39.51
N MSE B 358 -60.35 -64.20 -39.08
CA MSE B 358 -60.96 -63.98 -37.78
C MSE B 358 -60.17 -64.65 -36.67
O MSE B 358 -60.25 -64.24 -35.52
CB MSE B 358 -62.41 -64.47 -37.74
CG MSE B 358 -63.40 -63.54 -38.39
SE MSE B 358 -63.45 -61.84 -37.42
CE MSE B 358 -64.92 -60.96 -38.35
N GLU B 359 -59.43 -65.71 -37.01
CA GLU B 359 -58.46 -66.24 -36.07
C GLU B 359 -57.30 -65.26 -35.91
N ALA B 360 -56.97 -64.54 -36.98
CA ALA B 360 -56.03 -63.44 -36.88
C ALA B 360 -56.61 -62.30 -36.05
N GLY B 361 -57.86 -61.89 -36.34
CA GLY B 361 -58.48 -60.79 -35.65
C GLY B 361 -58.80 -61.06 -34.20
N TYR B 362 -58.95 -62.33 -33.84
CA TYR B 362 -59.09 -62.75 -32.45
C TYR B 362 -57.75 -62.95 -31.76
N SER B 363 -56.73 -63.38 -32.50
CA SER B 363 -55.39 -63.50 -31.95
C SER B 363 -54.83 -62.13 -31.58
N VAL B 364 -55.21 -61.10 -32.33
CA VAL B 364 -54.88 -59.73 -31.96
C VAL B 364 -55.96 -59.08 -31.10
N GLY B 365 -57.15 -59.69 -31.01
CA GLY B 365 -58.18 -59.21 -30.12
C GLY B 365 -59.07 -58.13 -30.65
N THR B 366 -58.96 -57.78 -31.94
CA THR B 366 -59.87 -56.79 -32.51
C THR B 366 -61.29 -57.29 -32.60
N ARG B 367 -61.48 -58.60 -32.72
CA ARG B 367 -62.80 -59.21 -32.68
C ARG B 367 -62.79 -60.30 -31.61
N THR B 368 -63.96 -60.56 -31.03
CA THR B 368 -64.07 -61.57 -29.99
C THR B 368 -64.17 -62.96 -30.61
N ILE B 369 -64.36 -63.96 -29.75
CA ILE B 369 -64.49 -65.34 -30.18
C ILE B 369 -65.86 -65.58 -30.83
N VAL B 370 -66.77 -64.62 -30.67
CA VAL B 370 -68.11 -64.72 -31.23
C VAL B 370 -68.05 -64.75 -32.75
N ASP B 371 -67.23 -63.89 -33.35
CA ASP B 371 -67.07 -63.89 -34.80
C ASP B 371 -66.36 -65.14 -35.29
N VAL B 372 -65.49 -65.72 -34.46
CA VAL B 372 -64.86 -66.99 -34.79
C VAL B 372 -65.89 -68.09 -34.87
N LEU B 373 -66.86 -68.08 -33.95
CA LEU B 373 -67.92 -69.06 -34.02
C LEU B 373 -68.97 -68.70 -35.07
N ASP B 374 -68.95 -67.47 -35.58
CA ASP B 374 -69.91 -67.10 -36.63
C ASP B 374 -69.37 -67.50 -38.00
N ALA B 375 -68.07 -67.31 -38.22
CA ALA B 375 -67.49 -67.81 -39.45
C ALA B 375 -67.32 -69.32 -39.40
N THR B 376 -67.13 -69.87 -38.20
CA THR B 376 -67.17 -71.31 -38.03
C THR B 376 -68.55 -71.85 -38.35
N THR B 377 -69.56 -71.27 -37.70
CA THR B 377 -70.95 -71.67 -37.87
C THR B 377 -71.38 -71.54 -39.32
N THR B 378 -71.11 -70.38 -39.91
CA THR B 378 -71.46 -70.11 -41.30
C THR B 378 -70.66 -70.99 -42.26
N LEU B 379 -69.45 -71.39 -41.86
CA LEU B 379 -68.68 -72.34 -42.65
C LEU B 379 -69.35 -73.70 -42.67
N TYR B 380 -69.78 -74.19 -41.50
CA TYR B 380 -70.54 -75.44 -41.47
C TYR B 380 -71.91 -75.29 -42.13
N ASN B 381 -72.43 -74.06 -42.20
CA ASN B 381 -73.63 -73.82 -43.00
C ASN B 381 -73.34 -73.94 -44.47
N ALA B 382 -72.14 -73.53 -44.89
CA ALA B 382 -71.76 -73.72 -46.28
C ALA B 382 -71.48 -75.19 -46.56
N LYS B 383 -71.10 -75.94 -45.53
CA LYS B 383 -70.91 -77.38 -45.68
C LYS B 383 -72.24 -78.08 -45.86
N GLN B 384 -73.21 -77.77 -44.98
CA GLN B 384 -74.51 -78.41 -45.04
C GLN B 384 -75.29 -77.95 -46.26
N GLU B 385 -75.17 -76.68 -46.61
CA GLU B 385 -75.77 -76.20 -47.85
C GLU B 385 -75.08 -76.80 -49.06
N LEU B 386 -73.79 -77.08 -48.95
CA LEU B 386 -73.07 -77.56 -50.12
C LEU B 386 -73.37 -79.02 -50.40
N ALA B 387 -73.12 -79.90 -49.42
CA ALA B 387 -73.37 -81.32 -49.63
C ALA B 387 -74.85 -81.63 -49.64
N ASN B 388 -75.62 -80.91 -48.81
CA ASN B 388 -77.07 -81.08 -48.84
C ASN B 388 -77.64 -80.49 -50.11
N ALA B 389 -76.94 -79.53 -50.71
CA ALA B 389 -77.39 -79.03 -52.00
C ALA B 389 -76.89 -79.91 -53.13
N ARG B 390 -75.93 -80.79 -52.86
CA ARG B 390 -75.69 -81.88 -53.79
C ARG B 390 -76.83 -82.88 -53.70
N TYR B 391 -77.39 -83.05 -52.51
CA TYR B 391 -78.60 -83.84 -52.40
C TYR B 391 -79.78 -83.13 -53.04
N ASN B 392 -79.74 -81.80 -53.04
CA ASN B 392 -80.78 -81.05 -53.75
C ASN B 392 -80.58 -81.15 -55.24
N TYR B 393 -79.34 -81.24 -55.68
CA TYR B 393 -79.03 -81.36 -57.09
C TYR B 393 -79.46 -82.71 -57.62
N LEU B 394 -79.05 -83.77 -56.93
CA LEU B 394 -79.40 -85.12 -57.33
C LEU B 394 -80.88 -85.37 -57.11
N ILE B 395 -81.46 -84.68 -56.13
CA ILE B 395 -82.90 -84.83 -55.97
C ILE B 395 -83.61 -84.07 -57.07
N ASN B 396 -82.97 -83.04 -57.63
CA ASN B 396 -83.52 -82.40 -58.81
C ASN B 396 -83.37 -83.29 -60.03
N GLN B 397 -82.33 -84.14 -60.04
CA GLN B 397 -82.24 -85.15 -61.09
C GLN B 397 -83.39 -86.14 -60.97
N LEU B 398 -83.79 -86.45 -59.74
CA LEU B 398 -84.99 -87.25 -59.55
C LEU B 398 -86.24 -86.49 -59.95
N ASN B 399 -86.24 -85.16 -59.78
CA ASN B 399 -87.42 -84.38 -60.14
C ASN B 399 -87.61 -84.30 -61.64
N ILE B 400 -86.56 -83.95 -62.38
CA ILE B 400 -86.69 -83.82 -63.82
C ILE B 400 -86.74 -85.19 -64.49
N LYS B 401 -86.00 -86.17 -63.99
CA LYS B 401 -85.94 -87.44 -64.70
C LYS B 401 -87.10 -88.33 -64.32
N SER B 402 -87.51 -88.28 -63.05
CA SER B 402 -88.77 -88.91 -62.66
C SER B 402 -89.95 -88.14 -63.25
N ALA B 403 -89.76 -86.84 -63.48
CA ALA B 403 -90.74 -86.08 -64.23
C ALA B 403 -90.81 -86.53 -65.68
N LEU B 404 -89.71 -87.06 -66.24
CA LEU B 404 -89.76 -87.63 -67.57
C LEU B 404 -90.43 -88.99 -67.58
N GLY B 405 -90.56 -89.65 -66.43
CA GLY B 405 -91.11 -90.98 -66.39
C GLY B 405 -90.19 -92.06 -66.93
N THR B 406 -89.00 -91.71 -67.39
CA THR B 406 -88.01 -92.67 -67.88
C THR B 406 -86.90 -92.86 -66.87
N LEU B 407 -87.05 -92.28 -65.67
CA LEU B 407 -86.19 -92.61 -64.56
C LEU B 407 -86.40 -94.07 -64.19
N ASN B 408 -85.36 -94.87 -64.42
CA ASN B 408 -85.47 -96.32 -64.33
C ASN B 408 -84.59 -96.88 -63.23
N GLU B 409 -84.46 -98.20 -63.19
CA GLU B 409 -83.48 -98.85 -62.34
C GLU B 409 -82.05 -98.61 -62.82
N GLN B 410 -81.88 -98.09 -64.04
CA GLN B 410 -80.54 -97.81 -64.54
C GLN B 410 -80.10 -96.39 -64.23
N ASP B 411 -81.05 -95.47 -64.07
CA ASP B 411 -80.69 -94.18 -63.48
C ASP B 411 -80.44 -94.35 -62.01
N LEU B 412 -81.23 -95.20 -61.37
CA LEU B 412 -80.94 -95.73 -60.05
C LEU B 412 -79.55 -96.33 -59.97
N LEU B 413 -79.15 -97.07 -61.00
CA LEU B 413 -77.81 -97.64 -61.01
C LEU B 413 -76.76 -96.56 -61.25
N ALA B 414 -77.09 -95.53 -62.04
CA ALA B 414 -76.13 -94.46 -62.31
C ALA B 414 -75.85 -93.66 -61.06
N LEU B 415 -76.90 -93.40 -60.28
CA LEU B 415 -76.70 -92.72 -59.01
C LEU B 415 -76.16 -93.68 -57.96
N ASN B 416 -76.33 -94.99 -58.16
CA ASN B 416 -75.65 -95.97 -57.33
C ASN B 416 -74.14 -95.94 -57.60
N ASN B 417 -73.74 -95.67 -58.84
CA ASN B 417 -72.33 -95.50 -59.17
C ASN B 417 -71.82 -94.13 -58.81
N ALA B 418 -72.71 -93.16 -58.61
CA ALA B 418 -72.31 -91.87 -58.06
C ALA B 418 -71.87 -91.96 -56.61
N LEU B 419 -72.20 -93.03 -55.91
CA LEU B 419 -71.90 -93.22 -54.50
C LEU B 419 -70.41 -93.46 -54.27
N SER B 420 -70.05 -93.62 -53.00
CA SER B 420 -68.68 -93.88 -52.56
C SER B 420 -68.77 -94.60 -51.22
N LYS B 421 -67.66 -94.56 -50.47
CA LYS B 421 -67.38 -95.16 -49.17
C LYS B 421 -68.53 -95.08 -48.17
N PRO B 422 -68.72 -96.10 -47.33
CA PRO B 422 -69.78 -96.03 -46.33
C PRO B 422 -69.31 -95.43 -45.02
N VAL B 423 -70.21 -94.71 -44.38
CA VAL B 423 -70.00 -94.13 -43.06
C VAL B 423 -71.11 -94.70 -42.17
N SER B 424 -70.77 -95.00 -40.92
CA SER B 424 -71.69 -95.63 -40.00
C SER B 424 -72.77 -94.68 -39.51
N THR B 425 -73.61 -95.19 -38.61
CA THR B 425 -74.73 -94.42 -38.12
C THR B 425 -74.45 -93.74 -36.79
N ASN B 426 -74.03 -94.48 -35.77
CA ASN B 426 -74.07 -94.02 -34.38
C ASN B 426 -72.68 -94.01 -33.76
N PRO B 427 -71.91 -92.91 -33.92
CA PRO B 427 -70.80 -92.66 -33.00
C PRO B 427 -71.28 -91.87 -31.79
N GLU B 428 -70.36 -91.42 -30.95
CA GLU B 428 -70.75 -90.55 -29.86
C GLU B 428 -70.56 -89.08 -30.25
N GLU C 1 -111.56 -76.00 -17.51
CA GLU C 1 -110.39 -75.33 -16.96
C GLU C 1 -109.20 -76.28 -16.95
N ASN C 2 -109.19 -77.23 -16.01
CA ASN C 2 -108.15 -78.23 -16.06
C ASN C 2 -108.47 -79.28 -17.10
N LEU C 3 -107.63 -80.32 -17.17
CA LEU C 3 -107.58 -81.16 -18.36
C LEU C 3 -108.82 -82.01 -18.53
N MSE C 4 -109.07 -82.92 -17.58
CA MSE C 4 -110.07 -83.97 -17.81
C MSE C 4 -111.47 -83.40 -17.87
O MSE C 4 -112.30 -83.91 -18.63
CB MSE C 4 -110.00 -85.07 -16.73
CG MSE C 4 -110.61 -84.78 -15.39
SE MSE C 4 -110.67 -86.37 -14.30
CE MSE C 4 -112.11 -87.30 -15.22
N GLN C 5 -111.69 -82.30 -17.14
CA GLN C 5 -112.97 -81.61 -17.20
C GLN C 5 -113.20 -81.03 -18.57
N VAL C 6 -112.15 -80.43 -19.16
CA VAL C 6 -112.22 -80.00 -20.55
C VAL C 6 -112.44 -81.21 -21.45
N TYR C 7 -111.81 -82.34 -21.09
CA TYR C 7 -112.13 -83.62 -21.72
C TYR C 7 -113.60 -83.97 -21.55
N GLN C 8 -114.12 -83.79 -20.34
CA GLN C 8 -115.56 -83.86 -20.15
C GLN C 8 -116.26 -82.86 -21.04
N GLN C 9 -115.79 -81.62 -21.02
CA GLN C 9 -116.22 -80.56 -21.93
C GLN C 9 -115.78 -80.77 -23.36
N ALA C 10 -115.08 -81.87 -23.64
CA ALA C 10 -114.93 -82.40 -24.98
C ALA C 10 -115.76 -83.65 -25.20
N ARG C 11 -115.86 -84.54 -24.20
CA ARG C 11 -116.53 -85.82 -24.45
C ARG C 11 -118.03 -85.63 -24.60
N LEU C 12 -118.57 -84.57 -24.03
CA LEU C 12 -119.92 -84.17 -24.39
C LEU C 12 -119.93 -83.29 -25.63
N SER C 13 -118.86 -82.52 -25.87
CA SER C 13 -118.92 -81.52 -26.94
C SER C 13 -117.79 -81.67 -27.95
N ASN C 14 -117.40 -82.90 -28.27
CA ASN C 14 -116.63 -83.14 -29.48
C ASN C 14 -117.65 -83.49 -30.55
N PRO C 15 -117.72 -82.74 -31.64
CA PRO C 15 -118.57 -83.16 -32.77
C PRO C 15 -118.04 -84.38 -33.50
N GLU C 16 -116.87 -84.93 -33.13
CA GLU C 16 -116.41 -86.15 -33.75
C GLU C 16 -116.43 -87.31 -32.76
N LEU C 17 -116.66 -87.01 -31.49
CA LEU C 17 -117.06 -88.07 -30.57
C LEU C 17 -118.55 -88.27 -30.67
N ARG C 18 -119.28 -87.23 -31.07
CA ARG C 18 -120.70 -87.38 -31.32
C ARG C 18 -120.95 -87.78 -32.76
N LYS C 19 -120.15 -87.24 -33.69
CA LYS C 19 -120.16 -87.72 -35.05
C LYS C 19 -119.66 -89.15 -35.13
N SER C 20 -118.58 -89.45 -34.43
CA SER C 20 -118.03 -90.80 -34.51
C SER C 20 -118.78 -91.75 -33.61
N ALA C 21 -119.43 -91.23 -32.57
CA ALA C 21 -120.37 -92.03 -31.83
C ALA C 21 -121.56 -92.38 -32.71
N ALA C 22 -121.98 -91.43 -33.53
CA ALA C 22 -122.99 -91.71 -34.54
C ALA C 22 -122.47 -92.69 -35.58
N ASP C 23 -121.15 -92.70 -35.81
CA ASP C 23 -120.57 -93.66 -36.73
C ASP C 23 -120.60 -95.06 -36.17
N ARG C 24 -120.25 -95.21 -34.89
CA ARG C 24 -120.11 -96.55 -34.36
C ARG C 24 -121.47 -97.13 -33.99
N ASP C 25 -122.39 -96.28 -33.55
CA ASP C 25 -123.74 -96.73 -33.31
C ASP C 25 -124.48 -96.93 -34.62
N ALA C 26 -124.08 -96.19 -35.65
CA ALA C 26 -124.55 -96.50 -37.00
C ALA C 26 -123.95 -97.80 -37.52
N ALA C 27 -122.79 -98.17 -36.99
CA ALA C 27 -122.13 -99.40 -37.43
C ALA C 27 -122.71 -100.61 -36.72
N PHE C 28 -123.19 -100.41 -35.50
CA PHE C 28 -123.81 -101.52 -34.77
C PHE C 28 -125.26 -101.66 -35.16
N GLU C 29 -125.92 -100.52 -35.43
CA GLU C 29 -127.19 -100.53 -36.12
C GLU C 29 -127.05 -101.13 -37.51
N LYS C 30 -125.89 -100.96 -38.12
CA LYS C 30 -125.57 -101.61 -39.37
C LYS C 30 -125.36 -103.11 -39.20
N ILE C 31 -124.94 -103.56 -38.01
CA ILE C 31 -124.96 -104.99 -37.75
C ILE C 31 -126.41 -105.48 -37.66
N ASN C 32 -127.29 -104.65 -37.08
CA ASN C 32 -128.69 -105.03 -36.96
C ASN C 32 -129.37 -105.14 -38.34
N GLU C 33 -129.13 -104.16 -39.21
CA GLU C 33 -129.74 -104.25 -40.52
C GLU C 33 -129.00 -105.19 -41.44
N ALA C 34 -127.74 -105.53 -41.14
CA ALA C 34 -127.10 -106.61 -41.88
C ALA C 34 -127.67 -107.95 -41.46
N ARG C 35 -128.20 -108.02 -40.24
CA ARG C 35 -128.95 -109.16 -39.79
C ARG C 35 -130.38 -109.15 -40.33
N SER C 36 -130.88 -107.98 -40.71
CA SER C 36 -132.26 -107.87 -41.20
C SER C 36 -132.64 -108.68 -42.46
N PRO C 37 -131.77 -108.99 -43.43
CA PRO C 37 -132.25 -109.85 -44.54
C PRO C 37 -132.41 -111.31 -44.17
N LEU C 38 -131.96 -111.72 -42.98
CA LEU C 38 -132.14 -113.09 -42.51
C LEU C 38 -133.60 -113.42 -42.23
N LEU C 39 -134.46 -112.42 -42.08
CA LEU C 39 -135.83 -112.59 -41.66
C LEU C 39 -136.70 -113.04 -42.83
N PRO C 40 -137.87 -113.62 -42.55
CA PRO C 40 -138.85 -113.86 -43.63
C PRO C 40 -139.40 -112.55 -44.18
N GLN C 41 -140.08 -112.66 -45.32
CA GLN C 41 -140.64 -111.48 -45.98
C GLN C 41 -142.09 -111.75 -46.38
N LEU C 42 -142.95 -110.77 -46.19
CA LEU C 42 -144.39 -110.94 -46.42
C LEU C 42 -144.97 -109.71 -47.10
N GLY C 43 -145.79 -109.94 -48.12
CA GLY C 43 -146.33 -108.87 -48.94
C GLY C 43 -147.54 -109.32 -49.72
N LEU C 44 -148.33 -108.35 -50.19
CA LEU C 44 -149.53 -108.58 -50.97
C LEU C 44 -149.38 -108.04 -52.38
N GLY C 45 -150.06 -108.67 -53.32
CA GLY C 45 -150.10 -108.20 -54.70
C GLY C 45 -151.48 -108.37 -55.29
N ALA C 46 -151.74 -107.62 -56.37
CA ALA C 46 -153.01 -107.66 -57.07
C ALA C 46 -152.80 -107.13 -58.48
N ASP C 47 -153.63 -107.58 -59.42
CA ASP C 47 -153.47 -107.16 -60.81
C ASP C 47 -154.78 -107.30 -61.58
N TYR C 48 -154.92 -106.44 -62.60
CA TYR C 48 -156.05 -106.40 -63.52
C TYR C 48 -155.51 -106.31 -64.94
N THR C 49 -156.00 -107.16 -65.83
CA THR C 49 -155.46 -107.24 -67.19
C THR C 49 -156.57 -107.54 -68.19
N TYR C 50 -156.67 -106.71 -69.23
CA TYR C 50 -157.58 -106.92 -70.35
C TYR C 50 -156.89 -107.68 -71.48
N SER C 51 -157.69 -108.37 -72.29
CA SER C 51 -157.16 -109.16 -73.41
C SER C 51 -157.97 -108.89 -74.66
N ASN C 52 -157.33 -109.13 -75.81
CA ASN C 52 -157.96 -108.96 -77.12
C ASN C 52 -157.17 -109.77 -78.14
N GLY C 53 -157.89 -110.46 -79.02
CA GLY C 53 -157.27 -111.32 -80.01
C GLY C 53 -157.43 -110.78 -81.43
N TYR C 54 -156.52 -111.24 -82.30
CA TYR C 54 -156.56 -110.96 -83.73
C TYR C 54 -155.62 -111.93 -84.42
N ARG C 55 -155.59 -111.85 -85.76
CA ARG C 55 -154.73 -112.65 -86.63
C ARG C 55 -154.97 -114.14 -86.40
N ASP C 56 -156.14 -114.59 -86.88
CA ASP C 56 -156.71 -115.92 -86.68
C ASP C 56 -156.97 -116.18 -85.19
N ALA C 57 -157.18 -115.12 -84.43
CA ALA C 57 -157.55 -115.23 -83.03
C ALA C 57 -158.55 -114.16 -82.61
N ASN C 58 -159.17 -113.45 -83.56
CA ASN C 58 -160.07 -112.37 -83.20
C ASN C 58 -161.43 -112.93 -82.84
N GLY C 59 -162.09 -112.30 -81.87
CA GLY C 59 -163.41 -112.69 -81.44
C GLY C 59 -163.51 -113.19 -80.02
N ILE C 60 -162.40 -113.66 -79.43
CA ILE C 60 -162.37 -114.12 -78.05
C ILE C 60 -161.70 -113.05 -77.20
N ASN C 61 -162.31 -112.73 -76.06
CA ASN C 61 -161.82 -111.69 -75.17
C ASN C 61 -161.92 -112.18 -73.74
N SER C 62 -161.26 -111.45 -72.84
CA SER C 62 -161.30 -111.74 -71.42
C SER C 62 -160.78 -110.54 -70.64
N ASN C 63 -161.05 -110.56 -69.33
CA ASN C 63 -160.34 -109.73 -68.37
C ASN C 63 -160.02 -110.57 -67.15
N ALA C 64 -158.89 -110.30 -66.50
CA ALA C 64 -158.34 -111.18 -65.46
C ALA C 64 -157.89 -110.32 -64.28
N THR C 65 -158.14 -110.83 -63.07
CA THR C 65 -157.84 -110.11 -61.84
C THR C 65 -157.36 -111.11 -60.79
N SER C 66 -156.33 -110.74 -60.00
CA SER C 66 -155.87 -111.67 -58.98
C SER C 66 -155.25 -110.92 -57.80
N ALA C 67 -155.11 -111.65 -56.69
CA ALA C 67 -154.46 -111.15 -55.48
C ALA C 67 -153.67 -112.29 -54.85
N SER C 68 -152.68 -111.93 -54.03
CA SER C 68 -151.71 -112.93 -53.58
C SER C 68 -150.95 -112.45 -52.34
N LEU C 69 -150.85 -113.33 -51.35
CA LEU C 69 -150.01 -113.12 -50.18
C LEU C 69 -148.77 -114.01 -50.25
N GLN C 70 -147.62 -113.43 -49.88
CA GLN C 70 -146.33 -114.04 -50.12
C GLN C 70 -145.39 -113.84 -48.94
N LEU C 71 -144.96 -114.95 -48.34
CA LEU C 71 -143.93 -114.91 -47.31
C LEU C 71 -142.86 -115.92 -47.68
N THR C 72 -141.60 -115.47 -47.61
CA THR C 72 -140.45 -116.26 -48.04
C THR C 72 -139.41 -116.33 -46.92
N GLN C 73 -138.66 -117.43 -46.94
CA GLN C 73 -137.52 -117.64 -46.07
C GLN C 73 -136.52 -118.55 -46.78
N SER C 74 -135.23 -118.20 -46.69
CA SER C 74 -134.17 -118.83 -47.47
C SER C 74 -133.81 -120.20 -46.89
N ILE C 75 -133.58 -121.18 -47.76
CA ILE C 75 -133.09 -122.51 -47.37
C ILE C 75 -131.74 -122.69 -48.06
N PHE C 76 -131.00 -121.59 -48.18
CA PHE C 76 -129.54 -121.53 -48.09
C PHE C 76 -129.11 -120.09 -48.08
N ASP C 77 -128.22 -119.74 -47.16
CA ASP C 77 -127.38 -118.56 -47.33
C ASP C 77 -126.13 -118.71 -46.50
N MSE C 78 -124.99 -118.30 -47.06
CA MSE C 78 -123.80 -118.10 -46.25
C MSE C 78 -123.41 -116.65 -46.31
O MSE C 78 -122.70 -116.15 -45.46
CB MSE C 78 -122.66 -118.99 -46.72
CG MSE C 78 -122.89 -120.45 -46.45
SE MSE C 78 -123.16 -120.73 -44.54
CE MSE C 78 -121.41 -120.15 -43.90
N SER C 79 -123.93 -115.98 -47.35
CA SER C 79 -123.50 -114.62 -47.67
C SER C 79 -123.96 -113.61 -46.65
N LYS C 80 -125.21 -113.72 -46.17
CA LYS C 80 -125.68 -112.84 -45.10
C LYS C 80 -124.92 -113.13 -43.81
N TRP C 81 -124.51 -114.37 -43.63
CA TRP C 81 -123.64 -114.71 -42.53
C TRP C 81 -122.21 -114.28 -42.82
N ARG C 82 -121.81 -114.35 -44.09
CA ARG C 82 -120.51 -113.82 -44.49
C ARG C 82 -120.48 -112.31 -44.30
N ALA C 83 -121.46 -111.61 -44.86
CA ALA C 83 -121.54 -110.16 -44.68
C ALA C 83 -121.85 -109.78 -43.23
N LEU C 84 -122.34 -110.73 -42.44
CA LEU C 84 -122.40 -110.50 -41.01
C LEU C 84 -121.02 -110.60 -40.39
N THR C 85 -120.16 -111.47 -40.91
CA THR C 85 -118.79 -111.56 -40.39
C THR C 85 -117.95 -110.35 -40.81
N LEU C 86 -118.03 -109.97 -42.09
CA LEU C 86 -117.41 -108.73 -42.53
C LEU C 86 -118.06 -107.53 -41.89
N GLN C 87 -119.33 -107.66 -41.54
CA GLN C 87 -120.06 -106.60 -40.84
C GLN C 87 -119.51 -106.39 -39.44
N GLU C 88 -119.25 -107.50 -38.73
CA GLU C 88 -118.75 -107.40 -37.38
C GLU C 88 -117.27 -107.08 -37.36
N LYS C 89 -116.54 -107.50 -38.39
CA LYS C 89 -115.17 -107.04 -38.55
C LYS C 89 -115.13 -105.56 -38.87
N ALA C 90 -116.11 -105.07 -39.62
CA ALA C 90 -116.11 -103.68 -40.04
C ALA C 90 -116.53 -102.76 -38.90
N ALA C 91 -117.57 -103.13 -38.17
CA ALA C 91 -117.98 -102.35 -37.01
C ALA C 91 -117.00 -102.53 -35.87
N GLY C 92 -116.31 -103.67 -35.83
CA GLY C 92 -115.22 -103.84 -34.90
C GLY C 92 -114.04 -102.97 -35.24
N ILE C 93 -113.77 -102.79 -36.54
CA ILE C 93 -112.83 -101.78 -37.01
C ILE C 93 -113.30 -100.40 -36.61
N GLN C 94 -114.62 -100.17 -36.68
CA GLN C 94 -115.16 -98.89 -36.26
C GLN C 94 -115.04 -98.70 -34.75
N ASP C 95 -114.95 -99.79 -34.00
CA ASP C 95 -114.70 -99.65 -32.58
C ASP C 95 -113.21 -99.45 -32.33
N VAL C 96 -112.36 -100.05 -33.17
CA VAL C 96 -110.92 -99.83 -33.11
C VAL C 96 -110.59 -98.37 -33.37
N THR C 97 -111.14 -97.83 -34.44
CA THR C 97 -111.00 -96.42 -34.74
C THR C 97 -111.74 -95.57 -33.73
N TYR C 98 -112.78 -96.10 -33.10
CA TYR C 98 -113.52 -95.30 -32.15
C TYR C 98 -112.75 -95.17 -30.85
N GLN C 99 -111.99 -96.21 -30.52
CA GLN C 99 -110.98 -96.10 -29.49
C GLN C 99 -109.84 -95.21 -29.95
N THR C 100 -109.67 -95.07 -31.26
CA THR C 100 -108.79 -94.03 -31.75
C THR C 100 -109.54 -92.70 -31.86
N ASP C 101 -110.81 -92.66 -31.48
CA ASP C 101 -111.54 -91.39 -31.49
C ASP C 101 -111.61 -90.83 -30.09
N GLN C 102 -111.63 -91.71 -29.10
CA GLN C 102 -111.38 -91.27 -27.74
C GLN C 102 -109.89 -91.08 -27.52
N GLN C 103 -109.08 -91.93 -28.15
CA GLN C 103 -107.64 -91.79 -28.07
C GLN C 103 -107.17 -90.58 -28.85
N THR C 104 -107.77 -90.35 -30.02
CA THR C 104 -107.51 -89.13 -30.77
C THR C 104 -108.14 -87.93 -30.08
N LEU C 105 -109.25 -88.17 -29.38
CA LEU C 105 -109.92 -87.10 -28.64
C LEU C 105 -109.05 -86.56 -27.51
N ILE C 106 -108.55 -87.45 -26.65
CA ILE C 106 -107.62 -87.05 -25.61
C ILE C 106 -106.32 -86.57 -26.23
N LEU C 107 -105.94 -87.18 -27.36
CA LEU C 107 -104.65 -86.90 -27.99
C LEU C 107 -104.58 -85.46 -28.50
N ASN C 108 -105.56 -85.06 -29.30
CA ASN C 108 -105.49 -83.74 -29.90
C ASN C 108 -106.27 -82.73 -29.08
N THR C 109 -107.06 -83.19 -28.11
CA THR C 109 -107.71 -82.24 -27.23
C THR C 109 -106.78 -81.84 -26.11
N ALA C 110 -106.05 -82.83 -25.56
CA ALA C 110 -105.00 -82.53 -24.61
C ALA C 110 -103.81 -81.89 -25.29
N THR C 111 -103.47 -82.36 -26.49
CA THR C 111 -102.43 -81.73 -27.28
C THR C 111 -102.79 -80.29 -27.60
N ALA C 112 -104.02 -80.06 -28.05
CA ALA C 112 -104.50 -78.72 -28.33
C ALA C 112 -104.54 -77.87 -27.08
N TYR C 113 -104.85 -78.48 -25.94
CA TYR C 113 -104.77 -77.80 -24.65
C TYR C 113 -103.33 -77.38 -24.37
N PHE C 114 -102.37 -78.22 -24.75
CA PHE C 114 -100.97 -77.88 -24.58
C PHE C 114 -100.54 -76.81 -25.56
N ASN C 115 -101.26 -76.68 -26.67
CA ASN C 115 -100.98 -75.61 -27.61
C ASN C 115 -101.54 -74.30 -27.11
N VAL C 116 -102.70 -74.37 -26.44
CA VAL C 116 -103.27 -73.18 -25.82
C VAL C 116 -102.35 -72.67 -24.73
N LEU C 117 -101.98 -73.56 -23.82
CA LEU C 117 -101.09 -73.20 -22.71
C LEU C 117 -99.71 -72.83 -23.23
N ASN C 118 -99.30 -73.45 -24.33
CA ASN C 118 -98.05 -73.13 -24.97
C ASN C 118 -98.06 -71.73 -25.54
N ALA C 119 -99.18 -71.31 -26.14
CA ALA C 119 -99.27 -69.95 -26.65
C ALA C 119 -99.37 -68.95 -25.52
N ILE C 120 -100.01 -69.36 -24.41
CA ILE C 120 -100.02 -68.55 -23.19
C ILE C 120 -98.60 -68.29 -22.71
N ASP C 121 -97.80 -69.34 -22.64
CA ASP C 121 -96.53 -69.24 -21.91
C ASP C 121 -95.43 -68.69 -22.81
N VAL C 122 -95.41 -69.11 -24.08
CA VAL C 122 -94.51 -68.50 -25.05
C VAL C 122 -94.88 -67.03 -25.24
N LEU C 123 -96.18 -66.74 -25.24
CA LEU C 123 -96.63 -65.36 -25.21
C LEU C 123 -96.23 -64.67 -23.91
N SER C 124 -96.06 -65.43 -22.83
CA SER C 124 -95.72 -64.82 -21.55
C SER C 124 -94.26 -64.43 -21.49
N TYR C 125 -93.37 -65.31 -21.98
CA TYR C 125 -91.97 -64.90 -22.11
C TYR C 125 -91.79 -63.87 -23.20
N THR C 126 -92.71 -63.83 -24.16
CA THR C 126 -92.75 -62.72 -25.10
C THR C 126 -93.08 -61.41 -24.38
N GLN C 127 -94.00 -61.47 -23.42
CA GLN C 127 -94.36 -60.30 -22.63
C GLN C 127 -93.18 -59.83 -21.80
N ALA C 128 -92.64 -60.71 -20.94
CA ALA C 128 -91.55 -60.31 -20.06
C ALA C 128 -90.27 -60.00 -20.83
N GLN C 129 -90.11 -60.62 -22.00
CA GLN C 129 -89.00 -60.28 -22.87
C GLN C 129 -89.15 -58.88 -23.43
N LYS C 130 -90.37 -58.53 -23.85
CA LYS C 130 -90.68 -57.16 -24.24
C LYS C 130 -90.45 -56.19 -23.09
N GLU C 131 -90.77 -56.62 -21.87
CA GLU C 131 -90.52 -55.80 -20.69
C GLU C 131 -89.02 -55.57 -20.50
N ALA C 132 -88.21 -56.59 -20.79
CA ALA C 132 -86.76 -56.43 -20.66
C ALA C 132 -86.21 -55.49 -21.74
N ILE C 133 -86.69 -55.63 -22.97
CA ILE C 133 -86.32 -54.73 -24.07
C ILE C 133 -86.76 -53.31 -23.75
N TYR C 134 -87.88 -53.14 -23.05
CA TYR C 134 -88.34 -51.80 -22.72
C TYR C 134 -87.61 -51.23 -21.51
N ARG C 135 -87.11 -52.07 -20.61
CA ARG C 135 -86.32 -51.54 -19.51
C ARG C 135 -84.95 -51.09 -19.98
N GLN C 136 -84.30 -51.90 -20.83
CA GLN C 136 -82.98 -51.51 -21.30
C GLN C 136 -83.07 -50.44 -22.37
N LEU C 137 -84.12 -50.48 -23.19
CA LEU C 137 -84.46 -49.37 -24.07
C LEU C 137 -84.73 -48.10 -23.29
N ASP C 138 -85.43 -48.23 -22.16
CA ASP C 138 -85.86 -47.09 -21.39
C ASP C 138 -84.68 -46.43 -20.70
N GLN C 139 -83.84 -47.23 -20.06
CA GLN C 139 -82.69 -46.68 -19.36
C GLN C 139 -81.61 -46.26 -20.35
N THR C 140 -81.57 -46.90 -21.52
CA THR C 140 -80.68 -46.45 -22.59
C THR C 140 -81.07 -45.08 -23.10
N THR C 141 -82.38 -44.87 -23.31
CA THR C 141 -82.88 -43.56 -23.71
C THR C 141 -82.67 -42.55 -22.59
N GLN C 142 -82.72 -43.01 -21.34
CA GLN C 142 -82.42 -42.14 -20.21
C GLN C 142 -80.95 -41.73 -20.20
N ARG C 143 -80.06 -42.62 -20.64
CA ARG C 143 -78.67 -42.22 -20.82
C ARG C 143 -78.53 -41.29 -22.02
N PHE C 144 -79.45 -41.35 -22.98
CA PHE C 144 -79.43 -40.36 -24.05
C PHE C 144 -79.98 -39.02 -23.58
N ASN C 145 -80.73 -39.01 -22.48
CA ASN C 145 -81.26 -37.74 -21.97
C ASN C 145 -80.14 -36.84 -21.44
N VAL C 146 -79.00 -37.42 -21.07
CA VAL C 146 -77.78 -36.64 -20.88
C VAL C 146 -76.89 -36.74 -22.10
N GLY C 147 -77.12 -37.70 -23.00
CA GLY C 147 -76.40 -37.75 -24.25
C GLY C 147 -75.16 -38.62 -24.24
N LEU C 148 -75.31 -39.90 -23.91
CA LEU C 148 -74.16 -40.79 -23.79
C LEU C 148 -73.89 -41.61 -25.06
N VAL C 149 -74.91 -42.00 -25.81
CA VAL C 149 -74.74 -42.96 -26.90
C VAL C 149 -75.42 -42.41 -28.15
N ALA C 150 -75.04 -42.94 -29.31
CA ALA C 150 -75.71 -42.63 -30.55
C ALA C 150 -77.10 -43.23 -30.56
N ILE C 151 -77.99 -42.62 -31.36
CA ILE C 151 -79.41 -42.95 -31.30
C ILE C 151 -79.73 -44.30 -31.90
N THR C 152 -78.79 -44.91 -32.63
CA THR C 152 -79.10 -46.13 -33.36
C THR C 152 -79.24 -47.32 -32.43
N ASP C 153 -78.70 -47.26 -31.21
CA ASP C 153 -78.98 -48.32 -30.25
C ASP C 153 -80.40 -48.18 -29.71
N VAL C 154 -80.84 -46.94 -29.51
CA VAL C 154 -82.20 -46.67 -29.05
C VAL C 154 -83.20 -47.06 -30.13
N GLN C 155 -82.84 -46.85 -31.39
CA GLN C 155 -83.79 -47.12 -32.46
C GLN C 155 -83.65 -48.54 -33.00
N ASN C 156 -82.55 -49.22 -32.70
CA ASN C 156 -82.51 -50.67 -32.91
C ASN C 156 -83.26 -51.37 -31.81
N ALA C 157 -83.23 -50.82 -30.60
CA ALA C 157 -84.13 -51.33 -29.58
C ALA C 157 -85.57 -50.90 -29.84
N ARG C 158 -85.78 -49.88 -30.69
CA ARG C 158 -87.13 -49.53 -31.10
C ARG C 158 -87.60 -50.42 -32.23
N ALA C 159 -86.70 -50.77 -33.15
CA ALA C 159 -87.07 -51.66 -34.24
C ALA C 159 -87.26 -53.09 -33.73
N GLN C 160 -86.36 -53.55 -32.87
CA GLN C 160 -86.56 -54.84 -32.23
C GLN C 160 -87.67 -54.77 -31.20
N TYR C 161 -87.92 -53.58 -30.67
CA TYR C 161 -89.11 -53.38 -29.85
C TYR C 161 -90.36 -53.54 -30.69
N ASP C 162 -90.31 -53.11 -31.96
CA ASP C 162 -91.41 -53.36 -32.88
C ASP C 162 -91.48 -54.84 -33.24
N THR C 163 -90.34 -55.51 -33.19
CA THR C 163 -90.32 -56.93 -33.49
C THR C 163 -90.99 -57.72 -32.39
N VAL C 164 -90.68 -57.40 -31.12
CA VAL C 164 -91.33 -58.07 -30.02
C VAL C 164 -92.76 -57.59 -29.84
N LEU C 165 -93.07 -56.38 -30.33
CA LEU C 165 -94.47 -55.98 -30.50
C LEU C 165 -95.15 -56.88 -31.49
N ALA C 166 -94.48 -57.21 -32.60
CA ALA C 166 -95.05 -58.15 -33.55
C ALA C 166 -95.11 -59.55 -32.98
N ASN C 167 -94.27 -59.85 -31.99
CA ASN C 167 -94.26 -61.18 -31.41
C ASN C 167 -95.40 -61.33 -30.40
N GLU C 168 -95.70 -60.29 -29.64
CA GLU C 168 -96.82 -60.38 -28.71
C GLU C 168 -98.14 -60.09 -29.43
N VAL C 169 -98.07 -59.38 -30.55
CA VAL C 169 -99.25 -59.16 -31.37
C VAL C 169 -99.64 -60.41 -32.13
N THR C 170 -98.66 -61.04 -32.79
CA THR C 170 -98.96 -62.20 -33.59
C THR C 170 -99.00 -63.46 -32.74
N ALA C 171 -98.25 -63.48 -31.65
CA ALA C 171 -98.38 -64.59 -30.72
C ALA C 171 -99.62 -64.44 -29.87
N ARG C 172 -100.03 -63.18 -29.63
CA ARG C 172 -101.37 -62.90 -29.14
C ARG C 172 -102.41 -63.46 -30.10
N ASN C 173 -102.18 -63.28 -31.40
CA ASN C 173 -103.04 -63.86 -32.41
C ASN C 173 -102.99 -65.39 -32.36
N ASN C 174 -101.83 -65.96 -32.03
CA ASN C 174 -101.73 -67.40 -31.93
C ASN C 174 -102.50 -67.92 -30.73
N LEU C 175 -102.56 -67.11 -29.66
CA LEU C 175 -103.38 -67.52 -28.54
C LEU C 175 -104.85 -67.29 -28.82
N ASP C 176 -105.17 -66.31 -29.69
CA ASP C 176 -106.53 -66.14 -30.14
C ASP C 176 -106.98 -67.34 -30.95
N ASN C 177 -106.08 -67.84 -31.79
CA ASN C 177 -106.34 -69.05 -32.54
C ASN C 177 -106.37 -70.27 -31.63
N ALA C 178 -105.64 -70.21 -30.53
CA ALA C 178 -105.69 -71.28 -29.53
C ALA C 178 -107.03 -71.25 -28.80
N VAL C 179 -107.60 -70.06 -28.62
CA VAL C 179 -108.97 -69.93 -28.18
C VAL C 179 -109.90 -70.47 -29.25
N GLU C 180 -109.49 -70.42 -30.52
CA GLU C 180 -110.24 -71.15 -31.53
C GLU C 180 -109.88 -72.63 -31.58
N GLN C 181 -108.93 -73.08 -30.76
CA GLN C 181 -108.67 -74.52 -30.66
C GLN C 181 -109.49 -75.13 -29.54
N LEU C 182 -109.55 -74.44 -28.41
CA LEU C 182 -110.53 -74.82 -27.39
C LEU C 182 -111.94 -74.52 -27.85
N ARG C 183 -112.09 -73.55 -28.74
CA ARG C 183 -113.39 -73.23 -29.32
C ARG C 183 -113.64 -74.09 -30.55
N GLN C 184 -112.60 -74.78 -31.02
CA GLN C 184 -112.76 -75.70 -32.13
C GLN C 184 -113.07 -77.11 -31.64
N ILE C 185 -112.40 -77.54 -30.56
CA ILE C 185 -112.67 -78.87 -30.03
C ILE C 185 -113.62 -78.79 -28.86
N THR C 186 -113.31 -77.93 -27.90
CA THR C 186 -114.19 -77.75 -26.76
C THR C 186 -115.43 -76.96 -27.14
N GLY C 187 -115.26 -75.85 -27.84
CA GLY C 187 -116.38 -75.12 -28.39
C GLY C 187 -116.57 -73.72 -27.86
N ASN C 188 -115.80 -73.30 -26.86
CA ASN C 188 -116.15 -72.10 -26.10
C ASN C 188 -114.91 -71.29 -25.77
N TYR C 189 -115.08 -70.36 -24.84
CA TYR C 189 -113.98 -69.58 -24.29
C TYR C 189 -113.84 -69.80 -22.80
N TYR C 190 -112.63 -70.14 -22.37
CA TYR C 190 -112.31 -70.22 -20.95
C TYR C 190 -111.30 -69.13 -20.64
N PRO C 191 -111.55 -68.28 -19.66
CA PRO C 191 -110.68 -67.11 -19.46
C PRO C 191 -109.36 -67.45 -18.78
N GLU C 192 -109.28 -68.63 -18.17
CA GLU C 192 -108.04 -69.09 -17.57
C GLU C 192 -108.06 -70.61 -17.59
N LEU C 193 -106.86 -71.21 -17.56
CA LEU C 193 -106.79 -72.66 -17.59
C LEU C 193 -105.75 -73.12 -16.57
N ALA C 194 -105.60 -74.43 -16.45
CA ALA C 194 -104.68 -74.99 -15.48
C ALA C 194 -103.29 -75.07 -16.09
N ALA C 195 -102.32 -74.44 -15.44
CA ALA C 195 -100.96 -74.40 -15.96
C ALA C 195 -100.17 -75.58 -15.44
N LEU C 196 -98.86 -75.53 -15.65
CA LEU C 196 -97.96 -76.61 -15.29
C LEU C 196 -97.06 -76.21 -14.12
N ASN C 197 -96.99 -77.09 -13.13
CA ASN C 197 -96.01 -76.95 -12.06
C ASN C 197 -94.68 -77.46 -12.62
N VAL C 198 -93.81 -76.52 -12.98
CA VAL C 198 -92.51 -76.87 -13.55
C VAL C 198 -91.51 -77.32 -12.50
N GLU C 199 -91.87 -77.25 -11.22
CA GLU C 199 -90.91 -77.48 -10.15
C GLU C 199 -90.63 -78.96 -9.93
N ASN C 200 -91.66 -79.79 -9.93
CA ASN C 200 -91.52 -81.22 -9.69
C ASN C 200 -91.25 -81.99 -10.97
N PHE C 201 -90.75 -81.31 -12.00
CA PHE C 201 -90.55 -81.95 -13.29
C PHE C 201 -89.37 -82.90 -13.21
N LYS C 202 -89.57 -84.11 -13.71
CA LYS C 202 -88.58 -85.16 -13.63
C LYS C 202 -88.42 -85.81 -15.00
N THR C 203 -87.41 -86.66 -15.11
CA THR C 203 -87.07 -87.31 -16.37
C THR C 203 -87.44 -88.78 -16.24
N ASP C 204 -88.67 -89.10 -16.63
CA ASP C 204 -89.13 -90.48 -16.59
C ASP C 204 -88.49 -91.27 -17.73
N LYS C 205 -87.90 -92.39 -17.41
CA LYS C 205 -87.22 -93.09 -18.49
C LYS C 205 -88.18 -94.08 -19.16
N PRO C 206 -88.15 -94.17 -20.48
CA PRO C 206 -89.12 -94.99 -21.21
C PRO C 206 -88.75 -96.46 -21.15
N GLN C 207 -89.49 -97.23 -21.92
CA GLN C 207 -89.40 -98.68 -21.95
C GLN C 207 -88.27 -99.12 -22.85
N PRO C 208 -87.82 -100.37 -22.72
CA PRO C 208 -86.91 -100.93 -23.73
C PRO C 208 -87.59 -101.04 -25.08
N VAL C 209 -86.77 -100.92 -26.13
CA VAL C 209 -87.31 -100.65 -27.45
C VAL C 209 -87.92 -101.92 -28.06
N ASN C 210 -87.37 -103.09 -27.75
CA ASN C 210 -87.94 -104.33 -28.26
C ASN C 210 -89.09 -104.78 -27.37
N ALA C 211 -89.05 -104.38 -26.10
CA ALA C 211 -90.23 -104.48 -25.26
C ALA C 211 -91.35 -103.62 -25.81
N LEU C 212 -91.00 -102.50 -26.46
CA LEU C 212 -91.99 -101.73 -27.18
C LEU C 212 -92.32 -102.32 -28.55
N LEU C 213 -91.51 -103.24 -29.07
CA LEU C 213 -92.00 -104.04 -30.18
C LEU C 213 -93.06 -105.01 -29.70
N LYS C 214 -92.95 -105.46 -28.44
CA LYS C 214 -94.03 -106.25 -27.87
C LYS C 214 -95.24 -105.40 -27.54
N GLU C 215 -95.03 -104.18 -27.03
CA GLU C 215 -96.13 -103.30 -26.69
C GLU C 215 -96.85 -102.81 -27.94
N ALA C 216 -96.11 -102.62 -29.02
CA ALA C 216 -96.70 -102.16 -30.27
C ALA C 216 -97.34 -103.30 -31.03
N GLU C 217 -96.58 -104.38 -31.27
CA GLU C 217 -97.10 -105.55 -31.98
C GLU C 217 -98.14 -106.31 -31.19
N LYS C 218 -98.25 -106.03 -29.89
CA LYS C 218 -99.39 -106.53 -29.13
C LYS C 218 -100.53 -105.53 -29.11
N ARG C 219 -100.22 -104.24 -28.95
CA ARG C 219 -101.24 -103.29 -28.54
C ARG C 219 -101.55 -102.23 -29.59
N ASN C 220 -101.18 -102.45 -30.85
CA ASN C 220 -101.57 -101.52 -31.89
C ASN C 220 -103.04 -101.70 -32.19
N LEU C 221 -103.72 -100.58 -32.43
CA LEU C 221 -105.07 -100.65 -32.98
C LEU C 221 -105.01 -100.81 -34.49
N SER C 222 -103.96 -100.31 -35.12
CA SER C 222 -103.94 -100.14 -36.56
C SER C 222 -103.66 -101.44 -37.30
N LEU C 223 -102.65 -102.20 -36.86
CA LEU C 223 -102.39 -103.45 -37.56
C LEU C 223 -103.20 -104.59 -36.98
N LEU C 224 -103.78 -104.39 -35.79
CA LEU C 224 -104.94 -105.17 -35.39
C LEU C 224 -106.07 -104.98 -36.38
N GLN C 225 -106.32 -103.73 -36.74
CA GLN C 225 -107.32 -103.39 -37.73
C GLN C 225 -106.93 -103.90 -39.11
N ALA C 226 -105.62 -104.04 -39.36
CA ALA C 226 -105.17 -104.68 -40.59
C ALA C 226 -105.32 -106.18 -40.51
N ARG C 227 -105.37 -106.74 -39.31
CA ARG C 227 -105.77 -108.14 -39.18
C ARG C 227 -107.25 -108.30 -39.40
N LEU C 228 -108.03 -107.29 -39.04
CA LEU C 228 -109.48 -107.38 -39.25
C LEU C 228 -109.81 -107.22 -40.72
N SER C 229 -109.11 -106.31 -41.40
CA SER C 229 -109.30 -106.12 -42.82
C SER C 229 -108.65 -107.25 -43.62
N GLN C 230 -107.60 -107.84 -43.06
CA GLN C 230 -106.82 -108.86 -43.76
C GLN C 230 -107.51 -110.21 -43.65
N ASP C 231 -107.96 -110.56 -42.45
CA ASP C 231 -108.86 -111.68 -42.26
C ASP C 231 -110.19 -111.42 -42.96
N LEU C 232 -110.59 -110.16 -43.08
CA LEU C 232 -111.76 -109.83 -43.87
C LEU C 232 -111.52 -110.12 -45.34
N ALA C 233 -110.29 -109.93 -45.81
CA ALA C 233 -109.94 -110.33 -47.17
C ALA C 233 -109.93 -111.85 -47.31
N ARG C 234 -109.62 -112.56 -46.23
CA ARG C 234 -109.80 -114.01 -46.24
C ARG C 234 -111.28 -114.36 -46.30
N GLU C 235 -112.12 -113.55 -45.68
CA GLU C 235 -113.57 -113.75 -45.79
C GLU C 235 -114.06 -113.37 -47.17
N GLN C 236 -113.28 -112.62 -47.93
CA GLN C 236 -113.61 -112.34 -49.31
C GLN C 236 -113.15 -113.45 -50.23
N ILE C 237 -112.06 -114.13 -49.86
CA ILE C 237 -111.71 -115.40 -50.49
C ILE C 237 -112.85 -116.38 -50.32
N ARG C 238 -113.24 -116.60 -49.07
CA ARG C 238 -114.34 -117.50 -48.74
C ARG C 238 -115.69 -116.96 -49.13
N GLN C 239 -115.77 -115.71 -49.56
CA GLN C 239 -117.01 -115.09 -49.97
C GLN C 239 -117.18 -115.21 -51.47
N ALA C 240 -116.08 -115.18 -52.22
CA ALA C 240 -116.12 -115.73 -53.57
C ALA C 240 -116.48 -117.21 -53.53
N GLN C 241 -115.89 -117.93 -52.58
CA GLN C 241 -116.26 -119.32 -52.38
C GLN C 241 -117.69 -119.47 -51.86
N ASP C 242 -118.26 -118.41 -51.26
CA ASP C 242 -119.71 -118.35 -51.15
C ASP C 242 -120.35 -118.11 -52.50
N GLY C 243 -119.63 -117.49 -53.43
CA GLY C 243 -120.05 -117.42 -54.82
C GLY C 243 -120.07 -118.76 -55.53
N HIS C 244 -119.37 -119.77 -55.00
CA HIS C 244 -119.47 -121.13 -55.55
C HIS C 244 -120.49 -122.03 -54.83
N LEU C 245 -121.65 -121.47 -54.30
CA LEU C 245 -122.40 -122.44 -53.53
C LEU C 245 -123.81 -122.69 -54.11
N PRO C 246 -124.30 -123.94 -54.01
CA PRO C 246 -125.70 -124.23 -54.39
C PRO C 246 -126.67 -123.78 -53.31
N THR C 247 -127.98 -123.87 -53.57
CA THR C 247 -128.94 -123.21 -52.69
C THR C 247 -130.32 -123.83 -52.74
N LEU C 248 -131.10 -123.64 -51.66
CA LEU C 248 -132.50 -124.01 -51.68
C LEU C 248 -133.31 -122.86 -51.08
N ASP C 249 -134.61 -122.80 -51.41
CA ASP C 249 -135.42 -121.62 -51.16
C ASP C 249 -136.78 -122.05 -50.62
N LEU C 250 -137.36 -121.22 -49.74
CA LEU C 250 -138.72 -121.41 -49.24
C LEU C 250 -139.56 -120.19 -49.59
N THR C 251 -140.71 -120.43 -50.24
CA THR C 251 -141.67 -119.38 -50.54
C THR C 251 -143.05 -119.83 -50.08
N ALA C 252 -143.98 -118.88 -50.07
CA ALA C 252 -145.37 -119.12 -49.67
C ALA C 252 -146.24 -118.06 -50.31
N SER C 253 -147.34 -118.48 -50.91
CA SER C 253 -148.19 -117.54 -51.65
C SER C 253 -149.58 -118.12 -51.82
N THR C 254 -150.57 -117.48 -51.21
CA THR C 254 -151.97 -117.74 -51.53
C THR C 254 -152.44 -116.65 -52.47
N GLY C 255 -153.68 -116.79 -52.96
CA GLY C 255 -154.21 -115.79 -53.85
C GLY C 255 -155.58 -116.17 -54.36
N ILE C 256 -156.26 -115.17 -54.92
CA ILE C 256 -157.60 -115.32 -55.47
C ILE C 256 -157.60 -114.81 -56.90
N SER C 257 -158.53 -115.35 -57.69
CA SER C 257 -158.72 -114.94 -59.07
C SER C 257 -160.15 -115.26 -59.50
N ASP C 258 -160.73 -114.38 -60.32
CA ASP C 258 -162.08 -114.56 -60.82
C ASP C 258 -162.12 -114.74 -62.33
N THR C 259 -161.53 -113.79 -63.08
CA THR C 259 -161.33 -113.85 -64.54
C THR C 259 -162.66 -114.00 -65.28
N SER C 260 -163.42 -112.89 -65.26
CA SER C 260 -164.66 -112.83 -66.00
C SER C 260 -164.40 -112.88 -67.51
N TYR C 261 -165.45 -113.18 -68.27
CA TYR C 261 -165.34 -113.48 -69.69
C TYR C 261 -166.26 -112.59 -70.50
N SER C 262 -165.89 -112.39 -71.76
CA SER C 262 -166.61 -111.52 -72.69
C SER C 262 -166.18 -111.85 -74.11
N GLY C 263 -166.98 -111.42 -75.07
CA GLY C 263 -166.63 -111.55 -76.47
C GLY C 263 -167.64 -112.38 -77.24
N SER C 264 -167.42 -112.41 -78.57
CA SER C 264 -168.33 -113.13 -79.47
C SER C 264 -167.99 -114.61 -79.52
N LYS C 265 -166.71 -114.95 -79.69
CA LYS C 265 -166.29 -116.35 -79.68
C LYS C 265 -166.32 -116.96 -78.29
N THR C 266 -166.40 -116.14 -77.24
CA THR C 266 -166.48 -116.66 -75.89
C THR C 266 -167.86 -117.24 -75.61
N ARG C 267 -168.89 -116.41 -75.66
CA ARG C 267 -170.26 -116.86 -75.46
C ARG C 267 -170.74 -117.63 -76.69
N GLY C 268 -171.29 -118.80 -76.44
CA GLY C 268 -171.59 -119.73 -77.52
C GLY C 268 -170.57 -120.84 -77.55
N ALA C 269 -171.06 -122.08 -77.48
CA ALA C 269 -170.24 -123.30 -77.35
C ALA C 269 -169.30 -123.21 -76.15
N ALA C 270 -169.82 -122.71 -75.03
CA ALA C 270 -169.03 -122.66 -73.80
C ALA C 270 -169.03 -124.01 -73.09
N GLY C 271 -170.20 -124.47 -72.66
CA GLY C 271 -170.34 -125.78 -72.03
C GLY C 271 -169.61 -125.92 -70.71
N THR C 272 -169.93 -125.05 -69.74
CA THR C 272 -169.44 -125.04 -68.35
C THR C 272 -167.94 -124.67 -68.26
N GLN C 273 -167.26 -124.53 -69.40
CA GLN C 273 -165.88 -124.09 -69.44
C GLN C 273 -165.76 -122.61 -69.09
N TYR C 274 -166.73 -121.81 -69.51
CA TYR C 274 -166.67 -120.36 -69.37
C TYR C 274 -167.58 -119.85 -68.26
N ASP C 275 -168.09 -120.74 -67.42
CA ASP C 275 -168.79 -120.33 -66.21
C ASP C 275 -167.82 -119.72 -65.22
N ASP C 276 -168.32 -118.72 -64.49
CA ASP C 276 -167.45 -118.00 -63.57
C ASP C 276 -167.24 -118.79 -62.29
N SER C 277 -165.96 -118.95 -61.93
CA SER C 277 -165.58 -119.57 -60.68
C SER C 277 -164.99 -118.49 -59.79
N ASN C 278 -164.62 -118.88 -58.58
CA ASN C 278 -164.18 -117.91 -57.60
C ASN C 278 -162.83 -118.33 -57.04
N MSE C 279 -161.96 -118.80 -57.95
CA MSE C 279 -160.70 -119.51 -57.68
C MSE C 279 -159.83 -119.01 -56.51
O MSE C 279 -159.42 -117.87 -56.49
CB MSE C 279 -159.83 -119.48 -58.94
CG MSE C 279 -160.37 -120.18 -60.17
SE MSE C 279 -160.46 -122.11 -60.01
CE MSE C 279 -161.11 -122.55 -61.80
N GLY C 280 -159.59 -119.90 -55.56
CA GLY C 280 -158.73 -119.57 -54.43
C GLY C 280 -157.67 -120.63 -54.31
N GLN C 281 -156.45 -120.20 -54.00
CA GLN C 281 -155.30 -121.08 -54.15
C GLN C 281 -154.29 -120.81 -53.04
N ASN C 282 -153.85 -121.89 -52.39
CA ASN C 282 -152.81 -121.83 -51.38
C ASN C 282 -151.56 -122.49 -51.94
N LYS C 283 -150.41 -121.84 -51.78
CA LYS C 283 -149.18 -122.27 -52.41
C LYS C 283 -148.01 -122.23 -51.45
N VAL C 284 -147.14 -123.23 -51.55
CA VAL C 284 -145.84 -123.27 -50.88
C VAL C 284 -144.78 -123.49 -51.94
N GLY C 285 -143.52 -123.27 -51.57
CA GLY C 285 -142.48 -123.46 -52.57
C GLY C 285 -141.11 -123.66 -51.97
N LEU C 286 -140.27 -124.33 -52.76
CA LEU C 286 -138.85 -124.52 -52.51
C LEU C 286 -138.13 -124.28 -53.83
N SER C 287 -136.81 -124.10 -53.77
CA SER C 287 -136.02 -123.98 -55.01
C SER C 287 -134.56 -124.33 -54.77
N PHE C 288 -134.10 -125.39 -55.40
CA PHE C 288 -132.67 -125.68 -55.45
C PHE C 288 -132.08 -125.09 -56.72
N SER C 289 -130.81 -124.68 -56.63
CA SER C 289 -130.04 -124.28 -57.79
C SER C 289 -128.57 -124.62 -57.53
N LEU C 290 -127.87 -125.02 -58.59
CA LEU C 290 -126.48 -125.41 -58.44
C LEU C 290 -125.59 -124.68 -59.44
N PRO C 291 -124.39 -124.24 -59.01
CA PRO C 291 -123.47 -123.57 -59.93
C PRO C 291 -122.70 -124.56 -60.78
N ILE C 292 -123.26 -124.98 -61.91
CA ILE C 292 -122.54 -125.90 -62.80
C ILE C 292 -121.33 -125.22 -63.41
N TYR C 293 -121.55 -124.09 -64.07
CA TYR C 293 -120.49 -123.44 -64.81
C TYR C 293 -120.66 -121.94 -64.73
N GLN C 294 -119.95 -121.31 -63.79
CA GLN C 294 -120.02 -119.86 -63.59
C GLN C 294 -119.20 -119.10 -64.62
N GLY C 295 -118.36 -119.78 -65.38
CA GLY C 295 -117.45 -119.06 -66.25
C GLY C 295 -116.19 -118.58 -65.57
N GLY C 296 -115.89 -119.07 -64.36
CA GLY C 296 -114.66 -118.71 -63.69
C GLY C 296 -114.60 -117.30 -63.15
N MSE C 297 -115.73 -116.78 -62.68
CA MSE C 297 -115.75 -115.44 -62.13
C MSE C 297 -115.20 -115.49 -60.72
O MSE C 297 -114.33 -114.71 -60.34
CB MSE C 297 -117.18 -114.90 -62.14
CG MSE C 297 -117.30 -113.45 -61.78
SE MSE C 297 -119.17 -112.93 -61.92
CE MSE C 297 -119.36 -112.97 -63.86
N VAL C 298 -115.73 -116.42 -59.96
CA VAL C 298 -115.04 -116.90 -58.76
C VAL C 298 -113.80 -117.65 -59.23
N ASN C 299 -112.73 -117.56 -58.43
CA ASN C 299 -111.31 -117.89 -58.59
C ASN C 299 -110.59 -116.77 -59.30
N SER C 300 -111.30 -115.74 -59.74
CA SER C 300 -110.66 -114.45 -59.95
C SER C 300 -110.80 -113.61 -58.70
N GLN C 301 -111.98 -113.65 -58.09
CA GLN C 301 -112.24 -112.94 -56.84
C GLN C 301 -111.51 -113.59 -55.68
N VAL C 302 -111.27 -114.89 -55.77
CA VAL C 302 -110.44 -115.58 -54.78
C VAL C 302 -109.03 -115.03 -54.83
N LYS C 303 -108.46 -114.93 -56.05
CA LYS C 303 -107.10 -114.45 -56.20
C LYS C 303 -106.98 -112.97 -55.85
N GLN C 304 -108.02 -112.19 -56.15
CA GLN C 304 -107.95 -110.77 -55.83
C GLN C 304 -108.22 -110.52 -54.37
N ALA C 305 -108.93 -111.42 -53.72
CA ALA C 305 -109.07 -111.33 -52.28
C ALA C 305 -107.83 -111.87 -51.59
N GLN C 306 -107.06 -112.70 -52.28
CA GLN C 306 -105.71 -112.99 -51.86
C GLN C 306 -104.81 -111.80 -52.08
N TYR C 307 -105.12 -110.98 -53.09
CA TYR C 307 -104.33 -109.78 -53.34
C TYR C 307 -104.64 -108.72 -52.30
N ASN C 308 -105.87 -108.73 -51.80
CA ASN C 308 -106.22 -107.91 -50.65
C ASN C 308 -105.67 -108.53 -49.38
N PHE C 309 -105.49 -109.84 -49.39
CA PHE C 309 -104.95 -110.51 -48.22
C PHE C 309 -103.47 -110.23 -48.06
N VAL C 310 -102.73 -110.27 -49.17
CA VAL C 310 -101.29 -110.01 -49.10
C VAL C 310 -101.03 -108.52 -49.15
N GLY C 311 -101.95 -107.75 -49.73
CA GLY C 311 -101.81 -106.32 -49.68
C GLY C 311 -102.10 -105.79 -48.29
N ALA C 312 -103.14 -106.35 -47.65
CA ALA C 312 -103.44 -106.05 -46.26
C ALA C 312 -102.41 -106.65 -45.33
N SER C 313 -101.74 -107.70 -45.76
CA SER C 313 -100.54 -108.16 -45.08
C SER C 313 -99.43 -107.14 -45.22
N GLU C 314 -99.42 -106.43 -46.35
CA GLU C 314 -98.49 -105.32 -46.49
C GLU C 314 -99.07 -104.04 -45.89
N GLN C 315 -100.26 -104.13 -45.30
CA GLN C 315 -100.76 -103.07 -44.46
C GLN C 315 -100.49 -103.39 -43.01
N LEU C 316 -100.23 -104.66 -42.71
CA LEU C 316 -99.63 -104.98 -41.44
C LEU C 316 -98.13 -104.84 -41.52
N GLU C 317 -97.58 -104.83 -42.73
CA GLU C 317 -96.18 -104.48 -42.91
C GLU C 317 -96.01 -102.98 -42.98
N SER C 318 -96.91 -102.30 -43.69
CA SER C 318 -96.96 -100.86 -43.67
C SER C 318 -97.23 -100.34 -42.27
N ALA C 319 -98.25 -100.90 -41.62
CA ALA C 319 -98.56 -100.50 -40.26
C ALA C 319 -97.50 -100.99 -39.30
N HIS C 320 -96.84 -102.09 -39.64
CA HIS C 320 -95.74 -102.60 -38.84
C HIS C 320 -94.58 -101.62 -38.81
N ARG C 321 -94.08 -101.25 -39.98
CA ARG C 321 -93.00 -100.26 -40.08
C ARG C 321 -93.46 -98.90 -39.58
N SER C 322 -94.76 -98.66 -39.64
CA SER C 322 -95.31 -97.36 -39.29
C SER C 322 -95.41 -97.20 -37.77
N VAL C 323 -95.74 -98.26 -37.04
CA VAL C 323 -95.88 -98.06 -35.62
C VAL C 323 -94.64 -98.53 -34.88
N VAL C 324 -93.85 -99.40 -35.50
CA VAL C 324 -92.43 -99.49 -35.19
C VAL C 324 -91.79 -98.12 -35.33
N GLN C 325 -92.13 -97.42 -36.41
CA GLN C 325 -91.68 -96.05 -36.59
C GLN C 325 -92.29 -95.13 -35.54
N THR C 326 -93.50 -95.41 -35.07
CA THR C 326 -94.13 -94.52 -34.10
C THR C 326 -93.49 -94.65 -32.73
N VAL C 327 -93.26 -95.88 -32.27
CA VAL C 327 -92.72 -96.04 -30.94
C VAL C 327 -91.22 -95.83 -30.93
N ARG C 328 -90.55 -96.04 -32.07
CA ARG C 328 -89.11 -95.84 -32.09
C ARG C 328 -88.78 -94.39 -32.38
N SER C 329 -89.48 -93.80 -33.34
CA SER C 329 -89.37 -92.37 -33.59
C SER C 329 -89.77 -91.58 -32.36
N SER C 330 -90.92 -91.94 -31.77
CA SER C 330 -91.41 -91.31 -30.55
C SER C 330 -90.46 -91.57 -29.39
N PHE C 331 -89.87 -92.77 -29.37
CA PHE C 331 -88.86 -93.13 -28.39
C PHE C 331 -87.67 -92.18 -28.43
N ASN C 332 -87.15 -91.94 -29.63
CA ASN C 332 -86.03 -91.04 -29.76
C ASN C 332 -86.46 -89.58 -29.58
N ASN C 333 -87.73 -89.28 -29.82
CA ASN C 333 -88.26 -87.98 -29.49
C ASN C 333 -88.26 -87.76 -27.99
N ILE C 334 -88.55 -88.80 -27.24
CA ILE C 334 -88.46 -88.71 -25.79
C ILE C 334 -87.01 -88.58 -25.37
N ASN C 335 -86.10 -89.27 -26.06
CA ASN C 335 -84.70 -89.26 -25.68
C ASN C 335 -84.07 -87.90 -25.88
N ALA C 336 -84.12 -87.40 -27.12
CA ALA C 336 -83.61 -86.05 -27.41
C ALA C 336 -84.44 -84.98 -26.73
N SER C 337 -85.71 -85.27 -26.43
CA SER C 337 -86.50 -84.35 -25.61
C SER C 337 -85.91 -84.19 -24.23
N ILE C 338 -85.63 -85.30 -23.55
CA ILE C 338 -85.14 -85.25 -22.18
C ILE C 338 -83.73 -84.67 -22.13
N SER C 339 -82.84 -85.20 -22.96
CA SER C 339 -81.45 -84.74 -22.96
C SER C 339 -81.35 -83.30 -23.44
N SER C 340 -82.20 -82.93 -24.40
CA SER C 340 -82.26 -81.54 -24.84
C SER C 340 -82.79 -80.65 -23.72
N ILE C 341 -83.73 -81.16 -22.91
CA ILE C 341 -84.21 -80.42 -21.75
C ILE C 341 -83.11 -80.22 -20.73
N ASN C 342 -82.21 -81.20 -20.58
CA ASN C 342 -81.05 -81.02 -19.73
C ASN C 342 -80.14 -79.92 -20.26
N ALA C 343 -79.95 -79.91 -21.59
CA ALA C 343 -79.25 -78.81 -22.23
C ALA C 343 -79.99 -77.49 -22.07
N TYR C 344 -81.31 -77.53 -21.89
CA TYR C 344 -82.08 -76.31 -21.73
C TYR C 344 -81.94 -75.78 -20.31
N LYS C 345 -81.80 -76.68 -19.34
CA LYS C 345 -81.56 -76.24 -17.98
C LYS C 345 -80.19 -75.62 -17.83
N GLN C 346 -79.16 -76.28 -18.38
CA GLN C 346 -77.82 -75.70 -18.34
C GLN C 346 -77.73 -74.46 -19.22
N ALA C 347 -78.51 -74.39 -20.29
CA ALA C 347 -78.52 -73.19 -21.12
C ALA C 347 -79.23 -72.04 -20.43
N VAL C 348 -80.26 -72.33 -19.63
CA VAL C 348 -80.94 -71.30 -18.86
C VAL C 348 -80.02 -70.77 -17.77
N VAL C 349 -79.31 -71.67 -17.09
CA VAL C 349 -78.44 -71.26 -15.99
C VAL C 349 -77.24 -70.48 -16.53
N SER C 350 -76.54 -71.05 -17.52
CA SER C 350 -75.38 -70.40 -18.09
C SER C 350 -75.76 -69.13 -18.85
N ALA C 351 -76.97 -69.09 -19.39
CA ALA C 351 -77.46 -67.86 -20.00
C ALA C 351 -77.87 -66.85 -18.94
N GLN C 352 -78.15 -67.31 -17.72
CA GLN C 352 -78.53 -66.39 -16.66
C GLN C 352 -77.31 -65.74 -16.04
N SER C 353 -76.33 -66.54 -15.64
CA SER C 353 -75.11 -65.98 -15.11
C SER C 353 -74.29 -65.31 -16.20
N SER C 354 -74.46 -65.78 -17.44
CA SER C 354 -73.82 -65.09 -18.55
C SER C 354 -74.54 -63.79 -18.87
N LEU C 355 -75.86 -63.77 -18.67
CA LEU C 355 -76.61 -62.53 -18.75
C LEU C 355 -76.12 -61.54 -17.72
N ASP C 356 -75.89 -62.01 -16.50
CA ASP C 356 -75.38 -61.14 -15.45
C ASP C 356 -73.94 -60.75 -15.71
N ALA C 357 -73.19 -61.60 -16.43
CA ALA C 357 -71.84 -61.24 -16.84
C ALA C 357 -71.85 -60.25 -17.99
N MSE C 358 -72.94 -60.20 -18.75
CA MSE C 358 -73.14 -59.14 -19.74
C MSE C 358 -73.60 -57.86 -19.08
O MSE C 358 -73.38 -56.78 -19.61
CB MSE C 358 -74.14 -59.57 -20.80
CG MSE C 358 -73.61 -60.54 -21.83
SE MSE C 358 -72.16 -59.71 -22.83
CE MSE C 358 -71.82 -61.11 -24.14
N GLU C 359 -74.27 -57.99 -17.94
CA GLU C 359 -74.57 -56.82 -17.13
C GLU C 359 -73.28 -56.27 -16.52
N ALA C 360 -72.33 -57.16 -16.21
CA ALA C 360 -71.01 -56.72 -15.81
C ALA C 360 -70.26 -56.07 -16.97
N GLY C 361 -70.25 -56.72 -18.14
CA GLY C 361 -69.54 -56.20 -19.30
C GLY C 361 -70.13 -54.93 -19.86
N TYR C 362 -71.41 -54.69 -19.62
CA TYR C 362 -72.06 -53.44 -19.99
C TYR C 362 -71.92 -52.37 -18.92
N SER C 363 -71.86 -52.78 -17.65
CA SER C 363 -71.57 -51.82 -16.58
C SER C 363 -70.17 -51.26 -16.71
N VAL C 364 -69.24 -52.05 -17.24
CA VAL C 364 -67.90 -51.54 -17.56
C VAL C 364 -67.79 -51.08 -19.00
N GLY C 365 -68.77 -51.42 -19.85
CA GLY C 365 -68.80 -50.91 -21.20
C GLY C 365 -67.99 -51.69 -22.22
N THR C 366 -67.42 -52.84 -21.84
CA THR C 366 -66.71 -53.66 -22.82
C THR C 366 -67.63 -54.26 -23.85
N ARG C 367 -68.89 -54.49 -23.49
CA ARG C 367 -69.91 -54.92 -24.43
C ARG C 367 -71.06 -53.93 -24.39
N THR C 368 -71.69 -53.72 -25.53
CA THR C 368 -72.76 -52.73 -25.64
C THR C 368 -74.08 -53.30 -25.11
N ILE C 369 -75.14 -52.52 -25.28
CA ILE C 369 -76.48 -52.97 -24.88
C ILE C 369 -77.01 -54.02 -25.85
N VAL C 370 -76.37 -54.15 -27.01
CA VAL C 370 -76.76 -55.15 -28.00
C VAL C 370 -76.56 -56.55 -27.44
N ASP C 371 -75.40 -56.80 -26.81
CA ASP C 371 -75.14 -58.08 -26.17
C ASP C 371 -76.02 -58.31 -24.96
N VAL C 372 -76.46 -57.22 -24.30
CA VAL C 372 -77.41 -57.33 -23.21
C VAL C 372 -78.74 -57.84 -23.72
N LEU C 373 -79.17 -57.36 -24.88
CA LEU C 373 -80.39 -57.89 -25.46
C LEU C 373 -80.17 -59.23 -26.14
N ASP C 374 -78.92 -59.64 -26.34
CA ASP C 374 -78.67 -60.95 -26.93
C ASP C 374 -78.67 -62.04 -25.87
N ALA C 375 -78.05 -61.76 -24.72
CA ALA C 375 -78.15 -62.70 -23.61
C ALA C 375 -79.53 -62.65 -22.98
N THR C 376 -80.17 -61.49 -23.03
CA THR C 376 -81.56 -61.38 -22.59
C THR C 376 -82.48 -62.15 -23.52
N THR C 377 -82.39 -61.85 -24.81
CA THR C 377 -83.21 -62.49 -25.83
C THR C 377 -82.99 -63.99 -25.85
N THR C 378 -81.73 -64.40 -25.91
CA THR C 378 -81.36 -65.80 -25.90
C THR C 378 -81.75 -66.48 -24.59
N LEU C 379 -81.76 -65.72 -23.49
CA LEU C 379 -82.24 -66.25 -22.23
C LEU C 379 -83.73 -66.58 -22.30
N TYR C 380 -84.55 -65.64 -22.77
CA TYR C 380 -85.98 -65.93 -22.96
C TYR C 380 -86.21 -67.01 -24.00
N ASN C 381 -85.31 -67.13 -24.99
CA ASN C 381 -85.37 -68.23 -25.93
C ASN C 381 -85.18 -69.55 -25.22
N ALA C 382 -84.19 -69.63 -24.33
CA ALA C 382 -83.96 -70.85 -23.59
C ALA C 382 -85.06 -71.11 -22.57
N LYS C 383 -85.73 -70.05 -22.12
CA LYS C 383 -86.92 -70.20 -21.28
C LYS C 383 -88.04 -70.89 -22.05
N GLN C 384 -88.22 -70.49 -23.31
CA GLN C 384 -89.24 -71.16 -24.11
C GLN C 384 -88.76 -72.51 -24.62
N GLU C 385 -87.45 -72.71 -24.68
CA GLU C 385 -86.94 -74.04 -25.00
C GLU C 385 -87.23 -75.02 -23.87
N LEU C 386 -87.02 -74.58 -22.63
CA LEU C 386 -87.20 -75.49 -21.51
C LEU C 386 -88.68 -75.67 -21.20
N ALA C 387 -89.43 -74.57 -21.10
CA ALA C 387 -90.85 -74.68 -20.75
C ALA C 387 -91.66 -75.22 -21.91
N ASN C 388 -91.38 -74.74 -23.13
CA ASN C 388 -92.06 -75.27 -24.29
C ASN C 388 -91.62 -76.70 -24.55
N ALA C 389 -90.39 -77.05 -24.21
CA ALA C 389 -90.00 -78.44 -24.33
C ALA C 389 -90.55 -79.29 -23.20
N ARG C 390 -91.01 -78.66 -22.11
CA ARG C 390 -91.84 -79.42 -21.18
C ARG C 390 -93.19 -79.71 -21.82
N TYR C 391 -93.72 -78.75 -22.59
CA TYR C 391 -94.95 -79.05 -23.34
C TYR C 391 -94.72 -80.11 -24.39
N ASN C 392 -93.59 -80.05 -25.11
CA ASN C 392 -93.29 -81.08 -26.08
C ASN C 392 -92.95 -82.39 -25.42
N TYR C 393 -92.50 -82.33 -24.16
CA TYR C 393 -92.37 -83.54 -23.38
C TYR C 393 -93.73 -84.12 -23.04
N LEU C 394 -94.72 -83.26 -22.81
CA LEU C 394 -96.07 -83.74 -22.58
C LEU C 394 -96.62 -84.37 -23.84
N ILE C 395 -96.31 -83.76 -24.99
CA ILE C 395 -96.64 -84.36 -26.27
C ILE C 395 -95.93 -85.68 -26.44
N ASN C 396 -94.70 -85.78 -25.94
CA ASN C 396 -93.97 -87.05 -25.94
C ASN C 396 -94.64 -88.08 -25.05
N GLN C 397 -95.26 -87.64 -23.96
CA GLN C 397 -96.04 -88.55 -23.13
C GLN C 397 -97.24 -89.06 -23.91
N LEU C 398 -97.83 -88.21 -24.74
CA LEU C 398 -98.93 -88.67 -25.58
C LEU C 398 -98.42 -89.50 -26.75
N ASN C 399 -97.14 -89.34 -27.10
CA ASN C 399 -96.56 -90.17 -28.14
C ASN C 399 -96.32 -91.58 -27.64
N ILE C 400 -95.76 -91.73 -26.45
CA ILE C 400 -95.58 -93.07 -25.93
C ILE C 400 -96.92 -93.71 -25.55
N LYS C 401 -97.76 -93.00 -24.80
CA LYS C 401 -98.96 -93.66 -24.26
C LYS C 401 -100.04 -93.77 -25.31
N SER C 402 -100.10 -92.80 -26.22
CA SER C 402 -101.01 -92.95 -27.36
C SER C 402 -100.45 -93.89 -28.40
N ALA C 403 -99.13 -94.00 -28.47
CA ALA C 403 -98.53 -95.04 -29.29
C ALA C 403 -98.79 -96.43 -28.74
N LEU C 404 -99.01 -96.54 -27.43
CA LEU C 404 -99.43 -97.81 -26.85
C LEU C 404 -100.83 -98.20 -27.28
N GLY C 405 -101.69 -97.24 -27.57
CA GLY C 405 -103.09 -97.53 -27.84
C GLY C 405 -103.91 -97.83 -26.61
N THR C 406 -103.30 -97.88 -25.43
CA THR C 406 -104.00 -98.11 -24.17
C THR C 406 -104.14 -96.83 -23.37
N LEU C 407 -104.06 -95.68 -24.03
CA LEU C 407 -104.21 -94.42 -23.33
C LEU C 407 -105.67 -94.26 -22.93
N ASN C 408 -105.94 -94.46 -21.65
CA ASN C 408 -107.30 -94.35 -21.16
C ASN C 408 -107.60 -92.95 -20.67
N GLU C 409 -108.74 -92.78 -20.01
CA GLU C 409 -109.03 -91.53 -19.32
C GLU C 409 -108.30 -91.43 -17.98
N GLN C 410 -107.53 -92.44 -17.62
CA GLN C 410 -106.75 -92.37 -16.39
C GLN C 410 -105.33 -91.96 -16.69
N ASP C 411 -104.84 -92.26 -17.89
CA ASP C 411 -103.64 -91.59 -18.35
C ASP C 411 -103.92 -90.11 -18.57
N LEU C 412 -105.07 -89.82 -19.18
CA LEU C 412 -105.64 -88.47 -19.24
C LEU C 412 -105.81 -87.86 -17.86
N LEU C 413 -106.22 -88.65 -16.88
CA LEU C 413 -106.43 -88.11 -15.55
C LEU C 413 -105.10 -87.83 -14.86
N ALA C 414 -104.10 -88.69 -15.07
CA ALA C 414 -102.79 -88.47 -14.48
C ALA C 414 -102.10 -87.27 -15.10
N LEU C 415 -102.31 -87.06 -16.39
CA LEU C 415 -101.83 -85.84 -17.01
C LEU C 415 -102.62 -84.63 -16.56
N ASN C 416 -103.87 -84.82 -16.12
CA ASN C 416 -104.53 -83.72 -15.42
C ASN C 416 -103.90 -83.49 -14.05
N ASN C 417 -103.40 -84.56 -13.41
CA ASN C 417 -102.73 -84.39 -12.13
C ASN C 417 -101.37 -83.75 -12.27
N ALA C 418 -100.78 -83.81 -13.47
CA ALA C 418 -99.55 -83.07 -13.73
C ALA C 418 -99.76 -81.56 -13.77
N LEU C 419 -100.99 -81.09 -13.93
CA LEU C 419 -101.27 -79.67 -14.06
C LEU C 419 -101.12 -78.94 -12.72
N SER C 420 -101.35 -77.64 -12.77
CA SER C 420 -101.23 -76.75 -11.61
C SER C 420 -102.20 -75.61 -11.80
N LYS C 421 -101.94 -74.51 -11.11
CA LYS C 421 -102.68 -73.25 -10.99
C LYS C 421 -103.26 -72.72 -12.29
N PRO C 422 -104.39 -72.01 -12.24
CA PRO C 422 -104.92 -71.37 -13.45
C PRO C 422 -104.18 -70.08 -13.77
N VAL C 423 -103.91 -69.90 -15.06
CA VAL C 423 -103.34 -68.67 -15.60
C VAL C 423 -104.33 -68.14 -16.63
N SER C 424 -104.52 -66.83 -16.62
CA SER C 424 -105.48 -66.17 -17.49
C SER C 424 -105.08 -66.26 -18.96
N THR C 425 -106.02 -65.89 -19.83
CA THR C 425 -105.80 -66.01 -21.26
C THR C 425 -105.63 -64.67 -21.96
N ASN C 426 -106.32 -63.62 -21.53
CA ASN C 426 -106.22 -62.31 -22.19
C ASN C 426 -105.77 -61.26 -21.18
N PRO C 427 -104.46 -61.13 -20.93
CA PRO C 427 -103.97 -59.90 -20.27
C PRO C 427 -103.67 -58.83 -21.30
N GLU C 428 -103.06 -57.74 -20.88
CA GLU C 428 -102.54 -56.76 -21.83
C GLU C 428 -101.04 -56.95 -22.01
N PRO D 38 12.39 75.06 -9.14
CA PRO D 38 12.74 74.00 -10.08
C PRO D 38 11.51 73.34 -10.71
N ALA D 39 11.73 72.53 -11.74
CA ALA D 39 10.66 71.90 -12.50
C ALA D 39 10.75 70.38 -12.41
N VAL D 40 9.61 69.76 -12.11
CA VAL D 40 9.47 68.30 -12.06
C VAL D 40 8.25 67.94 -12.91
N GLY D 41 8.29 66.77 -13.56
CA GLY D 41 7.29 66.41 -14.54
C GLY D 41 5.93 66.01 -14.00
N VAL D 42 5.16 67.01 -13.57
CA VAL D 42 3.84 66.79 -12.98
C VAL D 42 2.86 66.74 -14.15
N VAL D 43 2.28 65.56 -14.42
CA VAL D 43 1.58 65.28 -15.67
C VAL D 43 0.12 65.00 -15.38
N THR D 44 -0.76 65.54 -16.23
CA THR D 44 -2.19 65.29 -16.13
C THR D 44 -2.49 63.84 -16.49
N VAL D 45 -3.30 63.19 -15.66
CA VAL D 45 -3.65 61.77 -15.83
C VAL D 45 -5.16 61.69 -15.97
N LYS D 46 -5.62 60.84 -16.91
CA LYS D 46 -6.96 60.89 -17.47
C LYS D 46 -7.72 59.57 -17.36
N THR D 47 -8.81 59.47 -18.11
CA THR D 47 -9.87 58.47 -17.88
C THR D 47 -9.87 57.45 -19.01
N GLU D 48 -9.88 56.16 -18.65
CA GLU D 48 -9.82 55.06 -19.61
C GLU D 48 -10.60 53.87 -19.08
N PRO D 49 -11.11 53.00 -19.94
CA PRO D 49 -11.75 51.75 -19.48
C PRO D 49 -10.72 50.73 -19.00
N LEU D 50 -11.21 49.54 -18.62
CA LEU D 50 -10.41 48.67 -17.77
C LEU D 50 -9.76 47.52 -18.53
N GLN D 51 -10.15 47.28 -19.79
CA GLN D 51 -9.19 46.70 -20.74
C GLN D 51 -8.68 45.28 -20.49
N ILE D 52 -9.26 44.28 -21.14
CA ILE D 52 -9.57 42.88 -20.74
C ILE D 52 -8.99 42.19 -19.48
N THR D 53 -9.89 41.45 -18.82
CA THR D 53 -9.76 40.81 -17.51
C THR D 53 -8.92 39.54 -17.43
N THR D 54 -9.13 38.82 -16.33
CA THR D 54 -8.18 37.87 -15.76
C THR D 54 -8.15 36.55 -16.55
N GLU D 55 -6.96 35.96 -16.62
CA GLU D 55 -6.75 34.62 -17.14
C GLU D 55 -6.65 33.62 -16.00
N LEU D 56 -7.21 32.44 -16.22
CA LEU D 56 -7.12 31.35 -15.25
C LEU D 56 -7.14 30.04 -16.01
N PRO D 57 -6.62 28.97 -15.41
CA PRO D 57 -6.71 27.66 -16.06
C PRO D 57 -7.98 26.91 -15.73
N GLY D 58 -8.27 25.96 -16.62
CA GLY D 58 -9.39 25.06 -16.48
C GLY D 58 -9.17 23.92 -17.45
N ARG D 59 -9.40 22.69 -17.01
CA ARG D 59 -9.08 21.56 -17.87
C ARG D 59 -10.17 21.36 -18.91
N THR D 60 -9.76 21.13 -20.14
CA THR D 60 -10.72 20.79 -21.16
C THR D 60 -11.15 19.34 -21.06
N SER D 61 -12.36 19.09 -21.54
CA SER D 61 -12.93 17.75 -21.61
C SER D 61 -13.72 17.67 -22.91
N ALA D 62 -14.03 16.44 -23.31
CA ALA D 62 -14.73 16.25 -24.57
C ALA D 62 -16.16 16.75 -24.47
N TYR D 63 -16.71 17.12 -25.63
CA TYR D 63 -18.13 17.45 -25.70
C TYR D 63 -18.98 16.25 -25.34
N ARG D 64 -18.61 15.07 -25.83
CA ARG D 64 -19.32 13.86 -25.49
C ARG D 64 -18.40 12.67 -25.67
N ILE D 65 -18.38 11.81 -24.65
CA ILE D 65 -17.72 10.52 -24.73
C ILE D 65 -18.78 9.44 -24.71
N ALA D 66 -18.39 8.25 -25.14
CA ALA D 66 -19.22 7.07 -24.95
C ALA D 66 -18.29 5.88 -24.76
N GLU D 67 -18.53 5.14 -23.69
CA GLU D 67 -17.65 4.05 -23.30
C GLU D 67 -18.20 2.76 -23.87
N VAL D 68 -17.58 2.29 -24.95
CA VAL D 68 -18.02 1.08 -25.63
C VAL D 68 -17.75 -0.12 -24.74
N ARG D 69 -18.81 -0.83 -24.38
CA ARG D 69 -18.77 -1.95 -23.47
C ARG D 69 -19.32 -3.19 -24.16
N PRO D 70 -18.84 -4.38 -23.79
CA PRO D 70 -19.36 -5.60 -24.41
C PRO D 70 -20.76 -5.92 -23.94
N GLN D 71 -21.53 -6.54 -24.82
CA GLN D 71 -22.92 -6.88 -24.54
C GLN D 71 -23.21 -8.35 -24.75
N VAL D 72 -22.19 -9.17 -25.00
CA VAL D 72 -22.29 -10.62 -25.08
C VAL D 72 -21.00 -11.21 -24.53
N SER D 73 -21.14 -12.19 -23.63
CA SER D 73 -20.00 -12.98 -23.20
C SER D 73 -19.53 -13.90 -24.33
N GLY D 74 -18.25 -13.83 -24.62
CA GLY D 74 -17.72 -14.70 -25.65
C GLY D 74 -16.27 -14.35 -25.96
N ILE D 75 -15.77 -14.93 -27.04
CA ILE D 75 -14.37 -14.83 -27.42
C ILE D 75 -14.26 -13.84 -28.58
N ILE D 76 -13.33 -12.90 -28.47
CA ILE D 76 -13.18 -11.84 -29.45
C ILE D 76 -12.63 -12.37 -30.76
N LEU D 77 -13.44 -12.27 -31.80
CA LEU D 77 -12.97 -12.39 -33.16
C LEU D 77 -12.92 -10.97 -33.75
N LYS D 78 -12.51 -10.90 -35.02
CA LYS D 78 -11.77 -9.79 -35.65
C LYS D 78 -12.19 -8.38 -35.25
N ARG D 79 -11.20 -7.58 -34.83
CA ARG D 79 -11.36 -6.15 -34.68
C ARG D 79 -11.61 -5.48 -36.03
N ASN D 80 -12.57 -4.56 -36.06
CA ASN D 80 -13.05 -3.97 -37.30
C ASN D 80 -12.85 -2.45 -37.35
N PHE D 81 -11.72 -1.97 -36.82
CA PHE D 81 -11.42 -0.55 -36.77
C PHE D 81 -9.94 -0.36 -36.51
N LYS D 82 -9.57 0.91 -36.26
CA LYS D 82 -8.31 1.29 -35.67
C LYS D 82 -8.54 2.34 -34.60
N GLU D 83 -7.58 2.47 -33.70
CA GLU D 83 -7.69 3.40 -32.58
C GLU D 83 -7.47 4.83 -33.05
N GLY D 84 -8.05 5.77 -32.31
CA GLY D 84 -7.91 7.18 -32.63
C GLY D 84 -8.53 7.60 -33.94
N SER D 85 -9.50 6.84 -34.42
CA SER D 85 -10.04 7.00 -35.76
C SER D 85 -11.49 7.47 -35.70
N ASP D 86 -11.94 8.03 -36.82
CA ASP D 86 -13.27 8.61 -36.90
C ASP D 86 -14.30 7.50 -37.06
N ILE D 87 -15.07 7.28 -36.00
CA ILE D 87 -16.02 6.17 -35.95
C ILE D 87 -17.42 6.75 -35.97
N GLU D 88 -18.30 6.11 -36.73
CA GLU D 88 -19.69 6.52 -36.79
C GLU D 88 -20.57 5.49 -36.09
N ALA D 89 -21.81 5.89 -35.82
CA ALA D 89 -22.72 5.02 -35.08
C ALA D 89 -23.12 3.82 -35.94
N GLY D 90 -23.00 2.63 -35.36
CA GLY D 90 -23.33 1.41 -36.07
C GLY D 90 -22.18 0.80 -36.85
N VAL D 91 -21.04 1.48 -36.93
CA VAL D 91 -19.87 0.89 -37.58
C VAL D 91 -19.35 -0.24 -36.69
N SER D 92 -19.09 -1.39 -37.30
CA SER D 92 -18.74 -2.58 -36.54
C SER D 92 -17.35 -2.44 -35.93
N LEU D 93 -17.19 -3.00 -34.74
CA LEU D 93 -15.97 -2.80 -33.98
C LEU D 93 -15.20 -4.11 -33.78
N TYR D 94 -15.81 -5.10 -33.15
CA TYR D 94 -15.26 -6.42 -33.03
C TYR D 94 -16.22 -7.40 -33.68
N GLN D 95 -15.86 -8.67 -33.67
CA GLN D 95 -16.79 -9.70 -34.14
C GLN D 95 -16.62 -10.94 -33.28
N ILE D 96 -17.56 -11.17 -32.37
CA ILE D 96 -17.58 -12.43 -31.64
C ILE D 96 -17.96 -13.53 -32.62
N ASP D 97 -17.32 -14.69 -32.48
CA ASP D 97 -17.54 -15.86 -33.33
C ASP D 97 -18.98 -16.32 -33.26
N PRO D 98 -19.76 -16.22 -34.34
CA PRO D 98 -21.20 -16.46 -34.26
C PRO D 98 -21.63 -17.91 -34.36
N ALA D 99 -20.68 -18.87 -34.34
CA ALA D 99 -21.03 -20.26 -34.59
C ALA D 99 -21.86 -20.85 -33.46
N THR D 100 -21.54 -20.47 -32.22
CA THR D 100 -22.38 -20.85 -31.08
C THR D 100 -23.78 -20.25 -31.22
N TYR D 101 -23.85 -18.99 -31.63
CA TYR D 101 -25.12 -18.36 -31.93
C TYR D 101 -25.68 -18.78 -33.27
N GLN D 102 -24.89 -19.45 -34.10
CA GLN D 102 -25.46 -20.05 -35.30
C GLN D 102 -26.22 -21.31 -34.93
N ALA D 103 -25.64 -22.14 -34.05
CA ALA D 103 -26.36 -23.29 -33.54
C ALA D 103 -27.54 -22.87 -32.68
N THR D 104 -27.39 -21.79 -31.93
CA THR D 104 -28.50 -21.24 -31.16
C THR D 104 -29.60 -20.72 -32.07
N TYR D 105 -29.20 -20.03 -33.14
CA TYR D 105 -30.14 -19.41 -34.07
C TYR D 105 -30.92 -20.46 -34.86
N ASP D 106 -30.22 -21.40 -35.47
CA ASP D 106 -30.88 -22.44 -36.25
C ASP D 106 -31.58 -23.44 -35.35
N SER D 107 -31.13 -23.59 -34.10
CA SER D 107 -31.86 -24.39 -33.13
C SER D 107 -33.19 -23.75 -32.79
N ALA D 108 -33.19 -22.43 -32.62
CA ALA D 108 -34.41 -21.68 -32.33
C ALA D 108 -35.36 -21.71 -33.52
N LYS D 109 -34.84 -21.66 -34.75
CA LYS D 109 -35.70 -21.72 -35.91
C LYS D 109 -36.23 -23.13 -36.14
N GLY D 110 -35.44 -24.14 -35.76
CA GLY D 110 -35.92 -25.52 -35.90
C GLY D 110 -37.02 -25.84 -34.91
N ASP D 111 -36.87 -25.39 -33.66
CA ASP D 111 -37.94 -25.57 -32.69
C ASP D 111 -39.14 -24.67 -33.02
N LEU D 112 -38.88 -23.54 -33.69
CA LEU D 112 -39.96 -22.74 -34.26
C LEU D 112 -40.76 -23.54 -35.28
N ALA D 113 -40.06 -24.29 -36.12
CA ALA D 113 -40.73 -25.18 -37.05
C ALA D 113 -41.45 -26.32 -36.34
N LYS D 114 -40.95 -26.73 -35.17
CA LYS D 114 -41.65 -27.74 -34.37
C LYS D 114 -42.96 -27.20 -33.84
N ALA D 115 -42.97 -25.96 -33.34
CA ALA D 115 -44.21 -25.37 -32.87
C ALA D 115 -45.17 -25.07 -34.03
N GLN D 116 -44.63 -24.80 -35.22
CA GLN D 116 -45.48 -24.70 -36.39
C GLN D 116 -46.07 -26.06 -36.77
N ALA D 117 -45.34 -27.14 -36.51
CA ALA D 117 -45.84 -28.48 -36.81
C ALA D 117 -46.97 -28.87 -35.86
N ALA D 118 -46.71 -28.81 -34.55
CA ALA D 118 -47.72 -29.21 -33.57
C ALA D 118 -48.90 -28.24 -33.56
N ALA D 119 -48.64 -26.95 -33.75
CA ALA D 119 -49.72 -25.98 -33.88
C ALA D 119 -50.52 -26.20 -35.15
N ASN D 120 -49.88 -26.70 -36.20
CA ASN D 120 -50.62 -27.08 -37.41
C ASN D 120 -51.50 -28.28 -37.13
N ILE D 121 -51.02 -29.23 -36.33
CA ILE D 121 -51.79 -30.42 -35.96
C ILE D 121 -53.05 -30.02 -35.20
N ALA D 122 -52.87 -29.25 -34.12
CA ALA D 122 -54.00 -28.83 -33.29
C ALA D 122 -54.94 -27.91 -34.06
N GLN D 123 -54.38 -27.09 -34.96
CA GLN D 123 -55.19 -26.20 -35.78
C GLN D 123 -56.09 -26.98 -36.73
N LEU D 124 -55.55 -28.04 -37.35
CA LEU D 124 -56.37 -28.84 -38.25
C LEU D 124 -57.39 -29.69 -37.48
N THR D 125 -57.08 -30.13 -36.27
CA THR D 125 -58.07 -30.85 -35.48
C THR D 125 -59.21 -29.94 -35.03
N VAL D 126 -58.90 -28.67 -34.74
CA VAL D 126 -59.97 -27.71 -34.44
C VAL D 126 -60.79 -27.43 -35.69
N ASN D 127 -60.12 -27.23 -36.83
CA ASN D 127 -60.82 -26.90 -38.07
C ASN D 127 -61.69 -28.03 -38.57
N ARG D 128 -61.34 -29.28 -38.23
CA ARG D 128 -62.17 -30.40 -38.65
C ARG D 128 -62.93 -31.05 -37.50
N TYR D 129 -62.93 -30.43 -36.32
CA TYR D 129 -63.93 -30.72 -35.30
C TYR D 129 -64.93 -29.57 -35.15
N GLN D 130 -64.73 -28.49 -35.89
CA GLN D 130 -65.55 -27.29 -35.78
C GLN D 130 -66.83 -27.38 -36.60
N LYS D 131 -66.75 -27.92 -37.82
CA LYS D 131 -67.84 -27.86 -38.78
C LYS D 131 -68.93 -28.89 -38.52
N LEU D 132 -68.78 -29.76 -37.51
CA LEU D 132 -69.70 -30.86 -37.29
C LEU D 132 -70.28 -30.89 -35.88
N LEU D 133 -70.21 -29.78 -35.15
CA LEU D 133 -70.69 -29.75 -33.77
C LEU D 133 -72.21 -29.87 -33.69
N GLY D 134 -72.70 -30.30 -32.54
CA GLY D 134 -74.13 -30.44 -32.31
C GLY D 134 -74.78 -31.59 -33.04
N THR D 135 -74.00 -32.46 -33.67
CA THR D 135 -74.50 -33.58 -34.44
C THR D 135 -74.00 -34.88 -33.80
N GLN D 136 -74.27 -35.99 -34.47
CA GLN D 136 -73.70 -37.26 -34.06
C GLN D 136 -72.24 -37.41 -34.46
N TYR D 137 -71.72 -36.49 -35.29
CA TYR D 137 -70.34 -36.58 -35.75
C TYR D 137 -69.36 -36.28 -34.63
N ILE D 138 -69.38 -35.05 -34.13
CA ILE D 138 -68.49 -34.64 -33.05
C ILE D 138 -69.33 -33.90 -32.01
N SER D 139 -68.98 -34.10 -30.75
CA SER D 139 -69.64 -33.44 -29.64
C SER D 139 -68.79 -32.30 -29.12
N LYS D 140 -69.21 -31.73 -28.00
CA LYS D 140 -68.45 -30.68 -27.35
C LYS D 140 -67.19 -31.20 -26.70
N GLN D 141 -67.15 -32.50 -26.36
CA GLN D 141 -66.08 -33.05 -25.53
C GLN D 141 -64.75 -33.08 -26.27
N GLU D 142 -64.69 -33.83 -27.38
CA GLU D 142 -63.45 -33.94 -28.14
C GLU D 142 -63.13 -32.65 -28.89
N TYR D 143 -64.16 -31.83 -29.13
CA TYR D 143 -63.94 -30.48 -29.62
C TYR D 143 -63.13 -29.66 -28.64
N ASP D 144 -63.54 -29.66 -27.36
CA ASP D 144 -62.79 -28.95 -26.33
C ASP D 144 -61.45 -29.62 -26.04
N GLN D 145 -61.33 -30.92 -26.32
CA GLN D 145 -60.02 -31.56 -26.33
C GLN D 145 -59.12 -30.94 -27.39
N ALA D 146 -59.67 -30.72 -28.59
CA ALA D 146 -58.91 -30.08 -29.66
C ALA D 146 -58.60 -28.63 -29.35
N LEU D 147 -59.49 -27.94 -28.63
CA LEU D 147 -59.21 -26.56 -28.22
C LEU D 147 -58.17 -26.50 -27.11
N ALA D 148 -58.11 -27.53 -26.26
CA ALA D 148 -57.02 -27.64 -25.30
C ALA D 148 -55.70 -27.86 -26.03
N ASP D 149 -55.73 -28.67 -27.09
CA ASP D 149 -54.58 -28.83 -27.96
C ASP D 149 -54.20 -27.52 -28.63
N ALA D 150 -55.18 -26.70 -28.98
CA ALA D 150 -54.92 -25.45 -29.69
C ALA D 150 -54.31 -24.41 -28.75
N GLN D 151 -54.87 -24.29 -27.55
CA GLN D 151 -54.36 -23.32 -26.57
C GLN D 151 -52.98 -23.70 -26.07
N GLN D 152 -52.78 -24.99 -25.76
CA GLN D 152 -51.46 -25.45 -25.35
C GLN D 152 -50.46 -25.36 -26.50
N ALA D 153 -50.94 -25.51 -27.74
CA ALA D 153 -50.11 -25.28 -28.92
C ALA D 153 -49.72 -23.81 -29.02
N ASN D 154 -50.63 -22.90 -28.65
CA ASN D 154 -50.26 -21.48 -28.61
C ASN D 154 -49.29 -21.18 -27.49
N ALA D 155 -49.27 -21.99 -26.43
CA ALA D 155 -48.20 -21.87 -25.44
C ALA D 155 -46.87 -22.34 -26.03
N ALA D 156 -46.90 -23.37 -26.88
CA ALA D 156 -45.67 -23.83 -27.53
C ALA D 156 -45.15 -22.81 -28.54
N VAL D 157 -46.04 -22.16 -29.27
CA VAL D 157 -45.65 -21.10 -30.18
C VAL D 157 -45.18 -19.88 -29.41
N THR D 158 -45.73 -19.67 -28.21
CA THR D 158 -45.29 -18.58 -27.34
C THR D 158 -43.84 -18.80 -26.91
N ALA D 159 -43.51 -20.02 -26.47
CA ALA D 159 -42.13 -20.35 -26.16
C ALA D 159 -41.23 -20.32 -27.39
N ALA D 160 -41.82 -20.62 -28.56
CA ALA D 160 -41.05 -20.60 -29.81
C ALA D 160 -40.63 -19.19 -30.18
N LYS D 161 -41.58 -18.24 -30.11
CA LYS D 161 -41.24 -16.86 -30.41
C LYS D 161 -40.37 -16.25 -29.34
N ALA D 162 -40.46 -16.76 -28.10
CA ALA D 162 -39.50 -16.40 -27.08
C ALA D 162 -38.10 -16.84 -27.46
N ALA D 163 -37.96 -18.04 -28.02
CA ALA D 163 -36.64 -18.55 -28.36
C ALA D 163 -36.07 -17.87 -29.59
N VAL D 164 -36.93 -17.60 -30.59
CA VAL D 164 -36.45 -16.98 -31.83
C VAL D 164 -36.12 -15.52 -31.60
N GLU D 165 -36.95 -14.83 -30.81
CA GLU D 165 -36.65 -13.47 -30.41
C GLU D 165 -35.38 -13.41 -29.57
N THR D 166 -35.19 -14.40 -28.70
CA THR D 166 -34.03 -14.44 -27.82
C THR D 166 -32.75 -14.66 -28.60
N ALA D 167 -32.74 -15.66 -29.48
CA ALA D 167 -31.58 -15.92 -30.31
C ALA D 167 -31.41 -14.89 -31.41
N ARG D 168 -32.41 -14.04 -31.63
CA ARG D 168 -32.29 -13.00 -32.63
C ARG D 168 -31.71 -11.73 -32.04
N ILE D 169 -32.04 -11.44 -30.78
CA ILE D 169 -31.39 -10.33 -30.09
C ILE D 169 -29.96 -10.70 -29.71
N ASN D 170 -29.77 -11.93 -29.22
CA ASN D 170 -28.43 -12.44 -28.97
C ASN D 170 -27.65 -12.53 -30.26
N LEU D 171 -28.32 -12.95 -31.33
CA LEU D 171 -27.75 -12.95 -32.67
C LEU D 171 -27.38 -11.55 -33.12
N ALA D 172 -28.15 -10.54 -32.68
CA ALA D 172 -27.79 -9.16 -32.98
C ALA D 172 -26.57 -8.72 -32.19
N TYR D 173 -26.47 -9.16 -30.95
CA TYR D 173 -25.34 -8.79 -30.10
C TYR D 173 -24.14 -9.71 -30.24
N THR D 174 -24.14 -10.62 -31.23
CA THR D 174 -22.90 -11.29 -31.62
C THR D 174 -21.86 -10.28 -32.09
N LYS D 175 -22.17 -9.58 -33.17
CA LYS D 175 -21.31 -8.54 -33.70
C LYS D 175 -21.21 -7.38 -32.72
N VAL D 176 -20.10 -6.66 -32.80
CA VAL D 176 -19.85 -5.50 -31.95
C VAL D 176 -19.79 -4.28 -32.85
N THR D 177 -20.72 -3.37 -32.65
CA THR D 177 -20.77 -2.14 -33.43
C THR D 177 -20.66 -0.94 -32.50
N SER D 178 -20.67 0.20 -33.07
CA SER D 178 -20.51 1.42 -32.30
C SER D 178 -21.85 1.92 -31.79
N PRO D 179 -21.88 2.35 -30.52
CA PRO D 179 -23.08 3.01 -29.98
C PRO D 179 -23.39 4.32 -30.68
N ILE D 180 -22.44 5.26 -30.62
CA ILE D 180 -22.64 6.57 -31.24
C ILE D 180 -21.50 6.85 -32.21
N SER D 181 -21.51 8.04 -32.79
CA SER D 181 -20.49 8.48 -33.71
C SER D 181 -19.38 9.26 -33.00
N GLY D 182 -18.26 9.40 -33.67
CA GLY D 182 -17.17 10.24 -33.21
C GLY D 182 -15.88 9.45 -33.02
N ARG D 183 -14.85 10.19 -32.60
CA ARG D 183 -13.50 9.67 -32.60
C ARG D 183 -13.26 8.71 -31.45
N ILE D 184 -12.84 7.48 -31.80
CA ILE D 184 -12.62 6.45 -30.81
C ILE D 184 -11.34 6.74 -30.03
N GLY D 185 -11.32 6.28 -28.78
CA GLY D 185 -10.10 6.14 -28.03
C GLY D 185 -9.38 4.86 -28.41
N LYS D 186 -8.89 4.15 -27.40
CA LYS D 186 -8.13 2.94 -27.66
C LYS D 186 -8.97 1.68 -27.50
N SER D 187 -8.52 0.63 -28.16
CA SER D 187 -8.97 -0.72 -27.88
C SER D 187 -8.34 -1.19 -26.58
N ASN D 188 -8.98 -2.14 -25.93
CA ASN D 188 -8.48 -2.62 -24.65
C ASN D 188 -8.06 -4.07 -24.70
N VAL D 189 -8.80 -4.89 -25.43
CA VAL D 189 -8.59 -6.33 -25.48
C VAL D 189 -8.25 -6.70 -26.91
N THR D 190 -7.31 -7.62 -27.09
CA THR D 190 -6.96 -8.14 -28.40
C THR D 190 -7.77 -9.41 -28.72
N GLU D 191 -7.61 -9.89 -29.95
CA GLU D 191 -8.50 -10.91 -30.49
C GLU D 191 -8.19 -12.28 -29.92
N GLY D 192 -9.14 -13.21 -30.10
CA GLY D 192 -9.01 -14.54 -29.54
C GLY D 192 -9.18 -14.61 -28.04
N ALA D 193 -9.74 -13.58 -27.42
CA ALA D 193 -9.83 -13.50 -25.98
C ALA D 193 -11.27 -13.53 -25.50
N LEU D 194 -11.50 -14.30 -24.44
CA LEU D 194 -12.80 -14.41 -23.81
C LEU D 194 -13.15 -13.12 -23.08
N VAL D 195 -14.27 -12.52 -23.46
CA VAL D 195 -14.81 -11.38 -22.74
C VAL D 195 -16.19 -11.75 -22.23
N GLN D 196 -16.71 -10.92 -21.35
CA GLN D 196 -17.98 -11.18 -20.70
C GLN D 196 -18.98 -10.09 -20.99
N ASN D 197 -20.26 -10.44 -20.98
CA ASN D 197 -21.32 -9.45 -21.05
C ASN D 197 -21.37 -8.67 -19.75
N GLY D 198 -21.48 -7.35 -19.87
CA GLY D 198 -21.64 -6.49 -18.72
C GLY D 198 -20.45 -6.43 -17.79
N GLN D 199 -19.27 -6.80 -18.28
CA GLN D 199 -18.09 -6.81 -17.43
C GLN D 199 -17.55 -5.39 -17.26
N ALA D 200 -16.60 -5.25 -16.34
CA ALA D 200 -16.09 -3.94 -15.99
C ALA D 200 -15.20 -3.37 -17.09
N THR D 201 -14.44 -4.23 -17.76
CA THR D 201 -13.54 -3.78 -18.82
C THR D 201 -14.36 -3.39 -20.04
N ALA D 202 -14.43 -2.08 -20.30
CA ALA D 202 -15.07 -1.59 -21.50
C ALA D 202 -14.24 -1.95 -22.73
N LEU D 203 -14.88 -1.88 -23.89
CA LEU D 203 -14.13 -2.15 -25.12
C LEU D 203 -13.33 -0.92 -25.53
N ALA D 204 -13.96 0.24 -25.54
CA ALA D 204 -13.28 1.47 -25.95
C ALA D 204 -14.00 2.66 -25.33
N THR D 205 -13.69 3.85 -25.84
CA THR D 205 -14.46 5.06 -25.54
C THR D 205 -14.28 6.02 -26.70
N VAL D 206 -15.35 6.25 -27.43
CA VAL D 206 -15.33 7.25 -28.49
C VAL D 206 -15.47 8.62 -27.85
N GLN D 207 -14.96 9.61 -28.56
CA GLN D 207 -15.10 11.01 -28.21
C GLN D 207 -15.94 11.68 -29.28
N GLN D 208 -16.14 12.98 -29.14
CA GLN D 208 -16.96 13.72 -30.10
C GLN D 208 -16.56 15.18 -30.01
N LEU D 209 -15.74 15.64 -30.95
CA LEU D 209 -15.20 16.99 -30.87
C LEU D 209 -15.37 17.73 -32.20
N ASP D 210 -16.57 18.17 -32.50
CA ASP D 210 -16.58 19.45 -33.20
C ASP D 210 -16.74 20.56 -32.17
N PRO D 211 -17.60 20.43 -31.12
CA PRO D 211 -17.41 21.31 -29.97
C PRO D 211 -16.58 20.63 -28.91
N ILE D 212 -16.17 21.37 -27.88
CA ILE D 212 -15.34 20.81 -26.82
C ILE D 212 -15.56 21.59 -25.54
N TYR D 213 -15.67 20.86 -24.43
CA TYR D 213 -15.90 21.47 -23.13
C TYR D 213 -14.59 21.85 -22.47
N VAL D 214 -14.69 22.74 -21.48
CA VAL D 214 -13.63 22.99 -20.51
C VAL D 214 -14.30 23.03 -19.14
N ASP D 215 -13.73 22.35 -18.17
CA ASP D 215 -14.24 22.43 -16.82
C ASP D 215 -13.45 23.50 -16.08
N VAL D 216 -14.15 24.48 -15.50
CA VAL D 216 -13.54 25.74 -15.12
C VAL D 216 -13.51 25.79 -13.60
N THR D 217 -12.41 25.31 -13.04
CA THR D 217 -12.27 25.12 -11.60
C THR D 217 -12.03 26.46 -10.92
N GLN D 218 -12.73 26.70 -9.81
CA GLN D 218 -12.40 27.83 -8.95
C GLN D 218 -12.82 27.54 -7.51
N SER D 219 -11.86 27.63 -6.60
CA SER D 219 -12.12 27.36 -5.19
C SER D 219 -12.99 28.47 -4.57
N SER D 220 -13.56 28.13 -3.42
CA SER D 220 -14.61 28.96 -2.80
C SER D 220 -14.05 30.30 -2.32
N ASN D 221 -12.75 30.36 -2.05
CA ASN D 221 -12.14 31.55 -1.47
C ASN D 221 -12.13 32.72 -2.46
N ASP D 222 -12.12 32.43 -3.74
CA ASP D 222 -12.33 33.45 -4.73
C ASP D 222 -13.48 33.13 -5.65
N PHE D 223 -14.30 32.14 -5.29
CA PHE D 223 -15.67 32.15 -5.78
C PHE D 223 -16.39 33.41 -5.34
N LEU D 224 -16.09 33.92 -4.15
CA LEU D 224 -16.58 35.22 -3.76
C LEU D 224 -15.94 36.34 -4.57
N ARG D 225 -14.76 36.11 -5.15
CA ARG D 225 -14.18 37.10 -6.05
C ARG D 225 -14.74 36.94 -7.45
N LEU D 226 -15.11 35.72 -7.82
CA LEU D 226 -15.87 35.58 -9.05
C LEU D 226 -17.25 36.19 -8.90
N LYS D 227 -17.82 36.13 -7.71
CA LYS D 227 -19.04 36.87 -7.39
C LYS D 227 -18.77 38.34 -7.11
N GLN D 228 -17.50 38.73 -7.00
CA GLN D 228 -17.17 40.15 -7.01
C GLN D 228 -17.17 40.71 -8.41
N GLU D 229 -16.69 39.95 -9.39
CA GLU D 229 -16.81 40.40 -10.76
C GLU D 229 -18.22 40.19 -11.31
N LEU D 230 -18.92 39.14 -10.85
CA LEU D 230 -20.34 39.00 -11.10
C LEU D 230 -21.13 40.13 -10.45
N ALA D 231 -20.77 40.51 -9.23
CA ALA D 231 -21.42 41.61 -8.56
C ALA D 231 -21.11 42.92 -9.23
N ASN D 232 -19.94 43.01 -9.87
CA ASN D 232 -19.67 44.14 -10.73
C ASN D 232 -20.42 44.02 -12.05
N GLY D 233 -20.87 42.81 -12.40
CA GLY D 233 -21.61 42.59 -13.63
C GLY D 233 -20.80 42.71 -14.88
N THR D 234 -19.47 42.73 -14.75
CA THR D 234 -18.59 43.03 -15.86
C THR D 234 -18.02 41.79 -16.53
N LEU D 235 -18.11 40.62 -15.88
CA LEU D 235 -17.91 39.38 -16.61
C LEU D 235 -19.16 38.96 -17.34
N LYS D 236 -20.32 39.33 -16.80
CA LYS D 236 -21.61 38.73 -17.14
C LYS D 236 -22.49 39.80 -17.78
N GLN D 237 -22.58 39.75 -19.09
CA GLN D 237 -23.41 40.67 -19.85
C GLN D 237 -24.58 39.98 -20.54
N GLU D 238 -24.30 38.93 -21.30
CA GLU D 238 -25.32 38.15 -21.99
C GLU D 238 -25.96 37.13 -21.06
N ASN D 239 -25.34 36.89 -19.89
CA ASN D 239 -25.82 36.17 -18.71
C ASN D 239 -25.85 34.65 -18.91
N GLY D 240 -25.65 34.20 -20.15
CA GLY D 240 -25.66 32.80 -20.50
C GLY D 240 -24.29 32.38 -20.98
N LYS D 241 -24.13 32.44 -22.30
CA LYS D 241 -22.85 32.12 -22.89
C LYS D 241 -22.33 33.32 -23.68
N ALA D 242 -21.15 33.79 -23.30
CA ALA D 242 -20.43 34.75 -24.13
C ALA D 242 -18.97 34.35 -24.17
N LYS D 243 -18.24 34.96 -25.09
CA LYS D 243 -16.97 34.43 -25.53
C LYS D 243 -15.87 34.76 -24.53
N VAL D 244 -14.79 33.97 -24.61
CA VAL D 244 -13.62 34.00 -23.73
C VAL D 244 -12.44 33.51 -24.55
N SER D 245 -11.33 34.26 -24.55
CA SER D 245 -10.20 33.87 -25.39
C SER D 245 -9.40 32.74 -24.75
N LEU D 246 -8.78 31.94 -25.61
CA LEU D 246 -8.40 30.56 -25.32
C LEU D 246 -6.90 30.40 -25.37
N ILE D 247 -6.25 30.36 -24.21
CA ILE D 247 -4.79 30.38 -24.17
C ILE D 247 -4.30 28.95 -23.92
N THR D 248 -3.74 28.34 -24.94
CA THR D 248 -3.19 27.01 -24.78
C THR D 248 -1.69 27.08 -24.47
N SER D 249 -1.02 25.92 -24.61
CA SER D 249 0.29 25.71 -23.97
C SER D 249 1.39 26.54 -24.62
N ASP D 250 1.37 26.66 -25.94
CA ASP D 250 2.41 27.44 -26.61
C ASP D 250 2.20 28.94 -26.46
N GLY D 251 1.07 29.37 -25.90
CA GLY D 251 0.69 30.75 -25.89
C GLY D 251 -0.06 31.21 -27.11
N ILE D 252 0.21 30.60 -28.27
CA ILE D 252 -0.53 30.88 -29.49
C ILE D 252 -1.97 30.45 -29.29
N LYS D 253 -2.88 31.40 -29.22
CA LYS D 253 -4.24 31.12 -28.81
C LYS D 253 -5.00 30.38 -29.89
N PHE D 254 -6.20 29.99 -29.57
CA PHE D 254 -7.03 29.34 -30.55
C PHE D 254 -7.48 30.38 -31.58
N PRO D 255 -7.58 30.01 -32.87
CA PRO D 255 -7.92 30.99 -33.91
C PRO D 255 -9.27 31.70 -33.74
N GLN D 256 -10.13 31.24 -32.86
CA GLN D 256 -11.19 32.10 -32.34
C GLN D 256 -11.32 31.84 -30.84
N ASP D 257 -12.02 32.77 -30.19
CA ASP D 257 -12.34 32.57 -28.78
C ASP D 257 -13.44 31.53 -28.64
N GLY D 258 -13.66 31.11 -27.40
CA GLY D 258 -14.61 30.05 -27.11
C GLY D 258 -15.84 30.55 -26.36
N THR D 259 -16.91 29.78 -26.49
CA THR D 259 -18.22 30.14 -25.99
C THR D 259 -18.32 29.70 -24.54
N LEU D 260 -18.14 30.65 -23.62
CA LEU D 260 -18.17 30.36 -22.19
C LEU D 260 -19.59 30.46 -21.67
N GLU D 261 -20.03 29.43 -20.97
CA GLU D 261 -21.27 29.47 -20.22
C GLU D 261 -21.02 30.16 -18.87
N PHE D 262 -22.00 30.95 -18.43
CA PHE D 262 -21.84 31.76 -17.22
C PHE D 262 -22.64 31.26 -16.04
N SER D 263 -23.90 30.88 -16.24
CA SER D 263 -24.82 30.70 -15.15
C SER D 263 -24.62 29.41 -14.37
N ASP D 264 -24.17 28.33 -15.03
CA ASP D 264 -24.15 27.01 -14.40
C ASP D 264 -22.91 26.87 -13.53
N VAL D 265 -22.97 27.54 -12.38
CA VAL D 265 -21.88 27.51 -11.41
C VAL D 265 -21.99 26.26 -10.54
N THR D 266 -21.34 25.19 -10.97
CA THR D 266 -21.47 23.89 -10.32
C THR D 266 -20.67 23.89 -9.02
N VAL D 267 -21.35 24.14 -7.92
CA VAL D 267 -20.70 24.29 -6.62
C VAL D 267 -20.35 22.90 -6.08
N ASP D 268 -19.08 22.70 -5.76
CA ASP D 268 -18.63 21.46 -5.14
C ASP D 268 -19.16 21.36 -3.72
N GLN D 269 -19.35 20.12 -3.26
CA GLN D 269 -19.61 19.87 -1.85
C GLN D 269 -18.43 20.17 -0.95
N THR D 270 -17.22 20.21 -1.51
CA THR D 270 -16.01 20.40 -0.72
C THR D 270 -15.32 21.73 -0.98
N THR D 271 -15.08 22.06 -2.25
CA THR D 271 -14.17 23.16 -2.57
C THR D 271 -14.85 24.32 -3.29
N GLY D 272 -16.10 24.16 -3.71
CA GLY D 272 -16.75 25.13 -4.56
C GLY D 272 -16.21 25.18 -5.98
N CYS D 273 -15.44 24.17 -6.39
CA CYS D 273 -14.82 24.17 -7.71
C CYS D 273 -15.87 23.98 -8.79
N ILE D 274 -15.86 24.88 -9.77
CA ILE D 274 -16.99 25.03 -10.68
C ILE D 274 -16.78 24.14 -11.90
N THR D 275 -17.86 23.63 -12.44
CA THR D 275 -17.90 23.15 -13.81
C THR D 275 -18.80 24.09 -14.62
N LEU D 276 -18.21 25.18 -15.12
CA LEU D 276 -18.83 25.94 -16.20
C LEU D 276 -18.57 25.18 -17.48
N ARG D 277 -19.59 24.48 -17.96
CA ARG D 277 -19.42 23.56 -19.08
C ARG D 277 -19.15 24.35 -20.35
N ALA D 278 -17.88 24.53 -20.62
CA ALA D 278 -17.40 25.60 -21.48
C ALA D 278 -17.28 25.06 -22.90
N ILE D 279 -18.42 25.00 -23.59
CA ILE D 279 -18.50 24.40 -24.90
C ILE D 279 -17.80 25.29 -25.92
N PHE D 280 -16.67 24.81 -26.41
CA PHE D 280 -15.82 25.65 -27.22
C PHE D 280 -15.73 25.08 -28.63
N PRO D 281 -15.60 25.94 -29.64
CA PRO D 281 -15.51 25.43 -31.01
C PRO D 281 -14.17 24.76 -31.28
N ASN D 282 -14.23 23.49 -31.71
CA ASN D 282 -13.06 22.73 -32.14
C ASN D 282 -13.34 22.23 -33.56
N PRO D 283 -13.16 23.08 -34.57
CA PRO D 283 -13.29 22.58 -35.95
C PRO D 283 -12.09 21.78 -36.38
N ASP D 284 -10.96 21.94 -35.70
CA ASP D 284 -9.77 21.16 -36.02
C ASP D 284 -9.87 19.74 -35.49
N HIS D 285 -10.76 19.52 -34.52
CA HIS D 285 -11.05 18.23 -33.89
C HIS D 285 -9.84 17.71 -33.11
N THR D 286 -8.89 18.58 -32.81
CA THR D 286 -7.58 18.22 -32.28
C THR D 286 -7.19 19.13 -31.13
N LEU D 287 -8.16 19.51 -30.30
CA LEU D 287 -7.83 20.35 -29.16
C LEU D 287 -7.75 19.57 -27.86
N LEU D 288 -7.65 18.24 -27.94
CA LEU D 288 -7.09 17.38 -26.91
C LEU D 288 -7.75 17.50 -25.55
N PRO D 289 -8.92 16.93 -25.36
CA PRO D 289 -9.55 16.91 -24.03
C PRO D 289 -8.63 16.22 -23.03
N GLY D 290 -8.24 16.96 -22.01
CA GLY D 290 -7.14 16.60 -21.16
C GLY D 290 -6.13 17.68 -20.97
N MET D 291 -6.13 18.69 -21.83
CA MET D 291 -5.24 19.82 -21.66
C MET D 291 -5.68 20.70 -20.51
N PHE D 292 -4.70 21.27 -19.85
CA PHE D 292 -4.86 21.93 -18.56
C PHE D 292 -4.76 23.43 -18.77
N VAL D 293 -5.11 23.87 -19.97
CA VAL D 293 -4.75 25.18 -20.50
C VAL D 293 -5.62 26.26 -19.90
N ARG D 294 -5.28 27.52 -20.19
CA ARG D 294 -5.92 28.66 -19.56
C ARG D 294 -6.82 29.39 -20.54
N ALA D 295 -7.42 30.45 -20.03
CA ALA D 295 -8.34 31.28 -20.79
C ALA D 295 -8.50 32.60 -20.06
N ARG D 296 -8.72 33.68 -20.81
CA ARG D 296 -9.04 34.94 -20.18
C ARG D 296 -10.33 35.49 -20.76
N LEU D 297 -11.08 36.18 -19.92
CA LEU D 297 -12.44 36.57 -20.24
C LEU D 297 -12.45 37.79 -21.16
N GLU D 298 -13.62 38.38 -21.29
CA GLU D 298 -13.75 39.59 -22.08
C GLU D 298 -14.19 40.76 -21.22
N GLU D 299 -14.24 41.92 -21.83
CA GLU D 299 -14.57 43.14 -21.11
C GLU D 299 -16.07 43.41 -21.18
N GLY D 300 -16.44 44.66 -20.96
CA GLY D 300 -17.64 45.05 -20.26
C GLY D 300 -17.30 45.94 -19.10
N LEU D 301 -16.17 46.63 -19.26
CA LEU D 301 -15.39 47.24 -18.20
C LEU D 301 -15.34 48.75 -18.45
N ASN D 302 -16.33 49.45 -17.95
CA ASN D 302 -16.48 50.85 -18.35
C ASN D 302 -15.63 51.87 -17.58
N PRO D 303 -15.66 51.97 -16.23
CA PRO D 303 -15.16 53.21 -15.60
C PRO D 303 -13.65 53.38 -15.64
N ASN D 304 -13.22 54.39 -14.90
CA ASN D 304 -11.98 55.07 -15.21
C ASN D 304 -11.00 55.17 -14.04
N ALA D 305 -10.77 54.06 -13.36
CA ALA D 305 -9.80 54.00 -12.27
C ALA D 305 -8.38 54.21 -12.82
N ILE D 306 -7.57 54.90 -12.02
CA ILE D 306 -6.33 55.48 -12.54
C ILE D 306 -5.27 54.40 -12.71
N LEU D 307 -4.96 54.11 -13.97
CA LEU D 307 -3.77 53.35 -14.32
C LEU D 307 -2.60 54.32 -14.31
N VAL D 308 -2.13 54.66 -13.11
CA VAL D 308 -0.94 55.50 -13.02
C VAL D 308 0.21 54.53 -13.28
N PRO D 309 1.27 54.95 -13.97
CA PRO D 309 2.43 54.08 -14.12
C PRO D 309 3.10 53.80 -12.79
N GLN D 310 3.91 52.74 -12.79
CA GLN D 310 4.50 52.21 -11.57
C GLN D 310 5.65 53.07 -11.03
N GLN D 311 5.98 54.17 -11.72
CA GLN D 311 7.11 55.00 -11.34
C GLN D 311 6.84 55.83 -10.10
N GLY D 312 5.81 56.67 -10.12
CA GLY D 312 5.51 57.55 -9.00
C GLY D 312 4.81 56.88 -7.84
N VAL D 313 4.49 55.60 -7.97
CA VAL D 313 3.80 54.87 -6.92
C VAL D 313 4.77 54.55 -5.81
N THR D 314 4.47 55.03 -4.61
CA THR D 314 5.33 54.84 -3.46
C THR D 314 4.69 53.79 -2.56
N ARG D 315 5.13 52.54 -2.74
CA ARG D 315 4.64 51.40 -1.97
C ARG D 315 5.46 51.14 -0.71
N THR D 316 6.09 52.17 -0.15
CA THR D 316 7.12 51.96 0.85
C THR D 316 6.64 52.41 2.22
N PRO D 317 6.77 51.56 3.26
CA PRO D 317 7.17 50.16 3.17
C PRO D 317 5.96 49.31 2.89
N ARG D 318 6.10 48.00 3.06
CA ARG D 318 4.97 47.12 2.81
C ARG D 318 3.92 47.31 3.89
N GLY D 319 2.65 47.25 3.48
CA GLY D 319 1.53 47.68 4.27
C GLY D 319 1.16 49.13 4.01
N ASP D 320 1.99 49.84 3.28
CA ASP D 320 1.82 51.28 3.09
C ASP D 320 1.88 51.62 1.60
N ALA D 321 0.94 52.45 1.16
CA ALA D 321 0.83 52.80 -0.24
C ALA D 321 0.17 54.18 -0.35
N THR D 322 1.00 55.21 -0.50
CA THR D 322 0.54 56.56 -0.76
C THR D 322 1.17 57.02 -2.07
N VAL D 323 0.70 58.15 -2.60
CA VAL D 323 1.35 58.80 -3.73
C VAL D 323 1.44 60.27 -3.44
N LEU D 324 2.63 60.84 -3.59
CA LEU D 324 2.86 62.26 -3.34
C LEU D 324 2.14 63.09 -4.39
N VAL D 325 1.10 63.78 -3.96
CA VAL D 325 0.29 64.63 -4.82
C VAL D 325 0.97 65.99 -4.92
N VAL D 326 0.89 66.60 -6.10
CA VAL D 326 1.30 67.99 -6.23
C VAL D 326 0.37 68.87 -5.39
N GLY D 327 0.96 69.84 -4.69
CA GLY D 327 0.23 70.69 -3.78
C GLY D 327 -0.35 71.92 -4.46
N ALA D 328 -1.18 72.63 -3.70
CA ALA D 328 -1.86 73.81 -4.24
C ALA D 328 -0.91 74.98 -4.43
N ASP D 329 -0.14 75.32 -3.40
CA ASP D 329 0.84 76.39 -3.47
C ASP D 329 2.23 75.88 -3.84
N ASP D 330 2.27 74.81 -4.65
CA ASP D 330 3.46 74.02 -4.96
C ASP D 330 4.15 73.48 -3.72
N LYS D 331 3.41 73.24 -2.64
CA LYS D 331 3.90 72.51 -1.48
C LYS D 331 3.23 71.14 -1.51
N VAL D 332 3.97 70.13 -1.98
CA VAL D 332 3.37 68.87 -2.39
C VAL D 332 2.86 68.09 -1.19
N GLU D 333 1.64 67.57 -1.32
CA GLU D 333 1.02 66.77 -0.28
C GLU D 333 0.56 65.46 -0.88
N THR D 334 0.92 64.36 -0.23
CA THR D 334 0.51 63.05 -0.66
C THR D 334 -0.97 62.81 -0.42
N ARG D 335 -1.46 61.75 -1.02
CA ARG D 335 -2.69 61.15 -0.55
C ARG D 335 -2.43 59.67 -0.33
N PRO D 336 -2.88 59.15 0.81
CA PRO D 336 -2.95 57.69 0.96
C PRO D 336 -4.08 57.15 0.11
N ILE D 337 -3.70 56.54 -1.01
CA ILE D 337 -4.69 56.14 -2.00
C ILE D 337 -4.84 54.63 -1.94
N VAL D 338 -5.84 54.11 -2.64
CA VAL D 338 -5.97 52.68 -2.84
C VAL D 338 -5.48 52.46 -4.26
N ALA D 339 -4.18 52.20 -4.39
CA ALA D 339 -3.59 51.89 -5.67
C ALA D 339 -3.72 50.39 -5.90
N SER D 340 -4.64 50.02 -6.79
CA SER D 340 -4.97 48.61 -7.01
C SER D 340 -3.95 47.95 -7.91
N GLN D 341 -4.32 46.78 -8.43
CA GLN D 341 -3.42 45.84 -9.06
C GLN D 341 -2.76 46.42 -10.32
N ALA D 342 -1.51 46.06 -10.53
CA ALA D 342 -0.76 46.55 -11.68
C ALA D 342 -1.26 45.93 -12.96
N ILE D 343 -1.61 46.79 -13.91
CA ILE D 343 -2.04 46.36 -15.22
C ILE D 343 -0.97 46.85 -16.19
N GLY D 344 -0.13 45.93 -16.65
CA GLY D 344 1.02 46.31 -17.45
C GLY D 344 2.01 47.07 -16.60
N ASP D 345 2.51 48.17 -17.14
CA ASP D 345 3.43 49.04 -16.41
C ASP D 345 2.71 50.08 -15.57
N LYS D 346 1.46 49.82 -15.19
CA LYS D 346 0.61 50.81 -14.55
C LYS D 346 -0.17 50.12 -13.43
N TRP D 347 0.02 50.59 -12.21
CA TRP D 347 -0.89 50.24 -11.14
C TRP D 347 -2.25 50.84 -11.41
N LEU D 348 -3.29 50.05 -11.17
CA LEU D 348 -4.63 50.60 -11.12
C LEU D 348 -4.76 51.42 -9.85
N VAL D 349 -5.54 52.49 -9.88
CA VAL D 349 -5.90 53.23 -8.68
C VAL D 349 -7.41 53.43 -8.73
N THR D 350 -8.13 52.65 -7.95
CA THR D 350 -9.57 52.77 -7.88
C THR D 350 -10.02 53.89 -6.94
N GLU D 351 -9.14 54.35 -6.08
CA GLU D 351 -9.56 55.19 -4.97
C GLU D 351 -8.38 56.01 -4.48
N GLY D 352 -8.67 57.23 -4.05
CA GLY D 352 -7.66 58.20 -3.70
C GLY D 352 -7.39 59.17 -4.82
N LEU D 353 -6.96 58.66 -5.99
CA LEU D 353 -6.77 59.52 -7.14
C LEU D 353 -8.10 59.80 -7.82
N LYS D 354 -8.19 60.99 -8.42
CA LYS D 354 -9.42 61.41 -9.07
C LYS D 354 -9.14 61.81 -10.52
N ALA D 355 -10.14 62.38 -11.18
CA ALA D 355 -10.09 62.53 -12.62
C ALA D 355 -9.15 63.65 -13.05
N GLY D 356 -8.32 63.33 -14.04
CA GLY D 356 -7.48 64.32 -14.70
C GLY D 356 -6.43 64.95 -13.83
N ASP D 357 -5.85 64.20 -12.90
CA ASP D 357 -5.01 64.81 -11.88
C ASP D 357 -3.55 64.76 -12.27
N ARG D 358 -2.82 65.80 -11.89
CA ARG D 358 -1.43 65.97 -12.28
C ARG D 358 -0.54 65.33 -11.22
N VAL D 359 0.46 64.56 -11.67
CA VAL D 359 1.25 63.73 -10.77
C VAL D 359 2.72 64.14 -10.87
N VAL D 360 3.39 64.22 -9.72
CA VAL D 360 4.80 64.53 -9.66
C VAL D 360 5.58 63.28 -10.07
N ILE D 361 6.21 63.31 -11.25
CA ILE D 361 6.69 62.06 -11.85
C ILE D 361 8.19 62.05 -12.17
N SER D 362 8.67 63.04 -12.92
CA SER D 362 9.92 62.86 -13.65
C SER D 362 11.15 62.99 -12.75
N GLY D 363 11.37 64.16 -12.16
CA GLY D 363 12.56 64.41 -11.37
C GLY D 363 12.37 64.25 -9.87
N LEU D 364 12.14 63.01 -9.42
CA LEU D 364 11.75 62.77 -8.03
C LEU D 364 12.91 62.75 -7.05
N GLN D 365 14.15 62.96 -7.51
CA GLN D 365 15.27 62.99 -6.57
C GLN D 365 15.22 64.23 -5.70
N LYS D 366 15.08 65.40 -6.32
CA LYS D 366 15.09 66.66 -5.60
C LYS D 366 13.75 66.99 -4.95
N VAL D 367 12.76 66.11 -5.05
CA VAL D 367 11.43 66.41 -4.57
C VAL D 367 11.38 66.20 -3.05
N ARG D 368 11.14 67.28 -2.33
CA ARG D 368 10.91 67.34 -0.89
C ARG D 368 9.88 68.43 -0.63
N PRO D 369 8.99 68.24 0.35
CA PRO D 369 7.76 69.06 0.41
C PRO D 369 8.04 70.50 0.80
N GLY D 370 7.61 71.41 -0.07
CA GLY D 370 7.75 72.84 0.16
C GLY D 370 8.30 73.61 -1.02
N VAL D 371 9.21 72.99 -1.78
CA VAL D 371 9.91 73.67 -2.86
C VAL D 371 8.95 73.86 -4.02
N GLN D 372 9.00 75.04 -4.64
CA GLN D 372 8.08 75.36 -5.72
C GLN D 372 8.34 74.47 -6.94
N VAL D 373 7.25 73.99 -7.53
CA VAL D 373 7.29 72.96 -8.55
C VAL D 373 6.78 73.56 -9.85
N LYS D 374 7.59 73.47 -10.90
CA LYS D 374 7.18 73.86 -12.23
C LYS D 374 7.05 72.61 -13.08
N ALA D 375 6.49 72.77 -14.29
CA ALA D 375 6.04 71.60 -15.06
C ALA D 375 6.64 71.60 -16.45
N GLN D 376 7.62 70.72 -16.65
CA GLN D 376 8.00 70.33 -18.00
C GLN D 376 7.73 68.84 -18.21
N GLU D 377 7.49 68.46 -19.45
CA GLU D 377 7.20 67.06 -19.74
C GLU D 377 8.03 66.57 -20.91
N PRO E 38 39.20 53.09 -38.80
CA PRO E 38 39.59 51.90 -38.06
C PRO E 38 38.92 50.64 -38.57
N ALA E 39 39.71 49.58 -38.71
CA ALA E 39 39.23 48.35 -39.31
C ALA E 39 38.64 47.42 -38.27
N VAL E 40 37.65 46.63 -38.69
CA VAL E 40 36.92 45.72 -37.82
C VAL E 40 36.74 44.40 -38.56
N GLY E 41 36.87 43.29 -37.84
CA GLY E 41 36.47 41.98 -38.37
C GLY E 41 34.98 41.88 -38.64
N VAL E 42 34.60 41.79 -39.91
CA VAL E 42 33.22 41.95 -40.35
C VAL E 42 32.80 40.72 -41.13
N VAL E 43 31.98 39.86 -40.52
CA VAL E 43 31.61 38.59 -41.15
C VAL E 43 30.13 38.62 -41.49
N THR E 44 29.80 38.15 -42.69
CA THR E 44 28.62 38.52 -43.46
C THR E 44 27.82 37.26 -43.81
N VAL E 45 26.50 37.43 -43.97
CA VAL E 45 25.58 36.31 -43.89
C VAL E 45 25.46 35.58 -45.23
N LYS E 46 25.47 34.24 -45.17
CA LYS E 46 25.02 33.38 -46.26
C LYS E 46 24.30 32.18 -45.65
N THR E 47 22.97 32.12 -45.75
CA THR E 47 22.20 31.07 -45.07
C THR E 47 21.33 30.32 -46.07
N GLU E 48 21.95 29.39 -46.79
CA GLU E 48 21.24 28.73 -47.87
C GLU E 48 20.48 27.46 -47.46
N PRO E 49 21.07 26.42 -46.78
CA PRO E 49 20.30 25.20 -46.50
C PRO E 49 19.75 25.11 -45.08
N LEU E 50 18.86 24.16 -44.77
CA LEU E 50 18.46 23.94 -43.38
C LEU E 50 18.77 22.53 -42.87
N GLN E 51 18.12 21.51 -43.44
CA GLN E 51 18.21 20.08 -43.08
C GLN E 51 18.33 19.79 -41.57
N ILE E 52 17.29 20.17 -40.81
CA ILE E 52 17.25 19.76 -39.40
C ILE E 52 15.93 19.07 -39.09
N THR E 53 16.01 18.08 -38.18
CA THR E 53 14.87 17.47 -37.50
C THR E 53 15.24 17.21 -36.04
N THR E 54 14.48 16.35 -35.38
CA THR E 54 14.63 16.11 -33.95
C THR E 54 14.61 14.62 -33.64
N GLU E 55 15.61 14.18 -32.87
CA GLU E 55 15.70 12.82 -32.39
C GLU E 55 15.06 12.72 -31.00
N LEU E 56 14.43 11.58 -30.74
CA LEU E 56 13.71 11.36 -29.49
C LEU E 56 13.61 9.87 -29.25
N PRO E 57 13.53 9.44 -27.99
CA PRO E 57 13.26 8.04 -27.72
C PRO E 57 11.83 7.68 -28.06
N GLY E 58 11.67 6.48 -28.62
CA GLY E 58 10.38 6.00 -29.06
C GLY E 58 9.84 4.92 -28.15
N ARG E 59 8.65 4.43 -28.50
CA ARG E 59 7.96 3.44 -27.68
C ARG E 59 7.53 2.29 -28.60
N THR E 60 8.45 1.37 -28.85
CA THR E 60 8.15 0.34 -29.84
C THR E 60 7.21 -0.71 -29.28
N SER E 61 6.29 -1.13 -30.14
CA SER E 61 5.18 -2.00 -29.74
C SER E 61 4.82 -2.89 -30.91
N ALA E 62 4.81 -4.19 -30.66
CA ALA E 62 4.78 -5.21 -31.70
C ALA E 62 3.49 -5.13 -32.52
N TYR E 63 3.57 -5.69 -33.73
CA TYR E 63 2.48 -5.61 -34.69
C TYR E 63 1.27 -6.41 -34.23
N ARG E 64 1.44 -7.70 -34.00
CA ARG E 64 0.34 -8.49 -33.46
C ARG E 64 0.48 -8.68 -31.97
N ILE E 65 -0.67 -8.83 -31.32
CA ILE E 65 -0.80 -9.31 -29.96
C ILE E 65 -2.00 -10.25 -30.00
N ALA E 66 -1.79 -11.52 -29.65
CA ALA E 66 -2.94 -12.42 -29.67
C ALA E 66 -2.89 -13.35 -28.47
N GLU E 67 -4.05 -13.49 -27.83
CA GLU E 67 -4.18 -14.32 -26.65
C GLU E 67 -4.81 -15.64 -27.05
N VAL E 68 -4.12 -16.72 -26.75
CA VAL E 68 -4.63 -18.07 -27.00
C VAL E 68 -5.25 -18.56 -25.70
N ARG E 69 -6.45 -19.10 -25.80
CA ARG E 69 -7.27 -19.52 -24.66
C ARG E 69 -7.89 -20.87 -24.99
N PRO E 70 -8.29 -21.64 -23.97
CA PRO E 70 -9.02 -22.89 -24.25
C PRO E 70 -10.42 -22.60 -24.77
N GLN E 71 -10.78 -23.26 -25.87
CA GLN E 71 -12.06 -23.06 -26.54
C GLN E 71 -13.06 -24.16 -26.22
N VAL E 72 -12.60 -25.26 -25.61
CA VAL E 72 -13.44 -26.40 -25.33
C VAL E 72 -12.84 -27.10 -24.11
N SER E 73 -13.69 -27.80 -23.37
CA SER E 73 -13.21 -28.58 -22.25
C SER E 73 -12.62 -29.89 -22.72
N GLY E 74 -11.93 -30.57 -21.82
CA GLY E 74 -11.40 -31.88 -22.14
C GLY E 74 -9.92 -32.04 -21.87
N ILE E 75 -9.47 -33.29 -21.86
CA ILE E 75 -8.08 -33.59 -21.55
C ILE E 75 -7.22 -33.21 -22.75
N ILE E 76 -6.20 -32.39 -22.48
CA ILE E 76 -5.18 -32.07 -23.47
C ILE E 76 -4.43 -33.34 -23.83
N LEU E 77 -4.56 -33.77 -25.09
CA LEU E 77 -3.86 -34.97 -25.50
C LEU E 77 -2.38 -34.70 -25.70
N LYS E 78 -2.04 -33.89 -26.70
CA LYS E 78 -0.66 -33.69 -27.10
C LYS E 78 -0.46 -32.27 -27.60
N ARG E 79 0.75 -31.76 -27.40
CA ARG E 79 1.17 -30.49 -27.99
C ARG E 79 1.58 -30.75 -29.43
N ASN E 80 0.89 -30.09 -30.36
CA ASN E 80 1.13 -30.30 -31.77
C ASN E 80 1.94 -29.15 -32.37
N PHE E 81 2.88 -28.61 -31.59
CA PHE E 81 3.64 -27.41 -31.94
C PHE E 81 4.81 -27.31 -30.97
N LYS E 82 5.56 -26.22 -31.10
CA LYS E 82 6.80 -26.05 -30.34
C LYS E 82 6.83 -24.73 -29.57
N GLU E 83 7.79 -24.67 -28.64
CA GLU E 83 7.94 -23.50 -27.80
C GLU E 83 8.89 -22.50 -28.43
N GLY E 84 8.50 -21.22 -28.43
CA GLY E 84 9.31 -20.20 -29.05
C GLY E 84 9.34 -20.27 -30.55
N SER E 85 8.38 -20.93 -31.16
CA SER E 85 8.39 -21.23 -32.58
C SER E 85 7.55 -20.21 -33.35
N ASP E 86 7.82 -20.12 -34.64
CA ASP E 86 7.02 -19.32 -35.55
C ASP E 86 5.73 -20.06 -35.84
N ILE E 87 4.61 -19.48 -35.44
CA ILE E 87 3.31 -20.13 -35.55
C ILE E 87 2.45 -19.29 -36.48
N GLU E 88 2.20 -19.81 -37.67
CA GLU E 88 1.31 -19.15 -38.60
C GLU E 88 -0.14 -19.37 -38.19
N ALA E 89 -1.07 -18.80 -38.95
CA ALA E 89 -2.48 -18.93 -38.63
C ALA E 89 -2.97 -20.33 -38.94
N GLY E 90 -3.79 -20.87 -38.03
CA GLY E 90 -4.38 -22.18 -38.26
C GLY E 90 -3.55 -23.35 -37.82
N VAL E 91 -2.45 -23.11 -37.10
CA VAL E 91 -1.68 -24.21 -36.54
C VAL E 91 -2.48 -24.87 -35.43
N SER E 92 -2.74 -26.17 -35.60
CA SER E 92 -3.64 -26.89 -34.72
C SER E 92 -3.03 -27.05 -33.34
N LEU E 93 -3.47 -26.21 -32.41
CA LEU E 93 -3.10 -26.32 -31.01
C LEU E 93 -3.96 -27.43 -30.40
N TYR E 94 -3.75 -27.65 -29.09
CA TYR E 94 -3.83 -28.94 -28.40
C TYR E 94 -5.05 -29.78 -28.71
N GLN E 95 -4.86 -31.10 -28.69
CA GLN E 95 -5.87 -32.07 -29.08
C GLN E 95 -6.70 -32.47 -27.86
N ILE E 96 -8.02 -32.55 -28.07
CA ILE E 96 -8.95 -33.14 -27.13
C ILE E 96 -9.81 -34.15 -27.89
N ASP E 97 -10.10 -35.30 -27.27
CA ASP E 97 -10.79 -36.45 -27.88
C ASP E 97 -12.15 -36.06 -28.46
N PRO E 98 -12.36 -36.19 -29.77
CA PRO E 98 -13.64 -35.83 -30.40
C PRO E 98 -14.67 -36.95 -30.44
N ALA E 99 -14.45 -38.05 -29.71
CA ALA E 99 -15.23 -39.27 -29.92
C ALA E 99 -16.68 -39.10 -29.48
N THR E 100 -16.92 -38.31 -28.45
CA THR E 100 -18.30 -37.97 -28.08
C THR E 100 -18.93 -37.12 -29.18
N TYR E 101 -18.17 -36.17 -29.70
CA TYR E 101 -18.68 -35.31 -30.76
C TYR E 101 -18.79 -36.05 -32.08
N GLN E 102 -17.94 -37.06 -32.29
CA GLN E 102 -17.98 -37.78 -33.55
C GLN E 102 -19.08 -38.83 -33.54
N ALA E 103 -19.26 -39.49 -32.40
CA ALA E 103 -20.37 -40.44 -32.27
C ALA E 103 -21.71 -39.73 -32.25
N THR E 104 -21.75 -38.55 -31.61
CA THR E 104 -22.97 -37.75 -31.63
C THR E 104 -23.18 -37.16 -33.02
N TYR E 105 -22.10 -36.93 -33.75
CA TYR E 105 -22.17 -36.36 -35.08
C TYR E 105 -22.69 -37.36 -36.09
N ASP E 106 -22.03 -38.52 -36.19
CA ASP E 106 -22.43 -39.56 -37.14
C ASP E 106 -23.74 -40.19 -36.72
N SER E 107 -23.98 -40.31 -35.41
CA SER E 107 -25.28 -40.73 -34.92
C SER E 107 -26.35 -39.71 -35.27
N ALA E 108 -25.99 -38.43 -35.28
CA ALA E 108 -26.94 -37.38 -35.59
C ALA E 108 -27.32 -37.40 -37.07
N LYS E 109 -26.36 -37.69 -37.95
CA LYS E 109 -26.72 -37.77 -39.37
C LYS E 109 -27.35 -39.10 -39.71
N GLY E 110 -27.11 -40.14 -38.90
CA GLY E 110 -27.87 -41.36 -39.07
C GLY E 110 -29.32 -41.18 -38.64
N ASP E 111 -29.54 -40.43 -37.57
CA ASP E 111 -30.89 -40.07 -37.17
C ASP E 111 -31.53 -39.13 -38.18
N LEU E 112 -30.71 -38.32 -38.85
CA LEU E 112 -31.18 -37.53 -39.98
C LEU E 112 -31.62 -38.44 -41.12
N ALA E 113 -30.89 -39.54 -41.32
CA ALA E 113 -31.24 -40.49 -42.38
C ALA E 113 -32.53 -41.24 -42.05
N LYS E 114 -32.76 -41.55 -40.78
CA LYS E 114 -34.03 -42.17 -40.42
C LYS E 114 -35.17 -41.17 -40.43
N ALA E 115 -34.87 -39.91 -40.12
CA ALA E 115 -35.89 -38.88 -40.15
C ALA E 115 -36.34 -38.59 -41.57
N GLN E 116 -35.40 -38.52 -42.51
CA GLN E 116 -35.78 -38.39 -43.91
C GLN E 116 -36.24 -39.72 -44.50
N ALA E 117 -35.99 -40.82 -43.80
CA ALA E 117 -36.46 -42.11 -44.27
C ALA E 117 -37.94 -42.27 -44.01
N ALA E 118 -38.35 -42.19 -42.73
CA ALA E 118 -39.76 -42.25 -42.40
C ALA E 118 -40.50 -41.00 -42.88
N ALA E 119 -39.79 -39.87 -42.95
CA ALA E 119 -40.37 -38.67 -43.55
C ALA E 119 -40.55 -38.85 -45.05
N ASN E 120 -39.68 -39.62 -45.67
CA ASN E 120 -39.78 -39.83 -47.10
C ASN E 120 -40.90 -40.82 -47.41
N ILE E 121 -41.03 -41.88 -46.60
CA ILE E 121 -42.10 -42.85 -46.78
C ILE E 121 -43.46 -42.21 -46.50
N ALA E 122 -43.55 -41.47 -45.40
CA ALA E 122 -44.78 -40.77 -45.06
C ALA E 122 -45.10 -39.68 -46.08
N GLN E 123 -44.06 -39.06 -46.66
CA GLN E 123 -44.27 -38.11 -47.74
C GLN E 123 -44.79 -38.81 -48.99
N LEU E 124 -44.33 -40.04 -49.24
CA LEU E 124 -44.85 -40.78 -50.38
C LEU E 124 -46.28 -41.26 -50.13
N THR E 125 -46.67 -41.46 -48.87
CA THR E 125 -48.08 -41.76 -48.61
C THR E 125 -48.94 -40.51 -48.72
N VAL E 126 -48.35 -39.35 -48.41
CA VAL E 126 -48.99 -38.07 -48.75
C VAL E 126 -49.18 -37.98 -50.26
N ASN E 127 -48.19 -38.45 -51.03
CA ASN E 127 -48.31 -38.45 -52.48
C ASN E 127 -49.33 -39.47 -52.96
N ARG E 128 -49.50 -40.58 -52.23
CA ARG E 128 -50.61 -41.50 -52.49
C ARG E 128 -51.93 -40.79 -52.30
N TYR E 129 -52.03 -39.99 -51.25
CA TYR E 129 -53.25 -39.27 -50.96
C TYR E 129 -53.49 -38.15 -51.97
N GLN E 130 -52.42 -37.62 -52.55
CA GLN E 130 -52.51 -36.75 -53.72
C GLN E 130 -53.07 -37.52 -54.90
N LYS E 131 -52.70 -38.79 -55.04
CA LYS E 131 -53.27 -39.62 -56.10
C LYS E 131 -54.66 -40.11 -55.77
N LEU E 132 -55.13 -39.92 -54.54
CA LEU E 132 -56.40 -40.48 -54.09
C LEU E 132 -57.33 -39.42 -53.53
N LEU E 133 -57.04 -38.14 -53.77
CA LEU E 133 -57.94 -37.09 -53.30
C LEU E 133 -59.10 -36.83 -54.25
N GLY E 134 -59.29 -37.67 -55.28
CA GLY E 134 -60.38 -37.48 -56.21
C GLY E 134 -61.74 -37.78 -55.60
N THR E 135 -62.00 -39.05 -55.32
CA THR E 135 -63.28 -39.46 -54.77
C THR E 135 -63.19 -39.63 -53.26
N GLN E 136 -64.27 -40.15 -52.68
CA GLN E 136 -64.32 -40.38 -51.23
C GLN E 136 -63.74 -41.77 -50.95
N TYR E 137 -62.41 -41.83 -51.05
CA TYR E 137 -61.65 -43.01 -50.65
C TYR E 137 -60.77 -42.71 -49.45
N ILE E 138 -59.96 -41.66 -49.53
CA ILE E 138 -59.24 -41.14 -48.39
C ILE E 138 -60.11 -40.08 -47.71
N SER E 139 -59.74 -39.73 -46.49
CA SER E 139 -60.33 -38.59 -45.81
C SER E 139 -59.45 -37.36 -46.00
N LYS E 140 -60.11 -36.20 -46.03
CA LYS E 140 -59.38 -34.94 -46.00
C LYS E 140 -58.64 -34.76 -44.67
N GLN E 141 -59.24 -35.26 -43.58
CA GLN E 141 -58.61 -35.21 -42.27
C GLN E 141 -57.40 -36.14 -42.21
N GLU E 142 -57.46 -37.26 -42.91
CA GLU E 142 -56.30 -38.14 -43.01
C GLU E 142 -55.28 -37.58 -44.00
N TYR E 143 -55.75 -36.85 -45.02
CA TYR E 143 -54.87 -36.19 -45.97
C TYR E 143 -53.98 -35.17 -45.27
N ASP E 144 -54.60 -34.15 -44.67
CA ASP E 144 -53.83 -33.14 -43.95
C ASP E 144 -53.31 -33.65 -42.61
N GLN E 145 -53.84 -34.78 -42.12
CA GLN E 145 -53.23 -35.43 -40.97
C GLN E 145 -51.86 -35.98 -41.31
N ALA E 146 -51.76 -36.71 -42.42
CA ALA E 146 -50.46 -37.23 -42.84
C ALA E 146 -49.55 -36.11 -43.33
N LEU E 147 -50.14 -35.04 -43.87
CA LEU E 147 -49.34 -33.88 -44.26
C LEU E 147 -48.74 -33.18 -43.04
N ALA E 148 -49.51 -33.05 -41.97
CA ALA E 148 -48.99 -32.44 -40.74
C ALA E 148 -47.99 -33.36 -40.06
N ASP E 149 -48.20 -34.67 -40.16
CA ASP E 149 -47.20 -35.62 -39.69
C ASP E 149 -45.90 -35.50 -40.47
N ALA E 150 -46.00 -35.21 -41.78
CA ALA E 150 -44.83 -34.95 -42.58
C ALA E 150 -44.17 -33.63 -42.17
N GLN E 151 -44.96 -32.66 -41.71
CA GLN E 151 -44.38 -31.42 -41.20
C GLN E 151 -43.63 -31.67 -39.89
N GLN E 152 -44.18 -32.54 -39.02
CA GLN E 152 -43.49 -32.92 -37.79
C GLN E 152 -42.20 -33.66 -38.09
N ALA E 153 -42.24 -34.58 -39.06
CA ALA E 153 -41.06 -35.36 -39.39
C ALA E 153 -39.99 -34.49 -40.05
N ASN E 154 -40.42 -33.51 -40.85
CA ASN E 154 -39.45 -32.56 -41.41
C ASN E 154 -38.91 -31.62 -40.35
N ALA E 155 -39.67 -31.38 -39.29
CA ALA E 155 -39.14 -30.64 -38.15
C ALA E 155 -38.07 -31.45 -37.43
N ALA E 156 -38.27 -32.77 -37.36
CA ALA E 156 -37.21 -33.64 -36.84
C ALA E 156 -36.02 -33.68 -37.78
N VAL E 157 -36.26 -33.52 -39.10
CA VAL E 157 -35.17 -33.44 -40.07
C VAL E 157 -34.34 -32.20 -39.82
N THR E 158 -34.99 -31.05 -39.65
CA THR E 158 -34.27 -29.80 -39.43
C THR E 158 -33.58 -29.79 -38.07
N ALA E 159 -34.20 -30.42 -37.06
CA ALA E 159 -33.56 -30.54 -35.76
C ALA E 159 -32.34 -31.45 -35.83
N ALA E 160 -32.40 -32.49 -36.65
CA ALA E 160 -31.24 -33.33 -36.88
C ALA E 160 -30.15 -32.57 -37.63
N LYS E 161 -30.54 -31.66 -38.52
CA LYS E 161 -29.57 -30.79 -39.19
C LYS E 161 -28.92 -29.85 -38.19
N ALA E 162 -29.67 -29.43 -37.17
CA ALA E 162 -29.07 -28.64 -36.10
C ALA E 162 -28.13 -29.49 -35.25
N ALA E 163 -28.41 -30.79 -35.14
CA ALA E 163 -27.52 -31.66 -34.37
C ALA E 163 -26.22 -31.93 -35.12
N VAL E 164 -26.32 -32.17 -36.44
CA VAL E 164 -25.12 -32.36 -37.26
C VAL E 164 -24.33 -31.07 -37.35
N GLU E 165 -25.04 -29.95 -37.44
CA GLU E 165 -24.41 -28.64 -37.48
C GLU E 165 -23.66 -28.35 -36.19
N THR E 166 -24.32 -28.58 -35.05
CA THR E 166 -23.73 -28.27 -33.75
C THR E 166 -22.59 -29.22 -33.42
N ALA E 167 -22.74 -30.49 -33.75
CA ALA E 167 -21.66 -31.45 -33.55
C ALA E 167 -20.53 -31.21 -34.53
N ARG E 168 -20.80 -30.56 -35.66
CA ARG E 168 -19.74 -30.19 -36.57
C ARG E 168 -18.99 -28.96 -36.08
N ILE E 169 -19.70 -28.02 -35.48
CA ILE E 169 -19.06 -26.83 -34.91
C ILE E 169 -18.20 -27.22 -33.72
N ASN E 170 -18.76 -27.99 -32.79
CA ASN E 170 -18.00 -28.43 -31.63
C ASN E 170 -16.93 -29.43 -32.03
N LEU E 171 -17.20 -30.19 -33.09
CA LEU E 171 -16.20 -31.10 -33.64
C LEU E 171 -15.03 -30.33 -34.23
N ALA E 172 -15.30 -29.15 -34.80
CA ALA E 172 -14.21 -28.27 -35.20
C ALA E 172 -13.55 -27.64 -33.99
N TYR E 173 -14.29 -27.50 -32.89
CA TYR E 173 -13.70 -26.99 -31.66
C TYR E 173 -12.86 -28.03 -30.95
N THR E 174 -12.97 -29.31 -31.33
CA THR E 174 -12.14 -30.35 -30.73
C THR E 174 -10.66 -30.17 -31.02
N LYS E 175 -10.32 -29.61 -32.17
CA LYS E 175 -8.94 -29.36 -32.55
C LYS E 175 -8.72 -27.86 -32.57
N VAL E 176 -7.77 -27.40 -31.76
CA VAL E 176 -7.58 -25.95 -31.67
C VAL E 176 -6.75 -25.53 -32.88
N THR E 177 -6.92 -24.29 -33.32
CA THR E 177 -6.07 -23.72 -34.36
C THR E 177 -5.54 -22.38 -33.89
N SER E 178 -4.43 -21.97 -34.49
CA SER E 178 -3.91 -20.63 -34.25
C SER E 178 -4.79 -19.61 -34.96
N PRO E 179 -5.23 -18.54 -34.29
CA PRO E 179 -6.08 -17.56 -34.96
C PRO E 179 -5.33 -16.72 -35.97
N ILE E 180 -4.11 -16.28 -35.66
CA ILE E 180 -3.31 -15.46 -36.56
C ILE E 180 -1.88 -16.02 -36.57
N SER E 181 -0.99 -15.30 -37.23
CA SER E 181 0.36 -15.76 -37.50
C SER E 181 1.39 -15.06 -36.62
N GLY E 182 2.59 -15.64 -36.57
CA GLY E 182 3.76 -14.97 -36.03
C GLY E 182 4.45 -15.78 -34.94
N ARG E 183 5.28 -15.09 -34.16
CA ARG E 183 6.10 -15.74 -33.16
C ARG E 183 5.32 -15.93 -31.86
N ILE E 184 5.31 -17.16 -31.38
CA ILE E 184 4.75 -17.47 -30.08
C ILE E 184 5.90 -17.57 -29.07
N GLY E 185 5.58 -17.41 -27.79
CA GLY E 185 6.52 -17.71 -26.73
C GLY E 185 6.59 -19.19 -26.46
N LYS E 186 6.73 -19.55 -25.19
CA LYS E 186 6.83 -20.96 -24.87
C LYS E 186 5.50 -21.47 -24.31
N SER E 187 5.35 -22.79 -24.35
CA SER E 187 4.09 -23.44 -24.04
C SER E 187 3.81 -23.43 -22.54
N ASN E 188 2.53 -23.25 -22.19
CA ASN E 188 2.09 -23.30 -20.80
C ASN E 188 1.45 -24.64 -20.46
N VAL E 189 0.94 -25.36 -21.44
CA VAL E 189 0.16 -26.57 -21.23
C VAL E 189 0.97 -27.76 -21.76
N THR E 190 1.20 -28.73 -20.90
CA THR E 190 1.89 -29.95 -21.31
C THR E 190 0.89 -31.01 -21.73
N GLU E 191 1.39 -32.18 -22.10
CA GLU E 191 0.52 -33.24 -22.57
C GLU E 191 -0.10 -33.95 -21.37
N GLY E 192 -1.27 -34.53 -21.60
CA GLY E 192 -2.02 -35.16 -20.54
C GLY E 192 -2.76 -34.21 -19.63
N ALA E 193 -2.68 -32.91 -19.89
CA ALA E 193 -3.31 -31.92 -19.03
C ALA E 193 -4.82 -31.95 -19.20
N LEU E 194 -5.52 -31.38 -18.23
CA LEU E 194 -6.96 -31.24 -18.31
C LEU E 194 -7.34 -29.77 -18.27
N VAL E 195 -8.07 -29.32 -19.30
CA VAL E 195 -8.55 -27.95 -19.37
C VAL E 195 -10.06 -27.96 -19.40
N GLN E 196 -10.64 -26.77 -19.28
CA GLN E 196 -12.07 -26.58 -19.29
C GLN E 196 -12.41 -25.48 -20.27
N ASN E 197 -13.63 -25.50 -20.79
CA ASN E 197 -14.06 -24.44 -21.70
C ASN E 197 -14.42 -23.19 -20.93
N GLY E 198 -14.06 -22.04 -21.48
CA GLY E 198 -14.44 -20.76 -20.92
C GLY E 198 -13.79 -20.43 -19.59
N GLN E 199 -12.77 -21.16 -19.20
CA GLN E 199 -12.09 -20.88 -17.95
C GLN E 199 -11.20 -19.65 -18.13
N ALA E 200 -10.88 -19.02 -16.99
CA ALA E 200 -10.30 -17.69 -17.02
C ALA E 200 -8.84 -17.70 -17.47
N THR E 201 -8.20 -18.85 -17.39
CA THR E 201 -6.80 -18.96 -17.78
C THR E 201 -6.66 -18.88 -19.29
N ALA E 202 -5.53 -18.37 -19.75
CA ALA E 202 -5.23 -18.35 -21.17
C ALA E 202 -4.11 -19.31 -21.50
N LEU E 203 -3.98 -19.66 -22.77
CA LEU E 203 -2.93 -20.58 -23.17
C LEU E 203 -1.65 -19.84 -23.53
N ALA E 204 -1.72 -18.88 -24.44
CA ALA E 204 -0.49 -18.29 -24.97
C ALA E 204 -0.76 -16.89 -25.50
N THR E 205 0.20 -16.37 -26.28
CA THR E 205 0.15 -15.04 -26.89
C THR E 205 1.17 -15.02 -28.01
N VAL E 206 0.76 -14.59 -29.19
CA VAL E 206 1.70 -14.45 -30.30
C VAL E 206 1.83 -12.99 -30.67
N GLN E 207 2.89 -12.70 -31.43
CA GLN E 207 3.12 -11.37 -31.99
C GLN E 207 3.40 -11.46 -33.48
N GLN E 208 3.88 -10.36 -34.05
CA GLN E 208 4.40 -10.36 -35.41
C GLN E 208 5.47 -9.29 -35.49
N LEU E 209 6.60 -9.64 -36.09
CA LEU E 209 7.79 -8.81 -35.95
C LEU E 209 8.39 -8.34 -37.27
N ASP E 210 7.94 -8.83 -38.42
CA ASP E 210 8.49 -8.23 -39.62
C ASP E 210 7.80 -6.88 -39.84
N PRO E 211 6.50 -6.74 -39.64
CA PRO E 211 5.99 -5.43 -39.26
C PRO E 211 6.11 -5.29 -37.74
N ILE E 212 6.36 -4.05 -37.32
CA ILE E 212 6.42 -3.76 -35.89
C ILE E 212 6.05 -2.31 -35.67
N TYR E 213 5.05 -2.10 -34.83
CA TYR E 213 4.62 -0.77 -34.45
C TYR E 213 5.70 -0.08 -33.64
N VAL E 214 5.74 1.24 -33.72
CA VAL E 214 6.43 2.06 -32.75
C VAL E 214 5.45 3.14 -32.35
N ASP E 215 4.85 2.99 -31.19
CA ASP E 215 4.10 4.06 -30.57
C ASP E 215 5.06 5.16 -30.14
N VAL E 216 5.02 6.29 -30.82
CA VAL E 216 5.94 7.39 -30.54
C VAL E 216 5.44 8.11 -29.30
N THR E 217 6.27 8.14 -28.27
CA THR E 217 6.01 8.96 -27.09
C THR E 217 6.46 10.38 -27.37
N GLN E 218 5.57 11.35 -27.19
CA GLN E 218 5.86 12.74 -27.50
C GLN E 218 5.38 13.64 -26.37
N SER E 219 6.10 14.76 -26.18
CA SER E 219 5.60 15.82 -25.30
C SER E 219 4.38 16.50 -25.90
N SER E 220 3.80 17.42 -25.14
CA SER E 220 2.54 18.04 -25.51
C SER E 220 2.75 19.29 -26.35
N ASN E 221 3.65 20.16 -25.90
CA ASN E 221 3.85 21.46 -26.52
C ASN E 221 4.51 21.37 -27.89
N ASP E 222 5.44 20.45 -28.05
CA ASP E 222 6.16 20.34 -29.31
C ASP E 222 5.31 19.72 -30.40
N PHE E 223 4.27 18.95 -30.03
CA PHE E 223 3.20 18.62 -30.96
C PHE E 223 2.59 19.88 -31.56
N LEU E 224 2.38 20.89 -30.71
CA LEU E 224 2.04 22.23 -31.17
C LEU E 224 3.06 22.75 -32.16
N ARG E 225 4.34 22.53 -31.85
CA ARG E 225 5.39 22.87 -32.81
C ARG E 225 5.33 21.93 -34.00
N LEU E 226 4.91 20.69 -33.79
CA LEU E 226 4.55 19.85 -34.93
C LEU E 226 3.30 20.36 -35.61
N LYS E 227 2.39 20.98 -34.85
CA LYS E 227 1.34 21.75 -35.46
C LYS E 227 1.89 22.96 -36.17
N GLN E 228 3.02 23.50 -35.69
CA GLN E 228 3.77 24.46 -36.50
C GLN E 228 4.38 23.77 -37.71
N GLU E 229 4.73 22.49 -37.59
CA GLU E 229 4.99 21.74 -38.81
C GLU E 229 3.73 21.55 -39.63
N LEU E 230 2.55 21.49 -38.98
CA LEU E 230 1.32 21.57 -39.75
C LEU E 230 1.12 22.95 -40.35
N ALA E 231 1.68 23.98 -39.74
CA ALA E 231 1.78 25.29 -40.39
C ALA E 231 2.96 25.36 -41.35
N ASN E 232 3.78 24.31 -41.43
CA ASN E 232 4.88 24.27 -42.38
C ASN E 232 4.68 23.19 -43.43
N GLY E 233 4.60 21.91 -43.03
CA GLY E 233 4.37 20.81 -43.93
C GLY E 233 5.44 20.55 -44.97
N THR E 234 6.67 20.97 -44.71
CA THR E 234 7.66 20.94 -45.78
C THR E 234 8.65 19.78 -45.64
N LEU E 235 9.14 19.48 -44.45
CA LEU E 235 9.88 18.23 -44.33
C LEU E 235 8.94 17.04 -44.28
N LYS E 236 7.71 17.27 -43.84
CA LYS E 236 6.66 16.25 -43.85
C LYS E 236 6.26 15.94 -45.28
N GLN E 237 6.69 14.79 -45.77
CA GLN E 237 6.46 14.38 -47.14
C GLN E 237 5.56 13.15 -47.15
N GLU E 238 4.64 13.12 -48.13
CA GLU E 238 3.58 12.14 -48.40
C GLU E 238 2.44 12.27 -47.39
N ASN E 239 2.70 12.98 -46.28
CA ASN E 239 1.74 13.64 -45.40
C ASN E 239 0.85 12.71 -44.60
N GLY E 240 0.89 11.41 -44.87
CA GLY E 240 0.31 10.46 -43.95
C GLY E 240 1.41 9.65 -43.29
N LYS E 241 2.40 9.25 -44.09
CA LYS E 241 3.51 8.43 -43.67
C LYS E 241 4.75 8.78 -44.48
N ALA E 242 5.89 8.83 -43.80
CA ALA E 242 7.19 8.77 -44.44
C ALA E 242 8.21 8.31 -43.42
N LYS E 243 9.40 8.00 -43.94
CA LYS E 243 10.41 7.29 -43.18
C LYS E 243 11.00 8.16 -42.09
N VAL E 244 11.63 7.49 -41.13
CA VAL E 244 12.23 8.07 -39.93
C VAL E 244 13.37 7.16 -39.53
N SER E 245 14.55 7.73 -39.37
CA SER E 245 15.72 6.94 -39.07
C SER E 245 15.68 6.44 -37.64
N LEU E 246 15.89 5.14 -37.49
CA LEU E 246 16.00 4.51 -36.19
C LEU E 246 17.39 4.71 -35.60
N ILE E 247 17.44 4.80 -34.29
CA ILE E 247 18.70 4.80 -33.53
C ILE E 247 18.47 3.80 -32.41
N THR E 248 18.92 2.56 -32.61
CA THR E 248 18.63 1.56 -31.61
C THR E 248 19.79 1.39 -30.64
N SER E 249 19.60 0.48 -29.69
CA SER E 249 20.35 0.42 -28.44
C SER E 249 21.83 0.10 -28.63
N ASP E 250 22.21 -0.55 -29.72
CA ASP E 250 23.61 -0.87 -29.95
C ASP E 250 24.43 0.32 -30.44
N GLY E 251 23.82 1.49 -30.63
CA GLY E 251 24.44 2.61 -31.27
C GLY E 251 24.32 2.58 -32.78
N ILE E 252 24.36 1.39 -33.37
CA ILE E 252 24.07 1.21 -34.79
C ILE E 252 22.61 1.58 -35.05
N LYS E 253 22.32 2.06 -36.25
CA LYS E 253 20.94 2.20 -36.63
C LYS E 253 20.41 0.84 -37.09
N PHE E 254 19.11 0.78 -37.29
CA PHE E 254 18.56 -0.39 -37.95
C PHE E 254 18.84 -0.28 -39.44
N PRO E 255 19.21 -1.39 -40.11
CA PRO E 255 19.71 -1.32 -41.50
C PRO E 255 18.79 -0.64 -42.51
N GLN E 256 17.50 -0.65 -42.27
CA GLN E 256 16.62 0.29 -42.92
C GLN E 256 15.94 1.14 -41.86
N ASP E 257 15.67 2.39 -42.22
CA ASP E 257 14.85 3.24 -41.38
C ASP E 257 13.42 2.75 -41.35
N GLY E 258 12.66 3.22 -40.35
CA GLY E 258 11.29 2.84 -40.20
C GLY E 258 10.35 3.73 -40.98
N THR E 259 9.14 3.23 -41.21
CA THR E 259 8.14 3.97 -41.95
C THR E 259 7.16 4.61 -40.95
N LEU E 260 7.26 5.92 -40.80
CA LEU E 260 6.59 6.68 -39.77
C LEU E 260 5.18 7.09 -40.19
N GLU E 261 4.20 6.81 -39.34
CA GLU E 261 2.90 7.44 -39.46
C GLU E 261 2.94 8.84 -38.85
N PHE E 262 2.27 9.76 -39.53
CA PHE E 262 2.29 11.16 -39.12
C PHE E 262 1.11 11.57 -38.26
N SER E 263 -0.11 11.32 -38.71
CA SER E 263 -1.26 12.08 -38.25
C SER E 263 -2.13 11.35 -37.25
N ASP E 264 -1.59 10.44 -36.44
CA ASP E 264 -2.38 9.93 -35.33
C ASP E 264 -2.62 11.01 -34.29
N VAL E 265 -3.68 10.84 -33.52
CA VAL E 265 -4.16 11.88 -32.62
C VAL E 265 -4.32 11.32 -31.21
N THR E 266 -3.54 10.30 -30.87
CA THR E 266 -3.74 9.64 -29.59
C THR E 266 -3.07 10.40 -28.45
N VAL E 267 -3.88 10.97 -27.57
CA VAL E 267 -3.41 11.91 -26.56
C VAL E 267 -3.56 11.26 -25.20
N ASP E 268 -2.55 11.40 -24.35
CA ASP E 268 -2.66 10.99 -22.96
C ASP E 268 -3.68 11.86 -22.23
N GLN E 269 -4.36 11.28 -21.25
CA GLN E 269 -5.34 12.01 -20.47
C GLN E 269 -4.85 12.33 -19.06
N THR E 270 -3.57 12.12 -18.78
CA THR E 270 -2.97 12.57 -17.53
C THR E 270 -1.82 13.54 -17.75
N THR E 271 -0.87 13.16 -18.61
CA THR E 271 0.34 13.93 -18.80
C THR E 271 0.43 14.60 -20.15
N GLY E 272 -0.39 14.20 -21.12
CA GLY E 272 -0.22 14.68 -22.47
C GLY E 272 0.93 14.04 -23.21
N CYS E 273 1.42 12.90 -22.72
CA CYS E 273 2.40 12.14 -23.47
C CYS E 273 1.71 11.46 -24.66
N ILE E 274 1.96 11.98 -25.84
CA ILE E 274 1.24 11.59 -27.04
C ILE E 274 1.72 10.21 -27.48
N THR E 275 0.82 9.44 -28.06
CA THR E 275 1.13 8.14 -28.65
C THR E 275 0.93 8.22 -30.16
N LEU E 276 1.99 7.93 -30.91
CA LEU E 276 1.92 7.93 -32.37
C LEU E 276 2.45 6.59 -32.85
N ARG E 277 1.55 5.67 -33.20
CA ARG E 277 1.93 4.35 -33.67
C ARG E 277 2.65 4.45 -35.02
N ALA E 278 3.65 3.59 -35.20
CA ALA E 278 4.41 3.63 -36.45
C ALA E 278 4.91 2.22 -36.77
N ILE E 279 4.25 1.59 -37.73
CA ILE E 279 4.60 0.24 -38.18
C ILE E 279 5.92 0.26 -38.92
N PHE E 280 6.89 -0.51 -38.44
CA PHE E 280 8.24 -0.47 -39.00
C PHE E 280 8.64 -1.82 -39.57
N PRO E 281 9.57 -1.85 -40.52
CA PRO E 281 10.07 -3.15 -41.02
C PRO E 281 11.20 -3.72 -40.17
N ASN E 282 11.18 -5.05 -40.03
CA ASN E 282 12.16 -5.82 -39.27
C ASN E 282 12.14 -7.29 -39.71
N PRO E 283 12.78 -7.63 -40.83
CA PRO E 283 12.76 -9.04 -41.28
C PRO E 283 13.54 -9.98 -40.38
N ASP E 284 14.41 -9.47 -39.52
CA ASP E 284 15.20 -10.31 -38.66
C ASP E 284 14.48 -10.67 -37.38
N HIS E 285 13.37 -9.98 -37.08
CA HIS E 285 12.52 -10.19 -35.90
C HIS E 285 13.29 -10.03 -34.60
N THR E 286 14.32 -9.20 -34.59
CA THR E 286 15.15 -9.06 -33.40
C THR E 286 14.66 -7.95 -32.47
N LEU E 287 14.03 -6.93 -33.02
CA LEU E 287 13.54 -5.82 -32.21
C LEU E 287 12.32 -6.27 -31.43
N LEU E 288 12.23 -5.87 -30.25
CA LEU E 288 11.16 -6.34 -29.41
C LEU E 288 10.27 -5.17 -28.99
N PRO E 289 9.00 -5.42 -28.61
CA PRO E 289 8.18 -4.32 -28.11
C PRO E 289 8.64 -3.81 -26.75
N GLY E 290 9.22 -2.62 -26.76
CA GLY E 290 9.76 -2.00 -25.57
C GLY E 290 11.27 -2.13 -25.47
N MET E 291 12.01 -1.12 -25.91
CA MET E 291 13.46 -1.25 -25.97
C MET E 291 14.24 -0.29 -25.09
N PHE E 292 14.05 1.05 -25.13
CA PHE E 292 13.21 1.92 -25.98
C PHE E 292 14.11 2.80 -26.84
N VAL E 293 14.08 2.58 -28.15
CA VAL E 293 15.07 3.18 -29.03
C VAL E 293 14.71 4.61 -29.35
N ARG E 294 15.65 5.33 -29.96
CA ARG E 294 15.40 6.67 -30.46
C ARG E 294 15.14 6.63 -31.97
N ALA E 295 14.79 7.80 -32.50
CA ALA E 295 14.39 7.95 -33.90
C ALA E 295 14.36 9.43 -34.22
N ARG E 296 14.49 9.75 -35.52
CA ARG E 296 14.37 11.13 -35.94
C ARG E 296 13.89 11.22 -37.38
N LEU E 297 13.22 12.33 -37.68
CA LEU E 297 12.60 12.53 -38.97
C LEU E 297 13.65 12.86 -40.02
N GLU E 298 13.21 12.96 -41.27
CA GLU E 298 14.14 13.15 -42.37
C GLU E 298 14.42 14.64 -42.59
N GLU E 299 15.70 14.99 -42.58
CA GLU E 299 16.14 16.36 -42.64
C GLU E 299 16.15 16.86 -44.09
N GLY E 300 15.51 18.01 -44.33
CA GLY E 300 14.76 18.76 -43.33
C GLY E 300 13.77 19.67 -44.02
N LEU E 301 13.32 20.69 -43.31
CA LEU E 301 12.32 21.63 -43.81
C LEU E 301 13.03 22.75 -44.59
N ASN E 302 12.32 23.86 -44.79
CA ASN E 302 12.67 24.91 -45.75
C ASN E 302 14.09 25.46 -45.60
N PRO E 303 14.91 25.43 -46.66
CA PRO E 303 16.35 25.66 -46.51
C PRO E 303 16.72 27.08 -46.14
N ASN E 304 15.94 28.07 -46.56
CA ASN E 304 16.13 29.44 -46.09
C ASN E 304 15.94 29.53 -44.59
N ALA E 305 17.04 29.78 -43.87
CA ALA E 305 17.01 29.80 -42.41
C ALA E 305 18.21 30.60 -41.90
N ILE E 306 17.95 31.75 -41.30
CA ILE E 306 19.01 32.66 -40.88
C ILE E 306 19.73 32.08 -39.68
N LEU E 307 20.89 31.49 -39.94
CA LEU E 307 21.71 30.80 -38.95
C LEU E 307 23.00 31.58 -38.77
N VAL E 308 23.00 32.47 -37.79
CA VAL E 308 24.21 33.20 -37.44
C VAL E 308 24.85 32.47 -36.26
N PRO E 309 26.17 32.31 -36.24
CA PRO E 309 26.84 31.79 -35.05
C PRO E 309 26.62 32.63 -33.82
N GLN E 310 26.97 32.03 -32.68
CA GLN E 310 26.56 32.51 -31.37
C GLN E 310 27.22 33.82 -30.97
N GLN E 311 28.20 34.28 -31.74
CA GLN E 311 29.09 35.33 -31.26
C GLN E 311 28.42 36.69 -31.24
N GLY E 312 27.82 37.11 -32.34
CA GLY E 312 27.09 38.36 -32.33
C GLY E 312 25.75 38.30 -31.65
N VAL E 313 25.33 37.11 -31.23
CA VAL E 313 24.02 36.91 -30.63
C VAL E 313 23.99 37.55 -29.25
N THR E 314 23.15 38.57 -29.10
CA THR E 314 23.06 39.31 -27.85
C THR E 314 21.61 39.33 -27.37
N ARG E 315 21.38 38.86 -26.15
CA ARG E 315 20.09 39.02 -25.49
C ARG E 315 20.01 40.45 -24.98
N THR E 316 19.50 41.32 -25.81
CA THR E 316 19.61 42.73 -25.54
C THR E 316 18.34 43.44 -25.97
N PRO E 317 17.77 44.31 -25.13
CA PRO E 317 17.99 44.39 -23.69
C PRO E 317 17.23 43.32 -22.95
N ARG E 318 16.88 43.67 -21.73
CA ARG E 318 16.05 42.88 -20.82
C ARG E 318 14.81 42.31 -21.47
N GLY E 319 14.72 40.98 -21.50
CA GLY E 319 13.62 40.32 -22.15
C GLY E 319 13.65 40.40 -23.65
N ASP E 320 14.76 40.81 -24.23
CA ASP E 320 14.84 41.18 -25.63
C ASP E 320 16.12 40.59 -26.21
N ALA E 321 16.27 40.70 -27.53
CA ALA E 321 17.44 40.14 -28.22
C ALA E 321 17.63 40.88 -29.54
N THR E 322 18.72 41.65 -29.63
CA THR E 322 19.11 42.31 -30.88
C THR E 322 20.45 41.76 -31.34
N VAL E 323 20.77 41.97 -32.61
CA VAL E 323 22.14 41.81 -33.07
C VAL E 323 22.55 43.09 -33.81
N LEU E 324 23.75 43.59 -33.50
CA LEU E 324 24.29 44.79 -34.14
C LEU E 324 24.99 44.49 -35.46
N VAL E 325 24.48 45.04 -36.55
CA VAL E 325 25.08 44.99 -37.88
C VAL E 325 25.84 46.29 -38.06
N VAL E 326 26.78 46.34 -39.01
CA VAL E 326 27.35 47.61 -39.41
C VAL E 326 26.31 48.36 -40.26
N GLY E 327 26.42 49.68 -40.31
CA GLY E 327 25.67 50.45 -41.28
C GLY E 327 26.33 50.38 -42.65
N ALA E 328 25.59 50.88 -43.64
CA ALA E 328 26.11 50.93 -44.99
C ALA E 328 27.19 51.99 -45.16
N ASP E 329 27.15 53.03 -44.33
CA ASP E 329 28.20 54.02 -44.29
C ASP E 329 29.20 53.75 -43.18
N ASP E 330 29.36 52.48 -42.82
CA ASP E 330 30.37 51.91 -41.95
C ASP E 330 30.18 52.27 -40.48
N LYS E 331 29.27 53.18 -40.17
CA LYS E 331 28.93 53.47 -38.78
C LYS E 331 27.77 52.58 -38.40
N VAL E 332 27.95 51.83 -37.30
CA VAL E 332 27.23 50.58 -37.18
C VAL E 332 25.77 50.80 -36.83
N GLU E 333 24.98 49.73 -37.01
CA GLU E 333 23.53 49.86 -37.14
C GLU E 333 22.92 48.59 -36.56
N THR E 334 22.52 48.65 -35.29
CA THR E 334 21.92 47.49 -34.66
C THR E 334 20.50 47.30 -35.16
N ARG E 335 20.09 46.04 -35.25
CA ARG E 335 18.74 45.70 -35.65
C ARG E 335 18.21 44.65 -34.68
N PRO E 336 17.09 44.91 -34.01
CA PRO E 336 16.45 43.86 -33.22
C PRO E 336 15.92 42.76 -34.11
N ILE E 337 16.17 41.52 -33.72
CA ILE E 337 15.75 40.38 -34.50
C ILE E 337 15.19 39.30 -33.58
N VAL E 338 14.18 38.61 -34.09
CA VAL E 338 13.60 37.46 -33.42
C VAL E 338 14.62 36.34 -33.57
N ALA E 339 15.44 36.16 -32.55
CA ALA E 339 16.31 35.00 -32.50
C ALA E 339 15.50 33.80 -32.06
N SER E 340 15.44 32.81 -32.91
CA SER E 340 14.75 31.56 -32.62
C SER E 340 15.71 30.64 -31.88
N GLN E 341 15.39 29.34 -31.86
CA GLN E 341 16.24 28.34 -31.25
C GLN E 341 17.65 28.34 -31.81
N ALA E 342 18.63 28.21 -30.92
CA ALA E 342 20.01 27.95 -31.31
C ALA E 342 20.10 26.62 -32.04
N ILE E 343 20.88 26.61 -33.12
CA ILE E 343 21.00 25.43 -33.95
C ILE E 343 22.49 25.19 -34.18
N GLY E 344 23.01 24.12 -33.58
CA GLY E 344 24.42 23.80 -33.74
C GLY E 344 25.26 24.82 -33.01
N ASP E 345 26.29 25.33 -33.68
CA ASP E 345 27.04 26.46 -33.20
C ASP E 345 26.40 27.78 -33.58
N LYS E 346 25.15 27.76 -33.99
CA LYS E 346 24.53 28.92 -34.59
C LYS E 346 23.19 29.16 -33.90
N TRP E 347 22.41 30.02 -34.53
CA TRP E 347 21.17 30.54 -33.98
C TRP E 347 20.20 30.83 -35.10
N LEU E 348 19.00 30.27 -35.02
CA LEU E 348 17.99 30.61 -36.00
C LEU E 348 17.43 31.99 -35.73
N VAL E 349 17.27 32.77 -36.80
CA VAL E 349 16.60 34.06 -36.74
C VAL E 349 15.47 34.02 -37.77
N THR E 350 14.29 34.47 -37.37
CA THR E 350 13.24 34.64 -38.36
C THR E 350 13.21 36.05 -38.90
N GLU E 351 13.53 37.03 -38.07
CA GLU E 351 13.22 38.42 -38.39
C GLU E 351 14.23 39.05 -39.33
N GLY E 352 13.73 39.54 -40.46
CA GLY E 352 14.35 40.60 -41.23
C GLY E 352 15.56 40.31 -42.07
N LEU E 353 16.55 39.63 -41.50
CA LEU E 353 17.87 39.60 -42.10
C LEU E 353 17.92 38.66 -43.29
N LYS E 354 18.88 38.92 -44.16
CA LYS E 354 19.06 38.18 -45.39
C LYS E 354 20.51 37.73 -45.50
N ALA E 355 20.78 36.90 -46.50
CA ALA E 355 22.16 36.60 -46.84
C ALA E 355 22.82 37.84 -47.40
N GLY E 356 24.11 37.98 -47.14
CA GLY E 356 24.83 39.15 -47.60
C GLY E 356 24.75 40.35 -46.70
N ASP E 357 24.01 40.27 -45.59
CA ASP E 357 23.95 41.38 -44.67
C ASP E 357 25.25 41.49 -43.90
N ARG E 358 25.81 42.70 -43.89
CA ARG E 358 27.17 42.93 -43.38
C ARG E 358 27.21 42.88 -41.86
N VAL E 359 27.03 41.67 -41.33
CA VAL E 359 27.16 41.39 -39.91
C VAL E 359 28.67 41.27 -39.67
N VAL E 360 29.08 41.15 -38.43
CA VAL E 360 30.40 41.56 -37.97
C VAL E 360 31.05 40.25 -37.53
N ILE E 361 32.25 40.32 -36.94
CA ILE E 361 32.52 39.58 -35.71
C ILE E 361 33.18 40.45 -34.65
N SER E 362 34.34 41.02 -34.96
CA SER E 362 35.37 41.28 -33.96
C SER E 362 35.81 42.73 -34.02
N GLY E 363 35.58 43.46 -32.93
CA GLY E 363 35.87 44.88 -32.90
C GLY E 363 34.70 45.62 -32.30
N LEU E 364 33.78 44.86 -31.72
CA LEU E 364 32.51 45.40 -31.24
C LEU E 364 32.64 46.18 -29.95
N GLN E 365 33.85 46.30 -29.41
CA GLN E 365 34.01 46.81 -28.06
C GLN E 365 34.68 48.17 -28.08
N LYS E 366 35.60 48.36 -29.03
CA LYS E 366 36.05 49.70 -29.35
C LYS E 366 35.00 50.49 -30.12
N VAL E 367 33.97 49.83 -30.65
CA VAL E 367 33.01 50.45 -31.54
C VAL E 367 31.64 50.37 -30.89
N ARG E 368 30.95 51.46 -30.88
CA ARG E 368 29.64 52.00 -30.58
C ARG E 368 28.99 52.51 -31.87
N PRO E 369 27.68 52.77 -31.91
CA PRO E 369 27.09 53.32 -33.14
C PRO E 369 27.60 54.71 -33.46
N GLY E 370 28.26 54.81 -34.61
CA GLY E 370 28.75 56.08 -35.09
C GLY E 370 30.21 56.10 -35.52
N VAL E 371 30.83 54.92 -35.62
CA VAL E 371 32.24 54.82 -35.95
C VAL E 371 32.39 54.03 -37.23
N GLN E 372 33.13 54.58 -38.20
CA GLN E 372 33.35 53.86 -39.44
C GLN E 372 34.30 52.69 -39.27
N VAL E 373 34.22 51.77 -40.22
CA VAL E 373 34.59 50.38 -40.08
C VAL E 373 35.16 49.89 -41.40
N LYS E 374 36.26 49.15 -41.34
CA LYS E 374 36.88 48.60 -42.53
C LYS E 374 36.85 47.08 -42.41
N ALA E 375 36.18 46.43 -43.36
CA ALA E 375 35.71 45.05 -43.20
C ALA E 375 36.83 44.03 -43.27
N GLN E 376 36.68 42.94 -42.51
CA GLN E 376 37.67 41.87 -42.44
C GLN E 376 36.95 40.54 -42.25
N GLU E 377 37.48 39.50 -42.87
CA GLU E 377 37.10 38.13 -42.53
C GLU E 377 38.30 37.23 -42.36
N PRO F 38 75.90 -2.23 -10.71
CA PRO F 38 74.82 -2.86 -9.94
C PRO F 38 74.05 -3.90 -10.74
N ALA F 39 73.47 -4.88 -10.02
CA ALA F 39 72.77 -5.98 -10.64
C ALA F 39 71.35 -6.09 -10.11
N VAL F 40 70.41 -6.36 -11.03
CA VAL F 40 69.00 -6.54 -10.73
C VAL F 40 68.54 -7.84 -11.37
N GLY F 41 67.59 -8.52 -10.73
CA GLY F 41 67.06 -9.77 -11.25
C GLY F 41 66.13 -9.59 -12.44
N VAL F 42 66.73 -9.32 -13.60
CA VAL F 42 66.00 -9.05 -14.82
C VAL F 42 65.70 -10.40 -15.48
N VAL F 43 64.47 -10.89 -15.31
CA VAL F 43 64.14 -12.30 -15.52
C VAL F 43 63.40 -12.49 -16.83
N THR F 44 63.78 -13.52 -17.57
CA THR F 44 63.08 -13.90 -18.80
C THR F 44 61.66 -14.38 -18.47
N VAL F 45 60.69 -13.88 -19.23
CA VAL F 45 59.28 -14.19 -19.04
C VAL F 45 58.77 -14.87 -20.30
N LYS F 46 57.96 -15.92 -20.13
CA LYS F 46 57.69 -16.94 -21.12
C LYS F 46 56.20 -17.13 -21.41
N THR F 47 55.87 -18.25 -22.07
CA THR F 47 54.58 -18.46 -22.72
C THR F 47 53.79 -19.55 -21.99
N GLU F 48 52.54 -19.23 -21.63
CA GLU F 48 51.69 -20.11 -20.85
C GLU F 48 50.23 -19.93 -21.24
N PRO F 49 49.38 -20.95 -21.05
CA PRO F 49 47.93 -20.79 -21.29
C PRO F 49 47.24 -19.97 -20.20
N LEU F 50 45.91 -19.86 -20.30
CA LEU F 50 45.22 -18.79 -19.58
C LEU F 50 44.54 -19.23 -18.29
N GLN F 51 44.25 -20.53 -18.10
CA GLN F 51 44.11 -21.07 -16.73
C GLN F 51 42.95 -20.55 -15.88
N ILE F 52 41.85 -21.30 -15.82
CA ILE F 52 40.42 -20.95 -15.82
C ILE F 52 39.87 -19.54 -15.55
N THR F 53 38.88 -19.20 -16.39
CA THR F 53 38.13 -17.96 -16.46
C THR F 53 37.02 -17.79 -15.41
N THR F 54 36.09 -16.88 -15.73
CA THR F 54 35.25 -16.16 -14.77
C THR F 54 34.28 -17.07 -14.01
N GLU F 55 34.15 -16.80 -12.71
CA GLU F 55 33.06 -17.30 -11.89
C GLU F 55 31.96 -16.26 -11.76
N LEU F 56 30.72 -16.72 -11.87
CA LEU F 56 29.57 -15.84 -11.76
C LEU F 56 28.47 -16.61 -11.04
N PRO F 57 27.52 -15.90 -10.43
CA PRO F 57 26.36 -16.57 -9.84
C PRO F 57 25.22 -16.77 -10.82
N GLY F 58 24.52 -17.87 -10.60
CA GLY F 58 23.28 -18.17 -11.27
C GLY F 58 22.43 -18.98 -10.32
N ARG F 59 21.18 -18.59 -10.14
CA ARG F 59 20.35 -19.22 -9.13
C ARG F 59 19.85 -20.57 -9.64
N THR F 60 19.99 -21.60 -8.81
CA THR F 60 19.49 -22.90 -9.23
C THR F 60 17.98 -22.93 -9.20
N SER F 61 17.43 -23.75 -10.08
CA SER F 61 16.01 -24.01 -10.15
C SER F 61 15.80 -25.48 -9.84
N ALA F 62 14.57 -25.94 -10.04
CA ALA F 62 14.34 -27.37 -10.02
C ALA F 62 14.44 -27.91 -11.43
N TYR F 63 14.79 -29.20 -11.53
CA TYR F 63 14.81 -29.83 -12.83
C TYR F 63 13.41 -30.02 -13.39
N ARG F 64 12.45 -30.34 -12.54
CA ARG F 64 11.07 -30.42 -12.99
C ARG F 64 10.15 -30.26 -11.80
N ILE F 65 9.18 -29.36 -11.94
CA ILE F 65 8.13 -29.19 -10.96
C ILE F 65 6.84 -29.68 -11.57
N ALA F 66 5.84 -29.88 -10.70
CA ALA F 66 4.47 -30.06 -11.14
C ALA F 66 3.55 -29.58 -10.04
N GLU F 67 2.61 -28.74 -10.41
CA GLU F 67 1.74 -28.10 -9.43
C GLU F 67 0.48 -28.94 -9.28
N VAL F 68 0.40 -29.69 -8.19
CA VAL F 68 -0.74 -30.56 -7.93
C VAL F 68 -1.95 -29.69 -7.64
N ARG F 69 -3.01 -29.88 -8.41
CA ARG F 69 -4.21 -29.06 -8.37
C ARG F 69 -5.42 -29.96 -8.18
N PRO F 70 -6.45 -29.47 -7.49
CA PRO F 70 -7.64 -30.30 -7.27
C PRO F 70 -8.48 -30.45 -8.52
N GLN F 71 -9.13 -31.60 -8.61
CA GLN F 71 -9.91 -31.95 -9.79
C GLN F 71 -11.34 -32.30 -9.48
N VAL F 72 -11.75 -32.19 -8.22
CA VAL F 72 -13.13 -32.32 -7.79
C VAL F 72 -13.38 -31.28 -6.72
N SER F 73 -14.44 -30.48 -6.90
CA SER F 73 -14.90 -29.61 -5.84
C SER F 73 -15.50 -30.42 -4.70
N GLY F 74 -15.05 -30.15 -3.49
CA GLY F 74 -15.59 -30.84 -2.34
C GLY F 74 -14.73 -30.62 -1.11
N ILE F 75 -14.97 -31.47 -0.12
CA ILE F 75 -14.33 -31.36 1.20
C ILE F 75 -13.21 -32.38 1.27
N ILE F 76 -12.02 -31.90 1.65
CA ILE F 76 -10.83 -32.75 1.71
C ILE F 76 -10.94 -33.74 2.85
N LEU F 77 -10.93 -35.02 2.49
CA LEU F 77 -10.69 -36.07 3.45
C LEU F 77 -9.24 -36.54 3.27
N LYS F 78 -8.83 -37.48 4.13
CA LYS F 78 -7.48 -37.68 4.67
C LYS F 78 -6.33 -37.50 3.68
N ARG F 79 -5.34 -36.71 4.10
CA ARG F 79 -4.04 -36.64 3.43
C ARG F 79 -3.34 -37.98 3.44
N ASN F 80 -2.73 -38.34 2.31
CA ASN F 80 -2.15 -39.66 2.13
C ASN F 80 -0.63 -39.59 1.94
N PHE F 81 0.01 -38.61 2.56
CA PHE F 81 1.45 -38.40 2.37
C PHE F 81 2.00 -37.55 3.52
N LYS F 82 3.26 -37.13 3.34
CA LYS F 82 3.89 -36.07 4.11
C LYS F 82 4.61 -35.12 3.18
N GLU F 83 4.84 -33.90 3.67
CA GLU F 83 5.50 -32.88 2.88
C GLU F 83 6.99 -33.17 2.75
N GLY F 84 7.56 -32.69 1.65
CA GLY F 84 8.99 -32.87 1.39
C GLY F 84 9.41 -34.30 1.17
N SER F 85 8.48 -35.17 0.81
CA SER F 85 8.72 -36.60 0.75
C SER F 85 8.78 -37.07 -0.70
N ASP F 86 9.35 -38.26 -0.86
CA ASP F 86 9.57 -38.82 -2.20
C ASP F 86 8.27 -39.39 -2.74
N ILE F 87 7.72 -38.74 -3.75
CA ILE F 87 6.41 -39.08 -4.28
C ILE F 87 6.59 -39.59 -5.70
N GLU F 88 5.85 -40.63 -6.06
CA GLU F 88 5.86 -41.15 -7.41
C GLU F 88 4.54 -40.83 -8.10
N ALA F 89 4.51 -41.04 -9.41
CA ALA F 89 3.34 -40.68 -10.21
C ALA F 89 2.17 -41.60 -9.90
N GLY F 90 1.04 -41.00 -9.55
CA GLY F 90 -0.16 -41.77 -9.23
C GLY F 90 -0.28 -42.19 -7.79
N VAL F 91 0.71 -41.90 -6.95
CA VAL F 91 0.60 -42.16 -5.52
C VAL F 91 -0.44 -41.23 -4.94
N SER F 92 -1.37 -41.79 -4.15
CA SER F 92 -2.52 -41.04 -3.69
C SER F 92 -2.12 -39.95 -2.71
N LEU F 93 -2.80 -38.81 -2.79
CA LEU F 93 -2.41 -37.64 -2.02
C LEU F 93 -3.47 -37.24 -1.01
N TYR F 94 -4.66 -36.92 -1.46
CA TYR F 94 -5.79 -36.63 -0.60
C TYR F 94 -6.90 -37.61 -0.94
N GLN F 95 -7.99 -37.54 -0.17
CA GLN F 95 -9.15 -38.36 -0.52
C GLN F 95 -10.40 -37.58 -0.14
N ILE F 96 -11.09 -37.05 -1.14
CA ILE F 96 -12.37 -36.40 -0.92
C ILE F 96 -13.40 -37.46 -0.51
N ASP F 97 -14.32 -37.06 0.38
CA ASP F 97 -15.42 -37.90 0.85
C ASP F 97 -16.26 -38.40 -0.32
N PRO F 98 -16.27 -39.70 -0.60
CA PRO F 98 -16.91 -40.20 -1.83
C PRO F 98 -18.41 -40.40 -1.73
N ALA F 99 -19.01 -40.10 -0.57
CA ALA F 99 -20.38 -40.53 -0.29
C ALA F 99 -21.40 -39.84 -1.19
N THR F 100 -21.25 -38.54 -1.41
CA THR F 100 -22.10 -37.83 -2.37
C THR F 100 -21.89 -38.37 -3.77
N TYR F 101 -20.63 -38.64 -4.11
CA TYR F 101 -20.29 -39.26 -5.39
C TYR F 101 -20.61 -40.74 -5.41
N GLN F 102 -20.78 -41.36 -4.25
CA GLN F 102 -21.28 -42.73 -4.22
C GLN F 102 -22.76 -42.75 -4.56
N ALA F 103 -23.53 -41.80 -4.02
CA ALA F 103 -24.93 -41.66 -4.39
C ALA F 103 -25.08 -41.23 -5.85
N THR F 104 -24.12 -40.45 -6.34
CA THR F 104 -24.10 -40.07 -7.75
C THR F 104 -23.86 -41.28 -8.64
N TYR F 105 -22.85 -42.08 -8.30
CA TYR F 105 -22.48 -43.24 -9.09
C TYR F 105 -23.57 -44.31 -9.06
N ASP F 106 -24.06 -44.65 -7.87
CA ASP F 106 -25.12 -45.63 -7.74
C ASP F 106 -26.44 -45.14 -8.30
N SER F 107 -26.69 -43.83 -8.25
CA SER F 107 -27.87 -43.28 -8.90
C SER F 107 -27.77 -43.40 -10.41
N ALA F 108 -26.56 -43.18 -10.94
CA ALA F 108 -26.32 -43.36 -12.37
C ALA F 108 -26.46 -44.81 -12.79
N LYS F 109 -26.10 -45.75 -11.91
CA LYS F 109 -26.30 -47.16 -12.24
C LYS F 109 -27.76 -47.55 -12.14
N GLY F 110 -28.50 -46.93 -11.23
CA GLY F 110 -29.92 -47.23 -11.12
C GLY F 110 -30.71 -46.73 -12.31
N ASP F 111 -30.46 -45.48 -12.72
CA ASP F 111 -31.11 -44.98 -13.93
C ASP F 111 -30.56 -45.64 -15.18
N LEU F 112 -29.32 -46.15 -15.11
CA LEU F 112 -28.80 -47.03 -16.15
C LEU F 112 -29.65 -48.29 -16.27
N ALA F 113 -30.02 -48.89 -15.14
CA ALA F 113 -30.91 -50.03 -15.17
C ALA F 113 -32.31 -49.65 -15.63
N LYS F 114 -32.72 -48.40 -15.40
CA LYS F 114 -34.00 -47.94 -15.92
C LYS F 114 -33.98 -47.83 -17.45
N ALA F 115 -32.88 -47.32 -18.00
CA ALA F 115 -32.75 -47.26 -19.46
C ALA F 115 -32.61 -48.65 -20.06
N GLN F 116 -31.99 -49.59 -19.33
CA GLN F 116 -31.97 -50.98 -19.79
C GLN F 116 -33.36 -51.60 -19.71
N ALA F 117 -34.19 -51.13 -18.78
CA ALA F 117 -35.55 -51.66 -18.67
C ALA F 117 -36.42 -51.17 -19.82
N ALA F 118 -36.46 -49.84 -20.04
CA ALA F 118 -37.28 -49.30 -21.12
C ALA F 118 -36.76 -49.71 -22.49
N ALA F 119 -35.44 -49.75 -22.66
CA ALA F 119 -34.85 -50.25 -23.89
C ALA F 119 -35.09 -51.74 -24.07
N ASN F 120 -35.23 -52.47 -22.97
CA ASN F 120 -35.61 -53.88 -23.06
C ASN F 120 -37.05 -54.02 -23.54
N ILE F 121 -37.95 -53.16 -23.05
CA ILE F 121 -39.35 -53.17 -23.46
C ILE F 121 -39.47 -52.87 -24.95
N ALA F 122 -38.87 -51.75 -25.38
CA ALA F 122 -38.94 -51.35 -26.79
C ALA F 122 -38.24 -52.36 -27.69
N GLN F 123 -37.15 -52.96 -27.19
CA GLN F 123 -36.42 -53.96 -27.95
C GLN F 123 -37.27 -55.21 -28.18
N LEU F 124 -38.00 -55.66 -27.15
CA LEU F 124 -38.84 -56.82 -27.32
C LEU F 124 -40.09 -56.52 -28.16
N THR F 125 -40.59 -55.28 -28.13
CA THR F 125 -41.69 -54.93 -29.03
C THR F 125 -41.22 -54.89 -30.49
N VAL F 126 -39.97 -54.49 -30.73
CA VAL F 126 -39.43 -54.61 -32.09
C VAL F 126 -39.27 -56.07 -32.47
N ASN F 127 -38.73 -56.89 -31.55
CA ASN F 127 -38.45 -58.28 -31.85
C ASN F 127 -39.71 -59.10 -32.07
N ARG F 128 -40.83 -58.68 -31.49
CA ARG F 128 -42.08 -59.39 -31.72
C ARG F 128 -43.10 -58.58 -32.50
N TYR F 129 -42.70 -57.46 -33.09
CA TYR F 129 -43.42 -56.86 -34.21
C TYR F 129 -42.67 -57.05 -35.52
N GLN F 130 -41.52 -57.71 -35.48
CA GLN F 130 -40.64 -57.82 -36.64
C GLN F 130 -40.90 -59.10 -37.45
N LYS F 131 -41.21 -60.20 -36.79
CA LYS F 131 -41.31 -61.50 -37.43
C LYS F 131 -42.63 -61.75 -38.13
N LEU F 132 -43.54 -60.77 -38.16
CA LEU F 132 -44.88 -60.95 -38.70
C LEU F 132 -45.30 -59.83 -39.64
N LEU F 133 -44.36 -59.07 -40.19
CA LEU F 133 -44.68 -57.93 -41.02
C LEU F 133 -45.26 -58.35 -42.36
N GLY F 134 -45.98 -57.42 -42.99
CA GLY F 134 -46.59 -57.66 -44.28
C GLY F 134 -47.76 -58.61 -44.27
N THR F 135 -48.25 -58.98 -43.09
CA THR F 135 -49.34 -59.93 -42.93
C THR F 135 -50.50 -59.24 -42.24
N GLN F 136 -51.51 -60.03 -41.89
CA GLN F 136 -52.62 -59.53 -41.09
C GLN F 136 -52.23 -59.30 -39.64
N TYR F 137 -51.10 -59.87 -39.20
CA TYR F 137 -50.71 -59.82 -37.79
C TYR F 137 -50.27 -58.41 -37.39
N ILE F 138 -49.18 -57.94 -37.99
CA ILE F 138 -48.66 -56.61 -37.69
C ILE F 138 -48.33 -55.92 -39.00
N SER F 139 -48.58 -54.62 -39.05
CA SER F 139 -48.30 -53.80 -40.20
C SER F 139 -47.05 -52.99 -39.98
N LYS F 140 -46.78 -52.08 -40.91
CA LYS F 140 -45.64 -51.19 -40.81
C LYS F 140 -45.86 -50.11 -39.74
N GLN F 141 -47.12 -49.84 -39.38
CA GLN F 141 -47.47 -48.71 -38.51
C GLN F 141 -46.97 -48.93 -37.09
N GLU F 142 -47.47 -49.97 -36.42
CA GLU F 142 -47.07 -50.22 -35.04
C GLU F 142 -45.66 -50.76 -34.96
N TYR F 143 -45.18 -51.35 -36.06
CA TYR F 143 -43.77 -51.69 -36.17
C TYR F 143 -42.88 -50.46 -36.05
N ASP F 144 -43.15 -49.43 -36.86
CA ASP F 144 -42.38 -48.20 -36.77
C ASP F 144 -42.68 -47.42 -35.49
N GLN F 145 -43.83 -47.67 -34.87
CA GLN F 145 -44.05 -47.18 -33.51
C GLN F 145 -43.06 -47.82 -32.55
N ALA F 146 -42.85 -49.13 -32.67
CA ALA F 146 -41.88 -49.82 -31.83
C ALA F 146 -40.45 -49.41 -32.16
N LEU F 147 -40.18 -49.05 -33.42
CA LEU F 147 -38.86 -48.56 -33.78
C LEU F 147 -38.61 -47.15 -33.27
N ALA F 148 -39.67 -46.32 -33.19
CA ALA F 148 -39.54 -45.02 -32.56
C ALA F 148 -39.29 -45.18 -31.07
N ASP F 149 -39.95 -46.17 -30.45
CA ASP F 149 -39.66 -46.53 -29.07
C ASP F 149 -38.23 -47.03 -28.91
N ALA F 150 -37.70 -47.73 -29.92
CA ALA F 150 -36.36 -48.28 -29.83
C ALA F 150 -35.31 -47.18 -29.98
N GLN F 151 -35.53 -46.24 -30.90
CA GLN F 151 -34.59 -45.15 -31.12
C GLN F 151 -34.57 -44.18 -29.95
N GLN F 152 -35.76 -43.80 -29.46
CA GLN F 152 -35.84 -42.95 -28.28
C GLN F 152 -35.30 -43.65 -27.04
N ALA F 153 -35.46 -44.98 -27.00
CA ALA F 153 -34.83 -45.78 -25.96
C ALA F 153 -33.31 -45.73 -26.06
N ASN F 154 -32.78 -45.71 -27.29
CA ASN F 154 -31.33 -45.54 -27.46
C ASN F 154 -30.88 -44.15 -27.07
N ALA F 155 -31.76 -43.15 -27.15
CA ALA F 155 -31.44 -41.85 -26.58
C ALA F 155 -31.39 -41.91 -25.06
N ALA F 156 -32.28 -42.71 -24.46
CA ALA F 156 -32.26 -42.87 -23.00
C ALA F 156 -31.02 -43.62 -22.54
N VAL F 157 -30.59 -44.63 -23.30
CA VAL F 157 -29.34 -45.34 -22.99
C VAL F 157 -28.15 -44.44 -23.24
N THR F 158 -28.27 -43.53 -24.20
CA THR F 158 -27.21 -42.56 -24.48
C THR F 158 -27.01 -41.62 -23.29
N ALA F 159 -28.10 -41.06 -22.76
CA ALA F 159 -28.01 -40.25 -21.56
C ALA F 159 -27.60 -41.08 -20.35
N ALA F 160 -27.93 -42.37 -20.35
CA ALA F 160 -27.56 -43.26 -19.26
C ALA F 160 -26.05 -43.46 -19.21
N LYS F 161 -25.43 -43.74 -20.37
CA LYS F 161 -23.99 -43.89 -20.41
C LYS F 161 -23.29 -42.57 -20.21
N ALA F 162 -23.95 -41.46 -20.54
CA ALA F 162 -23.44 -40.14 -20.16
C ALA F 162 -23.38 -39.99 -18.66
N ALA F 163 -24.41 -40.46 -17.95
CA ALA F 163 -24.43 -40.32 -16.50
C ALA F 163 -23.46 -41.29 -15.83
N VAL F 164 -23.32 -42.50 -16.37
CA VAL F 164 -22.46 -43.49 -15.74
C VAL F 164 -21.00 -43.16 -15.99
N GLU F 165 -20.66 -42.81 -17.23
CA GLU F 165 -19.31 -42.37 -17.56
C GLU F 165 -18.96 -41.09 -16.82
N THR F 166 -19.92 -40.16 -16.75
CA THR F 166 -19.70 -38.87 -16.09
C THR F 166 -19.46 -39.04 -14.59
N ALA F 167 -20.33 -39.80 -13.93
CA ALA F 167 -20.16 -40.09 -12.51
C ALA F 167 -18.90 -40.89 -12.25
N ARG F 168 -18.52 -41.76 -13.17
CA ARG F 168 -17.33 -42.57 -12.99
C ARG F 168 -16.07 -41.72 -13.10
N ILE F 169 -16.10 -40.71 -13.97
CA ILE F 169 -15.02 -39.73 -13.99
C ILE F 169 -15.04 -38.89 -12.72
N ASN F 170 -16.25 -38.64 -12.19
CA ASN F 170 -16.40 -37.79 -11.01
C ASN F 170 -15.76 -38.43 -9.77
N LEU F 171 -16.22 -39.62 -9.37
CA LEU F 171 -15.59 -40.24 -8.21
C LEU F 171 -14.24 -40.85 -8.60
N ALA F 172 -13.94 -40.93 -9.90
CA ALA F 172 -12.58 -41.20 -10.32
C ALA F 172 -11.65 -40.04 -9.99
N TYR F 173 -12.16 -38.82 -9.96
CA TYR F 173 -11.35 -37.67 -9.59
C TYR F 173 -11.55 -37.20 -8.16
N THR F 174 -12.45 -37.82 -7.40
CA THR F 174 -12.51 -37.48 -5.98
C THR F 174 -11.29 -38.02 -5.24
N LYS F 175 -10.79 -39.16 -5.64
CA LYS F 175 -9.50 -39.60 -5.17
C LYS F 175 -8.41 -38.71 -5.77
N VAL F 176 -7.43 -38.36 -4.94
CA VAL F 176 -6.40 -37.41 -5.30
C VAL F 176 -5.07 -38.14 -5.32
N THR F 177 -4.45 -38.21 -6.48
CA THR F 177 -3.14 -38.81 -6.65
C THR F 177 -2.18 -37.79 -7.25
N SER F 178 -1.00 -38.24 -7.51
CA SER F 178 0.10 -37.44 -8.02
C SER F 178 0.11 -37.44 -9.55
N PRO F 179 0.32 -36.27 -10.15
CA PRO F 179 0.54 -36.21 -11.60
C PRO F 179 1.82 -36.91 -12.04
N ILE F 180 2.95 -36.47 -11.52
CA ILE F 180 4.23 -37.06 -11.89
C ILE F 180 4.96 -37.51 -10.63
N SER F 181 6.19 -37.98 -10.80
CA SER F 181 7.02 -38.46 -9.72
C SER F 181 7.93 -37.37 -9.19
N GLY F 182 8.53 -37.63 -8.04
CA GLY F 182 9.54 -36.78 -7.46
C GLY F 182 9.10 -36.14 -6.16
N ARG F 183 9.98 -35.31 -5.63
CA ARG F 183 9.84 -34.82 -4.27
C ARG F 183 8.79 -33.74 -4.16
N ILE F 184 7.80 -33.96 -3.29
CA ILE F 184 6.72 -33.01 -3.12
C ILE F 184 7.21 -31.78 -2.37
N GLY F 185 6.56 -30.65 -2.65
CA GLY F 185 6.66 -29.49 -1.79
C GLY F 185 5.73 -29.61 -0.59
N LYS F 186 5.03 -28.53 -0.27
CA LYS F 186 4.18 -28.53 0.91
C LYS F 186 2.71 -28.73 0.57
N SER F 187 1.97 -29.16 1.58
CA SER F 187 0.51 -29.15 1.52
C SER F 187 0.01 -27.75 1.78
N ASN F 188 -1.10 -27.40 1.15
CA ASN F 188 -1.64 -26.06 1.31
C ASN F 188 -2.87 -26.05 2.21
N VAL F 189 -3.65 -27.12 2.14
CA VAL F 189 -4.96 -27.20 2.76
C VAL F 189 -4.96 -28.36 3.74
N THR F 190 -5.61 -28.19 4.89
CA THR F 190 -5.80 -29.28 5.85
C THR F 190 -7.19 -29.92 5.64
N GLU F 191 -7.46 -30.97 6.43
CA GLU F 191 -8.62 -31.81 6.20
C GLU F 191 -9.90 -31.12 6.66
N GLY F 192 -11.04 -31.65 6.20
CA GLY F 192 -12.33 -31.08 6.53
C GLY F 192 -12.62 -29.77 5.85
N ALA F 193 -11.87 -29.41 4.82
CA ALA F 193 -11.98 -28.10 4.20
C ALA F 193 -12.55 -28.21 2.79
N LEU F 194 -13.48 -27.32 2.47
CA LEU F 194 -14.05 -27.25 1.15
C LEU F 194 -13.04 -26.72 0.15
N VAL F 195 -12.77 -27.51 -0.89
CA VAL F 195 -11.96 -27.06 -2.01
C VAL F 195 -12.80 -27.15 -3.26
N GLN F 196 -12.32 -26.50 -4.31
CA GLN F 196 -13.03 -26.43 -5.57
C GLN F 196 -12.19 -27.04 -6.68
N ASN F 197 -12.87 -27.63 -7.66
CA ASN F 197 -12.20 -28.07 -8.88
C ASN F 197 -11.72 -26.86 -9.66
N GLY F 198 -10.46 -26.90 -10.08
CA GLY F 198 -9.89 -25.85 -10.89
C GLY F 198 -9.74 -24.52 -10.20
N GLN F 199 -9.68 -24.53 -8.87
CA GLN F 199 -9.56 -23.28 -8.14
C GLN F 199 -8.12 -22.77 -8.19
N ALA F 200 -7.92 -21.57 -7.66
CA ALA F 200 -6.62 -20.91 -7.76
C ALA F 200 -5.58 -21.58 -6.88
N THR F 201 -5.96 -21.97 -5.67
CA THR F 201 -5.03 -22.62 -4.77
C THR F 201 -4.77 -24.04 -5.23
N ALA F 202 -3.53 -24.31 -5.62
CA ALA F 202 -3.11 -25.66 -5.95
C ALA F 202 -3.02 -26.50 -4.69
N LEU F 203 -2.96 -27.82 -4.87
CA LEU F 203 -2.78 -28.68 -3.71
C LEU F 203 -1.33 -28.65 -3.26
N ALA F 204 -0.39 -28.84 -4.19
CA ALA F 204 1.03 -28.87 -3.84
C ALA F 204 1.84 -28.54 -5.09
N THR F 205 3.14 -28.83 -5.03
CA THR F 205 4.01 -28.81 -6.19
C THR F 205 5.17 -29.75 -5.92
N VAL F 206 5.25 -30.83 -6.68
CA VAL F 206 6.37 -31.74 -6.56
C VAL F 206 7.56 -31.14 -7.31
N GLN F 207 8.74 -31.47 -6.83
CA GLN F 207 9.98 -31.27 -7.56
C GLN F 207 10.42 -32.61 -8.10
N GLN F 208 11.56 -32.62 -8.78
CA GLN F 208 12.10 -33.85 -9.34
C GLN F 208 13.58 -33.62 -9.57
N LEU F 209 14.44 -34.13 -8.68
CA LEU F 209 15.86 -33.82 -8.77
C LEU F 209 16.71 -35.07 -8.68
N ASP F 210 16.83 -35.82 -9.75
CA ASP F 210 18.09 -36.55 -9.87
C ASP F 210 19.05 -35.72 -10.72
N PRO F 211 18.63 -35.10 -11.86
CA PRO F 211 19.42 -33.96 -12.35
C PRO F 211 18.87 -32.69 -11.75
N ILE F 212 19.49 -31.55 -11.99
CA ILE F 212 18.91 -30.29 -11.50
C ILE F 212 19.20 -29.18 -12.51
N TYR F 213 18.13 -28.53 -12.96
CA TYR F 213 18.23 -27.34 -13.77
C TYR F 213 18.71 -26.18 -12.92
N VAL F 214 19.63 -25.41 -13.47
CA VAL F 214 20.13 -24.20 -12.83
C VAL F 214 19.97 -23.05 -13.81
N ASP F 215 19.41 -21.95 -13.35
CA ASP F 215 19.24 -20.79 -14.20
C ASP F 215 20.47 -19.89 -14.05
N VAL F 216 21.13 -19.61 -15.16
CA VAL F 216 22.44 -18.96 -15.14
C VAL F 216 22.28 -17.59 -15.78
N THR F 217 22.21 -16.56 -14.96
CA THR F 217 21.84 -15.23 -15.39
C THR F 217 23.09 -14.39 -15.67
N GLN F 218 23.09 -13.70 -16.82
CA GLN F 218 24.19 -12.81 -17.15
C GLN F 218 23.71 -11.69 -18.07
N SER F 219 24.00 -10.45 -17.67
CA SER F 219 23.54 -9.30 -18.44
C SER F 219 24.29 -9.16 -19.75
N SER F 220 23.67 -8.43 -20.68
CA SER F 220 24.21 -8.29 -22.03
C SER F 220 25.43 -7.37 -22.09
N ASN F 221 25.79 -6.74 -20.97
CA ASN F 221 26.94 -5.88 -20.91
C ASN F 221 28.24 -6.63 -21.18
N ASP F 222 28.36 -7.86 -20.67
CA ASP F 222 29.51 -8.68 -20.93
C ASP F 222 29.19 -9.92 -21.74
N PHE F 223 27.95 -10.03 -22.23
CA PHE F 223 27.66 -11.10 -23.19
C PHE F 223 28.39 -10.88 -24.50
N LEU F 224 28.74 -9.64 -24.81
CA LEU F 224 29.70 -9.36 -25.86
C LEU F 224 31.10 -9.90 -25.53
N ARG F 225 31.49 -9.87 -24.26
CA ARG F 225 32.75 -10.48 -23.87
C ARG F 225 32.65 -11.99 -23.88
N LEU F 226 31.44 -12.52 -23.64
CA LEU F 226 31.24 -13.94 -23.83
C LEU F 226 31.06 -14.28 -25.30
N LYS F 227 30.87 -13.28 -26.15
CA LYS F 227 31.07 -13.43 -27.58
C LYS F 227 32.50 -13.16 -27.99
N GLN F 228 33.34 -12.70 -27.05
CA GLN F 228 34.78 -12.73 -27.25
C GLN F 228 35.37 -14.05 -26.79
N GLU F 229 34.70 -14.74 -25.87
CA GLU F 229 35.08 -16.09 -25.53
C GLU F 229 34.49 -17.10 -26.50
N LEU F 230 33.25 -16.85 -26.96
CA LEU F 230 32.72 -17.58 -28.11
C LEU F 230 33.45 -17.23 -29.39
N ALA F 231 33.83 -15.96 -29.55
CA ALA F 231 34.60 -15.58 -30.72
C ALA F 231 36.02 -16.11 -30.65
N ASN F 232 36.51 -16.34 -29.43
CA ASN F 232 37.73 -17.09 -29.23
C ASN F 232 37.47 -18.58 -29.28
N GLY F 233 36.20 -18.98 -29.23
CA GLY F 233 35.83 -20.39 -29.20
C GLY F 233 36.20 -21.09 -27.92
N THR F 234 36.44 -20.34 -26.85
CA THR F 234 37.03 -20.88 -25.63
C THR F 234 36.02 -20.97 -24.49
N LEU F 235 34.73 -20.87 -24.80
CA LEU F 235 33.72 -21.45 -23.92
C LEU F 235 33.00 -22.60 -24.59
N LYS F 236 32.71 -22.48 -25.88
CA LYS F 236 32.10 -23.54 -26.66
C LYS F 236 33.23 -24.27 -27.37
N GLN F 237 33.85 -25.20 -26.65
CA GLN F 237 34.83 -26.11 -27.24
C GLN F 237 34.14 -27.32 -27.88
N GLU F 238 33.41 -28.08 -27.08
CA GLU F 238 32.81 -29.32 -27.55
C GLU F 238 31.50 -29.07 -28.30
N ASN F 239 30.50 -28.56 -27.59
CA ASN F 239 29.15 -28.39 -28.12
C ASN F 239 28.53 -27.22 -27.39
N GLY F 240 27.20 -27.10 -27.51
CA GLY F 240 26.47 -26.15 -26.69
C GLY F 240 26.20 -26.68 -25.28
N LYS F 241 26.81 -27.80 -24.93
CA LYS F 241 26.86 -28.28 -23.55
C LYS F 241 28.25 -28.80 -23.26
N ALA F 242 28.84 -28.33 -22.16
CA ALA F 242 30.00 -28.98 -21.57
C ALA F 242 30.06 -28.58 -20.10
N LYS F 243 31.00 -29.18 -19.38
CA LYS F 243 31.01 -29.08 -17.93
C LYS F 243 31.50 -27.71 -17.48
N VAL F 244 31.23 -27.40 -16.21
CA VAL F 244 31.51 -26.14 -15.54
C VAL F 244 31.59 -26.44 -14.04
N SER F 245 32.67 -26.00 -13.40
CA SER F 245 32.85 -26.31 -11.98
C SER F 245 31.92 -25.47 -11.12
N LEU F 246 31.54 -26.04 -9.99
CA LEU F 246 30.40 -25.60 -9.22
C LEU F 246 30.88 -24.99 -7.90
N ILE F 247 30.24 -23.91 -7.47
CA ILE F 247 30.62 -23.29 -6.21
C ILE F 247 29.35 -22.95 -5.45
N THR F 248 29.09 -23.68 -4.37
CA THR F 248 27.96 -23.35 -3.53
C THR F 248 28.41 -22.55 -2.31
N SER F 249 27.51 -22.41 -1.34
CA SER F 249 27.59 -21.34 -0.34
C SER F 249 28.70 -21.56 0.66
N ASP F 250 29.07 -22.79 0.95
CA ASP F 250 30.16 -23.03 1.88
C ASP F 250 31.53 -22.81 1.24
N GLY F 251 31.57 -22.63 -0.08
CA GLY F 251 32.82 -22.53 -0.79
C GLY F 251 33.23 -23.87 -1.36
N ILE F 252 32.84 -24.94 -0.65
CA ILE F 252 33.14 -26.30 -1.09
C ILE F 252 32.37 -26.58 -2.36
N LYS F 253 33.07 -27.11 -3.36
CA LYS F 253 32.43 -27.41 -4.63
C LYS F 253 31.51 -28.62 -4.49
N PHE F 254 30.65 -28.78 -5.46
CA PHE F 254 29.93 -30.04 -5.58
C PHE F 254 30.91 -31.11 -6.02
N PRO F 255 30.79 -32.34 -5.50
CA PRO F 255 31.81 -33.38 -5.75
C PRO F 255 32.04 -33.76 -7.21
N GLN F 256 31.16 -33.38 -8.12
CA GLN F 256 31.57 -33.29 -9.51
C GLN F 256 31.10 -31.94 -10.04
N ASP F 257 31.68 -31.54 -11.17
CA ASP F 257 31.23 -30.37 -11.87
C ASP F 257 29.89 -30.65 -12.57
N GLY F 258 29.26 -29.58 -13.06
CA GLY F 258 27.94 -29.67 -13.63
C GLY F 258 27.93 -29.42 -15.13
N THR F 259 26.95 -30.03 -15.79
CA THR F 259 26.82 -29.98 -17.24
C THR F 259 26.14 -28.67 -17.61
N LEU F 260 26.94 -27.68 -17.99
CA LEU F 260 26.42 -26.39 -18.39
C LEU F 260 25.99 -26.46 -19.86
N GLU F 261 24.74 -26.08 -20.10
CA GLU F 261 24.31 -25.80 -21.45
C GLU F 261 24.76 -24.40 -21.85
N PHE F 262 25.21 -24.26 -23.09
CA PHE F 262 25.84 -23.03 -23.53
C PHE F 262 24.97 -22.17 -24.44
N SER F 263 24.25 -22.78 -25.38
CA SER F 263 23.74 -22.06 -26.54
C SER F 263 22.26 -21.71 -26.47
N ASP F 264 21.54 -22.10 -25.42
CA ASP F 264 20.13 -21.73 -25.30
C ASP F 264 20.00 -20.42 -24.53
N VAL F 265 20.48 -19.37 -25.16
CA VAL F 265 20.61 -18.06 -24.54
C VAL F 265 19.25 -17.35 -24.47
N THR F 266 18.73 -17.21 -23.25
CA THR F 266 17.41 -16.60 -23.06
C THR F 266 17.56 -15.08 -23.11
N VAL F 267 17.11 -14.48 -24.18
CA VAL F 267 17.19 -13.03 -24.36
C VAL F 267 16.07 -12.38 -23.55
N ASP F 268 16.45 -11.53 -22.60
CA ASP F 268 15.47 -10.83 -21.80
C ASP F 268 14.81 -9.74 -22.62
N GLN F 269 13.53 -9.51 -22.33
CA GLN F 269 12.80 -8.40 -22.92
C GLN F 269 13.12 -7.08 -22.26
N THR F 270 13.64 -7.11 -21.04
CA THR F 270 13.83 -5.90 -20.25
C THR F 270 15.29 -5.55 -20.08
N THR F 271 16.09 -6.44 -19.51
CA THR F 271 17.44 -6.11 -19.08
C THR F 271 18.52 -6.65 -20.00
N GLY F 272 18.20 -7.63 -20.83
CA GLY F 272 19.25 -8.34 -21.53
C GLY F 272 20.03 -9.29 -20.66
N CYS F 273 19.50 -9.67 -19.49
CA CYS F 273 20.15 -10.66 -18.65
C CYS F 273 19.92 -12.05 -19.21
N ILE F 274 20.95 -12.61 -19.81
CA ILE F 274 20.85 -13.88 -20.52
C ILE F 274 20.79 -15.01 -19.51
N THR F 275 19.74 -15.81 -19.59
CA THR F 275 19.55 -16.94 -18.70
C THR F 275 19.93 -18.22 -19.44
N LEU F 276 20.76 -19.04 -18.82
CA LEU F 276 21.04 -20.37 -19.32
C LEU F 276 20.49 -21.41 -18.35
N ARG F 277 19.75 -22.36 -18.89
CA ARG F 277 19.26 -23.48 -18.10
C ARG F 277 20.32 -24.55 -18.03
N ALA F 278 20.74 -24.85 -16.82
CA ALA F 278 21.95 -25.65 -16.60
C ALA F 278 21.57 -26.92 -15.87
N ILE F 279 21.43 -28.00 -16.64
CA ILE F 279 21.08 -29.30 -16.06
C ILE F 279 22.29 -29.88 -15.34
N PHE F 280 22.25 -29.87 -14.03
CA PHE F 280 23.40 -30.36 -13.32
C PHE F 280 23.06 -31.68 -12.63
N PRO F 281 24.04 -32.55 -12.43
CA PRO F 281 23.76 -33.80 -11.69
C PRO F 281 23.57 -33.54 -10.20
N ASN F 282 22.46 -34.04 -9.67
CA ASN F 282 22.18 -34.03 -8.23
C ASN F 282 21.86 -35.45 -7.81
N PRO F 283 22.87 -36.31 -7.67
CA PRO F 283 22.58 -37.68 -7.23
C PRO F 283 22.22 -37.75 -5.76
N ASP F 284 22.63 -36.76 -4.98
CA ASP F 284 22.26 -36.72 -3.58
C ASP F 284 20.84 -36.21 -3.38
N HIS F 285 20.24 -35.63 -4.43
CA HIS F 285 18.87 -35.13 -4.48
C HIS F 285 18.67 -33.98 -3.50
N THR F 286 19.76 -33.34 -3.07
CA THR F 286 19.77 -32.38 -1.98
C THR F 286 20.56 -31.15 -2.32
N LEU F 287 20.33 -30.56 -3.49
CA LEU F 287 21.02 -29.34 -3.85
C LEU F 287 20.10 -28.14 -3.96
N LEU F 288 18.92 -28.22 -3.36
CA LEU F 288 18.14 -27.07 -2.89
C LEU F 288 17.83 -26.02 -3.94
N PRO F 289 16.84 -26.27 -4.81
CA PRO F 289 16.41 -25.24 -5.77
C PRO F 289 15.99 -23.97 -5.07
N GLY F 290 16.59 -22.86 -5.49
CA GLY F 290 16.51 -21.61 -4.78
C GLY F 290 17.85 -21.06 -4.35
N MET F 291 18.88 -21.90 -4.33
CA MET F 291 20.21 -21.44 -3.96
C MET F 291 20.82 -20.56 -5.03
N PHE F 292 21.64 -19.64 -4.58
CA PHE F 292 22.02 -18.43 -5.30
C PHE F 292 23.45 -18.55 -5.78
N VAL F 293 23.87 -19.79 -6.02
CA VAL F 293 25.27 -20.18 -5.99
C VAL F 293 25.98 -19.78 -7.28
N ARG F 294 27.30 -19.92 -7.28
CA ARG F 294 28.15 -19.51 -8.38
C ARG F 294 28.74 -20.72 -9.08
N ALA F 295 29.49 -20.44 -10.14
CA ALA F 295 30.12 -21.45 -10.97
C ALA F 295 31.16 -20.76 -11.86
N ARG F 296 32.16 -21.54 -12.30
CA ARG F 296 33.12 -21.01 -13.25
C ARG F 296 33.44 -22.06 -14.31
N LEU F 297 33.90 -21.55 -15.46
CA LEU F 297 33.92 -22.32 -16.69
C LEU F 297 35.13 -23.26 -16.73
N GLU F 298 35.39 -23.77 -17.93
CA GLU F 298 36.55 -24.61 -18.16
C GLU F 298 37.59 -23.89 -18.99
N GLU F 299 38.65 -24.61 -19.29
CA GLU F 299 39.77 -24.12 -20.08
C GLU F 299 39.52 -24.46 -21.54
N GLY F 300 40.58 -24.42 -22.34
CA GLY F 300 40.50 -24.32 -23.78
C GLY F 300 41.26 -23.13 -24.25
N LEU F 301 42.17 -22.63 -23.41
CA LEU F 301 42.56 -21.24 -23.36
C LEU F 301 44.02 -21.14 -23.79
N ASN F 302 44.25 -21.13 -25.09
CA ASN F 302 45.58 -21.42 -25.61
C ASN F 302 46.65 -20.33 -25.44
N PRO F 303 46.50 -19.08 -25.91
CA PRO F 303 47.67 -18.24 -26.18
C PRO F 303 48.38 -17.75 -24.92
N ASN F 304 49.36 -16.91 -25.17
CA ASN F 304 50.47 -16.73 -24.24
C ASN F 304 50.64 -15.30 -23.71
N ALA F 305 49.55 -14.70 -23.26
CA ALA F 305 49.59 -13.36 -22.68
C ALA F 305 50.36 -13.39 -21.36
N ILE F 306 51.07 -12.29 -21.08
CA ILE F 306 52.11 -12.30 -20.06
C ILE F 306 51.49 -12.23 -18.67
N LEU F 307 51.60 -13.31 -17.92
CA LEU F 307 51.32 -13.32 -16.49
C LEU F 307 52.59 -12.85 -15.79
N VAL F 308 52.85 -11.55 -15.86
CA VAL F 308 53.98 -11.00 -15.12
C VAL F 308 53.51 -10.93 -13.67
N PRO F 309 54.36 -11.20 -12.69
CA PRO F 309 53.96 -10.96 -11.31
C PRO F 309 53.68 -9.50 -11.01
N GLN F 310 52.98 -9.28 -9.91
CA GLN F 310 52.44 -7.96 -9.58
C GLN F 310 53.49 -6.99 -9.04
N GLN F 311 54.76 -7.38 -9.05
CA GLN F 311 55.82 -6.55 -8.48
C GLN F 311 56.29 -5.48 -9.44
N GLY F 312 56.63 -5.84 -10.67
CA GLY F 312 57.19 -4.91 -11.63
C GLY F 312 56.19 -4.05 -12.36
N VAL F 313 54.90 -4.29 -12.15
CA VAL F 313 53.86 -3.54 -12.83
C VAL F 313 53.73 -2.17 -12.20
N THR F 314 53.86 -1.13 -13.03
CA THR F 314 53.76 0.25 -12.57
C THR F 314 52.41 0.80 -13.01
N ARG F 315 51.41 0.67 -12.14
CA ARG F 315 50.07 1.19 -12.35
C ARG F 315 49.92 2.65 -11.97
N THR F 316 51.02 3.37 -11.83
CA THR F 316 50.98 4.70 -11.22
C THR F 316 51.18 5.78 -12.25
N PRO F 317 50.32 6.81 -12.31
CA PRO F 317 49.06 6.90 -11.57
C PRO F 317 47.98 6.17 -12.30
N ARG F 318 46.74 6.32 -11.84
CA ARG F 318 45.65 5.58 -12.45
C ARG F 318 45.36 6.11 -13.85
N GLY F 319 45.15 5.17 -14.77
CA GLY F 319 45.03 5.50 -16.18
C GLY F 319 46.28 5.07 -16.90
N ASP F 320 47.29 4.64 -16.15
CA ASP F 320 48.59 4.36 -16.72
C ASP F 320 49.07 2.98 -16.32
N ALA F 321 49.72 2.30 -17.29
CA ALA F 321 50.22 0.96 -17.07
C ALA F 321 51.45 0.76 -17.95
N THR F 322 52.63 0.93 -17.37
CA THR F 322 53.90 0.75 -18.06
C THR F 322 54.74 -0.23 -17.27
N VAL F 323 55.75 -0.81 -17.93
CA VAL F 323 56.74 -1.63 -17.25
C VAL F 323 58.12 -1.20 -17.73
N LEU F 324 59.01 -0.90 -16.78
CA LEU F 324 60.37 -0.47 -17.13
C LEU F 324 61.14 -1.63 -17.74
N VAL F 325 61.27 -1.60 -19.06
CA VAL F 325 61.97 -2.62 -19.82
C VAL F 325 63.47 -2.38 -19.65
N VAL F 326 64.22 -3.47 -19.55
CA VAL F 326 65.67 -3.36 -19.59
C VAL F 326 66.10 -2.87 -20.97
N GLY F 327 67.07 -1.96 -21.00
CA GLY F 327 67.53 -1.35 -22.22
C GLY F 327 68.65 -2.11 -22.90
N ALA F 328 69.04 -1.62 -24.07
CA ALA F 328 70.08 -2.29 -24.85
C ALA F 328 71.45 -2.10 -24.22
N ASP F 329 71.83 -0.86 -23.95
CA ASP F 329 73.08 -0.55 -23.25
C ASP F 329 72.88 -0.42 -21.76
N ASP F 330 71.94 -1.19 -21.20
CA ASP F 330 71.43 -1.11 -19.83
C ASP F 330 70.89 0.27 -19.47
N LYS F 331 70.47 1.06 -20.46
CA LYS F 331 69.72 2.29 -20.23
C LYS F 331 68.26 1.93 -20.36
N VAL F 332 67.61 1.71 -19.20
CA VAL F 332 66.32 1.02 -19.17
C VAL F 332 65.22 1.89 -19.75
N GLU F 333 64.49 1.33 -20.71
CA GLU F 333 63.36 2.00 -21.36
C GLU F 333 62.10 1.22 -21.06
N THR F 334 61.09 1.90 -20.54
CA THR F 334 59.81 1.27 -20.30
C THR F 334 59.07 1.02 -21.60
N ARG F 335 58.02 0.21 -21.49
CA ARG F 335 57.01 0.21 -22.52
C ARG F 335 55.65 0.44 -21.87
N PRO F 336 54.84 1.32 -22.46
CA PRO F 336 53.43 1.39 -22.09
C PRO F 336 52.72 0.14 -22.56
N ILE F 337 52.23 -0.64 -21.61
CA ILE F 337 51.66 -1.94 -21.90
C ILE F 337 50.16 -1.87 -21.64
N VAL F 338 49.49 -2.97 -21.95
CA VAL F 338 48.11 -3.17 -21.54
C VAL F 338 48.14 -4.37 -20.60
N ALA F 339 48.21 -4.11 -19.32
CA ALA F 339 48.22 -5.17 -18.33
C ALA F 339 46.78 -5.52 -17.97
N SER F 340 46.38 -6.74 -18.33
CA SER F 340 45.03 -7.19 -18.05
C SER F 340 44.92 -7.66 -16.61
N GLN F 341 43.85 -8.38 -16.31
CA GLN F 341 43.42 -8.67 -14.93
C GLN F 341 44.46 -9.48 -14.16
N ALA F 342 44.63 -9.14 -12.89
CA ALA F 342 45.55 -9.86 -12.03
C ALA F 342 45.04 -11.27 -11.77
N ILE F 343 45.83 -12.25 -12.18
CA ILE F 343 45.49 -13.65 -12.02
C ILE F 343 46.42 -14.19 -10.94
N GLY F 344 45.89 -14.33 -9.73
CA GLY F 344 46.70 -14.71 -8.59
C GLY F 344 47.68 -13.61 -8.24
N ASP F 345 48.95 -13.98 -8.10
CA ASP F 345 50.01 -13.02 -7.83
C ASP F 345 50.59 -12.42 -9.10
N LYS F 346 49.86 -12.48 -10.20
CA LYS F 346 50.38 -12.11 -11.52
C LYS F 346 49.32 -11.32 -12.27
N TRP F 347 49.65 -10.09 -12.64
CA TRP F 347 48.88 -9.41 -13.66
C TRP F 347 49.01 -10.14 -14.99
N LEU F 348 47.87 -10.34 -15.64
CA LEU F 348 47.89 -10.72 -17.04
C LEU F 348 48.32 -9.52 -17.85
N VAL F 349 49.12 -9.73 -18.89
CA VAL F 349 49.47 -8.70 -19.85
C VAL F 349 49.27 -9.28 -21.24
N THR F 350 48.24 -8.80 -21.92
CA THR F 350 47.95 -9.24 -23.28
C THR F 350 48.67 -8.43 -24.34
N GLU F 351 49.24 -7.29 -23.97
CA GLU F 351 49.66 -6.32 -24.95
C GLU F 351 50.69 -5.39 -24.33
N GLY F 352 51.68 -5.00 -25.13
CA GLY F 352 52.81 -4.24 -24.64
C GLY F 352 53.99 -5.12 -24.36
N LEU F 353 53.81 -6.15 -23.55
CA LEU F 353 54.86 -7.12 -23.30
C LEU F 353 54.83 -8.21 -24.36
N LYS F 354 56.02 -8.74 -24.67
CA LYS F 354 56.15 -9.74 -25.73
C LYS F 354 56.83 -10.99 -25.19
N ALA F 355 57.15 -11.92 -26.08
CA ALA F 355 57.53 -13.26 -25.66
C ALA F 355 58.97 -13.31 -25.17
N GLY F 356 59.17 -14.05 -24.07
CA GLY F 356 60.50 -14.34 -23.57
C GLY F 356 61.28 -13.15 -23.09
N ASP F 357 60.61 -12.13 -22.56
CA ASP F 357 61.28 -10.86 -22.33
C ASP F 357 61.74 -10.73 -20.88
N ARG F 358 62.91 -10.13 -20.71
CA ARG F 358 63.54 -10.02 -19.40
C ARG F 358 63.10 -8.73 -18.73
N VAL F 359 62.68 -8.84 -17.47
CA VAL F 359 62.03 -7.75 -16.76
C VAL F 359 62.91 -7.34 -15.57
N VAL F 360 63.04 -6.03 -15.38
CA VAL F 360 63.80 -5.47 -14.26
C VAL F 360 62.94 -5.61 -13.01
N ILE F 361 63.35 -6.49 -12.09
CA ILE F 361 62.44 -6.93 -11.03
C ILE F 361 62.98 -6.72 -9.61
N SER F 362 64.18 -7.24 -9.33
CA SER F 362 64.55 -7.52 -7.95
C SER F 362 64.95 -6.27 -7.17
N GLY F 363 65.81 -5.45 -7.72
CA GLY F 363 66.41 -4.34 -6.99
C GLY F 363 65.92 -2.98 -7.43
N LEU F 364 64.59 -2.84 -7.59
CA LEU F 364 63.97 -1.68 -8.20
C LEU F 364 64.05 -0.39 -7.37
N GLN F 365 64.62 -0.42 -6.17
CA GLN F 365 64.74 0.80 -5.38
C GLN F 365 65.78 1.73 -5.99
N LYS F 366 66.98 1.20 -6.25
CA LYS F 366 68.08 1.97 -6.79
C LYS F 366 67.96 2.21 -8.30
N VAL F 367 66.92 1.70 -8.94
CA VAL F 367 66.85 1.73 -10.40
C VAL F 367 66.34 3.09 -10.86
N ARG F 368 67.15 3.76 -11.67
CA ARG F 368 66.86 4.98 -12.40
C ARG F 368 67.46 4.88 -13.78
N PRO F 369 66.83 5.49 -14.80
CA PRO F 369 67.23 5.21 -16.19
C PRO F 369 68.62 5.75 -16.53
N GLY F 370 69.50 4.83 -16.91
CA GLY F 370 70.85 5.19 -17.33
C GLY F 370 71.97 4.35 -16.74
N VAL F 371 71.81 3.91 -15.49
CA VAL F 371 72.86 3.18 -14.79
C VAL F 371 72.96 1.78 -15.38
N GLN F 372 74.20 1.30 -15.56
CA GLN F 372 74.41 -0.04 -16.06
C GLN F 372 73.90 -1.08 -15.07
N VAL F 373 72.97 -1.91 -15.54
CA VAL F 373 72.26 -2.86 -14.72
C VAL F 373 72.70 -4.26 -15.13
N LYS F 374 73.21 -5.02 -14.18
CA LYS F 374 73.62 -6.39 -14.44
C LYS F 374 72.52 -7.34 -13.97
N ALA F 375 72.80 -8.63 -14.01
CA ALA F 375 71.76 -9.65 -13.83
C ALA F 375 72.20 -10.66 -12.77
N GLN F 376 71.85 -10.38 -11.52
CA GLN F 376 71.91 -11.39 -10.48
C GLN F 376 70.51 -11.70 -9.98
N GLU F 377 70.17 -12.98 -9.96
CA GLU F 377 68.81 -13.38 -9.65
C GLU F 377 68.77 -14.32 -8.46
N PRO G 38 67.80 -20.58 29.65
CA PRO G 38 66.73 -19.69 30.12
C PRO G 38 65.37 -20.36 30.07
N ALA G 39 64.61 -20.20 31.15
CA ALA G 39 63.34 -20.89 31.30
C ALA G 39 62.19 -20.06 30.75
N VAL G 40 61.18 -20.75 30.24
CA VAL G 40 59.96 -20.14 29.71
C VAL G 40 58.79 -20.94 30.28
N GLY G 41 57.69 -20.25 30.62
CA GLY G 41 56.44 -20.93 30.91
C GLY G 41 55.90 -21.67 29.70
N VAL G 42 55.84 -23.01 29.80
CA VAL G 42 55.66 -23.89 28.65
C VAL G 42 54.62 -24.94 29.02
N VAL G 43 53.42 -24.87 28.43
CA VAL G 43 52.33 -25.74 28.84
C VAL G 43 51.96 -26.67 27.70
N THR G 44 51.79 -27.96 28.02
CA THR G 44 51.64 -29.06 27.08
C THR G 44 50.18 -29.50 26.99
N VAL G 45 49.67 -29.56 25.78
CA VAL G 45 48.22 -29.68 25.57
C VAL G 45 47.85 -31.12 25.26
N LYS G 46 46.80 -31.60 25.94
CA LYS G 46 46.27 -32.95 25.78
C LYS G 46 44.76 -32.87 25.61
N THR G 47 44.24 -33.44 24.53
CA THR G 47 42.89 -33.12 24.03
C THR G 47 42.03 -34.38 24.03
N GLU G 48 41.47 -34.73 25.18
CA GLU G 48 40.77 -36.00 25.24
C GLU G 48 39.27 -35.96 24.89
N PRO G 49 38.38 -35.06 25.47
CA PRO G 49 36.95 -35.12 25.12
C PRO G 49 36.50 -34.05 24.13
N LEU G 50 35.31 -34.20 23.51
CA LEU G 50 34.74 -33.08 22.77
C LEU G 50 33.38 -32.61 23.30
N GLN G 51 32.35 -33.45 23.20
CA GLN G 51 30.95 -33.22 23.60
C GLN G 51 30.41 -31.79 23.33
N ILE G 52 30.36 -31.41 22.05
CA ILE G 52 29.76 -30.11 21.73
C ILE G 52 28.70 -30.24 20.65
N THR G 53 27.66 -29.41 20.77
CA THR G 53 26.67 -29.12 19.74
C THR G 53 26.34 -27.64 19.76
N THR G 54 25.22 -27.28 19.12
CA THR G 54 24.88 -25.88 18.87
C THR G 54 23.43 -25.61 19.25
N GLU G 55 23.19 -24.51 19.96
CA GLU G 55 21.85 -24.06 20.33
C GLU G 55 21.32 -23.12 19.27
N LEU G 56 20.02 -23.14 19.07
CA LEU G 56 19.37 -22.54 17.92
C LEU G 56 17.90 -22.35 18.24
N PRO G 57 17.30 -21.24 17.81
CA PRO G 57 15.86 -21.05 17.99
C PRO G 57 15.07 -21.79 16.93
N GLY G 58 13.90 -22.28 17.32
CA GLY G 58 13.06 -23.06 16.44
C GLY G 58 11.71 -22.40 16.23
N ARG G 59 10.79 -23.17 15.66
CA ARG G 59 9.46 -22.68 15.34
C ARG G 59 8.42 -23.73 15.73
N THR G 60 7.88 -23.61 16.95
CA THR G 60 6.89 -24.57 17.39
C THR G 60 5.55 -24.37 16.70
N SER G 61 4.89 -25.48 16.41
CA SER G 61 3.68 -25.47 15.61
C SER G 61 2.77 -26.61 16.04
N ALA G 62 1.49 -26.47 15.72
CA ALA G 62 0.49 -27.40 16.21
C ALA G 62 0.59 -28.75 15.50
N TYR G 63 0.27 -29.80 16.24
CA TYR G 63 0.21 -31.14 15.67
C TYR G 63 -0.94 -31.25 14.69
N ARG G 64 -2.14 -30.84 15.11
CA ARG G 64 -3.29 -30.85 14.23
C ARG G 64 -3.73 -29.44 13.88
N ILE G 65 -4.33 -29.33 12.68
CA ILE G 65 -5.10 -28.18 12.24
C ILE G 65 -6.31 -28.76 11.50
N ALA G 66 -7.51 -28.50 12.01
CA ALA G 66 -8.67 -29.00 11.28
C ALA G 66 -9.77 -27.98 11.21
N GLU G 67 -10.25 -27.73 9.99
CA GLU G 67 -11.32 -26.78 9.75
C GLU G 67 -12.64 -27.52 9.83
N VAL G 68 -13.45 -27.17 10.82
CA VAL G 68 -14.83 -27.63 10.86
C VAL G 68 -15.66 -26.67 10.02
N ARG G 69 -16.48 -27.23 9.14
CA ARG G 69 -17.29 -26.50 8.18
C ARG G 69 -18.69 -27.09 8.18
N PRO G 70 -19.70 -26.32 7.75
CA PRO G 70 -21.06 -26.88 7.68
C PRO G 70 -21.20 -27.89 6.55
N GLN G 71 -21.68 -29.08 6.90
CA GLN G 71 -21.90 -30.15 5.94
C GLN G 71 -23.33 -30.22 5.45
N VAL G 72 -24.23 -29.45 6.05
CA VAL G 72 -25.65 -29.47 5.70
C VAL G 72 -26.22 -28.10 6.03
N SER G 73 -27.25 -27.71 5.29
CA SER G 73 -27.93 -26.47 5.56
C SER G 73 -28.90 -26.64 6.71
N GLY G 74 -29.39 -25.52 7.22
CA GLY G 74 -30.42 -25.57 8.23
C GLY G 74 -30.11 -24.82 9.51
N ILE G 75 -31.08 -24.76 10.40
CA ILE G 75 -30.96 -23.98 11.62
C ILE G 75 -30.11 -24.73 12.62
N ILE G 76 -29.06 -24.08 13.10
CA ILE G 76 -28.29 -24.60 14.23
C ILE G 76 -29.19 -24.66 15.46
N LEU G 77 -29.45 -25.86 15.94
CA LEU G 77 -30.31 -25.99 17.10
C LEU G 77 -29.57 -25.63 18.38
N LYS G 78 -28.58 -26.43 18.75
CA LYS G 78 -27.94 -26.31 20.05
C LYS G 78 -26.47 -26.69 19.95
N ARG G 79 -25.64 -25.98 20.70
CA ARG G 79 -24.24 -26.33 20.86
C ARG G 79 -24.14 -27.52 21.78
N ASN G 80 -23.57 -28.61 21.28
CA ASN G 80 -23.48 -29.86 22.03
C ASN G 80 -22.10 -30.05 22.63
N PHE G 81 -21.46 -28.94 23.01
CA PHE G 81 -20.05 -28.94 23.41
C PHE G 81 -19.74 -27.59 24.05
N LYS G 82 -18.46 -27.40 24.39
CA LYS G 82 -18.01 -26.17 25.01
C LYS G 82 -16.98 -25.45 24.16
N GLU G 83 -16.97 -24.13 24.30
CA GLU G 83 -16.01 -23.30 23.58
C GLU G 83 -14.64 -23.40 24.24
N GLY G 84 -13.64 -23.78 23.45
CA GLY G 84 -12.31 -23.94 23.99
C GLY G 84 -12.12 -25.19 24.81
N SER G 85 -12.79 -26.28 24.44
CA SER G 85 -12.79 -27.50 25.23
C SER G 85 -11.96 -28.58 24.55
N ASP G 86 -11.75 -29.67 25.28
CA ASP G 86 -11.11 -30.85 24.73
C ASP G 86 -12.12 -31.63 23.92
N ILE G 87 -11.87 -31.75 22.61
CA ILE G 87 -12.80 -32.37 21.69
C ILE G 87 -12.09 -33.52 21.00
N GLU G 88 -12.49 -34.74 21.35
CA GLU G 88 -11.94 -35.91 20.68
C GLU G 88 -12.63 -36.11 19.33
N ALA G 89 -12.23 -37.16 18.62
CA ALA G 89 -12.79 -37.43 17.31
C ALA G 89 -14.22 -37.97 17.43
N GLY G 90 -15.12 -37.44 16.60
CA GLY G 90 -16.49 -37.90 16.60
C GLY G 90 -17.43 -37.16 17.53
N VAL G 91 -16.99 -36.04 18.12
CA VAL G 91 -17.88 -35.28 18.99
C VAL G 91 -18.92 -34.58 18.14
N SER G 92 -20.19 -34.90 18.39
CA SER G 92 -21.28 -34.41 17.58
C SER G 92 -21.48 -32.92 17.79
N LEU G 93 -20.95 -32.13 16.86
CA LEU G 93 -21.19 -30.70 16.85
C LEU G 93 -22.57 -30.46 16.22
N TYR G 94 -22.89 -29.18 16.02
CA TYR G 94 -24.23 -28.59 16.08
C TYR G 94 -25.33 -29.38 15.39
N GLN G 95 -26.51 -29.36 16.00
CA GLN G 95 -27.66 -30.12 15.53
C GLN G 95 -28.47 -29.27 14.55
N ILE G 96 -28.87 -29.90 13.45
CA ILE G 96 -29.87 -29.34 12.54
C ILE G 96 -31.00 -30.36 12.41
N ASP G 97 -32.25 -29.87 12.39
CA ASP G 97 -33.47 -30.69 12.33
C ASP G 97 -33.46 -31.64 11.13
N PRO G 98 -33.45 -32.95 11.36
CA PRO G 98 -33.41 -33.93 10.26
C PRO G 98 -34.76 -34.36 9.72
N ALA G 99 -35.84 -33.61 10.02
CA ALA G 99 -37.19 -34.11 9.81
C ALA G 99 -37.52 -34.27 8.33
N THR G 100 -36.98 -33.40 7.48
CA THR G 100 -37.09 -33.60 6.05
C THR G 100 -36.30 -34.82 5.62
N TYR G 101 -35.12 -35.00 6.19
CA TYR G 101 -34.29 -36.14 5.86
C TYR G 101 -34.85 -37.43 6.46
N GLN G 102 -35.55 -37.32 7.58
CA GLN G 102 -36.07 -38.52 8.22
C GLN G 102 -37.37 -38.95 7.57
N ALA G 103 -38.21 -37.99 7.20
CA ALA G 103 -39.43 -38.32 6.48
C ALA G 103 -39.13 -38.77 5.07
N THR G 104 -38.13 -38.15 4.43
CA THR G 104 -37.69 -38.61 3.12
C THR G 104 -37.01 -39.97 3.22
N TYR G 105 -36.38 -40.23 4.36
CA TYR G 105 -35.67 -41.48 4.58
C TYR G 105 -36.64 -42.64 4.77
N ASP G 106 -37.53 -42.49 5.76
CA ASP G 106 -38.50 -43.53 6.07
C ASP G 106 -39.53 -43.68 4.98
N SER G 107 -39.91 -42.55 4.35
CA SER G 107 -40.75 -42.60 3.17
C SER G 107 -40.04 -43.30 2.02
N ALA G 108 -38.72 -43.14 1.94
CA ALA G 108 -37.95 -43.77 0.87
C ALA G 108 -37.88 -45.27 1.05
N LYS G 109 -37.74 -45.74 2.30
CA LYS G 109 -37.72 -47.19 2.50
C LYS G 109 -39.12 -47.79 2.50
N GLY G 110 -40.14 -46.98 2.78
CA GLY G 110 -41.51 -47.45 2.57
C GLY G 110 -41.83 -47.60 1.10
N ASP G 111 -41.39 -46.66 0.27
CA ASP G 111 -41.52 -46.79 -1.17
C ASP G 111 -40.66 -47.92 -1.71
N LEU G 112 -39.53 -48.19 -1.04
CA LEU G 112 -38.76 -49.39 -1.32
C LEU G 112 -39.57 -50.64 -1.03
N ALA G 113 -40.34 -50.62 0.06
CA ALA G 113 -41.15 -51.78 0.42
C ALA G 113 -42.30 -51.99 -0.56
N LYS G 114 -42.89 -50.91 -1.07
CA LYS G 114 -43.93 -51.07 -2.07
C LYS G 114 -43.37 -51.47 -3.42
N ALA G 115 -42.15 -50.99 -3.73
CA ALA G 115 -41.51 -51.35 -4.99
C ALA G 115 -41.12 -52.82 -5.01
N GLN G 116 -40.57 -53.34 -3.90
CA GLN G 116 -40.31 -54.76 -3.82
C GLN G 116 -41.59 -55.56 -3.61
N ALA G 117 -42.67 -54.90 -3.17
CA ALA G 117 -43.93 -55.59 -2.99
C ALA G 117 -44.57 -55.91 -4.33
N ALA G 118 -44.88 -54.87 -5.12
CA ALA G 118 -45.45 -55.07 -6.44
C ALA G 118 -44.45 -55.70 -7.39
N ALA G 119 -43.15 -55.46 -7.16
CA ALA G 119 -42.11 -56.16 -7.89
C ALA G 119 -42.14 -57.65 -7.58
N ASN G 120 -42.43 -58.00 -6.32
CA ASN G 120 -42.51 -59.40 -5.96
C ASN G 120 -43.77 -60.04 -6.53
N ILE G 121 -44.86 -59.27 -6.60
CA ILE G 121 -46.10 -59.77 -7.20
C ILE G 121 -45.91 -60.05 -8.68
N ALA G 122 -45.32 -59.08 -9.40
CA ALA G 122 -45.04 -59.25 -10.81
C ALA G 122 -44.03 -60.37 -11.06
N GLN G 123 -43.09 -60.55 -10.13
CA GLN G 123 -42.17 -61.68 -10.22
C GLN G 123 -42.90 -63.00 -10.03
N LEU G 124 -43.92 -63.01 -9.17
CA LEU G 124 -44.72 -64.22 -9.02
C LEU G 124 -45.57 -64.50 -10.25
N THR G 125 -46.00 -63.46 -10.97
CA THR G 125 -46.70 -63.69 -12.23
C THR G 125 -45.74 -64.19 -13.30
N VAL G 126 -44.48 -63.72 -13.26
CA VAL G 126 -43.42 -64.30 -14.08
C VAL G 126 -43.26 -65.78 -13.75
N ASN G 127 -43.34 -66.14 -12.47
CA ASN G 127 -43.25 -67.53 -12.05
C ASN G 127 -44.46 -68.34 -12.50
N ARG G 128 -45.64 -67.69 -12.58
CA ARG G 128 -46.81 -68.33 -13.18
C ARG G 128 -46.56 -68.66 -14.63
N TYR G 129 -45.94 -67.74 -15.36
CA TYR G 129 -45.64 -67.97 -16.76
C TYR G 129 -44.53 -68.99 -16.93
N GLN G 130 -43.64 -69.10 -15.93
CA GLN G 130 -42.70 -70.21 -15.88
C GLN G 130 -43.42 -71.53 -15.69
N LYS G 131 -44.49 -71.54 -14.90
CA LYS G 131 -45.32 -72.73 -14.79
C LYS G 131 -46.13 -73.00 -16.05
N LEU G 132 -46.34 -71.98 -16.88
CA LEU G 132 -47.25 -72.09 -18.00
C LEU G 132 -46.56 -71.89 -19.34
N LEU G 133 -45.24 -72.00 -19.38
CA LEU G 133 -44.54 -71.85 -20.66
C LEU G 133 -44.56 -73.13 -21.48
N GLY G 134 -45.16 -74.20 -20.97
CA GLY G 134 -45.26 -75.44 -21.72
C GLY G 134 -46.23 -75.36 -22.88
N THR G 135 -47.52 -75.25 -22.58
CA THR G 135 -48.53 -75.20 -23.63
C THR G 135 -48.82 -73.76 -24.05
N GLN G 136 -49.51 -73.64 -25.18
CA GLN G 136 -49.79 -72.33 -25.79
C GLN G 136 -51.06 -71.78 -25.16
N TYR G 137 -50.90 -71.20 -23.96
CA TYR G 137 -51.96 -70.40 -23.35
C TYR G 137 -51.43 -69.11 -22.73
N ILE G 138 -50.11 -68.91 -22.72
CA ILE G 138 -49.51 -67.64 -22.38
C ILE G 138 -48.76 -67.16 -23.60
N SER G 139 -48.35 -65.89 -23.55
CA SER G 139 -47.56 -65.31 -24.61
C SER G 139 -46.11 -65.17 -24.15
N LYS G 140 -45.19 -65.47 -25.05
CA LYS G 140 -43.78 -65.16 -24.82
C LYS G 140 -43.56 -63.66 -24.73
N GLN G 141 -44.37 -62.88 -25.45
CA GLN G 141 -44.38 -61.43 -25.33
C GLN G 141 -44.85 -60.99 -23.96
N GLU G 142 -45.77 -61.72 -23.35
CA GLU G 142 -46.22 -61.39 -22.01
C GLU G 142 -45.29 -61.95 -20.94
N TYR G 143 -44.65 -63.08 -21.24
CA TYR G 143 -43.61 -63.63 -20.38
C TYR G 143 -42.45 -62.65 -20.23
N ASP G 144 -41.82 -62.30 -21.35
CA ASP G 144 -40.75 -61.33 -21.37
C ASP G 144 -41.22 -59.91 -21.08
N GLN G 145 -42.50 -59.62 -21.32
CA GLN G 145 -43.07 -58.33 -20.95
C GLN G 145 -43.13 -58.17 -19.43
N ALA G 146 -43.62 -59.19 -18.72
CA ALA G 146 -43.64 -59.14 -17.27
C ALA G 146 -42.24 -59.24 -16.70
N LEU G 147 -41.32 -59.89 -17.43
CA LEU G 147 -39.93 -59.92 -17.01
C LEU G 147 -39.28 -58.54 -17.09
N ALA G 148 -39.56 -57.80 -18.17
CA ALA G 148 -39.01 -56.45 -18.30
C ALA G 148 -39.71 -55.49 -17.35
N ASP G 149 -40.98 -55.75 -17.04
CA ASP G 149 -41.65 -54.98 -16.00
C ASP G 149 -41.04 -55.24 -14.64
N ALA G 150 -40.56 -56.47 -14.41
CA ALA G 150 -39.81 -56.76 -13.20
C ALA G 150 -38.44 -56.08 -13.23
N GLN G 151 -37.88 -55.89 -14.42
CA GLN G 151 -36.63 -55.14 -14.53
C GLN G 151 -36.86 -53.67 -14.19
N GLN G 152 -37.98 -53.10 -14.64
CA GLN G 152 -38.32 -51.72 -14.31
C GLN G 152 -38.60 -51.56 -12.82
N ALA G 153 -39.35 -52.51 -12.25
CA ALA G 153 -39.70 -52.42 -10.85
C ALA G 153 -38.50 -52.62 -9.95
N ASN G 154 -37.60 -53.54 -10.32
CA ASN G 154 -36.36 -53.70 -9.57
C ASN G 154 -35.41 -52.53 -9.78
N ALA G 155 -35.55 -51.82 -10.92
CA ALA G 155 -34.81 -50.58 -11.09
C ALA G 155 -35.34 -49.50 -10.16
N ALA G 156 -36.66 -49.47 -9.93
CA ALA G 156 -37.20 -48.58 -8.92
C ALA G 156 -36.81 -49.01 -7.52
N VAL G 157 -36.61 -50.32 -7.32
CA VAL G 157 -36.07 -50.82 -6.05
C VAL G 157 -34.67 -50.28 -5.82
N THR G 158 -33.84 -50.32 -6.86
CA THR G 158 -32.46 -49.84 -6.75
C THR G 158 -32.41 -48.34 -6.57
N ALA G 159 -33.28 -47.60 -7.26
CA ALA G 159 -33.35 -46.14 -7.08
C ALA G 159 -33.85 -45.79 -5.69
N ALA G 160 -34.77 -46.60 -5.15
CA ALA G 160 -35.19 -46.40 -3.77
C ALA G 160 -34.07 -46.70 -2.79
N LYS G 161 -33.21 -47.66 -3.11
CA LYS G 161 -32.02 -47.90 -2.30
C LYS G 161 -31.05 -46.74 -2.40
N ALA G 162 -31.02 -46.05 -3.53
CA ALA G 162 -30.24 -44.82 -3.63
C ALA G 162 -30.88 -43.70 -2.84
N ALA G 163 -32.20 -43.75 -2.66
CA ALA G 163 -32.88 -42.72 -1.88
C ALA G 163 -32.64 -42.93 -0.38
N VAL G 164 -32.73 -44.18 0.08
CA VAL G 164 -32.41 -44.51 1.47
C VAL G 164 -30.93 -44.29 1.73
N GLU G 165 -30.11 -44.56 0.72
CA GLU G 165 -28.68 -44.32 0.81
C GLU G 165 -28.38 -42.84 0.96
N THR G 166 -28.98 -42.01 0.09
CA THR G 166 -28.69 -40.58 0.08
C THR G 166 -29.26 -39.90 1.32
N ALA G 167 -30.49 -40.27 1.70
CA ALA G 167 -31.07 -39.71 2.92
C ALA G 167 -30.37 -40.23 4.16
N ARG G 168 -29.69 -41.38 4.06
CA ARG G 168 -28.85 -41.85 5.15
C ARG G 168 -27.57 -41.05 5.24
N ILE G 169 -27.02 -40.67 4.09
CA ILE G 169 -25.79 -39.86 4.07
C ILE G 169 -26.08 -38.46 4.60
N ASN G 170 -27.12 -37.83 4.09
CA ASN G 170 -27.48 -36.48 4.51
C ASN G 170 -28.01 -36.49 5.93
N LEU G 171 -28.69 -37.57 6.30
CA LEU G 171 -29.13 -37.79 7.67
C LEU G 171 -27.94 -37.92 8.60
N ALA G 172 -26.86 -38.54 8.14
CA ALA G 172 -25.63 -38.55 8.91
C ALA G 172 -24.99 -37.17 8.94
N TYR G 173 -25.23 -36.38 7.90
CA TYR G 173 -24.73 -35.01 7.87
C TYR G 173 -25.53 -34.08 8.78
N THR G 174 -26.74 -34.47 9.19
CA THR G 174 -27.54 -33.65 10.08
C THR G 174 -26.90 -33.49 11.46
N LYS G 175 -26.10 -34.47 11.89
CA LYS G 175 -25.36 -34.38 13.13
C LYS G 175 -23.89 -34.21 12.79
N VAL G 176 -23.30 -33.12 13.26
CA VAL G 176 -21.90 -32.89 12.92
C VAL G 176 -21.06 -33.75 13.85
N THR G 177 -19.91 -34.22 13.38
CA THR G 177 -18.96 -34.92 14.22
C THR G 177 -17.58 -34.30 14.05
N SER G 178 -16.78 -34.37 15.09
CA SER G 178 -15.38 -33.96 15.00
C SER G 178 -14.61 -34.99 14.18
N PRO G 179 -13.91 -34.60 13.13
CA PRO G 179 -13.13 -35.59 12.36
C PRO G 179 -11.94 -36.13 13.12
N ILE G 180 -11.27 -35.29 13.90
CA ILE G 180 -10.10 -35.70 14.68
C ILE G 180 -10.24 -35.17 16.10
N SER G 181 -9.19 -35.37 16.88
CA SER G 181 -9.20 -35.13 18.31
C SER G 181 -8.36 -33.92 18.70
N GLY G 182 -8.53 -33.49 19.96
CA GLY G 182 -7.63 -32.56 20.59
C GLY G 182 -8.33 -31.30 21.06
N ARG G 183 -7.54 -30.23 21.23
CA ARG G 183 -8.05 -28.98 21.78
C ARG G 183 -8.58 -28.10 20.66
N ILE G 184 -9.85 -27.75 20.77
CA ILE G 184 -10.45 -26.73 19.92
C ILE G 184 -10.31 -25.40 20.63
N GLY G 185 -10.30 -24.31 19.87
CA GLY G 185 -10.51 -23.00 20.41
C GLY G 185 -11.99 -22.75 20.68
N LYS G 186 -12.32 -21.48 20.90
CA LYS G 186 -13.71 -21.18 21.17
C LYS G 186 -14.50 -21.14 19.86
N SER G 187 -15.81 -21.31 19.99
CA SER G 187 -16.65 -21.60 18.83
C SER G 187 -17.18 -20.32 18.20
N ASN G 188 -17.53 -20.41 16.92
CA ASN G 188 -18.04 -19.28 16.16
C ASN G 188 -19.56 -19.23 16.14
N VAL G 189 -20.23 -20.36 16.28
CA VAL G 189 -21.66 -20.49 16.03
C VAL G 189 -22.38 -20.64 17.36
N THR G 190 -23.39 -19.81 17.59
CA THR G 190 -24.22 -19.93 18.77
C THR G 190 -25.48 -20.71 18.44
N GLU G 191 -26.39 -20.80 19.40
CA GLU G 191 -27.61 -21.55 19.20
C GLU G 191 -28.66 -20.70 18.51
N GLY G 192 -29.57 -21.36 17.80
CA GLY G 192 -30.55 -20.67 17.01
C GLY G 192 -30.02 -20.12 15.71
N ALA G 193 -28.75 -20.35 15.39
CA ALA G 193 -28.14 -19.81 14.18
C ALA G 193 -28.68 -20.52 12.95
N LEU G 194 -28.57 -19.85 11.81
CA LEU G 194 -28.94 -20.45 10.54
C LEU G 194 -27.70 -20.55 9.66
N VAL G 195 -27.36 -21.78 9.25
CA VAL G 195 -26.21 -22.01 8.39
C VAL G 195 -26.69 -22.67 7.10
N GLN G 196 -25.74 -22.80 6.17
CA GLN G 196 -26.01 -23.35 4.86
C GLN G 196 -24.97 -24.40 4.53
N ASN G 197 -25.32 -25.33 3.66
CA ASN G 197 -24.37 -26.37 3.25
C ASN G 197 -23.38 -25.78 2.25
N GLY G 198 -22.11 -26.10 2.47
CA GLY G 198 -21.06 -25.74 1.52
C GLY G 198 -20.79 -24.26 1.41
N GLN G 199 -21.25 -23.46 2.35
CA GLN G 199 -20.98 -22.03 2.33
C GLN G 199 -19.53 -21.79 2.73
N ALA G 200 -19.08 -20.56 2.46
CA ALA G 200 -17.65 -20.27 2.43
C ALA G 200 -17.03 -20.27 3.82
N THR G 201 -17.77 -19.83 4.82
CA THR G 201 -17.24 -19.71 6.17
C THR G 201 -17.08 -21.09 6.79
N ALA G 202 -16.05 -21.24 7.63
CA ALA G 202 -15.86 -22.46 8.37
C ALA G 202 -16.44 -22.32 9.77
N LEU G 203 -16.71 -23.46 10.40
CA LEU G 203 -17.23 -23.41 11.75
C LEU G 203 -16.11 -23.20 12.76
N ALA G 204 -15.06 -24.02 12.72
CA ALA G 204 -14.02 -23.95 13.75
C ALA G 204 -12.72 -24.55 13.22
N THR G 205 -11.79 -24.80 14.13
CA THR G 205 -10.50 -25.43 13.82
C THR G 205 -9.98 -26.05 15.12
N VAL G 206 -9.59 -27.32 15.07
CA VAL G 206 -9.05 -27.98 16.24
C VAL G 206 -7.55 -28.20 16.05
N GLN G 207 -6.88 -28.46 17.16
CA GLN G 207 -5.46 -28.80 17.19
C GLN G 207 -5.23 -30.05 18.01
N GLN G 208 -3.97 -30.33 18.33
CA GLN G 208 -3.62 -31.39 19.26
C GLN G 208 -2.29 -31.04 19.91
N LEU G 209 -2.22 -31.23 21.22
CA LEU G 209 -1.08 -30.74 21.98
C LEU G 209 -0.33 -31.79 22.77
N ASP G 210 -0.77 -33.05 22.75
CA ASP G 210 0.08 -33.99 23.47
C ASP G 210 1.24 -34.40 22.56
N PRO G 211 1.03 -34.66 21.26
CA PRO G 211 2.12 -34.42 20.32
C PRO G 211 2.03 -32.97 19.86
N ILE G 212 3.19 -32.45 19.47
CA ILE G 212 3.30 -31.06 19.03
C ILE G 212 4.53 -30.91 18.15
N TYR G 213 4.34 -30.31 16.98
CA TYR G 213 5.43 -30.14 16.04
C TYR G 213 6.30 -28.98 16.45
N VAL G 214 7.56 -29.02 16.01
CA VAL G 214 8.38 -27.83 15.95
C VAL G 214 9.03 -27.86 14.58
N ASP G 215 8.53 -27.06 13.68
CA ASP G 215 9.25 -26.74 12.47
C ASP G 215 10.47 -25.90 12.83
N VAL G 216 11.64 -26.51 12.75
CA VAL G 216 12.87 -25.84 13.15
C VAL G 216 13.34 -25.01 11.98
N THR G 217 13.36 -23.70 12.17
CA THR G 217 13.83 -22.78 11.15
C THR G 217 15.33 -22.61 11.29
N GLN G 218 16.07 -23.03 10.27
CA GLN G 218 17.52 -22.91 10.26
C GLN G 218 17.95 -22.22 8.97
N SER G 219 19.09 -21.54 9.03
CA SER G 219 19.60 -20.77 7.90
C SER G 219 20.08 -21.68 6.76
N SER G 220 20.69 -21.06 5.75
CA SER G 220 21.18 -21.80 4.59
C SER G 220 22.50 -22.50 4.89
N ASN G 221 23.51 -21.70 5.23
CA ASN G 221 24.88 -22.18 5.25
C ASN G 221 25.15 -23.14 6.41
N ASP G 222 24.52 -22.89 7.55
CA ASP G 222 24.74 -23.73 8.72
C ASP G 222 24.16 -25.13 8.52
N PHE G 223 23.00 -25.22 7.84
CA PHE G 223 22.51 -26.49 7.32
C PHE G 223 23.54 -27.14 6.41
N LEU G 224 24.17 -26.34 5.55
CA LEU G 224 25.35 -26.76 4.80
C LEU G 224 26.41 -27.31 5.74
N ARG G 225 26.65 -26.62 6.85
CA ARG G 225 27.55 -27.15 7.85
C ARG G 225 26.94 -28.34 8.57
N LEU G 226 25.61 -28.41 8.65
CA LEU G 226 24.98 -29.66 9.05
C LEU G 226 25.13 -30.70 7.95
N LYS G 227 25.20 -30.26 6.70
CA LYS G 227 25.68 -31.14 5.65
C LYS G 227 27.11 -31.56 5.90
N GLN G 228 27.90 -30.66 6.52
CA GLN G 228 29.20 -31.07 7.04
C GLN G 228 29.03 -32.06 8.17
N GLU G 229 27.98 -31.92 8.98
CA GLU G 229 27.62 -33.02 9.85
C GLU G 229 27.12 -34.22 9.07
N LEU G 230 26.48 -34.01 7.92
CA LEU G 230 26.19 -35.15 7.05
C LEU G 230 27.46 -35.71 6.45
N ALA G 231 28.47 -34.87 6.25
CA ALA G 231 29.80 -35.39 5.94
C ALA G 231 30.47 -36.02 7.16
N ASN G 232 30.01 -35.70 8.36
CA ASN G 232 30.57 -36.28 9.58
C ASN G 232 29.73 -37.44 10.10
N GLY G 233 28.47 -37.18 10.47
CA GLY G 233 27.57 -38.20 10.94
C GLY G 233 27.89 -38.81 12.28
N THR G 234 28.69 -38.13 13.11
CA THR G 234 29.21 -38.81 14.29
C THR G 234 28.51 -38.44 15.59
N LEU G 235 28.08 -37.18 15.77
CA LEU G 235 27.24 -36.94 16.93
C LEU G 235 25.81 -37.39 16.68
N LYS G 236 25.42 -37.43 15.42
CA LYS G 236 24.07 -37.78 14.99
C LYS G 236 23.84 -39.27 15.22
N GLN G 237 22.81 -39.58 16.01
CA GLN G 237 22.45 -40.95 16.33
C GLN G 237 21.02 -41.22 15.86
N GLU G 238 20.76 -42.49 15.54
CA GLU G 238 19.49 -43.10 15.09
C GLU G 238 19.12 -42.67 13.67
N ASN G 239 19.77 -41.62 13.16
CA ASN G 239 20.12 -41.38 11.78
C ASN G 239 18.95 -41.00 10.87
N GLY G 240 17.73 -41.09 11.36
CA GLY G 240 16.63 -40.41 10.69
C GLY G 240 16.12 -39.28 11.56
N LYS G 241 16.02 -39.58 12.85
CA LYS G 241 15.57 -38.69 13.90
C LYS G 241 16.46 -38.90 15.11
N ALA G 242 16.52 -37.90 15.98
CA ALA G 242 17.01 -38.15 17.33
C ALA G 242 16.43 -37.11 18.26
N LYS G 243 16.58 -37.40 19.55
CA LYS G 243 16.21 -36.45 20.58
C LYS G 243 17.09 -35.23 20.51
N VAL G 244 16.49 -34.08 20.77
CA VAL G 244 17.14 -32.79 20.79
C VAL G 244 16.72 -32.12 22.08
N SER G 245 17.71 -31.72 22.88
CA SER G 245 17.44 -31.09 24.16
C SER G 245 16.81 -29.72 23.94
N LEU G 246 15.94 -29.31 24.85
CA LEU G 246 15.06 -28.20 24.59
C LEU G 246 15.36 -27.04 25.52
N ILE G 247 15.12 -25.83 25.02
CA ILE G 247 15.25 -24.61 25.81
C ILE G 247 13.98 -23.82 25.55
N THR G 248 12.99 -23.95 26.44
CA THR G 248 11.78 -23.20 26.22
C THR G 248 11.86 -21.84 26.94
N SER G 249 10.83 -21.02 26.74
CA SER G 249 10.94 -19.58 26.90
C SER G 249 10.99 -19.14 28.36
N ASP G 250 10.64 -20.00 29.32
CA ASP G 250 10.64 -19.61 30.72
C ASP G 250 12.02 -19.64 31.35
N GLY G 251 13.07 -19.91 30.58
CA GLY G 251 14.39 -20.17 31.11
C GLY G 251 14.60 -21.62 31.49
N ILE G 252 13.57 -22.26 32.05
CA ILE G 252 13.58 -23.69 32.28
C ILE G 252 13.64 -24.42 30.94
N LYS G 253 14.22 -25.61 30.94
CA LYS G 253 14.08 -26.48 29.78
C LYS G 253 12.69 -27.11 29.78
N PHE G 254 12.37 -27.79 28.69
CA PHE G 254 11.20 -28.62 28.72
C PHE G 254 11.55 -29.94 29.41
N PRO G 255 10.67 -30.46 30.28
CA PRO G 255 11.05 -31.56 31.19
C PRO G 255 11.59 -32.82 30.54
N GLN G 256 11.22 -33.09 29.30
CA GLN G 256 11.96 -34.06 28.50
C GLN G 256 12.48 -33.37 27.26
N ASP G 257 13.56 -33.90 26.72
CA ASP G 257 13.99 -33.48 25.40
C ASP G 257 13.00 -33.97 24.35
N GLY G 258 13.02 -33.30 23.19
CA GLY G 258 12.13 -33.61 22.12
C GLY G 258 12.76 -34.50 21.07
N THR G 259 12.03 -34.67 19.97
CA THR G 259 12.49 -35.54 18.91
C THR G 259 12.43 -34.79 17.59
N LEU G 260 13.52 -34.80 16.85
CA LEU G 260 13.69 -34.05 15.62
C LEU G 260 14.04 -34.97 14.45
N GLU G 261 13.39 -34.71 13.32
CA GLU G 261 13.73 -35.38 12.08
C GLU G 261 14.87 -34.62 11.39
N PHE G 262 15.78 -35.38 10.82
CA PHE G 262 17.01 -34.82 10.30
C PHE G 262 17.03 -34.67 8.79
N SER G 263 16.39 -35.61 8.07
CA SER G 263 16.42 -35.59 6.62
C SER G 263 15.33 -34.72 6.01
N ASP G 264 14.69 -33.85 6.79
CA ASP G 264 13.80 -32.87 6.19
C ASP G 264 14.59 -31.90 5.32
N VAL G 265 14.09 -31.72 4.11
CA VAL G 265 14.82 -31.03 3.05
C VAL G 265 14.04 -29.83 2.56
N THR G 266 13.27 -29.20 3.46
CA THR G 266 12.35 -28.16 3.05
C THR G 266 13.07 -26.86 2.71
N VAL G 267 13.20 -26.57 1.42
CA VAL G 267 13.97 -25.42 0.98
C VAL G 267 13.06 -24.20 0.92
N ASP G 268 13.45 -23.13 1.62
CA ASP G 268 12.82 -21.84 1.41
C ASP G 268 13.24 -21.31 0.04
N GLN G 269 12.27 -20.77 -0.69
CA GLN G 269 12.57 -20.27 -2.03
C GLN G 269 12.89 -18.79 -2.04
N THR G 270 13.09 -18.18 -0.88
CA THR G 270 13.54 -16.79 -0.79
C THR G 270 14.87 -16.66 -0.08
N THR G 271 15.01 -17.26 1.10
CA THR G 271 16.16 -17.05 1.96
C THR G 271 16.95 -18.32 2.23
N GLY G 272 16.33 -19.50 2.03
CA GLY G 272 16.96 -20.72 2.47
C GLY G 272 16.76 -21.01 3.94
N CYS G 273 15.77 -20.40 4.58
CA CYS G 273 15.39 -20.78 5.92
C CYS G 273 14.70 -22.14 5.88
N ILE G 274 15.44 -23.17 6.24
CA ILE G 274 14.99 -24.55 6.09
C ILE G 274 14.03 -24.88 7.22
N THR G 275 12.96 -25.59 6.89
CA THR G 275 11.98 -26.07 7.86
C THR G 275 12.30 -27.50 8.24
N LEU G 276 12.43 -27.74 9.54
CA LEU G 276 12.74 -29.07 10.06
C LEU G 276 11.70 -29.42 11.12
N ARG G 277 10.73 -30.24 10.76
CA ARG G 277 9.64 -30.54 11.68
C ARG G 277 10.12 -31.45 12.81
N ALA G 278 9.62 -31.18 14.02
CA ALA G 278 10.04 -31.94 15.18
C ALA G 278 8.82 -32.16 16.08
N ILE G 279 8.20 -33.33 15.96
CA ILE G 279 7.09 -33.69 16.82
C ILE G 279 7.59 -33.93 18.24
N PHE G 280 6.93 -33.29 19.21
CA PHE G 280 7.41 -33.39 20.58
C PHE G 280 6.37 -34.01 21.49
N PRO G 281 6.79 -34.75 22.52
CA PRO G 281 5.86 -35.12 23.58
C PRO G 281 5.54 -33.92 24.45
N ASN G 282 4.27 -33.82 24.84
CA ASN G 282 3.83 -32.72 25.68
C ASN G 282 2.59 -33.14 26.47
N PRO G 283 2.78 -33.85 27.59
CA PRO G 283 1.61 -34.36 28.33
C PRO G 283 0.80 -33.28 29.01
N ASP G 284 1.34 -32.07 29.16
CA ASP G 284 0.67 -31.02 29.91
C ASP G 284 -0.01 -30.01 29.03
N HIS G 285 0.25 -30.06 27.72
CA HIS G 285 -0.33 -29.19 26.69
C HIS G 285 0.00 -27.73 26.91
N THR G 286 1.06 -27.44 27.65
CA THR G 286 1.43 -26.06 27.94
C THR G 286 2.17 -25.42 26.78
N LEU G 287 2.82 -26.21 25.93
CA LEU G 287 3.53 -25.64 24.79
C LEU G 287 2.53 -25.23 23.74
N LEU G 288 2.65 -24.09 23.30
CA LEU G 288 1.68 -23.61 22.34
C LEU G 288 2.35 -23.40 20.98
N PRO G 289 1.60 -23.53 19.89
CA PRO G 289 2.18 -23.25 18.57
C PRO G 289 2.53 -21.79 18.38
N GLY G 290 3.82 -21.51 18.36
CA GLY G 290 4.35 -20.17 18.29
C GLY G 290 4.83 -19.64 19.62
N MET G 291 6.12 -19.77 19.94
CA MET G 291 6.61 -19.32 21.23
C MET G 291 7.69 -18.24 21.18
N PHE G 292 8.82 -18.37 20.46
CA PHE G 292 9.38 -19.48 19.68
C PHE G 292 10.64 -19.94 20.37
N VAL G 293 10.68 -21.20 20.79
CA VAL G 293 11.69 -21.65 21.73
C VAL G 293 13.00 -21.97 21.03
N ARG G 294 14.04 -22.24 21.81
CA ARG G 294 15.31 -22.74 21.34
C ARG G 294 15.45 -24.23 21.64
N ALA G 295 16.51 -24.82 21.10
CA ALA G 295 16.84 -26.22 21.25
C ALA G 295 18.28 -26.41 20.84
N ARG G 296 18.84 -27.55 21.22
CA ARG G 296 20.20 -27.90 20.82
C ARG G 296 20.36 -29.41 20.80
N LEU G 297 21.21 -29.87 19.89
CA LEU G 297 21.41 -31.29 19.67
C LEU G 297 22.18 -31.91 20.84
N GLU G 298 22.34 -33.23 20.78
CA GLU G 298 22.93 -33.93 21.91
C GLU G 298 24.45 -34.02 21.76
N GLU G 299 25.15 -33.52 22.78
CA GLU G 299 26.60 -33.43 22.77
C GLU G 299 27.23 -34.78 23.04
N GLY G 300 28.17 -35.19 22.20
CA GLY G 300 28.60 -34.48 21.01
C GLY G 300 29.32 -35.46 20.12
N LEU G 301 30.15 -34.97 19.23
CA LEU G 301 30.83 -35.83 18.27
C LEU G 301 32.18 -36.27 18.85
N ASN G 302 33.05 -36.74 17.96
CA ASN G 302 34.23 -37.54 18.30
C ASN G 302 35.18 -36.81 19.24
N PRO G 303 35.61 -37.45 20.32
CA PRO G 303 36.21 -36.73 21.45
C PRO G 303 37.61 -36.18 21.17
N ASN G 304 38.30 -36.69 20.16
CA ASN G 304 39.56 -36.09 19.74
C ASN G 304 39.34 -34.67 19.23
N ALA G 305 39.79 -33.69 20.01
CA ALA G 305 39.34 -32.32 19.80
C ALA G 305 40.46 -31.36 20.17
N ILE G 306 41.24 -30.94 19.16
CA ILE G 306 42.46 -30.18 19.41
C ILE G 306 42.10 -28.75 19.75
N LEU G 307 41.97 -28.48 21.05
CA LEU G 307 41.53 -27.18 21.54
C LEU G 307 42.59 -26.56 22.43
N VAL G 308 43.15 -25.45 21.98
CA VAL G 308 44.08 -24.65 22.77
C VAL G 308 43.35 -23.41 23.23
N PRO G 309 43.54 -22.98 24.47
CA PRO G 309 42.99 -21.68 24.91
C PRO G 309 43.58 -20.52 24.14
N GLN G 310 42.87 -19.39 24.29
CA GLN G 310 43.15 -18.17 23.54
C GLN G 310 44.56 -17.64 23.76
N GLN G 311 45.13 -17.88 24.94
CA GLN G 311 46.50 -17.45 25.20
C GLN G 311 47.49 -18.21 24.33
N GLY G 312 47.25 -19.51 24.14
CA GLY G 312 48.07 -20.26 23.21
C GLY G 312 47.76 -19.95 21.76
N VAL G 313 46.63 -19.30 21.50
CA VAL G 313 46.20 -19.08 20.13
C VAL G 313 47.05 -18.00 19.49
N THR G 314 47.75 -18.36 18.43
CA THR G 314 48.66 -17.49 17.72
C THR G 314 48.30 -17.48 16.24
N ARG G 315 48.02 -16.27 15.74
CA ARG G 315 47.66 -16.05 14.35
C ARG G 315 48.83 -15.37 13.67
N THR G 316 49.57 -16.13 12.85
CA THR G 316 50.74 -15.64 12.14
C THR G 316 50.98 -16.66 11.05
N PRO G 317 51.34 -16.27 9.81
CA PRO G 317 51.35 -14.98 9.12
C PRO G 317 49.99 -14.69 8.56
N ARG G 318 49.94 -13.91 7.49
CA ARG G 318 48.72 -13.23 7.13
C ARG G 318 47.66 -14.18 6.60
N GLY G 319 46.50 -14.13 7.24
CA GLY G 319 45.45 -15.10 7.02
C GLY G 319 45.74 -16.46 7.61
N ASP G 320 46.74 -16.57 8.48
CA ASP G 320 47.27 -17.86 8.85
C ASP G 320 47.40 -17.92 10.37
N ALA G 321 47.85 -19.07 10.86
CA ALA G 321 48.00 -19.32 12.29
C ALA G 321 49.06 -20.41 12.47
N THR G 322 50.24 -20.00 12.94
CA THR G 322 51.28 -20.95 13.35
C THR G 322 51.37 -20.97 14.86
N VAL G 323 51.72 -22.11 15.43
CA VAL G 323 52.03 -22.14 16.84
C VAL G 323 53.51 -22.49 16.96
N LEU G 324 54.18 -21.85 17.93
CA LEU G 324 55.62 -21.93 18.09
C LEU G 324 55.99 -22.82 19.28
N VAL G 325 55.37 -23.99 19.34
CA VAL G 325 55.74 -25.14 20.16
C VAL G 325 57.24 -25.35 20.18
N VAL G 326 57.79 -25.65 21.35
CA VAL G 326 59.23 -25.87 21.49
C VAL G 326 59.64 -27.11 20.73
N GLY G 327 60.83 -27.08 20.13
CA GLY G 327 61.43 -28.25 19.55
C GLY G 327 62.00 -29.17 20.61
N ALA G 328 62.47 -30.32 20.15
CA ALA G 328 62.95 -31.37 21.05
C ALA G 328 64.26 -31.00 21.72
N ASP G 329 65.06 -30.13 21.11
CA ASP G 329 66.33 -29.76 21.70
C ASP G 329 66.27 -28.43 22.43
N ASP G 330 65.11 -28.13 23.02
CA ASP G 330 64.74 -26.91 23.75
C ASP G 330 64.65 -25.68 22.87
N LYS G 331 65.06 -25.78 21.61
CA LYS G 331 65.03 -24.65 20.71
C LYS G 331 63.74 -24.68 19.91
N VAL G 332 63.01 -23.58 19.98
CA VAL G 332 61.59 -23.60 19.68
C VAL G 332 61.36 -23.66 18.17
N GLU G 333 60.20 -24.19 17.79
CA GLU G 333 60.00 -24.76 16.46
C GLU G 333 58.57 -24.49 16.03
N THR G 334 58.38 -23.42 15.27
CA THR G 334 57.02 -23.03 14.91
C THR G 334 56.43 -23.95 13.85
N ARG G 335 55.15 -24.22 14.00
CA ARG G 335 54.45 -25.05 13.03
C ARG G 335 53.09 -24.45 12.73
N PRO G 336 52.73 -24.37 11.45
CA PRO G 336 51.42 -23.86 11.07
C PRO G 336 50.32 -24.83 11.45
N ILE G 337 49.17 -24.29 11.80
CA ILE G 337 47.98 -25.08 12.10
C ILE G 337 46.81 -24.46 11.35
N VAL G 338 45.73 -25.21 11.29
CA VAL G 338 44.44 -24.72 10.83
C VAL G 338 43.57 -24.59 12.06
N ALA G 339 43.42 -23.35 12.53
CA ALA G 339 42.52 -23.09 13.63
C ALA G 339 41.09 -23.07 13.09
N SER G 340 40.27 -23.95 13.63
CA SER G 340 38.86 -23.99 13.26
C SER G 340 38.10 -23.05 14.18
N GLN G 341 36.79 -23.23 14.24
CA GLN G 341 35.91 -22.47 15.11
C GLN G 341 36.37 -22.52 16.56
N ALA G 342 36.34 -21.36 17.21
CA ALA G 342 36.58 -21.27 18.64
C ALA G 342 35.52 -22.06 19.39
N ILE G 343 35.95 -22.72 20.46
CA ILE G 343 35.07 -23.52 21.28
C ILE G 343 35.29 -23.11 22.73
N GLY G 344 34.33 -22.37 23.28
CA GLY G 344 34.48 -21.85 24.63
C GLY G 344 35.58 -20.83 24.66
N ASP G 345 36.46 -20.95 25.65
CA ASP G 345 37.70 -20.18 25.67
C ASP G 345 38.78 -20.82 24.84
N LYS G 346 38.45 -21.86 24.10
CA LYS G 346 39.45 -22.57 23.33
C LYS G 346 39.06 -22.56 21.87
N TRP G 347 39.77 -23.35 21.07
CA TRP G 347 39.79 -23.18 19.63
C TRP G 347 40.10 -24.52 18.97
N LEU G 348 39.16 -25.01 18.17
CA LEU G 348 39.39 -26.26 17.46
C LEU G 348 40.50 -26.11 16.44
N VAL G 349 41.37 -27.13 16.38
CA VAL G 349 42.43 -27.20 15.38
C VAL G 349 42.27 -28.51 14.63
N THR G 350 42.29 -28.44 13.31
CA THR G 350 42.33 -29.67 12.54
C THR G 350 43.75 -30.12 12.27
N GLU G 351 44.62 -29.18 11.88
CA GLU G 351 45.91 -29.51 11.31
C GLU G 351 46.89 -30.04 12.35
N GLY G 352 47.33 -31.26 12.15
CA GLY G 352 48.59 -31.77 12.65
C GLY G 352 48.77 -32.15 14.09
N LEU G 353 48.75 -31.17 14.98
CA LEU G 353 49.24 -31.37 16.33
C LEU G 353 48.27 -32.18 17.16
N LYS G 354 48.81 -32.86 18.16
CA LYS G 354 48.12 -33.90 18.89
C LYS G 354 48.13 -33.60 20.38
N ALA G 355 47.56 -34.54 21.13
CA ALA G 355 47.62 -34.48 22.58
C ALA G 355 49.05 -34.69 23.05
N GLY G 356 49.41 -34.03 24.14
CA GLY G 356 50.72 -34.22 24.73
C GLY G 356 51.84 -33.49 24.04
N ASP G 357 51.55 -32.71 23.02
CA ASP G 357 52.61 -31.97 22.34
C ASP G 357 53.11 -30.85 23.23
N ARG G 358 54.41 -30.56 23.15
CA ARG G 358 55.05 -29.62 24.07
C ARG G 358 54.73 -28.18 23.70
N VAL G 359 53.47 -27.81 23.86
CA VAL G 359 52.98 -26.47 23.56
C VAL G 359 53.45 -25.59 24.73
N VAL G 360 53.24 -24.30 24.64
CA VAL G 360 53.89 -23.30 25.49
C VAL G 360 52.74 -22.75 26.32
N ILE G 361 52.97 -21.73 27.15
CA ILE G 361 52.05 -20.58 27.14
C ILE G 361 52.80 -19.26 27.04
N SER G 362 53.65 -19.00 28.03
CA SER G 362 53.96 -17.63 28.43
C SER G 362 55.46 -17.44 28.60
N GLY G 363 55.96 -16.33 28.10
CA GLY G 363 57.38 -16.04 28.13
C GLY G 363 57.86 -15.79 26.71
N LEU G 364 56.91 -15.79 25.79
CA LEU G 364 57.14 -15.75 24.35
C LEU G 364 57.71 -14.43 23.86
N GLN G 365 57.76 -13.41 24.72
CA GLN G 365 58.16 -12.07 24.28
C GLN G 365 59.62 -12.06 23.87
N LYS G 366 60.48 -12.64 24.70
CA LYS G 366 61.88 -12.77 24.34
C LYS G 366 62.11 -13.86 23.31
N VAL G 367 61.12 -14.72 23.08
CA VAL G 367 61.35 -15.96 22.38
C VAL G 367 61.35 -15.71 20.87
N ARG G 368 62.38 -16.21 20.21
CA ARG G 368 62.54 -16.29 18.77
C ARG G 368 62.89 -17.73 18.42
N PRO G 369 62.55 -18.19 17.22
CA PRO G 369 62.69 -19.63 16.92
C PRO G 369 64.14 -20.09 16.90
N GLY G 370 64.47 -20.95 17.85
CA GLY G 370 65.80 -21.53 17.93
C GLY G 370 66.56 -21.22 19.20
N VAL G 371 65.85 -21.00 20.30
CA VAL G 371 66.44 -20.61 21.57
C VAL G 371 66.09 -21.66 22.60
N GLN G 372 67.07 -22.12 23.37
CA GLN G 372 66.82 -23.14 24.38
C GLN G 372 65.95 -22.63 25.52
N VAL G 373 65.08 -23.51 25.98
CA VAL G 373 63.90 -23.18 26.77
C VAL G 373 63.74 -24.23 27.86
N LYS G 374 63.42 -23.81 29.08
CA LYS G 374 63.23 -24.72 30.20
C LYS G 374 61.78 -24.62 30.66
N ALA G 375 61.07 -25.75 30.57
CA ALA G 375 59.61 -25.76 30.58
C ALA G 375 59.02 -25.51 31.97
N GLN G 376 57.86 -24.87 31.98
CA GLN G 376 57.15 -24.53 33.21
C GLN G 376 55.65 -24.60 32.99
N GLU G 377 54.95 -25.25 33.91
CA GLU G 377 53.49 -25.17 33.92
C GLU G 377 52.95 -24.64 35.23
N PRO H 38 22.33 18.16 71.09
CA PRO H 38 21.94 17.55 69.81
C PRO H 38 20.73 16.64 69.92
N ALA H 39 19.59 17.11 69.41
CA ALA H 39 18.33 16.39 69.51
C ALA H 39 17.65 16.30 68.14
N VAL H 40 17.41 15.07 67.69
CA VAL H 40 16.90 14.78 66.35
C VAL H 40 15.66 13.89 66.49
N GLY H 41 14.70 14.06 65.57
CA GLY H 41 13.39 13.42 65.68
C GLY H 41 13.31 11.95 65.32
N VAL H 42 13.70 11.10 66.27
CA VAL H 42 13.77 9.66 66.04
C VAL H 42 12.43 9.08 66.51
N VAL H 43 11.62 8.61 65.55
CA VAL H 43 10.19 8.41 65.74
C VAL H 43 9.83 6.94 65.57
N THR H 44 8.96 6.43 66.44
CA THR H 44 8.48 5.05 66.34
C THR H 44 7.58 4.88 65.13
N VAL H 45 7.83 3.81 64.36
CA VAL H 45 7.12 3.51 63.12
C VAL H 45 6.52 2.12 63.25
N LYS H 46 5.32 1.93 62.70
CA LYS H 46 4.41 0.81 62.98
C LYS H 46 3.84 0.16 61.72
N THR H 47 2.81 -0.66 61.91
CA THR H 47 2.40 -1.70 60.96
C THR H 47 0.97 -1.47 60.47
N GLU H 48 0.76 -1.56 59.15
CA GLU H 48 -0.51 -1.27 58.50
C GLU H 48 -0.65 -2.07 57.20
N PRO H 49 -1.88 -2.39 56.78
CA PRO H 49 -2.07 -3.11 55.51
C PRO H 49 -1.83 -2.24 54.28
N LEU H 50 -2.11 -2.82 53.10
CA LEU H 50 -1.39 -2.41 51.88
C LEU H 50 -2.08 -1.27 51.13
N GLN H 51 -3.43 -1.22 51.11
CA GLN H 51 -4.16 -0.03 50.65
C GLN H 51 -3.96 0.33 49.17
N ILE H 52 -4.92 -0.08 48.33
CA ILE H 52 -4.86 -0.64 46.96
C ILE H 52 -3.67 -0.43 46.01
N THR H 53 -3.34 -1.55 45.35
CA THR H 53 -2.39 -1.71 44.26
C THR H 53 -2.90 -1.24 42.90
N THR H 54 -2.26 -1.76 41.84
CA THR H 54 -2.16 -1.18 40.51
C THR H 54 -3.49 -0.84 39.84
N GLU H 55 -3.58 0.40 39.37
CA GLU H 55 -4.54 0.78 38.35
C GLU H 55 -3.98 0.46 36.96
N LEU H 56 -4.80 -0.17 36.14
CA LEU H 56 -4.44 -0.64 34.82
C LEU H 56 -5.62 -0.43 33.89
N PRO H 57 -5.37 -0.26 32.60
CA PRO H 57 -6.47 -0.10 31.65
C PRO H 57 -7.02 -1.43 31.16
N GLY H 58 -8.23 -1.36 30.62
CA GLY H 58 -8.86 -2.47 29.97
C GLY H 58 -10.00 -1.93 29.14
N ARG H 59 -10.06 -2.31 27.88
CA ARG H 59 -11.08 -1.73 27.01
C ARG H 59 -12.42 -2.37 27.29
N THR H 60 -13.42 -1.55 27.56
CA THR H 60 -14.73 -2.10 27.80
C THR H 60 -15.37 -2.56 26.50
N SER H 61 -16.12 -3.65 26.60
CA SER H 61 -16.81 -4.24 25.47
C SER H 61 -18.30 -4.18 25.75
N ALA H 62 -19.07 -4.82 24.89
CA ALA H 62 -20.47 -4.97 25.19
C ALA H 62 -20.70 -6.25 25.97
N TYR H 63 -21.73 -6.24 26.80
CA TYR H 63 -22.13 -7.46 27.49
C TYR H 63 -22.64 -8.50 26.52
N ARG H 64 -23.28 -8.08 25.44
CA ARG H 64 -23.63 -8.99 24.38
C ARG H 64 -23.76 -8.21 23.08
N ILE H 65 -23.15 -8.72 22.02
CA ILE H 65 -23.32 -8.19 20.69
C ILE H 65 -24.13 -9.20 19.88
N ALA H 66 -24.66 -8.73 18.77
CA ALA H 66 -25.17 -9.60 17.72
C ALA H 66 -25.11 -8.86 16.40
N GLU H 67 -24.74 -9.57 15.36
CA GLU H 67 -24.54 -8.97 14.04
C GLU H 67 -25.76 -9.25 13.18
N VAL H 68 -26.59 -8.23 13.00
CA VAL H 68 -27.80 -8.38 12.19
C VAL H 68 -27.41 -8.54 10.74
N ARG H 69 -27.74 -9.70 10.17
CA ARG H 69 -27.35 -10.06 8.83
C ARG H 69 -28.59 -10.43 8.01
N PRO H 70 -28.57 -10.15 6.71
CA PRO H 70 -29.77 -10.43 5.90
C PRO H 70 -29.93 -11.92 5.62
N GLN H 71 -31.18 -12.34 5.54
CA GLN H 71 -31.49 -13.74 5.28
C GLN H 71 -32.29 -13.94 4.00
N VAL H 72 -32.46 -12.88 3.21
CA VAL H 72 -33.07 -12.95 1.90
C VAL H 72 -32.28 -12.02 0.97
N SER H 73 -31.87 -12.55 -0.18
CA SER H 73 -31.34 -11.71 -1.23
C SER H 73 -32.47 -10.90 -1.86
N GLY H 74 -32.29 -9.60 -1.95
CA GLY H 74 -33.30 -8.77 -2.56
C GLY H 74 -33.04 -7.29 -2.31
N ILE H 75 -34.06 -6.50 -2.62
CA ILE H 75 -33.97 -5.05 -2.60
C ILE H 75 -34.57 -4.55 -1.30
N ILE H 76 -33.83 -3.66 -0.62
CA ILE H 76 -34.25 -3.13 0.66
C ILE H 76 -35.45 -2.22 0.52
N LEU H 77 -36.54 -2.62 1.17
CA LEU H 77 -37.63 -1.71 1.45
C LEU H 77 -37.62 -1.39 2.95
N LYS H 78 -38.56 -0.55 3.37
CA LYS H 78 -38.45 0.43 4.45
C LYS H 78 -37.77 -0.05 5.74
N ARG H 79 -36.80 0.76 6.20
CA ARG H 79 -36.24 0.62 7.54
C ARG H 79 -37.28 0.89 8.61
N ASN H 80 -37.28 0.07 9.66
CA ASN H 80 -38.32 0.10 10.67
C ASN H 80 -37.76 0.43 12.06
N PHE H 81 -36.76 1.31 12.11
CA PHE H 81 -36.12 1.65 13.38
C PHE H 81 -35.33 2.94 13.20
N LYS H 82 -34.53 3.25 14.21
CA LYS H 82 -33.46 4.24 14.15
C LYS H 82 -32.20 3.65 14.77
N GLU H 83 -31.06 4.23 14.39
CA GLU H 83 -29.78 3.76 14.90
C GLU H 83 -29.59 4.18 16.35
N GLY H 84 -28.77 3.39 17.06
CA GLY H 84 -28.48 3.66 18.46
C GLY H 84 -29.66 3.55 19.38
N SER H 85 -30.69 2.82 18.99
CA SER H 85 -31.94 2.76 19.70
C SER H 85 -32.14 1.40 20.36
N ASP H 86 -33.03 1.37 21.33
CA ASP H 86 -33.26 0.18 22.14
C ASP H 86 -34.15 -0.79 21.37
N ILE H 87 -33.58 -1.92 20.99
CA ILE H 87 -34.28 -2.88 20.12
C ILE H 87 -34.48 -4.15 20.90
N GLU H 88 -35.64 -4.78 20.72
CA GLU H 88 -35.94 -6.05 21.33
C GLU H 88 -35.95 -7.15 20.28
N ALA H 89 -35.91 -8.39 20.75
CA ALA H 89 -35.81 -9.53 19.84
C ALA H 89 -37.11 -9.71 19.07
N GLY H 90 -36.99 -9.75 17.73
CA GLY H 90 -38.14 -9.89 16.88
C GLY H 90 -38.77 -8.59 16.42
N VAL H 91 -38.30 -7.45 16.93
CA VAL H 91 -38.78 -6.17 16.44
C VAL H 91 -38.28 -5.97 15.02
N SER H 92 -39.18 -5.58 14.12
CA SER H 92 -38.87 -5.54 12.70
C SER H 92 -37.89 -4.43 12.38
N LEU H 93 -36.98 -4.72 11.45
CA LEU H 93 -35.88 -3.81 11.16
C LEU H 93 -35.95 -3.23 9.77
N TYR H 94 -35.91 -4.06 8.75
CA TYR H 94 -36.11 -3.63 7.37
C TYR H 94 -37.33 -4.36 6.82
N GLN H 95 -37.65 -4.09 5.56
CA GLN H 95 -38.72 -4.83 4.92
C GLN H 95 -38.38 -4.97 3.44
N ILE H 96 -37.96 -6.15 3.05
CA ILE H 96 -37.75 -6.45 1.64
C ILE H 96 -39.12 -6.52 0.97
N ASP H 97 -39.19 -6.04 -0.28
CA ASP H 97 -40.42 -6.03 -1.08
C ASP H 97 -40.95 -7.46 -1.27
N PRO H 98 -42.10 -7.80 -0.72
CA PRO H 98 -42.56 -9.19 -0.74
C PRO H 98 -43.23 -9.62 -2.03
N ALA H 99 -43.37 -8.72 -3.01
CA ALA H 99 -44.26 -8.95 -4.15
C ALA H 99 -43.81 -10.10 -5.02
N THR H 100 -42.50 -10.24 -5.26
CA THR H 100 -41.98 -11.40 -5.96
C THR H 100 -42.21 -12.67 -5.16
N TYR H 101 -41.88 -12.63 -3.87
CA TYR H 101 -42.17 -13.72 -2.95
C TYR H 101 -43.66 -13.92 -2.77
N GLN H 102 -44.47 -12.87 -2.97
CA GLN H 102 -45.91 -13.03 -2.97
C GLN H 102 -46.37 -13.82 -4.19
N ALA H 103 -45.73 -13.56 -5.34
CA ALA H 103 -46.10 -14.25 -6.57
C ALA H 103 -45.72 -15.71 -6.51
N THR H 104 -44.51 -16.02 -6.05
CA THR H 104 -44.10 -17.42 -5.89
C THR H 104 -44.87 -18.06 -4.73
N TYR H 105 -45.33 -17.24 -3.80
CA TYR H 105 -46.05 -17.67 -2.60
C TYR H 105 -47.43 -18.17 -2.94
N ASP H 106 -48.22 -17.33 -3.60
CA ASP H 106 -49.54 -17.76 -4.04
C ASP H 106 -49.47 -18.69 -5.23
N SER H 107 -48.37 -18.65 -6.00
CA SER H 107 -48.16 -19.62 -7.06
C SER H 107 -47.94 -21.01 -6.49
N ALA H 108 -47.19 -21.09 -5.39
CA ALA H 108 -47.03 -22.34 -4.67
C ALA H 108 -48.35 -22.81 -4.07
N LYS H 109 -49.19 -21.86 -3.64
CA LYS H 109 -50.53 -22.23 -3.20
C LYS H 109 -51.37 -22.77 -4.35
N GLY H 110 -51.18 -22.24 -5.56
CA GLY H 110 -51.96 -22.69 -6.70
C GLY H 110 -51.57 -24.07 -7.17
N ASP H 111 -50.26 -24.32 -7.25
CA ASP H 111 -49.81 -25.66 -7.61
C ASP H 111 -50.08 -26.65 -6.49
N LEU H 112 -50.15 -26.16 -5.24
CA LEU H 112 -50.66 -26.97 -4.14
C LEU H 112 -52.09 -27.42 -4.38
N ALA H 113 -52.94 -26.49 -4.85
CA ALA H 113 -54.30 -26.86 -5.23
C ALA H 113 -54.32 -27.82 -6.42
N LYS H 114 -53.33 -27.72 -7.32
CA LYS H 114 -53.24 -28.67 -8.42
C LYS H 114 -52.92 -30.07 -7.93
N ALA H 115 -52.00 -30.19 -6.96
CA ALA H 115 -51.69 -31.48 -6.38
C ALA H 115 -52.86 -32.04 -5.58
N GLN H 116 -53.66 -31.15 -4.97
CA GLN H 116 -54.89 -31.59 -4.33
C GLN H 116 -55.90 -32.10 -5.35
N ALA H 117 -55.91 -31.50 -6.54
CA ALA H 117 -56.84 -31.92 -7.59
C ALA H 117 -56.47 -33.30 -8.13
N ALA H 118 -55.21 -33.47 -8.57
CA ALA H 118 -54.78 -34.74 -9.12
C ALA H 118 -54.76 -35.85 -8.07
N ALA H 119 -54.41 -35.49 -6.83
CA ALA H 119 -54.49 -36.45 -5.73
C ALA H 119 -55.93 -36.83 -5.42
N ASN H 120 -56.87 -35.90 -5.61
CA ASN H 120 -58.28 -36.22 -5.44
C ASN H 120 -58.74 -37.20 -6.51
N ILE H 121 -58.31 -36.98 -7.77
CA ILE H 121 -58.65 -37.87 -8.88
C ILE H 121 -58.12 -39.27 -8.62
N ALA H 122 -56.84 -39.35 -8.24
CA ALA H 122 -56.21 -40.64 -7.98
C ALA H 122 -56.86 -41.34 -6.78
N GLN H 123 -57.27 -40.57 -5.77
CA GLN H 123 -57.92 -41.15 -4.61
C GLN H 123 -59.29 -41.74 -4.95
N LEU H 124 -60.06 -41.04 -5.80
CA LEU H 124 -61.35 -41.56 -6.19
C LEU H 124 -61.22 -42.76 -7.11
N THR H 125 -60.17 -42.82 -7.94
CA THR H 125 -59.93 -44.03 -8.71
C THR H 125 -59.49 -45.19 -7.82
N VAL H 126 -58.79 -44.90 -6.72
CA VAL H 126 -58.45 -45.95 -5.75
C VAL H 126 -59.71 -46.49 -5.09
N ASN H 127 -60.63 -45.60 -4.69
CA ASN H 127 -61.83 -46.03 -3.98
C ASN H 127 -62.76 -46.82 -4.90
N ARG H 128 -63.07 -46.26 -6.08
CA ARG H 128 -64.02 -46.91 -6.96
C ARG H 128 -63.36 -47.88 -7.93
N TYR H 129 -62.06 -48.12 -7.79
CA TYR H 129 -61.46 -49.35 -8.27
C TYR H 129 -61.15 -50.32 -7.13
N GLN H 130 -61.48 -49.94 -5.91
CA GLN H 130 -61.17 -50.73 -4.72
C GLN H 130 -62.38 -51.47 -4.18
N LYS H 131 -63.56 -50.88 -4.29
CA LYS H 131 -64.77 -51.46 -3.70
C LYS H 131 -65.36 -52.62 -4.50
N LEU H 132 -64.72 -53.06 -5.58
CA LEU H 132 -65.25 -54.13 -6.43
C LEU H 132 -64.21 -55.15 -6.87
N LEU H 133 -63.15 -55.34 -6.10
CA LEU H 133 -62.05 -56.22 -6.51
C LEU H 133 -62.46 -57.69 -6.45
N GLY H 134 -61.64 -58.53 -7.08
CA GLY H 134 -61.86 -59.96 -7.08
C GLY H 134 -63.06 -60.44 -7.84
N THR H 135 -63.66 -59.58 -8.65
CA THR H 135 -64.89 -59.86 -9.36
C THR H 135 -64.67 -59.65 -10.85
N GLN H 136 -65.77 -59.69 -11.61
CA GLN H 136 -65.72 -59.32 -13.02
C GLN H 136 -65.64 -57.81 -13.21
N TYR H 137 -65.91 -57.04 -12.15
CA TYR H 137 -65.97 -55.58 -12.25
C TYR H 137 -64.59 -54.99 -12.47
N ILE H 138 -63.70 -55.14 -11.48
CA ILE H 138 -62.35 -54.60 -11.55
C ILE H 138 -61.40 -55.65 -10.99
N SER H 139 -60.25 -55.78 -11.65
CA SER H 139 -59.22 -56.72 -11.26
C SER H 139 -58.12 -56.00 -10.51
N LYS H 140 -57.04 -56.74 -10.23
CA LYS H 140 -55.89 -56.19 -9.53
C LYS H 140 -55.09 -55.24 -10.41
N GLN H 141 -55.24 -55.35 -11.73
CA GLN H 141 -54.39 -54.62 -12.68
C GLN H 141 -54.66 -53.12 -12.64
N GLU H 142 -55.88 -52.71 -13.00
CA GLU H 142 -56.20 -51.29 -13.03
C GLU H 142 -56.36 -50.74 -11.62
N TYR H 143 -56.63 -51.60 -10.65
CA TYR H 143 -56.51 -51.24 -9.24
C TYR H 143 -55.11 -50.74 -8.92
N ASP H 144 -54.10 -51.55 -9.23
CA ASP H 144 -52.71 -51.13 -9.00
C ASP H 144 -52.29 -49.99 -9.90
N GLN H 145 -52.95 -49.82 -11.05
CA GLN H 145 -52.78 -48.60 -11.82
C GLN H 145 -53.25 -47.38 -11.03
N ALA H 146 -54.41 -47.49 -10.37
CA ALA H 146 -54.91 -46.41 -9.54
C ALA H 146 -54.03 -46.20 -8.31
N LEU H 147 -53.42 -47.27 -7.78
CA LEU H 147 -52.50 -47.12 -6.65
C LEU H 147 -51.20 -46.47 -7.08
N ALA H 148 -50.76 -46.72 -8.31
CA ALA H 148 -49.60 -45.99 -8.85
C ALA H 148 -49.94 -44.52 -9.04
N ASP H 149 -51.19 -44.24 -9.44
CA ASP H 149 -51.67 -42.86 -9.48
C ASP H 149 -51.70 -42.24 -8.09
N ALA H 150 -52.01 -43.04 -7.07
CA ALA H 150 -52.11 -42.54 -5.71
C ALA H 150 -50.74 -42.22 -5.14
N GLN H 151 -49.78 -43.14 -5.31
CA GLN H 151 -48.43 -42.94 -4.79
C GLN H 151 -47.71 -41.83 -5.51
N GLN H 152 -47.82 -41.78 -6.85
CA GLN H 152 -47.22 -40.70 -7.61
C GLN H 152 -47.90 -39.37 -7.31
N ALA H 153 -49.20 -39.42 -7.00
CA ALA H 153 -49.91 -38.23 -6.52
C ALA H 153 -49.38 -37.78 -5.16
N ASN H 154 -49.00 -38.72 -4.30
CA ASN H 154 -48.37 -38.35 -3.03
C ASN H 154 -46.97 -37.77 -3.26
N ALA H 155 -46.31 -38.16 -4.34
CA ALA H 155 -45.06 -37.48 -4.71
C ALA H 155 -45.34 -36.05 -5.16
N ALA H 156 -46.46 -35.83 -5.87
CA ALA H 156 -46.82 -34.48 -6.28
C ALA H 156 -47.20 -33.60 -5.09
N VAL H 157 -47.89 -34.18 -4.11
CA VAL H 157 -48.21 -33.46 -2.88
C VAL H 157 -46.96 -33.21 -2.06
N THR H 158 -45.98 -34.13 -2.16
CA THR H 158 -44.70 -33.95 -1.48
C THR H 158 -43.95 -32.75 -2.04
N ALA H 159 -43.86 -32.66 -3.37
CA ALA H 159 -43.25 -31.48 -3.99
C ALA H 159 -44.08 -30.23 -3.74
N ALA H 160 -45.40 -30.39 -3.59
CA ALA H 160 -46.27 -29.26 -3.29
C ALA H 160 -45.97 -28.68 -1.92
N LYS H 161 -45.85 -29.54 -0.90
CA LYS H 161 -45.51 -29.06 0.43
C LYS H 161 -44.08 -28.55 0.50
N ALA H 162 -43.21 -29.07 -0.37
CA ALA H 162 -41.87 -28.50 -0.51
C ALA H 162 -41.94 -27.07 -1.02
N ALA H 163 -42.82 -26.80 -1.99
CA ALA H 163 -42.89 -25.45 -2.55
C ALA H 163 -43.59 -24.48 -1.61
N VAL H 164 -44.68 -24.92 -0.97
CA VAL H 164 -45.41 -24.06 -0.05
C VAL H 164 -44.59 -23.76 1.18
N GLU H 165 -43.88 -24.77 1.69
CA GLU H 165 -42.96 -24.55 2.79
C GLU H 165 -41.79 -23.67 2.39
N THR H 166 -41.32 -23.81 1.14
CA THR H 166 -40.18 -23.05 0.65
C THR H 166 -40.52 -21.57 0.54
N ALA H 167 -41.64 -21.27 -0.10
CA ALA H 167 -42.14 -19.90 -0.12
C ALA H 167 -42.58 -19.44 1.26
N ARG H 168 -42.85 -20.36 2.18
CA ARG H 168 -43.29 -19.92 3.49
C ARG H 168 -42.11 -19.49 4.34
N ILE H 169 -40.95 -20.10 4.11
CA ILE H 169 -39.76 -19.66 4.83
C ILE H 169 -39.18 -18.42 4.16
N ASN H 170 -39.16 -18.39 2.82
CA ASN H 170 -38.66 -17.20 2.12
C ASN H 170 -39.56 -16.00 2.37
N LEU H 171 -40.85 -16.20 2.18
CA LEU H 171 -41.87 -15.20 2.51
C LEU H 171 -41.95 -14.94 4.01
N ALA H 172 -41.38 -15.83 4.82
CA ALA H 172 -41.21 -15.52 6.24
C ALA H 172 -39.99 -14.61 6.46
N TYR H 173 -38.95 -14.75 5.65
CA TYR H 173 -37.73 -13.97 5.79
C TYR H 173 -37.69 -12.73 4.90
N THR H 174 -38.78 -12.39 4.22
CA THR H 174 -38.83 -11.10 3.53
C THR H 174 -38.82 -9.96 4.53
N LYS H 175 -39.59 -10.08 5.60
CA LYS H 175 -39.47 -9.15 6.71
C LYS H 175 -38.15 -9.35 7.43
N VAL H 176 -37.57 -8.25 7.87
CA VAL H 176 -36.31 -8.25 8.60
C VAL H 176 -36.60 -7.84 10.03
N THR H 177 -36.31 -8.72 10.97
CA THR H 177 -36.50 -8.46 12.38
C THR H 177 -35.18 -8.63 13.11
N SER H 178 -35.22 -8.47 14.38
CA SER H 178 -34.05 -8.53 15.24
C SER H 178 -33.78 -9.94 15.71
N PRO H 179 -32.51 -10.36 15.70
CA PRO H 179 -32.14 -11.64 16.32
C PRO H 179 -32.36 -11.64 17.82
N ILE H 180 -31.71 -10.71 18.53
CA ILE H 180 -31.81 -10.64 19.98
C ILE H 180 -32.26 -9.25 20.37
N SER H 181 -32.33 -8.99 21.67
CA SER H 181 -32.70 -7.70 22.22
C SER H 181 -31.46 -6.85 22.50
N GLY H 182 -31.67 -5.56 22.66
CA GLY H 182 -30.64 -4.66 23.11
C GLY H 182 -30.43 -3.50 22.15
N ARG H 183 -29.45 -2.67 22.50
CA ARG H 183 -29.22 -1.42 21.77
C ARG H 183 -28.54 -1.67 20.44
N ILE H 184 -29.16 -1.19 19.36
CA ILE H 184 -28.61 -1.39 18.03
C ILE H 184 -27.42 -0.46 17.81
N GLY H 185 -26.51 -0.90 16.93
CA GLY H 185 -25.52 -0.02 16.36
C GLY H 185 -26.09 0.75 15.19
N LYS H 186 -25.36 0.80 14.08
CA LYS H 186 -25.78 1.59 12.94
C LYS H 186 -26.29 0.74 11.78
N SER H 187 -27.08 1.38 10.94
CA SER H 187 -27.48 0.81 9.66
C SER H 187 -26.30 0.87 8.69
N ASN H 188 -26.35 0.01 7.68
CA ASN H 188 -25.27 -0.03 6.71
C ASN H 188 -25.76 0.29 5.31
N VAL H 189 -26.95 -0.18 4.96
CA VAL H 189 -27.47 -0.10 3.61
C VAL H 189 -28.75 0.74 3.65
N THR H 190 -28.93 1.59 2.64
CA THR H 190 -30.15 2.38 2.52
C THR H 190 -31.17 1.66 1.61
N GLU H 191 -32.37 2.23 1.52
CA GLU H 191 -33.49 1.57 0.88
C GLU H 191 -33.34 1.59 -0.64
N GLY H 192 -34.09 0.70 -1.30
CA GLY H 192 -33.97 0.59 -2.74
C GLY H 192 -32.70 -0.05 -3.22
N ALA H 193 -32.00 -0.77 -2.35
CA ALA H 193 -30.69 -1.33 -2.67
C ALA H 193 -30.71 -2.85 -2.59
N LEU H 194 -30.05 -3.48 -3.54
CA LEU H 194 -29.94 -4.93 -3.57
C LEU H 194 -29.01 -5.42 -2.47
N VAL H 195 -29.51 -6.30 -1.62
CA VAL H 195 -28.67 -7.02 -0.68
C VAL H 195 -28.79 -8.50 -1.01
N GLN H 196 -27.87 -9.27 -0.44
CA GLN H 196 -27.81 -10.71 -0.68
C GLN H 196 -27.99 -11.46 0.62
N ASN H 197 -28.60 -12.64 0.52
CA ASN H 197 -28.61 -13.55 1.66
C ASN H 197 -27.21 -14.09 1.89
N GLY H 198 -26.78 -14.10 3.15
CA GLY H 198 -25.48 -14.64 3.50
C GLY H 198 -24.31 -13.83 3.00
N GLN H 199 -24.52 -12.56 2.68
CA GLN H 199 -23.44 -11.73 2.18
C GLN H 199 -22.56 -11.27 3.33
N ALA H 200 -21.42 -10.68 2.98
CA ALA H 200 -20.44 -10.29 4.00
C ALA H 200 -20.91 -9.10 4.81
N THR H 201 -21.58 -8.15 4.16
CA THR H 201 -22.04 -6.96 4.85
C THR H 201 -23.25 -7.29 5.72
N ALA H 202 -23.07 -7.15 7.02
CA ALA H 202 -24.19 -7.28 7.95
C ALA H 202 -25.13 -6.09 7.80
N LEU H 203 -26.36 -6.26 8.29
CA LEU H 203 -27.26 -5.13 8.31
C LEU H 203 -26.91 -4.18 9.44
N ALA H 204 -26.66 -4.72 10.63
CA ALA H 204 -26.31 -3.89 11.78
C ALA H 204 -25.57 -4.75 12.79
N THR H 205 -25.43 -4.23 14.01
CA THR H 205 -24.89 -4.99 15.14
C THR H 205 -25.46 -4.38 16.41
N VAL H 206 -26.34 -5.10 17.07
CA VAL H 206 -26.89 -4.65 18.34
C VAL H 206 -25.88 -4.93 19.44
N GLN H 207 -25.88 -4.05 20.43
CA GLN H 207 -25.24 -4.31 21.70
C GLN H 207 -26.33 -4.47 22.75
N GLN H 208 -25.93 -4.83 23.96
CA GLN H 208 -26.92 -5.17 24.98
C GLN H 208 -26.27 -4.95 26.33
N LEU H 209 -26.65 -3.86 27.01
CA LEU H 209 -25.94 -3.46 28.23
C LEU H 209 -26.89 -3.20 29.37
N ASP H 210 -27.38 -4.24 30.05
CA ASP H 210 -27.80 -3.92 31.40
C ASP H 210 -26.63 -4.18 32.35
N PRO H 211 -25.89 -5.32 32.25
CA PRO H 211 -24.53 -5.28 32.79
C PRO H 211 -23.59 -4.91 31.67
N ILE H 212 -22.30 -4.79 31.92
CA ILE H 212 -21.38 -4.52 30.82
C ILE H 212 -20.13 -5.37 30.99
N TYR H 213 -19.78 -6.09 29.93
CA TYR H 213 -18.50 -6.76 29.87
C TYR H 213 -17.40 -5.75 29.65
N VAL H 214 -16.27 -5.96 30.31
CA VAL H 214 -15.08 -5.18 30.06
C VAL H 214 -13.96 -6.16 29.74
N ASP H 215 -13.32 -5.96 28.60
CA ASP H 215 -12.16 -6.76 28.26
C ASP H 215 -10.95 -6.17 28.96
N VAL H 216 -10.57 -6.74 30.08
CA VAL H 216 -9.52 -6.21 30.92
C VAL H 216 -8.19 -6.56 30.26
N THR H 217 -7.65 -5.60 29.52
CA THR H 217 -6.37 -5.75 28.88
C THR H 217 -5.27 -5.82 29.92
N GLN H 218 -4.47 -6.88 29.88
CA GLN H 218 -3.40 -7.00 30.85
C GLN H 218 -2.25 -7.80 30.26
N SER H 219 -1.03 -7.36 30.53
CA SER H 219 0.09 -7.59 29.63
C SER H 219 0.71 -8.99 29.80
N SER H 220 1.93 -9.11 29.24
CA SER H 220 2.53 -10.41 29.00
C SER H 220 3.93 -10.47 29.57
N ASN H 221 4.65 -9.36 29.52
CA ASN H 221 5.97 -9.28 30.13
C ASN H 221 5.88 -9.42 31.64
N ASP H 222 4.83 -8.86 32.22
CA ASP H 222 4.61 -8.93 33.64
C ASP H 222 3.92 -10.20 34.08
N PHE H 223 3.87 -11.25 33.25
CA PHE H 223 3.29 -12.50 33.70
C PHE H 223 4.09 -13.12 34.84
N LEU H 224 5.37 -12.79 34.94
CA LEU H 224 6.11 -13.03 36.17
C LEU H 224 5.60 -12.17 37.33
N ARG H 225 5.10 -10.96 37.05
CA ARG H 225 4.63 -10.09 38.13
C ARG H 225 3.13 -10.25 38.34
N LEU H 226 2.38 -10.47 37.25
CA LEU H 226 0.99 -10.85 37.36
C LEU H 226 0.83 -12.18 38.06
N LYS H 227 1.61 -13.18 37.67
CA LYS H 227 1.62 -14.45 38.38
C LYS H 227 2.45 -14.38 39.67
N GLN H 228 3.21 -13.32 39.88
CA GLN H 228 3.76 -13.10 41.20
C GLN H 228 2.71 -12.60 42.18
N GLU H 229 1.78 -11.80 41.69
CA GLU H 229 0.69 -11.31 42.54
C GLU H 229 -0.43 -12.34 42.63
N LEU H 230 -0.58 -13.18 41.60
CA LEU H 230 -1.40 -14.37 41.68
C LEU H 230 -0.83 -15.38 42.66
N ALA H 231 0.48 -15.65 42.55
CA ALA H 231 1.14 -16.60 43.43
C ALA H 231 1.27 -16.05 44.84
N ASN H 232 1.15 -14.73 44.99
CA ASN H 232 0.95 -14.13 46.30
C ASN H 232 -0.37 -14.57 46.92
N GLY H 233 -1.37 -14.87 46.10
CA GLY H 233 -2.66 -15.32 46.60
C GLY H 233 -3.48 -14.24 47.25
N THR H 234 -3.06 -12.98 47.11
CA THR H 234 -3.67 -11.85 47.80
C THR H 234 -4.52 -11.01 46.87
N LEU H 235 -4.68 -11.44 45.62
CA LEU H 235 -5.65 -10.80 44.75
C LEU H 235 -6.95 -11.59 44.66
N LYS H 236 -6.87 -12.91 44.62
CA LYS H 236 -8.04 -13.77 44.53
C LYS H 236 -8.29 -14.31 45.93
N GLN H 237 -8.94 -13.50 46.76
CA GLN H 237 -9.30 -13.91 48.11
C GLN H 237 -10.52 -14.81 48.11
N GLU H 238 -11.66 -14.30 47.65
CA GLU H 238 -12.91 -15.04 47.72
C GLU H 238 -13.02 -16.04 46.57
N ASN H 239 -13.15 -15.55 45.35
CA ASN H 239 -13.36 -16.37 44.17
C ASN H 239 -12.77 -15.65 42.97
N GLY H 240 -13.03 -16.20 41.78
CA GLY H 240 -12.72 -15.46 40.57
C GLY H 240 -13.51 -14.18 40.47
N LYS H 241 -14.80 -14.23 40.73
CA LYS H 241 -15.60 -13.02 40.75
C LYS H 241 -15.37 -12.28 42.06
N ALA H 242 -14.70 -11.13 41.97
CA ALA H 242 -14.65 -10.18 43.06
C ALA H 242 -14.48 -8.78 42.49
N LYS H 243 -14.79 -7.79 43.31
CA LYS H 243 -15.01 -6.44 42.81
C LYS H 243 -13.71 -5.75 42.44
N VAL H 244 -13.83 -4.63 41.74
CA VAL H 244 -12.76 -3.78 41.23
C VAL H 244 -13.32 -2.37 41.04
N SER H 245 -12.65 -1.37 41.58
CA SER H 245 -13.04 0.02 41.42
C SER H 245 -12.60 0.54 40.06
N LEU H 246 -13.33 1.54 39.55
CA LEU H 246 -13.27 1.89 38.14
C LEU H 246 -12.75 3.29 37.97
N ILE H 247 -12.15 3.57 36.82
CA ILE H 247 -11.65 4.90 36.48
C ILE H 247 -11.94 5.14 35.01
N THR H 248 -12.89 5.99 34.72
CA THR H 248 -13.11 6.39 33.35
C THR H 248 -12.39 7.70 33.06
N SER H 249 -12.74 8.33 31.93
CA SER H 249 -11.90 9.35 31.31
C SER H 249 -11.80 10.63 32.13
N ASP H 250 -12.85 10.95 32.89
CA ASP H 250 -12.74 12.11 33.77
C ASP H 250 -12.01 11.78 35.07
N GLY H 251 -11.69 10.50 35.29
CA GLY H 251 -11.16 10.04 36.54
C GLY H 251 -12.21 9.66 37.56
N ILE H 252 -13.42 10.21 37.42
CA ILE H 252 -14.51 9.92 38.34
C ILE H 252 -14.93 8.46 38.17
N LYS H 253 -14.98 7.73 39.27
CA LYS H 253 -15.29 6.32 39.24
C LYS H 253 -16.77 6.11 38.89
N PHE H 254 -17.08 4.87 38.54
CA PHE H 254 -18.46 4.50 38.44
C PHE H 254 -19.05 4.47 39.85
N PRO H 255 -20.33 4.84 40.03
CA PRO H 255 -20.93 4.90 41.38
C PRO H 255 -20.94 3.60 42.17
N GLN H 256 -20.60 2.47 41.57
CA GLN H 256 -20.16 1.33 42.36
C GLN H 256 -19.05 0.62 41.61
N ASP H 257 -18.29 -0.18 42.35
CA ASP H 257 -17.29 -1.04 41.76
C ASP H 257 -17.96 -2.19 41.00
N GLY H 258 -17.16 -2.89 40.19
CA GLY H 258 -17.68 -3.92 39.32
C GLY H 258 -17.15 -5.30 39.63
N THR H 259 -17.82 -6.29 39.07
CA THR H 259 -17.52 -7.70 39.32
C THR H 259 -16.47 -8.16 38.31
N LEU H 260 -15.20 -8.15 38.73
CA LEU H 260 -14.13 -8.68 37.91
C LEU H 260 -13.96 -10.17 38.16
N GLU H 261 -14.03 -10.95 37.08
CA GLU H 261 -13.64 -12.35 37.15
C GLU H 261 -12.12 -12.44 37.15
N PHE H 262 -11.59 -13.36 37.95
CA PHE H 262 -10.14 -13.47 38.10
C PHE H 262 -9.54 -14.66 37.38
N SER H 263 -10.18 -15.83 37.46
CA SER H 263 -9.53 -17.08 37.12
C SER H 263 -9.37 -17.31 35.62
N ASP H 264 -10.21 -16.70 34.79
CA ASP H 264 -10.18 -17.00 33.35
C ASP H 264 -9.23 -16.05 32.63
N VAL H 265 -7.96 -16.18 32.98
CA VAL H 265 -6.92 -15.35 32.42
C VAL H 265 -6.61 -15.81 30.99
N THR H 266 -6.78 -14.90 30.03
CA THR H 266 -6.61 -15.24 28.64
C THR H 266 -5.13 -15.34 28.31
N VAL H 267 -4.73 -16.48 27.77
CA VAL H 267 -3.34 -16.69 27.36
C VAL H 267 -3.26 -16.53 25.85
N ASP H 268 -2.58 -15.48 25.41
CA ASP H 268 -2.39 -15.25 23.99
C ASP H 268 -1.34 -16.21 23.45
N GLN H 269 -1.55 -16.64 22.20
CA GLN H 269 -0.56 -17.44 21.50
C GLN H 269 0.67 -16.64 21.13
N THR H 270 0.53 -15.34 20.90
CA THR H 270 1.65 -14.52 20.51
C THR H 270 2.36 -13.90 21.70
N THR H 271 1.61 -13.39 22.67
CA THR H 271 2.21 -12.62 23.76
C THR H 271 2.03 -13.25 25.12
N GLY H 272 0.81 -13.60 25.49
CA GLY H 272 0.47 -13.93 26.87
C GLY H 272 -0.38 -12.87 27.52
N CYS H 273 -1.10 -12.08 26.73
CA CYS H 273 -1.81 -10.92 27.25
C CYS H 273 -3.13 -11.34 27.89
N ILE H 274 -3.29 -10.99 29.15
CA ILE H 274 -4.46 -11.40 29.92
C ILE H 274 -5.65 -10.56 29.50
N THR H 275 -6.77 -11.21 29.22
CA THR H 275 -8.02 -10.54 28.95
C THR H 275 -9.09 -11.16 29.82
N LEU H 276 -9.41 -10.49 30.92
CA LEU H 276 -10.45 -10.94 31.83
C LEU H 276 -11.78 -10.31 31.44
N ARG H 277 -12.75 -11.15 31.11
CA ARG H 277 -14.08 -10.68 30.83
C ARG H 277 -14.73 -10.20 32.12
N ALA H 278 -15.00 -8.91 32.17
CA ALA H 278 -15.36 -8.24 33.42
C ALA H 278 -16.79 -7.76 33.34
N ILE H 279 -17.71 -8.59 33.81
CA ILE H 279 -19.12 -8.21 33.82
C ILE H 279 -19.35 -7.14 34.87
N PHE H 280 -19.57 -5.92 34.41
CA PHE H 280 -19.73 -4.83 35.35
C PHE H 280 -21.15 -4.30 35.27
N PRO H 281 -21.70 -3.80 36.37
CA PRO H 281 -23.06 -3.26 36.33
C PRO H 281 -23.13 -1.94 35.58
N ASN H 282 -23.92 -1.90 34.51
CA ASN H 282 -24.19 -0.66 33.77
C ASN H 282 -25.70 -0.41 33.76
N PRO H 283 -26.28 0.06 34.87
CA PRO H 283 -27.69 0.40 34.85
C PRO H 283 -27.98 1.67 34.08
N ASP H 284 -26.97 2.52 33.90
CA ASP H 284 -27.14 3.72 33.10
C ASP H 284 -27.20 3.40 31.61
N HIS H 285 -26.69 2.23 31.22
CA HIS H 285 -26.61 1.72 29.86
C HIS H 285 -25.71 2.58 28.99
N THR H 286 -24.90 3.44 29.61
CA THR H 286 -24.13 4.47 28.93
C THR H 286 -22.69 4.47 29.39
N LEU H 287 -22.11 3.30 29.64
CA LEU H 287 -20.70 3.24 29.95
C LEU H 287 -19.85 2.95 28.73
N LEU H 288 -20.43 3.07 27.54
CA LEU H 288 -19.74 3.27 26.27
C LEU H 288 -18.70 2.22 25.94
N PRO H 289 -19.11 1.02 25.50
CA PRO H 289 -18.15 0.03 24.99
C PRO H 289 -17.27 0.60 23.90
N GLY H 290 -15.99 0.26 23.97
CA GLY H 290 -14.98 0.93 23.20
C GLY H 290 -14.08 1.81 24.02
N MET H 291 -14.50 2.19 25.21
CA MET H 291 -13.67 3.02 26.06
C MET H 291 -12.52 2.24 26.65
N PHE H 292 -11.37 2.89 26.72
CA PHE H 292 -10.08 2.28 26.98
C PHE H 292 -9.70 2.44 28.44
N VAL H 293 -10.73 2.58 29.28
CA VAL H 293 -10.61 3.15 30.61
C VAL H 293 -9.91 2.19 31.57
N ARG H 294 -9.56 2.70 32.74
CA ARG H 294 -8.73 1.99 33.70
C ARG H 294 -9.57 1.57 34.90
N ALA H 295 -8.89 0.90 35.83
CA ALA H 295 -9.51 0.29 37.00
C ALA H 295 -8.41 -0.15 37.94
N ARG H 296 -8.79 -0.41 39.20
CA ARG H 296 -7.85 -1.01 40.15
C ARG H 296 -8.60 -1.86 41.14
N LEU H 297 -7.86 -2.73 41.83
CA LEU H 297 -8.42 -3.86 42.54
C LEU H 297 -9.07 -3.46 43.86
N GLU H 298 -9.38 -4.47 44.66
CA GLU H 298 -9.84 -4.28 46.02
C GLU H 298 -8.79 -4.82 47.00
N GLU H 299 -8.97 -4.50 48.28
CA GLU H 299 -8.02 -4.87 49.30
C GLU H 299 -8.44 -6.20 49.91
N GLY H 300 -7.91 -6.52 51.08
CA GLY H 300 -7.83 -7.88 51.58
C GLY H 300 -6.35 -8.16 51.61
N LEU H 301 -5.62 -7.14 51.16
CA LEU H 301 -4.17 -7.12 51.12
C LEU H 301 -3.67 -6.96 52.56
N ASN H 302 -3.34 -8.06 53.18
CA ASN H 302 -3.24 -8.14 54.63
C ASN H 302 -1.96 -7.59 55.27
N PRO H 303 -0.72 -8.02 54.91
CA PRO H 303 0.42 -7.81 55.82
C PRO H 303 0.87 -6.36 55.91
N ASN H 304 1.95 -6.18 56.66
CA ASN H 304 2.17 -4.90 57.30
C ASN H 304 3.58 -4.33 57.16
N ALA H 305 4.10 -4.28 55.93
CA ALA H 305 5.42 -3.74 55.66
C ALA H 305 5.46 -2.22 55.90
N ILE H 306 6.67 -1.70 56.05
CA ILE H 306 6.85 -0.36 56.62
C ILE H 306 6.63 0.71 55.56
N LEU H 307 5.56 1.48 55.71
CA LEU H 307 5.40 2.73 54.98
C LEU H 307 6.17 3.79 55.77
N VAL H 308 7.48 3.82 55.59
CA VAL H 308 8.26 4.88 56.23
C VAL H 308 8.04 6.09 55.32
N PRO H 309 8.00 7.30 55.84
CA PRO H 309 7.93 8.46 54.95
C PRO H 309 9.18 8.62 54.11
N GLN H 310 9.02 9.36 53.02
CA GLN H 310 10.04 9.50 52.00
C GLN H 310 11.19 10.40 52.42
N GLN H 311 11.10 11.02 53.60
CA GLN H 311 12.08 12.01 54.04
C GLN H 311 13.39 11.38 54.49
N GLY H 312 13.32 10.38 55.37
CA GLY H 312 14.52 9.75 55.88
C GLY H 312 15.14 8.72 54.97
N VAL H 313 14.50 8.45 53.84
CA VAL H 313 14.99 7.46 52.89
C VAL H 313 16.17 8.04 52.11
N THR H 314 17.31 7.36 52.19
CA THR H 314 18.52 7.80 51.52
C THR H 314 18.70 6.96 50.27
N ARG H 315 18.27 7.50 49.13
CA ARG H 315 18.37 6.85 47.83
C ARG H 315 19.68 7.14 47.13
N THR H 316 20.68 7.56 47.84
CA THR H 316 21.87 8.13 47.20
C THR H 316 23.05 7.18 47.36
N PRO H 317 23.78 6.87 46.27
CA PRO H 317 23.44 7.23 44.89
C PRO H 317 22.48 6.23 44.31
N ARG H 318 22.28 6.31 43.01
CA ARG H 318 21.30 5.44 42.38
C ARG H 318 21.80 4.01 42.33
N GLY H 319 20.96 3.09 42.78
CA GLY H 319 21.37 1.72 42.96
C GLY H 319 21.47 1.40 44.43
N ASP H 320 21.33 2.43 45.26
CA ASP H 320 21.54 2.29 46.70
C ASP H 320 20.37 2.88 47.47
N ALA H 321 19.97 2.19 48.53
CA ALA H 321 18.85 2.62 49.35
C ALA H 321 19.04 2.08 50.77
N THR H 322 19.57 2.92 51.65
CA THR H 322 19.75 2.58 53.06
C THR H 322 19.01 3.61 53.89
N VAL H 323 18.87 3.34 55.19
CA VAL H 323 18.35 4.35 56.12
C VAL H 323 19.26 4.36 57.34
N LEU H 324 19.71 5.56 57.73
CA LEU H 324 20.55 5.71 58.91
C LEU H 324 19.73 5.41 60.17
N VAL H 325 19.99 4.24 60.75
CA VAL H 325 19.30 3.76 61.93
C VAL H 325 19.90 4.46 63.13
N VAL H 326 19.05 4.78 64.12
CA VAL H 326 19.55 5.22 65.41
C VAL H 326 20.34 4.10 66.07
N GLY H 327 21.49 4.46 66.65
CA GLY H 327 22.38 3.50 67.27
C GLY H 327 22.03 3.25 68.73
N ALA H 328 22.72 2.25 69.30
CA ALA H 328 22.45 1.86 70.67
C ALA H 328 22.97 2.89 71.67
N ASP H 329 24.21 3.33 71.50
CA ASP H 329 24.81 4.35 72.35
C ASP H 329 24.69 5.73 71.75
N ASP H 330 23.60 5.97 71.01
CA ASP H 330 23.38 7.12 70.14
C ASP H 330 24.52 7.31 69.13
N LYS H 331 25.16 6.24 68.70
CA LYS H 331 26.10 6.26 67.60
C LYS H 331 25.42 5.61 66.41
N VAL H 332 24.87 6.44 65.51
CA VAL H 332 23.88 5.99 64.55
C VAL H 332 24.53 5.11 63.48
N GLU H 333 23.87 3.99 63.20
CA GLU H 333 24.31 3.03 62.19
C GLU H 333 23.16 2.75 61.25
N THR H 334 23.44 2.83 59.95
CA THR H 334 22.43 2.56 58.95
C THR H 334 22.10 1.09 58.86
N ARG H 335 21.01 0.81 58.15
CA ARG H 335 20.79 -0.51 57.60
C ARG H 335 20.44 -0.37 56.13
N PRO H 336 21.04 -1.20 55.28
CA PRO H 336 20.55 -1.33 53.91
C PRO H 336 19.20 -2.02 53.91
N ILE H 337 18.20 -1.31 53.41
CA ILE H 337 16.84 -1.80 53.49
C ILE H 337 16.35 -2.12 52.09
N VAL H 338 15.16 -2.69 51.98
CA VAL H 338 14.48 -2.85 50.71
C VAL H 338 13.29 -1.93 50.77
N ALA H 339 13.47 -0.70 50.29
CA ALA H 339 12.40 0.27 50.27
C ALA H 339 11.58 0.09 49.01
N SER H 340 10.41 -0.50 49.15
CA SER H 340 9.54 -0.80 48.04
C SER H 340 8.78 0.47 47.65
N GLN H 341 7.72 0.30 46.85
CA GLN H 341 7.07 1.39 46.12
C GLN H 341 6.46 2.44 47.03
N ALA H 342 6.56 3.71 46.63
CA ALA H 342 6.03 4.80 47.41
C ALA H 342 4.51 4.77 47.40
N ILE H 343 3.92 4.87 48.58
CA ILE H 343 2.48 5.00 48.73
C ILE H 343 2.24 6.33 49.39
N GLY H 344 1.80 7.31 48.61
CA GLY H 344 1.64 8.66 49.12
C GLY H 344 2.99 9.26 49.43
N ASP H 345 3.11 9.86 50.61
CA ASP H 345 4.37 10.42 51.07
C ASP H 345 5.25 9.40 51.78
N LYS H 346 5.03 8.11 51.53
CA LYS H 346 5.68 7.04 52.28
C LYS H 346 6.11 5.96 51.30
N TRP H 347 7.41 5.66 51.29
CA TRP H 347 7.87 4.45 50.65
C TRP H 347 7.40 3.24 51.46
N LEU H 348 7.00 2.19 50.74
CA LEU H 348 6.88 0.89 51.38
C LEU H 348 8.28 0.38 51.68
N VAL H 349 8.46 -0.28 52.80
CA VAL H 349 9.70 -0.97 53.13
C VAL H 349 9.32 -2.36 53.62
N THR H 350 9.64 -3.37 52.82
CA THR H 350 9.32 -4.74 53.17
C THR H 350 10.43 -5.42 53.93
N GLU H 351 11.61 -4.82 53.99
CA GLU H 351 12.79 -5.51 54.47
C GLU H 351 13.82 -4.50 54.93
N GLY H 352 14.53 -4.85 56.00
CA GLY H 352 15.42 -3.92 56.67
C GLY H 352 14.76 -3.27 57.86
N LEU H 353 13.68 -2.54 57.63
CA LEU H 353 12.93 -1.94 58.73
C LEU H 353 12.02 -2.97 59.39
N LYS H 354 11.93 -2.89 60.71
CA LYS H 354 11.14 -3.84 61.48
C LYS H 354 10.11 -3.13 62.33
N ALA H 355 9.44 -3.86 63.21
CA ALA H 355 8.23 -3.40 63.87
C ALA H 355 8.54 -2.35 64.93
N GLY H 356 7.79 -1.24 64.87
CA GLY H 356 7.82 -0.20 65.88
C GLY H 356 9.15 0.49 66.03
N ASP H 357 9.87 0.69 64.95
CA ASP H 357 11.26 1.14 65.08
C ASP H 357 11.37 2.64 64.96
N ARG H 358 12.30 3.20 65.71
CA ARG H 358 12.48 4.64 65.80
C ARG H 358 13.49 5.10 64.75
N VAL H 359 13.14 6.14 64.00
CA VAL H 359 13.87 6.54 62.81
C VAL H 359 14.40 7.96 63.00
N VAL H 360 15.63 8.20 62.58
CA VAL H 360 16.26 9.51 62.69
C VAL H 360 15.77 10.39 61.55
N ILE H 361 14.91 11.38 61.87
CA ILE H 361 14.12 12.04 60.83
C ILE H 361 14.30 13.55 60.75
N SER H 362 14.12 14.25 61.88
CA SER H 362 13.81 15.68 61.81
C SER H 362 15.04 16.52 61.49
N GLY H 363 16.06 16.47 62.35
CA GLY H 363 17.19 17.37 62.27
C GLY H 363 18.39 16.80 61.55
N LEU H 364 18.16 16.20 60.38
CA LEU H 364 19.17 15.44 59.66
C LEU H 364 20.28 16.28 59.03
N GLN H 365 20.26 17.61 59.19
CA GLN H 365 21.36 18.42 58.69
C GLN H 365 22.63 18.16 59.48
N LYS H 366 22.56 18.28 60.80
CA LYS H 366 23.71 18.13 61.67
C LYS H 366 24.08 16.68 61.94
N VAL H 367 23.33 15.72 61.39
CA VAL H 367 23.51 14.32 61.75
C VAL H 367 24.71 13.74 61.02
N ARG H 368 25.68 13.26 61.79
CA ARG H 368 26.89 12.54 61.43
C ARG H 368 27.19 11.51 62.52
N PRO H 369 27.73 10.35 62.16
CA PRO H 369 27.75 9.21 63.09
C PRO H 369 28.68 9.43 64.28
N GLY H 370 28.10 9.36 65.48
CA GLY H 370 28.84 9.53 66.71
C GLY H 370 28.21 10.47 67.70
N VAL H 371 27.55 11.51 67.21
CA VAL H 371 26.98 12.56 68.06
C VAL H 371 25.74 12.00 68.75
N GLN H 372 25.59 12.32 70.04
CA GLN H 372 24.48 11.79 70.81
C GLN H 372 23.15 12.36 70.32
N VAL H 373 22.10 11.57 70.44
CA VAL H 373 20.82 11.85 69.79
C VAL H 373 19.74 11.85 70.87
N LYS H 374 18.93 12.90 70.89
CA LYS H 374 17.81 12.99 71.82
C LYS H 374 16.51 13.15 71.03
N ALA H 375 15.43 12.57 71.55
CA ALA H 375 14.20 12.39 70.78
C ALA H 375 13.19 13.48 71.10
N GLN H 376 13.00 14.40 70.17
CA GLN H 376 11.87 15.31 70.20
C GLN H 376 11.05 15.17 68.94
N GLU H 377 9.75 15.41 69.05
CA GLU H 377 8.88 15.27 67.88
C GLU H 377 7.98 16.48 67.71
N PRO I 38 -3.31 51.60 56.47
CA PRO I 38 -2.91 51.74 55.07
C PRO I 38 -3.96 51.21 54.11
N ALA I 39 -4.16 51.93 53.01
CA ALA I 39 -5.22 51.63 52.08
C ALA I 39 -4.73 50.74 50.95
N VAL I 40 -5.65 49.92 50.43
CA VAL I 40 -5.36 48.94 49.39
C VAL I 40 -6.54 48.99 48.39
N GLY I 41 -6.22 48.79 47.11
CA GLY I 41 -7.26 48.48 46.16
C GLY I 41 -7.92 47.15 46.49
N VAL I 42 -9.13 47.23 47.03
CA VAL I 42 -9.85 46.09 47.59
C VAL I 42 -11.21 46.04 46.91
N VAL I 43 -11.40 45.10 45.97
CA VAL I 43 -12.62 45.08 45.17
C VAL I 43 -13.45 43.86 45.54
N THR I 44 -14.75 44.07 45.72
CA THR I 44 -15.69 43.12 46.30
C THR I 44 -16.59 42.54 45.22
N VAL I 45 -16.69 41.22 45.19
CA VAL I 45 -17.19 40.51 44.02
C VAL I 45 -18.64 40.06 44.24
N LYS I 46 -19.48 40.25 43.22
CA LYS I 46 -20.88 39.85 43.24
C LYS I 46 -21.16 39.08 41.96
N THR I 47 -21.73 37.88 42.08
CA THR I 47 -21.72 36.89 41.00
C THR I 47 -23.15 36.47 40.66
N GLU I 48 -23.85 37.30 39.87
CA GLU I 48 -25.25 37.00 39.64
C GLU I 48 -25.57 36.13 38.41
N PRO I 49 -25.11 36.43 37.15
CA PRO I 49 -25.53 35.59 36.01
C PRO I 49 -24.49 34.57 35.55
N LEU I 50 -24.86 33.60 34.69
CA LEU I 50 -23.85 32.77 34.03
C LEU I 50 -23.88 32.86 32.51
N GLN I 51 -24.96 32.39 31.87
CA GLN I 51 -25.19 32.30 30.42
C GLN I 51 -23.94 31.94 29.58
N ILE I 52 -23.36 30.77 29.85
CA ILE I 52 -22.27 30.31 28.99
C ILE I 52 -22.56 28.92 28.46
N THR I 53 -22.08 28.66 27.23
CA THR I 53 -22.07 27.34 26.60
C THR I 53 -20.76 27.13 25.85
N THR I 54 -20.77 26.16 24.94
CA THR I 54 -19.57 25.68 24.27
C THR I 54 -19.81 25.56 22.77
N GLU I 55 -18.83 25.98 21.98
CA GLU I 55 -18.89 25.87 20.53
C GLU I 55 -18.01 24.73 20.05
N LEU I 56 -18.41 24.12 18.93
CA LEU I 56 -17.64 23.04 18.32
C LEU I 56 -18.02 22.97 16.85
N PRO I 57 -17.12 22.49 16.00
CA PRO I 57 -17.53 22.22 14.62
C PRO I 57 -18.38 20.97 14.53
N GLY I 58 -19.37 20.99 13.64
CA GLY I 58 -20.30 19.91 13.47
C GLY I 58 -20.06 19.17 12.16
N ARG I 59 -20.73 18.03 12.03
CA ARG I 59 -20.55 17.16 10.88
C ARG I 59 -21.92 16.88 10.27
N THR I 60 -22.39 17.79 9.42
CA THR I 60 -23.75 17.64 8.92
C THR I 60 -23.83 16.59 7.81
N SER I 61 -24.98 15.95 7.72
CA SER I 61 -25.22 14.86 6.80
C SER I 61 -26.65 14.96 6.31
N ALA I 62 -26.90 14.32 5.16
CA ALA I 62 -28.19 14.45 4.50
C ALA I 62 -29.28 13.71 5.27
N TYR I 63 -30.50 14.22 5.16
CA TYR I 63 -31.65 13.59 5.78
C TYR I 63 -31.95 12.24 5.14
N ARG I 64 -32.09 12.22 3.83
CA ARG I 64 -32.27 10.96 3.13
C ARG I 64 -31.05 10.60 2.29
N ILE I 65 -30.89 9.30 2.09
CA ILE I 65 -29.98 8.71 1.12
C ILE I 65 -30.75 7.52 0.55
N ALA I 66 -30.89 7.47 -0.77
CA ALA I 66 -31.53 6.30 -1.36
C ALA I 66 -30.87 5.95 -2.68
N GLU I 67 -30.79 4.66 -2.95
CA GLU I 67 -30.15 4.14 -4.15
C GLU I 67 -31.22 3.72 -5.14
N VAL I 68 -31.06 4.15 -6.38
CA VAL I 68 -31.89 3.64 -7.47
C VAL I 68 -31.11 2.53 -8.16
N ARG I 69 -31.78 1.40 -8.34
CA ARG I 69 -31.24 0.19 -8.95
C ARG I 69 -32.31 -0.39 -9.86
N PRO I 70 -31.93 -1.12 -10.92
CA PRO I 70 -32.95 -1.57 -11.88
C PRO I 70 -33.77 -2.74 -11.36
N GLN I 71 -35.07 -2.67 -11.62
CA GLN I 71 -36.01 -3.69 -11.18
C GLN I 71 -36.51 -4.55 -12.34
N VAL I 72 -36.12 -4.22 -13.56
CA VAL I 72 -36.55 -4.97 -14.75
C VAL I 72 -35.54 -4.70 -15.84
N SER I 73 -35.44 -5.65 -16.78
CA SER I 73 -34.57 -5.47 -17.93
C SER I 73 -35.26 -4.60 -18.97
N GLY I 74 -34.49 -4.18 -19.96
CA GLY I 74 -35.00 -3.40 -21.06
C GLY I 74 -34.23 -2.11 -21.25
N ILE I 75 -34.32 -1.60 -22.47
CA ILE I 75 -33.64 -0.35 -22.82
C ILE I 75 -34.36 0.81 -22.15
N ILE I 76 -33.60 1.64 -21.45
CA ILE I 76 -34.14 2.89 -20.93
C ILE I 76 -34.36 3.80 -22.14
N LEU I 77 -35.62 3.89 -22.58
CA LEU I 77 -35.92 4.67 -23.77
C LEU I 77 -35.85 6.17 -23.48
N LYS I 78 -36.50 6.61 -22.41
CA LYS I 78 -36.62 8.03 -22.11
C LYS I 78 -36.33 8.29 -20.65
N ARG I 79 -35.42 9.21 -20.40
CA ARG I 79 -35.17 9.72 -19.06
C ARG I 79 -36.26 10.72 -18.70
N ASN I 80 -37.02 10.41 -17.66
CA ASN I 80 -38.14 11.24 -17.26
C ASN I 80 -37.79 12.12 -16.08
N PHE I 81 -36.53 12.55 -16.03
CA PHE I 81 -36.09 13.53 -15.04
C PHE I 81 -34.95 14.35 -15.63
N LYS I 82 -34.66 15.47 -14.97
CA LYS I 82 -33.52 16.28 -15.33
C LYS I 82 -32.35 15.99 -14.42
N GLU I 83 -31.15 16.21 -14.95
CA GLU I 83 -29.94 15.94 -14.19
C GLU I 83 -29.71 17.03 -13.15
N GLY I 84 -29.81 16.65 -11.88
CA GLY I 84 -29.72 17.61 -10.80
C GLY I 84 -31.02 18.26 -10.44
N SER I 85 -32.15 17.59 -10.66
CA SER I 85 -33.46 18.18 -10.48
C SER I 85 -34.08 17.77 -9.15
N ASP I 86 -35.15 18.47 -8.79
CA ASP I 86 -35.95 18.12 -7.63
C ASP I 86 -36.95 17.06 -8.03
N ILE I 87 -36.84 15.88 -7.41
CA ILE I 87 -37.69 14.75 -7.76
C ILE I 87 -38.45 14.32 -6.51
N GLU I 88 -39.76 14.43 -6.56
CA GLU I 88 -40.59 13.98 -5.45
C GLU I 88 -40.77 12.46 -5.51
N ALA I 89 -41.55 11.93 -4.58
CA ALA I 89 -41.75 10.49 -4.52
C ALA I 89 -42.76 10.03 -5.57
N GLY I 90 -42.41 8.94 -6.27
CA GLY I 90 -43.35 8.33 -7.18
C GLY I 90 -43.31 8.83 -8.61
N VAL I 91 -42.29 9.59 -8.99
CA VAL I 91 -42.19 10.07 -10.36
C VAL I 91 -41.85 8.88 -11.26
N SER I 92 -42.51 8.81 -12.42
CA SER I 92 -42.37 7.66 -13.32
C SER I 92 -41.00 7.70 -13.98
N LEU I 93 -40.00 7.24 -13.22
CA LEU I 93 -38.60 7.35 -13.61
C LEU I 93 -38.09 6.05 -14.21
N TYR I 94 -38.57 5.75 -15.42
CA TYR I 94 -37.80 5.30 -16.61
C TYR I 94 -38.76 4.93 -17.70
N GLN I 95 -38.23 4.57 -18.86
CA GLN I 95 -39.06 4.10 -19.96
C GLN I 95 -38.47 2.82 -20.55
N ILE I 96 -39.12 1.71 -20.28
CA ILE I 96 -38.81 0.42 -20.86
C ILE I 96 -40.08 -0.11 -21.52
N ASP I 97 -39.94 -0.68 -22.73
CA ASP I 97 -41.03 -1.33 -23.45
C ASP I 97 -41.67 -2.44 -22.61
N PRO I 98 -42.95 -2.32 -22.25
CA PRO I 98 -43.62 -3.35 -21.46
C PRO I 98 -44.31 -4.43 -22.28
N ALA I 99 -44.02 -4.51 -23.58
CA ALA I 99 -44.84 -5.31 -24.50
C ALA I 99 -44.75 -6.80 -24.21
N THR I 100 -43.63 -7.25 -23.66
CA THR I 100 -43.57 -8.62 -23.15
C THR I 100 -44.48 -8.78 -21.95
N TYR I 101 -44.48 -7.80 -21.05
CA TYR I 101 -45.32 -7.89 -19.87
C TYR I 101 -46.75 -7.49 -20.18
N GLN I 102 -46.96 -6.75 -21.26
CA GLN I 102 -48.32 -6.35 -21.56
C GLN I 102 -49.01 -7.42 -22.39
N ALA I 103 -48.28 -8.02 -23.33
CA ALA I 103 -48.85 -9.14 -24.08
C ALA I 103 -48.94 -10.38 -23.20
N THR I 104 -47.97 -10.56 -22.30
CA THR I 104 -48.03 -11.65 -21.35
C THR I 104 -49.10 -11.39 -20.29
N TYR I 105 -49.33 -10.12 -19.98
CA TYR I 105 -50.32 -9.75 -18.97
C TYR I 105 -51.73 -9.92 -19.51
N ASP I 106 -52.00 -9.29 -20.66
CA ASP I 106 -53.31 -9.37 -21.27
C ASP I 106 -53.59 -10.76 -21.80
N SER I 107 -52.53 -11.45 -22.27
CA SER I 107 -52.65 -12.85 -22.60
C SER I 107 -52.93 -13.69 -21.36
N ALA I 108 -52.40 -13.28 -20.21
CA ALA I 108 -52.59 -14.03 -18.98
C ALA I 108 -54.02 -13.89 -18.47
N LYS I 109 -54.61 -12.71 -18.61
CA LYS I 109 -56.00 -12.56 -18.20
C LYS I 109 -56.97 -13.06 -19.26
N GLY I 110 -56.54 -13.14 -20.52
CA GLY I 110 -57.33 -13.83 -21.52
C GLY I 110 -57.34 -15.33 -21.27
N ASP I 111 -56.19 -15.89 -20.87
CA ASP I 111 -56.13 -17.28 -20.45
C ASP I 111 -56.88 -17.49 -19.15
N LEU I 112 -56.97 -16.45 -18.31
CA LEU I 112 -57.85 -16.50 -17.16
C LEU I 112 -59.30 -16.55 -17.60
N ALA I 113 -59.63 -15.84 -18.68
CA ALA I 113 -61.00 -15.85 -19.18
C ALA I 113 -61.36 -17.19 -19.80
N LYS I 114 -60.42 -17.85 -20.45
CA LYS I 114 -60.70 -19.18 -20.97
C LYS I 114 -60.68 -20.23 -19.87
N ALA I 115 -59.89 -19.98 -18.82
CA ALA I 115 -59.85 -20.89 -17.68
C ALA I 115 -61.15 -20.85 -16.90
N GLN I 116 -61.70 -19.65 -16.70
CA GLN I 116 -63.01 -19.54 -16.08
C GLN I 116 -64.12 -19.83 -17.07
N ALA I 117 -63.81 -19.89 -18.37
CA ALA I 117 -64.80 -20.23 -19.36
C ALA I 117 -65.05 -21.73 -19.37
N ALA I 118 -64.00 -22.51 -19.61
CA ALA I 118 -64.13 -23.96 -19.54
C ALA I 118 -64.38 -24.44 -18.12
N ALA I 119 -63.83 -23.71 -17.14
CA ALA I 119 -64.13 -23.99 -15.74
C ALA I 119 -65.58 -23.68 -15.42
N ASN I 120 -66.15 -22.68 -16.10
CA ASN I 120 -67.52 -22.30 -15.83
C ASN I 120 -68.48 -23.28 -16.48
N ILE I 121 -68.18 -23.70 -17.71
CA ILE I 121 -69.01 -24.68 -18.40
C ILE I 121 -68.95 -26.03 -17.69
N ALA I 122 -67.74 -26.47 -17.36
CA ALA I 122 -67.57 -27.72 -16.63
C ALA I 122 -68.19 -27.63 -15.24
N GLN I 123 -68.17 -26.45 -14.62
CA GLN I 123 -68.85 -26.26 -13.35
C GLN I 123 -70.36 -26.33 -13.52
N LEU I 124 -70.87 -25.87 -14.66
CA LEU I 124 -72.30 -26.01 -14.91
C LEU I 124 -72.67 -27.46 -15.19
N THR I 125 -71.76 -28.26 -15.75
CA THR I 125 -72.04 -29.68 -15.90
C THR I 125 -71.97 -30.40 -14.56
N VAL I 126 -71.10 -29.92 -13.66
CA VAL I 126 -71.15 -30.34 -12.27
C VAL I 126 -72.51 -30.03 -11.66
N ASN I 127 -73.05 -28.86 -11.99
CA ASN I 127 -74.38 -28.49 -11.51
C ASN I 127 -75.48 -29.34 -12.14
N ARG I 128 -75.27 -29.79 -13.38
CA ARG I 128 -76.17 -30.77 -13.99
C ARG I 128 -76.16 -32.06 -13.19
N TYR I 129 -74.97 -32.49 -12.80
CA TYR I 129 -74.85 -33.74 -12.06
C TYR I 129 -75.35 -33.59 -10.63
N GLN I 130 -75.37 -32.35 -10.12
CA GLN I 130 -76.12 -32.03 -8.91
C GLN I 130 -77.61 -32.19 -9.14
N LYS I 131 -78.09 -31.82 -10.33
CA LYS I 131 -79.50 -31.96 -10.63
C LYS I 131 -79.90 -33.39 -10.97
N LEU I 132 -78.94 -34.26 -11.25
CA LEU I 132 -79.22 -35.59 -11.78
C LEU I 132 -78.79 -36.69 -10.83
N LEU I 133 -78.45 -36.34 -9.58
CA LEU I 133 -77.95 -37.34 -8.65
C LEU I 133 -79.06 -38.13 -7.96
N GLY I 134 -80.30 -38.03 -8.42
CA GLY I 134 -81.40 -38.69 -7.74
C GLY I 134 -81.40 -40.21 -7.86
N THR I 135 -81.68 -40.73 -9.04
CA THR I 135 -81.71 -42.17 -9.25
C THR I 135 -80.40 -42.64 -9.87
N GLN I 136 -80.39 -43.90 -10.30
CA GLN I 136 -79.22 -44.45 -10.99
C GLN I 136 -79.33 -44.13 -12.49
N TYR I 137 -79.12 -42.84 -12.79
CA TYR I 137 -79.03 -42.36 -14.16
C TYR I 137 -77.65 -41.86 -14.49
N ILE I 138 -77.05 -41.04 -13.63
CA ILE I 138 -75.65 -40.69 -13.71
C ILE I 138 -74.91 -41.53 -12.68
N SER I 139 -73.58 -41.53 -12.78
CA SER I 139 -72.76 -42.26 -11.85
C SER I 139 -72.25 -41.36 -10.74
N LYS I 140 -72.06 -41.95 -9.57
CA LYS I 140 -71.36 -41.26 -8.49
C LYS I 140 -69.89 -41.04 -8.86
N GLN I 141 -69.32 -41.98 -9.62
CA GLN I 141 -67.96 -41.84 -10.12
C GLN I 141 -67.83 -40.70 -11.12
N GLU I 142 -68.85 -40.51 -11.95
CA GLU I 142 -68.85 -39.40 -12.90
C GLU I 142 -69.16 -38.09 -12.19
N TYR I 143 -69.98 -38.15 -11.13
CA TYR I 143 -70.30 -36.98 -10.33
C TYR I 143 -69.05 -36.43 -9.65
N ASP I 144 -68.39 -37.26 -8.85
CA ASP I 144 -67.16 -36.89 -8.18
C ASP I 144 -66.00 -36.70 -9.16
N GLN I 145 -66.05 -37.38 -10.30
CA GLN I 145 -65.08 -37.18 -11.37
C GLN I 145 -65.15 -35.77 -11.94
N ALA I 146 -66.35 -35.32 -12.29
CA ALA I 146 -66.51 -33.97 -12.81
C ALA I 146 -66.25 -32.93 -11.73
N LEU I 147 -66.54 -33.27 -10.47
CA LEU I 147 -66.23 -32.36 -9.37
C LEU I 147 -64.73 -32.17 -9.20
N ALA I 148 -63.97 -33.25 -9.30
CA ALA I 148 -62.51 -33.14 -9.22
C ALA I 148 -61.92 -32.47 -10.45
N ASP I 149 -62.57 -32.65 -11.61
CA ASP I 149 -62.18 -31.89 -12.79
C ASP I 149 -62.43 -30.40 -12.61
N ALA I 150 -63.50 -30.06 -11.88
CA ALA I 150 -63.75 -28.66 -11.55
C ALA I 150 -62.71 -28.13 -10.56
N GLN I 151 -62.22 -29.00 -9.68
CA GLN I 151 -61.12 -28.61 -8.80
C GLN I 151 -59.85 -28.34 -9.61
N GLN I 152 -59.58 -29.18 -10.61
CA GLN I 152 -58.45 -28.96 -11.51
C GLN I 152 -58.57 -27.65 -12.27
N ALA I 153 -59.77 -27.40 -12.80
CA ALA I 153 -59.98 -26.21 -13.62
C ALA I 153 -59.91 -24.94 -12.78
N ASN I 154 -60.44 -24.98 -11.55
CA ASN I 154 -60.32 -23.84 -10.66
C ASN I 154 -58.87 -23.64 -10.21
N ALA I 155 -58.10 -24.73 -10.13
CA ALA I 155 -56.67 -24.59 -9.86
C ALA I 155 -55.95 -23.91 -11.02
N ALA I 156 -56.37 -24.22 -12.25
CA ALA I 156 -55.81 -23.51 -13.41
C ALA I 156 -56.24 -22.05 -13.41
N VAL I 157 -57.45 -21.76 -12.91
CA VAL I 157 -57.90 -20.38 -12.74
C VAL I 157 -56.99 -19.64 -11.76
N THR I 158 -56.65 -20.30 -10.65
CA THR I 158 -55.80 -19.68 -9.64
C THR I 158 -54.38 -19.47 -10.17
N ALA I 159 -53.89 -20.41 -10.98
CA ALA I 159 -52.57 -20.25 -11.60
C ALA I 159 -52.57 -19.09 -12.60
N ALA I 160 -53.67 -18.93 -13.32
CA ALA I 160 -53.80 -17.77 -14.21
C ALA I 160 -53.86 -16.47 -13.42
N LYS I 161 -54.49 -16.49 -12.24
CA LYS I 161 -54.47 -15.33 -11.35
C LYS I 161 -53.05 -15.02 -10.87
N ALA I 162 -52.24 -16.06 -10.68
CA ALA I 162 -50.84 -15.84 -10.36
C ALA I 162 -50.09 -15.24 -11.54
N ALA I 163 -50.48 -15.60 -12.76
CA ALA I 163 -49.83 -15.04 -13.94
C ALA I 163 -50.17 -13.56 -14.11
N VAL I 164 -51.45 -13.21 -13.91
CA VAL I 164 -51.88 -11.82 -13.96
C VAL I 164 -51.25 -11.03 -12.83
N GLU I 165 -51.07 -11.69 -11.68
CA GLU I 165 -50.41 -11.08 -10.54
C GLU I 165 -48.96 -10.74 -10.86
N THR I 166 -48.22 -11.71 -11.40
CA THR I 166 -46.78 -11.52 -11.65
C THR I 166 -46.54 -10.51 -12.77
N ALA I 167 -47.31 -10.62 -13.86
CA ALA I 167 -47.16 -9.67 -14.95
C ALA I 167 -47.66 -8.29 -14.56
N ARG I 168 -48.57 -8.22 -13.58
CA ARG I 168 -48.95 -6.94 -13.02
C ARG I 168 -47.83 -6.34 -12.18
N ILE I 169 -47.11 -7.18 -11.44
CA ILE I 169 -46.01 -6.71 -10.61
C ILE I 169 -44.86 -6.21 -11.47
N ASN I 170 -44.48 -7.00 -12.48
CA ASN I 170 -43.40 -6.59 -13.37
C ASN I 170 -43.84 -5.44 -14.26
N LEU I 171 -45.13 -5.39 -14.57
CA LEU I 171 -45.70 -4.26 -15.29
C LEU I 171 -45.60 -2.98 -14.46
N ALA I 172 -45.76 -3.11 -13.14
CA ALA I 172 -45.46 -1.98 -12.26
C ALA I 172 -43.98 -1.72 -12.18
N TYR I 173 -43.16 -2.75 -12.38
CA TYR I 173 -41.71 -2.58 -12.36
C TYR I 173 -41.18 -2.00 -13.65
N THR I 174 -42.02 -1.82 -14.67
CA THR I 174 -41.55 -1.29 -15.95
C THR I 174 -41.01 0.14 -15.87
N LYS I 175 -41.48 0.95 -14.91
CA LYS I 175 -41.07 2.34 -14.82
C LYS I 175 -40.74 2.66 -13.36
N VAL I 176 -39.54 3.19 -13.13
CA VAL I 176 -38.95 3.24 -11.79
C VAL I 176 -39.55 4.43 -11.05
N THR I 177 -40.60 4.16 -10.28
CA THR I 177 -41.20 5.19 -9.43
C THR I 177 -40.24 5.56 -8.31
N SER I 178 -40.13 6.84 -8.05
CA SER I 178 -39.22 7.33 -7.01
C SER I 178 -39.75 6.95 -5.64
N PRO I 179 -38.98 6.22 -4.83
CA PRO I 179 -39.50 5.81 -3.51
C PRO I 179 -39.65 6.96 -2.53
N ILE I 180 -38.81 7.98 -2.63
CA ILE I 180 -38.89 9.15 -1.75
C ILE I 180 -38.68 10.40 -2.57
N SER I 181 -38.70 11.53 -1.88
CA SER I 181 -38.65 12.85 -2.49
C SER I 181 -37.29 13.51 -2.27
N GLY I 182 -37.05 14.59 -3.01
CA GLY I 182 -35.93 15.47 -2.74
C GLY I 182 -35.03 15.64 -3.94
N ARG I 183 -33.85 16.20 -3.68
CA ARG I 183 -32.91 16.54 -4.74
C ARG I 183 -32.11 15.31 -5.15
N ILE I 184 -32.21 14.95 -6.41
CA ILE I 184 -31.30 13.99 -7.03
C ILE I 184 -30.16 14.80 -7.63
N GLY I 185 -28.99 14.18 -7.74
CA GLY I 185 -27.93 14.71 -8.58
C GLY I 185 -28.19 14.43 -10.04
N LYS I 186 -27.10 14.25 -10.78
CA LYS I 186 -27.21 14.07 -12.22
C LYS I 186 -27.32 12.59 -12.57
N SER I 187 -27.73 12.33 -13.81
CA SER I 187 -28.11 10.99 -14.22
C SER I 187 -26.89 10.14 -14.55
N ASN I 188 -27.00 8.84 -14.26
CA ASN I 188 -26.02 7.87 -14.73
C ASN I 188 -26.47 7.20 -16.01
N VAL I 189 -27.77 7.18 -16.29
CA VAL I 189 -28.33 6.47 -17.42
C VAL I 189 -28.92 7.47 -18.40
N THR I 190 -28.47 7.41 -19.65
CA THR I 190 -29.00 8.25 -20.70
C THR I 190 -30.12 7.52 -21.43
N GLU I 191 -30.68 8.20 -22.42
CA GLU I 191 -31.75 7.60 -23.21
C GLU I 191 -31.18 6.62 -24.23
N GLY I 192 -31.96 5.57 -24.50
CA GLY I 192 -31.50 4.51 -25.35
C GLY I 192 -30.55 3.53 -24.70
N ALA I 193 -30.36 3.62 -23.39
CA ALA I 193 -29.43 2.76 -22.69
C ALA I 193 -30.12 1.47 -22.26
N LEU I 194 -29.53 0.34 -22.63
CA LEU I 194 -30.03 -0.95 -22.20
C LEU I 194 -29.59 -1.25 -20.77
N VAL I 195 -30.56 -1.53 -19.90
CA VAL I 195 -30.27 -2.00 -18.56
C VAL I 195 -30.91 -3.37 -18.39
N GLN I 196 -30.55 -4.03 -17.29
CA GLN I 196 -30.92 -5.40 -17.04
C GLN I 196 -31.60 -5.52 -15.68
N ASN I 197 -32.40 -6.57 -15.51
CA ASN I 197 -33.10 -6.78 -14.25
C ASN I 197 -32.13 -7.26 -13.19
N GLY I 198 -32.12 -6.54 -12.07
CA GLY I 198 -31.40 -6.98 -10.88
C GLY I 198 -29.90 -7.04 -11.02
N GLN I 199 -29.34 -6.37 -12.03
CA GLN I 199 -27.90 -6.33 -12.18
C GLN I 199 -27.29 -5.48 -11.07
N ALA I 200 -26.03 -5.80 -10.76
CA ALA I 200 -25.43 -5.32 -9.50
C ALA I 200 -25.09 -3.83 -9.57
N THR I 201 -25.09 -3.25 -10.77
CA THR I 201 -24.86 -1.83 -10.91
C THR I 201 -26.04 -1.05 -10.37
N ALA I 202 -25.76 0.08 -9.73
CA ALA I 202 -26.82 0.93 -9.22
C ALA I 202 -27.04 2.10 -10.17
N LEU I 203 -28.27 2.63 -10.14
CA LEU I 203 -28.61 3.67 -11.11
C LEU I 203 -28.38 5.06 -10.52
N ALA I 204 -28.95 5.35 -9.36
CA ALA I 204 -28.86 6.73 -8.88
C ALA I 204 -28.87 6.75 -7.35
N THR I 205 -29.05 7.94 -6.79
CA THR I 205 -29.10 8.17 -5.34
C THR I 205 -29.76 9.52 -5.12
N VAL I 206 -30.78 9.56 -4.27
CA VAL I 206 -31.48 10.81 -3.98
C VAL I 206 -31.31 11.13 -2.50
N GLN I 207 -31.57 12.38 -2.17
CA GLN I 207 -31.49 12.85 -0.80
C GLN I 207 -32.72 13.66 -0.42
N GLN I 208 -32.69 14.26 0.77
CA GLN I 208 -33.73 15.19 1.18
C GLN I 208 -33.07 16.30 1.97
N LEU I 209 -33.43 17.55 1.65
CA LEU I 209 -32.64 18.68 2.07
C LEU I 209 -33.39 19.71 2.89
N ASP I 210 -34.70 19.60 3.04
CA ASP I 210 -35.34 20.60 3.90
C ASP I 210 -35.14 20.20 5.35
N PRO I 211 -35.27 18.94 5.77
CA PRO I 211 -34.59 18.51 6.98
C PRO I 211 -33.17 18.09 6.61
N ILE I 212 -32.28 18.21 7.59
CA ILE I 212 -30.89 17.86 7.39
C ILE I 212 -30.28 17.45 8.72
N TYR I 213 -29.67 16.27 8.73
CA TYR I 213 -29.01 15.76 9.91
C TYR I 213 -27.74 16.53 10.19
N VAL I 214 -27.35 16.58 11.46
CA VAL I 214 -26.03 17.04 11.84
C VAL I 214 -25.48 16.02 12.82
N ASP I 215 -24.60 15.17 12.32
CA ASP I 215 -23.86 14.26 13.17
C ASP I 215 -22.80 15.05 13.92
N VAL I 216 -22.87 15.04 15.25
CA VAL I 216 -22.03 15.89 16.09
C VAL I 216 -20.83 15.08 16.54
N THR I 217 -19.69 15.35 15.91
CA THR I 217 -18.44 14.70 16.28
C THR I 217 -17.98 15.28 17.62
N GLN I 218 -17.70 14.41 18.59
CA GLN I 218 -17.41 14.84 19.95
C GLN I 218 -16.30 13.99 20.54
N SER I 219 -15.59 14.55 21.52
CA SER I 219 -14.66 13.79 22.34
C SER I 219 -15.39 12.94 23.37
N SER I 220 -14.63 12.41 24.32
CA SER I 220 -15.15 11.43 25.27
C SER I 220 -15.50 12.05 26.62
N ASN I 221 -14.54 12.72 27.24
CA ASN I 221 -14.70 13.19 28.61
C ASN I 221 -15.65 14.37 28.71
N ASP I 222 -15.68 15.21 27.68
CA ASP I 222 -16.60 16.33 27.65
C ASP I 222 -18.05 15.89 27.60
N PHE I 223 -18.33 14.77 26.91
CA PHE I 223 -19.61 14.09 27.05
C PHE I 223 -19.90 13.72 28.49
N LEU I 224 -18.88 13.21 29.19
CA LEU I 224 -18.92 13.05 30.63
C LEU I 224 -19.26 14.37 31.32
N ARG I 225 -18.64 15.45 30.86
CA ARG I 225 -19.01 16.76 31.36
C ARG I 225 -20.40 17.14 30.90
N LEU I 226 -20.80 16.69 29.70
CA LEU I 226 -22.21 16.75 29.35
C LEU I 226 -23.04 15.84 30.23
N LYS I 227 -22.46 14.70 30.64
CA LYS I 227 -23.07 13.93 31.72
C LYS I 227 -23.10 14.72 33.02
N GLN I 228 -22.09 15.57 33.21
CA GLN I 228 -22.18 16.54 34.30
C GLN I 228 -23.24 17.59 34.00
N GLU I 229 -23.46 17.90 32.72
CA GLU I 229 -24.69 18.62 32.40
C GLU I 229 -25.92 17.74 32.61
N LEU I 230 -25.79 16.43 32.45
CA LEU I 230 -26.88 15.56 32.88
C LEU I 230 -27.02 15.56 34.39
N ALA I 231 -25.92 15.80 35.11
CA ALA I 231 -26.00 16.11 36.53
C ALA I 231 -26.42 17.55 36.79
N ASN I 232 -26.57 18.37 35.75
CA ASN I 232 -27.05 19.73 35.92
C ASN I 232 -28.39 19.95 35.24
N GLY I 233 -28.48 19.78 33.92
CA GLY I 233 -29.72 19.90 33.18
C GLY I 233 -30.37 21.26 33.17
N THR I 234 -29.63 22.32 33.47
CA THR I 234 -30.29 23.60 33.72
C THR I 234 -30.27 24.54 32.52
N LEU I 235 -29.33 24.39 31.59
CA LEU I 235 -29.57 25.04 30.29
C LEU I 235 -30.32 24.12 29.36
N LYS I 236 -30.33 22.83 29.67
CA LYS I 236 -30.99 21.82 28.84
C LYS I 236 -32.50 21.87 29.08
N GLN I 237 -33.23 22.41 28.11
CA GLN I 237 -34.68 22.44 28.12
C GLN I 237 -35.17 21.60 26.95
N GLU I 238 -36.49 21.34 26.92
CA GLU I 238 -37.17 20.54 25.89
C GLU I 238 -36.59 19.12 25.86
N ASN I 239 -36.16 18.66 27.03
CA ASN I 239 -34.92 17.91 27.24
C ASN I 239 -34.48 16.83 26.24
N GLY I 240 -35.42 16.16 25.57
CA GLY I 240 -35.08 15.26 24.49
C GLY I 240 -34.35 15.91 23.34
N LYS I 241 -34.72 17.15 23.03
CA LYS I 241 -34.04 18.01 22.08
C LYS I 241 -33.91 19.41 22.67
N ALA I 242 -33.24 20.30 21.93
CA ALA I 242 -33.51 21.74 21.87
C ALA I 242 -32.57 22.37 20.86
N LYS I 243 -32.84 23.64 20.56
CA LYS I 243 -32.10 24.39 19.57
C LYS I 243 -30.65 24.60 19.99
N VAL I 244 -29.80 24.76 18.98
CA VAL I 244 -28.38 25.06 19.11
C VAL I 244 -28.01 25.96 17.94
N SER I 245 -27.38 27.09 18.25
CA SER I 245 -27.12 28.09 17.23
C SER I 245 -26.00 27.64 16.31
N LEU I 246 -26.32 27.52 15.03
CA LEU I 246 -25.34 27.23 14.01
C LEU I 246 -24.38 28.39 13.83
N ILE I 247 -23.19 28.06 13.37
CA ILE I 247 -22.24 29.03 12.84
C ILE I 247 -21.79 28.43 11.52
N THR I 248 -22.46 28.80 10.43
CA THR I 248 -22.06 28.20 9.17
C THR I 248 -20.86 28.94 8.58
N SER I 249 -20.29 28.32 7.54
CA SER I 249 -18.92 28.57 7.10
C SER I 249 -18.67 29.96 6.53
N ASP I 250 -19.72 30.71 6.22
CA ASP I 250 -19.54 32.06 5.69
C ASP I 250 -19.26 33.11 6.75
N GLY I 251 -19.13 32.69 8.02
CA GLY I 251 -19.08 33.61 9.13
C GLY I 251 -20.46 33.96 9.67
N ILE I 252 -21.45 34.05 8.78
CA ILE I 252 -22.84 34.23 9.18
C ILE I 252 -23.34 32.94 9.81
N LYS I 253 -24.45 33.00 10.53
CA LYS I 253 -25.12 31.80 10.95
C LYS I 253 -26.22 31.43 9.96
N PHE I 254 -26.81 30.26 10.16
CA PHE I 254 -28.02 29.95 9.43
C PHE I 254 -29.17 30.77 10.04
N PRO I 255 -30.07 31.33 9.21
CA PRO I 255 -31.02 32.35 9.69
C PRO I 255 -31.90 31.94 10.85
N GLN I 256 -32.30 30.69 10.93
CA GLN I 256 -32.73 30.15 12.20
C GLN I 256 -31.64 29.24 12.72
N ASP I 257 -31.52 29.19 14.04
CA ASP I 257 -30.64 28.24 14.66
C ASP I 257 -31.08 26.80 14.40
N GLY I 258 -30.14 25.87 14.51
CA GLY I 258 -30.41 24.48 14.32
C GLY I 258 -31.26 23.90 15.44
N THR I 259 -32.01 22.86 15.11
CA THR I 259 -32.88 22.20 16.06
C THR I 259 -32.17 20.95 16.58
N LEU I 260 -31.41 21.11 17.66
CA LEU I 260 -30.45 20.11 18.07
C LEU I 260 -31.14 18.93 18.73
N GLU I 261 -30.73 17.73 18.34
CA GLU I 261 -31.06 16.56 19.12
C GLU I 261 -30.16 16.48 20.33
N PHE I 262 -30.74 16.15 21.49
CA PHE I 262 -29.97 15.97 22.71
C PHE I 262 -29.70 14.52 23.08
N SER I 263 -30.72 13.69 23.09
CA SER I 263 -30.71 12.52 23.96
C SER I 263 -30.04 11.29 23.36
N ASP I 264 -29.56 11.37 22.12
CA ASP I 264 -28.88 10.20 21.54
C ASP I 264 -27.57 9.93 22.24
N VAL I 265 -27.21 8.65 22.27
CA VAL I 265 -26.08 8.15 23.02
C VAL I 265 -25.17 7.35 22.09
N THR I 266 -25.16 7.72 20.82
CA THR I 266 -24.40 6.99 19.81
C THR I 266 -22.90 7.21 19.95
N VAL I 267 -22.15 6.11 20.04
CA VAL I 267 -20.73 6.15 20.39
C VAL I 267 -19.90 5.65 19.21
N ASP I 268 -18.88 6.41 18.84
CA ASP I 268 -17.86 5.88 17.95
C ASP I 268 -16.92 4.98 18.74
N GLN I 269 -16.50 3.87 18.12
CA GLN I 269 -15.84 2.81 18.86
C GLN I 269 -14.32 2.84 18.75
N THR I 270 -13.76 3.24 17.62
CA THR I 270 -12.35 3.08 17.32
C THR I 270 -11.45 3.95 18.18
N THR I 271 -11.67 5.26 18.18
CA THR I 271 -10.87 6.16 18.99
C THR I 271 -11.48 6.46 20.35
N GLY I 272 -12.78 6.21 20.52
CA GLY I 272 -13.49 6.70 21.67
C GLY I 272 -14.23 7.99 21.45
N CYS I 273 -14.33 8.46 20.21
CA CYS I 273 -15.07 9.69 19.94
C CYS I 273 -16.56 9.45 20.01
N ILE I 274 -17.34 10.53 19.91
CA ILE I 274 -18.78 10.47 20.01
C ILE I 274 -19.39 11.19 18.82
N THR I 275 -20.36 10.54 18.18
CA THR I 275 -21.05 11.09 17.03
C THR I 275 -22.56 11.09 17.30
N LEU I 276 -23.18 12.27 17.25
CA LEU I 276 -24.58 12.42 17.62
C LEU I 276 -25.32 13.15 16.50
N ARG I 277 -26.33 12.49 15.94
CA ARG I 277 -27.12 13.06 14.87
C ARG I 277 -28.00 14.19 15.40
N ALA I 278 -28.27 15.18 14.54
CA ALA I 278 -29.16 16.28 14.90
C ALA I 278 -29.83 16.80 13.62
N ILE I 279 -31.13 16.55 13.50
CA ILE I 279 -31.88 16.96 12.32
C ILE I 279 -32.15 18.46 12.38
N PHE I 280 -31.73 19.18 11.34
CA PHE I 280 -31.91 20.62 11.36
C PHE I 280 -32.85 21.06 10.25
N PRO I 281 -33.52 22.21 10.40
CA PRO I 281 -34.29 22.76 9.27
C PRO I 281 -33.38 23.40 8.24
N ASN I 282 -33.88 23.44 7.01
CA ASN I 282 -33.16 24.01 5.88
C ASN I 282 -34.14 24.32 4.76
N PRO I 283 -34.90 25.42 4.86
CA PRO I 283 -35.96 25.68 3.89
C PRO I 283 -35.45 26.03 2.51
N ASP I 284 -34.20 26.44 2.38
CA ASP I 284 -33.68 26.91 1.11
C ASP I 284 -32.80 25.88 0.44
N HIS I 285 -32.50 24.77 1.13
CA HIS I 285 -31.65 23.66 0.69
C HIS I 285 -30.23 24.08 0.36
N THR I 286 -29.80 25.24 0.83
CA THR I 286 -28.46 25.71 0.53
C THR I 286 -27.41 25.03 1.39
N LEU I 287 -27.79 24.54 2.57
CA LEU I 287 -26.84 23.83 3.41
C LEU I 287 -26.63 22.43 2.83
N LEU I 288 -25.46 22.03 2.80
CA LEU I 288 -25.17 20.79 2.12
C LEU I 288 -24.62 19.76 3.11
N PRO I 289 -24.80 18.47 2.84
CA PRO I 289 -24.24 17.46 3.74
C PRO I 289 -22.72 17.40 3.67
N GLY I 290 -22.08 17.93 4.70
CA GLY I 290 -20.63 18.01 4.74
C GLY I 290 -20.12 19.39 4.37
N MET I 291 -19.82 20.23 5.35
CA MET I 291 -19.43 21.60 5.05
C MET I 291 -18.04 22.00 5.55
N PHE I 292 -17.64 21.82 6.82
CA PHE I 292 -18.33 21.32 8.01
C PHE I 292 -18.48 22.47 9.01
N VAL I 293 -19.73 22.83 9.31
CA VAL I 293 -20.02 24.06 10.02
C VAL I 293 -19.79 23.89 11.51
N ARG I 294 -19.85 24.99 12.24
CA ARG I 294 -19.80 24.99 13.70
C ARG I 294 -21.19 25.17 14.27
N ALA I 295 -21.27 25.06 15.60
CA ALA I 295 -22.51 25.18 16.35
C ALA I 295 -22.15 25.37 17.82
N ARG I 296 -23.02 26.09 18.53
CA ARG I 296 -22.84 26.26 19.97
C ARG I 296 -24.19 26.31 20.65
N LEU I 297 -24.21 25.81 21.88
CA LEU I 297 -25.44 25.58 22.60
C LEU I 297 -26.02 26.90 23.08
N GLU I 298 -27.26 26.82 23.59
CA GLU I 298 -27.96 28.03 23.97
C GLU I 298 -27.70 28.38 25.43
N GLU I 299 -27.27 29.61 25.66
CA GLU I 299 -26.79 30.05 26.97
C GLU I 299 -27.96 30.48 27.85
N GLY I 300 -27.96 30.04 29.11
CA GLY I 300 -26.96 29.16 29.67
C GLY I 300 -27.46 28.57 30.97
N LEU I 301 -26.58 27.90 31.69
CA LEU I 301 -26.97 27.14 32.89
C LEU I 301 -26.94 28.07 34.11
N ASN I 302 -26.88 27.48 35.31
CA ASN I 302 -27.17 28.12 36.60
C ASN I 302 -26.45 29.44 36.83
N PRO I 303 -27.19 30.54 37.01
CA PRO I 303 -26.58 31.88 36.99
C PRO I 303 -25.68 32.16 38.18
N ASN I 304 -25.98 31.61 39.35
CA ASN I 304 -25.05 31.63 40.46
C ASN I 304 -23.76 30.91 40.11
N ALA I 305 -22.68 31.69 39.96
CA ALA I 305 -21.39 31.16 39.53
C ALA I 305 -20.30 32.15 39.90
N ILE I 306 -19.36 31.73 40.75
CA ILE I 306 -18.34 32.62 41.31
C ILE I 306 -17.33 32.94 40.20
N LEU I 307 -17.33 34.18 39.74
CA LEU I 307 -16.53 34.59 38.58
C LEU I 307 -15.60 35.73 38.97
N VAL I 308 -14.41 35.37 39.41
CA VAL I 308 -13.34 36.34 39.67
C VAL I 308 -12.56 36.54 38.37
N PRO I 309 -12.14 37.76 38.05
CA PRO I 309 -11.23 37.94 36.93
C PRO I 309 -9.86 37.34 37.18
N GLN I 310 -9.03 37.40 36.15
CA GLN I 310 -7.71 36.80 36.16
C GLN I 310 -6.82 37.39 37.24
N GLN I 311 -7.04 38.67 37.59
CA GLN I 311 -6.12 39.39 38.45
C GLN I 311 -6.21 38.91 39.89
N GLY I 312 -7.40 38.56 40.34
CA GLY I 312 -7.54 38.06 41.68
C GLY I 312 -7.04 36.64 41.84
N VAL I 313 -6.84 35.94 40.72
CA VAL I 313 -6.60 34.51 40.75
C VAL I 313 -5.19 34.24 41.27
N THR I 314 -5.10 33.43 42.31
CA THR I 314 -3.83 33.03 42.89
C THR I 314 -3.79 31.52 42.99
N ARG I 315 -2.63 30.97 42.62
CA ARG I 315 -2.34 29.54 42.71
C ARG I 315 -1.28 29.38 43.78
N THR I 316 -1.66 28.79 44.91
CA THR I 316 -0.77 28.55 46.04
C THR I 316 -1.52 27.52 46.86
N PRO I 317 -0.84 26.52 47.45
CA PRO I 317 0.50 25.96 47.30
C PRO I 317 0.53 24.96 46.18
N ARG I 318 1.43 23.99 46.30
CA ARG I 318 1.84 23.15 45.18
C ARG I 318 0.67 22.37 44.61
N GLY I 319 0.35 22.66 43.36
CA GLY I 319 -0.82 22.15 42.70
C GLY I 319 -2.12 22.68 43.23
N ASP I 320 -2.11 23.81 43.94
CA ASP I 320 -3.26 24.26 44.68
C ASP I 320 -3.51 25.73 44.35
N ALA I 321 -4.65 26.24 44.81
CA ALA I 321 -5.05 27.62 44.51
C ALA I 321 -5.92 28.13 45.66
N THR I 322 -5.31 28.93 46.53
CA THR I 322 -6.06 29.66 47.54
C THR I 322 -6.15 31.11 47.10
N VAL I 323 -7.21 31.79 47.47
CA VAL I 323 -7.27 33.22 47.19
C VAL I 323 -7.36 34.01 48.49
N LEU I 324 -6.53 35.05 48.57
CA LEU I 324 -6.42 35.87 49.76
C LEU I 324 -7.36 37.06 49.77
N VAL I 325 -8.64 36.81 50.02
CA VAL I 325 -9.63 37.79 50.45
C VAL I 325 -9.20 38.37 51.79
N VAL I 326 -9.50 39.65 52.04
CA VAL I 326 -9.23 40.23 53.35
C VAL I 326 -10.17 39.60 54.37
N GLY I 327 -9.72 39.50 55.62
CA GLY I 327 -10.59 39.18 56.71
C GLY I 327 -11.46 40.35 57.09
N ALA I 328 -12.37 40.08 58.03
CA ALA I 328 -13.33 41.09 58.44
C ALA I 328 -12.71 42.18 59.31
N ASP I 329 -11.63 41.88 60.00
CA ASP I 329 -10.94 42.86 60.82
C ASP I 329 -9.77 43.48 60.10
N ASP I 330 -9.89 43.67 58.78
CA ASP I 330 -8.98 44.35 57.87
C ASP I 330 -7.66 43.61 57.65
N LYS I 331 -7.43 42.53 58.38
CA LYS I 331 -6.23 41.75 58.21
C LYS I 331 -6.56 40.53 57.36
N VAL I 332 -5.75 40.28 56.35
CA VAL I 332 -6.19 39.45 55.24
C VAL I 332 -6.19 37.98 55.63
N GLU I 333 -6.98 37.20 54.89
CA GLU I 333 -7.39 35.87 55.33
C GLU I 333 -7.61 35.02 54.08
N THR I 334 -6.59 34.25 53.70
CA THR I 334 -6.70 33.48 52.48
C THR I 334 -7.58 32.27 52.68
N ARG I 335 -8.22 31.83 51.61
CA ARG I 335 -9.08 30.66 51.63
C ARG I 335 -8.82 29.82 50.41
N PRO I 336 -8.59 28.52 50.59
CA PRO I 336 -8.51 27.61 49.43
C PRO I 336 -9.86 27.49 48.76
N ILE I 337 -9.85 27.62 47.43
CA ILE I 337 -11.05 27.50 46.63
C ILE I 337 -10.71 26.66 45.40
N VAL I 338 -11.73 25.97 44.90
CA VAL I 338 -11.61 25.21 43.67
C VAL I 338 -11.87 26.19 42.55
N ALA I 339 -10.80 26.67 41.95
CA ALA I 339 -10.92 27.44 40.73
C ALA I 339 -11.20 26.49 39.58
N SER I 340 -12.33 26.69 38.93
CA SER I 340 -12.71 25.85 37.82
C SER I 340 -12.13 26.46 36.55
N GLN I 341 -12.68 26.05 35.41
CA GLN I 341 -12.36 26.62 34.11
C GLN I 341 -12.50 28.14 34.12
N ALA I 342 -11.46 28.81 33.62
CA ALA I 342 -11.54 30.24 33.37
C ALA I 342 -12.60 30.53 32.34
N ILE I 343 -13.33 31.61 32.54
CA ILE I 343 -14.45 31.96 31.68
C ILE I 343 -14.23 33.39 31.18
N GLY I 344 -13.85 33.52 29.91
CA GLY I 344 -13.56 34.83 29.36
C GLY I 344 -12.33 35.39 30.02
N ASP I 345 -12.43 36.63 30.50
CA ASP I 345 -11.41 37.19 31.37
C ASP I 345 -11.61 36.81 32.82
N LYS I 346 -12.58 35.95 33.09
CA LYS I 346 -12.85 35.61 34.47
C LYS I 346 -12.68 34.12 34.68
N TRP I 347 -13.09 33.67 35.87
CA TRP I 347 -12.67 32.36 36.37
C TRP I 347 -13.79 31.78 37.22
N LEU I 348 -14.27 30.61 36.83
CA LEU I 348 -15.27 29.94 37.64
C LEU I 348 -14.65 29.39 38.91
N VAL I 349 -15.32 29.60 40.03
CA VAL I 349 -14.98 28.98 41.30
C VAL I 349 -16.23 28.26 41.80
N THR I 350 -16.07 27.01 42.19
CA THR I 350 -17.17 26.31 42.84
C THR I 350 -17.15 26.55 44.34
N GLU I 351 -15.97 26.59 44.93
CA GLU I 351 -15.82 26.42 46.37
C GLU I 351 -16.00 27.73 47.12
N GLY I 352 -16.89 27.69 48.10
CA GLY I 352 -16.81 28.54 49.28
C GLY I 352 -17.40 29.92 49.20
N LEU I 353 -16.94 30.73 48.26
CA LEU I 353 -17.15 32.15 48.31
C LEU I 353 -18.53 32.52 47.80
N LYS I 354 -18.94 33.74 48.09
CA LYS I 354 -20.28 34.23 47.80
C LYS I 354 -20.19 35.58 47.13
N ALA I 355 -21.34 36.09 46.72
CA ALA I 355 -21.43 37.45 46.23
C ALA I 355 -21.21 38.42 47.38
N GLY I 356 -20.59 39.56 47.09
CA GLY I 356 -20.42 40.58 48.09
C GLY I 356 -19.30 40.33 49.07
N ASP I 357 -18.51 39.28 48.87
CA ASP I 357 -17.40 39.02 49.78
C ASP I 357 -16.31 40.06 49.59
N ARG I 358 -15.59 40.39 50.66
CA ARG I 358 -14.60 41.47 50.63
C ARG I 358 -13.34 41.03 49.90
N VAL I 359 -13.47 40.79 48.59
CA VAL I 359 -12.36 40.36 47.75
C VAL I 359 -11.58 41.64 47.45
N VAL I 360 -10.41 41.52 46.83
CA VAL I 360 -9.39 42.57 46.80
C VAL I 360 -9.31 42.95 45.33
N ILE I 361 -8.37 43.80 44.94
CA ILE I 361 -7.58 43.50 43.74
C ILE I 361 -6.07 43.62 44.00
N SER I 362 -5.61 44.82 44.35
CA SER I 362 -4.21 45.17 44.15
C SER I 362 -3.71 46.04 45.30
N GLY I 363 -2.47 45.80 45.69
CA GLY I 363 -1.84 46.42 46.83
C GLY I 363 -1.22 45.33 47.66
N LEU I 364 -1.31 44.11 47.13
CA LEU I 364 -1.04 42.88 47.87
C LEU I 364 0.43 42.65 48.17
N GLN I 365 1.32 43.45 47.57
CA GLN I 365 2.73 43.11 47.61
C GLN I 365 3.36 43.60 48.90
N LYS I 366 2.78 44.64 49.51
CA LYS I 366 3.12 44.99 50.87
C LYS I 366 2.37 44.14 51.88
N VAL I 367 1.47 43.27 51.43
CA VAL I 367 0.46 42.67 52.27
C VAL I 367 0.81 41.23 52.57
N ARG I 368 0.75 40.88 53.84
CA ARG I 368 0.83 39.55 54.43
C ARG I 368 -0.33 39.39 55.41
N PRO I 369 -0.69 38.16 55.82
CA PRO I 369 -1.78 38.00 56.78
C PRO I 369 -1.47 38.64 58.13
N GLY I 370 -2.26 39.65 58.48
CA GLY I 370 -2.14 40.31 59.76
C GLY I 370 -1.96 41.81 59.69
N VAL I 371 -2.27 42.42 58.55
CA VAL I 371 -2.08 43.86 58.35
C VAL I 371 -3.43 44.48 58.05
N GLN I 372 -3.80 45.50 58.82
CA GLN I 372 -5.06 46.17 58.56
C GLN I 372 -4.99 47.00 57.29
N VAL I 373 -6.14 47.09 56.62
CA VAL I 373 -6.24 47.41 55.20
C VAL I 373 -7.51 48.22 54.99
N LYS I 374 -7.41 49.26 54.17
CA LYS I 374 -8.57 50.05 53.79
C LYS I 374 -8.90 49.69 52.34
N ALA I 375 -10.10 50.07 51.91
CA ALA I 375 -10.67 49.52 50.68
C ALA I 375 -10.77 50.56 49.57
N GLN I 376 -10.49 50.14 48.35
CA GLN I 376 -10.65 50.98 47.17
C GLN I 376 -11.28 50.19 46.03
N GLU I 377 -12.19 50.81 45.30
CA GLU I 377 -12.73 50.17 44.10
C GLU I 377 -12.79 51.11 42.90
N MET J 1 87.86 65.37 30.16
CA MET J 1 87.03 64.17 30.22
C MET J 1 86.98 63.37 28.90
N PRO J 2 86.93 64.02 27.72
CA PRO J 2 87.31 63.25 26.52
C PRO J 2 88.77 62.87 26.54
N ASN J 3 89.64 63.83 26.87
CA ASN J 3 91.08 63.62 26.91
C ASN J 3 91.49 62.62 27.97
N PHE J 4 90.65 62.42 28.99
CA PHE J 4 90.78 61.30 29.91
C PHE J 4 90.79 59.97 29.17
N PHE J 5 90.04 59.89 28.08
CA PHE J 5 90.07 58.70 27.26
C PHE J 5 90.91 58.86 26.01
N ILE J 6 91.42 60.06 25.74
CA ILE J 6 92.59 60.16 24.88
C ILE J 6 93.79 59.59 25.62
N ASP J 7 93.85 59.79 26.94
CA ASP J 7 94.90 59.21 27.75
C ASP J 7 94.83 57.70 27.82
N ARG J 8 93.66 57.11 27.59
CA ARG J 8 93.52 55.68 27.39
C ARG J 8 93.01 55.48 25.96
N PRO J 9 93.87 55.57 24.95
CA PRO J 9 93.38 55.50 23.58
C PRO J 9 93.00 54.08 23.18
N ILE J 10 93.64 53.14 23.87
CA ILE J 10 93.34 51.72 23.72
C ILE J 10 91.89 51.45 24.12
N PHE J 11 91.38 52.21 25.10
CA PHE J 11 89.98 52.13 25.47
C PHE J 11 89.07 52.54 24.31
N ALA J 12 89.46 53.58 23.58
CA ALA J 12 88.67 53.99 22.43
C ALA J 12 88.72 52.95 21.32
N TRP J 13 89.87 52.30 21.16
CA TRP J 13 89.94 51.11 20.31
C TRP J 13 88.94 50.05 20.75
N VAL J 14 88.87 49.81 22.06
CA VAL J 14 88.01 48.76 22.60
C VAL J 14 86.55 49.06 22.30
N ILE J 15 86.14 50.32 22.49
CA ILE J 15 84.78 50.74 22.15
C ILE J 15 84.51 50.53 20.68
N ALA J 16 85.50 50.86 19.84
CA ALA J 16 85.36 50.68 18.41
C ALA J 16 85.17 49.23 18.02
N ILE J 17 85.88 48.33 18.71
CA ILE J 17 85.82 46.91 18.36
C ILE J 17 84.53 46.29 18.89
N ILE J 18 84.06 46.79 20.03
CA ILE J 18 82.74 46.44 20.54
C ILE J 18 81.68 46.80 19.51
N ILE J 19 81.83 47.97 18.88
CA ILE J 19 80.96 48.32 17.79
C ILE J 19 81.18 47.40 16.59
N MET J 20 82.42 46.93 16.40
CA MET J 20 82.71 46.09 15.23
C MET J 20 82.04 44.74 15.31
N LEU J 21 82.08 44.09 16.47
CA LEU J 21 81.59 42.73 16.50
C LEU J 21 80.19 42.67 17.08
N ALA J 22 79.78 43.73 17.78
CA ALA J 22 78.36 43.95 17.96
C ALA J 22 77.67 44.14 16.62
N GLY J 23 78.31 44.89 15.72
CA GLY J 23 77.75 45.06 14.39
C GLY J 23 77.85 43.78 13.57
N GLY J 24 78.90 42.98 13.80
CA GLY J 24 78.97 41.69 13.14
C GLY J 24 77.88 40.75 13.61
N LEU J 25 77.59 40.77 14.91
CA LEU J 25 76.46 40.03 15.44
C LEU J 25 75.15 40.54 14.89
N ALA J 26 75.09 41.84 14.60
CA ALA J 26 73.89 42.40 13.98
C ALA J 26 73.72 41.87 12.57
N ILE J 27 74.74 42.01 11.74
CA ILE J 27 74.61 41.66 10.33
C ILE J 27 74.54 40.16 10.14
N LEU J 28 75.00 39.38 11.11
CA LEU J 28 74.75 37.95 11.04
C LEU J 28 73.49 37.57 11.79
N LYS J 29 72.88 38.52 12.50
CA LYS J 29 71.63 38.27 13.19
C LYS J 29 70.44 38.83 12.43
N LEU J 30 70.68 39.76 11.52
CA LEU J 30 69.61 40.57 10.95
C LEU J 30 68.77 39.75 9.99
N PRO J 31 67.45 39.87 10.03
CA PRO J 31 66.62 39.27 8.99
C PRO J 31 66.77 39.99 7.67
N VAL J 32 66.27 39.35 6.63
CA VAL J 32 66.44 39.79 5.25
C VAL J 32 65.07 40.01 4.64
N ALA J 33 64.73 41.26 4.34
CA ALA J 33 63.51 41.60 3.62
C ALA J 33 63.61 43.04 3.13
N GLN J 34 63.43 43.25 1.83
CA GLN J 34 63.70 44.56 1.23
C GLN J 34 62.70 45.62 1.67
N TYR J 35 61.47 45.23 2.00
CA TYR J 35 60.38 46.17 2.19
C TYR J 35 59.83 45.90 3.57
N PRO J 36 60.19 46.74 4.55
CA PRO J 36 59.79 46.46 5.92
C PRO J 36 58.31 46.75 6.11
N THR J 37 57.53 45.67 6.14
CA THR J 37 56.20 45.57 5.54
C THR J 37 55.31 46.76 5.84
N ILE J 38 54.94 47.46 4.78
CA ILE J 38 54.48 48.83 4.86
C ILE J 38 52.96 48.90 4.75
N ALA J 39 52.38 48.04 3.91
CA ALA J 39 50.95 48.03 3.63
C ALA J 39 50.15 47.76 4.90
N PRO J 40 48.97 48.35 5.02
CA PRO J 40 48.15 48.12 6.20
C PRO J 40 47.65 46.70 6.25
N PRO J 41 47.30 46.21 7.42
CA PRO J 41 46.77 44.86 7.52
C PRO J 41 45.43 44.74 6.83
N ALA J 42 45.23 43.60 6.18
CA ALA J 42 44.02 43.38 5.39
C ALA J 42 43.68 41.91 5.50
N VAL J 43 42.54 41.61 6.12
CA VAL J 43 42.07 40.25 6.25
C VAL J 43 41.53 39.76 4.92
N THR J 44 41.94 38.54 4.55
CA THR J 44 41.75 37.99 3.22
C THR J 44 40.74 36.84 3.30
N ILE J 45 39.49 37.11 2.93
CA ILE J 45 38.41 36.14 3.07
C ILE J 45 37.92 35.72 1.70
N SER J 46 37.74 34.40 1.52
CA SER J 46 37.17 33.90 0.28
C SER J 46 36.41 32.60 0.57
N ALA J 47 35.14 32.61 0.20
CA ALA J 47 34.35 31.40 0.16
C ALA J 47 34.43 30.83 -1.25
N SER J 48 33.89 29.63 -1.42
CA SER J 48 33.88 28.98 -2.73
C SER J 48 32.71 28.00 -2.74
N TYR J 49 31.67 28.34 -3.50
CA TYR J 49 30.52 27.47 -3.61
C TYR J 49 30.01 27.39 -5.03
N PRO J 50 30.24 26.29 -5.72
CA PRO J 50 29.78 26.17 -7.10
C PRO J 50 28.27 26.02 -7.17
N GLY J 51 27.74 26.23 -8.37
CA GLY J 51 26.34 26.05 -8.67
C GLY J 51 25.49 27.28 -8.48
N ALA J 52 25.83 28.13 -7.52
CA ALA J 52 25.02 29.29 -7.16
C ALA J 52 25.62 30.56 -7.74
N ASP J 53 24.81 31.62 -7.76
CA ASP J 53 25.21 32.83 -8.46
C ASP J 53 25.72 33.89 -7.50
N ALA J 54 26.06 35.03 -8.10
CA ALA J 54 26.48 36.20 -7.34
C ALA J 54 25.36 36.74 -6.48
N LYS J 55 24.11 36.51 -6.88
CA LYS J 55 23.01 36.91 -6.03
C LYS J 55 22.98 36.05 -4.78
N THR J 56 23.17 34.76 -4.95
CA THR J 56 23.22 33.84 -3.82
C THR J 56 24.47 34.09 -3.00
N VAL J 57 25.56 34.45 -3.68
CA VAL J 57 26.76 34.94 -3.01
C VAL J 57 26.43 36.11 -2.11
N GLN J 58 25.71 37.09 -2.64
CA GLN J 58 25.44 38.30 -1.89
C GLN J 58 24.55 38.01 -0.71
N ASP J 59 23.53 37.21 -0.94
CA ASP J 59 22.50 37.03 0.08
C ASP J 59 22.93 35.98 1.09
N THR J 60 23.07 34.74 0.61
CA THR J 60 23.31 33.61 1.50
C THR J 60 24.69 33.62 2.11
N VAL J 61 25.59 34.43 1.58
CA VAL J 61 26.92 34.47 2.15
C VAL J 61 27.23 35.89 2.57
N THR J 62 27.18 36.82 1.61
CA THR J 62 27.82 38.11 1.85
C THR J 62 27.00 38.96 2.79
N GLN J 63 25.68 39.02 2.58
CA GLN J 63 24.85 39.77 3.52
C GLN J 63 24.78 39.13 4.89
N VAL J 64 25.08 37.84 4.99
CA VAL J 64 25.30 37.25 6.30
C VAL J 64 26.49 37.92 6.96
N ILE J 65 27.54 38.18 6.18
CA ILE J 65 28.73 38.76 6.74
C ILE J 65 28.51 40.22 7.07
N GLU J 66 27.92 40.96 6.12
CA GLU J 66 27.66 42.39 6.30
C GLU J 66 26.71 42.60 7.46
N GLN J 67 25.67 41.79 7.53
CA GLN J 67 24.77 41.78 8.66
C GLN J 67 25.35 41.03 9.86
N ASN J 68 26.63 40.67 9.82
CA ASN J 68 27.36 40.27 11.00
C ASN J 68 28.67 41.03 11.18
N MET J 69 29.13 41.81 10.20
CA MET J 69 30.30 42.66 10.39
C MET J 69 29.91 43.85 11.25
N ASN J 70 29.81 43.58 12.54
CA ASN J 70 29.17 44.48 13.48
C ASN J 70 29.98 44.43 14.76
N GLY J 71 30.18 45.61 15.36
CA GLY J 71 31.17 45.71 16.42
C GLY J 71 32.57 45.44 15.93
N ILE J 72 32.80 45.67 14.67
CA ILE J 72 34.07 45.36 14.03
C ILE J 72 35.05 46.49 14.30
N ASP J 73 36.32 46.15 14.44
CA ASP J 73 37.29 47.03 15.05
C ASP J 73 38.39 47.36 14.07
N ASN J 74 38.79 48.63 14.08
CA ASN J 74 40.14 49.05 13.67
C ASN J 74 40.38 48.81 12.19
N LEU J 75 39.33 48.96 11.41
CA LEU J 75 39.57 48.90 9.99
C LEU J 75 40.09 50.23 9.49
N MET J 76 40.65 50.19 8.30
CA MET J 76 40.69 51.38 7.49
C MET J 76 39.48 51.43 6.58
N TYR J 77 39.16 50.31 5.92
CA TYR J 77 37.86 50.07 5.32
C TYR J 77 37.70 48.57 5.10
N MET J 78 36.72 48.21 4.29
CA MET J 78 36.50 46.84 3.88
C MET J 78 36.02 46.89 2.45
N SER J 79 36.35 45.86 1.68
CA SER J 79 35.85 45.72 0.33
C SER J 79 35.51 44.27 0.07
N SER J 80 34.61 44.07 -0.89
CA SER J 80 34.29 42.71 -1.29
C SER J 80 33.74 42.70 -2.70
N ASN J 81 33.81 41.52 -3.31
CA ASN J 81 33.26 41.28 -4.62
C ASN J 81 32.54 39.94 -4.65
N SER J 82 31.82 39.72 -5.73
CA SER J 82 31.04 38.50 -5.91
C SER J 82 31.52 37.79 -7.16
N ASP J 83 30.99 36.58 -7.37
CA ASP J 83 31.22 35.84 -8.60
C ASP J 83 30.08 34.87 -8.83
N SER J 84 29.94 34.45 -10.09
CA SER J 84 29.07 33.35 -10.40
C SER J 84 29.74 32.01 -10.13
N THR J 85 31.06 31.99 -10.08
CA THR J 85 31.77 30.74 -9.85
C THR J 85 31.62 30.27 -8.40
N GLY J 86 31.46 31.19 -7.46
CA GLY J 86 31.21 30.86 -6.08
C GLY J 86 32.25 31.33 -5.08
N THR J 87 33.43 31.68 -5.52
CA THR J 87 34.49 32.17 -4.64
C THR J 87 34.17 33.60 -4.24
N VAL J 88 33.51 33.75 -3.10
CA VAL J 88 33.27 35.07 -2.55
C VAL J 88 34.59 35.58 -2.01
N GLN J 89 34.82 36.88 -2.08
CA GLN J 89 36.03 37.39 -1.46
C GLN J 89 35.73 38.71 -0.79
N ILE J 90 36.05 38.79 0.50
CA ILE J 90 35.95 40.02 1.26
C ILE J 90 37.35 40.40 1.69
N THR J 91 37.71 41.65 1.47
CA THR J 91 39.02 42.16 1.78
C THR J 91 38.87 43.25 2.83
N LEU J 92 39.73 43.22 3.85
CA LEU J 92 39.45 43.95 5.08
C LEU J 92 40.67 44.76 5.51
N THR J 93 40.73 46.01 5.05
CA THR J 93 41.88 46.87 5.28
C THR J 93 41.83 47.44 6.69
N PHE J 94 42.86 47.18 7.47
CA PHE J 94 42.78 47.44 8.89
C PHE J 94 43.79 48.48 9.32
N GLU J 95 43.57 48.99 10.53
CA GLU J 95 44.47 49.95 11.13
C GLU J 95 45.82 49.31 11.44
N SER J 96 46.88 50.06 11.19
CA SER J 96 48.22 49.55 11.41
C SER J 96 48.57 49.60 12.89
N GLY J 97 49.83 49.27 13.18
CA GLY J 97 50.32 49.24 14.53
C GLY J 97 50.06 47.94 15.26
N THR J 98 49.19 47.09 14.74
CA THR J 98 48.80 45.87 15.41
C THR J 98 49.10 44.65 14.56
N ASP J 99 48.89 43.48 15.15
CA ASP J 99 48.98 42.24 14.40
C ASP J 99 47.75 42.06 13.52
N ALA J 100 47.82 41.05 12.67
CA ALA J 100 46.60 40.61 12.01
C ALA J 100 45.74 39.77 12.93
N ASP J 101 46.30 39.29 14.03
CA ASP J 101 45.74 38.10 14.63
C ASP J 101 44.63 38.45 15.59
N ILE J 102 44.74 39.58 16.26
CA ILE J 102 43.73 39.97 17.24
C ILE J 102 42.42 40.28 16.54
N ALA J 103 42.43 41.22 15.60
CA ALA J 103 41.21 41.51 14.88
C ALA J 103 40.82 40.39 13.94
N GLN J 104 41.81 39.60 13.51
CA GLN J 104 41.54 38.37 12.78
C GLN J 104 40.62 37.47 13.54
N VAL J 105 40.97 37.18 14.79
CA VAL J 105 40.11 36.27 15.52
C VAL J 105 38.86 36.94 16.03
N GLN J 106 38.86 38.28 16.16
CA GLN J 106 37.62 39.00 16.38
C GLN J 106 36.63 38.71 15.29
N VAL J 107 37.02 39.03 14.07
CA VAL J 107 36.12 38.95 12.93
C VAL J 107 35.81 37.51 12.60
N GLN J 108 36.80 36.65 12.72
CA GLN J 108 36.52 35.28 12.35
C GLN J 108 35.79 34.55 13.45
N ASN J 109 35.72 35.12 14.64
CA ASN J 109 34.91 34.51 15.68
C ASN J 109 33.52 35.08 15.74
N LYS J 110 33.29 36.30 15.26
CA LYS J 110 31.90 36.64 14.96
C LYS J 110 31.47 35.96 13.68
N LEU J 111 32.43 35.54 12.86
CA LEU J 111 32.12 34.58 11.81
C LEU J 111 31.80 33.22 12.40
N GLN J 112 32.47 32.85 13.50
CA GLN J 112 32.08 31.64 14.21
C GLN J 112 30.68 31.77 14.77
N LEU J 113 30.30 32.98 15.17
CA LEU J 113 28.90 33.25 15.45
C LEU J 113 28.05 33.12 14.19
N ALA J 114 28.65 33.37 13.04
CA ALA J 114 27.88 33.33 11.80
C ALA J 114 27.87 31.96 11.14
N MET J 115 28.50 30.95 11.72
CA MET J 115 28.73 29.70 10.97
C MET J 115 27.48 28.91 10.62
N PRO J 116 26.49 28.66 11.49
CA PRO J 116 25.30 27.92 11.02
C PRO J 116 24.42 28.72 10.09
N LEU J 117 24.63 30.04 10.00
CA LEU J 117 23.87 30.89 9.11
C LEU J 117 24.24 30.66 7.66
N LEU J 118 25.40 30.06 7.41
CA LEU J 118 25.82 29.73 6.07
C LEU J 118 24.89 28.71 5.43
N PRO J 119 24.87 28.66 4.10
CA PRO J 119 24.49 27.42 3.42
C PRO J 119 25.37 26.30 3.95
N GLN J 120 24.73 25.18 4.28
CA GLN J 120 25.46 24.07 4.86
C GLN J 120 26.45 23.46 3.90
N GLU J 121 26.24 23.66 2.61
CA GLU J 121 26.94 22.93 1.58
C GLU J 121 28.34 23.46 1.40
N VAL J 122 28.49 24.78 1.43
CA VAL J 122 29.78 25.39 1.21
C VAL J 122 30.67 25.19 2.43
N GLN J 123 30.11 25.21 3.63
CA GLN J 123 30.90 24.88 4.79
C GLN J 123 31.12 23.38 4.91
N GLN J 124 30.26 22.58 4.31
CA GLN J 124 30.60 21.18 4.06
C GLN J 124 31.75 21.07 3.07
N GLN J 125 31.92 22.05 2.20
CA GLN J 125 33.15 22.10 1.43
C GLN J 125 34.24 22.83 2.20
N GLY J 126 33.88 23.90 2.90
CA GLY J 126 34.84 24.70 3.63
C GLY J 126 34.96 26.10 3.07
N VAL J 127 35.35 27.01 3.96
CA VAL J 127 35.43 28.44 3.66
C VAL J 127 36.81 28.92 4.06
N SER J 128 37.49 29.63 3.17
CA SER J 128 38.78 30.21 3.49
C SER J 128 38.55 31.52 4.22
N VAL J 129 38.88 31.54 5.49
CA VAL J 129 38.78 32.74 6.30
C VAL J 129 40.20 33.07 6.71
N GLU J 130 40.88 33.87 5.92
CA GLU J 130 42.33 33.98 6.01
C GLU J 130 42.71 35.40 6.34
N LYS J 131 43.99 35.61 6.61
CA LYS J 131 44.48 36.86 7.14
C LYS J 131 45.55 37.50 6.27
N SER J 132 45.87 36.87 5.16
CA SER J 132 47.18 37.06 4.53
C SER J 132 47.33 38.44 3.93
N SER J 133 48.49 39.03 4.17
CA SER J 133 48.98 40.07 3.29
C SER J 133 49.15 39.48 1.90
N SER J 134 48.80 40.27 0.89
CA SER J 134 48.64 39.75 -0.45
C SER J 134 49.93 39.69 -1.25
N SER J 135 51.09 39.64 -0.60
CA SER J 135 52.34 39.68 -1.33
C SER J 135 52.84 38.28 -1.67
N PHE J 136 53.20 38.10 -2.94
CA PHE J 136 53.89 36.88 -3.37
C PHE J 136 55.26 36.77 -2.72
N LEU J 137 55.84 35.59 -2.83
CA LEU J 137 57.30 35.46 -2.73
C LEU J 137 57.87 35.13 -4.10
N MET J 138 57.40 34.06 -4.71
CA MET J 138 57.91 33.65 -6.01
C MET J 138 56.92 32.72 -6.68
N VAL J 139 57.15 32.51 -7.97
CA VAL J 139 56.40 31.56 -8.78
C VAL J 139 57.33 30.38 -9.04
N VAL J 140 56.76 29.17 -9.13
CA VAL J 140 57.54 27.95 -9.25
C VAL J 140 57.02 27.17 -10.45
N GLY J 141 57.93 26.82 -11.36
CA GLY J 141 57.57 26.29 -12.66
C GLY J 141 57.65 24.78 -12.68
N VAL J 142 56.49 24.14 -12.65
CA VAL J 142 56.45 22.69 -12.53
C VAL J 142 55.64 22.11 -13.68
N ILE J 143 56.33 21.47 -14.62
CA ILE J 143 55.65 20.89 -15.77
C ILE J 143 56.46 19.77 -16.42
N ASN J 144 55.78 18.65 -16.67
CA ASN J 144 56.25 17.65 -17.61
C ASN J 144 56.48 18.28 -18.97
N THR J 145 57.75 18.34 -19.39
CA THR J 145 58.07 18.84 -20.72
C THR J 145 57.57 17.91 -21.80
N ASP J 146 57.40 16.63 -21.49
CA ASP J 146 56.73 15.73 -22.44
C ASP J 146 55.26 16.09 -22.57
N GLY J 147 54.67 16.58 -21.49
CA GLY J 147 53.25 16.85 -21.49
C GLY J 147 52.38 15.61 -21.49
N THR J 148 52.94 14.45 -21.12
CA THR J 148 52.15 13.23 -21.07
C THR J 148 51.15 13.24 -19.92
N MET J 149 51.37 14.11 -18.94
CA MET J 149 50.54 14.22 -17.78
C MET J 149 49.76 15.53 -17.84
N THR J 150 48.56 15.53 -17.28
CA THR J 150 47.82 16.78 -17.34
C THR J 150 48.35 17.74 -16.29
N GLN J 151 47.88 18.96 -16.38
CA GLN J 151 48.26 19.97 -15.40
C GLN J 151 47.69 19.62 -14.04
N GLU J 152 46.53 18.94 -14.03
CA GLU J 152 46.05 18.31 -12.82
C GLU J 152 47.01 17.24 -12.31
N ASP J 153 47.60 16.45 -13.22
CA ASP J 153 48.44 15.35 -12.78
C ASP J 153 49.68 15.86 -12.09
N ILE J 154 50.25 16.91 -12.64
CA ILE J 154 51.38 17.57 -12.01
C ILE J 154 50.93 18.20 -10.71
N SER J 155 49.71 18.75 -10.71
CA SER J 155 49.21 19.52 -9.60
C SER J 155 49.03 18.65 -8.37
N ASP J 156 48.37 17.51 -8.53
CA ASP J 156 48.23 16.64 -7.37
C ASP J 156 49.49 15.85 -7.14
N TYR J 157 50.35 15.71 -8.16
CA TYR J 157 51.64 15.08 -7.96
C TYR J 157 52.47 15.83 -6.94
N VAL J 158 52.75 17.09 -7.23
CA VAL J 158 53.53 17.89 -6.30
C VAL J 158 52.73 18.17 -5.06
N ALA J 159 51.43 18.39 -5.24
CA ALA J 159 50.55 18.83 -4.16
C ALA J 159 50.48 17.78 -3.06
N ALA J 160 50.23 16.54 -3.45
CA ALA J 160 50.30 15.45 -2.48
C ALA J 160 51.74 15.18 -2.09
N ASN J 161 52.63 15.15 -3.07
CA ASN J 161 53.97 14.69 -2.79
C ASN J 161 54.85 15.78 -2.22
N MET J 162 55.12 16.79 -3.01
CA MET J 162 56.25 17.66 -2.72
C MET J 162 55.85 18.85 -1.89
N LYS J 163 54.76 19.54 -2.30
CA LYS J 163 54.27 20.81 -1.76
C LYS J 163 54.22 20.84 -0.25
N ASP J 164 53.88 19.72 0.35
CA ASP J 164 53.62 19.66 1.77
C ASP J 164 54.90 19.73 2.57
N ALA J 165 55.99 19.16 2.05
CA ALA J 165 57.24 19.26 2.77
C ALA J 165 57.91 20.62 2.54
N ILE J 166 57.55 21.30 1.47
CA ILE J 166 57.84 22.74 1.41
C ILE J 166 57.11 23.44 2.52
N SER J 167 55.83 23.10 2.73
CA SER J 167 55.15 23.64 3.89
C SER J 167 55.69 23.08 5.20
N ARG J 168 56.44 21.98 5.16
CA ARG J 168 57.24 21.52 6.29
C ARG J 168 58.65 22.08 6.23
N THR J 169 58.82 23.23 5.62
CA THR J 169 60.11 23.89 5.59
C THR J 169 59.90 25.33 6.04
N SER J 170 60.96 25.93 6.59
CA SER J 170 60.90 27.28 7.12
C SER J 170 60.62 28.31 6.04
N GLY J 171 60.02 29.43 6.46
CA GLY J 171 59.94 30.61 5.64
C GLY J 171 58.79 30.67 4.66
N VAL J 172 57.66 30.05 4.97
CA VAL J 172 56.61 29.89 3.97
C VAL J 172 55.43 30.78 4.33
N GLY J 173 54.89 31.47 3.32
CA GLY J 173 53.54 31.97 3.40
C GLY J 173 52.60 30.96 2.82
N ASP J 174 52.03 31.25 1.66
CA ASP J 174 51.21 30.28 0.95
C ASP J 174 51.88 29.79 -0.31
N VAL J 175 51.86 28.48 -0.50
CA VAL J 175 52.13 27.88 -1.80
C VAL J 175 50.80 27.86 -2.53
N GLN J 176 50.64 28.76 -3.49
CA GLN J 176 49.45 28.71 -4.32
C GLN J 176 49.52 27.49 -5.22
N LEU J 177 48.66 26.55 -4.94
CA LEU J 177 48.45 25.45 -5.85
C LEU J 177 47.63 25.94 -7.03
N PHE J 178 48.30 26.31 -8.12
CA PHE J 178 47.58 26.56 -9.36
C PHE J 178 47.14 25.21 -9.92
N GLY J 179 46.02 24.74 -9.40
CA GLY J 179 45.62 23.37 -9.59
C GLY J 179 44.91 22.87 -8.34
N SER J 180 44.73 21.55 -8.28
CA SER J 180 43.94 20.97 -7.21
C SER J 180 44.26 19.50 -7.03
N GLN J 181 43.52 18.89 -6.11
CA GLN J 181 43.60 17.47 -5.85
C GLN J 181 42.91 16.72 -6.97
N TYR J 182 43.17 15.43 -7.08
CA TYR J 182 42.30 14.64 -7.93
C TYR J 182 40.94 14.45 -7.28
N ALA J 183 40.04 13.83 -8.03
CA ALA J 183 38.70 13.58 -7.53
C ALA J 183 38.14 12.37 -8.25
N MET J 184 37.00 11.89 -7.74
CA MET J 184 36.27 10.86 -8.45
C MET J 184 35.28 11.56 -9.35
N ARG J 185 35.78 11.99 -10.50
CA ARG J 185 34.95 12.67 -11.48
C ARG J 185 34.12 11.67 -12.27
N ILE J 186 32.82 11.94 -12.35
CA ILE J 186 31.81 11.01 -12.84
C ILE J 186 30.97 11.72 -13.90
N TRP J 187 30.62 11.00 -14.97
CA TRP J 187 29.94 11.59 -16.12
C TRP J 187 28.73 10.76 -16.51
N MET J 188 27.56 11.24 -16.15
CA MET J 188 26.32 10.50 -16.28
C MET J 188 25.84 10.43 -17.73
N ASN J 189 24.72 9.75 -17.90
CA ASN J 189 24.00 9.67 -19.15
C ASN J 189 22.52 9.64 -18.83
N PRO J 190 21.73 10.60 -19.33
CA PRO J 190 20.27 10.50 -19.18
C PRO J 190 19.68 9.34 -19.93
N ASN J 191 20.39 8.82 -20.93
CA ASN J 191 19.94 7.63 -21.61
C ASN J 191 20.13 6.41 -20.74
N GLU J 192 21.04 6.49 -19.76
CA GLU J 192 21.28 5.38 -18.85
C GLU J 192 20.38 5.42 -17.64
N LEU J 193 20.26 6.59 -17.01
CA LEU J 193 19.25 6.79 -15.99
C LEU J 193 17.88 6.46 -16.54
N ASN J 194 17.59 7.02 -17.71
CA ASN J 194 16.36 6.72 -18.43
C ASN J 194 16.27 5.26 -18.80
N LYS J 195 17.41 4.66 -19.15
CA LYS J 195 17.47 3.25 -19.50
C LYS J 195 17.09 2.39 -18.32
N PHE J 196 17.41 2.84 -17.11
CA PHE J 196 17.07 2.08 -15.94
C PHE J 196 16.07 2.80 -15.06
N GLN J 197 15.48 3.89 -15.56
CA GLN J 197 14.37 4.58 -14.92
C GLN J 197 14.77 5.11 -13.54
N LEU J 198 15.82 5.93 -13.54
CA LEU J 198 16.51 6.31 -12.31
C LEU J 198 16.72 7.81 -12.23
N THR J 199 17.12 8.26 -11.03
CA THR J 199 17.55 9.63 -10.82
C THR J 199 18.96 9.62 -10.25
N PRO J 200 19.74 10.70 -10.47
CA PRO J 200 21.04 10.79 -9.80
C PRO J 200 20.96 10.95 -8.32
N VAL J 201 19.83 11.38 -7.78
CA VAL J 201 19.68 11.45 -6.34
C VAL J 201 19.75 10.06 -5.74
N ASP J 202 19.16 9.10 -6.44
CA ASP J 202 19.31 7.70 -6.09
C ASP J 202 20.74 7.26 -6.20
N VAL J 203 21.45 7.80 -7.18
CA VAL J 203 22.83 7.41 -7.40
C VAL J 203 23.70 7.88 -6.25
N ILE J 204 23.52 9.14 -5.85
CA ILE J 204 24.24 9.69 -4.71
C ILE J 204 23.87 8.96 -3.44
N THR J 205 22.60 8.59 -3.34
CA THR J 205 22.11 7.79 -2.23
C THR J 205 22.85 6.47 -2.16
N ALA J 206 23.12 5.87 -3.32
CA ALA J 206 23.90 4.65 -3.35
C ALA J 206 25.36 4.92 -3.07
N ILE J 207 25.84 6.11 -3.41
CA ILE J 207 27.24 6.47 -3.14
C ILE J 207 27.47 6.52 -1.65
N LYS J 208 26.64 7.28 -0.96
CA LYS J 208 26.68 7.36 0.49
C LYS J 208 26.41 6.01 1.12
N ALA J 209 25.58 5.20 0.46
CA ALA J 209 25.34 3.85 0.92
C ALA J 209 26.58 2.98 0.78
N GLN J 210 27.44 3.28 -0.18
CA GLN J 210 28.57 2.40 -0.40
C GLN J 210 29.90 3.06 -0.10
N ASN J 211 30.14 4.29 -0.56
CA ASN J 211 31.24 5.06 0.01
C ASN J 211 30.80 5.40 1.42
N ALA J 212 31.32 4.65 2.37
CA ALA J 212 30.82 4.67 3.72
C ALA J 212 31.90 4.09 4.63
N GLN J 213 31.98 4.61 5.84
CA GLN J 213 32.97 4.15 6.79
C GLN J 213 32.28 3.80 8.10
N VAL J 214 32.45 2.56 8.53
CA VAL J 214 31.69 1.99 9.63
C VAL J 214 32.65 1.73 10.78
N ALA J 215 32.24 2.09 12.00
CA ALA J 215 33.11 2.06 13.16
C ALA J 215 32.51 1.16 14.25
N ALA J 216 32.95 -0.10 14.29
CA ALA J 216 32.46 -1.03 15.32
C ALA J 216 33.56 -1.50 16.25
N GLY J 217 34.64 -2.12 15.76
CA GLY J 217 35.74 -2.40 16.65
C GLY J 217 35.50 -3.59 17.58
N GLN J 218 36.09 -3.48 18.77
CA GLN J 218 36.59 -4.60 19.58
C GLN J 218 35.67 -5.81 19.72
N LEU J 219 36.29 -6.98 19.76
CA LEU J 219 35.70 -8.13 20.42
C LEU J 219 36.26 -8.20 21.83
N GLY J 220 35.49 -7.74 22.80
CA GLY J 220 36.00 -7.60 24.15
C GLY J 220 36.15 -6.19 24.62
N GLY J 221 35.18 -5.32 24.37
CA GLY J 221 35.11 -4.05 25.03
C GLY J 221 34.93 -4.19 26.52
N THR J 222 35.41 -3.21 27.23
CA THR J 222 35.31 -3.23 28.66
C THR J 222 33.90 -2.80 29.10
N PRO J 223 33.29 -3.51 30.05
CA PRO J 223 33.84 -4.71 30.68
C PRO J 223 33.42 -5.98 29.96
N PRO J 224 34.34 -6.88 29.77
CA PRO J 224 33.98 -8.21 29.26
C PRO J 224 33.51 -9.09 30.41
N VAL J 225 33.30 -10.35 30.09
CA VAL J 225 32.95 -11.32 31.11
C VAL J 225 34.20 -11.70 31.89
N LYS J 226 33.99 -12.23 33.09
CA LYS J 226 35.07 -12.84 33.85
C LYS J 226 35.62 -14.03 33.10
N GLY J 227 36.94 -14.20 33.18
CA GLY J 227 37.55 -15.29 32.46
C GLY J 227 37.70 -15.07 30.98
N GLN J 228 37.40 -13.88 30.48
CA GLN J 228 37.62 -13.60 29.07
C GLN J 228 39.06 -13.19 28.86
N GLN J 229 39.72 -13.80 27.88
CA GLN J 229 41.13 -13.57 27.65
C GLN J 229 41.40 -12.82 26.36
N LEU J 230 40.46 -12.86 25.42
CA LEU J 230 40.64 -12.36 24.08
C LEU J 230 39.94 -11.03 23.88
N ASN J 231 40.66 -10.08 23.30
CA ASN J 231 40.10 -8.85 22.78
C ASN J 231 40.59 -8.69 21.35
N ALA J 232 39.73 -8.15 20.49
CA ALA J 232 40.06 -8.01 19.09
C ALA J 232 39.32 -6.80 18.55
N SER J 233 39.18 -6.75 17.24
CA SER J 233 38.48 -5.65 16.59
C SER J 233 37.65 -6.16 15.43
N ILE J 234 36.35 -5.95 15.53
CA ILE J 234 35.49 -6.00 14.36
C ILE J 234 35.98 -4.96 13.38
N ILE J 235 36.31 -5.41 12.20
CA ILE J 235 36.64 -4.52 11.11
C ILE J 235 35.46 -4.54 10.16
N ALA J 236 35.10 -3.37 9.66
CA ALA J 236 33.82 -3.17 9.02
C ALA J 236 34.01 -2.48 7.68
N GLN J 237 32.89 -2.00 7.12
CA GLN J 237 32.86 -1.51 5.75
C GLN J 237 33.71 -0.26 5.57
N THR J 238 34.72 -0.40 4.74
CA THR J 238 35.69 0.65 4.50
C THR J 238 35.21 1.52 3.35
N ARG J 239 35.58 2.79 3.39
CA ARG J 239 35.43 3.62 2.21
C ARG J 239 36.30 3.10 1.07
N LEU J 240 35.82 3.31 -0.13
CA LEU J 240 36.40 2.70 -1.32
C LEU J 240 37.72 3.38 -1.67
N THR J 241 38.56 2.64 -2.39
CA THR J 241 39.85 3.19 -2.83
C THR J 241 40.00 3.18 -4.34
N SER J 242 39.93 2.01 -4.96
CA SER J 242 40.15 1.85 -6.39
C SER J 242 38.92 2.22 -7.19
N THR J 243 39.15 2.88 -8.33
CA THR J 243 38.09 3.23 -9.27
C THR J 243 37.34 2.04 -9.84
N GLU J 244 37.85 0.82 -9.69
CA GLU J 244 37.11 -0.35 -10.13
C GLU J 244 36.15 -0.82 -9.06
N GLU J 245 36.50 -0.58 -7.79
CA GLU J 245 35.49 -0.68 -6.75
C GLU J 245 34.39 0.32 -7.02
N PHE J 246 34.76 1.51 -7.47
CA PHE J 246 33.80 2.48 -7.96
C PHE J 246 33.11 1.99 -9.23
N GLY J 247 33.79 1.14 -10.01
CA GLY J 247 33.14 0.57 -11.17
C GLY J 247 32.04 -0.38 -10.77
N LYS J 248 32.31 -1.22 -9.79
CA LYS J 248 31.35 -2.19 -9.30
C LYS J 248 30.44 -1.63 -8.22
N ILE J 249 30.23 -0.32 -8.21
CA ILE J 249 29.21 0.25 -7.33
C ILE J 249 27.85 -0.30 -7.73
N LEU J 250 27.25 -1.06 -6.83
CA LEU J 250 25.99 -1.71 -7.14
C LEU J 250 24.87 -0.69 -7.13
N LEU J 251 24.04 -0.77 -8.16
CA LEU J 251 22.89 0.10 -8.31
C LEU J 251 21.73 -0.87 -8.39
N LYS J 252 20.57 -0.44 -8.90
CA LYS J 252 19.33 -1.20 -8.87
C LYS J 252 19.44 -2.58 -9.50
N VAL J 253 18.48 -3.43 -9.17
CA VAL J 253 18.28 -4.72 -9.79
C VAL J 253 16.79 -4.90 -10.05
N ASN J 254 16.46 -6.00 -10.72
CA ASN J 254 15.14 -6.56 -10.62
C ASN J 254 15.22 -7.81 -9.75
N GLN J 255 14.11 -8.55 -9.70
CA GLN J 255 14.03 -9.73 -8.85
C GLN J 255 14.99 -10.83 -9.32
N ASP J 256 15.36 -10.81 -10.60
CA ASP J 256 16.46 -11.64 -11.08
C ASP J 256 17.77 -11.28 -10.40
N GLY J 257 17.95 -10.01 -10.05
CA GLY J 257 19.23 -9.53 -9.61
C GLY J 257 20.07 -8.92 -10.71
N CYS J 258 19.44 -8.31 -11.72
CA CYS J 258 20.18 -7.69 -12.81
C CYS J 258 20.91 -6.47 -12.26
N ARG J 259 22.15 -6.70 -11.86
CA ARG J 259 23.00 -5.70 -11.24
C ARG J 259 23.25 -4.55 -12.19
N VAL J 260 23.22 -3.35 -11.63
CA VAL J 260 23.54 -2.13 -12.36
C VAL J 260 24.75 -1.51 -11.68
N LEU J 261 25.71 -1.10 -12.48
CA LEU J 261 26.97 -0.57 -11.98
C LEU J 261 27.12 0.88 -12.39
N LEU J 262 27.91 1.60 -11.60
CA LEU J 262 28.05 3.02 -11.83
C LEU J 262 28.84 3.30 -13.10
N ARG J 263 29.74 2.39 -13.46
CA ARG J 263 30.42 2.52 -14.73
C ARG J 263 29.48 2.26 -15.89
N ASP J 264 28.37 1.57 -15.67
CA ASP J 264 27.45 1.29 -16.76
C ASP J 264 26.65 2.52 -17.12
N VAL J 265 26.57 3.49 -16.23
CA VAL J 265 25.74 4.66 -16.44
C VAL J 265 26.54 5.93 -16.60
N ALA J 266 27.84 5.89 -16.33
CA ALA J 266 28.59 7.11 -16.09
C ALA J 266 30.08 6.82 -16.20
N LYS J 267 30.86 7.88 -16.31
CA LYS J 267 32.30 7.74 -16.51
C LYS J 267 33.05 8.07 -15.24
N ILE J 268 34.05 7.23 -14.95
CA ILE J 268 34.78 7.25 -13.70
C ILE J 268 36.21 7.66 -14.01
N GLU J 269 36.71 8.65 -13.29
CA GLU J 269 38.06 9.14 -13.51
C GLU J 269 38.50 9.98 -12.33
N LEU J 270 39.69 10.53 -12.46
CA LEU J 270 40.19 11.55 -11.56
C LEU J 270 39.56 12.88 -11.91
N GLY J 271 39.68 13.84 -11.01
CA GLY J 271 38.93 15.06 -11.21
C GLY J 271 39.62 16.27 -10.65
N GLY J 272 39.75 17.28 -11.51
CA GLY J 272 39.95 18.61 -11.01
C GLY J 272 38.69 19.09 -10.32
N GLU J 273 38.87 19.76 -9.20
CA GLU J 273 37.72 20.28 -8.48
C GLU J 273 37.09 21.43 -9.25
N ASN J 274 37.91 22.18 -9.95
CA ASN J 274 37.48 22.93 -11.11
C ASN J 274 38.24 22.43 -12.32
N TYR J 275 38.02 23.10 -13.44
CA TYR J 275 38.78 22.80 -14.64
C TYR J 275 39.10 24.09 -15.37
N ASP J 276 39.33 25.16 -14.62
CA ASP J 276 39.04 26.47 -15.16
C ASP J 276 40.27 27.21 -15.66
N ILE J 277 41.46 26.83 -15.25
CA ILE J 277 42.63 27.62 -15.57
C ILE J 277 43.49 26.83 -16.53
N ILE J 278 43.46 27.21 -17.80
CA ILE J 278 44.43 26.65 -18.72
C ILE J 278 45.60 27.61 -18.68
N ALA J 279 46.53 27.35 -17.78
CA ALA J 279 47.66 28.22 -17.62
C ALA J 279 48.85 27.69 -18.40
N GLU J 280 49.56 28.59 -19.08
CA GLU J 280 50.59 28.17 -19.99
C GLU J 280 51.86 28.96 -19.74
N PHE J 281 52.98 28.28 -19.91
CA PHE J 281 54.29 28.90 -19.81
C PHE J 281 55.24 28.22 -20.77
N ASN J 282 55.81 29.01 -21.68
CA ASN J 282 56.74 28.57 -22.72
C ASN J 282 56.18 27.42 -23.56
N GLY J 283 55.11 27.72 -24.28
CA GLY J 283 54.66 26.81 -25.32
C GLY J 283 53.84 25.65 -24.81
N GLN J 284 54.28 25.02 -23.76
CA GLN J 284 53.40 24.05 -23.21
C GLN J 284 52.61 24.66 -22.06
N PRO J 285 51.37 24.24 -21.88
CA PRO J 285 50.65 24.56 -20.65
C PRO J 285 51.41 23.97 -19.48
N ALA J 286 51.52 24.75 -18.43
CA ALA J 286 52.46 24.42 -17.38
C ALA J 286 51.76 24.50 -16.03
N SER J 287 52.28 23.74 -15.06
CA SER J 287 51.80 23.84 -13.70
C SER J 287 52.60 24.88 -12.94
N GLY J 288 51.93 25.56 -12.02
CA GLY J 288 52.53 26.65 -11.30
C GLY J 288 52.31 26.54 -9.81
N LEU J 289 53.31 26.99 -9.05
CA LEU J 289 53.26 26.94 -7.60
C LEU J 289 53.67 28.29 -7.04
N GLY J 290 52.70 29.04 -6.56
CA GLY J 290 53.00 30.26 -5.88
C GLY J 290 53.69 30.00 -4.55
N ILE J 291 54.61 30.87 -4.21
CA ILE J 291 55.14 30.94 -2.85
C ILE J 291 54.85 32.35 -2.35
N LYS J 292 54.43 32.46 -1.11
CA LYS J 292 54.29 33.74 -0.46
C LYS J 292 55.14 33.79 0.80
N LEU J 293 55.09 34.94 1.45
CA LEU J 293 56.08 35.34 2.44
C LEU J 293 55.70 34.84 3.82
N ALA J 294 56.67 34.35 4.59
CA ALA J 294 56.47 34.19 6.01
C ALA J 294 56.84 35.49 6.72
N THR J 295 55.92 35.98 7.55
CA THR J 295 56.10 37.23 8.27
C THR J 295 57.18 37.10 9.32
N GLY J 296 58.18 37.99 9.28
CA GLY J 296 59.27 37.95 10.22
C GLY J 296 60.40 37.04 9.78
N ALA J 297 60.25 36.33 8.68
CA ALA J 297 61.31 35.45 8.20
C ALA J 297 62.38 36.24 7.46
N ASN J 298 63.31 35.53 6.84
CA ASN J 298 64.34 36.14 6.02
C ASN J 298 63.95 36.01 4.56
N ALA J 299 64.81 36.51 3.69
CA ALA J 299 64.68 36.26 2.27
C ALA J 299 65.90 35.51 1.74
N LEU J 300 67.10 36.01 2.03
CA LEU J 300 68.33 35.50 1.44
C LEU J 300 68.57 34.06 1.84
N ASP J 301 68.62 33.82 3.15
CA ASP J 301 68.76 32.47 3.65
C ASP J 301 67.53 31.65 3.34
N THR J 302 66.39 32.33 3.28
CA THR J 302 65.18 31.65 2.85
C THR J 302 65.27 31.26 1.40
N ALA J 303 65.87 32.10 0.55
CA ALA J 303 66.12 31.73 -0.83
C ALA J 303 67.10 30.59 -0.93
N ALA J 304 68.05 30.53 0.01
CA ALA J 304 68.93 29.38 0.07
C ALA J 304 68.15 28.14 0.48
N ALA J 305 67.07 28.30 1.24
CA ALA J 305 66.23 27.15 1.53
C ALA J 305 65.33 26.82 0.36
N ILE J 306 65.15 27.77 -0.56
CA ILE J 306 64.35 27.49 -1.75
C ILE J 306 65.18 26.69 -2.74
N ARG J 307 66.34 27.24 -3.08
CA ARG J 307 67.26 26.56 -3.97
C ARG J 307 67.71 25.25 -3.37
N ALA J 308 67.93 25.26 -2.06
CA ALA J 308 68.19 24.05 -1.31
C ALA J 308 66.99 23.12 -1.29
N GLU J 309 65.79 23.66 -1.41
CA GLU J 309 64.59 22.84 -1.30
C GLU J 309 64.35 22.07 -2.59
N LEU J 310 64.47 22.77 -3.72
CA LEU J 310 64.56 22.10 -5.00
C LEU J 310 65.72 21.12 -5.01
N ALA J 311 66.83 21.52 -4.40
CA ALA J 311 67.97 20.63 -4.23
C ALA J 311 67.71 19.50 -3.25
N LYS J 312 66.58 19.50 -2.55
CA LYS J 312 66.16 18.30 -1.85
C LYS J 312 65.32 17.42 -2.76
N MET J 313 64.43 18.02 -3.53
CA MET J 313 63.37 17.22 -4.11
C MET J 313 63.59 16.81 -5.55
N GLU J 314 64.67 17.29 -6.18
CA GLU J 314 64.83 17.13 -7.63
C GLU J 314 64.87 15.70 -8.20
N PRO J 315 65.46 14.66 -7.58
CA PRO J 315 65.66 13.45 -8.38
C PRO J 315 64.48 12.50 -8.39
N PHE J 316 63.34 12.86 -7.79
CA PHE J 316 62.25 11.91 -7.61
C PHE J 316 61.12 12.14 -8.60
N PHE J 317 61.46 12.44 -9.81
CA PHE J 317 60.43 12.99 -10.67
C PHE J 317 59.99 12.00 -11.72
N PRO J 318 58.85 12.24 -12.34
CA PRO J 318 58.57 11.58 -13.62
C PRO J 318 59.47 12.13 -14.71
N SER J 319 59.46 11.42 -15.84
CA SER J 319 60.24 11.84 -16.98
C SER J 319 59.66 13.11 -17.56
N GLY J 320 60.55 14.01 -17.97
CA GLY J 320 60.15 15.28 -18.54
C GLY J 320 59.68 16.31 -17.54
N LEU J 321 59.51 15.94 -16.27
CA LEU J 321 59.11 16.89 -15.25
C LEU J 321 60.24 17.88 -14.99
N LYS J 322 59.92 19.16 -15.13
CA LYS J 322 60.91 20.21 -15.03
C LYS J 322 60.39 21.33 -14.16
N ILE J 323 61.25 21.81 -13.29
CA ILE J 323 60.98 22.99 -12.49
C ILE J 323 61.87 24.10 -13.00
N VAL J 324 61.27 25.25 -13.23
CA VAL J 324 62.01 26.47 -13.48
C VAL J 324 61.69 27.39 -12.31
N TYR J 325 62.42 28.49 -12.22
CA TYR J 325 62.07 29.60 -11.37
C TYR J 325 61.50 30.68 -12.28
N PRO J 326 60.22 30.58 -12.65
CA PRO J 326 59.69 31.47 -13.68
C PRO J 326 59.57 32.88 -13.19
N TYR J 327 59.13 33.07 -11.96
CA TYR J 327 59.38 34.32 -11.26
C TYR J 327 59.92 33.98 -9.89
N ASP J 328 61.07 34.54 -9.58
CA ASP J 328 61.40 34.73 -8.18
C ASP J 328 61.84 36.16 -7.99
N THR J 329 61.51 36.66 -6.82
CA THR J 329 61.89 37.97 -6.36
C THR J 329 63.37 38.07 -6.04
N THR J 330 63.95 37.02 -5.45
CA THR J 330 65.34 37.05 -5.02
C THR J 330 66.38 37.19 -6.13
N PRO J 331 66.13 36.88 -7.40
CA PRO J 331 66.99 37.47 -8.42
C PRO J 331 66.92 38.97 -8.42
N PHE J 332 65.72 39.54 -8.45
CA PHE J 332 65.62 40.99 -8.46
C PHE J 332 66.07 41.58 -7.14
N VAL J 333 65.73 40.94 -6.04
CA VAL J 333 66.01 41.64 -4.80
C VAL J 333 67.28 41.15 -4.16
N LYS J 334 67.53 39.85 -4.19
CA LYS J 334 68.82 39.32 -3.74
C LYS J 334 69.93 39.81 -4.65
N ILE J 335 69.64 39.95 -5.93
CA ILE J 335 70.67 40.50 -6.78
C ILE J 335 70.49 42.02 -6.86
N SER J 336 69.48 42.55 -6.18
CA SER J 336 69.45 44.01 -6.03
C SER J 336 70.09 44.42 -4.72
N ILE J 337 70.52 43.44 -3.92
CA ILE J 337 71.28 43.82 -2.75
C ILE J 337 72.69 43.32 -2.88
N HIS J 338 72.86 42.24 -3.64
CA HIS J 338 74.16 42.02 -4.25
C HIS J 338 74.49 43.22 -5.12
N GLU J 339 73.52 43.70 -5.87
CA GLU J 339 73.74 44.85 -6.73
C GLU J 339 73.83 46.13 -5.91
N VAL J 340 72.79 46.46 -5.16
CA VAL J 340 72.73 47.74 -4.47
C VAL J 340 73.75 47.80 -3.35
N VAL J 341 73.87 46.72 -2.59
CA VAL J 341 74.85 46.71 -1.50
C VAL J 341 76.26 46.59 -2.07
N LYS J 342 76.39 46.01 -3.27
CA LYS J 342 77.68 46.03 -3.95
C LYS J 342 78.07 47.44 -4.33
N THR J 343 77.13 48.20 -4.89
CA THR J 343 77.37 49.60 -5.21
C THR J 343 77.61 50.42 -3.96
N LEU J 344 77.02 49.99 -2.85
CA LEU J 344 77.32 50.60 -1.57
C LEU J 344 78.77 50.37 -1.19
N VAL J 345 79.25 49.14 -1.34
CA VAL J 345 80.61 48.81 -0.92
C VAL J 345 81.64 49.49 -1.80
N GLU J 346 81.43 49.45 -3.11
CA GLU J 346 82.36 50.16 -3.98
C GLU J 346 82.19 51.67 -3.88
N ALA J 347 81.03 52.13 -3.41
CA ALA J 347 80.92 53.52 -3.02
C ALA J 347 81.80 53.82 -1.82
N ILE J 348 81.95 52.88 -0.89
CA ILE J 348 82.87 53.05 0.21
C ILE J 348 84.32 52.99 -0.28
N ILE J 349 84.57 52.29 -1.36
CA ILE J 349 85.88 52.34 -1.98
C ILE J 349 86.14 53.74 -2.52
N LEU J 350 85.13 54.34 -3.13
CA LEU J 350 85.26 55.71 -3.61
C LEU J 350 85.39 56.68 -2.44
N VAL J 351 84.80 56.33 -1.30
CA VAL J 351 85.04 57.05 -0.06
C VAL J 351 86.50 56.97 0.33
N PHE J 352 87.13 55.82 0.09
CA PHE J 352 88.54 55.71 0.43
C PHE J 352 89.43 56.53 -0.50
N LEU J 353 89.17 56.52 -1.80
CA LEU J 353 90.01 57.34 -2.68
C LEU J 353 89.79 58.82 -2.44
N VAL J 354 88.53 59.18 -2.17
CA VAL J 354 88.19 60.46 -1.57
C VAL J 354 89.05 60.76 -0.35
N MET J 355 89.24 59.76 0.52
CA MET J 355 90.00 60.01 1.75
C MET J 355 91.46 60.26 1.47
N TYR J 356 92.08 59.44 0.62
CA TYR J 356 93.50 59.59 0.38
C TYR J 356 93.84 60.83 -0.43
N LEU J 357 92.88 61.32 -1.23
CA LEU J 357 93.18 62.18 -2.37
C LEU J 357 93.84 63.51 -1.97
N PHE J 358 93.32 64.20 -0.96
CA PHE J 358 93.50 65.64 -0.86
C PHE J 358 94.86 66.05 -0.29
N LEU J 359 95.13 65.74 0.97
CA LEU J 359 96.26 66.38 1.63
C LEU J 359 97.56 65.62 1.40
N GLN J 360 97.49 64.58 0.54
CA GLN J 360 98.66 63.95 -0.07
C GLN J 360 99.54 63.25 0.95
N ASN J 361 98.95 62.88 2.07
CA ASN J 361 99.70 62.23 3.14
C ASN J 361 99.38 60.75 3.16
N PHE J 362 100.43 59.93 3.08
CA PHE J 362 100.26 58.50 3.20
C PHE J 362 100.22 58.05 4.66
N ARG J 363 100.19 58.99 5.59
CA ARG J 363 99.91 58.70 6.99
C ARG J 363 98.60 59.32 7.45
N ALA J 364 98.47 60.64 7.32
CA ALA J 364 97.45 61.40 8.03
C ALA J 364 96.05 61.06 7.53
N THR J 365 95.84 61.17 6.22
CA THR J 365 94.53 60.92 5.63
C THR J 365 94.11 59.46 5.77
N LEU J 366 95.05 58.58 6.13
CA LEU J 366 94.73 57.18 6.34
C LEU J 366 94.14 56.89 7.71
N ILE J 367 94.27 57.80 8.67
CA ILE J 367 93.63 57.59 9.97
C ILE J 367 92.11 57.45 9.90
N PRO J 368 91.34 58.39 9.30
CA PRO J 368 89.89 58.34 9.53
C PRO J 368 89.20 57.28 8.70
N THR J 369 89.92 56.72 7.73
CA THR J 369 89.39 55.73 6.80
C THR J 369 88.82 54.53 7.54
N ILE J 370 89.63 53.93 8.41
CA ILE J 370 89.20 52.81 9.22
C ILE J 370 88.17 53.27 10.26
N ALA J 371 88.15 54.56 10.57
CA ALA J 371 87.07 55.11 11.37
C ALA J 371 85.73 55.04 10.64
N VAL J 372 85.76 55.06 9.32
CA VAL J 372 84.56 55.11 8.48
C VAL J 372 83.63 53.90 8.65
N PRO J 373 84.02 52.66 8.37
CA PRO J 373 82.98 51.62 8.21
C PRO J 373 82.39 51.14 9.53
N VAL J 374 83.16 51.24 10.61
CA VAL J 374 82.71 50.82 11.93
C VAL J 374 81.43 51.54 12.29
N VAL J 375 81.42 52.84 11.98
CA VAL J 375 80.25 53.71 12.13
C VAL J 375 79.01 53.08 11.51
N LEU J 376 79.10 52.73 10.23
CA LEU J 376 77.90 52.29 9.55
C LEU J 376 77.48 50.92 10.04
N LEU J 377 78.44 50.09 10.45
CA LEU J 377 77.99 48.80 10.93
C LEU J 377 77.46 48.92 12.34
N GLY J 378 77.92 49.95 13.06
CA GLY J 378 77.28 50.31 14.31
C GLY J 378 75.84 50.73 14.11
N THR J 379 75.55 51.30 12.93
CA THR J 379 74.19 51.58 12.49
C THR J 379 73.30 50.36 12.64
N PHE J 380 73.79 49.21 12.20
CA PHE J 380 73.01 47.98 12.31
C PHE J 380 72.78 47.62 13.76
N ALA J 381 73.78 47.85 14.61
CA ALA J 381 73.65 47.63 16.04
C ALA J 381 72.54 48.47 16.63
N VAL J 382 72.36 49.69 16.09
CA VAL J 382 71.27 50.54 16.56
C VAL J 382 69.93 49.93 16.23
N LEU J 383 69.77 49.45 15.01
CA LEU J 383 68.52 48.77 14.69
C LEU J 383 68.52 47.33 15.15
N ALA J 384 69.61 46.87 15.76
CA ALA J 384 69.54 45.68 16.58
C ALA J 384 68.66 45.91 17.79
N ALA J 385 68.61 47.16 18.26
CA ALA J 385 67.59 47.55 19.23
C ALA J 385 66.20 47.51 18.60
N PHE J 386 66.12 47.63 17.28
CA PHE J 386 64.85 47.71 16.60
C PHE J 386 64.50 46.49 15.77
N GLY J 387 65.48 45.64 15.44
CA GLY J 387 65.20 44.45 14.66
C GLY J 387 64.80 44.72 13.22
N PHE J 388 65.03 45.93 12.73
CA PHE J 388 64.55 46.30 11.42
C PHE J 388 65.48 45.73 10.36
N SER J 389 64.93 44.91 9.46
CA SER J 389 65.71 44.04 8.58
C SER J 389 66.54 44.84 7.59
N ILE J 390 67.40 44.13 6.86
CA ILE J 390 68.11 44.76 5.77
C ILE J 390 67.09 45.01 4.66
N ASN J 391 66.71 46.27 4.52
CA ASN J 391 65.57 46.59 3.68
C ASN J 391 65.93 47.64 2.67
N THR J 392 65.34 47.52 1.47
CA THR J 392 65.77 48.29 0.31
C THR J 392 65.59 49.78 0.50
N LEU J 393 64.48 50.17 1.12
CA LEU J 393 64.34 51.57 1.52
C LEU J 393 65.36 51.92 2.58
N THR J 394 65.56 51.03 3.55
CA THR J 394 66.50 51.35 4.62
C THR J 394 67.93 51.26 4.14
N MET J 395 68.24 50.28 3.29
CA MET J 395 69.60 50.15 2.80
C MET J 395 69.91 51.27 1.84
N PHE J 396 68.91 51.71 1.10
CA PHE J 396 69.08 52.82 0.19
C PHE J 396 69.27 54.11 0.97
N GLY J 397 68.39 54.36 1.92
CA GLY J 397 68.52 55.52 2.78
C GLY J 397 69.77 55.50 3.62
N MET J 398 70.34 54.31 3.85
CA MET J 398 71.60 54.31 4.57
C MET J 398 72.79 54.37 3.63
N VAL J 399 72.62 54.18 2.32
CA VAL J 399 73.78 54.53 1.52
C VAL J 399 73.80 56.04 1.33
N LEU J 400 72.63 56.67 1.31
CA LEU J 400 72.58 58.12 1.36
C LEU J 400 73.12 58.62 2.69
N ALA J 401 72.73 57.93 3.76
CA ALA J 401 73.16 58.30 5.08
C ALA J 401 74.64 58.02 5.29
N ILE J 402 75.23 57.07 4.54
CA ILE J 402 76.66 56.93 4.73
C ILE J 402 77.39 58.00 3.97
N GLY J 403 76.80 58.52 2.88
CA GLY J 403 77.33 59.76 2.32
C GLY J 403 77.34 60.88 3.33
N LEU J 404 76.24 60.97 4.10
CA LEU J 404 76.14 61.97 5.15
C LEU J 404 77.16 61.73 6.26
N LEU J 405 77.41 60.47 6.62
CA LEU J 405 78.33 60.28 7.73
C LEU J 405 79.77 60.43 7.27
N VAL J 406 80.07 60.15 6.02
CA VAL J 406 81.46 60.27 5.63
C VAL J 406 81.82 61.73 5.44
N ASP J 407 80.87 62.58 4.99
CA ASP J 407 81.34 63.96 4.99
C ASP J 407 81.21 64.59 6.37
N ASP J 408 80.44 64.00 7.29
CA ASP J 408 80.63 64.32 8.70
C ASP J 408 82.02 63.93 9.18
N ALA J 409 82.50 62.77 8.74
CA ALA J 409 83.82 62.31 9.12
C ALA J 409 84.90 63.25 8.62
N ILE J 410 84.77 63.74 7.40
CA ILE J 410 85.82 64.61 6.93
C ILE J 410 85.70 66.02 7.48
N VAL J 411 84.51 66.45 7.94
CA VAL J 411 84.53 67.77 8.57
C VAL J 411 85.19 67.69 9.93
N VAL J 412 84.99 66.59 10.67
CA VAL J 412 85.64 66.57 11.97
C VAL J 412 87.14 66.32 11.82
N VAL J 413 87.54 65.41 10.94
CA VAL J 413 88.98 65.12 10.87
C VAL J 413 89.72 66.19 10.10
N GLU J 414 89.07 66.90 9.19
CA GLU J 414 89.77 68.00 8.55
C GLU J 414 89.84 69.18 9.50
N ASN J 415 88.86 69.29 10.39
CA ASN J 415 88.95 70.34 11.39
C ASN J 415 90.08 70.04 12.36
N VAL J 416 90.25 68.76 12.72
CA VAL J 416 91.36 68.38 13.61
C VAL J 416 92.70 68.59 12.91
N GLU J 417 92.82 68.09 11.68
CA GLU J 417 94.05 68.20 10.90
C GLU J 417 94.39 69.66 10.64
N ARG J 418 93.36 70.49 10.49
CA ARG J 418 93.55 71.92 10.36
C ARG J 418 94.13 72.52 11.64
N VAL J 419 93.46 72.29 12.77
CA VAL J 419 93.84 72.93 14.04
C VAL J 419 95.23 72.50 14.46
N MET J 420 95.56 71.23 14.26
CA MET J 420 96.96 70.86 14.47
C MET J 420 97.85 71.35 13.34
N ALA J 421 97.29 71.74 12.20
CA ALA J 421 98.14 72.05 11.07
C ALA J 421 98.60 73.50 11.05
N GLU J 422 97.81 74.45 11.58
CA GLU J 422 98.20 75.84 11.33
C GLU J 422 99.27 76.33 12.30
N GLU J 423 99.36 75.78 13.51
CA GLU J 423 100.37 76.25 14.45
C GLU J 423 101.37 75.18 14.83
N GLY J 424 101.10 73.91 14.51
CA GLY J 424 102.11 72.86 14.55
C GLY J 424 102.68 72.49 15.90
N LEU J 425 101.95 72.75 16.99
CA LEU J 425 102.37 72.28 18.30
C LEU J 425 102.06 70.79 18.43
N PRO J 426 102.63 70.11 19.43
CA PRO J 426 102.25 68.69 19.69
C PRO J 426 100.77 68.55 19.98
N PRO J 427 100.11 67.59 19.34
CA PRO J 427 98.68 67.73 19.03
C PRO J 427 97.74 67.65 20.23
N LYS J 428 98.28 67.50 21.44
CA LYS J 428 97.50 67.49 22.66
C LYS J 428 96.64 68.74 22.78
N GLU J 429 97.29 69.89 22.88
CA GLU J 429 96.57 71.13 23.11
C GLU J 429 95.82 71.57 21.86
N ALA J 430 96.29 71.13 20.69
CA ALA J 430 95.60 71.36 19.43
C ALA J 430 94.22 70.74 19.47
N THR J 431 94.16 69.45 19.76
CA THR J 431 92.84 68.85 19.87
C THR J 431 92.12 69.22 21.15
N ARG J 432 92.82 69.80 22.14
CA ARG J 432 92.12 70.32 23.31
C ARG J 432 91.27 71.52 22.94
N LYS J 433 91.87 72.54 22.31
CA LYS J 433 91.09 73.68 21.86
C LYS J 433 90.10 73.27 20.79
N SER J 434 90.56 72.42 19.86
CA SER J 434 89.72 71.92 18.77
C SER J 434 88.47 71.25 19.29
N MET J 435 88.62 70.31 20.23
CA MET J 435 87.45 69.71 20.87
C MET J 435 86.75 70.66 21.83
N GLY J 436 87.34 71.82 22.13
CA GLY J 436 86.55 72.84 22.76
C GLY J 436 85.50 73.31 21.78
N GLN J 437 85.97 73.93 20.70
CA GLN J 437 85.04 74.56 19.77
C GLN J 437 84.13 73.57 19.09
N ILE J 438 84.57 72.32 18.90
CA ILE J 438 83.66 71.36 18.30
C ILE J 438 83.22 70.30 19.28
N GLN J 439 83.45 70.48 20.58
CA GLN J 439 82.46 69.89 21.46
C GLN J 439 81.20 70.74 21.39
N GLY J 440 81.40 72.06 21.28
CA GLY J 440 80.28 72.95 21.03
C GLY J 440 79.63 72.71 19.68
N ALA J 441 80.46 72.48 18.66
CA ALA J 441 79.89 72.31 17.34
C ALA J 441 79.36 70.90 17.12
N LEU J 442 79.95 69.91 17.78
CA LEU J 442 79.40 68.56 17.66
C LEU J 442 78.07 68.42 18.37
N VAL J 443 77.93 69.02 19.56
CA VAL J 443 76.59 69.04 20.15
C VAL J 443 75.68 69.96 19.34
N GLY J 444 76.29 70.92 18.62
CA GLY J 444 75.56 71.68 17.61
C GLY J 444 74.91 70.79 16.57
N ILE J 445 75.73 70.11 15.77
CA ILE J 445 75.24 69.39 14.60
C ILE J 445 74.40 68.18 15.01
N ALA J 446 74.68 67.60 16.17
CA ALA J 446 73.83 66.55 16.69
C ALA J 446 72.47 67.10 17.07
N MET J 447 72.46 68.23 17.78
CA MET J 447 71.21 68.78 18.28
C MET J 447 70.33 69.29 17.13
N VAL J 448 70.91 70.06 16.22
CA VAL J 448 70.13 70.60 15.13
C VAL J 448 69.81 69.54 14.11
N LEU J 449 70.65 68.52 13.98
CA LEU J 449 70.39 67.54 12.95
C LEU J 449 69.28 66.59 13.39
N SER J 450 69.36 66.18 14.66
CA SER J 450 68.22 65.57 15.35
C SER J 450 66.97 66.41 15.19
N ALA J 451 67.10 67.73 15.32
CA ALA J 451 65.97 68.61 15.09
C ALA J 451 65.49 68.59 13.64
N VAL J 452 66.36 68.28 12.67
CA VAL J 452 65.81 68.32 11.32
C VAL J 452 65.11 67.02 10.98
N PHE J 453 65.36 65.93 11.70
CA PHE J 453 64.57 64.78 11.29
C PHE J 453 63.82 64.07 12.41
N VAL J 454 63.52 64.78 13.49
CA VAL J 454 62.53 64.24 14.43
C VAL J 454 61.12 64.01 13.88
N PRO J 455 60.46 64.89 13.11
CA PRO J 455 59.06 64.60 12.75
C PRO J 455 58.90 63.56 11.66
N MET J 456 60.03 63.06 11.13
CA MET J 456 60.01 61.96 10.19
C MET J 456 59.31 60.74 10.78
N ALA J 457 59.51 60.49 12.07
CA ALA J 457 58.69 59.51 12.76
C ALA J 457 57.25 59.97 12.86
N PHE J 458 57.03 61.25 13.16
CA PHE J 458 55.69 61.73 13.44
C PHE J 458 54.85 61.96 12.20
N PHE J 459 55.36 61.65 11.02
CA PHE J 459 54.50 61.44 9.86
C PHE J 459 53.51 60.32 10.13
N GLY J 460 52.25 60.57 9.84
CA GLY J 460 51.30 59.49 9.74
C GLY J 460 51.40 58.82 8.38
N GLY J 461 50.61 57.76 8.22
CA GLY J 461 50.58 57.04 6.97
C GLY J 461 51.70 56.02 6.85
N SER J 462 51.45 55.02 6.01
CA SER J 462 52.40 53.94 5.81
C SER J 462 53.66 54.43 5.14
N THR J 463 53.51 55.38 4.21
CA THR J 463 54.62 56.18 3.74
C THR J 463 55.32 56.88 4.89
N GLY J 464 54.54 57.32 5.88
CA GLY J 464 55.12 57.86 7.09
C GLY J 464 55.94 56.85 7.87
N ALA J 465 55.59 55.57 7.77
CA ALA J 465 56.44 54.55 8.37
C ALA J 465 57.69 54.33 7.55
N ILE J 466 57.62 54.58 6.24
CA ILE J 466 58.86 54.56 5.46
C ILE J 466 59.75 55.71 5.88
N TYR J 467 59.13 56.87 6.17
CA TYR J 467 59.86 57.97 6.78
C TYR J 467 60.36 57.61 8.16
N ARG J 468 59.69 56.68 8.85
CA ARG J 468 60.25 56.18 10.08
C ARG J 468 61.51 55.37 9.82
N GLN J 469 61.56 54.68 8.67
CA GLN J 469 62.74 53.89 8.37
C GLN J 469 63.93 54.77 8.04
N PHE J 470 63.70 55.78 7.21
CA PHE J 470 64.77 56.74 6.94
C PHE J 470 65.11 57.52 8.19
N SER J 471 64.10 57.75 9.04
CA SER J 471 64.28 58.45 10.29
C SER J 471 65.28 57.74 11.17
N ILE J 472 65.01 56.48 11.50
CA ILE J 472 65.88 55.72 12.40
C ILE J 472 67.23 55.49 11.75
N THR J 473 67.26 55.43 10.42
CA THR J 473 68.51 55.36 9.68
C THR J 473 69.42 56.53 10.02
N ILE J 474 68.91 57.74 9.88
CA ILE J 474 69.80 58.86 10.13
C ILE J 474 69.87 59.22 11.60
N VAL J 475 68.95 58.70 12.41
CA VAL J 475 69.12 58.75 13.86
C VAL J 475 70.40 58.02 14.25
N SER J 476 70.55 56.79 13.75
CA SER J 476 71.75 56.01 13.97
C SER J 476 72.98 56.72 13.43
N ALA J 477 72.89 57.13 12.16
CA ALA J 477 74.02 57.74 11.48
C ALA J 477 74.51 59.00 12.18
N MET J 478 73.58 59.92 12.43
CA MET J 478 73.87 61.15 13.15
C MET J 478 74.44 60.87 14.53
N ALA J 479 73.70 60.08 15.32
CA ALA J 479 74.00 59.94 16.74
C ALA J 479 75.36 59.28 16.95
N LEU J 480 75.54 58.11 16.37
CA LEU J 480 76.78 57.41 16.64
C LEU J 480 77.94 58.02 15.87
N SER J 481 77.65 58.70 14.77
CA SER J 481 78.70 59.46 14.08
C SER J 481 79.24 60.57 14.97
N VAL J 482 78.35 61.31 15.63
CA VAL J 482 78.76 62.37 16.55
C VAL J 482 79.51 61.77 17.73
N LEU J 483 79.07 60.61 18.21
CA LEU J 483 79.75 59.98 19.34
C LEU J 483 81.17 59.52 18.99
N VAL J 484 81.35 58.88 17.84
CA VAL J 484 82.71 58.46 17.50
C VAL J 484 83.57 59.64 17.08
N ALA J 485 82.97 60.72 16.62
CA ALA J 485 83.76 61.91 16.37
C ALA J 485 84.18 62.55 17.69
N LEU J 486 83.37 62.37 18.73
CA LEU J 486 83.64 63.02 20.00
C LEU J 486 84.79 62.35 20.74
N ILE J 487 84.81 61.02 20.77
CA ILE J 487 85.72 60.28 21.62
C ILE J 487 86.80 59.60 20.80
N LEU J 488 86.40 58.83 19.78
CA LEU J 488 87.32 57.98 19.06
C LEU J 488 88.27 58.80 18.20
N THR J 489 87.70 59.72 17.42
CA THR J 489 88.47 60.57 16.51
C THR J 489 89.59 61.39 17.17
N PRO J 490 89.41 62.07 18.32
CA PRO J 490 90.56 62.80 18.88
C PRO J 490 91.64 61.89 19.42
N ALA J 491 91.28 60.67 19.81
CA ALA J 491 92.29 59.72 20.23
C ALA J 491 93.07 59.21 19.03
N LEU J 492 92.38 58.90 17.93
CA LEU J 492 93.05 58.42 16.73
C LEU J 492 93.98 59.46 16.16
N CYS J 493 93.53 60.72 16.15
CA CYS J 493 94.40 61.79 15.72
C CYS J 493 95.50 62.04 16.74
N ALA J 494 95.19 61.80 18.02
CA ALA J 494 96.15 62.04 19.08
C ALA J 494 97.30 61.04 19.05
N THR J 495 97.07 59.84 18.55
CA THR J 495 98.10 58.81 18.60
C THR J 495 98.96 58.77 17.35
N MET J 496 98.38 58.37 16.24
CA MET J 496 99.16 57.92 15.09
C MET J 496 99.40 59.01 14.07
N LEU J 497 99.67 60.22 14.54
CA LEU J 497 100.10 61.29 13.65
C LEU J 497 101.52 61.72 13.97
N LYS J 498 102.11 62.44 13.03
CA LYS J 498 103.44 62.92 13.34
C LYS J 498 103.35 64.22 14.12
N PRO J 499 104.07 64.34 15.22
CA PRO J 499 104.28 65.66 15.82
C PRO J 499 105.16 66.47 14.87
N ILE J 500 104.55 67.41 14.19
CA ILE J 500 105.24 68.18 13.17
C ILE J 500 105.74 69.45 13.82
N ALA J 501 106.62 70.16 13.13
CA ALA J 501 107.16 71.40 13.68
C ALA J 501 106.09 72.49 13.69
N LYS J 502 106.35 73.53 14.46
CA LYS J 502 105.38 74.59 14.62
C LYS J 502 105.42 75.59 13.47
N GLY J 503 104.24 75.97 12.99
CA GLY J 503 104.12 76.85 11.86
C GLY J 503 104.63 76.29 10.55
N ASP J 504 104.72 74.97 10.43
CA ASP J 504 105.29 74.33 9.26
C ASP J 504 104.30 74.39 8.11
N HIS J 505 104.74 74.89 6.95
CA HIS J 505 103.91 75.01 5.77
C HIS J 505 104.38 74.10 4.65
N GLY J 506 105.58 73.51 4.79
CA GLY J 506 106.14 72.71 3.72
C GLY J 506 106.95 73.57 2.76
N GLU J 507 107.97 74.25 3.30
CA GLU J 507 108.77 75.17 2.52
C GLU J 507 109.61 74.45 1.49
N GLY J 508 110.04 73.22 1.79
CA GLY J 508 110.75 72.40 0.82
C GLY J 508 109.86 71.66 -0.16
N LYS J 509 108.55 71.61 0.09
CA LYS J 509 107.64 70.92 -0.81
C LYS J 509 107.48 71.70 -2.10
N LYS J 510 107.72 71.05 -3.23
CA LYS J 510 107.68 71.68 -4.53
C LYS J 510 106.85 70.81 -5.48
N GLY J 511 106.96 71.12 -6.77
CA GLY J 511 106.37 70.26 -7.76
C GLY J 511 104.97 70.70 -8.17
N PHE J 512 104.29 69.80 -8.87
CA PHE J 512 102.92 70.03 -9.31
C PHE J 512 101.96 70.18 -8.13
N PHE J 513 102.29 69.55 -7.01
CA PHE J 513 101.34 69.39 -5.93
C PHE J 513 101.39 70.59 -5.00
N GLY J 514 102.60 70.97 -4.58
CA GLY J 514 102.77 72.25 -3.90
C GLY J 514 102.46 73.41 -4.81
N TRP J 515 102.71 73.26 -6.12
CA TRP J 515 102.31 74.27 -7.09
C TRP J 515 100.80 74.40 -7.15
N PHE J 516 100.10 73.28 -7.01
CA PHE J 516 98.66 73.36 -6.86
C PHE J 516 98.27 73.94 -5.52
N ASN J 517 99.12 73.82 -4.51
CA ASN J 517 98.83 74.51 -3.27
C ASN J 517 99.07 76.00 -3.41
N ARG J 518 99.87 76.39 -4.40
CA ARG J 518 99.99 77.80 -4.73
C ARG J 518 98.79 78.26 -5.55
N MET J 519 98.18 77.34 -6.30
CA MET J 519 96.86 77.62 -6.84
C MET J 519 95.84 77.76 -5.74
N PHE J 520 96.01 76.98 -4.67
CA PHE J 520 95.11 77.04 -3.52
C PHE J 520 95.24 78.36 -2.81
N GLU J 521 96.47 78.88 -2.67
CA GLU J 521 96.62 80.16 -2.01
C GLU J 521 96.23 81.30 -2.94
N LYS J 522 96.40 81.11 -4.25
CA LYS J 522 95.89 82.06 -5.23
C LYS J 522 94.37 82.17 -5.14
N SER J 523 93.70 81.04 -4.97
CA SER J 523 92.27 81.05 -4.76
C SER J 523 91.92 81.56 -3.37
N THR J 524 92.87 81.49 -2.43
CA THR J 524 92.60 81.95 -1.08
C THR J 524 92.61 83.47 -1.02
N HIS J 525 93.66 84.08 -1.52
CA HIS J 525 93.76 85.52 -1.45
C HIS J 525 92.86 86.16 -2.51
N HIS J 526 92.71 85.47 -3.64
CA HIS J 526 91.65 85.77 -4.60
C HIS J 526 90.29 85.76 -3.93
N TYR J 527 90.07 84.79 -3.03
CA TYR J 527 88.82 84.75 -2.31
C TYR J 527 88.73 85.88 -1.30
N THR J 528 89.85 86.34 -0.76
CA THR J 528 89.83 87.47 0.17
C THR J 528 89.38 88.74 -0.54
N ASP J 529 89.93 88.95 -1.74
CA ASP J 529 89.47 90.02 -2.62
C ASP J 529 88.01 89.84 -2.96
N SER J 530 87.58 88.58 -3.10
CA SER J 530 86.16 88.30 -3.32
C SER J 530 85.33 88.61 -2.07
N VAL J 531 85.93 88.58 -0.88
CA VAL J 531 85.19 88.97 0.32
C VAL J 531 84.95 90.47 0.33
N GLY J 532 85.95 91.26 -0.07
CA GLY J 532 85.71 92.70 -0.17
C GLY J 532 84.74 93.11 -1.26
N GLY J 533 85.03 92.65 -2.48
CA GLY J 533 84.18 93.01 -3.61
C GLY J 533 82.79 92.43 -3.52
N ILE J 534 82.64 91.32 -2.81
CA ILE J 534 81.33 90.72 -2.67
C ILE J 534 80.81 91.09 -1.27
N LEU J 535 81.50 92.01 -0.59
CA LEU J 535 80.81 92.83 0.39
C LEU J 535 80.08 93.99 -0.30
N ARG J 536 80.72 94.59 -1.31
CA ARG J 536 79.95 95.46 -2.20
C ARG J 536 78.82 94.70 -2.90
N SER J 537 79.05 93.42 -3.18
CA SER J 537 77.94 92.57 -3.57
C SER J 537 77.26 91.89 -2.37
N THR J 538 77.46 92.37 -1.13
CA THR J 538 76.33 92.19 -0.23
C THR J 538 75.38 93.34 -0.37
N GLY J 539 75.83 94.45 -0.94
CA GLY J 539 74.80 95.34 -1.44
C GLY J 539 74.03 94.72 -2.60
N ARG J 540 74.72 94.55 -3.73
CA ARG J 540 73.97 94.14 -4.92
C ARG J 540 73.60 92.67 -4.91
N TYR J 541 74.30 91.85 -4.14
CA TYR J 541 73.84 90.48 -3.95
C TYR J 541 73.04 90.30 -2.67
N LEU J 542 72.89 91.36 -1.85
CA LEU J 542 71.76 91.38 -0.94
C LEU J 542 70.47 91.38 -1.73
N VAL J 543 70.30 92.39 -2.60
CA VAL J 543 69.04 92.46 -3.34
C VAL J 543 68.94 91.33 -4.36
N LEU J 544 70.09 90.88 -4.91
CA LEU J 544 70.07 89.73 -5.81
C LEU J 544 69.74 88.46 -5.04
N TYR J 545 70.13 88.39 -3.77
CA TYR J 545 69.75 87.24 -2.95
C TYR J 545 68.25 87.18 -2.75
N LEU J 546 67.62 88.34 -2.51
CA LEU J 546 66.17 88.37 -2.40
C LEU J 546 65.49 87.90 -3.68
N ILE J 547 66.01 88.32 -4.84
CA ILE J 547 65.29 87.93 -6.05
C ILE J 547 65.52 86.46 -6.37
N ILE J 548 66.69 85.91 -6.03
CA ILE J 548 66.87 84.50 -6.33
C ILE J 548 66.12 83.64 -5.34
N VAL J 549 65.89 84.14 -4.13
CA VAL J 549 65.14 83.29 -3.21
C VAL J 549 63.66 83.33 -3.56
N VAL J 550 63.16 84.44 -4.12
CA VAL J 550 61.74 84.41 -4.46
C VAL J 550 61.50 83.67 -5.78
N GLY J 551 62.40 83.78 -6.75
CA GLY J 551 62.23 82.99 -7.97
C GLY J 551 62.50 81.51 -7.71
N MET J 552 63.37 81.25 -6.73
CA MET J 552 63.52 79.92 -6.17
C MET J 552 62.18 79.39 -5.67
N ALA J 553 61.44 80.22 -4.94
CA ALA J 553 60.11 79.81 -4.48
C ALA J 553 59.17 79.56 -5.65
N TYR J 554 59.29 80.33 -6.73
CA TYR J 554 58.50 80.09 -7.93
C TYR J 554 58.77 78.72 -8.52
N LEU J 555 60.05 78.34 -8.60
CA LEU J 555 60.35 77.04 -9.18
C LEU J 555 59.97 75.93 -8.20
N PHE J 556 60.01 76.23 -6.91
CA PHE J 556 59.54 75.30 -5.89
C PHE J 556 58.08 74.97 -6.06
N VAL J 557 57.25 76.00 -6.24
CA VAL J 557 55.83 75.72 -6.29
C VAL J 557 55.43 75.18 -7.66
N ARG J 558 56.19 75.51 -8.70
CA ARG J 558 55.74 75.09 -10.03
C ARG J 558 56.09 73.64 -10.35
N LEU J 559 56.76 72.95 -9.46
CA LEU J 559 57.21 71.61 -9.80
C LEU J 559 56.08 70.61 -9.60
N PRO J 560 55.88 69.69 -10.54
CA PRO J 560 54.92 68.59 -10.35
C PRO J 560 55.50 67.50 -9.44
N SER J 561 54.66 66.49 -9.17
CA SER J 561 54.93 65.48 -8.16
C SER J 561 54.55 64.10 -8.67
N SER J 562 54.90 63.10 -7.86
CA SER J 562 54.59 61.71 -8.14
C SER J 562 54.74 60.90 -6.86
N PHE J 563 54.50 59.61 -6.96
CA PHE J 563 54.80 58.65 -5.90
C PHE J 563 56.12 57.95 -6.20
N LEU J 564 56.39 56.89 -5.45
CA LEU J 564 57.57 56.09 -5.68
C LEU J 564 57.43 55.35 -7.01
N PRO J 565 58.49 55.32 -7.82
CA PRO J 565 58.33 54.95 -9.23
C PRO J 565 58.19 53.45 -9.42
N ASP J 566 57.53 53.10 -10.51
CA ASP J 566 57.72 51.77 -11.07
C ASP J 566 59.03 51.78 -11.83
N GLU J 567 60.09 51.47 -11.10
CA GLU J 567 61.34 51.06 -11.71
C GLU J 567 61.24 49.60 -12.14
N ASP J 568 62.38 48.99 -12.43
CA ASP J 568 62.41 47.66 -13.02
C ASP J 568 61.82 46.62 -12.08
N GLN J 569 61.31 45.56 -12.67
CA GLN J 569 60.86 44.41 -11.93
C GLN J 569 61.57 43.14 -12.37
N GLY J 570 62.13 43.12 -13.58
CA GLY J 570 62.59 41.90 -14.20
C GLY J 570 61.53 41.21 -15.03
N VAL J 571 60.26 41.38 -14.69
CA VAL J 571 59.13 40.87 -15.45
C VAL J 571 58.25 42.06 -15.77
N PHE J 572 57.24 41.83 -16.59
CA PHE J 572 56.09 42.70 -16.52
C PHE J 572 54.84 41.85 -16.50
N MET J 573 53.82 42.47 -15.94
CA MET J 573 52.50 41.91 -15.71
C MET J 573 51.63 42.20 -16.91
N THR J 574 51.13 41.13 -17.52
CA THR J 574 50.45 41.28 -18.79
C THR J 574 48.97 41.02 -18.61
N MET J 575 48.18 42.09 -18.64
CA MET J 575 46.75 42.01 -18.46
C MET J 575 46.09 41.76 -19.81
N VAL J 576 45.18 40.80 -19.84
CA VAL J 576 44.54 40.36 -21.07
C VAL J 576 43.05 40.33 -20.83
N GLN J 577 42.31 41.11 -21.60
CA GLN J 577 40.88 41.19 -21.44
C GLN J 577 40.19 40.96 -22.78
N LEU J 578 39.14 40.17 -22.76
CA LEU J 578 38.33 39.91 -23.93
C LEU J 578 36.93 40.43 -23.70
N PRO J 579 36.12 40.54 -24.76
CA PRO J 579 34.68 40.73 -24.55
C PRO J 579 34.04 39.56 -23.85
N ALA J 580 32.94 39.87 -23.17
CA ALA J 580 32.22 38.89 -22.38
C ALA J 580 31.48 37.91 -23.28
N GLY J 581 31.05 36.81 -22.67
CA GLY J 581 30.37 35.75 -23.37
C GLY J 581 31.27 34.81 -24.14
N ALA J 582 32.46 35.26 -24.53
CA ALA J 582 33.40 34.44 -25.26
C ALA J 582 33.94 33.32 -24.37
N THR J 583 34.18 32.17 -24.97
CA THR J 583 34.59 31.01 -24.21
C THR J 583 36.08 30.99 -23.95
N GLN J 584 36.46 30.13 -23.00
CA GLN J 584 37.85 29.86 -22.68
C GLN J 584 38.58 29.19 -23.83
N GLU J 585 37.85 28.61 -24.78
CA GLU J 585 38.48 28.08 -25.98
C GLU J 585 38.95 29.22 -26.89
N ARG J 586 38.05 30.18 -27.17
CA ARG J 586 38.42 31.36 -27.94
C ARG J 586 39.46 32.18 -27.21
N THR J 587 39.30 32.28 -25.90
CA THR J 587 40.28 32.94 -25.06
C THR J 587 41.61 32.25 -25.17
N GLN J 588 41.59 30.92 -25.18
CA GLN J 588 42.79 30.13 -25.30
C GLN J 588 43.49 30.40 -26.61
N LYS J 589 42.70 30.52 -27.67
CA LYS J 589 43.22 30.93 -28.96
C LYS J 589 43.92 32.29 -28.88
N VAL J 590 43.30 33.22 -28.17
CA VAL J 590 43.88 34.56 -28.03
C VAL J 590 45.21 34.50 -27.29
N LEU J 591 45.25 33.72 -26.21
CA LEU J 591 46.49 33.54 -25.46
C LEU J 591 47.56 32.88 -26.31
N ASN J 592 47.17 32.00 -27.21
CA ASN J 592 48.13 31.41 -28.12
C ASN J 592 48.66 32.45 -29.09
N GLU J 593 47.82 33.39 -29.47
CA GLU J 593 48.24 34.43 -30.40
C GLU J 593 49.21 35.39 -29.74
N VAL J 594 48.86 35.87 -28.56
CA VAL J 594 49.67 36.84 -27.85
C VAL J 594 50.97 36.20 -27.40
N THR J 595 50.85 34.98 -26.88
CA THR J 595 51.98 34.14 -26.55
C THR J 595 52.90 33.97 -27.74
N HIS J 596 52.31 33.71 -28.89
CA HIS J 596 53.08 33.58 -30.11
C HIS J 596 53.75 34.89 -30.50
N TYR J 597 53.13 36.01 -30.16
CA TYR J 597 53.75 37.28 -30.48
C TYR J 597 54.97 37.53 -29.62
N TYR J 598 54.82 37.40 -28.32
CA TYR J 598 55.92 37.79 -27.46
C TYR J 598 56.99 36.71 -27.41
N LEU J 599 56.65 35.50 -27.79
CA LEU J 599 57.72 34.55 -28.03
C LEU J 599 58.38 34.82 -29.36
N THR J 600 57.63 34.66 -30.45
CA THR J 600 58.23 34.61 -31.78
C THR J 600 58.67 35.99 -32.24
N LYS J 601 57.79 36.96 -32.20
CA LYS J 601 58.18 38.27 -32.66
C LYS J 601 58.95 39.06 -31.62
N GLU J 602 59.13 38.52 -30.42
CA GLU J 602 59.94 39.15 -29.40
C GLU J 602 60.90 38.16 -28.79
N LYS J 603 61.65 37.44 -29.63
CA LYS J 603 62.61 36.47 -29.14
C LYS J 603 63.74 37.10 -28.35
N ASN J 604 64.10 38.33 -28.69
CA ASN J 604 65.42 38.84 -28.35
C ASN J 604 65.58 39.15 -26.89
N ASN J 605 64.49 39.36 -26.17
CA ASN J 605 64.57 39.72 -24.78
C ASN J 605 63.64 38.92 -23.90
N VAL J 606 62.58 38.33 -24.45
CA VAL J 606 61.51 37.78 -23.63
C VAL J 606 61.99 36.51 -22.94
N GLU J 607 61.97 36.55 -21.62
CA GLU J 607 62.29 35.42 -20.82
C GLU J 607 61.24 35.35 -19.72
N SER J 608 59.98 35.26 -20.11
CA SER J 608 59.00 34.30 -19.55
C SER J 608 57.67 34.54 -20.20
N VAL J 609 56.70 33.70 -19.85
CA VAL J 609 55.43 33.65 -20.54
C VAL J 609 54.28 33.83 -19.58
N PHE J 610 54.32 33.09 -18.48
CA PHE J 610 53.16 32.46 -17.88
C PHE J 610 51.84 33.25 -17.76
N ALA J 611 50.87 32.78 -18.53
CA ALA J 611 49.52 33.31 -18.61
C ALA J 611 48.57 32.32 -17.95
N VAL J 612 47.45 32.84 -17.47
CA VAL J 612 46.46 32.05 -16.78
C VAL J 612 45.14 32.17 -17.51
N ASN J 613 44.79 31.13 -18.23
CA ASN J 613 43.52 31.13 -18.91
C ASN J 613 42.42 30.85 -17.89
N GLY J 614 41.46 31.75 -17.82
CA GLY J 614 40.36 31.63 -16.91
C GLY J 614 40.49 32.53 -15.70
N PHE J 615 41.72 32.81 -15.29
CA PHE J 615 41.92 33.63 -14.11
C PHE J 615 41.98 35.10 -14.49
N GLY J 616 41.41 35.92 -13.62
CA GLY J 616 41.75 37.32 -13.59
C GLY J 616 41.87 37.77 -12.16
N PHE J 617 42.93 38.49 -11.86
CA PHE J 617 43.02 39.19 -10.59
C PHE J 617 41.99 40.31 -10.54
N ALA J 618 41.66 40.85 -11.72
CA ALA J 618 40.57 41.79 -11.89
C ALA J 618 39.23 41.09 -12.04
N GLY J 619 39.18 39.78 -11.80
CA GLY J 619 37.98 39.00 -11.89
C GLY J 619 38.19 37.69 -12.64
N ARG J 620 37.91 36.58 -11.98
CA ARG J 620 38.28 35.27 -12.50
C ARG J 620 37.23 34.79 -13.48
N GLY J 621 37.37 35.19 -14.74
CA GLY J 621 36.32 34.93 -15.71
C GLY J 621 36.92 34.43 -17.00
N GLN J 622 36.04 34.00 -17.90
CA GLN J 622 36.49 33.35 -19.11
C GLN J 622 37.12 34.30 -20.11
N ASN J 623 36.92 35.61 -19.99
CA ASN J 623 37.43 36.55 -20.98
C ASN J 623 38.71 37.25 -20.55
N THR J 624 39.48 36.68 -19.63
CA THR J 624 40.71 37.30 -19.19
C THR J 624 41.83 36.30 -19.03
N GLY J 625 43.06 36.81 -19.15
CA GLY J 625 44.25 35.99 -19.01
C GLY J 625 45.43 36.88 -18.72
N ILE J 626 46.43 36.29 -18.07
CA ILE J 626 47.59 37.05 -17.63
C ILE J 626 48.86 36.37 -18.11
N ALA J 627 49.75 37.14 -18.71
CA ALA J 627 51.04 36.63 -19.10
C ALA J 627 52.11 37.25 -18.21
N PHE J 628 52.77 36.40 -17.42
CA PHE J 628 53.93 36.81 -16.62
C PHE J 628 55.14 36.78 -17.54
N VAL J 629 55.70 37.94 -17.88
CA VAL J 629 56.73 37.98 -18.93
C VAL J 629 58.04 38.48 -18.36
N SER J 630 59.03 37.60 -18.18
CA SER J 630 60.26 38.11 -17.63
C SER J 630 61.18 38.52 -18.75
N LEU J 631 62.39 38.88 -18.37
CA LEU J 631 63.40 39.31 -19.32
C LEU J 631 64.68 38.57 -19.03
N LYS J 632 65.72 39.01 -19.72
CA LYS J 632 67.05 38.48 -19.57
C LYS J 632 67.70 39.09 -18.34
N ASP J 633 69.01 38.94 -18.22
CA ASP J 633 69.74 39.79 -17.29
C ASP J 633 69.69 41.23 -17.78
N TRP J 634 69.76 42.15 -16.82
CA TRP J 634 69.99 43.56 -17.08
C TRP J 634 71.19 43.77 -17.97
N ALA J 635 72.30 43.10 -17.64
CA ALA J 635 73.48 43.14 -18.50
C ALA J 635 73.19 42.50 -19.84
N ASP J 636 72.32 41.51 -19.85
CA ASP J 636 71.90 40.94 -21.12
C ASP J 636 70.86 41.78 -21.84
N ARG J 637 70.36 42.86 -21.23
CA ARG J 637 69.49 43.80 -21.95
C ARG J 637 69.99 45.25 -21.86
N PRO J 638 71.11 45.56 -22.52
CA PRO J 638 71.54 46.96 -22.54
C PRO J 638 70.80 47.74 -23.62
N GLY J 639 70.60 49.02 -23.37
CA GLY J 639 69.90 49.82 -24.33
C GLY J 639 68.54 50.22 -23.80
N GLU J 640 68.09 51.41 -24.16
CA GLU J 640 66.88 51.95 -23.56
C GLU J 640 65.64 51.23 -24.09
N GLU J 641 65.69 50.72 -25.31
CA GLU J 641 64.61 49.89 -25.80
C GLU J 641 64.57 48.55 -25.09
N ASN J 642 65.68 48.13 -24.50
CA ASN J 642 65.73 46.95 -23.67
C ASN J 642 65.35 47.24 -22.24
N LYS J 643 64.68 48.35 -22.00
CA LYS J 643 64.14 48.68 -20.70
C LYS J 643 62.62 48.60 -20.77
N VAL J 644 62.02 48.27 -19.62
CA VAL J 644 60.71 47.66 -19.54
C VAL J 644 59.62 48.54 -20.12
N GLU J 645 59.76 49.84 -19.96
CA GLU J 645 58.71 50.77 -20.37
C GLU J 645 58.56 50.80 -21.88
N ALA J 646 59.67 50.89 -22.60
CA ALA J 646 59.62 50.91 -24.05
C ALA J 646 59.13 49.59 -24.61
N ILE J 647 59.46 48.51 -23.92
CA ILE J 647 58.91 47.21 -24.24
C ILE J 647 57.41 47.23 -24.11
N THR J 648 56.90 47.89 -23.08
CA THR J 648 55.47 48.04 -22.97
C THR J 648 54.91 49.01 -23.99
N MET J 649 55.71 49.92 -24.53
CA MET J 649 55.19 50.84 -25.53
C MET J 649 54.99 50.11 -26.85
N ARG J 650 55.99 49.32 -27.24
CA ARG J 650 55.84 48.45 -28.40
C ARG J 650 54.75 47.42 -28.19
N ALA J 651 54.56 47.02 -26.93
CA ALA J 651 53.44 46.16 -26.59
C ALA J 651 52.12 46.85 -26.85
N THR J 652 52.00 48.13 -26.48
CA THR J 652 50.77 48.87 -26.71
C THR J 652 50.53 49.08 -28.19
N ARG J 653 51.59 49.24 -28.96
CA ARG J 653 51.43 49.32 -30.39
C ARG J 653 50.96 47.99 -30.97
N ALA J 654 51.44 46.90 -30.39
CA ALA J 654 50.91 45.59 -30.76
C ALA J 654 49.46 45.45 -30.36
N PHE J 655 49.06 46.07 -29.25
CA PHE J 655 47.69 45.92 -28.76
C PHE J 655 46.73 46.68 -29.66
N SER J 656 47.13 47.88 -30.06
CA SER J 656 46.43 48.60 -31.11
C SER J 656 46.38 47.78 -32.39
N GLN J 657 47.46 47.07 -32.71
CA GLN J 657 47.44 46.19 -33.86
C GLN J 657 46.55 44.97 -33.62
N ILE J 658 46.50 44.49 -32.38
CA ILE J 658 45.69 43.31 -32.07
C ILE J 658 44.21 43.66 -32.14
N LYS J 659 43.47 42.86 -32.90
CA LYS J 659 42.02 42.98 -32.99
C LYS J 659 41.35 42.10 -31.96
N ASP J 660 40.06 42.35 -31.74
CA ASP J 660 39.15 41.51 -30.94
C ASP J 660 39.60 41.39 -29.48
N ALA J 661 40.03 42.52 -28.91
CA ALA J 661 40.66 42.45 -27.61
C ALA J 661 40.62 43.79 -26.90
N MET J 662 40.69 43.73 -25.57
CA MET J 662 41.08 44.86 -24.73
C MET J 662 42.15 44.32 -23.78
N VAL J 663 43.40 44.48 -24.19
CA VAL J 663 44.54 43.84 -23.57
C VAL J 663 45.59 44.90 -23.30
N PHE J 664 46.07 44.97 -22.06
CA PHE J 664 47.25 45.78 -21.83
C PHE J 664 48.10 45.21 -20.72
N ALA J 665 49.40 45.26 -20.95
CA ALA J 665 50.44 44.92 -20.00
C ALA J 665 50.99 46.19 -19.37
N PHE J 666 51.77 46.01 -18.31
CA PHE J 666 52.24 47.09 -17.45
C PHE J 666 53.19 46.51 -16.41
N ASN J 667 53.71 47.41 -15.58
CA ASN J 667 54.35 47.05 -14.33
C ASN J 667 53.39 47.29 -13.18
N LEU J 668 53.45 46.42 -12.20
CA LEU J 668 52.77 46.66 -10.95
C LEU J 668 53.58 47.61 -10.09
N PRO J 669 52.97 48.15 -9.02
CA PRO J 669 53.77 48.78 -7.97
C PRO J 669 54.75 47.80 -7.33
N ALA J 670 55.82 48.36 -6.77
CA ALA J 670 56.79 47.55 -6.04
C ALA J 670 56.14 46.93 -4.82
N ILE J 671 55.23 47.65 -4.19
CA ILE J 671 54.31 47.09 -3.22
C ILE J 671 52.97 47.05 -3.93
N VAL J 672 52.62 45.88 -4.45
CA VAL J 672 51.60 45.75 -5.49
C VAL J 672 50.19 46.06 -5.02
N GLU J 673 50.01 46.37 -3.75
CA GLU J 673 48.72 46.50 -3.12
C GLU J 673 48.22 47.94 -3.11
N LEU J 674 48.58 48.72 -4.13
CA LEU J 674 48.36 50.16 -4.10
C LEU J 674 47.58 50.69 -5.29
N GLY J 675 47.44 49.91 -6.36
CA GLY J 675 46.74 50.36 -7.53
C GLY J 675 47.62 50.34 -8.76
N THR J 676 47.47 51.35 -9.62
CA THR J 676 48.33 51.51 -10.77
C THR J 676 49.23 52.72 -10.66
N ALA J 677 49.13 53.45 -9.55
CA ALA J 677 49.97 54.59 -9.13
C ALA J 677 49.76 55.84 -9.98
N THR J 678 49.01 55.72 -11.06
CA THR J 678 48.41 56.85 -11.73
C THR J 678 46.90 56.76 -11.62
N GLY J 679 46.39 55.56 -11.34
CA GLY J 679 44.97 55.37 -11.17
C GLY J 679 44.52 55.54 -9.75
N PHE J 680 43.71 56.57 -9.51
CA PHE J 680 42.80 56.54 -8.39
C PHE J 680 41.91 55.33 -8.49
N ASP J 681 41.61 54.74 -7.34
CA ASP J 681 40.45 53.88 -7.26
C ASP J 681 39.26 54.73 -6.86
N PHE J 682 38.15 54.46 -7.53
CA PHE J 682 36.93 55.17 -7.25
C PHE J 682 35.79 54.17 -7.23
N GLU J 683 35.08 54.15 -6.13
CA GLU J 683 33.85 53.41 -6.02
C GLU J 683 32.70 54.39 -6.03
N LEU J 684 31.52 53.87 -6.29
CA LEU J 684 30.33 54.70 -6.19
C LEU J 684 29.16 53.79 -5.84
N ILE J 685 28.46 54.16 -4.78
CA ILE J 685 27.48 53.30 -4.15
C ILE J 685 26.18 54.05 -3.99
N ASP J 686 25.11 53.49 -4.53
CA ASP J 686 23.78 53.99 -4.25
C ASP J 686 23.44 53.69 -2.80
N GLN J 687 23.20 54.73 -2.03
CA GLN J 687 22.88 54.53 -0.62
C GLN J 687 21.42 54.13 -0.45
N ALA J 688 20.58 54.50 -1.41
CA ALA J 688 19.15 54.30 -1.29
C ALA J 688 18.68 52.97 -1.84
N GLY J 689 19.57 52.18 -2.44
CA GLY J 689 19.15 50.93 -3.04
C GLY J 689 18.35 51.15 -4.30
N LEU J 690 18.81 52.06 -5.17
CA LEU J 690 18.03 52.46 -6.34
C LEU J 690 18.29 51.60 -7.57
N GLY J 691 18.61 50.33 -7.40
CA GLY J 691 18.81 49.50 -8.57
C GLY J 691 20.26 49.51 -9.00
N HIS J 692 20.88 48.35 -8.82
CA HIS J 692 22.23 48.11 -9.31
C HIS J 692 22.35 48.39 -10.79
N GLU J 693 21.33 48.00 -11.54
CA GLU J 693 21.25 48.28 -12.95
C GLU J 693 21.12 49.78 -13.20
N LYS J 694 20.47 50.50 -12.31
CA LYS J 694 20.32 51.93 -12.51
C LYS J 694 21.49 52.67 -11.95
N LEU J 695 22.16 52.06 -10.97
CA LEU J 695 23.47 52.51 -10.58
C LEU J 695 24.47 52.27 -11.70
N THR J 696 24.18 51.30 -12.55
CA THR J 696 25.01 51.06 -13.71
C THR J 696 24.67 52.03 -14.81
N GLN J 697 23.40 52.45 -14.87
CA GLN J 697 22.98 53.51 -15.78
C GLN J 697 23.68 54.80 -15.44
N ALA J 698 23.59 55.21 -14.18
CA ALA J 698 24.29 56.40 -13.73
C ALA J 698 25.79 56.20 -13.79
N ARG J 699 26.24 54.96 -13.66
CA ARG J 699 27.66 54.67 -13.71
C ARG J 699 28.20 54.93 -15.10
N ASN J 700 27.73 54.16 -16.08
CA ASN J 700 28.24 54.26 -17.43
C ASN J 700 27.83 55.55 -18.09
N GLN J 701 26.72 56.12 -17.61
CA GLN J 701 26.44 57.52 -17.81
C GLN J 701 27.61 58.38 -17.36
N LEU J 702 28.15 58.09 -16.18
CA LEU J 702 29.28 58.87 -15.72
C LEU J 702 30.60 58.32 -16.25
N LEU J 703 30.55 57.26 -17.06
CA LEU J 703 31.68 56.88 -17.89
C LEU J 703 31.68 57.65 -19.19
N ALA J 704 30.48 57.95 -19.69
CA ALA J 704 30.37 58.89 -20.78
C ALA J 704 30.85 60.26 -20.33
N GLU J 705 30.39 60.68 -19.16
CA GLU J 705 30.87 61.92 -18.56
C GLU J 705 32.36 61.83 -18.24
N ALA J 706 32.83 60.64 -17.85
CA ALA J 706 34.25 60.44 -17.60
C ALA J 706 35.04 60.47 -18.90
N ALA J 707 34.39 60.21 -20.03
CA ALA J 707 35.01 60.38 -21.32
C ALA J 707 34.88 61.81 -21.85
N LYS J 708 34.04 62.63 -21.22
CA LYS J 708 33.93 64.02 -21.66
C LYS J 708 35.12 64.87 -21.27
N HIS J 709 36.05 64.34 -20.48
CA HIS J 709 37.24 65.09 -20.08
C HIS J 709 38.48 64.27 -20.38
N PRO J 710 38.93 64.23 -21.65
CA PRO J 710 40.20 63.55 -21.95
C PRO J 710 41.40 64.34 -21.49
N ASP J 711 41.21 65.64 -21.24
CA ASP J 711 42.26 66.46 -20.65
C ASP J 711 42.62 65.98 -19.25
N MET J 712 41.63 65.53 -18.49
CA MET J 712 41.87 65.06 -17.13
C MET J 712 42.53 63.68 -17.10
N LEU J 713 41.97 62.71 -17.81
CA LEU J 713 42.30 61.31 -17.59
C LEU J 713 43.11 60.73 -18.73
N THR J 714 43.74 59.59 -18.45
CA THR J 714 44.39 58.81 -19.50
C THR J 714 43.64 57.52 -19.77
N SER J 715 42.96 56.99 -18.76
CA SER J 715 41.97 55.93 -18.96
C SER J 715 40.92 56.06 -17.88
N VAL J 716 39.66 56.16 -18.29
CA VAL J 716 38.53 56.29 -17.39
C VAL J 716 37.90 54.92 -17.20
N ARG J 717 38.69 53.89 -17.43
CA ARG J 717 38.18 52.55 -17.59
C ARG J 717 37.73 51.94 -16.26
N PRO J 718 36.63 51.22 -16.25
CA PRO J 718 36.25 50.45 -15.06
C PRO J 718 36.81 49.03 -15.11
N ASN J 719 36.41 48.23 -14.14
CA ASN J 719 36.52 46.77 -14.19
C ASN J 719 35.13 46.17 -14.33
N GLY J 720 34.32 46.75 -15.22
CA GLY J 720 32.95 46.31 -15.35
C GLY J 720 32.78 44.97 -16.01
N LEU J 721 32.49 43.96 -15.21
CA LEU J 721 32.10 42.65 -15.73
C LEU J 721 30.60 42.68 -15.97
N GLU J 722 30.22 42.53 -17.23
CA GLU J 722 28.94 43.00 -17.70
C GLU J 722 27.79 42.08 -17.29
N ASP J 723 26.62 42.68 -17.10
CA ASP J 723 25.36 41.95 -17.11
C ASP J 723 25.24 41.06 -18.33
N THR J 724 25.03 39.81 -18.08
CA THR J 724 25.13 38.80 -19.10
C THR J 724 23.75 38.40 -19.61
N PRO J 725 23.68 37.98 -20.86
CA PRO J 725 22.60 37.08 -21.26
C PRO J 725 22.66 35.81 -20.43
N GLN J 726 21.51 35.42 -19.90
CA GLN J 726 21.42 34.28 -19.00
C GLN J 726 19.98 33.81 -18.96
N PHE J 727 19.77 32.65 -18.38
CA PHE J 727 18.67 31.80 -18.79
C PHE J 727 17.92 31.29 -17.57
N LYS J 728 16.76 31.90 -17.30
CA LYS J 728 15.93 31.54 -16.16
C LYS J 728 14.89 30.50 -16.56
N ILE J 729 14.79 29.45 -15.75
CA ILE J 729 13.88 28.35 -15.98
C ILE J 729 12.84 28.39 -14.88
N ASP J 730 11.59 28.54 -15.26
CA ASP J 730 10.50 28.61 -14.30
C ASP J 730 9.75 27.28 -14.27
N ILE J 731 9.26 26.94 -13.09
CA ILE J 731 8.61 25.65 -12.83
C ILE J 731 7.23 25.94 -12.27
N ASP J 732 6.22 25.21 -12.76
CA ASP J 732 4.90 25.29 -12.17
C ASP J 732 4.74 24.25 -11.08
N GLN J 733 4.35 24.72 -9.90
CA GLN J 733 4.21 23.84 -8.75
C GLN J 733 2.99 22.95 -8.91
N GLU J 734 1.91 23.50 -9.48
CA GLU J 734 0.72 22.72 -9.68
C GLU J 734 0.94 21.68 -10.78
N LYS J 735 1.82 21.98 -11.73
CA LYS J 735 2.33 20.91 -12.58
C LYS J 735 3.20 19.96 -11.78
N ALA J 736 4.00 20.50 -10.87
CA ALA J 736 4.90 19.64 -10.10
C ALA J 736 4.12 18.79 -9.11
N GLN J 737 3.12 19.37 -8.47
CA GLN J 737 2.26 18.58 -7.62
C GLN J 737 1.34 17.69 -8.44
N ALA J 738 1.07 18.07 -9.67
CA ALA J 738 0.39 17.17 -10.59
C ALA J 738 1.27 15.98 -10.91
N LEU J 739 2.58 16.17 -10.90
CA LEU J 739 3.49 15.05 -10.91
C LEU J 739 3.66 14.46 -9.53
N GLY J 740 3.46 15.27 -8.49
CA GLY J 740 3.63 14.80 -7.14
C GLY J 740 5.05 14.43 -6.79
N VAL J 741 6.02 15.20 -7.25
CA VAL J 741 7.42 14.88 -7.07
C VAL J 741 8.12 16.05 -6.38
N SER J 742 9.03 15.72 -5.46
CA SER J 742 9.69 16.73 -4.64
C SER J 742 10.62 17.58 -5.48
N ILE J 743 10.38 18.89 -5.45
CA ILE J 743 11.09 19.83 -6.29
C ILE J 743 12.54 19.90 -5.87
N ASN J 744 12.79 19.69 -4.58
CA ASN J 744 14.13 19.79 -4.01
C ASN J 744 15.06 18.78 -4.64
N ASP J 745 14.53 17.62 -4.95
CA ASP J 745 15.34 16.58 -5.53
C ASP J 745 15.43 16.73 -7.02
N ILE J 746 14.46 17.40 -7.61
CA ILE J 746 14.56 17.78 -9.01
C ILE J 746 15.71 18.74 -9.20
N ASN J 747 15.81 19.70 -8.29
CA ASN J 747 16.86 20.68 -8.38
C ASN J 747 18.18 20.08 -7.96
N THR J 748 18.12 19.13 -7.03
CA THR J 748 19.29 18.39 -6.64
C THR J 748 19.83 17.61 -7.82
N THR J 749 18.92 17.02 -8.58
CA THR J 749 19.26 16.43 -9.86
C THR J 749 19.82 17.48 -10.80
N LEU J 750 19.27 18.69 -10.76
CA LEU J 750 19.65 19.72 -11.71
C LEU J 750 21.08 20.19 -11.48
N GLY J 751 21.33 20.84 -10.34
CA GLY J 751 22.68 21.27 -10.02
C GLY J 751 23.63 20.11 -9.81
N ALA J 752 23.12 18.92 -9.56
CA ALA J 752 23.95 17.74 -9.66
C ALA J 752 24.41 17.53 -11.09
N ALA J 753 23.54 17.76 -12.06
CA ALA J 753 23.85 17.51 -13.45
C ALA J 753 24.18 18.78 -14.22
N TRP J 754 24.04 19.94 -13.61
CA TRP J 754 24.18 21.16 -14.38
C TRP J 754 24.99 22.19 -13.61
N GLY J 755 25.22 21.91 -12.33
CA GLY J 755 26.25 22.64 -11.62
C GLY J 755 27.32 21.67 -11.18
N GLY J 756 27.02 20.38 -11.22
CA GLY J 756 27.91 19.38 -10.68
C GLY J 756 27.66 19.13 -9.21
N SER J 757 27.84 17.88 -8.81
CA SER J 757 27.58 17.51 -7.43
C SER J 757 28.84 16.98 -6.78
N TYR J 758 29.28 17.66 -5.75
CA TYR J 758 30.12 17.02 -4.77
C TYR J 758 29.30 16.07 -3.92
N VAL J 759 29.90 14.95 -3.51
CA VAL J 759 29.24 14.12 -2.53
C VAL J 759 30.12 13.97 -1.29
N ASN J 760 31.24 13.28 -1.44
CA ASN J 760 32.03 12.85 -0.30
C ASN J 760 33.44 12.54 -0.78
N ASP J 761 34.17 11.78 0.03
CA ASP J 761 35.59 11.61 -0.16
C ASP J 761 35.95 10.14 -0.16
N PHE J 762 37.26 9.88 -0.28
CA PHE J 762 37.80 8.53 -0.28
C PHE J 762 39.30 8.61 -0.05
N ILE J 763 39.97 7.49 -0.31
CA ILE J 763 41.39 7.33 -0.12
C ILE J 763 42.03 6.76 -1.37
N ASP J 764 43.03 7.44 -1.89
CA ASP J 764 44.05 6.78 -2.69
C ASP J 764 45.39 6.96 -2.01
N ARG J 765 46.02 5.85 -1.66
CA ARG J 765 47.39 5.81 -1.14
C ARG J 765 47.50 6.66 0.12
N GLY J 766 46.46 6.64 0.93
CA GLY J 766 46.37 7.47 2.09
C GLY J 766 46.11 8.92 1.74
N ARG J 767 45.10 9.19 0.92
CA ARG J 767 44.81 10.58 0.59
C ARG J 767 43.31 10.74 0.36
N VAL J 768 42.69 11.49 1.27
CA VAL J 768 41.27 11.81 1.23
C VAL J 768 40.97 12.64 -0.01
N LYS J 769 40.01 12.20 -0.82
CA LYS J 769 39.75 12.88 -2.08
C LYS J 769 38.26 13.03 -2.36
N LYS J 770 37.94 14.12 -3.05
CA LYS J 770 36.58 14.54 -3.34
C LYS J 770 35.94 13.64 -4.38
N VAL J 771 34.61 13.72 -4.47
CA VAL J 771 33.85 12.99 -5.48
C VAL J 771 32.96 13.97 -6.22
N TYR J 772 33.08 14.02 -7.54
CA TYR J 772 32.27 14.92 -8.32
C TYR J 772 31.53 14.20 -9.42
N VAL J 773 30.33 14.67 -9.68
CA VAL J 773 29.49 14.04 -10.68
C VAL J 773 28.65 15.11 -11.37
N MET J 774 28.66 15.07 -12.70
CA MET J 774 27.89 15.87 -13.63
C MET J 774 28.13 15.27 -15.01
N SER J 775 27.10 15.24 -15.83
CA SER J 775 27.18 14.46 -17.06
C SER J 775 28.02 15.18 -18.12
N GLU J 776 28.05 14.58 -19.32
CA GLU J 776 28.93 14.93 -20.42
C GLU J 776 28.70 16.35 -20.88
N ALA J 777 29.74 16.93 -21.50
CA ALA J 777 29.66 18.28 -22.02
C ALA J 777 28.56 18.39 -23.06
N LYS J 778 28.50 17.41 -23.97
CA LYS J 778 27.40 17.32 -24.92
C LYS J 778 26.06 17.10 -24.24
N TYR J 779 26.07 16.59 -23.02
CA TYR J 779 24.85 16.42 -22.26
C TYR J 779 24.55 17.62 -21.38
N ARG J 780 25.53 18.50 -21.16
CA ARG J 780 25.28 19.68 -20.34
C ARG J 780 25.47 20.96 -21.15
N MET J 781 25.05 20.95 -22.40
CA MET J 781 25.36 22.09 -23.26
C MET J 781 24.15 22.93 -23.67
N LEU J 782 23.06 22.32 -24.04
CA LEU J 782 21.97 23.11 -24.61
C LEU J 782 20.89 23.38 -23.58
N PRO J 783 20.06 24.39 -23.85
CA PRO J 783 18.78 24.45 -23.12
C PRO J 783 17.91 23.27 -23.44
N ASP J 784 17.94 22.81 -24.69
CA ASP J 784 17.21 21.62 -25.05
C ASP J 784 17.78 20.39 -24.37
N ASP J 785 19.08 20.39 -24.05
CA ASP J 785 19.65 19.34 -23.22
C ASP J 785 18.95 19.29 -21.86
N ILE J 786 18.55 20.46 -21.36
CA ILE J 786 17.67 20.57 -20.19
C ILE J 786 16.43 19.69 -20.35
N GLY J 787 15.79 19.78 -21.52
CA GLY J 787 14.61 18.97 -21.77
C GLY J 787 14.87 17.48 -21.80
N ASP J 788 16.12 17.07 -21.92
CA ASP J 788 16.44 15.65 -22.03
C ASP J 788 16.29 14.94 -20.70
N TRP J 789 16.36 15.67 -19.60
CA TRP J 789 16.49 15.03 -18.29
C TRP J 789 15.12 14.60 -17.79
N TYR J 790 15.02 13.31 -17.50
CA TYR J 790 13.78 12.70 -17.08
C TYR J 790 13.88 12.34 -15.62
N VAL J 791 12.79 12.56 -14.89
CA VAL J 791 12.77 12.45 -13.45
C VAL J 791 11.66 11.47 -13.10
N ARG J 792 11.98 10.51 -12.23
CA ARG J 792 10.95 9.64 -11.70
C ARG J 792 9.99 10.45 -10.82
N ALA J 793 8.72 10.12 -10.90
CA ALA J 793 7.71 10.78 -10.10
C ALA J 793 7.20 9.76 -9.09
N ALA J 794 6.09 10.12 -8.43
CA ALA J 794 5.48 9.21 -7.46
C ALA J 794 5.00 7.92 -8.12
N ASP J 795 4.64 7.97 -9.39
CA ASP J 795 4.22 6.75 -10.07
C ASP J 795 5.39 5.89 -10.51
N GLY J 796 6.51 6.50 -10.88
CA GLY J 796 7.60 5.78 -11.50
C GLY J 796 7.83 6.15 -12.95
N GLN J 797 7.28 7.26 -13.41
CA GLN J 797 7.39 7.66 -14.80
C GLN J 797 8.53 8.65 -14.99
N MET J 798 9.27 8.48 -16.07
CA MET J 798 10.38 9.36 -16.39
C MET J 798 9.87 10.64 -17.03
N VAL J 799 10.32 11.78 -16.51
CA VAL J 799 9.65 13.04 -16.73
C VAL J 799 10.61 14.08 -17.30
N PRO J 800 10.34 14.66 -18.45
CA PRO J 800 11.16 15.76 -18.94
C PRO J 800 10.96 17.00 -18.10
N PHE J 801 11.99 17.82 -18.05
CA PHE J 801 11.86 19.13 -17.41
C PHE J 801 10.83 19.97 -18.14
N SER J 802 10.86 19.91 -19.47
CA SER J 802 9.94 20.61 -20.37
C SER J 802 8.49 20.22 -20.17
N ALA J 803 8.21 19.12 -19.46
CA ALA J 803 6.85 18.86 -19.03
C ALA J 803 6.32 19.95 -18.10
N PHE J 804 7.20 20.67 -17.44
CA PHE J 804 6.79 21.67 -16.48
C PHE J 804 7.62 22.93 -16.50
N SER J 805 8.66 23.01 -17.31
CA SER J 805 9.61 24.10 -17.23
C SER J 805 9.39 25.04 -18.39
N SER J 806 9.09 26.29 -18.07
CA SER J 806 9.35 27.35 -19.02
C SER J 806 10.73 27.92 -18.76
N SER J 807 11.12 28.89 -19.57
CA SER J 807 12.46 29.48 -19.50
C SER J 807 12.46 30.72 -20.38
N ARG J 808 13.52 31.52 -20.21
CA ARG J 808 13.69 32.79 -20.92
C ARG J 808 15.10 33.29 -20.66
N TRP J 809 15.41 34.43 -21.26
CA TRP J 809 16.69 35.08 -21.11
C TRP J 809 16.54 36.42 -20.39
N GLU J 810 17.68 36.95 -19.98
CA GLU J 810 17.79 38.20 -19.21
C GLU J 810 19.26 38.55 -19.09
N TYR J 811 19.54 39.57 -18.29
CA TYR J 811 20.88 39.96 -17.92
C TYR J 811 21.27 39.45 -16.55
N GLY J 812 22.55 39.57 -16.25
CA GLY J 812 23.03 39.50 -14.89
C GLY J 812 24.54 39.42 -14.86
N SER J 813 25.17 40.28 -14.06
CA SER J 813 26.62 40.32 -14.06
C SER J 813 27.17 39.23 -13.14
N PRO J 814 28.21 38.52 -13.57
CA PRO J 814 28.78 37.51 -12.70
C PRO J 814 29.52 38.10 -11.52
N ARG J 815 30.32 39.12 -11.72
CA ARG J 815 31.16 39.65 -10.66
C ARG J 815 30.47 40.88 -10.11
N LEU J 816 29.68 40.68 -9.07
CA LEU J 816 29.14 41.83 -8.38
C LEU J 816 30.12 42.25 -7.30
N GLU J 817 29.90 43.42 -6.72
CA GLU J 817 30.82 43.98 -5.75
C GLU J 817 30.05 44.76 -4.71
N ARG J 818 30.52 44.68 -3.47
CA ARG J 818 30.04 45.58 -2.44
C ARG J 818 31.23 46.06 -1.61
N TYR J 819 31.33 47.37 -1.47
CA TYR J 819 32.46 48.02 -0.83
C TYR J 819 32.02 48.54 0.52
N ASN J 820 32.76 48.16 1.57
CA ASN J 820 32.32 48.31 2.96
C ASN J 820 30.90 47.78 3.14
N GLY J 821 30.63 46.63 2.53
CA GLY J 821 29.31 46.04 2.58
C GLY J 821 28.24 46.84 1.89
N LEU J 822 28.60 47.62 0.87
CA LEU J 822 27.68 48.55 0.28
C LEU J 822 27.79 48.46 -1.23
N PRO J 823 26.65 48.48 -1.94
CA PRO J 823 26.61 48.05 -3.36
C PRO J 823 27.46 48.90 -4.28
N SER J 824 28.56 48.31 -4.76
CA SER J 824 29.59 49.09 -5.42
C SER J 824 29.93 48.49 -6.78
N MET J 825 30.56 49.32 -7.61
CA MET J 825 31.12 48.89 -8.88
C MET J 825 32.49 49.54 -9.07
N GLU J 826 33.43 48.77 -9.58
CA GLU J 826 34.84 49.15 -9.58
C GLU J 826 35.10 50.19 -10.66
N ILE J 827 35.57 51.35 -10.23
CA ILE J 827 35.73 52.50 -11.10
C ILE J 827 37.20 52.87 -11.04
N LEU J 828 38.00 52.30 -11.93
CA LEU J 828 39.39 52.67 -11.97
C LEU J 828 39.52 54.00 -12.70
N GLY J 829 40.66 54.64 -12.54
CA GLY J 829 40.96 55.71 -13.47
C GLY J 829 42.38 56.20 -13.30
N GLN J 830 43.04 56.42 -14.44
CA GLN J 830 44.34 57.07 -14.38
C GLN J 830 44.20 58.45 -15.03
N ALA J 831 44.93 59.40 -14.48
CA ALA J 831 44.86 60.77 -14.98
C ALA J 831 45.84 60.96 -16.14
N ALA J 832 45.57 62.01 -16.92
CA ALA J 832 46.53 62.44 -17.92
C ALA J 832 47.76 63.02 -17.22
N PRO J 833 48.96 62.82 -17.78
CA PRO J 833 50.18 63.24 -17.08
C PRO J 833 50.30 64.76 -17.01
N GLY J 834 50.59 65.24 -15.81
CA GLY J 834 50.62 66.67 -15.54
C GLY J 834 49.45 67.18 -14.73
N LYS J 835 48.54 66.31 -14.31
CA LYS J 835 47.38 66.71 -13.53
C LYS J 835 47.24 65.79 -12.33
N SER J 836 47.12 66.38 -11.15
CA SER J 836 47.07 65.58 -9.93
C SER J 836 45.73 64.89 -9.81
N THR J 837 45.70 63.81 -9.03
CA THR J 837 44.47 63.07 -8.85
C THR J 837 43.48 63.79 -7.96
N GLY J 838 43.94 64.77 -7.17
CA GLY J 838 43.00 65.58 -6.41
C GLY J 838 42.20 66.50 -7.31
N GLU J 839 42.78 66.89 -8.44
CA GLU J 839 42.03 67.60 -9.47
C GLU J 839 40.97 66.68 -10.07
N ALA J 840 41.30 65.40 -10.24
CA ALA J 840 40.32 64.42 -10.68
C ALA J 840 39.26 64.18 -9.62
N MET J 841 39.63 64.36 -8.35
CA MET J 841 38.64 64.26 -7.29
C MET J 841 37.69 65.42 -7.33
N GLU J 842 38.20 66.63 -7.52
CA GLU J 842 37.36 67.80 -7.66
C GLU J 842 36.48 67.69 -8.89
N LEU J 843 37.03 67.13 -9.96
CA LEU J 843 36.26 66.96 -11.19
C LEU J 843 35.16 65.94 -11.03
N MET J 844 35.48 64.75 -10.56
CA MET J 844 34.45 63.73 -10.56
C MET J 844 33.51 63.89 -9.39
N GLU J 845 33.96 64.58 -8.35
CA GLU J 845 33.08 64.90 -7.25
C GLU J 845 32.17 66.07 -7.58
N GLN J 846 32.61 66.96 -8.47
CA GLN J 846 31.63 67.91 -8.97
C GLN J 846 30.79 67.28 -10.07
N LEU J 847 31.23 66.16 -10.63
CA LEU J 847 30.38 65.33 -11.45
C LEU J 847 29.65 64.29 -10.62
N ALA J 848 30.02 64.12 -9.35
CA ALA J 848 29.17 63.41 -8.43
C ALA J 848 27.97 64.24 -8.00
N SER J 849 27.96 65.53 -8.34
CA SER J 849 26.71 66.26 -8.33
C SER J 849 25.72 65.69 -9.33
N LYS J 850 26.22 65.15 -10.45
CA LYS J 850 25.37 64.61 -11.51
C LYS J 850 24.97 63.17 -11.20
N LEU J 851 24.42 62.99 -10.01
CA LEU J 851 24.05 61.74 -9.38
C LEU J 851 22.69 61.90 -8.73
N PRO J 852 21.89 60.84 -8.70
CA PRO J 852 20.61 60.88 -8.01
C PRO J 852 20.79 60.93 -6.49
N THR J 853 19.65 61.00 -5.81
CA THR J 853 19.65 60.97 -4.36
C THR J 853 20.01 59.57 -3.86
N GLY J 854 20.46 59.52 -2.62
CA GLY J 854 20.86 58.28 -2.00
C GLY J 854 22.01 57.61 -2.72
N VAL J 855 23.04 58.36 -3.06
CA VAL J 855 24.18 57.84 -3.79
C VAL J 855 25.42 58.38 -3.09
N GLY J 856 26.38 57.50 -2.80
CA GLY J 856 27.69 57.89 -2.35
C GLY J 856 28.78 57.22 -3.17
N TYR J 857 30.01 57.34 -2.67
CA TYR J 857 31.17 57.06 -3.50
C TYR J 857 32.39 56.97 -2.61
N ASP J 858 33.54 56.69 -3.22
CA ASP J 858 34.76 56.50 -2.44
C ASP J 858 35.99 56.65 -3.31
N TRP J 859 37.04 57.19 -2.70
CA TRP J 859 38.34 57.32 -3.35
C TRP J 859 39.34 56.49 -2.55
N THR J 860 39.80 55.39 -3.12
CA THR J 860 40.69 54.54 -2.36
C THR J 860 41.84 54.04 -3.23
N GLY J 861 42.65 53.20 -2.60
CA GLY J 861 43.94 52.81 -3.17
C GLY J 861 45.06 53.57 -2.50
N MET J 862 45.95 54.14 -3.31
CA MET J 862 46.72 55.27 -2.81
C MET J 862 45.88 56.52 -2.69
N SER J 863 44.73 56.56 -3.39
CA SER J 863 43.74 57.58 -3.11
C SER J 863 43.08 57.36 -1.76
N TYR J 864 43.26 56.21 -1.14
CA TYR J 864 42.89 56.10 0.25
C TYR J 864 43.92 56.80 1.12
N GLN J 865 45.20 56.69 0.75
CA GLN J 865 46.26 57.35 1.51
C GLN J 865 46.15 58.85 1.41
N GLU J 866 46.08 59.38 0.20
CA GLU J 866 45.86 60.81 0.03
C GLU J 866 44.47 61.21 0.46
N ARG J 867 43.50 60.28 0.42
CA ARG J 867 42.17 60.57 0.95
C ARG J 867 42.22 60.80 2.44
N LEU J 868 43.13 60.13 3.13
CA LEU J 868 43.40 60.46 4.51
C LEU J 868 44.14 61.79 4.58
N SER J 869 45.34 61.83 4.01
CA SER J 869 46.10 63.06 3.88
C SER J 869 47.08 62.90 2.74
N GLY J 870 47.11 63.88 1.84
CA GLY J 870 48.18 63.91 0.87
C GLY J 870 49.50 64.33 1.50
N ASN J 871 49.48 65.42 2.27
CA ASN J 871 50.70 65.92 2.88
C ASN J 871 50.34 66.68 4.15
N GLN J 872 50.59 66.07 5.30
CA GLN J 872 50.75 66.79 6.55
C GLN J 872 52.19 67.22 6.75
N ALA J 873 53.03 66.96 5.75
CA ALA J 873 54.42 67.43 5.72
C ALA J 873 54.64 68.90 6.02
N PRO J 874 53.91 69.88 5.42
CA PRO J 874 54.25 71.29 5.72
C PRO J 874 53.95 71.70 7.14
N SER J 875 53.07 70.98 7.85
CA SER J 875 53.00 71.12 9.29
C SER J 875 54.30 70.70 9.94
N LEU J 876 54.95 69.68 9.37
CA LEU J 876 56.18 69.21 9.97
C LEU J 876 57.37 70.03 9.52
N TYR J 877 57.29 70.67 8.35
CA TYR J 877 58.31 71.64 7.99
C TYR J 877 58.14 72.89 8.84
N ALA J 878 56.91 73.17 9.24
CA ALA J 878 56.65 74.32 10.09
C ALA J 878 57.24 74.10 11.47
N ILE J 879 56.87 73.00 12.12
CA ILE J 879 57.39 72.75 13.45
C ILE J 879 58.85 72.30 13.38
N SER J 880 59.30 71.88 12.20
CA SER J 880 60.72 71.65 12.00
C SER J 880 61.47 72.96 12.00
N LEU J 881 60.90 73.96 11.35
CA LEU J 881 61.47 75.31 11.40
C LEU J 881 61.45 75.86 12.81
N ILE J 882 60.42 75.50 13.58
CA ILE J 882 60.35 75.90 14.97
C ILE J 882 61.48 75.28 15.76
N VAL J 883 61.63 73.96 15.65
CA VAL J 883 62.58 73.27 16.51
C VAL J 883 64.01 73.55 16.07
N VAL J 884 64.22 73.81 14.78
CA VAL J 884 65.50 74.29 14.30
C VAL J 884 65.77 75.68 14.85
N PHE J 885 64.73 76.51 14.89
CA PHE J 885 64.90 77.88 15.36
C PHE J 885 65.28 77.92 16.83
N LEU J 886 64.63 77.10 17.65
CA LEU J 886 64.93 77.15 19.06
C LEU J 886 66.20 76.39 19.41
N CYS J 887 66.48 75.28 18.73
CA CYS J 887 67.70 74.55 19.06
C CYS J 887 68.92 75.36 18.66
N LEU J 888 68.84 76.05 17.53
CA LEU J 888 69.88 77.00 17.20
C LEU J 888 69.88 78.21 18.12
N ALA J 889 68.72 78.54 18.69
CA ALA J 889 68.71 79.57 19.73
C ALA J 889 69.35 79.09 21.02
N ALA J 890 69.61 77.78 21.16
CA ALA J 890 70.45 77.32 22.25
C ALA J 890 71.92 77.24 21.84
N LEU J 891 72.19 76.86 20.60
CA LEU J 891 73.57 76.64 20.17
C LEU J 891 74.28 77.96 19.95
N TYR J 892 73.64 78.87 19.22
CA TYR J 892 73.96 80.29 19.29
C TYR J 892 73.92 80.80 20.71
N GLU J 893 72.95 80.34 21.49
CA GLU J 893 72.60 80.84 22.82
C GLU J 893 72.36 82.34 22.77
N SER J 894 71.64 82.76 21.72
CA SER J 894 71.53 84.16 21.43
C SER J 894 70.17 84.45 20.81
N TRP J 895 69.65 85.65 21.09
CA TRP J 895 68.37 86.09 20.58
C TRP J 895 68.50 86.48 19.12
N SER J 896 67.91 85.67 18.22
CA SER J 896 67.66 85.95 16.81
C SER J 896 68.93 86.04 15.96
N ILE J 897 70.11 85.99 16.56
CA ILE J 897 71.34 85.60 15.87
C ILE J 897 71.23 84.29 15.08
N PRO J 898 70.47 83.25 15.51
CA PRO J 898 70.30 82.09 14.62
C PRO J 898 69.62 82.36 13.30
N PHE J 899 68.82 83.43 13.21
CA PHE J 899 67.92 83.63 12.08
C PHE J 899 68.67 83.76 10.77
N SER J 900 69.92 84.23 10.84
CA SER J 900 70.86 84.26 9.72
C SER J 900 70.92 82.94 8.97
N VAL J 901 71.15 81.84 9.69
CA VAL J 901 71.32 80.56 9.02
C VAL J 901 70.00 80.05 8.47
N MET J 902 68.87 80.62 8.93
CA MET J 902 67.59 80.27 8.33
C MET J 902 67.54 80.69 6.88
N LEU J 903 68.21 81.80 6.55
CA LEU J 903 68.34 82.26 5.18
C LEU J 903 69.04 81.24 4.29
N VAL J 904 69.93 80.42 4.84
CA VAL J 904 70.58 79.48 3.95
C VAL J 904 69.92 78.12 4.02
N VAL J 905 68.84 78.01 4.78
CA VAL J 905 68.01 76.80 4.71
C VAL J 905 67.45 76.56 3.31
N PRO J 906 66.89 77.54 2.57
CA PRO J 906 66.42 77.20 1.22
C PRO J 906 67.50 77.13 0.17
N LEU J 907 68.79 77.22 0.51
CA LEU J 907 69.79 77.27 -0.54
C LEU J 907 70.25 75.91 -1.00
N GLY J 908 69.58 74.85 -0.55
CA GLY J 908 69.93 73.51 -0.98
C GLY J 908 68.93 72.98 -1.98
N VAL J 909 67.79 73.65 -2.11
CA VAL J 909 66.72 73.17 -2.98
C VAL J 909 67.01 73.44 -4.44
N ILE J 910 68.12 74.11 -4.73
CA ILE J 910 68.27 74.84 -5.97
C ILE J 910 68.50 73.88 -7.11
N GLY J 911 69.63 73.18 -7.07
CA GLY J 911 69.88 72.13 -8.03
C GLY J 911 69.02 70.91 -7.85
N ALA J 912 68.40 70.78 -6.68
CA ALA J 912 67.32 69.80 -6.55
C ALA J 912 66.20 70.15 -7.51
N LEU J 913 65.73 71.39 -7.46
CA LEU J 913 64.70 71.88 -8.36
C LEU J 913 65.15 71.80 -9.80
N LEU J 914 66.21 72.55 -10.12
CA LEU J 914 66.55 72.72 -11.52
C LEU J 914 67.13 71.45 -12.11
N ALA J 915 67.96 70.73 -11.36
CA ALA J 915 68.46 69.46 -11.86
C ALA J 915 67.37 68.42 -11.94
N ALA J 916 66.37 68.52 -11.06
CA ALA J 916 65.19 67.66 -11.19
C ALA J 916 64.41 67.99 -12.45
N THR J 917 64.49 69.22 -12.94
CA THR J 917 63.87 69.54 -14.20
C THR J 917 64.73 69.20 -15.40
N PHE J 918 66.02 69.52 -15.34
CA PHE J 918 66.92 69.27 -16.46
C PHE J 918 67.15 67.79 -16.69
N ARG J 919 66.98 66.96 -15.66
CA ARG J 919 66.90 65.55 -16.00
C ARG J 919 65.45 65.14 -16.20
N GLY J 920 64.52 65.81 -15.54
CA GLY J 920 63.12 65.61 -15.78
C GLY J 920 62.41 64.71 -14.82
N LEU J 921 62.65 64.85 -13.52
CA LEU J 921 62.05 63.98 -12.52
C LEU J 921 61.33 64.82 -11.47
N THR J 922 60.27 64.25 -10.91
CA THR J 922 59.36 64.99 -10.04
C THR J 922 59.51 64.57 -8.58
N ASN J 923 58.60 65.08 -7.77
CA ASN J 923 58.60 64.81 -6.34
C ASN J 923 58.20 63.37 -6.06
N ASP J 924 58.84 62.79 -5.04
CA ASP J 924 58.38 61.63 -4.30
C ASP J 924 59.11 61.62 -2.95
N VAL J 925 59.07 60.47 -2.28
CA VAL J 925 59.73 60.35 -0.99
C VAL J 925 61.25 60.42 -1.14
N TYR J 926 61.76 59.87 -2.24
CA TYR J 926 63.19 60.01 -2.54
C TYR J 926 63.54 61.45 -2.79
N PHE J 927 62.62 62.19 -3.40
CA PHE J 927 62.84 63.61 -3.59
C PHE J 927 62.81 64.33 -2.25
N GLN J 928 61.91 63.91 -1.37
CA GLN J 928 61.80 64.54 -0.04
C GLN J 928 63.05 64.29 0.78
N VAL J 929 63.59 63.07 0.73
CA VAL J 929 64.80 62.82 1.48
C VAL J 929 65.98 63.47 0.76
N GLY J 930 65.85 63.72 -0.55
CA GLY J 930 66.82 64.55 -1.22
C GLY J 930 66.87 65.95 -0.66
N LEU J 931 65.68 66.52 -0.39
CA LEU J 931 65.59 67.78 0.36
C LEU J 931 66.27 67.67 1.70
N LEU J 932 66.04 66.56 2.41
CA LEU J 932 66.61 66.39 3.74
C LEU J 932 68.12 66.36 3.72
N THR J 933 68.69 65.69 2.72
CA THR J 933 70.13 65.65 2.55
C THR J 933 70.69 67.04 2.25
N THR J 934 70.01 67.78 1.36
CA THR J 934 70.50 69.10 1.00
C THR J 934 70.50 70.05 2.20
N ILE J 935 69.40 70.06 2.95
CA ILE J 935 69.31 71.00 4.06
C ILE J 935 70.25 70.58 5.17
N GLY J 936 70.44 69.27 5.35
CA GLY J 936 71.28 68.80 6.43
C GLY J 936 72.74 69.08 6.17
N LEU J 937 73.23 68.72 4.98
CA LEU J 937 74.62 68.93 4.66
C LEU J 937 74.91 70.41 4.51
N SER J 938 74.04 71.11 3.80
CA SER J 938 74.24 72.52 3.51
C SER J 938 74.20 73.35 4.79
N ALA J 939 73.11 73.21 5.54
CA ALA J 939 72.95 73.98 6.76
C ALA J 939 73.99 73.59 7.80
N LYS J 940 74.38 72.31 7.81
CA LYS J 940 75.49 71.84 8.63
C LYS J 940 76.77 72.60 8.33
N ASN J 941 77.09 72.70 7.03
CA ASN J 941 78.28 73.42 6.60
C ASN J 941 78.22 74.88 7.01
N ALA J 942 77.03 75.47 6.95
CA ALA J 942 76.87 76.84 7.40
C ALA J 942 77.03 76.96 8.90
N ILE J 943 76.71 75.90 9.64
CA ILE J 943 76.95 75.93 11.08
C ILE J 943 78.43 75.81 11.36
N LEU J 944 79.16 75.13 10.48
CA LEU J 944 80.61 75.15 10.59
C LEU J 944 81.14 76.55 10.30
N ILE J 945 80.48 77.26 9.41
CA ILE J 945 80.87 78.64 9.08
C ILE J 945 80.64 79.56 10.27
N VAL J 946 79.38 79.66 10.72
CA VAL J 946 79.04 80.57 11.82
C VAL J 946 79.63 80.10 13.13
N GLU J 947 80.03 78.84 13.21
CA GLU J 947 80.76 78.39 14.36
C GLU J 947 82.19 78.89 14.29
N PHE J 948 82.81 78.84 13.11
CA PHE J 948 84.17 79.34 12.98
C PHE J 948 84.23 80.85 13.19
N ALA J 949 83.24 81.58 12.68
CA ALA J 949 83.16 83.00 12.98
C ALA J 949 82.77 83.21 14.43
N LYS J 950 82.00 82.28 14.98
CA LYS J 950 81.58 82.37 16.36
C LYS J 950 82.72 82.10 17.32
N ASP J 951 83.80 81.47 16.83
CA ASP J 951 84.99 81.25 17.64
C ASP J 951 85.65 82.54 18.05
N LEU J 952 85.74 83.50 17.14
CA LEU J 952 86.52 84.70 17.38
C LEU J 952 85.64 85.91 17.64
N MET J 953 84.52 85.71 18.34
CA MET J 953 83.68 86.84 18.69
C MET J 953 84.12 87.49 19.99
N ASP J 954 84.34 86.69 21.02
CA ASP J 954 84.77 87.18 22.30
C ASP J 954 86.08 86.57 22.76
N LYS J 955 86.43 85.40 22.23
CA LYS J 955 87.80 84.92 22.34
C LYS J 955 88.75 85.87 21.63
N GLU J 956 88.30 86.44 20.51
CA GLU J 956 89.00 87.50 19.84
C GLU J 956 88.09 88.72 19.82
N GLY J 957 88.54 89.81 20.42
CA GLY J 957 87.71 91.00 20.48
C GLY J 957 87.81 91.88 19.25
N LYS J 958 88.34 91.34 18.15
CA LYS J 958 88.51 92.10 16.93
C LYS J 958 87.17 92.29 16.21
N GLY J 959 87.22 93.07 15.15
CA GLY J 959 86.07 93.27 14.29
C GLY J 959 85.70 92.00 13.54
N LEU J 960 84.53 92.08 12.92
CA LEU J 960 83.88 90.87 12.42
C LEU J 960 84.56 90.33 11.18
N ILE J 961 85.19 91.21 10.41
CA ILE J 961 85.51 90.90 9.02
C ILE J 961 86.82 90.13 8.93
N GLU J 962 87.77 90.47 9.79
CA GLU J 962 89.07 89.79 9.73
C GLU J 962 89.01 88.43 10.41
N ALA J 963 88.23 88.32 11.49
CA ALA J 963 87.92 87.02 12.06
C ALA J 963 87.11 86.19 11.09
N THR J 964 86.25 86.86 10.32
CA THR J 964 85.56 86.22 9.22
C THR J 964 86.54 85.69 8.17
N LEU J 965 87.60 86.45 7.88
CA LEU J 965 88.55 86.03 6.86
C LEU J 965 89.39 84.84 7.31
N ASP J 966 89.86 84.87 8.56
CA ASP J 966 90.59 83.74 9.09
C ASP J 966 89.69 82.53 9.18
N ALA J 967 88.47 82.72 9.66
CA ALA J 967 87.49 81.67 9.79
C ALA J 967 86.99 81.17 8.45
N VAL J 968 87.21 81.91 7.37
CA VAL J 968 86.77 81.49 6.04
C VAL J 968 87.94 80.98 5.23
N ARG J 969 89.16 81.16 5.69
CA ARG J 969 90.27 80.35 5.20
C ARG J 969 90.26 78.98 5.85
N MET J 970 90.24 78.99 7.19
CA MET J 970 90.05 77.79 7.98
C MET J 970 88.76 77.08 7.65
N ARG J 971 87.74 77.83 7.26
CA ARG J 971 86.54 77.23 6.70
C ARG J 971 86.70 76.90 5.22
N LEU J 972 87.57 77.63 4.53
CA LEU J 972 87.64 77.56 3.07
C LEU J 972 88.12 76.21 2.59
N ARG J 973 89.23 75.72 3.14
CA ARG J 973 89.71 74.41 2.70
C ARG J 973 88.73 73.26 2.97
N PRO J 974 87.97 73.21 4.08
CA PRO J 974 86.89 72.21 4.16
C PRO J 974 85.75 72.41 3.18
N ILE J 975 85.50 73.62 2.70
CA ILE J 975 84.51 73.78 1.63
C ILE J 975 84.95 73.01 0.40
N LEU J 976 86.24 73.10 0.08
CA LEU J 976 86.81 72.37 -1.05
C LEU J 976 86.72 70.87 -0.85
N MET J 977 87.23 70.40 0.29
CA MET J 977 87.33 68.96 0.48
C MET J 977 85.97 68.31 0.67
N THR J 978 85.05 69.01 1.32
CA THR J 978 83.69 68.48 1.42
C THR J 978 82.99 68.52 0.08
N SER J 979 83.28 69.54 -0.72
CA SER J 979 82.61 69.70 -1.99
C SER J 979 83.01 68.58 -2.95
N LEU J 980 84.31 68.50 -3.26
CA LEU J 980 84.80 67.51 -4.20
C LEU J 980 84.63 66.11 -3.65
N ALA J 981 84.86 65.95 -2.35
CA ALA J 981 84.69 64.66 -1.69
C ALA J 981 83.26 64.18 -1.80
N PHE J 982 82.31 65.10 -1.61
CA PHE J 982 80.92 64.70 -1.68
C PHE J 982 80.48 64.41 -3.10
N ILE J 983 80.90 65.24 -4.06
CA ILE J 983 80.40 65.06 -5.41
C ILE J 983 81.00 63.80 -6.03
N LEU J 984 82.23 63.45 -5.64
CA LEU J 984 82.72 62.12 -5.96
C LEU J 984 81.97 61.07 -5.16
N GLY J 985 81.40 61.47 -4.02
CA GLY J 985 80.46 60.61 -3.33
C GLY J 985 79.22 60.31 -4.15
N VAL J 986 78.79 61.26 -4.98
CA VAL J 986 77.51 61.11 -5.66
C VAL J 986 77.69 60.88 -7.15
N MET J 987 78.91 60.63 -7.61
CA MET J 987 79.12 60.13 -8.98
C MET J 987 78.29 58.90 -9.34
N PRO J 988 78.32 57.76 -8.61
CA PRO J 988 77.61 56.57 -9.11
C PRO J 988 76.13 56.72 -9.05
N LEU J 989 75.65 57.59 -8.16
CA LEU J 989 74.23 57.86 -8.04
C LEU J 989 73.69 58.49 -9.30
N VAL J 990 74.50 59.30 -9.95
CA VAL J 990 74.06 59.99 -11.15
C VAL J 990 74.29 59.08 -12.34
N ILE J 991 75.44 58.37 -12.37
CA ILE J 991 75.66 57.46 -13.48
C ILE J 991 75.04 56.10 -13.22
N SER J 992 74.19 55.98 -12.20
CA SER J 992 73.34 54.80 -12.06
C SER J 992 72.43 54.67 -13.27
N THR J 993 72.72 53.66 -14.09
CA THR J 993 71.98 53.40 -15.32
C THR J 993 71.36 52.01 -15.19
N GLY J 994 70.05 51.97 -14.99
CA GLY J 994 69.38 50.73 -14.75
C GLY J 994 69.55 50.26 -13.31
N ALA J 995 68.84 49.17 -13.01
CA ALA J 995 68.79 48.52 -11.70
C ALA J 995 68.38 49.51 -10.60
N GLY J 996 67.11 49.90 -10.65
CA GLY J 996 66.53 50.72 -9.62
C GLY J 996 67.03 52.15 -9.65
N SER J 997 67.44 52.58 -10.83
CA SER J 997 68.39 53.68 -10.97
C SER J 997 67.81 55.03 -10.58
N GLY J 998 66.55 55.28 -10.89
CA GLY J 998 66.01 56.63 -10.86
C GLY J 998 65.94 57.27 -9.49
N ALA J 999 65.87 56.45 -8.44
CA ALA J 999 65.85 56.98 -7.08
C ALA J 999 67.16 57.68 -6.76
N GLN J 1000 68.26 56.96 -6.89
CA GLN J 1000 69.59 57.52 -6.65
C GLN J 1000 70.00 58.48 -7.76
N ASN J 1001 69.37 58.40 -8.92
CA ASN J 1001 69.55 59.45 -9.91
C ASN J 1001 69.00 60.77 -9.40
N ALA J 1002 67.74 60.77 -8.97
CA ALA J 1002 67.08 62.00 -8.53
C ALA J 1002 67.72 62.53 -7.26
N VAL J 1003 68.08 61.63 -6.34
CA VAL J 1003 68.74 62.03 -5.12
C VAL J 1003 70.13 62.58 -5.39
N GLY J 1004 70.91 61.84 -6.19
CA GLY J 1004 72.30 62.24 -6.41
C GLY J 1004 72.43 63.52 -7.20
N THR J 1005 71.58 63.70 -8.21
CA THR J 1005 71.57 64.97 -8.93
C THR J 1005 71.03 66.10 -8.06
N GLY J 1006 70.02 65.79 -7.24
CA GLY J 1006 69.41 66.83 -6.43
C GLY J 1006 70.35 67.36 -5.37
N VAL J 1007 71.05 66.47 -4.68
CA VAL J 1007 72.01 66.92 -3.69
C VAL J 1007 73.31 67.34 -4.37
N MET J 1008 73.53 66.92 -5.61
CA MET J 1008 74.66 67.45 -6.37
C MET J 1008 74.51 68.94 -6.61
N GLY J 1009 73.43 69.33 -7.30
CA GLY J 1009 73.19 70.74 -7.54
C GLY J 1009 72.91 71.50 -6.27
N GLY J 1010 72.30 70.84 -5.29
CA GLY J 1010 72.09 71.47 -4.00
C GLY J 1010 73.38 71.73 -3.25
N MET J 1011 74.40 70.91 -3.49
CA MET J 1011 75.67 71.14 -2.82
C MET J 1011 76.60 72.04 -3.60
N VAL J 1012 76.41 72.20 -4.90
CA VAL J 1012 77.22 73.24 -5.52
C VAL J 1012 76.57 74.59 -5.34
N THR J 1013 75.24 74.65 -5.28
CA THR J 1013 74.58 75.87 -4.90
C THR J 1013 74.65 76.13 -3.41
N ALA J 1014 74.93 75.10 -2.64
CA ALA J 1014 75.17 75.30 -1.23
C ALA J 1014 76.58 75.84 -1.02
N THR J 1015 77.57 75.10 -1.51
CA THR J 1015 78.95 75.43 -1.19
C THR J 1015 79.41 76.64 -1.99
N VAL J 1016 79.56 76.48 -3.29
CA VAL J 1016 80.00 77.65 -4.04
C VAL J 1016 78.78 78.42 -4.51
N LEU J 1017 78.05 78.98 -3.56
CA LEU J 1017 77.34 80.24 -3.71
C LEU J 1017 77.45 80.98 -2.40
N ALA J 1018 77.19 80.25 -1.32
CA ALA J 1018 76.79 80.83 -0.06
C ALA J 1018 77.94 80.96 0.90
N ILE J 1019 79.13 80.53 0.50
CA ILE J 1019 80.38 80.89 1.16
C ILE J 1019 80.52 82.39 1.30
N PHE J 1020 79.95 83.15 0.36
CA PHE J 1020 79.86 84.58 0.53
C PHE J 1020 78.68 84.96 1.41
N PHE J 1021 77.57 84.25 1.26
CA PHE J 1021 76.32 84.73 1.81
C PHE J 1021 76.22 84.57 3.31
N VAL J 1022 76.66 83.44 3.84
CA VAL J 1022 76.58 83.21 5.29
C VAL J 1022 77.31 84.26 6.12
N PRO J 1023 78.56 84.67 5.80
CA PRO J 1023 79.15 85.75 6.58
C PRO J 1023 78.46 87.08 6.42
N VAL J 1024 77.97 87.39 5.23
CA VAL J 1024 77.37 88.70 5.08
C VAL J 1024 75.96 88.69 5.64
N PHE J 1025 75.33 87.52 5.71
CA PHE J 1025 74.11 87.40 6.48
C PHE J 1025 74.40 87.62 7.95
N PHE J 1026 75.54 87.12 8.41
CA PHE J 1026 75.93 87.35 9.80
C PHE J 1026 76.18 88.82 10.07
N VAL J 1027 76.79 89.52 9.13
CA VAL J 1027 77.08 90.92 9.42
C VAL J 1027 75.92 91.82 9.07
N VAL J 1028 74.86 91.30 8.47
CA VAL J 1028 73.68 92.15 8.40
C VAL J 1028 72.80 91.88 9.61
N VAL J 1029 72.85 90.67 10.16
CA VAL J 1029 72.18 90.39 11.43
C VAL J 1029 72.85 91.15 12.55
N ARG J 1030 74.18 91.13 12.58
CA ARG J 1030 74.90 91.87 13.61
C ARG J 1030 74.99 93.33 13.25
N ARG J 1031 75.58 93.65 12.10
CA ARG J 1031 75.81 95.05 11.75
C ARG J 1031 74.55 95.80 11.40
N ARG J 1032 73.41 95.13 11.28
CA ARG J 1032 72.15 95.85 11.36
C ARG J 1032 71.52 95.72 12.74
N PHE J 1033 71.69 94.60 13.41
CA PHE J 1033 71.03 94.36 14.68
C PHE J 1033 71.94 93.70 15.71
N SER J 1034 73.12 94.27 15.93
CA SER J 1034 73.75 94.03 17.22
C SER J 1034 73.22 95.01 18.26
N ARG J 1035 73.82 94.95 19.44
CA ARG J 1035 73.57 95.99 20.43
C ARG J 1035 74.38 97.23 20.08
N LYS J 1036 73.96 98.36 20.65
CA LYS J 1036 74.69 99.61 20.43
C LYS J 1036 76.05 99.61 21.11
N ASN J 1037 76.22 98.85 22.18
CA ASN J 1037 77.51 98.75 22.86
C ASN J 1037 78.31 97.60 22.28
N MET K 1 84.07 61.52 45.65
CA MET K 1 82.65 61.39 45.34
C MET K 1 81.97 60.18 46.04
N PRO K 2 82.62 59.01 46.15
CA PRO K 2 82.13 58.06 47.18
C PRO K 2 82.34 58.59 48.57
N ASN K 3 83.45 59.30 48.79
CA ASN K 3 83.78 59.82 50.11
C ASN K 3 82.79 60.85 50.58
N PHE K 4 82.20 61.59 49.63
CA PHE K 4 81.06 62.46 49.85
C PHE K 4 79.93 61.74 50.56
N PHE K 5 79.65 60.53 50.10
CA PHE K 5 78.66 59.70 50.75
C PHE K 5 79.26 58.84 51.85
N ILE K 6 80.58 58.86 52.01
CA ILE K 6 81.13 58.60 53.33
C ILE K 6 80.76 59.75 54.26
N ASP K 7 80.71 60.97 53.72
CA ASP K 7 80.31 62.13 54.49
C ASP K 7 78.85 62.07 54.91
N ARG K 8 78.00 61.39 54.15
CA ARG K 8 76.66 61.03 54.59
C ARG K 8 76.60 59.52 54.68
N PRO K 9 77.08 58.93 55.78
CA PRO K 9 77.11 57.46 55.87
C PRO K 9 75.72 56.89 56.10
N ILE K 10 74.89 57.72 56.74
CA ILE K 10 73.50 57.41 57.00
C ILE K 10 72.76 57.28 55.67
N PHE K 11 73.18 58.03 54.66
CA PHE K 11 72.64 57.88 53.30
C PHE K 11 72.91 56.49 52.76
N ALA K 12 74.11 55.96 52.99
CA ALA K 12 74.42 54.61 52.55
C ALA K 12 73.61 53.58 53.32
N TRP K 13 73.37 53.84 54.61
CA TRP K 13 72.41 53.04 55.36
C TRP K 13 71.04 53.05 54.71
N VAL K 14 70.60 54.22 54.27
CA VAL K 14 69.28 54.39 53.68
C VAL K 14 69.15 53.59 52.40
N ILE K 15 70.19 53.64 51.56
CA ILE K 15 70.21 52.86 50.33
C ILE K 15 70.15 51.37 50.65
N ALA K 16 70.88 50.97 51.70
CA ALA K 16 70.88 49.56 52.11
C ALA K 16 69.49 49.12 52.55
N ILE K 17 68.78 49.98 53.26
CA ILE K 17 67.46 49.62 53.78
C ILE K 17 66.43 49.62 52.65
N ILE K 18 66.62 50.52 51.68
CA ILE K 18 65.81 50.51 50.46
C ILE K 18 65.97 49.18 49.73
N ILE K 19 67.20 48.67 49.69
CA ILE K 19 67.40 47.35 49.15
C ILE K 19 66.78 46.29 50.06
N MET K 20 66.74 46.54 51.37
CA MET K 20 66.22 45.54 52.30
C MET K 20 64.73 45.34 52.16
N LEU K 21 63.98 46.42 52.00
CA LEU K 21 62.54 46.26 52.03
C LEU K 21 61.99 46.24 50.61
N ALA K 22 62.76 46.73 49.66
CA ALA K 22 62.49 46.39 48.28
C ALA K 22 62.66 44.90 48.06
N GLY K 23 63.68 44.30 48.66
CA GLY K 23 63.86 42.87 48.55
C GLY K 23 62.84 42.10 49.35
N GLY K 24 62.41 42.66 50.49
CA GLY K 24 61.35 42.02 51.25
C GLY K 24 60.03 42.05 50.51
N LEU K 25 59.74 43.16 49.85
CA LEU K 25 58.58 43.26 48.97
C LEU K 25 58.70 42.31 47.80
N ALA K 26 59.93 42.06 47.35
CA ALA K 26 60.14 41.10 46.28
C ALA K 26 59.82 39.69 46.75
N ILE K 27 60.42 39.27 47.87
CA ILE K 27 60.29 37.89 48.29
C ILE K 27 58.90 37.61 48.82
N LEU K 28 58.19 38.63 49.27
CA LEU K 28 56.78 38.41 49.56
C LEU K 28 55.91 38.65 48.36
N LYS K 29 56.49 39.16 47.28
CA LYS K 29 55.74 39.40 46.06
C LYS K 29 55.98 38.30 45.02
N LEU K 30 57.11 37.61 45.11
CA LEU K 30 57.59 36.78 44.02
C LEU K 30 56.71 35.53 43.85
N PRO K 31 56.40 35.14 42.62
CA PRO K 31 55.79 33.83 42.39
C PRO K 31 56.71 32.68 42.78
N VAL K 32 56.09 31.52 42.97
CA VAL K 32 56.73 30.40 43.64
C VAL K 32 56.62 29.17 42.75
N ALA K 33 57.72 28.79 42.09
CA ALA K 33 57.74 27.61 41.23
C ALA K 33 59.18 27.22 40.93
N GLN K 34 59.52 25.94 41.17
CA GLN K 34 60.92 25.50 41.12
C GLN K 34 61.53 25.55 39.74
N TYR K 35 60.73 25.55 38.68
CA TYR K 35 61.21 25.36 37.33
C TYR K 35 60.54 26.42 36.48
N PRO K 36 61.30 27.12 35.65
CA PRO K 36 60.67 27.99 34.66
C PRO K 36 60.05 27.18 33.53
N THR K 37 59.54 27.90 32.55
CA THR K 37 59.04 27.22 31.37
C THR K 37 60.19 26.97 30.42
N ILE K 38 60.85 25.84 30.58
CA ILE K 38 61.95 25.46 29.71
C ILE K 38 61.44 24.86 28.41
N ALA K 39 60.46 23.96 28.50
CA ALA K 39 59.97 23.22 27.35
C ALA K 39 59.29 24.18 26.37
N PRO K 40 59.43 23.94 25.08
CA PRO K 40 58.84 24.83 24.10
C PRO K 40 57.33 24.70 24.11
N PRO K 41 56.63 25.68 23.55
CA PRO K 41 55.21 25.49 23.30
C PRO K 41 54.97 24.30 22.39
N ALA K 42 54.01 23.47 22.79
CA ALA K 42 53.67 22.29 22.02
C ALA K 42 52.19 22.05 22.28
N VAL K 43 51.35 22.50 21.37
CA VAL K 43 49.91 22.30 21.53
C VAL K 43 49.59 20.85 21.22
N THR K 44 48.86 20.22 22.11
CA THR K 44 48.52 18.81 21.98
C THR K 44 47.02 18.71 21.75
N ILE K 45 46.61 18.80 20.51
CA ILE K 45 45.22 18.59 20.18
C ILE K 45 45.01 17.11 20.00
N SER K 46 44.02 16.57 20.72
CA SER K 46 43.87 15.15 20.81
C SER K 46 42.38 14.85 20.80
N ALA K 47 41.98 13.89 19.97
CA ALA K 47 40.56 13.61 19.87
C ALA K 47 40.28 12.26 20.52
N SER K 48 39.02 11.86 20.45
CA SER K 48 38.56 10.62 21.06
C SER K 48 37.25 10.22 20.43
N TYR K 49 37.19 8.99 19.95
CA TYR K 49 35.97 8.57 19.31
C TYR K 49 35.80 7.07 19.38
N PRO K 50 34.73 6.59 19.98
CA PRO K 50 34.54 5.14 20.11
C PRO K 50 34.19 4.49 18.79
N GLY K 51 34.50 3.20 18.69
CA GLY K 51 34.16 2.39 17.55
C GLY K 51 35.16 2.41 16.41
N ALA K 52 35.87 3.51 16.22
CA ALA K 52 36.75 3.70 15.07
C ALA K 52 38.15 3.19 15.37
N ASP K 53 38.82 2.70 14.33
CA ASP K 53 40.17 2.19 14.48
C ASP K 53 41.19 3.21 14.02
N ALA K 54 42.46 2.84 14.19
CA ALA K 54 43.58 3.67 13.78
C ALA K 54 43.57 3.92 12.27
N LYS K 55 42.96 3.01 11.51
CA LYS K 55 42.69 3.32 10.11
C LYS K 55 41.71 4.48 10.02
N THR K 56 40.53 4.33 10.63
CA THR K 56 39.51 5.36 10.59
C THR K 56 39.96 6.63 11.29
N VAL K 57 40.74 6.47 12.35
CA VAL K 57 41.39 7.60 13.00
C VAL K 57 42.29 8.34 12.02
N GLN K 58 43.11 7.59 11.29
CA GLN K 58 44.06 8.22 10.38
C GLN K 58 43.34 8.93 9.26
N ASP K 59 42.31 8.29 8.72
CA ASP K 59 41.70 8.79 7.51
C ASP K 59 40.69 9.87 7.85
N THR K 60 39.66 9.49 8.58
CA THR K 60 38.51 10.35 8.81
C THR K 60 38.83 11.49 9.76
N VAL K 61 39.94 11.41 10.47
CA VAL K 61 40.27 12.46 11.40
C VAL K 61 41.65 13.00 11.08
N THR K 62 42.64 12.13 11.05
CA THR K 62 44.00 12.61 11.10
C THR K 62 44.43 13.17 9.76
N GLN K 63 44.01 12.56 8.66
CA GLN K 63 44.32 13.16 7.37
C GLN K 63 43.49 14.42 7.14
N VAL K 64 42.37 14.57 7.82
CA VAL K 64 41.69 15.85 7.82
C VAL K 64 42.57 16.89 8.49
N ILE K 65 43.25 16.48 9.56
CA ILE K 65 44.12 17.39 10.28
C ILE K 65 45.33 17.76 9.44
N GLU K 66 46.06 16.74 8.97
CA GLU K 66 47.28 16.93 8.19
C GLU K 66 46.99 17.68 6.91
N GLN K 67 45.94 17.28 6.20
CA GLN K 67 45.50 17.98 5.01
C GLN K 67 44.78 19.28 5.35
N ASN K 68 44.69 19.65 6.62
CA ASN K 68 44.39 21.02 7.00
C ASN K 68 45.50 21.67 7.83
N MET K 69 46.54 20.92 8.23
CA MET K 69 47.68 21.55 8.89
C MET K 69 48.50 22.34 7.90
N ASN K 70 47.99 23.49 7.51
CA ASN K 70 48.46 24.18 6.33
C ASN K 70 48.51 25.66 6.65
N GLY K 71 49.57 26.31 6.19
CA GLY K 71 49.85 27.66 6.64
C GLY K 71 50.15 27.72 8.12
N ILE K 72 50.64 26.65 8.66
CA ILE K 72 50.86 26.53 10.09
C ILE K 72 52.17 27.20 10.45
N ASP K 73 52.20 27.83 11.62
CA ASP K 73 53.20 28.85 11.93
C ASP K 73 54.06 28.43 13.10
N ASN K 74 55.34 28.76 13.01
CA ASN K 74 56.21 28.97 14.16
C ASN K 74 56.43 27.67 14.92
N LEU K 75 56.47 26.57 14.17
CA LEU K 75 56.59 25.31 14.85
C LEU K 75 58.05 24.97 15.08
N MET K 76 58.27 23.96 15.89
CA MET K 76 59.54 23.25 15.87
C MET K 76 59.42 21.92 15.16
N TYR K 77 58.40 21.15 15.48
CA TYR K 77 57.92 20.06 14.62
C TYR K 77 56.49 19.74 15.04
N MET K 78 56.01 18.60 14.56
CA MET K 78 54.67 18.13 14.82
C MET K 78 54.74 16.62 14.93
N SER K 79 53.89 16.03 15.75
CA SER K 79 53.82 14.59 15.87
C SER K 79 52.40 14.15 16.22
N SER K 80 52.06 12.94 15.80
CA SER K 80 50.81 12.36 16.25
C SER K 80 50.86 10.85 16.18
N ASN K 81 49.93 10.23 16.88
CA ASN K 81 49.67 8.82 16.73
C ASN K 81 48.19 8.54 16.57
N SER K 82 47.89 7.39 16.00
CA SER K 82 46.54 6.89 15.84
C SER K 82 46.35 5.73 16.79
N ASP K 83 45.10 5.29 16.95
CA ASP K 83 44.85 4.14 17.81
C ASP K 83 43.56 3.44 17.41
N SER K 84 43.51 2.14 17.71
CA SER K 84 42.29 1.38 17.49
C SER K 84 41.23 1.68 18.53
N THR K 85 41.60 2.23 19.69
CA THR K 85 40.58 2.66 20.64
C THR K 85 39.83 3.86 20.12
N GLY K 86 40.45 4.65 19.25
CA GLY K 86 39.79 5.77 18.63
C GLY K 86 40.05 7.11 19.27
N THR K 87 41.14 7.24 20.02
CA THR K 87 41.50 8.48 20.70
C THR K 87 42.75 9.03 20.00
N VAL K 88 42.53 10.02 19.15
CA VAL K 88 43.63 10.66 18.44
C VAL K 88 44.48 11.43 19.45
N GLN K 89 45.78 11.51 19.21
CA GLN K 89 46.62 12.41 19.98
C GLN K 89 47.63 13.06 19.05
N ILE K 90 47.57 14.37 18.98
CA ILE K 90 48.38 15.15 18.04
C ILE K 90 49.16 16.16 18.84
N THR K 91 50.46 16.23 18.57
CA THR K 91 51.35 17.05 19.35
C THR K 91 52.15 17.93 18.42
N LEU K 92 52.30 19.20 18.79
CA LEU K 92 52.78 20.20 17.84
C LEU K 92 53.75 21.11 18.58
N THR K 93 55.04 20.87 18.36
CA THR K 93 56.09 21.60 19.05
C THR K 93 56.36 22.91 18.32
N PHE K 94 56.42 23.99 19.08
CA PHE K 94 56.39 25.32 18.50
C PHE K 94 57.60 26.13 18.93
N GLU K 95 57.84 27.18 18.16
CA GLU K 95 58.95 28.08 18.45
C GLU K 95 58.71 28.84 19.75
N SER K 96 59.75 28.90 20.58
CA SER K 96 59.62 29.42 21.92
C SER K 96 59.60 30.94 21.91
N GLY K 97 59.61 31.54 23.09
CA GLY K 97 59.56 32.97 23.20
C GLY K 97 58.20 33.57 22.99
N THR K 98 57.14 32.77 22.97
CA THR K 98 55.79 33.28 22.74
C THR K 98 54.80 32.51 23.59
N ASP K 99 53.56 32.96 23.55
CA ASP K 99 52.48 32.24 24.20
C ASP K 99 52.11 31.01 23.40
N ALA K 100 51.29 30.16 24.01
CA ALA K 100 50.64 29.13 23.23
C ALA K 100 49.41 29.65 22.52
N ASP K 101 48.98 30.86 22.85
CA ASP K 101 47.60 31.21 22.57
C ASP K 101 47.44 31.73 21.17
N ILE K 102 48.45 32.42 20.66
CA ILE K 102 48.37 32.98 19.32
C ILE K 102 48.33 31.87 18.29
N ALA K 103 49.34 31.00 18.30
CA ALA K 103 49.34 29.90 17.35
C ALA K 103 48.26 28.89 17.69
N GLN K 104 47.86 28.86 18.97
CA GLN K 104 46.74 28.03 19.38
C GLN K 104 45.49 28.42 18.63
N VAL K 105 45.17 29.71 18.63
CA VAL K 105 43.94 30.10 17.96
C VAL K 105 44.13 30.09 16.46
N GLN K 106 45.37 30.20 15.97
CA GLN K 106 45.64 29.99 14.55
C GLN K 106 45.17 28.61 14.12
N VAL K 107 45.78 27.59 14.73
CA VAL K 107 45.57 26.24 14.28
C VAL K 107 44.19 25.75 14.69
N GLN K 108 43.68 26.25 15.79
CA GLN K 108 42.37 25.79 16.17
C GLN K 108 41.30 26.52 15.42
N ASN K 109 41.64 27.63 14.76
CA ASN K 109 40.65 28.27 13.93
C ASN K 109 40.72 27.80 12.49
N LYS K 110 41.87 27.30 12.05
CA LYS K 110 41.80 26.52 10.83
C LYS K 110 41.21 25.15 11.09
N LEU K 111 41.26 24.72 12.35
CA LEU K 111 40.43 23.61 12.78
C LEU K 111 38.96 23.99 12.73
N GLN K 112 38.64 25.23 13.09
CA GLN K 112 37.27 25.70 12.89
C GLN K 112 36.91 25.70 11.42
N LEU K 113 37.89 25.97 10.56
CA LEU K 113 37.69 25.74 9.14
C LEU K 113 37.56 24.26 8.82
N ALA K 114 38.07 23.39 9.70
CA ALA K 114 38.03 21.97 9.44
C ALA K 114 36.89 21.25 10.15
N MET K 115 36.00 21.95 10.84
CA MET K 115 35.03 21.28 11.68
C MET K 115 34.00 20.42 10.94
N PRO K 116 33.28 20.88 9.89
CA PRO K 116 32.29 19.97 9.27
C PRO K 116 32.92 18.82 8.53
N LEU K 117 34.22 18.90 8.25
CA LEU K 117 34.97 17.82 7.63
C LEU K 117 35.10 16.61 8.55
N LEU K 118 34.84 16.79 9.84
CA LEU K 118 34.83 15.68 10.77
C LEU K 118 33.71 14.70 10.44
N PRO K 119 33.86 13.46 10.89
CA PRO K 119 32.67 12.65 11.13
C PRO K 119 31.78 13.41 12.07
N GLN K 120 30.48 13.40 11.77
CA GLN K 120 29.55 14.22 12.53
C GLN K 120 29.43 13.78 13.97
N GLU K 121 29.75 12.53 14.26
CA GLU K 121 29.57 11.97 15.58
C GLU K 121 30.67 12.41 16.53
N VAL K 122 31.89 12.55 16.02
CA VAL K 122 32.98 12.89 16.92
C VAL K 122 32.94 14.38 17.24
N GLN K 123 32.47 15.21 16.33
CA GLN K 123 32.15 16.57 16.73
C GLN K 123 30.88 16.62 17.55
N GLN K 124 29.93 15.73 17.31
CA GLN K 124 28.86 15.50 18.27
C GLN K 124 29.41 14.95 19.57
N GLN K 125 30.52 14.22 19.52
CA GLN K 125 31.19 13.90 20.77
C GLN K 125 31.97 15.09 21.30
N GLY K 126 32.77 15.72 20.46
CA GLY K 126 33.64 16.80 20.89
C GLY K 126 35.11 16.43 20.79
N VAL K 127 35.92 17.46 20.64
CA VAL K 127 37.36 17.31 20.42
C VAL K 127 38.09 18.10 21.49
N SER K 128 39.09 17.49 22.13
CA SER K 128 39.95 18.26 23.00
C SER K 128 40.99 18.97 22.17
N VAL K 129 40.92 20.28 22.16
CA VAL K 129 41.87 21.12 21.47
C VAL K 129 42.58 21.89 22.56
N GLU K 130 43.72 21.36 23.00
CA GLU K 130 44.35 21.86 24.22
C GLU K 130 45.80 22.18 23.94
N LYS K 131 46.22 23.35 24.40
CA LYS K 131 47.56 23.87 24.22
C LYS K 131 48.55 23.31 25.22
N SER K 132 48.08 22.52 26.17
CA SER K 132 48.68 22.46 27.50
C SER K 132 50.07 21.86 27.49
N SER K 133 50.79 22.14 28.56
CA SER K 133 52.07 21.50 28.82
C SER K 133 51.85 20.11 29.39
N SER K 134 52.94 19.53 29.89
CA SER K 134 52.89 18.18 30.44
C SER K 134 53.19 18.13 31.93
N SER K 135 53.10 19.24 32.64
CA SER K 135 53.56 19.28 34.01
C SER K 135 52.48 18.83 34.98
N PHE K 136 52.70 17.66 35.58
CA PHE K 136 51.86 17.16 36.65
C PHE K 136 51.97 18.05 37.89
N LEU K 137 50.83 18.27 38.54
CA LEU K 137 50.85 18.49 39.98
C LEU K 137 49.68 17.67 40.53
N MET K 138 49.60 17.63 41.87
CA MET K 138 49.06 16.54 42.67
C MET K 138 47.83 15.83 42.13
N VAL K 139 47.91 14.50 42.09
CA VAL K 139 46.88 13.70 41.45
C VAL K 139 46.14 13.01 42.57
N VAL K 140 45.23 13.73 43.22
CA VAL K 140 44.84 13.42 44.60
C VAL K 140 43.86 12.27 44.63
N GLY K 141 44.18 11.24 45.41
CA GLY K 141 43.42 10.02 45.42
C GLY K 141 42.47 9.96 46.59
N VAL K 142 41.25 9.49 46.34
CA VAL K 142 40.29 9.24 47.40
C VAL K 142 39.65 7.89 47.10
N ILE K 143 39.25 7.20 48.16
CA ILE K 143 38.61 5.89 48.01
C ILE K 143 37.75 5.53 49.20
N ASN K 144 36.52 5.10 48.92
CA ASN K 144 35.75 4.31 49.87
C ASN K 144 36.54 3.04 50.13
N THR K 145 37.18 2.99 51.30
CA THR K 145 37.99 1.83 51.66
C THR K 145 37.15 0.59 51.88
N ASP K 146 35.84 0.74 52.07
CA ASP K 146 34.94 -0.39 51.99
C ASP K 146 34.88 -0.94 50.57
N GLY K 147 35.04 -0.07 49.59
CA GLY K 147 34.90 -0.49 48.22
C GLY K 147 33.47 -0.71 47.79
N THR K 148 32.49 -0.17 48.51
CA THR K 148 31.09 -0.33 48.13
C THR K 148 30.76 0.46 46.87
N MET K 149 31.58 1.46 46.57
CA MET K 149 31.41 2.27 45.37
C MET K 149 32.43 1.88 44.33
N THR K 150 32.03 1.92 43.06
CA THR K 150 33.03 1.71 42.04
C THR K 150 33.84 2.96 41.85
N GLN K 151 34.91 2.84 41.07
CA GLN K 151 35.74 4.02 40.82
C GLN K 151 34.99 5.02 39.96
N GLU K 152 34.08 4.52 39.13
CA GLU K 152 33.09 5.38 38.47
C GLU K 152 32.27 6.18 39.47
N ASP K 153 31.93 5.57 40.60
CA ASP K 153 31.10 6.27 41.58
C ASP K 153 31.91 7.36 42.26
N ILE K 154 33.19 7.08 42.46
CA ILE K 154 34.06 8.04 43.12
C ILE K 154 34.29 9.22 42.19
N SER K 155 34.58 8.92 40.93
CA SER K 155 34.84 9.95 39.94
C SER K 155 33.59 10.77 39.68
N ASP K 156 32.43 10.14 39.77
CA ASP K 156 31.21 10.90 39.60
C ASP K 156 30.91 11.69 40.85
N TYR K 157 31.37 11.22 42.01
CA TYR K 157 31.17 11.95 43.26
C TYR K 157 31.97 13.23 43.27
N VAL K 158 33.25 13.12 42.96
CA VAL K 158 34.11 14.29 42.98
C VAL K 158 33.79 15.19 41.81
N ALA K 159 33.67 14.59 40.63
CA ALA K 159 33.45 15.34 39.41
C ALA K 159 32.12 16.06 39.43
N ALA K 160 31.10 15.41 40.00
CA ALA K 160 29.84 16.10 40.20
C ALA K 160 29.95 17.09 41.34
N ASN K 161 30.72 16.74 42.36
CA ASN K 161 30.68 17.49 43.59
C ASN K 161 31.93 18.30 43.85
N MET K 162 33.07 17.64 43.98
CA MET K 162 34.21 18.27 44.59
C MET K 162 35.08 18.97 43.57
N LYS K 163 35.33 18.29 42.44
CA LYS K 163 36.30 18.69 41.41
C LYS K 163 36.11 20.11 40.94
N ASP K 164 34.87 20.55 40.93
CA ASP K 164 34.50 21.79 40.29
C ASP K 164 34.90 22.98 41.15
N ALA K 165 34.85 22.82 42.47
CA ALA K 165 35.30 23.90 43.32
C ALA K 165 36.82 23.91 43.44
N ILE K 166 37.46 22.78 43.17
CA ILE K 166 38.90 22.81 42.89
C ILE K 166 39.15 23.64 41.65
N SER K 167 38.30 23.51 40.65
CA SER K 167 38.42 24.43 39.53
C SER K 167 37.97 25.84 39.88
N ARG K 168 37.34 26.05 41.04
CA ARG K 168 37.11 27.38 41.59
C ARG K 168 38.15 27.74 42.63
N THR K 169 39.38 27.32 42.42
CA THR K 169 40.46 27.63 43.33
C THR K 169 41.56 28.26 42.51
N SER K 170 42.37 29.09 43.17
CA SER K 170 43.43 29.82 42.50
C SER K 170 44.53 28.88 42.00
N GLY K 171 45.20 29.32 40.94
CA GLY K 171 46.39 28.67 40.46
C GLY K 171 46.21 27.32 39.82
N VAL K 172 45.01 26.99 39.38
CA VAL K 172 44.69 25.64 38.91
C VAL K 172 44.78 25.60 37.40
N GLY K 173 45.57 24.67 36.89
CA GLY K 173 45.50 24.35 35.48
C GLY K 173 44.49 23.26 35.26
N ASP K 174 44.92 22.13 34.74
CA ASP K 174 44.02 21.01 34.51
C ASP K 174 43.80 20.22 35.79
N VAL K 175 42.54 19.88 36.04
CA VAL K 175 42.22 18.80 36.97
C VAL K 175 41.91 17.56 36.14
N GLN K 176 42.80 16.59 36.15
CA GLN K 176 42.52 15.39 35.40
C GLN K 176 41.68 14.46 36.23
N LEU K 177 40.50 14.18 35.73
CA LEU K 177 39.72 13.09 36.28
C LEU K 177 40.20 11.79 35.69
N PHE K 178 40.92 10.99 36.49
CA PHE K 178 41.11 9.58 36.14
C PHE K 178 39.80 8.85 36.43
N GLY K 179 38.88 8.97 35.47
CA GLY K 179 37.52 8.54 35.67
C GLY K 179 36.59 9.32 34.77
N SER K 180 35.30 9.28 35.09
CA SER K 180 34.29 9.84 34.21
C SER K 180 33.02 10.16 34.97
N GLN K 181 32.04 10.69 34.23
CA GLN K 181 30.71 11.02 34.72
C GLN K 181 29.80 9.80 34.56
N TYR K 182 28.81 9.69 35.45
CA TYR K 182 27.72 8.74 35.26
C TYR K 182 27.02 8.97 33.93
N ALA K 183 26.40 7.91 33.44
CA ALA K 183 25.67 7.96 32.19
C ALA K 183 24.54 6.95 32.26
N MET K 184 24.03 6.61 31.09
CA MET K 184 23.13 5.48 30.97
C MET K 184 23.90 4.32 30.38
N ARG K 185 23.65 3.12 30.87
CA ARG K 185 24.23 1.93 30.30
C ARG K 185 23.17 0.83 30.18
N ILE K 186 23.05 0.27 28.99
CA ILE K 186 21.93 -0.54 28.56
C ILE K 186 22.46 -1.80 27.90
N TRP K 187 21.95 -2.96 28.33
CA TRP K 187 22.51 -4.26 27.95
C TRP K 187 21.43 -5.07 27.24
N MET K 188 21.49 -5.10 25.93
CA MET K 188 20.40 -5.61 25.11
C MET K 188 20.38 -7.14 25.09
N ASN K 189 19.37 -7.67 24.43
CA ASN K 189 19.23 -9.10 24.22
C ASN K 189 18.72 -9.34 22.80
N PRO K 190 19.47 -10.08 21.97
CA PRO K 190 18.93 -10.50 20.68
C PRO K 190 17.78 -11.46 20.81
N ASN K 191 17.65 -12.15 21.94
CA ASN K 191 16.53 -13.03 22.15
C ASN K 191 15.25 -12.24 22.37
N GLU K 192 15.39 -11.00 22.84
CA GLU K 192 14.22 -10.19 23.13
C GLU K 192 13.82 -9.32 21.97
N LEU K 193 14.79 -8.67 21.34
CA LEU K 193 14.54 -8.02 20.07
C LEU K 193 14.01 -9.02 19.07
N ASN K 194 14.68 -10.18 18.97
CA ASN K 194 14.23 -11.26 18.12
C ASN K 194 12.90 -11.83 18.59
N LYS K 195 12.66 -11.78 19.91
CA LYS K 195 11.36 -12.16 20.44
C LYS K 195 10.28 -11.22 19.96
N PHE K 196 10.62 -9.97 19.70
CA PHE K 196 9.59 -9.03 19.30
C PHE K 196 9.84 -8.41 17.93
N GLN K 197 10.79 -8.97 17.17
CA GLN K 197 11.17 -8.49 15.84
C GLN K 197 11.54 -7.01 15.87
N LEU K 198 12.41 -6.66 16.80
CA LEU K 198 12.72 -5.27 17.04
C LEU K 198 14.18 -4.96 16.74
N THR K 199 14.40 -3.70 16.36
CA THR K 199 15.72 -3.19 16.08
C THR K 199 16.06 -2.12 17.11
N PRO K 200 17.31 -2.05 17.53
CA PRO K 200 17.69 -1.02 18.50
C PRO K 200 17.67 0.36 17.93
N VAL K 201 17.68 0.50 16.61
CA VAL K 201 17.64 1.81 15.99
C VAL K 201 16.34 2.50 16.30
N ASP K 202 15.25 1.75 16.25
CA ASP K 202 13.96 2.32 16.62
C ASP K 202 13.85 2.51 18.11
N VAL K 203 14.62 1.75 18.88
CA VAL K 203 14.70 1.98 20.31
C VAL K 203 15.32 3.34 20.57
N ILE K 204 16.40 3.63 19.84
CA ILE K 204 17.02 4.95 19.86
C ILE K 204 16.03 6.01 19.40
N THR K 205 15.18 5.64 18.45
CA THR K 205 14.16 6.57 17.99
C THR K 205 13.15 6.86 19.08
N ALA K 206 12.88 5.87 19.94
CA ALA K 206 12.06 6.14 21.11
C ALA K 206 12.81 6.96 22.14
N ILE K 207 14.12 6.78 22.22
CA ILE K 207 14.93 7.54 23.16
C ILE K 207 14.91 9.01 22.78
N LYS K 208 15.02 9.29 21.50
CA LYS K 208 14.83 10.65 21.03
C LYS K 208 13.38 11.07 21.22
N ALA K 209 12.46 10.14 21.04
CA ALA K 209 11.05 10.47 21.00
C ALA K 209 10.50 10.82 22.37
N GLN K 210 11.15 10.37 23.43
CA GLN K 210 10.66 10.65 24.76
C GLN K 210 11.69 11.36 25.61
N ASN K 211 12.96 11.04 25.46
CA ASN K 211 14.03 11.64 26.24
C ASN K 211 14.23 13.12 25.92
N ALA K 212 13.74 13.61 24.80
CA ALA K 212 14.08 14.95 24.37
C ALA K 212 13.35 16.01 25.20
N GLN K 213 13.61 17.26 24.86
CA GLN K 213 12.98 18.39 25.51
C GLN K 213 12.18 19.19 24.49
N VAL K 214 10.96 19.54 24.85
CA VAL K 214 10.08 20.29 23.97
C VAL K 214 10.11 21.74 24.39
N ALA K 215 10.50 22.61 23.47
CA ALA K 215 10.32 24.04 23.67
C ALA K 215 8.84 24.38 23.49
N ALA K 216 8.28 25.13 24.44
CA ALA K 216 6.83 25.23 24.53
C ALA K 216 6.29 26.62 24.21
N GLY K 217 6.67 27.64 24.96
CA GLY K 217 6.10 28.95 24.80
C GLY K 217 5.29 29.39 26.00
N GLN K 218 4.40 30.35 25.75
CA GLN K 218 3.65 31.00 26.82
C GLN K 218 2.17 31.11 26.51
N LEU K 219 1.40 31.28 27.57
CA LEU K 219 -0.06 31.39 27.48
C LEU K 219 -0.42 32.80 27.06
N GLY K 220 -0.31 33.04 25.75
CA GLY K 220 -0.58 34.36 25.25
C GLY K 220 0.58 35.30 25.43
N GLY K 221 1.69 35.01 24.75
CA GLY K 221 2.78 35.95 24.67
C GLY K 221 2.46 37.17 23.82
N THR K 222 3.47 37.99 23.65
CA THR K 222 3.31 39.23 22.91
C THR K 222 3.24 38.93 21.42
N PRO K 223 2.33 39.57 20.67
CA PRO K 223 1.32 40.49 21.19
C PRO K 223 0.05 39.75 21.56
N PRO K 224 -0.49 40.03 22.71
CA PRO K 224 -1.74 39.39 23.07
C PRO K 224 -2.92 40.15 22.50
N VAL K 225 -4.11 39.74 22.86
CA VAL K 225 -5.29 40.51 22.50
C VAL K 225 -5.37 41.73 23.42
N LYS K 226 -6.11 42.74 22.99
CA LYS K 226 -6.47 43.83 23.86
C LYS K 226 -7.30 43.31 25.02
N GLY K 227 -6.99 43.80 26.22
CA GLY K 227 -7.74 43.35 27.37
C GLY K 227 -7.33 42.01 27.91
N GLN K 228 -6.25 41.43 27.41
CA GLN K 228 -5.69 40.25 28.06
C GLN K 228 -4.86 40.70 29.26
N GLN K 229 -5.09 40.06 30.39
CA GLN K 229 -4.49 40.49 31.64
C GLN K 229 -3.42 39.56 32.15
N LEU K 230 -3.39 38.33 31.64
CA LEU K 230 -2.56 37.28 32.19
C LEU K 230 -1.81 36.54 31.10
N ASN K 231 -0.50 36.37 31.30
CA ASN K 231 0.31 35.44 30.55
C ASN K 231 1.06 34.57 31.54
N ALA K 232 1.31 33.33 31.15
CA ALA K 232 2.20 32.44 31.87
C ALA K 232 2.81 31.50 30.86
N SER K 233 3.77 30.70 31.29
CA SER K 233 4.51 29.89 30.33
C SER K 233 3.92 28.51 30.19
N ILE K 234 3.80 28.07 28.95
CA ILE K 234 3.41 26.72 28.64
C ILE K 234 4.51 25.78 29.08
N ILE K 235 4.14 24.67 29.69
CA ILE K 235 5.10 23.68 30.16
C ILE K 235 4.87 22.41 29.35
N ALA K 236 5.96 21.81 28.88
CA ALA K 236 5.87 20.70 27.94
C ALA K 236 6.83 19.57 28.29
N GLN K 237 7.00 18.63 27.35
CA GLN K 237 7.60 17.33 27.66
C GLN K 237 9.05 17.45 28.06
N THR K 238 9.38 16.78 29.16
CA THR K 238 10.60 16.99 29.90
C THR K 238 11.61 15.91 29.56
N ARG K 239 12.88 16.30 29.53
CA ARG K 239 13.94 15.30 29.54
C ARG K 239 13.85 14.49 30.83
N LEU K 240 13.97 13.18 30.66
CA LEU K 240 13.74 12.25 31.75
C LEU K 240 14.85 12.32 32.79
N THR K 241 14.54 11.87 34.00
CA THR K 241 15.51 11.86 35.09
C THR K 241 15.80 10.46 35.60
N SER K 242 14.78 9.73 36.04
CA SER K 242 14.97 8.48 36.75
C SER K 242 14.90 7.29 35.82
N THR K 243 15.72 6.27 36.11
CA THR K 243 15.70 5.07 35.28
C THR K 243 14.43 4.26 35.42
N GLU K 244 13.53 4.61 36.33
CA GLU K 244 12.17 4.10 36.21
C GLU K 244 11.46 4.71 35.02
N GLU K 245 11.62 6.03 34.84
CA GLU K 245 11.07 6.70 33.67
C GLU K 245 11.72 6.13 32.42
N PHE K 246 13.03 5.91 32.49
CA PHE K 246 13.73 5.28 31.38
C PHE K 246 13.30 3.84 31.18
N GLY K 247 12.91 3.16 32.26
CA GLY K 247 12.46 1.80 32.12
C GLY K 247 11.10 1.70 31.49
N LYS K 248 10.23 2.64 31.81
CA LYS K 248 8.88 2.60 31.27
C LYS K 248 8.76 3.29 29.92
N ILE K 249 9.87 3.46 29.21
CA ILE K 249 9.81 4.07 27.90
C ILE K 249 9.11 3.12 26.94
N LEU K 250 8.02 3.62 26.36
CA LEU K 250 7.16 2.78 25.56
C LEU K 250 7.82 2.46 24.23
N LEU K 251 7.65 1.23 23.79
CA LEU K 251 8.15 0.71 22.54
C LEU K 251 6.89 0.25 21.84
N LYS K 252 6.97 -0.68 20.88
CA LYS K 252 5.82 -1.06 20.09
C LYS K 252 4.68 -1.65 20.93
N VAL K 253 3.52 -1.76 20.30
CA VAL K 253 2.37 -2.45 20.87
C VAL K 253 1.82 -3.41 19.83
N ASN K 254 0.81 -4.17 20.23
CA ASN K 254 -0.13 -4.73 19.28
C ASN K 254 -1.40 -3.91 19.33
N GLN K 255 -2.36 -4.29 18.47
CA GLN K 255 -3.57 -3.49 18.30
C GLN K 255 -4.42 -3.44 19.55
N ASP K 256 -4.35 -4.46 20.39
CA ASP K 256 -4.95 -4.39 21.72
C ASP K 256 -4.26 -3.34 22.59
N GLY K 257 -2.99 -3.08 22.32
CA GLY K 257 -2.14 -2.39 23.25
C GLY K 257 -1.19 -3.29 23.96
N CYS K 258 -0.64 -4.32 23.30
CA CYS K 258 0.32 -5.19 23.94
C CYS K 258 1.60 -4.43 24.14
N ARG K 259 1.66 -3.65 25.21
CA ARG K 259 2.65 -2.61 25.35
C ARG K 259 4.03 -3.19 25.59
N VAL K 260 5.02 -2.51 25.05
CA VAL K 260 6.40 -2.87 25.30
C VAL K 260 7.01 -1.66 25.98
N LEU K 261 7.27 -1.77 27.27
CA LEU K 261 8.10 -0.79 27.96
C LEU K 261 9.54 -1.00 27.55
N LEU K 262 10.43 -0.19 28.10
CA LEU K 262 11.81 -0.27 27.63
C LEU K 262 12.54 -1.51 28.12
N ARG K 263 12.59 -1.72 29.45
CA ARG K 263 13.72 -2.40 30.09
C ARG K 263 14.01 -3.80 29.55
N ASP K 264 13.26 -4.84 29.93
CA ASP K 264 12.52 -5.72 29.02
C ASP K 264 13.21 -6.42 27.84
N VAL K 265 14.35 -5.87 27.43
CA VAL K 265 15.15 -6.36 26.33
C VAL K 265 16.59 -6.25 26.78
N ALA K 266 16.78 -5.59 27.92
CA ALA K 266 18.05 -4.91 28.16
C ALA K 266 18.15 -4.58 29.63
N LYS K 267 19.34 -4.15 30.03
CA LYS K 267 19.62 -3.84 31.42
C LYS K 267 20.03 -2.39 31.56
N ILE K 268 19.45 -1.73 32.55
CA ILE K 268 19.57 -0.30 32.76
C ILE K 268 20.46 -0.09 33.96
N GLU K 269 21.40 0.84 33.85
CA GLU K 269 22.26 1.20 34.97
C GLU K 269 22.95 2.52 34.65
N LEU K 270 23.78 2.95 35.61
CA LEU K 270 24.70 4.04 35.39
C LEU K 270 25.71 3.66 34.32
N GLY K 271 26.21 4.67 33.64
CA GLY K 271 27.08 4.39 32.52
C GLY K 271 28.45 5.00 32.71
N GLY K 272 29.44 4.14 32.90
CA GLY K 272 30.81 4.56 32.68
C GLY K 272 31.00 4.86 31.22
N GLU K 273 31.45 6.08 30.92
CA GLU K 273 31.54 6.51 29.54
C GLU K 273 32.64 5.78 28.80
N ASN K 274 33.61 5.25 29.53
CA ASN K 274 34.29 4.02 29.15
C ASN K 274 34.28 3.09 30.35
N TYR K 275 35.01 2.00 30.25
CA TYR K 275 35.22 1.13 31.40
C TYR K 275 36.65 0.64 31.43
N ASP K 276 37.58 1.46 30.93
CA ASP K 276 38.82 0.93 30.42
C ASP K 276 39.97 1.02 31.41
N ILE K 277 39.88 1.89 32.37
CA ILE K 277 41.01 2.16 33.23
C ILE K 277 40.81 1.43 34.55
N ILE K 278 41.81 0.69 34.96
CA ILE K 278 41.81 0.13 36.29
C ILE K 278 43.02 0.70 37.02
N ALA K 279 42.79 1.74 37.79
CA ALA K 279 43.79 2.15 38.75
C ALA K 279 43.75 1.20 39.94
N GLU K 280 44.85 1.19 40.71
CA GLU K 280 44.83 0.52 42.00
C GLU K 280 45.84 1.18 42.91
N PHE K 281 45.42 1.46 44.13
CA PHE K 281 46.30 1.96 45.17
C PHE K 281 46.13 1.04 46.36
N ASN K 282 47.04 0.08 46.47
CA ASN K 282 47.25 -0.74 47.66
C ASN K 282 45.98 -1.53 48.02
N GLY K 283 45.70 -2.50 47.18
CA GLY K 283 44.62 -3.40 47.40
C GLY K 283 43.34 -3.03 46.69
N GLN K 284 43.22 -1.79 46.26
CA GLN K 284 41.97 -1.34 45.65
C GLN K 284 42.27 -0.12 44.80
N PRO K 285 41.39 0.20 43.84
CA PRO K 285 41.48 1.50 43.17
C PRO K 285 41.23 2.67 44.11
N ALA K 286 41.33 3.86 43.55
CA ALA K 286 41.07 5.09 44.28
C ALA K 286 40.73 6.17 43.24
N SER K 287 40.75 7.42 43.65
CA SER K 287 40.66 8.52 42.68
C SER K 287 41.89 9.39 42.81
N GLY K 288 42.82 9.23 41.87
CA GLY K 288 43.92 10.15 41.71
C GLY K 288 43.45 11.30 40.82
N LEU K 289 43.77 12.52 41.24
CA LEU K 289 43.24 13.70 40.58
C LEU K 289 44.36 14.61 40.10
N GLY K 290 44.30 14.94 38.82
CA GLY K 290 45.31 15.76 38.20
C GLY K 290 45.14 17.20 38.59
N ILE K 291 46.18 17.74 39.20
CA ILE K 291 46.29 19.17 39.46
C ILE K 291 47.58 19.57 38.74
N LYS K 292 47.69 19.13 37.50
CA LYS K 292 48.56 19.79 36.55
C LYS K 292 48.39 21.31 36.63
N LEU K 293 49.51 22.00 36.64
CA LEU K 293 49.63 23.36 37.17
C LEU K 293 48.94 24.37 36.26
N ALA K 294 48.64 25.55 36.80
CA ALA K 294 48.39 26.71 35.95
C ALA K 294 49.71 27.42 35.65
N THR K 295 49.66 28.42 34.79
CA THR K 295 50.86 29.08 34.28
C THR K 295 50.88 30.51 34.79
N GLY K 296 51.95 30.85 35.49
CA GLY K 296 52.02 32.14 36.15
C GLY K 296 51.56 31.98 37.58
N ALA K 297 51.13 30.77 37.90
CA ALA K 297 50.66 30.42 39.22
C ALA K 297 51.83 30.30 40.19
N ASN K 298 51.52 30.07 41.46
CA ASN K 298 52.54 29.79 42.45
C ASN K 298 52.45 28.33 42.84
N ALA K 299 53.24 27.94 43.82
CA ALA K 299 53.13 26.60 44.35
C ALA K 299 52.87 26.60 45.86
N LEU K 300 53.61 27.41 46.61
CA LEU K 300 53.65 27.31 48.06
C LEU K 300 52.31 27.66 48.68
N ASP K 301 51.87 28.90 48.47
CA ASP K 301 50.55 29.29 48.90
C ASP K 301 49.49 28.55 48.11
N THR K 302 49.83 28.16 46.89
CA THR K 302 48.89 27.42 46.06
C THR K 302 48.60 26.05 46.64
N ALA K 303 49.63 25.22 46.78
CA ALA K 303 49.40 23.86 47.27
C ALA K 303 49.06 23.85 48.75
N ALA K 304 49.50 24.88 49.47
CA ALA K 304 48.99 25.10 50.80
C ALA K 304 47.49 25.35 50.78
N ALA K 305 47.02 26.07 49.76
CA ALA K 305 45.59 26.31 49.64
C ALA K 305 44.86 25.12 49.08
N ILE K 306 45.59 24.17 48.50
CA ILE K 306 44.96 22.94 48.03
C ILE K 306 44.82 21.98 49.19
N ARG K 307 45.84 21.96 50.04
CA ARG K 307 45.69 21.41 51.38
C ARG K 307 44.50 22.03 52.10
N ALA K 308 44.34 23.34 51.95
CA ALA K 308 43.17 24.00 52.50
C ALA K 308 41.90 23.63 51.75
N GLU K 309 42.02 23.18 50.51
CA GLU K 309 40.84 22.84 49.74
C GLU K 309 40.29 21.51 50.20
N LEU K 310 41.20 20.55 50.43
CA LEU K 310 40.92 19.38 51.24
C LEU K 310 40.29 19.79 52.56
N ALA K 311 40.86 20.80 53.22
CA ALA K 311 40.32 21.31 54.47
C ALA K 311 39.01 22.07 54.29
N LYS K 312 38.53 22.24 53.06
CA LYS K 312 37.16 22.64 52.87
C LYS K 312 36.26 21.43 52.68
N MET K 313 36.78 20.41 52.04
CA MET K 313 35.88 19.39 51.52
C MET K 313 35.76 18.16 52.41
N GLU K 314 36.61 18.03 53.42
CA GLU K 314 36.72 16.78 54.17
C GLU K 314 35.47 16.26 54.91
N PRO K 315 34.55 17.06 55.48
CA PRO K 315 33.54 16.39 56.30
C PRO K 315 32.35 15.89 55.53
N PHE K 316 32.30 16.07 54.20
CA PHE K 316 31.08 15.82 53.45
C PHE K 316 31.11 14.52 52.69
N PHE K 317 31.62 13.50 53.29
CA PHE K 317 31.98 12.35 52.48
C PHE K 317 31.04 11.20 52.70
N PRO K 318 31.06 10.23 51.80
CA PRO K 318 30.56 8.90 52.15
C PRO K 318 31.47 8.23 53.17
N SER K 319 30.93 7.18 53.77
CA SER K 319 31.70 6.37 54.70
C SER K 319 32.82 5.65 53.96
N GLY K 320 33.91 5.40 54.67
CA GLY K 320 35.07 4.75 54.11
C GLY K 320 35.90 5.57 53.17
N LEU K 321 35.41 6.73 52.73
CA LEU K 321 36.10 7.56 51.75
C LEU K 321 37.33 8.19 52.36
N LYS K 322 38.46 8.09 51.67
CA LYS K 322 39.75 8.41 52.24
C LYS K 322 40.59 9.18 51.23
N ILE K 323 41.20 10.24 51.69
CA ILE K 323 42.02 11.05 50.83
C ILE K 323 43.47 10.63 51.03
N VAL K 324 44.24 10.72 49.97
CA VAL K 324 45.67 10.56 49.96
C VAL K 324 46.19 11.57 48.95
N TYR K 325 47.43 11.98 49.13
CA TYR K 325 48.19 12.71 48.14
C TYR K 325 49.14 11.70 47.52
N PRO K 326 48.67 10.86 46.61
CA PRO K 326 49.47 9.69 46.21
C PRO K 326 50.64 10.11 45.35
N TYR K 327 50.39 10.92 44.34
CA TYR K 327 51.42 11.72 43.74
C TYR K 327 51.22 13.17 44.10
N ASP K 328 52.29 13.78 44.54
CA ASP K 328 52.48 15.21 44.39
C ASP K 328 53.97 15.46 44.24
N THR K 329 54.29 16.58 43.62
CA THR K 329 55.62 17.13 43.57
C THR K 329 55.95 17.98 44.79
N THR K 330 54.94 18.66 45.33
CA THR K 330 55.18 19.61 46.42
C THR K 330 55.72 19.03 47.71
N PRO K 331 55.63 17.74 48.04
CA PRO K 331 56.56 17.25 49.04
C PRO K 331 57.99 17.36 48.59
N PHE K 332 58.30 16.94 47.37
CA PHE K 332 59.69 17.00 46.93
C PHE K 332 60.13 18.44 46.69
N VAL K 333 59.20 19.32 46.32
CA VAL K 333 59.70 20.64 45.97
C VAL K 333 59.36 21.69 47.01
N LYS K 334 58.27 21.52 47.76
CA LYS K 334 58.11 22.34 48.95
C LYS K 334 59.09 21.94 50.01
N ILE K 335 59.49 20.68 50.00
CA ILE K 335 60.56 20.28 50.89
C ILE K 335 61.87 20.21 50.12
N SER K 336 61.87 20.70 48.88
CA SER K 336 63.17 21.02 48.29
C SER K 336 63.39 22.51 48.33
N ILE K 337 62.40 23.26 48.82
CA ILE K 337 62.73 24.62 49.15
C ILE K 337 62.86 24.73 50.66
N HIS K 338 62.13 23.90 51.38
CA HIS K 338 62.51 23.69 52.76
C HIS K 338 63.88 23.05 52.80
N GLU K 339 64.12 22.08 51.92
CA GLU K 339 65.42 21.44 51.90
C GLU K 339 66.47 22.34 51.29
N VAL K 340 66.27 22.72 50.02
CA VAL K 340 67.30 23.46 49.30
C VAL K 340 67.45 24.86 49.86
N VAL K 341 66.35 25.51 50.18
CA VAL K 341 66.45 26.85 50.75
C VAL K 341 66.94 26.77 52.19
N LYS K 342 66.66 25.66 52.89
CA LYS K 342 67.23 25.48 54.22
C LYS K 342 68.75 25.34 54.17
N THR K 343 69.24 24.47 53.29
CA THR K 343 70.67 24.28 53.11
C THR K 343 71.33 25.55 52.61
N LEU K 344 70.61 26.30 51.79
CA LEU K 344 71.05 27.60 51.33
C LEU K 344 71.28 28.56 52.48
N VAL K 345 70.23 28.77 53.28
CA VAL K 345 70.29 29.74 54.36
C VAL K 345 71.28 29.32 55.42
N GLU K 346 71.36 28.02 55.71
CA GLU K 346 72.35 27.59 56.68
C GLU K 346 73.75 27.61 56.10
N ALA K 347 73.89 27.60 54.78
CA ALA K 347 75.18 27.90 54.20
C ALA K 347 75.52 29.37 54.41
N ILE K 348 74.51 30.24 54.41
CA ILE K 348 74.75 31.65 54.74
C ILE K 348 75.10 31.78 56.21
N ILE K 349 74.58 30.88 57.04
CA ILE K 349 75.02 30.82 58.43
C ILE K 349 76.49 30.43 58.49
N LEU K 350 76.92 29.53 57.62
CA LEU K 350 78.34 29.18 57.58
C LEU K 350 79.18 30.33 57.06
N VAL K 351 78.59 31.20 56.23
CA VAL K 351 79.24 32.44 55.84
C VAL K 351 79.45 33.32 57.06
N PHE K 352 78.44 33.37 57.95
CA PHE K 352 78.64 34.07 59.20
C PHE K 352 79.71 33.44 60.08
N LEU K 353 79.86 32.11 60.02
CA LEU K 353 80.95 31.48 60.76
C LEU K 353 82.30 31.82 60.16
N VAL K 354 82.35 31.99 58.85
CA VAL K 354 83.57 32.46 58.19
C VAL K 354 83.92 33.87 58.65
N MET K 355 82.97 34.81 58.55
CA MET K 355 83.32 36.19 58.83
C MET K 355 83.09 36.56 60.29
N TYR K 356 82.85 35.58 61.14
CA TYR K 356 83.25 35.75 62.52
C TYR K 356 84.61 35.14 62.76
N LEU K 357 84.95 34.11 61.99
CA LEU K 357 86.14 33.31 62.27
C LEU K 357 87.43 34.03 61.91
N PHE K 358 87.53 34.52 60.68
CA PHE K 358 88.82 34.78 60.05
C PHE K 358 89.62 35.93 60.65
N LEU K 359 89.01 37.10 60.81
CA LEU K 359 89.79 38.31 61.07
C LEU K 359 90.35 38.33 62.48
N GLN K 360 89.83 37.46 63.34
CA GLN K 360 90.26 37.29 64.73
C GLN K 360 90.06 38.57 65.52
N ASN K 361 88.99 39.28 65.20
CA ASN K 361 88.59 40.50 65.88
C ASN K 361 87.15 40.35 66.35
N PHE K 362 86.65 41.35 67.06
CA PHE K 362 85.25 41.38 67.42
C PHE K 362 84.54 42.65 66.98
N ARG K 363 85.18 43.48 66.17
CA ARG K 363 84.52 44.65 65.62
C ARG K 363 84.53 44.69 64.11
N ALA K 364 85.70 44.50 63.49
CA ALA K 364 85.79 44.54 62.04
C ALA K 364 85.03 43.38 61.41
N THR K 365 84.95 42.26 62.13
CA THR K 365 84.24 41.07 61.67
C THR K 365 82.75 41.33 61.44
N LEU K 366 82.19 42.33 62.12
CA LEU K 366 80.78 42.65 61.93
C LEU K 366 80.53 43.40 60.63
N ILE K 367 81.55 44.05 60.10
CA ILE K 367 81.40 44.83 58.86
C ILE K 367 80.97 44.00 57.65
N PRO K 368 81.58 42.84 57.34
CA PRO K 368 81.10 42.12 56.14
C PRO K 368 79.71 41.55 56.31
N THR K 369 79.42 41.07 57.52
CA THR K 369 78.33 40.12 57.75
C THR K 369 76.97 40.70 57.41
N ILE K 370 76.65 41.83 58.04
CA ILE K 370 75.39 42.51 57.76
C ILE K 370 75.42 43.09 56.34
N ALA K 371 76.61 43.33 55.81
CA ALA K 371 76.77 43.67 54.41
C ALA K 371 76.31 42.55 53.48
N VAL K 372 76.38 41.30 53.93
CA VAL K 372 76.12 40.14 53.09
C VAL K 372 74.68 40.04 52.60
N PRO K 373 73.64 39.88 53.45
CA PRO K 373 72.38 39.32 52.92
C PRO K 373 71.57 40.30 52.13
N VAL K 374 71.73 41.60 52.40
CA VAL K 374 71.00 42.65 51.70
C VAL K 374 71.24 42.53 50.21
N VAL K 375 72.51 42.30 49.86
CA VAL K 375 72.96 42.06 48.49
C VAL K 375 72.14 40.97 47.83
N LEU K 376 72.07 39.81 48.49
CA LEU K 376 71.43 38.68 47.83
C LEU K 376 69.93 38.89 47.78
N LEU K 377 69.39 39.59 48.77
CA LEU K 377 67.95 39.79 48.68
C LEU K 377 67.65 40.90 47.70
N GLY K 378 68.61 41.80 47.49
CA GLY K 378 68.53 42.73 46.40
C GLY K 378 68.55 42.05 45.06
N THR K 379 69.16 40.85 45.00
CA THR K 379 69.08 39.96 43.84
C THR K 379 67.64 39.76 43.40
N PHE K 380 66.76 39.53 44.37
CA PHE K 380 65.34 39.35 44.06
C PHE K 380 64.76 40.60 43.45
N ALA K 381 65.18 41.76 43.97
CA ALA K 381 64.78 43.05 43.41
C ALA K 381 65.16 43.17 41.95
N VAL K 382 66.32 42.62 41.59
CA VAL K 382 66.76 42.66 40.20
C VAL K 382 65.83 41.83 39.34
N LEU K 383 65.50 40.62 39.79
CA LEU K 383 64.56 39.84 39.02
C LEU K 383 63.13 40.25 39.30
N ALA K 384 62.92 41.18 40.23
CA ALA K 384 61.65 41.90 40.27
C ALA K 384 61.47 42.74 39.02
N ALA K 385 62.58 43.22 38.46
CA ALA K 385 62.54 43.80 37.13
C ALA K 385 62.23 42.75 36.08
N PHE K 386 62.50 41.48 36.38
CA PHE K 386 62.28 40.40 35.44
C PHE K 386 61.09 39.53 35.78
N GLY K 387 60.58 39.58 37.00
CA GLY K 387 59.46 38.74 37.39
C GLY K 387 59.77 37.26 37.45
N PHE K 388 61.05 36.88 37.43
CA PHE K 388 61.40 35.47 37.32
C PHE K 388 61.29 34.85 38.70
N SER K 389 60.47 33.79 38.80
CA SER K 389 60.06 33.27 40.10
C SER K 389 61.21 32.61 40.83
N ILE K 390 60.93 32.19 42.06
CA ILE K 390 61.96 31.49 42.81
C ILE K 390 62.03 30.07 42.23
N ASN K 391 62.94 29.89 41.30
CA ASN K 391 63.04 28.61 40.62
C ASN K 391 64.27 27.87 41.08
N THR K 392 64.12 26.56 41.32
CA THR K 392 65.19 25.75 41.91
C THR K 392 66.41 25.70 41.01
N LEU K 393 66.20 25.78 39.70
CA LEU K 393 67.32 26.07 38.82
C LEU K 393 67.95 27.39 39.17
N THR K 394 67.15 28.46 39.19
CA THR K 394 67.66 29.80 39.45
C THR K 394 68.11 29.95 40.88
N MET K 395 67.33 29.43 41.82
CA MET K 395 67.68 29.54 43.24
C MET K 395 68.93 28.73 43.55
N PHE K 396 69.08 27.61 42.86
CA PHE K 396 70.30 26.84 42.96
C PHE K 396 71.48 27.62 42.38
N GLY K 397 71.23 28.29 41.25
CA GLY K 397 72.27 29.12 40.66
C GLY K 397 72.62 30.30 41.53
N MET K 398 71.70 30.71 42.39
CA MET K 398 72.05 31.79 43.29
C MET K 398 72.47 31.28 44.65
N VAL K 399 72.46 29.98 44.90
CA VAL K 399 73.23 29.59 46.07
C VAL K 399 74.69 29.41 45.68
N LEU K 400 74.93 28.95 44.44
CA LEU K 400 76.27 29.00 43.90
C LEU K 400 76.73 30.44 43.79
N ALA K 401 75.83 31.29 43.32
CA ALA K 401 76.18 32.68 43.17
C ALA K 401 76.26 33.38 44.51
N ILE K 402 75.62 32.86 45.57
CA ILE K 402 75.90 33.56 46.83
C ILE K 402 77.23 33.13 47.37
N GLY K 403 77.72 31.93 47.03
CA GLY K 403 79.14 31.66 47.25
C GLY K 403 80.01 32.66 46.51
N LEU K 404 79.60 33.01 45.29
CA LEU K 404 80.32 34.01 44.52
C LEU K 404 80.32 35.39 45.18
N LEU K 405 79.14 35.93 45.54
CA LEU K 405 79.23 37.30 46.07
C LEU K 405 79.67 37.33 47.51
N VAL K 406 79.67 36.21 48.24
CA VAL K 406 80.30 36.33 49.53
C VAL K 406 81.80 36.34 49.38
N ASP K 407 82.35 35.64 48.38
CA ASP K 407 83.80 35.76 48.31
C ASP K 407 84.20 37.07 47.63
N ASP K 408 83.30 37.64 46.85
CA ASP K 408 83.48 39.03 46.42
C ASP K 408 83.41 39.98 47.60
N ALA K 409 82.52 39.70 48.55
CA ALA K 409 82.37 40.55 49.72
C ALA K 409 83.63 40.52 50.56
N ILE K 410 84.22 39.34 50.74
CA ILE K 410 85.42 39.31 51.57
C ILE K 410 86.65 39.77 50.82
N VAL K 411 86.67 39.74 49.48
CA VAL K 411 87.83 40.36 48.84
C VAL K 411 87.76 41.87 48.92
N VAL K 412 86.56 42.46 48.85
CA VAL K 412 86.54 43.92 48.95
C VAL K 412 86.78 44.37 50.39
N VAL K 413 86.12 43.74 51.37
CA VAL K 413 86.30 44.22 52.74
C VAL K 413 87.65 43.79 53.29
N GLU K 414 88.20 42.68 52.80
CA GLU K 414 89.52 42.29 53.23
C GLU K 414 90.54 43.16 52.56
N ASN K 415 90.21 43.70 51.39
CA ASN K 415 91.12 44.65 50.78
C ASN K 415 91.08 45.98 51.53
N VAL K 416 89.91 46.33 52.07
CA VAL K 416 89.82 47.53 52.89
C VAL K 416 90.62 47.36 54.17
N GLU K 417 90.47 46.20 54.82
CA GLU K 417 91.25 45.90 56.01
C GLU K 417 92.73 45.78 55.67
N ARG K 418 93.03 45.36 54.45
CA ARG K 418 94.40 45.27 53.98
C ARG K 418 95.05 46.64 53.91
N VAL K 419 94.35 47.60 53.32
CA VAL K 419 94.92 48.93 53.08
C VAL K 419 95.19 49.63 54.40
N MET K 420 94.26 49.54 55.34
CA MET K 420 94.39 50.25 56.61
C MET K 420 95.37 49.60 57.57
N ALA K 421 95.97 48.47 57.21
CA ALA K 421 96.61 47.62 58.21
C ALA K 421 97.95 48.19 58.66
N GLU K 422 98.56 49.07 57.86
CA GLU K 422 99.99 49.32 57.99
C GLU K 422 100.38 50.77 58.20
N GLU K 423 99.44 51.68 58.39
CA GLU K 423 99.77 53.10 58.51
C GLU K 423 99.04 53.80 59.63
N GLY K 424 97.95 53.22 60.14
CA GLY K 424 97.31 53.62 61.39
C GLY K 424 96.66 54.98 61.43
N LEU K 425 96.61 55.70 60.32
CA LEU K 425 95.89 56.96 60.25
C LEU K 425 94.38 56.69 60.29
N PRO K 426 93.58 57.70 60.64
CA PRO K 426 92.13 57.52 60.58
C PRO K 426 91.68 57.27 59.16
N PRO K 427 90.77 56.32 58.95
CA PRO K 427 90.75 55.53 57.71
C PRO K 427 90.28 56.27 56.47
N LYS K 428 90.12 57.59 56.57
CA LYS K 428 89.75 58.45 55.46
C LYS K 428 90.67 58.24 54.26
N GLU K 429 91.94 58.58 54.43
CA GLU K 429 92.88 58.55 53.33
C GLU K 429 93.22 57.12 52.94
N ALA K 430 93.14 56.21 53.90
CA ALA K 430 93.30 54.79 53.63
C ALA K 430 92.28 54.31 52.62
N THR K 431 91.00 54.57 52.87
CA THR K 431 90.02 54.17 51.88
C THR K 431 89.97 55.11 50.69
N ARG K 432 90.62 56.28 50.76
CA ARG K 432 90.73 57.12 49.58
C ARG K 432 91.65 56.48 48.55
N LYS K 433 92.87 56.12 48.96
CA LYS K 433 93.76 55.36 48.08
C LYS K 433 93.14 54.04 47.69
N SER K 434 92.52 53.37 48.67
CA SER K 434 91.95 52.05 48.47
C SER K 434 90.88 52.08 47.40
N MET K 435 89.89 52.96 47.54
CA MET K 435 88.87 53.08 46.51
C MET K 435 89.38 53.75 45.24
N GLY K 436 90.57 54.32 45.26
CA GLY K 436 91.23 54.61 44.01
C GLY K 436 91.51 53.32 43.26
N GLN K 437 92.40 52.50 43.85
CA GLN K 437 92.86 51.30 43.15
C GLN K 437 91.73 50.32 42.90
N ILE K 438 90.73 50.28 43.76
CA ILE K 438 89.66 49.33 43.54
C ILE K 438 88.38 50.01 43.10
N GLN K 439 88.40 51.31 42.81
CA GLN K 439 87.43 51.72 41.81
C GLN K 439 87.90 51.22 40.46
N GLY K 440 89.22 51.21 40.27
CA GLY K 440 89.78 50.54 39.10
C GLY K 440 89.53 49.05 39.09
N ALA K 441 89.67 48.41 40.25
CA ALA K 441 89.51 46.96 40.28
C ALA K 441 88.05 46.56 40.27
N LEU K 442 87.17 47.37 40.87
CA LEU K 442 85.76 47.03 40.85
C LEU K 442 85.15 47.20 39.47
N VAL K 443 85.55 48.26 38.74
CA VAL K 443 85.12 48.31 37.34
C VAL K 443 85.82 47.23 36.54
N GLY K 444 86.98 46.78 37.04
CA GLY K 444 87.60 45.58 36.50
C GLY K 444 86.69 44.37 36.56
N ILE K 445 86.39 43.91 37.78
CA ILE K 445 85.69 42.64 37.98
C ILE K 445 84.26 42.71 37.46
N ALA K 446 83.63 43.88 37.51
CA ALA K 446 82.32 44.04 36.92
C ALA K 446 82.41 43.93 35.40
N MET K 447 83.42 44.58 34.81
CA MET K 447 83.52 44.63 33.37
C MET K 447 83.87 43.27 32.79
N VAL K 448 84.88 42.61 33.35
CA VAL K 448 85.30 41.33 32.80
C VAL K 448 84.35 40.23 33.20
N LEU K 449 83.68 40.37 34.34
CA LEU K 449 82.85 39.27 34.80
C LEU K 449 81.52 39.30 34.08
N SER K 450 80.99 40.51 33.89
CA SER K 450 79.94 40.77 32.91
C SER K 450 80.32 40.19 31.56
N ALA K 451 81.56 40.41 31.14
CA ALA K 451 82.05 39.84 29.88
C ALA K 451 82.08 38.32 29.90
N VAL K 452 82.22 37.69 31.08
CA VAL K 452 82.27 36.23 31.00
C VAL K 452 80.89 35.62 31.02
N PHE K 453 79.86 36.34 31.45
CA PHE K 453 78.60 35.64 31.27
C PHE K 453 77.54 36.43 30.53
N VAL K 454 77.93 37.38 29.69
CA VAL K 454 77.06 37.78 28.58
C VAL K 454 76.79 36.69 27.53
N PRO K 455 77.72 35.77 27.20
CA PRO K 455 77.31 34.69 26.27
C PRO K 455 76.31 33.74 26.86
N MET K 456 76.28 33.65 28.19
CA MET K 456 75.21 32.91 28.84
C MET K 456 73.89 33.63 28.64
N ALA K 457 73.93 34.95 28.52
CA ALA K 457 72.73 35.71 28.18
C ALA K 457 72.47 35.71 26.68
N PHE K 458 73.42 35.20 25.89
CA PHE K 458 73.23 35.13 24.45
C PHE K 458 73.19 33.72 23.91
N PHE K 459 72.83 32.74 24.72
CA PHE K 459 72.56 31.41 24.20
C PHE K 459 71.31 31.36 23.35
N GLY K 460 71.23 30.29 22.56
CA GLY K 460 69.98 29.80 22.03
C GLY K 460 69.61 28.46 22.65
N GLY K 461 68.36 28.08 22.45
CA GLY K 461 67.87 26.80 22.92
C GLY K 461 67.22 26.89 24.28
N SER K 462 66.43 25.88 24.60
CA SER K 462 65.72 25.82 25.87
C SER K 462 66.69 25.64 27.03
N THR K 463 67.62 24.70 26.88
CA THR K 463 68.75 24.59 27.80
C THR K 463 69.55 25.87 27.80
N GLY K 464 69.68 26.51 26.65
CA GLY K 464 70.30 27.80 26.59
C GLY K 464 69.50 28.87 27.31
N ALA K 465 68.18 28.70 27.38
CA ALA K 465 67.39 29.61 28.21
C ALA K 465 67.58 29.31 29.69
N ILE K 466 67.91 28.07 30.03
CA ILE K 466 68.29 27.80 31.41
C ILE K 466 69.60 28.49 31.73
N TYR K 467 70.53 28.46 30.77
CA TYR K 467 71.73 29.29 30.86
C TYR K 467 71.40 30.76 30.94
N ARG K 468 70.28 31.18 30.35
CA ARG K 468 69.84 32.56 30.55
C ARG K 468 69.37 32.77 31.98
N GLN K 469 68.84 31.73 32.62
CA GLN K 469 68.39 31.90 34.00
C GLN K 469 69.56 31.99 34.95
N PHE K 470 70.54 31.11 34.79
CA PHE K 470 71.77 31.25 35.55
C PHE K 470 72.50 32.53 35.19
N SER K 471 72.34 32.95 33.94
CA SER K 471 72.98 34.17 33.47
C SER K 471 72.46 35.37 34.21
N ILE K 472 71.13 35.55 34.24
CA ILE K 472 70.54 36.71 34.92
C ILE K 472 70.77 36.62 36.41
N THR K 473 70.86 35.39 36.93
CA THR K 473 71.23 35.16 38.31
C THR K 473 72.58 35.80 38.63
N ILE K 474 73.61 35.47 37.86
CA ILE K 474 74.90 36.02 38.20
C ILE K 474 75.08 37.43 37.67
N VAL K 475 74.21 37.87 36.77
CA VAL K 475 74.13 39.28 36.40
C VAL K 475 73.74 40.11 37.61
N SER K 476 72.69 39.68 38.29
CA SER K 476 72.25 40.31 39.53
C SER K 476 73.36 40.27 40.57
N ALA K 477 73.93 39.08 40.77
CA ALA K 477 74.93 38.84 41.81
C ALA K 477 76.15 39.73 41.63
N MET K 478 76.79 39.61 40.45
CA MET K 478 77.93 40.43 40.10
C MET K 478 77.60 41.91 40.17
N ALA K 479 76.51 42.31 39.51
CA ALA K 479 76.23 43.72 39.27
C ALA K 479 75.99 44.45 40.57
N LEU K 480 75.01 44.00 41.34
CA LEU K 480 74.68 44.75 42.54
C LEU K 480 75.72 44.50 43.61
N SER K 481 76.42 43.36 43.56
CA SER K 481 77.49 43.12 44.51
C SER K 481 78.63 44.12 44.34
N VAL K 482 79.04 44.35 43.10
CA VAL K 482 80.07 45.34 42.82
C VAL K 482 79.58 46.73 43.18
N LEU K 483 78.32 47.04 42.86
CA LEU K 483 77.80 48.37 43.14
C LEU K 483 77.70 48.65 44.63
N VAL K 484 77.26 47.70 45.44
CA VAL K 484 77.25 47.96 46.87
C VAL K 484 78.65 47.88 47.47
N ALA K 485 79.57 47.20 46.79
CA ALA K 485 80.93 47.23 47.24
C ALA K 485 81.56 48.59 47.00
N LEU K 486 81.08 49.28 45.97
CA LEU K 486 81.65 50.58 45.62
C LEU K 486 81.27 51.65 46.64
N ILE K 487 79.99 51.78 46.94
CA ILE K 487 79.47 52.92 47.68
C ILE K 487 79.25 52.57 49.14
N LEU K 488 78.49 51.50 49.39
CA LEU K 488 78.07 51.18 50.75
C LEU K 488 79.26 50.76 51.61
N THR K 489 80.06 49.84 51.09
CA THR K 489 81.14 49.23 51.84
C THR K 489 82.17 50.19 52.46
N PRO K 490 82.71 51.22 51.77
CA PRO K 490 83.66 52.10 52.45
C PRO K 490 83.02 52.93 53.55
N ALA K 491 81.79 53.36 53.34
CA ALA K 491 81.08 54.10 54.39
C ALA K 491 80.77 53.21 55.58
N LEU K 492 80.57 51.91 55.34
CA LEU K 492 80.53 50.98 56.46
C LEU K 492 81.88 50.94 57.16
N CYS K 493 82.95 50.88 56.39
CA CYS K 493 84.26 50.65 56.99
C CYS K 493 84.81 51.91 57.64
N ALA K 494 84.68 53.06 56.99
CA ALA K 494 85.36 54.26 57.47
C ALA K 494 84.73 54.84 58.72
N THR K 495 83.55 54.37 59.10
CA THR K 495 82.85 54.88 60.26
C THR K 495 82.95 53.94 61.46
N MET K 496 82.54 52.69 61.30
CA MET K 496 82.28 51.82 62.43
C MET K 496 83.49 50.97 62.80
N LEU K 497 84.69 51.47 62.57
CA LEU K 497 85.89 50.79 63.05
C LEU K 497 86.56 51.58 64.16
N LYS K 498 87.64 51.02 64.68
CA LYS K 498 88.49 51.76 65.58
C LYS K 498 89.70 52.24 64.81
N PRO K 499 89.86 53.54 64.59
CA PRO K 499 91.16 54.05 64.16
C PRO K 499 92.15 53.86 65.30
N ILE K 500 93.04 52.90 65.13
CA ILE K 500 93.95 52.50 66.19
C ILE K 500 95.33 52.98 65.82
N ALA K 501 96.31 52.67 66.67
CA ALA K 501 97.66 53.17 66.51
C ALA K 501 98.34 52.58 65.28
N LYS K 502 99.43 53.23 64.88
CA LYS K 502 100.19 52.84 63.70
C LYS K 502 101.40 52.02 64.08
N GLY K 503 101.71 51.04 63.23
CA GLY K 503 102.78 50.10 63.51
C GLY K 503 102.48 49.09 64.60
N ASP K 504 101.22 49.00 65.04
CA ASP K 504 100.85 48.04 66.06
C ASP K 504 100.60 46.69 65.41
N HIS K 505 101.39 45.69 65.81
CA HIS K 505 101.29 44.36 65.26
C HIS K 505 100.63 43.38 66.22
N GLY K 506 100.43 43.80 67.48
CA GLY K 506 99.92 42.88 68.48
C GLY K 506 101.03 42.22 69.25
N GLU K 507 101.89 43.05 69.85
CA GLU K 507 103.04 42.55 70.60
C GLU K 507 102.58 41.81 71.85
N GLY K 508 101.46 42.23 72.44
CA GLY K 508 100.86 41.48 73.53
C GLY K 508 99.99 40.33 73.09
N LYS K 509 99.52 40.34 71.84
CA LYS K 509 98.74 39.23 71.32
C LYS K 509 99.64 38.01 71.16
N LYS K 510 99.35 36.96 71.92
CA LYS K 510 100.24 35.81 71.98
C LYS K 510 99.43 34.53 71.91
N GLY K 511 100.03 33.43 72.36
CA GLY K 511 99.33 32.17 72.33
C GLY K 511 99.34 31.61 70.93
N PHE K 512 98.31 30.81 70.65
CA PHE K 512 98.14 30.22 69.33
C PHE K 512 97.84 31.27 68.27
N PHE K 513 97.31 32.41 68.70
CA PHE K 513 96.83 33.42 67.77
C PHE K 513 98.00 34.18 67.18
N GLY K 514 98.73 34.90 68.04
CA GLY K 514 99.92 35.59 67.58
C GLY K 514 101.02 34.64 67.17
N TRP K 515 101.07 33.47 67.80
CA TRP K 515 102.03 32.44 67.40
C TRP K 515 101.74 31.93 66.00
N PHE K 516 100.46 31.80 65.66
CA PHE K 516 100.13 31.46 64.30
C PHE K 516 100.34 32.65 63.38
N ASN K 517 100.32 33.86 63.91
CA ASN K 517 100.72 34.98 63.08
C ASN K 517 102.22 34.97 62.83
N ARG K 518 102.97 34.33 63.73
CA ARG K 518 104.38 34.10 63.47
C ARG K 518 104.55 32.94 62.49
N MET K 519 103.57 32.03 62.45
CA MET K 519 103.52 31.08 61.35
C MET K 519 103.13 31.77 60.06
N PHE K 520 102.42 32.89 60.16
CA PHE K 520 101.99 33.61 58.98
C PHE K 520 103.15 34.38 58.39
N GLU K 521 103.96 35.01 59.23
CA GLU K 521 105.13 35.68 58.70
C GLU K 521 106.22 34.69 58.35
N LYS K 522 106.23 33.54 59.02
CA LYS K 522 107.10 32.44 58.63
C LYS K 522 106.77 31.95 57.24
N SER K 523 105.47 31.83 56.94
CA SER K 523 105.05 31.46 55.60
C SER K 523 105.23 32.61 54.62
N THR K 524 105.32 33.84 55.14
CA THR K 524 105.50 34.99 54.27
C THR K 524 106.93 35.08 53.79
N HIS K 525 107.87 34.97 54.71
CA HIS K 525 109.27 35.09 54.33
C HIS K 525 109.77 33.79 53.72
N HIS K 526 109.25 32.67 54.22
CA HIS K 526 109.36 31.39 53.52
C HIS K 526 108.83 31.50 52.11
N TYR K 527 107.73 32.21 51.93
CA TYR K 527 107.20 32.44 50.60
C TYR K 527 108.10 33.35 49.79
N THR K 528 108.82 34.26 50.44
CA THR K 528 109.74 35.13 49.71
C THR K 528 110.92 34.33 49.17
N ASP K 529 111.41 33.41 50.00
CA ASP K 529 112.38 32.43 49.54
C ASP K 529 111.82 31.60 48.40
N SER K 530 110.52 31.30 48.46
CA SER K 530 109.86 30.63 47.35
C SER K 530 109.72 31.54 46.13
N VAL K 531 109.77 32.86 46.32
CA VAL K 531 109.73 33.75 45.17
C VAL K 531 111.06 33.69 44.42
N GLY K 532 112.17 33.71 45.14
CA GLY K 532 113.44 33.56 44.45
C GLY K 532 113.69 32.18 43.84
N GLY K 533 113.50 31.14 44.66
CA GLY K 533 113.72 29.79 44.20
C GLY K 533 112.73 29.35 43.15
N ILE K 534 111.54 29.94 43.16
CA ILE K 534 110.54 29.57 42.16
C ILE K 534 110.53 30.69 41.10
N LEU K 535 111.52 31.59 41.18
CA LEU K 535 111.94 32.27 39.95
C LEU K 535 112.89 31.40 39.14
N ARG K 536 113.81 30.71 39.84
CA ARG K 536 114.52 29.61 39.16
C ARG K 536 113.54 28.54 38.67
N SER K 537 112.46 28.33 39.40
CA SER K 537 111.36 27.55 38.86
C SER K 537 110.34 28.41 38.12
N THR K 538 110.68 29.63 37.66
CA THR K 538 110.02 30.04 36.43
C THR K 538 110.83 29.63 35.24
N GLY K 539 112.10 29.30 35.44
CA GLY K 539 112.70 28.48 34.41
C GLY K 539 112.03 27.12 34.32
N ARG K 540 112.24 26.31 35.38
CA ARG K 540 111.77 24.94 35.24
C ARG K 540 110.25 24.81 35.43
N TYR K 541 109.61 25.78 36.08
CA TYR K 541 108.15 25.75 36.07
C TYR K 541 107.56 26.63 34.98
N LEU K 542 108.39 27.35 34.22
CA LEU K 542 107.94 27.79 32.90
C LEU K 542 107.66 26.57 32.02
N VAL K 543 108.68 25.72 31.85
CA VAL K 543 108.46 24.56 30.98
C VAL K 543 107.48 23.57 31.61
N LEU K 544 107.46 23.50 32.95
CA LEU K 544 106.46 22.68 33.62
C LEU K 544 105.06 23.26 33.44
N TYR K 545 104.95 24.59 33.31
CA TYR K 545 103.66 25.18 33.03
C TYR K 545 103.16 24.78 31.65
N LEU K 546 104.06 24.73 30.67
CA LEU K 546 103.65 24.27 29.35
C LEU K 546 103.18 22.82 29.38
N ILE K 547 103.87 21.97 30.15
CA ILE K 547 103.44 20.58 30.11
C ILE K 547 102.15 20.38 30.91
N ILE K 548 101.87 21.23 31.90
CA ILE K 548 100.61 21.00 32.59
C ILE K 548 99.46 21.58 31.81
N VAL K 549 99.69 22.64 31.03
CA VAL K 549 98.57 23.17 30.28
C VAL K 549 98.24 22.26 29.10
N VAL K 550 99.24 21.56 28.55
CA VAL K 550 98.86 20.49 27.63
C VAL K 550 98.31 19.29 28.40
N GLY K 551 98.59 19.21 29.71
CA GLY K 551 97.82 18.31 30.55
C GLY K 551 96.34 18.65 30.56
N MET K 552 96.01 19.95 30.55
CA MET K 552 94.62 20.35 30.45
C MET K 552 94.05 19.97 29.08
N ALA K 553 94.89 20.04 28.05
CA ALA K 553 94.45 19.58 26.73
C ALA K 553 94.04 18.11 26.78
N TYR K 554 94.87 17.27 27.40
CA TYR K 554 94.59 15.83 27.45
C TYR K 554 93.36 15.53 28.29
N LEU K 555 93.30 16.07 29.51
CA LEU K 555 92.20 15.69 30.39
C LEU K 555 90.91 16.33 29.93
N PHE K 556 91.01 17.55 29.40
CA PHE K 556 89.85 18.24 28.86
C PHE K 556 89.25 17.50 27.69
N VAL K 557 90.09 16.98 26.80
CA VAL K 557 89.49 16.31 25.66
C VAL K 557 89.01 14.92 26.05
N ARG K 558 89.62 14.30 27.06
CA ARG K 558 89.28 12.91 27.32
C ARG K 558 88.02 12.76 28.16
N LEU K 559 87.43 13.83 28.59
CA LEU K 559 86.32 13.69 29.52
C LEU K 559 85.03 13.39 28.74
N PRO K 560 84.25 12.41 29.20
CA PRO K 560 82.91 12.19 28.63
C PRO K 560 81.90 13.23 29.12
N SER K 561 80.69 13.12 28.58
CA SER K 561 79.65 14.13 28.77
C SER K 561 78.31 13.45 28.99
N SER K 562 77.31 14.27 29.32
CA SER K 562 75.93 13.84 29.49
C SER K 562 75.04 15.08 29.42
N PHE K 563 73.74 14.87 29.62
CA PHE K 563 72.79 15.94 29.87
C PHE K 563 72.60 16.12 31.37
N LEU K 564 71.56 16.84 31.75
CA LEU K 564 71.27 17.08 33.15
C LEU K 564 70.81 15.79 33.82
N PRO K 565 71.19 15.55 35.08
CA PRO K 565 70.95 14.24 35.68
C PRO K 565 69.52 14.09 36.17
N ASP K 566 69.20 12.86 36.53
CA ASP K 566 68.01 12.59 37.33
C ASP K 566 68.51 12.24 38.72
N GLU K 567 68.39 13.19 39.63
CA GLU K 567 68.61 12.95 41.03
C GLU K 567 67.37 12.29 41.64
N ASP K 568 67.32 12.26 42.97
CA ASP K 568 66.22 11.62 43.68
C ASP K 568 64.94 12.39 43.41
N GLN K 569 63.88 11.64 43.13
CA GLN K 569 62.58 12.25 42.93
C GLN K 569 61.74 12.18 44.20
N GLY K 570 61.91 11.10 44.97
CA GLY K 570 61.00 10.78 46.06
C GLY K 570 59.97 9.73 45.69
N VAL K 571 59.52 9.70 44.45
CA VAL K 571 58.75 8.60 43.90
C VAL K 571 59.48 8.12 42.66
N PHE K 572 58.88 7.20 41.92
CA PHE K 572 59.47 6.80 40.65
C PHE K 572 58.42 6.22 39.72
N MET K 573 58.80 6.15 38.46
CA MET K 573 57.96 5.69 37.38
C MET K 573 58.07 4.19 37.18
N THR K 574 57.00 3.48 37.48
CA THR K 574 57.01 2.03 37.36
C THR K 574 56.37 1.63 36.04
N MET K 575 57.19 1.37 35.03
CA MET K 575 56.64 0.98 33.75
C MET K 575 56.42 -0.52 33.72
N VAL K 576 55.23 -0.93 33.29
CA VAL K 576 54.84 -2.33 33.23
C VAL K 576 54.28 -2.62 31.85
N GLN K 577 54.93 -3.52 31.11
CA GLN K 577 54.53 -3.79 29.75
C GLN K 577 54.29 -5.28 29.54
N LEU K 578 53.31 -5.63 28.71
CA LEU K 578 52.97 -6.99 28.39
C LEU K 578 52.90 -7.19 26.89
N PRO K 579 52.92 -8.44 26.40
CA PRO K 579 52.65 -8.66 24.97
C PRO K 579 51.20 -8.43 24.61
N ALA K 580 50.94 -8.47 23.31
CA ALA K 580 49.61 -8.14 22.81
C ALA K 580 48.65 -9.28 23.04
N GLY K 581 47.36 -9.00 22.80
CA GLY K 581 46.30 -9.97 22.98
C GLY K 581 45.90 -10.24 24.41
N ALA K 582 46.79 -10.02 25.37
CA ALA K 582 46.48 -10.27 26.78
C ALA K 582 45.52 -9.22 27.29
N THR K 583 44.47 -9.67 27.96
CA THR K 583 43.45 -8.77 28.43
C THR K 583 43.84 -8.09 29.73
N GLN K 584 43.09 -7.05 30.06
CA GLN K 584 43.24 -6.32 31.31
C GLN K 584 42.81 -7.15 32.51
N GLU K 585 42.14 -8.27 32.29
CA GLU K 585 42.03 -9.28 33.34
C GLU K 585 43.38 -9.93 33.60
N ARG K 586 44.01 -10.43 32.53
CA ARG K 586 45.34 -11.02 32.65
C ARG K 586 46.36 -9.99 33.08
N THR K 587 46.31 -8.82 32.45
CA THR K 587 47.19 -7.73 32.82
C THR K 587 46.93 -7.30 34.23
N GLN K 588 45.65 -7.35 34.63
CA GLN K 588 45.27 -7.02 35.99
C GLN K 588 45.90 -7.98 36.98
N LYS K 589 45.94 -9.26 36.60
CA LYS K 589 46.63 -10.25 37.39
C LYS K 589 48.11 -9.95 37.49
N VAL K 590 48.70 -9.49 36.40
CA VAL K 590 50.12 -9.14 36.40
C VAL K 590 50.39 -7.98 37.34
N LEU K 591 49.51 -6.98 37.32
CA LEU K 591 49.64 -5.86 38.25
C LEU K 591 49.45 -6.31 39.68
N ASN K 592 48.62 -7.33 39.89
CA ASN K 592 48.50 -7.87 41.23
C ASN K 592 49.78 -8.56 41.65
N GLU K 593 50.49 -9.14 40.68
CA GLU K 593 51.73 -9.83 40.99
C GLU K 593 52.83 -8.84 41.33
N VAL K 594 52.97 -7.80 40.52
CA VAL K 594 54.02 -6.83 40.73
C VAL K 594 53.72 -5.98 41.94
N THR K 595 52.45 -5.57 42.05
CA THR K 595 51.95 -4.82 43.19
C THR K 595 52.17 -5.59 44.46
N HIS K 596 51.81 -6.88 44.42
CA HIS K 596 52.06 -7.76 45.54
C HIS K 596 53.54 -7.91 45.83
N TYR K 597 54.37 -7.85 44.79
CA TYR K 597 55.80 -7.99 44.98
C TYR K 597 56.36 -6.81 45.75
N TYR K 598 56.05 -5.61 45.33
CA TYR K 598 56.68 -4.47 45.97
C TYR K 598 56.01 -4.12 47.27
N LEU K 599 54.73 -4.43 47.40
CA LEU K 599 54.09 -4.30 48.70
C LEU K 599 54.64 -5.30 49.68
N THR K 600 54.97 -6.50 49.23
CA THR K 600 55.60 -7.44 50.14
C THR K 600 57.04 -7.04 50.42
N LYS K 601 57.91 -7.18 49.43
CA LYS K 601 59.32 -7.16 49.73
C LYS K 601 59.88 -5.76 49.84
N GLU K 602 59.09 -4.73 49.57
CA GLU K 602 59.63 -3.40 49.74
C GLU K 602 58.77 -2.60 50.68
N LYS K 603 58.46 -3.17 51.83
CA LYS K 603 57.85 -2.35 52.88
C LYS K 603 58.81 -1.31 53.41
N ASN K 604 60.10 -1.54 53.27
CA ASN K 604 61.09 -0.85 54.06
C ASN K 604 61.45 0.50 53.48
N ASN K 605 61.19 0.72 52.20
CA ASN K 605 61.51 1.98 51.57
C ASN K 605 60.34 2.59 50.83
N VAL K 606 59.40 1.79 50.34
CA VAL K 606 58.20 2.31 49.72
C VAL K 606 57.30 2.86 50.81
N GLU K 607 56.81 4.07 50.61
CA GLU K 607 55.66 4.49 51.40
C GLU K 607 54.41 3.76 50.95
N SER K 608 54.05 3.90 49.69
CA SER K 608 52.82 3.31 49.18
C SER K 608 52.98 3.09 47.69
N VAL K 609 52.04 2.32 47.13
CA VAL K 609 52.08 1.94 45.73
C VAL K 609 50.76 2.29 45.08
N PHE K 610 50.80 3.06 44.01
CA PHE K 610 49.65 3.32 43.18
C PHE K 610 49.90 2.80 41.77
N ALA K 611 49.05 1.91 41.31
CA ALA K 611 49.20 1.41 39.95
C ALA K 611 47.98 1.75 39.12
N VAL K 612 48.16 1.73 37.80
CA VAL K 612 47.07 1.89 36.85
C VAL K 612 47.17 0.82 35.79
N ASN K 613 46.02 0.49 35.24
CA ASN K 613 45.93 -0.45 34.15
C ASN K 613 44.94 0.10 33.15
N GLY K 614 45.17 -0.22 31.89
CA GLY K 614 44.33 0.25 30.80
C GLY K 614 44.92 1.45 30.12
N PHE K 615 45.53 2.34 30.89
CA PHE K 615 46.18 3.50 30.31
C PHE K 615 47.57 3.13 29.83
N GLY K 616 47.98 3.77 28.74
CA GLY K 616 49.36 3.74 28.34
C GLY K 616 49.84 5.12 27.96
N PHE K 617 50.90 5.57 28.63
CA PHE K 617 51.58 6.78 28.20
C PHE K 617 52.32 6.52 26.90
N ALA K 618 52.76 5.28 26.69
CA ALA K 618 53.35 4.87 25.43
C ALA K 618 52.30 4.40 24.45
N GLY K 619 51.04 4.75 24.69
CA GLY K 619 49.92 4.34 23.87
C GLY K 619 48.88 3.68 24.75
N ARG K 620 47.68 4.26 24.80
CA ARG K 620 46.65 3.81 25.71
C ARG K 620 46.06 2.49 25.25
N GLY K 621 46.23 1.48 26.08
CA GLY K 621 45.87 0.13 25.70
C GLY K 621 46.08 -0.82 26.86
N GLN K 622 45.66 -2.07 26.62
CA GLN K 622 45.52 -3.02 27.70
C GLN K 622 46.85 -3.48 28.29
N ASN K 623 47.84 -3.81 27.47
CA ASN K 623 48.99 -4.57 27.96
C ASN K 623 50.00 -3.75 28.75
N THR K 624 49.64 -2.58 29.23
CA THR K 624 50.53 -1.82 30.09
C THR K 624 49.84 -1.33 31.35
N GLY K 625 50.61 -1.29 32.42
CA GLY K 625 50.16 -0.77 33.69
C GLY K 625 51.32 -0.03 34.32
N ILE K 626 51.02 1.07 34.99
CA ILE K 626 52.10 1.94 35.47
C ILE K 626 51.88 2.18 36.95
N ALA K 627 52.90 1.95 37.76
CA ALA K 627 52.72 2.27 39.16
C ALA K 627 53.58 3.48 39.50
N PHE K 628 52.90 4.62 39.69
CA PHE K 628 53.42 5.69 40.52
C PHE K 628 53.66 5.12 41.92
N VAL K 629 54.93 5.04 42.34
CA VAL K 629 55.22 4.40 43.62
C VAL K 629 55.89 5.38 44.58
N SER K 630 55.19 5.69 45.66
CA SER K 630 55.66 6.57 46.71
C SER K 630 56.67 5.90 47.64
N LEU K 631 57.81 6.54 47.80
CA LEU K 631 58.78 6.13 48.80
C LEU K 631 58.58 6.90 50.08
N LYS K 632 59.33 6.49 51.09
CA LYS K 632 59.28 7.11 52.40
C LYS K 632 60.02 8.45 52.39
N ASP K 633 60.22 9.02 53.57
CA ASP K 633 61.10 10.17 53.68
C ASP K 633 62.53 9.74 53.40
N TRP K 634 63.32 10.70 52.90
CA TRP K 634 64.76 10.56 52.78
C TRP K 634 65.39 10.18 54.11
N ALA K 635 64.96 10.85 55.18
CA ALA K 635 65.38 10.44 56.51
C ALA K 635 64.86 9.06 56.85
N ASP K 636 63.70 8.70 56.33
CA ASP K 636 63.19 7.35 56.54
C ASP K 636 63.78 6.34 55.57
N ARG K 637 64.60 6.77 54.60
CA ARG K 637 65.33 5.84 53.76
C ARG K 637 66.84 6.18 53.67
N PRO K 638 67.57 6.05 54.79
CA PRO K 638 69.00 6.33 54.70
C PRO K 638 69.78 5.10 54.27
N GLY K 639 70.84 5.33 53.50
CA GLY K 639 71.58 4.22 52.97
C GLY K 639 71.52 4.20 51.47
N GLU K 640 72.61 3.77 50.84
CA GLU K 640 72.72 3.90 49.40
C GLU K 640 71.79 2.91 48.69
N GLU K 641 71.53 1.77 49.31
CA GLU K 641 70.54 0.85 48.78
C GLU K 641 69.13 1.43 48.87
N ASN K 642 68.91 2.37 49.77
CA ASN K 642 67.63 3.04 49.88
C ASN K 642 67.53 4.23 48.93
N LYS K 643 68.44 4.32 47.98
CA LYS K 643 68.37 5.33 46.95
C LYS K 643 67.88 4.70 45.66
N VAL K 644 67.21 5.52 44.86
CA VAL K 644 66.21 5.08 43.88
C VAL K 644 66.83 4.20 42.81
N GLU K 645 68.08 4.47 42.45
CA GLU K 645 68.74 3.75 41.40
C GLU K 645 68.93 2.27 41.76
N ALA K 646 69.46 2.01 42.95
CA ALA K 646 69.65 0.63 43.40
C ALA K 646 68.33 -0.08 43.60
N ILE K 647 67.32 0.68 44.00
CA ILE K 647 65.96 0.15 44.07
C ILE K 647 65.51 -0.30 42.69
N THR K 648 65.83 0.48 41.66
CA THR K 648 65.53 0.05 40.32
C THR K 648 66.42 -1.08 39.86
N MET K 649 67.61 -1.24 40.46
CA MET K 649 68.46 -2.35 40.05
C MET K 649 67.89 -3.66 40.56
N ARG K 650 67.50 -3.68 41.83
CA ARG K 650 66.80 -4.83 42.39
C ARG K 650 65.47 -5.05 41.70
N ALA K 651 64.84 -3.97 41.24
CA ALA K 651 63.65 -4.09 40.42
C ALA K 651 63.94 -4.81 39.13
N THR K 652 65.02 -4.45 38.44
CA THR K 652 65.39 -5.11 37.19
C THR K 652 65.75 -6.56 37.40
N ARG K 653 66.37 -6.87 38.54
CA ARG K 653 66.60 -8.25 38.87
C ARG K 653 65.30 -9.00 39.09
N ALA K 654 64.33 -8.32 39.69
CA ALA K 654 63.01 -8.93 39.83
C ALA K 654 62.34 -9.11 38.47
N PHE K 655 62.59 -8.19 37.55
CA PHE K 655 61.91 -8.23 36.25
C PHE K 655 62.46 -9.36 35.41
N SER K 656 63.78 -9.53 35.46
CA SER K 656 64.42 -10.71 34.91
C SER K 656 63.89 -11.97 35.57
N GLN K 657 63.66 -11.91 36.88
CA GLN K 657 63.03 -13.04 37.56
C GLN K 657 61.59 -13.22 37.13
N ILE K 658 60.88 -12.12 36.87
CA ILE K 658 59.49 -12.21 36.45
C ILE K 658 59.39 -12.81 35.07
N LYS K 659 58.57 -13.84 34.94
CA LYS K 659 58.27 -14.45 33.66
C LYS K 659 57.06 -13.78 33.02
N ASP K 660 56.95 -13.93 31.70
CA ASP K 660 55.81 -13.54 30.88
C ASP K 660 55.53 -12.03 30.95
N ALA K 661 56.58 -11.24 30.76
CA ALA K 661 56.45 -9.80 30.94
C ALA K 661 57.57 -9.06 30.24
N MET K 662 57.33 -7.78 29.99
CA MET K 662 58.36 -6.83 29.54
C MET K 662 58.14 -5.54 30.32
N VAL K 663 58.78 -5.45 31.46
CA VAL K 663 58.43 -4.51 32.51
C VAL K 663 59.71 -3.81 32.97
N PHE K 664 59.68 -2.48 33.03
CA PHE K 664 60.76 -1.80 33.73
C PHE K 664 60.28 -0.49 34.33
N ALA K 665 60.65 -0.31 35.59
CA ALA K 665 60.59 0.94 36.31
C ALA K 665 61.89 1.72 36.10
N PHE K 666 61.85 3.00 36.46
CA PHE K 666 62.88 3.98 36.21
C PHE K 666 62.42 5.30 36.81
N ASN K 667 63.30 6.29 36.74
CA ASN K 667 62.88 7.67 36.91
C ASN K 667 62.89 8.37 35.57
N LEU K 668 61.91 9.23 35.37
CA LEU K 668 61.93 10.18 34.27
C LEU K 668 62.83 11.35 34.60
N PRO K 669 63.14 12.18 33.61
CA PRO K 669 63.65 13.52 33.91
C PRO K 669 62.60 14.32 34.66
N ALA K 670 63.10 15.24 35.49
CA ALA K 670 62.21 16.13 36.23
C ALA K 670 61.44 17.03 35.28
N ILE K 671 62.09 17.50 34.24
CA ILE K 671 61.42 18.03 33.07
C ILE K 671 61.01 16.80 32.28
N VAL K 672 59.79 16.32 32.51
CA VAL K 672 59.36 15.03 31.98
C VAL K 672 59.14 15.04 30.49
N GLU K 673 59.28 16.19 29.86
CA GLU K 673 58.97 16.45 28.47
C GLU K 673 60.12 16.11 27.55
N LEU K 674 61.07 15.31 28.01
CA LEU K 674 62.33 15.11 27.31
C LEU K 674 62.58 13.67 26.92
N GLY K 675 61.69 12.76 27.33
CA GLY K 675 61.84 11.35 27.02
C GLY K 675 62.51 10.60 28.16
N THR K 676 63.43 9.73 27.82
CA THR K 676 64.26 9.04 28.80
C THR K 676 65.58 9.73 28.99
N ALA K 677 65.95 10.62 28.07
CA ALA K 677 67.26 11.26 27.86
C ALA K 677 68.36 10.27 27.48
N THR K 678 68.05 8.97 27.38
CA THR K 678 68.95 7.99 26.82
C THR K 678 68.39 7.31 25.60
N GLY K 679 67.08 7.08 25.53
CA GLY K 679 66.45 6.58 24.33
C GLY K 679 66.25 7.70 23.34
N PHE K 680 67.35 8.10 22.70
CA PHE K 680 67.31 9.14 21.68
C PHE K 680 66.42 8.73 20.51
N ASP K 681 65.61 9.65 20.01
CA ASP K 681 64.54 9.22 19.13
C ASP K 681 64.97 9.29 17.67
N PHE K 682 64.58 8.25 16.96
CA PHE K 682 64.75 8.12 15.53
C PHE K 682 63.41 7.83 14.91
N GLU K 683 63.16 8.40 13.73
CA GLU K 683 61.89 8.16 13.08
C GLU K 683 62.12 7.89 11.60
N LEU K 684 62.07 6.62 11.26
CA LEU K 684 62.19 6.21 9.87
C LEU K 684 60.90 6.57 9.17
N ILE K 685 60.92 7.62 8.36
CA ILE K 685 59.73 8.10 7.67
C ILE K 685 59.75 7.61 6.23
N ASP K 686 58.74 6.85 5.85
CA ASP K 686 58.62 6.48 4.45
C ASP K 686 58.08 7.67 3.68
N GLN K 687 58.83 8.10 2.67
CA GLN K 687 58.39 9.23 1.87
C GLN K 687 57.41 8.80 0.80
N ALA K 688 57.63 7.63 0.22
CA ALA K 688 56.90 7.23 -0.97
C ALA K 688 55.54 6.61 -0.67
N GLY K 689 55.19 6.42 0.59
CA GLY K 689 53.99 5.66 0.89
C GLY K 689 54.14 4.20 0.52
N LEU K 690 55.30 3.61 0.80
CA LEU K 690 55.58 2.25 0.36
C LEU K 690 54.75 1.23 1.13
N GLY K 691 54.34 1.55 2.34
CA GLY K 691 53.55 0.62 3.10
C GLY K 691 53.95 0.61 4.55
N HIS K 692 52.95 0.78 5.42
CA HIS K 692 53.15 0.63 6.85
C HIS K 692 53.67 -0.74 7.20
N GLU K 693 53.18 -1.75 6.50
CA GLU K 693 53.74 -3.08 6.56
C GLU K 693 55.20 -3.09 6.12
N LYS K 694 55.56 -2.28 5.13
CA LYS K 694 56.94 -2.28 4.66
C LYS K 694 57.77 -1.31 5.47
N LEU K 695 57.12 -0.32 6.04
CA LEU K 695 57.70 0.46 7.12
C LEU K 695 58.05 -0.43 8.29
N THR K 696 57.27 -1.49 8.50
CA THR K 696 57.55 -2.42 9.56
C THR K 696 58.61 -3.42 9.12
N GLN K 697 58.65 -3.73 7.82
CA GLN K 697 59.67 -4.60 7.27
C GLN K 697 61.04 -3.98 7.40
N ALA K 698 61.18 -2.78 6.87
CA ALA K 698 62.42 -2.03 7.02
C ALA K 698 62.65 -1.66 8.46
N ARG K 699 61.57 -1.50 9.22
CA ARG K 699 61.72 -1.13 10.62
C ARG K 699 62.34 -2.26 11.42
N ASN K 700 61.65 -3.38 11.53
CA ASN K 700 62.15 -4.50 12.31
C ASN K 700 63.34 -5.15 11.66
N GLN K 701 63.46 -4.99 10.36
CA GLN K 701 64.73 -5.18 9.68
C GLN K 701 65.81 -4.33 10.34
N LEU K 702 65.50 -3.08 10.63
CA LEU K 702 66.48 -2.23 11.27
C LEU K 702 66.42 -2.35 12.79
N LEU K 703 65.53 -3.20 13.31
CA LEU K 703 65.65 -3.62 14.69
C LEU K 703 66.59 -4.81 14.80
N ALA K 704 66.57 -5.66 13.78
CA ALA K 704 67.61 -6.66 13.65
C ALA K 704 68.96 -5.99 13.51
N GLU K 705 69.02 -4.98 12.64
CA GLU K 705 70.23 -4.19 12.52
C GLU K 705 70.52 -3.41 13.80
N ALA K 706 69.48 -2.99 14.51
CA ALA K 706 69.67 -2.33 15.79
C ALA K 706 70.21 -3.30 16.85
N ALA K 707 69.95 -4.57 16.68
CA ALA K 707 70.57 -5.59 17.52
C ALA K 707 71.94 -5.99 17.03
N LYS K 708 72.30 -5.63 15.80
CA LYS K 708 73.61 -5.99 15.28
C LYS K 708 74.74 -5.15 15.85
N HIS K 709 74.45 -4.17 16.68
CA HIS K 709 75.49 -3.39 17.36
C HIS K 709 75.20 -3.31 18.86
N PRO K 710 75.48 -4.39 19.60
CA PRO K 710 75.38 -4.28 21.07
C PRO K 710 76.53 -3.51 21.66
N ASP K 711 77.61 -3.34 20.91
CA ASP K 711 78.71 -2.46 21.32
C ASP K 711 78.25 -1.02 21.40
N MET K 712 77.38 -0.61 20.48
CA MET K 712 76.88 0.75 20.49
C MET K 712 75.82 0.97 21.56
N LEU K 713 74.85 0.08 21.66
CA LEU K 713 73.61 0.36 22.37
C LEU K 713 73.43 -0.55 23.57
N THR K 714 72.56 -0.13 24.48
CA THR K 714 72.20 -0.99 25.62
C THR K 714 70.84 -1.64 25.40
N SER K 715 69.80 -0.84 25.14
CA SER K 715 68.48 -1.37 24.78
C SER K 715 67.94 -0.52 23.65
N VAL K 716 67.69 -1.13 22.50
CA VAL K 716 67.39 -0.45 21.25
C VAL K 716 65.91 -0.58 20.97
N ARG K 717 65.13 -0.69 22.04
CA ARG K 717 63.74 -1.09 21.97
C ARG K 717 62.88 -0.03 21.29
N PRO K 718 61.85 -0.43 20.57
CA PRO K 718 60.87 0.53 20.05
C PRO K 718 59.70 0.73 20.99
N ASN K 719 58.69 1.45 20.51
CA ASN K 719 57.32 1.41 21.05
C ASN K 719 56.38 0.71 20.08
N GLY K 720 56.82 -0.41 19.53
CA GLY K 720 56.04 -1.09 18.51
C GLY K 720 54.82 -1.81 19.03
N LEU K 721 53.64 -1.25 18.78
CA LEU K 721 52.40 -1.93 19.10
C LEU K 721 52.02 -2.83 17.94
N GLU K 722 52.20 -4.13 18.13
CA GLU K 722 52.18 -5.08 17.03
C GLU K 722 50.77 -5.32 16.52
N ASP K 723 50.69 -5.49 15.19
CA ASP K 723 49.52 -5.88 14.41
C ASP K 723 48.57 -6.84 15.11
N THR K 724 47.29 -6.50 15.07
CA THR K 724 46.25 -7.25 15.75
C THR K 724 45.53 -8.12 14.75
N PRO K 725 45.64 -9.44 14.84
CA PRO K 725 44.71 -10.32 14.14
C PRO K 725 43.30 -10.06 14.64
N GLN K 726 42.36 -10.01 13.70
CA GLN K 726 41.09 -9.35 13.93
C GLN K 726 40.16 -9.73 12.79
N PHE K 727 38.91 -9.33 12.91
CA PHE K 727 37.84 -10.01 12.20
C PHE K 727 37.12 -9.00 11.30
N LYS K 728 37.58 -8.91 10.06
CA LYS K 728 36.86 -8.16 9.04
C LYS K 728 35.62 -8.92 8.61
N ILE K 729 34.51 -8.21 8.52
CA ILE K 729 33.23 -8.80 8.18
C ILE K 729 32.78 -8.26 6.84
N ASP K 730 32.44 -9.16 5.94
CA ASP K 730 32.23 -8.84 4.53
C ASP K 730 30.78 -9.08 4.16
N ILE K 731 30.19 -8.12 3.44
CA ILE K 731 28.76 -8.08 3.18
C ILE K 731 28.54 -8.05 1.68
N ASP K 732 27.59 -8.86 1.21
CA ASP K 732 27.17 -8.79 -0.18
C ASP K 732 26.02 -7.80 -0.33
N GLN K 733 26.21 -6.82 -1.20
CA GLN K 733 25.20 -5.79 -1.40
C GLN K 733 24.01 -6.34 -2.14
N GLU K 734 24.22 -7.33 -3.00
CA GLU K 734 23.11 -7.92 -3.71
C GLU K 734 22.30 -8.82 -2.81
N LYS K 735 22.95 -9.42 -1.81
CA LYS K 735 22.18 -10.05 -0.73
C LYS K 735 21.41 -9.02 0.06
N ALA K 736 21.97 -7.83 0.23
CA ALA K 736 21.28 -6.79 0.98
C ALA K 736 20.06 -6.32 0.22
N GLN K 737 20.18 -6.18 -1.09
CA GLN K 737 19.04 -5.84 -1.91
C GLN K 737 18.08 -7.02 -2.01
N ALA K 738 18.61 -8.24 -1.89
CA ALA K 738 17.74 -9.41 -1.78
C ALA K 738 16.96 -9.38 -0.48
N LEU K 739 17.53 -8.74 0.53
CA LEU K 739 16.75 -8.44 1.72
C LEU K 739 16.02 -7.12 1.59
N GLY K 740 16.53 -6.22 0.76
CA GLY K 740 15.90 -4.93 0.62
C GLY K 740 15.98 -4.05 1.84
N VAL K 741 17.00 -4.22 2.65
CA VAL K 741 17.13 -3.47 3.90
C VAL K 741 18.37 -2.59 3.84
N SER K 742 18.25 -1.38 4.38
CA SER K 742 19.29 -0.37 4.27
C SER K 742 20.50 -0.78 5.09
N ILE K 743 21.65 -0.80 4.41
CA ILE K 743 22.88 -1.32 4.99
C ILE K 743 23.34 -0.41 6.12
N ASN K 744 23.09 0.88 5.96
CA ASN K 744 23.56 1.88 6.91
C ASN K 744 22.96 1.67 8.28
N ASP K 745 21.72 1.21 8.31
CA ASP K 745 21.08 1.00 9.58
C ASP K 745 21.46 -0.33 10.17
N ILE K 746 21.79 -1.28 9.31
CA ILE K 746 22.36 -2.55 9.78
C ILE K 746 23.67 -2.28 10.47
N ASN K 747 24.49 -1.44 9.87
CA ASN K 747 25.77 -1.09 10.45
C ASN K 747 25.59 -0.23 11.67
N THR K 748 24.53 0.57 11.66
CA THR K 748 24.19 1.38 12.82
C THR K 748 23.86 0.49 13.99
N THR K 749 23.09 -0.56 13.72
CA THR K 749 22.83 -1.59 14.70
C THR K 749 24.13 -2.29 15.08
N LEU K 750 25.04 -2.41 14.13
CA LEU K 750 26.22 -3.23 14.33
C LEU K 750 27.23 -2.54 15.23
N GLY K 751 27.62 -1.32 14.89
CA GLY K 751 28.46 -0.55 15.79
C GLY K 751 27.74 -0.20 17.07
N ALA K 752 26.41 -0.04 17.00
CA ALA K 752 25.64 0.29 18.19
C ALA K 752 25.68 -0.83 19.21
N ALA K 753 25.47 -2.05 18.75
CA ALA K 753 25.52 -3.22 19.59
C ALA K 753 26.92 -3.77 19.71
N TRP K 754 27.88 -3.15 19.06
CA TRP K 754 29.21 -3.75 18.94
C TRP K 754 30.35 -2.76 19.06
N GLY K 755 30.09 -1.47 19.20
CA GLY K 755 31.09 -0.55 19.69
C GLY K 755 30.45 0.40 20.67
N GLY K 756 29.25 0.06 21.12
CA GLY K 756 28.46 0.94 21.94
C GLY K 756 27.69 1.95 21.11
N SER K 757 26.80 2.67 21.77
CA SER K 757 26.04 3.70 21.07
C SER K 757 25.69 4.83 22.01
N TYR K 758 26.26 5.99 21.76
CA TYR K 758 25.75 7.20 22.39
C TYR K 758 24.47 7.63 21.72
N VAL K 759 23.56 8.22 22.48
CA VAL K 759 22.42 8.88 21.87
C VAL K 759 22.37 10.35 22.27
N ASN K 760 22.10 10.60 23.54
CA ASN K 760 21.80 11.94 24.02
C ASN K 760 22.03 11.97 25.51
N ASP K 761 21.46 12.95 26.19
CA ASP K 761 21.74 13.16 27.59
C ASP K 761 20.45 13.23 28.39
N PHE K 762 20.60 13.60 29.65
CA PHE K 762 19.49 13.84 30.56
C PHE K 762 19.99 14.59 31.78
N ILE K 763 19.14 14.62 32.80
CA ILE K 763 19.44 15.27 34.05
C ILE K 763 19.20 14.31 35.20
N ASP K 764 20.20 14.13 36.04
CA ASP K 764 19.96 13.74 37.42
C ASP K 764 20.55 14.80 38.32
N ARG K 765 19.70 15.34 39.20
CA ARG K 765 20.10 16.24 40.27
C ARG K 765 20.78 17.48 39.70
N GLY K 766 20.27 17.95 38.57
CA GLY K 766 20.84 19.07 37.88
C GLY K 766 22.17 18.72 37.25
N ARG K 767 22.22 17.63 36.49
CA ARG K 767 23.50 17.28 35.88
C ARG K 767 23.24 16.54 34.57
N VAL K 768 23.71 17.15 33.48
CA VAL K 768 23.58 16.60 32.14
C VAL K 768 24.40 15.33 32.03
N LYS K 769 23.76 14.24 31.62
CA LYS K 769 24.39 12.93 31.68
C LYS K 769 24.14 12.13 30.41
N LYS K 770 25.19 11.44 29.97
CA LYS K 770 25.22 10.75 28.68
C LYS K 770 24.31 9.54 28.68
N VAL K 771 24.09 8.98 27.49
CA VAL K 771 23.31 7.77 27.32
C VAL K 771 24.11 6.79 26.47
N TYR K 772 24.28 5.56 26.97
CA TYR K 772 24.98 4.55 26.21
C TYR K 772 24.23 3.22 26.25
N VAL K 773 24.50 2.42 25.22
CA VAL K 773 23.87 1.13 25.01
C VAL K 773 24.73 0.21 24.16
N MET K 774 24.94 -1.01 24.65
CA MET K 774 25.57 -2.13 23.95
C MET K 774 25.34 -3.36 24.81
N SER K 775 25.13 -4.51 24.18
CA SER K 775 24.60 -5.63 24.91
C SER K 775 25.65 -6.33 25.76
N GLU K 776 25.23 -7.45 26.35
CA GLU K 776 25.97 -8.23 27.33
C GLU K 776 27.28 -8.73 26.76
N ALA K 777 28.26 -8.89 27.66
CA ALA K 777 29.57 -9.39 27.26
C ALA K 777 29.46 -10.77 26.66
N LYS K 778 28.65 -11.64 27.29
CA LYS K 778 28.33 -12.94 26.72
C LYS K 778 27.59 -12.81 25.40
N TYR K 779 26.88 -11.71 25.20
CA TYR K 779 26.23 -11.47 23.93
C TYR K 779 27.14 -10.79 22.94
N ARG K 780 28.28 -10.26 23.37
CA ARG K 780 29.15 -9.57 22.43
C ARG K 780 30.55 -10.18 22.37
N MET K 781 30.67 -11.48 22.59
CA MET K 781 32.01 -12.03 22.70
C MET K 781 32.47 -12.84 21.50
N LEU K 782 31.61 -13.59 20.85
CA LEU K 782 32.05 -14.51 19.82
C LEU K 782 32.01 -13.89 18.45
N PRO K 783 32.77 -14.44 17.50
CA PRO K 783 32.49 -14.14 16.09
C PRO K 783 31.12 -14.61 15.68
N ASP K 784 30.63 -15.69 16.26
CA ASP K 784 29.27 -16.12 15.98
C ASP K 784 28.24 -15.22 16.63
N ASP K 785 28.62 -14.54 17.72
CA ASP K 785 27.70 -13.61 18.39
C ASP K 785 27.27 -12.48 17.49
N ILE K 786 28.08 -12.16 16.47
CA ILE K 786 27.66 -11.29 15.38
C ILE K 786 26.40 -11.83 14.73
N GLY K 787 26.50 -13.02 14.14
CA GLY K 787 25.38 -13.62 13.44
C GLY K 787 24.21 -13.98 14.33
N ASP K 788 24.43 -13.98 15.65
CA ASP K 788 23.36 -14.14 16.61
C ASP K 788 22.45 -12.93 16.72
N TRP K 789 22.72 -11.85 15.99
CA TRP K 789 21.78 -10.75 15.92
C TRP K 789 20.94 -10.86 14.66
N TYR K 790 19.75 -10.29 14.73
CA TYR K 790 18.75 -10.44 13.70
C TYR K 790 18.14 -9.08 13.43
N VAL K 791 17.94 -8.75 12.16
CA VAL K 791 17.48 -7.45 11.75
C VAL K 791 16.28 -7.61 10.84
N ARG K 792 15.23 -6.83 11.11
CA ARG K 792 14.08 -6.73 10.22
C ARG K 792 14.51 -6.30 8.83
N ALA K 793 14.07 -7.05 7.84
CA ALA K 793 14.30 -6.72 6.45
C ALA K 793 13.18 -5.81 5.98
N ALA K 794 13.01 -5.68 4.67
CA ALA K 794 11.92 -4.88 4.11
C ALA K 794 10.55 -5.44 4.50
N ASP K 795 10.46 -6.75 4.73
CA ASP K 795 9.22 -7.33 5.23
C ASP K 795 9.09 -7.23 6.74
N GLY K 796 10.15 -6.84 7.44
CA GLY K 796 10.13 -6.84 8.89
C GLY K 796 10.54 -8.15 9.52
N GLN K 797 11.22 -9.01 8.79
CA GLN K 797 11.62 -10.31 9.31
C GLN K 797 13.01 -10.26 9.90
N MET K 798 13.15 -10.79 11.11
CA MET K 798 14.44 -10.91 11.80
C MET K 798 15.42 -11.75 11.01
N VAL K 799 16.47 -11.10 10.50
CA VAL K 799 17.40 -11.74 9.58
C VAL K 799 18.79 -11.77 10.21
N PRO K 800 19.40 -12.94 10.35
CA PRO K 800 20.77 -13.00 10.87
C PRO K 800 21.76 -12.38 9.91
N PHE K 801 22.94 -12.08 10.45
CA PHE K 801 23.93 -11.42 9.64
C PHE K 801 24.59 -12.41 8.71
N SER K 802 24.84 -13.62 9.24
CA SER K 802 25.39 -14.74 8.52
C SER K 802 24.51 -15.20 7.38
N ALA K 803 23.25 -14.78 7.33
CA ALA K 803 22.47 -14.89 6.11
C ALA K 803 23.11 -14.14 4.95
N PHE K 804 23.92 -13.12 5.24
CA PHE K 804 24.63 -12.38 4.22
C PHE K 804 26.08 -12.08 4.56
N SER K 805 26.47 -12.09 5.82
CA SER K 805 27.82 -11.68 6.19
C SER K 805 28.80 -12.81 5.95
N SER K 806 29.94 -12.48 5.37
CA SER K 806 31.13 -13.30 5.49
C SER K 806 32.18 -12.49 6.23
N SER K 807 33.33 -13.11 6.48
CA SER K 807 34.26 -12.59 7.46
C SER K 807 35.56 -13.37 7.39
N ARG K 808 36.59 -12.80 8.00
CA ARG K 808 37.95 -13.34 7.99
C ARG K 808 38.79 -12.56 9.01
N TRP K 809 40.08 -12.84 9.04
CA TRP K 809 41.04 -12.25 9.96
C TRP K 809 42.08 -11.46 9.18
N GLU K 810 42.75 -10.56 9.90
CA GLU K 810 43.80 -9.70 9.35
C GLU K 810 44.55 -9.07 10.51
N TYR K 811 45.61 -8.31 10.18
CA TYR K 811 46.62 -7.92 11.16
C TYR K 811 46.76 -6.41 11.21
N GLY K 812 45.66 -5.70 11.44
CA GLY K 812 45.77 -4.28 11.62
C GLY K 812 46.57 -3.91 12.86
N SER K 813 47.44 -2.92 12.68
CA SER K 813 48.16 -2.41 13.84
C SER K 813 47.20 -1.64 14.73
N PRO K 814 47.29 -1.83 16.04
CA PRO K 814 46.35 -1.16 16.93
C PRO K 814 46.60 0.33 17.00
N ARG K 815 47.84 0.75 16.84
CA ARG K 815 48.26 2.11 17.12
C ARG K 815 49.16 2.55 15.98
N LEU K 816 48.62 3.39 15.11
CA LEU K 816 49.45 3.95 14.06
C LEU K 816 50.05 5.25 14.55
N GLU K 817 51.07 5.71 13.83
CA GLU K 817 51.82 6.90 14.22
C GLU K 817 52.24 7.64 12.97
N ARG K 818 51.97 8.93 12.92
CA ARG K 818 52.51 9.76 11.87
C ARG K 818 53.18 10.99 12.46
N TYR K 819 54.44 11.17 12.11
CA TYR K 819 55.29 12.21 12.69
C TYR K 819 55.51 13.29 11.66
N ASN K 820 55.27 14.55 12.07
CA ASN K 820 55.14 15.67 11.15
C ASN K 820 54.20 15.33 10.02
N GLY K 821 53.04 14.79 10.39
CA GLY K 821 52.05 14.35 9.44
C GLY K 821 52.48 13.24 8.53
N LEU K 822 53.46 12.44 8.93
CA LEU K 822 54.12 11.53 8.04
C LEU K 822 54.45 10.25 8.79
N PRO K 823 54.21 9.09 8.17
CA PRO K 823 54.26 7.82 8.89
C PRO K 823 55.67 7.45 9.31
N SER K 824 55.83 7.18 10.59
CA SER K 824 57.07 6.65 11.14
C SER K 824 56.75 6.03 12.48
N MET K 825 57.61 5.14 12.94
CA MET K 825 57.33 4.46 14.19
C MET K 825 58.39 4.75 15.24
N GLU K 826 57.96 4.67 16.50
CA GLU K 826 58.74 5.19 17.62
C GLU K 826 59.92 4.29 17.89
N ILE K 827 61.11 4.86 17.80
CA ILE K 827 62.35 4.13 17.90
C ILE K 827 63.12 4.73 19.05
N LEU K 828 63.01 4.09 20.20
CA LEU K 828 63.88 4.44 21.30
C LEU K 828 65.19 3.69 21.14
N GLY K 829 66.17 4.10 21.92
CA GLY K 829 67.35 3.29 22.04
C GLY K 829 68.39 3.97 22.90
N GLN K 830 68.89 3.26 23.90
CA GLN K 830 69.91 3.83 24.77
C GLN K 830 71.26 3.24 24.41
N ALA K 831 72.28 4.08 24.43
CA ALA K 831 73.61 3.66 24.03
C ALA K 831 74.26 2.85 25.15
N ALA K 832 75.39 2.23 24.80
CA ALA K 832 76.25 1.67 25.81
C ALA K 832 76.81 2.80 26.68
N PRO K 833 76.94 2.59 27.99
CA PRO K 833 77.37 3.68 28.87
C PRO K 833 78.81 4.09 28.63
N GLY K 834 78.98 5.32 28.19
CA GLY K 834 80.27 5.83 27.79
C GLY K 834 80.42 6.10 26.31
N LYS K 835 79.32 6.15 25.56
CA LYS K 835 79.34 6.41 24.13
C LYS K 835 78.32 7.51 23.84
N SER K 836 78.75 8.53 23.11
CA SER K 836 77.88 9.67 22.89
C SER K 836 76.81 9.33 21.88
N THR K 837 75.70 10.07 21.96
CA THR K 837 74.57 9.77 21.09
C THR K 837 74.81 10.16 19.65
N GLY K 838 75.74 11.09 19.38
CA GLY K 838 76.04 11.46 18.01
C GLY K 838 76.77 10.35 17.28
N GLU K 839 77.52 9.53 18.03
CA GLU K 839 78.10 8.32 17.48
C GLU K 839 77.03 7.37 16.97
N ALA K 840 76.00 7.15 17.77
CA ALA K 840 74.94 6.23 17.37
C ALA K 840 74.04 6.86 16.33
N MET K 841 73.92 8.19 16.33
CA MET K 841 73.23 8.87 15.25
C MET K 841 73.93 8.67 13.94
N GLU K 842 75.25 8.81 13.93
CA GLU K 842 76.03 8.52 12.74
C GLU K 842 75.95 7.05 12.38
N LEU K 843 75.81 6.19 13.39
CA LEU K 843 75.63 4.76 13.15
C LEU K 843 74.33 4.48 12.43
N MET K 844 73.22 5.02 12.91
CA MET K 844 71.97 4.64 12.29
C MET K 844 71.73 5.45 11.03
N GLU K 845 72.44 6.55 10.86
CA GLU K 845 72.40 7.27 9.61
C GLU K 845 73.27 6.61 8.56
N GLN K 846 74.31 5.88 8.96
CA GLN K 846 74.95 5.00 8.00
C GLN K 846 74.27 3.66 7.95
N LEU K 847 73.31 3.41 8.84
CA LEU K 847 72.34 2.35 8.64
C LEU K 847 71.04 2.88 8.05
N ALA K 848 70.91 4.20 7.94
CA ALA K 848 69.94 4.79 7.03
C ALA K 848 70.37 4.65 5.58
N SER K 849 71.62 4.26 5.34
CA SER K 849 71.99 3.68 4.07
C SER K 849 71.17 2.43 3.79
N LYS K 850 70.87 1.64 4.83
CA LYS K 850 70.13 0.39 4.65
C LYS K 850 68.63 0.65 4.74
N LEU K 851 68.20 1.64 3.96
CA LEU K 851 66.87 2.13 3.80
C LEU K 851 66.58 2.26 2.32
N PRO K 852 65.45 1.76 1.86
CA PRO K 852 65.11 1.85 0.43
C PRO K 852 64.72 3.27 0.04
N THR K 853 64.35 3.40 -1.22
CA THR K 853 63.94 4.68 -1.75
C THR K 853 62.60 5.10 -1.18
N GLY K 854 62.32 6.41 -1.26
CA GLY K 854 61.13 6.96 -0.65
C GLY K 854 61.08 6.76 0.85
N VAL K 855 62.24 6.84 1.50
CA VAL K 855 62.32 6.65 2.94
C VAL K 855 63.23 7.74 3.49
N GLY K 856 62.74 8.48 4.48
CA GLY K 856 63.56 9.35 5.30
C GLY K 856 63.45 8.97 6.76
N TYR K 857 63.79 9.94 7.61
CA TYR K 857 63.99 9.64 9.02
C TYR K 857 64.03 10.93 9.83
N ASP K 858 64.34 10.78 11.12
CA ASP K 858 64.33 11.91 12.03
C ASP K 858 65.10 11.55 13.29
N TRP K 859 65.58 12.58 13.97
CA TRP K 859 66.10 12.46 15.32
C TRP K 859 65.42 13.49 16.20
N THR K 860 64.66 13.03 17.19
CA THR K 860 63.99 13.99 18.04
C THR K 860 63.94 13.51 19.48
N GLY K 861 63.26 14.31 20.28
CA GLY K 861 63.38 14.24 21.72
C GLY K 861 64.35 15.30 22.21
N MET K 862 65.32 14.88 23.01
CA MET K 862 66.53 15.67 23.16
C MET K 862 67.44 15.53 21.95
N SER K 863 67.20 14.54 21.10
CA SER K 863 67.83 14.50 19.79
C SER K 863 67.39 15.67 18.95
N TYR K 864 66.19 16.20 19.22
CA TYR K 864 65.81 17.42 18.57
C TYR K 864 66.66 18.58 19.07
N GLN K 865 66.94 18.58 20.38
CA GLN K 865 67.71 19.66 20.99
C GLN K 865 69.16 19.67 20.53
N GLU K 866 69.83 18.53 20.62
CA GLU K 866 71.19 18.46 20.11
C GLU K 866 71.20 18.49 18.59
N ARG K 867 70.09 18.09 17.96
CA ARG K 867 69.96 18.21 16.51
C ARG K 867 69.90 19.66 16.09
N LEU K 868 69.46 20.55 16.99
CA LEU K 868 69.66 21.96 16.75
C LEU K 868 71.13 22.28 16.91
N SER K 869 71.65 22.11 18.13
CA SER K 869 73.05 22.37 18.46
C SER K 869 73.36 21.78 19.82
N GLY K 870 74.64 21.57 20.06
CA GLY K 870 75.15 21.36 21.39
C GLY K 870 76.48 22.07 21.52
N ASN K 871 76.96 22.64 20.41
CA ASN K 871 78.33 23.14 20.34
C ASN K 871 78.34 24.57 19.80
N GLN K 872 77.32 25.34 20.14
CA GLN K 872 77.46 26.78 20.00
C GLN K 872 78.23 27.39 21.15
N ALA K 873 78.34 26.65 22.25
CA ALA K 873 79.13 27.09 23.40
C ALA K 873 80.61 27.36 23.11
N PRO K 874 81.37 26.55 22.34
CA PRO K 874 82.75 26.97 22.04
C PRO K 874 82.86 28.21 21.19
N SER K 875 81.84 28.51 20.37
CA SER K 875 81.79 29.82 19.74
C SER K 875 81.63 30.90 20.78
N LEU K 876 80.87 30.61 21.83
CA LEU K 876 80.69 31.57 22.90
C LEU K 876 81.94 31.69 23.74
N TYR K 877 82.73 30.61 23.88
CA TYR K 877 83.99 30.74 24.59
C TYR K 877 84.99 31.51 23.75
N ALA K 878 84.87 31.40 22.43
CA ALA K 878 85.76 32.13 21.54
C ALA K 878 85.52 33.62 21.65
N ILE K 879 84.26 34.04 21.45
CA ILE K 879 83.95 35.46 21.56
C ILE K 879 84.01 35.92 23.00
N SER K 880 83.95 34.98 23.95
CA SER K 880 84.20 35.31 25.34
C SER K 880 85.67 35.67 25.55
N LEU K 881 86.55 34.89 24.93
CA LEU K 881 87.98 35.21 24.95
C LEU K 881 88.25 36.53 24.28
N ILE K 882 87.47 36.84 23.24
CA ILE K 882 87.58 38.14 22.59
C ILE K 882 87.21 39.25 23.55
N VAL K 883 86.02 39.16 24.15
CA VAL K 883 85.52 40.28 24.92
C VAL K 883 86.28 40.43 26.23
N VAL K 884 86.77 39.31 26.77
CA VAL K 884 87.62 39.37 27.94
C VAL K 884 88.97 39.96 27.57
N PHE K 885 89.45 39.63 26.37
CA PHE K 885 90.72 40.16 25.90
C PHE K 885 90.67 41.67 25.75
N LEU K 886 89.58 42.18 25.17
CA LEU K 886 89.53 43.61 24.95
C LEU K 886 89.17 44.37 26.21
N CYS K 887 88.32 43.81 27.08
CA CYS K 887 87.97 44.54 28.28
C CYS K 887 89.17 44.62 29.20
N LEU K 888 89.94 43.53 29.29
CA LEU K 888 91.21 43.60 30.00
C LEU K 888 92.20 44.50 29.29
N ALA K 889 92.09 44.63 27.96
CA ALA K 889 92.89 45.62 27.26
C ALA K 889 92.46 47.04 27.57
N ALA K 890 91.29 47.24 28.18
CA ALA K 890 90.98 48.56 28.73
C ALA K 890 91.44 48.70 30.17
N LEU K 891 91.32 47.63 30.96
CA LEU K 891 91.61 47.71 32.38
C LEU K 891 93.11 47.81 32.63
N TYR K 892 93.87 46.94 31.98
CA TYR K 892 95.30 47.16 31.78
C TYR K 892 95.55 48.51 31.11
N GLU K 893 94.72 48.86 30.13
CA GLU K 893 94.96 49.92 29.17
C GLU K 893 96.33 49.73 28.51
N SER K 894 96.57 48.49 28.08
CA SER K 894 97.90 48.11 27.65
C SER K 894 97.80 47.09 26.53
N TRP K 895 98.80 47.12 25.65
CA TRP K 895 98.87 46.22 24.50
C TRP K 895 99.44 44.88 24.94
N SER K 896 98.58 43.86 25.02
CA SER K 896 98.89 42.43 25.17
C SER K 896 99.49 42.04 26.52
N ILE K 897 99.82 43.00 27.39
CA ILE K 897 99.94 42.76 28.82
C ILE K 897 98.72 42.07 29.44
N PRO K 898 97.47 42.31 29.01
CA PRO K 898 96.36 41.45 29.48
C PRO K 898 96.52 39.97 29.24
N PHE K 899 97.22 39.57 28.17
CA PHE K 899 97.22 38.18 27.74
C PHE K 899 97.85 37.26 28.76
N SER K 900 98.73 37.82 29.61
CA SER K 900 99.28 37.16 30.79
C SER K 900 98.20 36.47 31.63
N VAL K 901 97.12 37.21 31.93
CA VAL K 901 96.11 36.62 32.82
C VAL K 901 95.24 35.62 32.07
N MET K 902 95.36 35.54 30.74
CA MET K 902 94.73 34.44 30.01
C MET K 902 95.32 33.11 30.43
N LEU K 903 96.57 33.12 30.87
CA LEU K 903 97.22 31.94 31.39
C LEU K 903 96.60 31.45 32.68
N VAL K 904 95.81 32.29 33.38
CA VAL K 904 95.15 31.80 34.58
C VAL K 904 93.84 31.12 34.23
N VAL K 905 93.36 31.34 33.00
CA VAL K 905 92.12 30.71 32.56
C VAL K 905 92.15 29.19 32.58
N PRO K 906 93.27 28.50 32.23
CA PRO K 906 93.29 27.05 32.45
C PRO K 906 93.16 26.60 33.90
N LEU K 907 93.90 27.23 34.81
CA LEU K 907 94.48 26.56 35.97
C LEU K 907 93.42 25.90 36.85
N GLY K 908 92.42 26.70 37.27
CA GLY K 908 91.40 26.23 38.18
C GLY K 908 90.63 25.03 37.65
N VAL K 909 90.37 25.01 36.34
CA VAL K 909 89.48 23.98 35.82
C VAL K 909 90.18 22.63 35.80
N ILE K 910 91.53 22.66 35.86
CA ILE K 910 92.34 21.47 36.12
C ILE K 910 91.78 20.69 37.28
N GLY K 911 91.59 21.39 38.41
CA GLY K 911 91.03 20.76 39.57
C GLY K 911 89.63 20.26 39.33
N ALA K 912 88.83 21.06 38.62
CA ALA K 912 87.50 20.64 38.22
C ALA K 912 87.57 19.41 37.35
N LEU K 913 88.54 19.39 36.43
CA LEU K 913 88.84 18.20 35.63
C LEU K 913 89.08 17.00 36.52
N LEU K 914 90.00 17.14 37.47
CA LEU K 914 90.29 15.99 38.29
C LEU K 914 89.21 15.74 39.32
N ALA K 915 88.36 16.76 39.57
CA ALA K 915 87.17 16.53 40.38
C ALA K 915 86.32 15.43 39.76
N ALA K 916 86.15 15.50 38.43
CA ALA K 916 85.47 14.44 37.71
C ALA K 916 86.22 13.12 37.85
N THR K 917 87.55 13.16 37.80
CA THR K 917 88.29 11.92 37.92
C THR K 917 88.26 11.40 39.34
N PHE K 918 88.06 12.27 40.32
CA PHE K 918 87.89 11.73 41.66
C PHE K 918 86.48 11.23 41.89
N ARG K 919 85.56 11.45 40.96
CA ARG K 919 84.23 10.99 41.26
C ARG K 919 83.56 10.25 40.12
N GLY K 920 83.85 10.64 38.89
CA GLY K 920 83.11 10.10 37.77
C GLY K 920 81.81 10.80 37.47
N LEU K 921 81.82 12.12 37.41
CA LEU K 921 80.67 12.91 36.96
C LEU K 921 81.03 13.72 35.72
N THR K 922 80.22 13.56 34.69
CA THR K 922 80.52 14.08 33.37
C THR K 922 79.93 15.47 33.19
N ASN K 923 79.89 15.89 31.93
CA ASN K 923 79.43 17.23 31.60
C ASN K 923 77.91 17.34 31.71
N ASP K 924 77.47 18.51 32.15
CA ASP K 924 76.12 19.02 32.01
C ASP K 924 76.17 20.53 32.23
N VAL K 925 75.00 21.14 32.41
CA VAL K 925 74.96 22.58 32.65
C VAL K 925 75.50 22.89 34.03
N TYR K 926 75.31 21.98 34.99
CA TYR K 926 75.92 22.13 36.30
C TYR K 926 77.44 22.06 36.19
N PHE K 927 77.92 21.21 35.30
CA PHE K 927 79.35 21.14 35.04
C PHE K 927 79.83 22.43 34.41
N GLN K 928 79.09 22.92 33.41
CA GLN K 928 79.47 24.13 32.68
C GLN K 928 79.47 25.35 33.58
N VAL K 929 78.48 25.44 34.47
CA VAL K 929 78.51 26.55 35.42
C VAL K 929 79.56 26.30 36.47
N GLY K 930 79.97 25.05 36.67
CA GLY K 930 81.18 24.78 37.43
C GLY K 930 82.40 25.43 36.80
N LEU K 931 82.51 25.31 35.47
CA LEU K 931 83.55 26.04 34.73
C LEU K 931 83.43 27.53 34.96
N LEU K 932 82.21 28.06 34.90
CA LEU K 932 81.98 29.50 35.04
C LEU K 932 82.43 30.00 36.40
N THR K 933 82.12 29.23 37.45
CA THR K 933 82.58 29.57 38.79
C THR K 933 84.08 29.56 38.89
N THR K 934 84.72 28.51 38.36
CA THR K 934 86.17 28.39 38.50
C THR K 934 86.90 29.50 37.77
N ILE K 935 86.45 29.82 36.56
CA ILE K 935 87.12 30.88 35.81
C ILE K 935 86.84 32.23 36.46
N GLY K 936 85.65 32.39 37.04
CA GLY K 936 85.30 33.68 37.60
C GLY K 936 86.09 33.97 38.86
N LEU K 937 86.15 33.00 39.77
CA LEU K 937 86.84 33.23 41.02
C LEU K 937 88.34 33.26 40.80
N SER K 938 88.84 32.29 40.02
CA SER K 938 90.26 32.18 39.74
C SER K 938 90.77 33.41 39.03
N ALA K 939 90.12 33.75 37.92
CA ALA K 939 90.51 34.91 37.14
C ALA K 939 90.33 36.19 37.92
N LYS K 940 89.30 36.24 38.77
CA LYS K 940 89.09 37.38 39.66
C LYS K 940 90.28 37.59 40.58
N ASN K 941 90.72 36.52 41.22
CA ASN K 941 91.83 36.60 42.16
C ASN K 941 93.11 37.01 41.46
N ALA K 942 93.31 36.50 40.24
CA ALA K 942 94.48 36.90 39.48
C ALA K 942 94.39 38.36 39.06
N ILE K 943 93.19 38.86 38.82
CA ILE K 943 93.02 40.29 38.55
C ILE K 943 93.33 41.11 39.79
N LEU K 944 93.07 40.56 40.97
CA LEU K 944 93.52 41.23 42.18
C LEU K 944 95.04 41.24 42.26
N ILE K 945 95.67 40.17 41.77
CA ILE K 945 97.12 40.08 41.78
C ILE K 945 97.75 41.11 40.86
N VAL K 946 97.44 41.03 39.56
CA VAL K 946 97.98 41.96 38.57
C VAL K 946 97.46 43.36 38.79
N GLU K 947 96.35 43.47 39.51
CA GLU K 947 95.88 44.78 39.92
C GLU K 947 96.82 45.37 40.96
N PHE K 948 97.25 44.56 41.92
CA PHE K 948 98.24 45.06 42.87
C PHE K 948 99.57 45.36 42.21
N ALA K 949 99.92 44.57 41.20
CA ALA K 949 101.10 44.86 40.39
C ALA K 949 100.94 46.20 39.68
N LYS K 950 99.76 46.42 39.09
CA LYS K 950 99.50 47.65 38.37
C LYS K 950 99.39 48.83 39.32
N ASP K 951 99.03 48.57 40.59
CA ASP K 951 99.15 49.57 41.63
C ASP K 951 100.60 49.91 41.88
N LEU K 952 101.48 48.92 41.82
CA LEU K 952 102.87 49.15 42.13
C LEU K 952 103.75 49.20 40.89
N MET K 953 103.18 49.63 39.77
CA MET K 953 103.97 49.88 38.56
C MET K 953 104.57 51.28 38.56
N ASP K 954 103.72 52.29 38.51
CA ASP K 954 104.19 53.66 38.34
C ASP K 954 103.63 54.63 39.36
N LYS K 955 102.74 54.18 40.25
CA LYS K 955 102.49 54.93 41.47
C LYS K 955 103.76 55.02 42.29
N GLU K 956 104.54 53.95 42.28
CA GLU K 956 105.96 54.02 42.57
C GLU K 956 106.70 53.21 41.52
N GLY K 957 107.54 53.88 40.74
CA GLY K 957 108.26 53.26 39.65
C GLY K 957 109.41 52.37 40.13
N LYS K 958 109.08 51.26 40.76
CA LYS K 958 110.11 50.39 41.29
C LYS K 958 110.58 49.41 40.23
N GLY K 959 111.56 48.60 40.61
CA GLY K 959 111.76 47.33 39.93
C GLY K 959 110.60 46.41 40.20
N LEU K 960 110.46 45.41 39.32
CA LEU K 960 109.24 44.61 39.30
C LEU K 960 109.15 43.67 40.49
N ILE K 961 110.31 43.31 41.06
CA ILE K 961 110.35 42.17 41.95
C ILE K 961 109.96 42.57 43.37
N GLU K 962 110.42 43.73 43.82
CA GLU K 962 110.09 44.15 45.18
C GLU K 962 108.64 44.64 45.26
N ALA K 963 108.18 45.31 44.21
CA ALA K 963 106.77 45.64 44.08
C ALA K 963 105.92 44.39 44.00
N THR K 964 106.45 43.37 43.32
CA THR K 964 105.84 42.05 43.32
C THR K 964 105.77 41.47 44.72
N LEU K 965 106.79 41.69 45.55
CA LEU K 965 106.82 41.09 46.87
C LEU K 965 105.82 41.75 47.81
N ASP K 966 105.75 43.08 47.80
CA ASP K 966 104.77 43.74 48.66
C ASP K 966 103.37 43.50 48.16
N ALA K 967 103.21 43.46 46.83
CA ALA K 967 101.93 43.16 46.23
C ALA K 967 101.51 41.72 46.47
N VAL K 968 102.45 40.81 46.70
CA VAL K 968 102.13 39.41 46.91
C VAL K 968 102.08 39.08 48.39
N ARG K 969 102.52 39.99 49.25
CA ARG K 969 102.29 39.89 50.68
C ARG K 969 100.90 40.42 51.03
N MET K 970 100.68 41.69 50.65
CA MET K 970 99.35 42.29 50.68
C MET K 970 98.35 41.48 49.90
N ARG K 971 98.76 40.89 48.79
CA ARG K 971 97.90 39.94 48.10
C ARG K 971 97.83 38.61 48.83
N LEU K 972 98.91 38.25 49.53
CA LEU K 972 99.08 36.90 50.07
C LEU K 972 98.05 36.60 51.14
N ARG K 973 97.80 37.55 52.04
CA ARG K 973 96.85 37.26 53.11
C ARG K 973 95.42 37.01 52.62
N PRO K 974 94.85 37.74 51.64
CA PRO K 974 93.56 37.32 51.08
C PRO K 974 93.59 36.04 50.30
N ILE K 975 94.73 35.58 49.82
CA ILE K 975 94.77 34.27 49.17
C ILE K 975 94.37 33.20 50.16
N LEU K 976 95.02 33.21 51.33
CA LEU K 976 94.68 32.27 52.39
C LEU K 976 93.26 32.46 52.88
N MET K 977 92.89 33.70 53.19
CA MET K 977 91.64 33.88 53.91
C MET K 977 90.43 33.72 53.01
N THR K 978 90.53 34.17 51.77
CA THR K 978 89.44 33.93 50.84
C THR K 978 89.41 32.49 50.38
N SER K 979 90.58 31.84 50.36
CA SER K 979 90.63 30.46 49.91
C SER K 979 89.96 29.53 50.91
N LEU K 980 90.45 29.53 52.17
CA LEU K 980 89.84 28.72 53.22
C LEU K 980 88.42 29.15 53.48
N ALA K 981 88.16 30.45 53.34
CA ALA K 981 86.82 30.99 53.47
C ALA K 981 85.88 30.35 52.47
N PHE K 982 86.32 30.24 51.22
CA PHE K 982 85.44 29.67 50.22
C PHE K 982 85.31 28.17 50.35
N ILE K 983 86.38 27.46 50.72
CA ILE K 983 86.26 26.02 50.80
C ILE K 983 85.38 25.63 51.99
N LEU K 984 85.37 26.44 53.05
CA LEU K 984 84.32 26.31 54.04
C LEU K 984 82.98 26.69 53.45
N GLY K 985 82.99 27.58 52.44
CA GLY K 985 81.79 27.85 51.68
C GLY K 985 81.25 26.64 50.95
N VAL K 986 82.12 25.70 50.57
CA VAL K 986 81.66 24.56 49.79
C VAL K 986 81.80 23.25 50.54
N MET K 987 81.98 23.30 51.85
CA MET K 987 81.88 22.08 52.67
C MET K 987 80.57 21.32 52.50
N PRO K 988 79.36 21.91 52.64
CA PRO K 988 78.16 21.09 52.49
C PRO K 988 77.93 20.67 51.06
N LEU K 989 78.49 21.45 50.13
CA LEU K 989 78.39 21.15 48.72
C LEU K 989 79.21 19.91 48.38
N VAL K 990 80.13 19.53 49.23
CA VAL K 990 80.77 18.24 49.10
C VAL K 990 80.04 17.19 49.92
N ILE K 991 79.70 17.49 51.18
CA ILE K 991 79.12 16.45 52.03
C ILE K 991 77.61 16.36 51.88
N SER K 992 77.02 16.99 50.87
CA SER K 992 75.62 16.74 50.56
C SER K 992 75.44 15.26 50.20
N THR K 993 74.62 14.59 50.99
CA THR K 993 74.32 13.17 50.79
C THR K 993 72.83 13.03 50.61
N GLY K 994 72.41 12.71 49.40
CA GLY K 994 71.00 12.68 49.07
C GLY K 994 70.43 14.09 48.97
N ALA K 995 69.11 14.13 48.84
CA ALA K 995 68.30 15.36 48.77
C ALA K 995 68.77 16.27 47.64
N GLY K 996 68.59 15.78 46.42
CA GLY K 996 68.96 16.52 45.23
C GLY K 996 70.47 16.67 45.12
N SER K 997 71.17 15.62 45.52
CA SER K 997 72.56 15.66 45.92
C SER K 997 73.51 16.11 44.81
N GLY K 998 73.57 15.36 43.72
CA GLY K 998 74.68 15.44 42.78
C GLY K 998 74.81 16.73 42.00
N ALA K 999 73.85 17.65 42.11
CA ALA K 999 74.03 18.94 41.47
C ALA K 999 75.02 19.79 42.25
N GLN K 1000 74.70 20.08 43.50
CA GLN K 1000 75.61 20.77 44.40
C GLN K 1000 76.82 19.91 44.71
N ASN K 1001 76.64 18.60 44.75
CA ASN K 1001 77.76 17.68 44.84
C ASN K 1001 78.55 17.61 43.55
N ALA K 1002 78.02 18.12 42.45
CA ALA K 1002 78.82 18.18 41.25
C ALA K 1002 79.63 19.47 41.21
N VAL K 1003 78.97 20.57 41.53
CA VAL K 1003 79.59 21.87 41.35
C VAL K 1003 80.55 22.19 42.48
N GLY K 1004 80.12 21.99 43.72
CA GLY K 1004 80.95 22.35 44.86
C GLY K 1004 82.18 21.48 44.98
N THR K 1005 82.05 20.21 44.60
CA THR K 1005 83.23 19.37 44.46
C THR K 1005 84.07 19.84 43.27
N GLY K 1006 83.42 20.34 42.23
CA GLY K 1006 84.16 20.80 41.07
C GLY K 1006 84.70 22.19 41.17
N VAL K 1007 84.77 22.78 42.36
CA VAL K 1007 85.30 24.13 42.49
C VAL K 1007 86.35 24.11 43.59
N MET K 1008 86.36 23.03 44.39
CA MET K 1008 87.41 22.84 45.38
C MET K 1008 88.76 22.68 44.71
N GLY K 1009 88.83 21.78 43.72
CA GLY K 1009 90.01 21.70 42.90
C GLY K 1009 90.22 22.97 42.10
N GLY K 1010 89.14 23.67 41.77
CA GLY K 1010 89.26 25.01 41.26
C GLY K 1010 89.96 25.95 42.22
N MET K 1011 89.74 25.77 43.52
CA MET K 1011 90.44 26.62 44.48
C MET K 1011 91.91 26.27 44.54
N VAL K 1012 92.22 25.00 44.79
CA VAL K 1012 93.62 24.69 45.06
C VAL K 1012 94.48 24.73 43.81
N THR K 1013 93.92 24.38 42.65
CA THR K 1013 94.65 24.60 41.42
C THR K 1013 94.63 26.06 41.01
N ALA K 1014 93.64 26.81 41.47
CA ALA K 1014 93.66 28.24 41.25
C ALA K 1014 94.60 28.91 42.24
N THR K 1015 94.26 28.83 43.52
CA THR K 1015 94.86 29.71 44.51
C THR K 1015 96.26 29.26 44.87
N VAL K 1016 96.39 28.09 45.49
CA VAL K 1016 97.73 27.63 45.79
C VAL K 1016 98.25 26.82 44.62
N LEU K 1017 98.41 27.50 43.49
CA LEU K 1017 99.35 27.10 42.48
C LEU K 1017 99.97 28.35 41.89
N ALA K 1018 99.10 29.30 41.57
CA ALA K 1018 99.41 30.34 40.61
C ALA K 1018 99.84 31.62 41.27
N ILE K 1019 99.90 31.61 42.60
CA ILE K 1019 100.56 32.65 43.37
C ILE K 1019 101.99 32.86 42.90
N PHE K 1020 102.62 31.81 42.40
CA PHE K 1020 103.92 31.95 41.76
C PHE K 1020 103.77 32.33 40.30
N PHE K 1021 102.80 31.73 39.62
CA PHE K 1021 102.75 31.80 38.17
C PHE K 1021 102.38 33.15 37.65
N VAL K 1022 101.38 33.79 38.25
CA VAL K 1022 100.91 35.08 37.76
C VAL K 1022 101.98 36.18 37.77
N PRO K 1023 102.79 36.35 38.84
CA PRO K 1023 103.87 37.35 38.74
C PRO K 1023 104.93 37.02 37.72
N VAL K 1024 105.29 35.74 37.58
CA VAL K 1024 106.34 35.44 36.63
C VAL K 1024 105.80 35.44 35.21
N PHE K 1025 104.49 35.24 35.05
CA PHE K 1025 103.87 35.51 33.76
C PHE K 1025 103.94 37.00 33.46
N PHE K 1026 103.77 37.83 34.48
CA PHE K 1026 103.88 39.27 34.28
C PHE K 1026 105.30 39.66 33.92
N VAL K 1027 106.30 39.00 34.49
CA VAL K 1027 107.66 39.44 34.18
C VAL K 1027 108.19 38.74 32.95
N VAL K 1028 107.48 37.76 32.39
CA VAL K 1028 107.91 37.32 31.08
C VAL K 1028 107.19 38.13 30.01
N VAL K 1029 105.97 38.59 30.30
CA VAL K 1029 105.29 39.52 29.40
C VAL K 1029 106.02 40.85 29.36
N ARG K 1030 106.38 41.36 30.53
CA ARG K 1030 107.10 42.62 30.57
C ARG K 1030 108.59 42.42 30.35
N ARG K 1031 109.22 41.61 31.18
CA ARG K 1031 110.66 41.43 31.09
C ARG K 1031 111.09 40.60 29.89
N ARG K 1032 110.16 40.04 29.13
CA ARG K 1032 110.50 39.66 27.76
C ARG K 1032 109.95 40.66 26.76
N PHE K 1033 108.83 41.30 27.06
CA PHE K 1033 108.17 42.16 26.09
C PHE K 1033 107.66 43.45 26.71
N SER K 1034 108.50 44.16 27.44
CA SER K 1034 108.25 45.59 27.58
C SER K 1034 108.90 46.33 26.41
N ARG K 1035 108.93 47.65 26.53
CA ARG K 1035 109.69 48.46 25.60
C ARG K 1035 111.15 48.49 26.02
N LYS K 1036 111.98 49.07 25.14
CA LYS K 1036 113.40 49.24 25.46
C LYS K 1036 113.62 50.26 26.55
N ASN K 1037 112.74 51.24 26.70
CA ASN K 1037 112.84 52.21 27.78
C ASN K 1037 112.21 51.64 29.04
N MET L 1 76.89 74.60 38.28
CA MET L 1 76.34 73.75 37.24
C MET L 1 74.89 74.12 36.83
N PRO L 2 73.99 74.48 37.76
CA PRO L 2 72.77 75.17 37.30
C PRO L 2 73.08 76.53 36.72
N ASN L 3 74.02 77.24 37.33
CA ASN L 3 74.40 78.59 36.90
C ASN L 3 74.97 78.61 35.49
N PHE L 4 75.63 77.51 35.10
CA PHE L 4 76.07 77.29 33.72
C PHE L 4 74.92 77.43 32.74
N PHE L 5 73.74 76.99 33.14
CA PHE L 5 72.54 77.17 32.35
C PHE L 5 71.75 78.40 32.77
N ILE L 6 72.11 79.04 33.89
CA ILE L 6 71.75 80.45 34.03
C ILE L 6 72.52 81.28 33.03
N ASP L 7 73.77 80.91 32.76
CA ASP L 7 74.59 81.62 31.80
C ASP L 7 74.09 81.48 30.38
N ARG L 8 73.31 80.44 30.09
CA ARG L 8 72.53 80.35 28.86
C ARG L 8 71.07 80.37 29.27
N PRO L 9 70.49 81.55 29.51
CA PRO L 9 69.10 81.59 29.99
C PRO L 9 68.12 81.26 28.89
N ILE L 10 68.53 81.59 27.66
CA ILE L 10 67.75 81.32 26.47
C ILE L 10 67.62 79.82 26.27
N PHE L 11 68.62 79.06 26.72
CA PHE L 11 68.53 77.61 26.75
C PHE L 11 67.37 77.13 27.62
N ALA L 12 67.21 77.75 28.79
CA ALA L 12 66.11 77.37 29.66
C ALA L 12 64.76 77.79 29.07
N TRP L 13 64.75 78.93 28.37
CA TRP L 13 63.59 79.30 27.55
C TRP L 13 63.24 78.20 26.57
N VAL L 14 64.27 77.67 25.89
CA VAL L 14 64.07 76.65 24.87
C VAL L 14 63.50 75.40 25.48
N ILE L 15 63.98 75.02 26.67
CA ILE L 15 63.43 73.87 27.38
C ILE L 15 61.97 74.09 27.69
N ALA L 16 61.62 75.31 28.11
CA ALA L 16 60.23 75.64 28.39
C ALA L 16 59.37 75.55 27.13
N ILE L 17 59.93 75.89 25.98
CA ILE L 17 59.14 75.88 24.76
C ILE L 17 58.97 74.44 24.26
N ILE L 18 60.00 73.61 24.47
CA ILE L 18 59.90 72.19 24.19
C ILE L 18 58.81 71.57 25.04
N ILE L 19 58.70 72.04 26.28
CA ILE L 19 57.55 71.66 27.10
C ILE L 19 56.26 72.20 26.52
N MET L 20 56.29 73.40 25.94
CA MET L 20 55.05 74.02 25.45
C MET L 20 54.51 73.30 24.23
N LEU L 21 55.36 72.70 23.43
CA LEU L 21 54.85 72.16 22.18
C LEU L 21 54.88 70.65 22.19
N ALA L 22 55.68 70.05 23.06
CA ALA L 22 55.44 68.67 23.41
C ALA L 22 54.09 68.55 24.13
N GLY L 23 53.82 69.48 25.03
CA GLY L 23 52.55 69.47 25.73
C GLY L 23 51.40 69.89 24.83
N GLY L 24 51.64 70.87 23.94
CA GLY L 24 50.62 71.25 22.99
C GLY L 24 50.32 70.14 22.00
N LEU L 25 51.36 69.41 21.59
CA LEU L 25 51.16 68.22 20.78
C LEU L 25 50.41 67.15 21.55
N ALA L 26 50.64 67.09 22.86
CA ALA L 26 49.95 66.11 23.68
C ALA L 26 48.47 66.42 23.80
N ILE L 27 48.15 67.68 24.10
CA ILE L 27 46.74 68.03 24.30
C ILE L 27 46.02 68.08 22.97
N LEU L 28 46.75 68.28 21.88
CA LEU L 28 46.12 68.08 20.59
C LEU L 28 46.31 66.66 20.09
N LYS L 29 46.83 65.77 20.92
CA LYS L 29 47.02 64.38 20.56
C LYS L 29 46.25 63.44 21.46
N LEU L 30 46.10 63.78 22.73
CA LEU L 30 45.57 62.85 23.72
C LEU L 30 44.09 62.66 23.51
N PRO L 31 43.60 61.42 23.52
CA PRO L 31 42.15 61.21 23.46
C PRO L 31 41.46 61.55 24.77
N VAL L 32 40.15 61.60 24.71
CA VAL L 32 39.32 62.11 25.80
C VAL L 32 38.33 61.04 26.21
N ALA L 33 38.30 60.73 27.50
CA ALA L 33 37.25 59.92 28.12
C ALA L 33 37.37 60.11 29.62
N GLN L 34 36.25 60.43 30.27
CA GLN L 34 36.32 60.96 31.64
C GLN L 34 36.78 59.94 32.66
N TYR L 35 36.61 58.65 32.39
CA TYR L 35 36.83 57.59 33.37
C TYR L 35 37.84 56.63 32.78
N PRO L 36 39.07 56.68 33.25
CA PRO L 36 40.11 55.81 32.69
C PRO L 36 39.92 54.38 33.15
N THR L 37 39.54 53.54 32.18
CA THR L 37 38.65 52.38 32.36
C THR L 37 38.99 51.53 33.56
N ILE L 38 38.05 51.48 34.50
CA ILE L 38 38.34 51.06 35.85
C ILE L 38 37.93 49.62 36.09
N ALA L 39 36.73 49.28 35.66
CA ALA L 39 36.09 48.01 35.95
C ALA L 39 36.92 46.84 35.41
N PRO L 40 36.90 45.70 36.09
CA PRO L 40 37.59 44.54 35.58
C PRO L 40 36.92 44.04 34.32
N PRO L 41 37.66 43.33 33.48
CA PRO L 41 37.03 42.76 32.29
C PRO L 41 35.98 41.74 32.64
N ALA L 42 34.86 41.84 31.95
CA ALA L 42 33.73 40.95 32.19
C ALA L 42 33.13 40.65 30.83
N VAL L 43 33.54 39.54 30.24
CA VAL L 43 32.90 39.04 29.04
C VAL L 43 31.53 38.52 29.44
N THR L 44 30.51 38.98 28.73
CA THR L 44 29.14 38.58 29.01
C THR L 44 28.66 37.79 27.81
N ILE L 45 28.94 36.50 27.80
CA ILE L 45 28.41 35.66 26.75
C ILE L 45 26.98 35.33 27.09
N SER L 46 26.08 35.61 26.15
CA SER L 46 24.67 35.50 26.40
C SER L 46 24.05 34.82 25.19
N ALA L 47 22.80 34.40 25.32
CA ALA L 47 22.13 33.77 24.21
C ALA L 47 20.64 34.02 24.29
N SER L 48 19.90 33.52 23.30
CA SER L 48 18.46 33.72 23.27
C SER L 48 17.83 32.62 22.42
N TYR L 49 16.78 32.00 22.95
CA TYR L 49 16.09 30.94 22.23
C TYR L 49 14.65 30.84 22.69
N PRO L 50 13.69 31.08 21.81
CA PRO L 50 12.29 31.07 22.22
C PRO L 50 11.78 29.65 22.46
N GLY L 51 10.65 29.58 23.15
CA GLY L 51 9.96 28.33 23.38
C GLY L 51 10.40 27.61 24.63
N ALA L 52 11.69 27.74 24.96
CA ALA L 52 12.31 27.04 26.06
C ALA L 52 12.22 27.85 27.35
N ASP L 53 12.33 27.17 28.48
CA ASP L 53 12.21 27.84 29.77
C ASP L 53 13.56 27.92 30.46
N ALA L 54 13.54 28.55 31.64
CA ALA L 54 14.72 28.65 32.50
C ALA L 54 15.23 27.28 32.92
N LYS L 55 14.35 26.29 32.99
CA LYS L 55 14.82 24.94 33.15
C LYS L 55 15.60 24.50 31.93
N THR L 56 15.03 24.70 30.74
CA THR L 56 15.68 24.26 29.52
C THR L 56 16.90 25.10 29.21
N VAL L 57 16.82 26.41 29.49
CA VAL L 57 17.98 27.29 29.42
C VAL L 57 19.07 26.79 30.35
N GLN L 58 18.69 26.42 31.57
CA GLN L 58 19.64 25.97 32.57
C GLN L 58 20.34 24.69 32.12
N ASP L 59 19.57 23.76 31.57
CA ASP L 59 20.12 22.45 31.31
C ASP L 59 20.80 22.42 29.95
N THR L 60 20.00 22.63 28.91
CA THR L 60 20.44 22.48 27.53
C THR L 60 21.45 23.51 27.10
N VAL L 61 21.60 24.58 27.87
CA VAL L 61 22.59 25.59 27.54
C VAL L 61 23.51 25.78 28.71
N THR L 62 22.94 26.13 29.85
CA THR L 62 23.75 26.72 30.89
C THR L 62 24.58 25.67 31.61
N GLN L 63 24.02 24.49 31.84
CA GLN L 63 24.85 23.42 32.37
C GLN L 63 25.83 22.91 31.34
N VAL L 64 25.52 23.08 30.06
CA VAL L 64 26.51 22.79 29.03
C VAL L 64 27.66 23.77 29.14
N ILE L 65 27.32 25.02 29.45
CA ILE L 65 28.34 26.05 29.62
C ILE L 65 29.21 25.77 30.83
N GLU L 66 28.57 25.60 31.99
CA GLU L 66 29.28 25.39 33.25
C GLU L 66 30.09 24.10 33.21
N GLN L 67 29.49 23.04 32.67
CA GLN L 67 30.19 21.79 32.45
C GLN L 67 31.13 21.86 31.25
N ASN L 68 31.26 23.02 30.62
CA ASN L 68 32.39 23.31 29.77
C ASN L 68 33.21 24.49 30.26
N MET L 69 32.78 25.18 31.32
CA MET L 69 33.59 26.26 31.91
C MET L 69 34.75 25.63 32.66
N ASN L 70 35.74 25.20 31.90
CA ASN L 70 36.75 24.30 32.41
C ASN L 70 38.08 24.73 31.82
N GLY L 71 39.12 24.67 32.64
CA GLY L 71 40.37 25.30 32.27
C GLY L 71 40.24 26.79 32.13
N ILE L 72 39.35 27.37 32.87
CA ILE L 72 39.01 28.77 32.77
C ILE L 72 40.04 29.60 33.53
N ASP L 73 40.43 30.72 32.94
CA ASP L 73 41.63 31.42 33.33
C ASP L 73 41.28 32.83 33.78
N ASN L 74 41.89 33.25 34.89
CA ASN L 74 42.06 34.65 35.25
C ASN L 74 40.72 35.33 35.47
N LEU L 75 39.79 34.58 36.03
CA LEU L 75 38.54 35.21 36.34
C LEU L 75 38.62 35.90 37.69
N MET L 76 37.62 36.71 37.96
CA MET L 76 37.35 37.09 39.33
C MET L 76 36.20 36.27 39.90
N TYR L 77 35.14 36.10 39.11
CA TYR L 77 34.09 35.12 39.33
C TYR L 77 33.30 35.01 38.03
N MET L 78 32.15 34.36 38.11
CA MET L 78 31.31 34.16 36.95
C MET L 78 29.88 34.03 37.42
N SER L 79 28.94 34.57 36.66
CA SER L 79 27.54 34.43 36.99
C SER L 79 26.70 34.31 35.74
N SER L 80 25.46 33.89 35.94
CA SER L 80 24.48 33.89 34.88
C SER L 80 23.10 33.89 35.47
N ASN L 81 22.15 34.35 34.67
CA ASN L 81 20.75 34.10 34.95
C ASN L 81 20.09 33.39 33.78
N SER L 82 19.19 32.49 34.14
CA SER L 82 18.32 31.83 33.18
C SER L 82 17.03 32.61 33.12
N ASP L 83 16.19 32.28 32.14
CA ASP L 83 14.86 32.89 32.10
C ASP L 83 13.88 31.99 31.39
N SER L 84 12.62 32.12 31.78
CA SER L 84 11.55 31.42 31.08
C SER L 84 11.28 32.02 29.71
N THR L 85 11.66 33.29 29.48
CA THR L 85 11.48 33.86 28.16
C THR L 85 12.42 33.25 27.14
N GLY L 86 13.52 32.68 27.60
CA GLY L 86 14.41 31.96 26.72
C GLY L 86 15.63 32.73 26.28
N THR L 87 16.04 33.75 27.02
CA THR L 87 17.19 34.58 26.67
C THR L 87 18.28 34.37 27.72
N VAL L 88 19.34 33.67 27.35
CA VAL L 88 20.41 33.38 28.28
C VAL L 88 21.23 34.63 28.49
N GLN L 89 21.76 34.82 29.70
CA GLN L 89 22.77 35.86 29.90
C GLN L 89 23.79 35.37 30.89
N ILE L 90 25.05 35.33 30.48
CA ILE L 90 26.11 34.75 31.28
C ILE L 90 27.20 35.79 31.45
N THR L 91 27.55 36.05 32.69
CA THR L 91 28.41 37.16 33.06
C THR L 91 29.72 36.61 33.61
N LEU L 92 30.83 37.15 33.14
CA LEU L 92 32.13 36.53 33.33
C LEU L 92 33.15 37.59 33.72
N THR L 93 33.44 37.67 35.02
CA THR L 93 34.26 38.73 35.59
C THR L 93 35.69 38.26 35.73
N PHE L 94 36.63 39.06 35.22
CA PHE L 94 37.97 38.56 34.98
C PHE L 94 39.01 39.41 35.69
N GLU L 95 40.19 38.82 35.83
CA GLU L 95 41.32 39.52 36.43
C GLU L 95 41.77 40.67 35.54
N SER L 96 42.27 41.72 36.18
CA SER L 96 42.61 42.93 35.47
C SER L 96 43.96 42.80 34.78
N GLY L 97 44.48 43.95 34.32
CA GLY L 97 45.74 44.01 33.62
C GLY L 97 45.63 43.68 32.15
N THR L 98 45.14 42.49 31.84
CA THR L 98 45.10 41.99 30.48
C THR L 98 43.97 42.62 29.68
N ASP L 99 43.93 42.27 28.40
CA ASP L 99 42.86 42.62 27.51
C ASP L 99 41.62 41.78 27.80
N ALA L 100 40.56 42.08 27.07
CA ALA L 100 39.44 41.15 27.02
C ALA L 100 39.69 40.02 26.06
N ASP L 101 40.66 40.18 25.17
CA ASP L 101 40.61 39.39 23.95
C ASP L 101 41.24 38.03 24.13
N ILE L 102 42.25 37.96 24.99
CA ILE L 102 42.96 36.70 25.18
C ILE L 102 42.06 35.69 25.88
N ALA L 103 41.56 36.05 27.05
CA ALA L 103 40.65 35.15 27.74
C ALA L 103 39.32 35.07 27.03
N GLN L 104 38.97 36.11 26.29
CA GLN L 104 37.80 36.06 25.42
C GLN L 104 37.89 34.90 24.45
N VAL L 105 39.00 34.81 23.73
CA VAL L 105 39.09 33.73 22.77
C VAL L 105 39.37 32.41 23.43
N GLN L 106 39.93 32.42 24.65
CA GLN L 106 40.00 31.19 25.44
C GLN L 106 38.61 30.61 25.64
N VAL L 107 37.73 31.42 26.23
CA VAL L 107 36.43 30.91 26.62
C VAL L 107 35.54 30.72 25.42
N GLN L 108 35.65 31.60 24.44
CA GLN L 108 34.79 31.44 23.30
C GLN L 108 35.29 30.36 22.37
N ASN L 109 36.54 29.94 22.54
CA ASN L 109 37.01 28.81 21.78
C ASN L 109 36.82 27.48 22.50
N LYS L 110 36.72 27.48 23.82
CA LYS L 110 36.16 26.28 24.43
C LYS L 110 34.66 26.26 24.24
N LEU L 111 34.07 27.40 23.95
CA LEU L 111 32.72 27.43 23.41
C LEU L 111 32.69 26.87 22.00
N GLN L 112 33.75 27.13 21.23
CA GLN L 112 33.87 26.48 19.94
C GLN L 112 34.01 24.98 20.11
N LEU L 113 34.67 24.55 21.18
CA LEU L 113 34.61 23.16 21.58
C LEU L 113 33.22 22.76 21.99
N ALA L 114 32.41 23.71 22.46
CA ALA L 114 31.10 23.40 22.98
C ALA L 114 29.98 23.57 21.97
N MET L 115 30.29 23.84 20.70
CA MET L 115 29.24 24.23 19.76
C MET L 115 28.21 23.13 19.43
N PRO L 116 28.58 21.90 19.02
CA PRO L 116 27.51 20.95 18.65
C PRO L 116 26.74 20.43 19.84
N LEU L 117 27.22 20.70 21.05
CA LEU L 117 26.53 20.31 22.27
C LEU L 117 25.25 21.08 22.48
N LEU L 118 25.13 22.24 21.85
CA LEU L 118 23.94 23.05 21.93
C LEU L 118 22.74 22.35 21.32
N PRO L 119 21.52 22.75 21.69
CA PRO L 119 20.39 22.56 20.80
C PRO L 119 20.70 23.21 19.47
N GLN L 120 20.36 22.53 18.38
CA GLN L 120 20.75 23.02 17.07
C GLN L 120 20.06 24.31 16.70
N GLU L 121 18.94 24.61 17.33
CA GLU L 121 18.05 25.63 16.83
C GLU L 121 18.49 26.99 17.31
N VAL L 122 19.01 27.05 18.53
CA VAL L 122 19.48 28.32 19.05
C VAL L 122 20.77 28.74 18.34
N GLN L 123 21.62 27.78 18.00
CA GLN L 123 22.75 28.12 17.17
C GLN L 123 22.37 28.29 15.71
N GLN L 124 21.22 27.75 15.29
CA GLN L 124 20.63 28.20 14.03
C GLN L 124 20.20 29.64 14.12
N GLN L 125 19.83 30.10 15.31
CA GLN L 125 19.68 31.52 15.50
C GLN L 125 21.00 32.21 15.82
N GLY L 126 21.80 31.63 16.70
CA GLY L 126 23.09 32.20 17.05
C GLY L 126 23.18 32.55 18.53
N VAL L 127 24.41 32.80 18.94
CA VAL L 127 24.75 33.04 20.34
C VAL L 127 25.45 34.39 20.44
N SER L 128 25.00 35.22 21.36
CA SER L 128 25.68 36.51 21.55
C SER L 128 26.87 36.32 22.49
N VAL L 129 27.94 35.75 21.95
CA VAL L 129 29.23 35.73 22.61
C VAL L 129 29.76 37.14 22.56
N GLU L 130 29.68 37.85 23.68
CA GLU L 130 30.01 39.27 23.68
C GLU L 130 30.96 39.58 24.82
N LYS L 131 32.09 40.17 24.46
CA LYS L 131 33.14 40.48 25.41
C LYS L 131 32.91 41.76 26.18
N SER L 132 31.87 42.51 25.85
CA SER L 132 31.87 43.94 26.10
C SER L 132 31.71 44.26 27.58
N SER L 133 32.24 45.42 27.95
CA SER L 133 31.86 46.05 29.19
C SER L 133 30.45 46.62 29.06
N SER L 134 29.88 47.00 30.20
CA SER L 134 28.50 47.48 30.23
C SER L 134 28.40 48.99 30.07
N SER L 135 29.32 49.63 29.35
CA SER L 135 29.35 51.08 29.33
C SER L 135 28.51 51.64 28.20
N PHE L 136 27.41 52.30 28.57
CA PHE L 136 26.59 53.05 27.63
C PHE L 136 27.38 54.18 26.97
N LEU L 137 26.87 54.61 25.82
CA LEU L 137 26.96 55.99 25.36
C LEU L 137 25.70 56.20 24.53
N MET L 138 25.54 57.43 24.04
CA MET L 138 24.26 58.07 23.71
C MET L 138 23.28 57.21 22.92
N VAL L 139 22.03 57.24 23.34
CA VAL L 139 21.02 56.29 22.92
C VAL L 139 20.01 57.06 22.10
N VAL L 140 20.34 57.33 20.83
CA VAL L 140 19.71 58.44 20.12
C VAL L 140 18.34 58.04 19.60
N GLY L 141 17.33 58.85 19.89
CA GLY L 141 15.95 58.51 19.58
C GLY L 141 15.46 59.25 18.36
N VAL L 142 14.67 58.55 17.55
CA VAL L 142 13.92 59.17 16.48
C VAL L 142 12.52 58.60 16.55
N ILE L 143 11.55 59.41 16.10
CA ILE L 143 10.17 58.94 16.02
C ILE L 143 9.38 59.76 15.02
N ASN L 144 8.66 59.07 14.13
CA ASN L 144 7.54 59.67 13.43
C ASN L 144 6.55 60.16 14.47
N THR L 145 6.47 61.47 14.65
CA THR L 145 5.56 62.05 15.61
C THR L 145 4.10 61.86 15.22
N ASP L 146 3.83 61.56 13.95
CA ASP L 146 2.52 61.07 13.57
C ASP L 146 2.24 59.73 14.20
N GLY L 147 3.27 58.91 14.37
CA GLY L 147 3.08 57.56 14.85
C GLY L 147 2.46 56.63 13.83
N THR L 148 2.50 56.99 12.55
CA THR L 148 1.99 56.10 11.50
C THR L 148 2.83 54.85 11.40
N MET L 149 4.12 54.97 11.68
CA MET L 149 5.02 53.84 11.66
C MET L 149 5.14 53.25 13.05
N THR L 150 5.21 51.91 13.12
CA THR L 150 5.38 51.33 14.43
C THR L 150 6.82 51.47 14.86
N GLN L 151 7.07 51.13 16.12
CA GLN L 151 8.43 51.17 16.65
C GLN L 151 9.28 50.12 15.95
N GLU L 152 8.65 49.03 15.52
CA GLU L 152 9.29 48.10 14.61
C GLU L 152 9.68 48.78 13.30
N ASP L 153 8.83 49.65 12.77
CA ASP L 153 9.11 50.25 11.48
C ASP L 153 10.26 51.22 11.58
N ILE L 154 10.32 51.94 12.68
CA ILE L 154 11.42 52.85 12.93
C ILE L 154 12.71 52.05 13.11
N SER L 155 12.60 50.96 13.86
CA SER L 155 13.76 50.13 14.17
C SER L 155 14.32 49.50 12.91
N ASP L 156 13.45 49.09 12.00
CA ASP L 156 13.93 48.51 10.78
C ASP L 156 14.40 49.58 9.82
N TYR L 157 13.83 50.79 9.94
CA TYR L 157 14.27 51.90 9.12
C TYR L 157 15.71 52.26 9.42
N VAL L 158 16.01 52.43 10.70
CA VAL L 158 17.38 52.74 11.07
C VAL L 158 18.26 51.54 10.83
N ALA L 159 17.78 50.37 11.21
CA ALA L 159 18.58 49.16 11.26
C ALA L 159 19.02 48.75 9.86
N ALA L 160 18.10 48.77 8.92
CA ALA L 160 18.49 48.61 7.52
C ALA L 160 19.24 49.83 7.04
N ASN L 161 18.72 51.01 7.33
CA ASN L 161 19.18 52.20 6.64
C ASN L 161 20.29 52.89 7.40
N MET L 162 19.96 53.42 8.56
CA MET L 162 20.84 54.38 9.20
C MET L 162 21.95 53.72 9.99
N LYS L 163 21.56 52.75 10.83
CA LYS L 163 22.38 52.15 11.89
C LYS L 163 23.77 51.74 11.42
N ASP L 164 23.87 51.32 10.19
CA ASP L 164 25.06 50.62 9.75
C ASP L 164 26.17 51.59 9.39
N ALA L 165 25.83 52.77 8.92
CA ALA L 165 26.87 53.76 8.68
C ALA L 165 27.27 54.45 9.98
N ILE L 166 26.41 54.42 10.98
CA ILE L 166 26.86 54.71 12.34
C ILE L 166 27.88 53.66 12.76
N SER L 167 27.64 52.40 12.40
CA SER L 167 28.71 51.43 12.60
C SER L 167 29.87 51.64 11.63
N ARG L 168 29.71 52.44 10.59
CA ARG L 168 30.84 52.85 9.77
C ARG L 168 31.44 54.16 10.24
N THR L 169 31.31 54.46 11.53
CA THR L 169 31.85 55.69 12.06
C THR L 169 32.87 55.31 13.14
N SER L 170 33.78 56.23 13.43
CA SER L 170 34.89 55.95 14.32
C SER L 170 34.41 55.80 15.77
N GLY L 171 35.23 55.11 16.58
CA GLY L 171 35.13 55.10 18.02
C GLY L 171 33.97 54.32 18.59
N VAL L 172 33.22 53.60 17.78
CA VAL L 172 31.93 53.07 18.19
C VAL L 172 32.13 51.79 18.98
N GLY L 173 31.41 51.66 20.10
CA GLY L 173 31.24 50.37 20.71
C GLY L 173 30.15 49.60 20.02
N ASP L 174 29.16 49.16 20.79
CA ASP L 174 27.95 48.61 20.20
C ASP L 174 26.99 49.72 19.83
N VAL L 175 26.35 49.58 18.68
CA VAL L 175 25.17 50.37 18.37
C VAL L 175 23.99 49.58 18.87
N GLN L 176 23.42 49.99 20.01
CA GLN L 176 22.35 49.19 20.56
C GLN L 176 21.05 49.52 19.86
N LEU L 177 20.48 48.49 19.26
CA LEU L 177 19.17 48.57 18.68
C LEU L 177 18.15 48.21 19.73
N PHE L 178 17.54 49.22 20.35
CA PHE L 178 16.30 48.99 21.10
C PHE L 178 15.21 48.78 20.07
N GLY L 179 15.11 47.55 19.59
CA GLY L 179 14.29 47.24 18.45
C GLY L 179 14.83 46.01 17.74
N SER L 180 14.37 45.84 16.49
CA SER L 180 14.70 44.64 15.73
C SER L 180 14.47 44.88 14.25
N GLN L 181 14.73 43.84 13.47
CA GLN L 181 14.56 43.83 12.03
C GLN L 181 13.13 43.41 11.68
N TYR L 182 12.66 43.87 10.52
CA TYR L 182 11.46 43.27 9.93
C TYR L 182 11.66 41.79 9.68
N ALA L 183 10.53 41.08 9.63
CA ALA L 183 10.56 39.66 9.37
C ALA L 183 9.26 39.27 8.68
N MET L 184 8.96 37.98 8.72
CA MET L 184 7.70 37.49 8.20
C MET L 184 6.92 36.89 9.37
N ARG L 185 5.77 37.47 9.64
CA ARG L 185 4.94 36.96 10.71
C ARG L 185 3.59 36.50 10.19
N ILE L 186 3.21 35.28 10.58
CA ILE L 186 2.08 34.55 10.02
C ILE L 186 1.16 34.11 11.16
N TRP L 187 -0.16 34.22 10.95
CA TRP L 187 -1.14 33.95 12.01
C TRP L 187 -2.19 32.98 11.49
N MET L 188 -2.18 31.77 12.01
CA MET L 188 -2.95 30.67 11.47
C MET L 188 -4.39 30.67 11.99
N ASN L 189 -5.22 29.83 11.37
CA ASN L 189 -6.55 29.53 11.87
C ASN L 189 -6.69 28.01 11.91
N PRO L 190 -6.85 27.41 13.09
CA PRO L 190 -7.11 25.97 13.17
C PRO L 190 -8.44 25.57 12.57
N ASN L 191 -9.34 26.51 12.38
CA ASN L 191 -10.59 26.22 11.72
C ASN L 191 -10.35 25.95 10.24
N GLU L 192 -9.38 26.63 9.66
CA GLU L 192 -9.10 26.50 8.25
C GLU L 192 -8.07 25.43 7.97
N LEU L 193 -7.08 25.34 8.85
CA LEU L 193 -6.18 24.19 8.84
C LEU L 193 -6.97 22.91 9.01
N ASN L 194 -7.87 22.90 9.99
CA ASN L 194 -8.78 21.80 10.22
C ASN L 194 -9.72 21.62 9.05
N LYS L 195 -10.09 22.71 8.39
CA LYS L 195 -10.93 22.63 7.20
C LYS L 195 -10.22 21.88 6.09
N PHE L 196 -8.92 22.06 5.97
CA PHE L 196 -8.22 21.30 4.94
C PHE L 196 -7.28 20.28 5.53
N GLN L 197 -7.48 19.94 6.81
CA GLN L 197 -6.79 18.84 7.50
C GLN L 197 -5.28 19.03 7.46
N LEU L 198 -4.81 20.13 8.03
CA LEU L 198 -3.49 20.65 7.76
C LEU L 198 -2.58 20.54 8.97
N THR L 199 -1.47 19.92 8.78
CA THR L 199 -0.49 20.14 9.82
C THR L 199 0.44 21.28 9.41
N PRO L 200 0.66 22.21 10.32
CA PRO L 200 1.54 23.35 10.03
C PRO L 200 2.98 22.95 9.84
N VAL L 201 3.38 21.79 10.35
CA VAL L 201 4.72 21.28 10.09
C VAL L 201 4.92 21.06 8.61
N ASP L 202 3.94 20.44 7.97
CA ASP L 202 4.02 20.24 6.54
C ASP L 202 3.84 21.53 5.77
N VAL L 203 3.15 22.49 6.39
CA VAL L 203 3.10 23.83 5.83
C VAL L 203 4.49 24.42 5.78
N ILE L 204 5.24 24.27 6.88
CA ILE L 204 6.63 24.70 6.93
C ILE L 204 7.48 23.93 5.94
N THR L 205 7.12 22.67 5.72
CA THR L 205 7.82 21.88 4.72
C THR L 205 7.62 22.46 3.32
N ALA L 206 6.41 22.98 3.07
CA ALA L 206 6.19 23.70 1.82
C ALA L 206 6.91 25.04 1.82
N ILE L 207 7.02 25.67 3.00
CA ILE L 207 7.66 26.97 3.12
C ILE L 207 9.11 26.88 2.74
N LYS L 208 9.79 25.86 3.25
CA LYS L 208 11.13 25.57 2.79
C LYS L 208 11.12 25.14 1.34
N ALA L 209 10.10 24.36 0.96
CA ALA L 209 10.11 23.70 -0.33
C ALA L 209 9.97 24.66 -1.49
N GLN L 210 9.33 25.81 -1.28
CA GLN L 210 9.26 26.81 -2.32
C GLN L 210 10.07 28.05 -1.99
N ASN L 211 10.31 28.31 -0.71
CA ASN L 211 11.07 29.49 -0.32
C ASN L 211 12.53 29.41 -0.72
N ALA L 212 13.10 28.21 -0.76
CA ALA L 212 14.56 28.08 -0.68
C ALA L 212 15.25 28.53 -1.96
N GLN L 213 16.58 28.53 -1.90
CA GLN L 213 17.40 29.00 -2.99
C GLN L 213 18.03 27.81 -3.69
N VAL L 214 18.00 27.82 -5.01
CA VAL L 214 18.49 26.72 -5.81
C VAL L 214 19.80 27.13 -6.47
N ALA L 215 20.87 26.42 -6.14
CA ALA L 215 22.11 26.56 -6.89
C ALA L 215 22.00 25.77 -8.19
N ALA L 216 22.35 26.42 -9.30
CA ALA L 216 22.04 25.88 -10.62
C ALA L 216 23.28 25.44 -11.39
N GLY L 217 24.20 26.35 -11.67
CA GLY L 217 25.33 26.08 -12.50
C GLY L 217 25.35 26.90 -13.76
N GLN L 218 26.04 26.38 -14.78
CA GLN L 218 26.28 27.13 -16.00
C GLN L 218 26.00 26.30 -17.23
N LEU L 219 25.86 27.00 -18.35
CA LEU L 219 25.54 26.40 -19.64
C LEU L 219 26.83 25.84 -20.23
N GLY L 220 27.24 24.69 -19.73
CA GLY L 220 28.47 24.11 -20.19
C GLY L 220 29.69 24.74 -19.56
N GLY L 221 29.88 24.48 -18.26
CA GLY L 221 31.10 24.87 -17.60
C GLY L 221 32.32 24.07 -18.07
N THR L 222 33.42 24.32 -17.40
CA THR L 222 34.66 23.67 -17.77
C THR L 222 34.65 22.22 -17.29
N PRO L 223 35.05 21.25 -18.11
CA PRO L 223 35.44 21.46 -19.51
C PRO L 223 34.27 21.26 -20.44
N PRO L 224 34.09 22.17 -21.36
CA PRO L 224 33.05 21.98 -22.37
C PRO L 224 33.53 21.08 -23.49
N VAL L 225 32.71 20.96 -24.51
CA VAL L 225 33.11 20.26 -25.70
C VAL L 225 34.09 21.12 -26.49
N LYS L 226 34.88 20.49 -27.34
CA LYS L 226 35.64 21.22 -28.34
C LYS L 226 34.70 21.95 -29.28
N GLY L 227 35.12 23.13 -29.71
CA GLY L 227 34.31 23.92 -30.59
C GLY L 227 33.15 24.64 -29.95
N GLN L 228 32.99 24.52 -28.64
CA GLN L 228 31.96 25.28 -27.95
C GLN L 228 32.34 26.75 -27.89
N GLN L 229 31.37 27.61 -28.14
CA GLN L 229 31.59 29.05 -28.16
C GLN L 229 31.01 29.74 -26.95
N LEU L 230 29.95 29.18 -26.38
CA LEU L 230 29.15 29.89 -25.40
C LEU L 230 29.06 29.12 -24.09
N ASN L 231 29.32 29.83 -23.01
CA ASN L 231 28.87 29.42 -21.68
C ASN L 231 28.21 30.64 -21.05
N ALA L 232 27.17 30.38 -20.27
CA ALA L 232 26.54 31.37 -19.42
C ALA L 232 25.97 30.60 -18.24
N SER L 233 25.46 31.34 -17.26
CA SER L 233 25.02 30.70 -16.03
C SER L 233 23.56 30.32 -16.10
N ILE L 234 23.26 29.13 -15.60
CA ILE L 234 21.88 28.69 -15.46
C ILE L 234 21.23 29.48 -14.33
N ILE L 235 20.02 29.96 -14.57
CA ILE L 235 19.33 30.77 -13.60
C ILE L 235 18.12 29.99 -13.14
N ALA L 236 17.92 29.93 -11.82
CA ALA L 236 16.98 29.00 -11.23
C ALA L 236 16.19 29.60 -10.08
N GLN L 237 15.54 28.73 -9.31
CA GLN L 237 14.51 29.14 -8.36
C GLN L 237 15.08 29.97 -7.22
N THR L 238 14.35 31.03 -6.89
CA THR L 238 14.88 32.13 -6.12
C THR L 238 14.19 32.22 -4.77
N ARG L 239 14.93 32.63 -3.75
CA ARG L 239 14.29 33.06 -2.53
C ARG L 239 13.46 34.31 -2.77
N LEU L 240 12.31 34.34 -2.13
CA LEU L 240 11.24 35.23 -2.56
C LEU L 240 11.37 36.59 -1.89
N THR L 241 10.68 37.57 -2.44
CA THR L 241 10.74 38.93 -1.93
C THR L 241 9.38 39.44 -1.46
N SER L 242 8.38 39.44 -2.32
CA SER L 242 7.11 40.06 -1.98
C SER L 242 6.22 39.13 -1.17
N THR L 243 5.52 39.74 -0.22
CA THR L 243 4.50 39.06 0.56
C THR L 243 3.33 38.54 -0.27
N GLU L 244 3.21 38.95 -1.53
CA GLU L 244 2.23 38.33 -2.41
C GLU L 244 2.82 37.16 -3.15
N GLU L 245 4.11 37.25 -3.53
CA GLU L 245 4.86 36.07 -3.89
C GLU L 245 4.83 35.07 -2.76
N PHE L 246 5.02 35.56 -1.53
CA PHE L 246 4.81 34.70 -0.38
C PHE L 246 3.36 34.29 -0.28
N GLY L 247 2.44 35.18 -0.66
CA GLY L 247 1.03 34.90 -0.52
C GLY L 247 0.50 33.90 -1.51
N LYS L 248 1.16 33.77 -2.66
CA LYS L 248 0.73 32.83 -3.68
C LYS L 248 1.45 31.50 -3.55
N ILE L 249 2.12 31.24 -2.44
CA ILE L 249 2.88 30.01 -2.28
C ILE L 249 1.91 28.84 -2.14
N LEU L 250 2.08 27.85 -3.00
CA LEU L 250 1.14 26.77 -3.13
C LEU L 250 1.23 25.80 -1.96
N LEU L 251 0.06 25.35 -1.53
CA LEU L 251 -0.09 24.39 -0.45
C LEU L 251 -0.85 23.24 -1.13
N LYS L 252 -1.53 22.41 -0.34
CA LYS L 252 -2.20 21.21 -0.84
C LYS L 252 -3.21 21.53 -1.95
N VAL L 253 -3.51 20.49 -2.73
CA VAL L 253 -4.51 20.56 -3.80
C VAL L 253 -5.45 19.39 -3.62
N ASN L 254 -6.43 19.33 -4.51
CA ASN L 254 -7.06 18.06 -4.83
C ASN L 254 -6.71 17.70 -6.26
N GLN L 255 -7.17 16.52 -6.67
CA GLN L 255 -6.79 15.94 -7.97
C GLN L 255 -7.26 16.79 -9.14
N ASP L 256 -8.37 17.49 -8.97
CA ASP L 256 -8.79 18.48 -9.96
C ASP L 256 -7.80 19.62 -10.07
N GLY L 257 -7.10 19.92 -8.98
CA GLY L 257 -6.33 21.13 -8.86
C GLY L 257 -6.95 22.14 -7.93
N CYS L 258 -7.86 21.73 -7.05
CA CYS L 258 -8.44 22.64 -6.07
C CYS L 258 -7.35 23.00 -5.07
N ARG L 259 -6.63 24.05 -5.40
CA ARG L 259 -5.35 24.35 -4.81
C ARG L 259 -5.52 25.17 -3.55
N VAL L 260 -4.46 25.24 -2.77
CA VAL L 260 -4.39 26.14 -1.63
C VAL L 260 -3.16 27.01 -1.81
N LEU L 261 -3.37 28.32 -1.93
CA LEU L 261 -2.27 29.26 -1.97
C LEU L 261 -1.83 29.53 -0.55
N LEU L 262 -0.91 30.46 -0.39
CA LEU L 262 -0.60 30.82 0.97
C LEU L 262 -1.61 31.89 1.41
N ARG L 263 -1.35 32.60 2.49
CA ARG L 263 -1.86 32.11 3.74
C ARG L 263 -3.16 31.31 3.63
N ASP L 264 -4.29 31.91 3.24
CA ASP L 264 -5.62 31.30 3.15
C ASP L 264 -6.15 30.64 4.43
N VAL L 265 -5.33 30.56 5.47
CA VAL L 265 -5.64 29.93 6.75
C VAL L 265 -5.06 30.84 7.81
N ALA L 266 -4.36 31.89 7.37
CA ALA L 266 -3.34 32.49 8.23
C ALA L 266 -3.24 33.96 7.92
N LYS L 267 -2.12 34.56 8.30
CA LYS L 267 -1.92 35.99 8.10
C LYS L 267 -0.45 36.33 7.87
N ILE L 268 -0.21 37.08 6.80
CA ILE L 268 1.09 37.61 6.43
C ILE L 268 1.20 39.03 6.96
N GLU L 269 2.34 39.33 7.58
CA GLU L 269 2.72 40.69 7.90
C GLU L 269 4.22 40.72 8.12
N LEU L 270 4.72 41.92 8.39
CA LEU L 270 6.09 42.07 8.86
C LEU L 270 6.23 41.44 10.23
N GLY L 271 7.43 40.99 10.54
CA GLY L 271 7.64 40.27 11.77
C GLY L 271 8.57 41.02 12.69
N GLY L 272 8.01 41.51 13.79
CA GLY L 272 8.84 41.81 14.93
C GLY L 272 9.40 40.50 15.43
N GLU L 273 10.72 40.45 15.56
CA GLU L 273 11.38 39.20 15.92
C GLU L 273 11.11 38.86 17.38
N ASN L 274 10.79 39.85 18.18
CA ASN L 274 9.91 39.68 19.32
C ASN L 274 8.81 40.72 19.21
N TYR L 275 7.98 40.79 20.24
CA TYR L 275 7.06 41.91 20.35
C TYR L 275 7.03 42.43 21.77
N ASP L 276 8.14 42.32 22.48
CA ASP L 276 8.09 42.25 23.93
C ASP L 276 8.39 43.55 24.60
N ILE L 277 9.06 44.45 23.93
CA ILE L 277 9.53 45.66 24.56
C ILE L 277 8.62 46.81 24.15
N ILE L 278 8.10 47.52 25.13
CA ILE L 278 7.42 48.77 24.84
C ILE L 278 8.25 49.86 25.48
N ALA L 279 9.03 50.55 24.66
CA ALA L 279 9.57 51.81 25.11
C ALA L 279 8.52 52.90 24.95
N GLU L 280 8.74 54.02 25.62
CA GLU L 280 7.95 55.22 25.35
C GLU L 280 8.77 56.44 25.73
N PHE L 281 8.75 57.43 24.87
CA PHE L 281 9.37 58.71 25.15
C PHE L 281 8.31 59.77 24.91
N ASN L 282 7.67 60.19 26.00
CA ASN L 282 6.85 61.39 26.07
C ASN L 282 5.67 61.31 25.09
N GLY L 283 4.77 60.42 25.40
CA GLY L 283 3.55 60.28 24.67
C GLY L 283 3.56 59.17 23.65
N GLN L 284 4.74 58.70 23.26
CA GLN L 284 4.84 57.68 22.24
C GLN L 284 6.19 57.02 22.37
N PRO L 285 6.35 55.80 21.85
CA PRO L 285 7.69 55.23 21.69
C PRO L 285 8.52 56.00 20.68
N ALA L 286 9.76 55.55 20.53
CA ALA L 286 10.72 56.21 19.63
C ALA L 286 11.79 55.20 19.28
N SER L 287 12.93 55.69 18.81
CA SER L 287 14.12 54.87 18.65
C SER L 287 15.27 55.52 19.41
N GLY L 288 15.51 55.02 20.62
CA GLY L 288 16.73 55.32 21.32
C GLY L 288 17.82 54.38 20.82
N LEU L 289 19.00 54.94 20.57
CA LEU L 289 20.09 54.13 20.01
C LEU L 289 21.29 54.20 20.94
N GLY L 290 21.57 53.06 21.54
CA GLY L 290 22.67 52.95 22.47
C GLY L 290 23.97 52.89 21.72
N ILE L 291 24.69 53.99 21.71
CA ILE L 291 26.00 54.04 21.10
C ILE L 291 26.96 53.84 22.25
N LYS L 292 27.33 52.59 22.49
CA LYS L 292 28.06 52.29 23.69
C LYS L 292 29.53 52.63 23.51
N LEU L 293 30.21 52.73 24.66
CA LEU L 293 31.65 52.97 24.71
C LEU L 293 32.40 51.78 24.14
N ALA L 294 33.26 52.03 23.15
CA ALA L 294 34.21 50.99 22.74
C ALA L 294 35.38 50.93 23.69
N THR L 295 36.14 49.85 23.64
CA THR L 295 37.26 49.63 24.56
C THR L 295 38.50 50.22 23.88
N GLY L 296 38.83 51.44 24.25
CA GLY L 296 39.87 52.16 23.55
C GLY L 296 39.26 53.26 22.71
N ALA L 297 37.97 53.52 22.94
CA ALA L 297 37.26 54.59 22.24
C ALA L 297 37.84 55.94 22.65
N ASN L 298 37.62 56.95 21.82
CA ASN L 298 38.22 58.26 21.99
C ASN L 298 37.14 59.31 21.77
N ALA L 299 36.52 59.73 22.87
CA ALA L 299 35.10 60.06 22.88
C ALA L 299 34.76 61.42 22.29
N LEU L 300 35.52 62.45 22.61
CA LEU L 300 35.09 63.84 22.45
C LEU L 300 34.85 64.20 21.00
N ASP L 301 35.91 64.12 20.19
CA ASP L 301 35.77 64.38 18.77
C ASP L 301 34.87 63.37 18.11
N THR L 302 34.85 62.14 18.63
CA THR L 302 33.90 61.15 18.16
C THR L 302 32.48 61.61 18.44
N ALA L 303 32.24 62.17 19.62
CA ALA L 303 30.90 62.65 19.98
C ALA L 303 30.47 63.80 19.08
N ALA L 304 31.39 64.70 18.78
CA ALA L 304 31.11 65.74 17.82
C ALA L 304 30.88 65.17 16.43
N ALA L 305 31.50 64.03 16.13
CA ALA L 305 31.30 63.41 14.84
C ALA L 305 30.00 62.63 14.79
N ILE L 306 29.42 62.35 15.96
CA ILE L 306 28.13 61.69 16.01
C ILE L 306 27.04 62.73 15.90
N ARG L 307 27.28 63.88 16.53
CA ARG L 307 26.54 65.08 16.19
C ARG L 307 26.60 65.35 14.70
N ALA L 308 27.78 65.19 14.11
CA ALA L 308 27.93 65.30 12.68
C ALA L 308 27.30 64.13 11.93
N GLU L 309 27.04 63.01 12.60
CA GLU L 309 26.44 61.87 11.93
C GLU L 309 24.94 62.09 11.78
N LEU L 310 24.33 62.63 12.83
CA LEU L 310 23.03 63.27 12.71
C LEU L 310 23.04 64.27 11.58
N ALA L 311 24.08 65.10 11.52
CA ALA L 311 24.25 66.04 10.42
C ALA L 311 24.61 65.35 9.11
N LYS L 312 24.77 64.04 9.08
CA LYS L 312 24.79 63.35 7.80
C LYS L 312 23.41 62.89 7.40
N MET L 313 22.65 62.34 8.35
CA MET L 313 21.48 61.59 7.95
C MET L 313 20.18 62.36 8.03
N GLU L 314 20.21 63.58 8.56
CA GLU L 314 18.97 64.29 8.89
C GLU L 314 17.96 64.58 7.77
N PRO L 315 18.28 64.73 6.47
CA PRO L 315 17.19 65.07 5.55
C PRO L 315 16.55 63.87 4.88
N PHE L 316 16.98 62.65 5.18
CA PHE L 316 16.55 61.50 4.38
C PHE L 316 15.42 60.73 5.02
N PHE L 317 14.51 61.41 5.60
CA PHE L 317 13.63 60.76 6.54
C PHE L 317 12.22 60.67 6.02
N PRO L 318 11.40 59.83 6.63
CA PRO L 318 9.96 59.98 6.50
C PRO L 318 9.49 61.22 7.21
N SER L 319 8.25 61.61 6.91
CA SER L 319 7.62 62.75 7.55
C SER L 319 7.38 62.45 9.01
N GLY L 320 7.43 63.50 9.83
CA GLY L 320 7.25 63.38 11.26
C GLY L 320 8.42 62.80 12.02
N LEU L 321 9.39 62.20 11.33
CA LEU L 321 10.50 61.51 11.99
C LEU L 321 11.43 62.50 12.65
N LYS L 322 11.68 62.30 13.94
CA LYS L 322 12.28 63.31 14.77
C LYS L 322 13.41 62.72 15.59
N ILE L 323 14.53 63.40 15.57
CA ILE L 323 15.72 62.96 16.28
C ILE L 323 15.70 63.65 17.64
N VAL L 324 16.41 63.05 18.58
CA VAL L 324 16.54 63.54 19.94
C VAL L 324 17.75 62.81 20.50
N TYR L 325 18.38 63.42 21.49
CA TYR L 325 19.42 62.80 22.28
C TYR L 325 18.83 62.48 23.63
N PRO L 326 17.98 61.47 23.74
CA PRO L 326 17.14 61.33 24.92
C PRO L 326 17.96 60.88 26.13
N TYR L 327 18.73 59.81 25.98
CA TYR L 327 19.92 59.65 26.77
C TYR L 327 21.09 60.14 25.96
N ASP L 328 21.93 60.91 26.61
CA ASP L 328 23.28 61.13 26.14
C ASP L 328 24.14 61.28 27.37
N THR L 329 25.40 60.86 27.21
CA THR L 329 26.42 61.11 28.21
C THR L 329 27.16 62.42 27.96
N THR L 330 27.30 62.81 26.70
CA THR L 330 28.22 63.89 26.34
C THR L 330 27.82 65.30 26.79
N PRO L 331 26.56 65.66 27.06
CA PRO L 331 26.39 66.89 27.82
C PRO L 331 26.93 66.77 29.21
N PHE L 332 26.78 65.61 29.84
CA PHE L 332 27.28 65.48 31.19
C PHE L 332 28.79 65.39 31.21
N VAL L 333 29.39 64.82 30.16
CA VAL L 333 30.82 64.67 30.27
C VAL L 333 31.55 65.74 29.47
N LYS L 334 31.07 66.06 28.26
CA LYS L 334 31.57 67.20 27.51
C LYS L 334 31.35 68.48 28.27
N ILE L 335 30.25 68.56 29.00
CA ILE L 335 30.02 69.76 29.78
C ILE L 335 30.53 69.54 31.19
N SER L 336 30.89 68.31 31.54
CA SER L 336 31.61 68.13 32.78
C SER L 336 33.04 68.60 32.64
N ILE L 337 33.56 68.58 31.42
CA ILE L 337 34.94 69.02 31.27
C ILE L 337 34.98 70.43 30.74
N HIS L 338 33.94 70.84 30.01
CA HIS L 338 33.79 72.25 29.73
C HIS L 338 33.61 73.00 31.03
N GLU L 339 32.82 72.42 31.92
CA GLU L 339 32.59 73.02 33.22
C GLU L 339 33.82 72.91 34.10
N VAL L 340 34.29 71.69 34.34
CA VAL L 340 35.36 71.46 35.31
C VAL L 340 36.68 72.02 34.81
N VAL L 341 36.96 71.82 33.53
CA VAL L 341 38.17 72.40 32.94
C VAL L 341 38.03 73.91 32.83
N LYS L 342 36.80 74.40 32.68
CA LYS L 342 36.59 75.85 32.66
C LYS L 342 36.89 76.47 34.02
N THR L 343 36.33 75.89 35.08
CA THR L 343 36.59 76.33 36.43
C THR L 343 38.05 76.11 36.81
N LEU L 344 38.66 75.11 36.20
CA LEU L 344 40.08 74.86 36.39
C LEU L 344 40.90 76.01 35.85
N VAL L 345 40.66 76.37 34.59
CA VAL L 345 41.49 77.38 33.95
C VAL L 345 41.24 78.76 34.55
N GLU L 346 39.99 79.07 34.87
CA GLU L 346 39.74 80.34 35.54
C GLU L 346 40.23 80.29 36.99
N ALA L 347 40.36 79.09 37.56
CA ALA L 347 41.06 79.00 38.83
C ALA L 347 42.54 79.31 38.65
N ILE L 348 43.11 78.99 37.49
CA ILE L 348 44.48 79.39 37.21
C ILE L 348 44.57 80.89 36.98
N ILE L 349 43.48 81.51 36.52
CA ILE L 349 43.42 82.96 36.46
C ILE L 349 43.47 83.53 37.88
N LEU L 350 42.73 82.89 38.79
CA LEU L 350 42.77 83.32 40.19
C LEU L 350 44.14 83.07 40.80
N VAL L 351 44.84 82.04 40.31
CA VAL L 351 46.23 81.82 40.66
C VAL L 351 47.07 83.01 40.22
N PHE L 352 46.78 83.55 39.04
CA PHE L 352 47.52 84.73 38.59
C PHE L 352 47.24 85.96 39.45
N LEU L 353 45.99 86.18 39.84
CA LEU L 353 45.72 87.34 40.69
C LEU L 353 46.35 87.21 42.05
N VAL L 354 46.36 85.98 42.57
CA VAL L 354 47.19 85.64 43.73
C VAL L 354 48.65 85.98 43.48
N MET L 355 49.14 85.68 42.28
CA MET L 355 50.55 85.88 41.98
C MET L 355 50.92 87.35 41.93
N TYR L 356 50.06 88.19 41.40
CA TYR L 356 50.36 89.61 41.44
C TYR L 356 50.20 90.19 42.84
N LEU L 357 49.35 89.57 43.66
CA LEU L 357 48.75 90.23 44.82
C LEU L 357 49.76 90.69 45.86
N PHE L 358 50.77 89.88 46.17
CA PHE L 358 51.44 89.99 47.45
C PHE L 358 52.47 91.11 47.55
N LEU L 359 53.57 91.02 46.82
CA LEU L 359 54.68 91.92 47.11
C LEU L 359 54.57 93.21 46.34
N GLN L 360 53.41 93.44 45.71
CA GLN L 360 52.96 94.76 45.26
C GLN L 360 53.83 95.30 44.13
N ASN L 361 54.51 94.41 43.43
CA ASN L 361 55.39 94.80 42.34
C ASN L 361 54.72 94.46 41.02
N PHE L 362 54.73 95.42 40.10
CA PHE L 362 54.27 95.14 38.76
C PHE L 362 55.38 94.60 37.88
N ARG L 363 56.54 94.31 38.45
CA ARG L 363 57.61 93.63 37.75
C ARG L 363 57.93 92.26 38.33
N ALA L 364 58.31 92.22 39.60
CA ALA L 364 58.97 91.04 40.16
C ALA L 364 58.01 89.86 40.27
N THR L 365 56.84 90.10 40.87
CA THR L 365 55.85 89.06 41.07
C THR L 365 55.28 88.52 39.75
N LEU L 366 55.54 89.20 38.65
CA LEU L 366 55.11 88.77 37.33
C LEU L 366 56.04 87.75 36.69
N ILE L 367 57.26 87.60 37.21
CA ILE L 367 58.17 86.58 36.67
C ILE L 367 57.63 85.15 36.78
N PRO L 368 57.19 84.65 37.94
CA PRO L 368 56.93 83.21 38.00
C PRO L 368 55.63 82.80 37.36
N THR L 369 54.77 83.79 37.11
CA THR L 369 53.41 83.59 36.61
C THR L 369 53.40 82.80 35.32
N ILE L 370 54.12 83.29 34.31
CA ILE L 370 54.24 82.62 33.03
C ILE L 370 55.03 81.33 33.18
N ALA L 371 55.85 81.23 34.23
CA ALA L 371 56.48 79.96 34.57
C ALA L 371 55.46 78.91 34.97
N VAL L 372 54.33 79.33 35.55
CA VAL L 372 53.32 78.45 36.10
C VAL L 372 52.69 77.49 35.09
N PRO L 373 52.03 77.93 34.00
CA PRO L 373 51.19 76.95 33.26
C PRO L 373 52.00 75.99 32.44
N VAL L 374 53.23 76.37 32.08
CA VAL L 374 54.14 75.53 31.33
C VAL L 374 54.31 74.21 32.06
N VAL L 375 54.48 74.31 33.38
CA VAL L 375 54.59 73.17 34.27
C VAL L 375 53.43 72.22 34.07
N LEU L 376 52.20 72.74 34.15
CA LEU L 376 51.07 71.84 34.13
C LEU L 376 50.87 71.26 32.75
N LEU L 377 51.25 72.00 31.71
CA LEU L 377 51.05 71.40 30.40
C LEU L 377 52.14 70.38 30.13
N GLY L 378 53.29 70.53 30.79
CA GLY L 378 54.28 69.48 30.77
C GLY L 378 53.78 68.21 31.43
N THR L 379 52.84 68.35 32.37
CA THR L 379 52.12 67.24 32.96
C THR L 379 51.57 66.31 31.89
N PHE L 380 50.93 66.89 30.87
CA PHE L 380 50.36 66.09 29.79
C PHE L 380 51.45 65.36 29.04
N ALA L 381 52.59 66.03 28.85
CA ALA L 381 53.76 65.42 28.22
C ALA L 381 54.23 64.20 29.00
N VAL L 382 54.13 64.26 30.32
CA VAL L 382 54.54 63.13 31.14
C VAL L 382 53.60 61.96 30.92
N LEU L 383 52.31 62.22 30.84
CA LEU L 383 51.42 61.12 30.54
C LEU L 383 51.34 60.88 29.05
N ALA L 384 51.97 61.73 28.24
CA ALA L 384 52.27 61.34 26.88
C ALA L 384 53.27 60.22 26.86
N ALA L 385 54.14 60.16 27.88
CA ALA L 385 54.94 58.97 28.12
C ALA L 385 54.06 57.78 28.47
N PHE L 386 52.88 58.03 29.03
CA PHE L 386 51.99 56.97 29.44
C PHE L 386 50.78 56.80 28.56
N GLY L 387 50.46 57.77 27.71
CA GLY L 387 49.28 57.67 26.87
C GLY L 387 47.98 57.71 27.61
N PHE L 388 47.98 58.18 28.86
CA PHE L 388 46.80 58.11 29.68
C PHE L 388 45.85 59.24 29.31
N SER L 389 44.63 58.86 28.88
CA SER L 389 43.71 59.81 28.29
C SER L 389 43.21 60.80 29.33
N ILE L 390 42.77 61.96 28.87
CA ILE L 390 42.36 63.01 29.77
C ILE L 390 41.00 62.62 30.34
N ASN L 391 40.89 62.67 31.66
CA ASN L 391 39.85 61.94 32.35
C ASN L 391 39.46 62.65 33.63
N THR L 392 38.17 62.59 33.96
CA THR L 392 37.60 63.45 35.00
C THR L 392 38.19 63.15 36.36
N LEU L 393 38.46 61.88 36.64
CA LEU L 393 39.23 61.53 37.82
C LEU L 393 40.61 62.14 37.75
N THR L 394 41.30 61.92 36.62
CA THR L 394 42.65 62.44 36.46
C THR L 394 42.64 63.94 36.37
N MET L 395 41.61 64.52 35.76
CA MET L 395 41.54 65.96 35.65
C MET L 395 41.31 66.59 37.01
N PHE L 396 40.57 65.90 37.88
CA PHE L 396 40.35 66.46 39.20
C PHE L 396 41.59 66.30 40.05
N GLY L 397 42.27 65.16 39.91
CA GLY L 397 43.55 64.98 40.58
C GLY L 397 44.59 65.95 40.09
N MET L 398 44.46 66.42 38.85
CA MET L 398 45.42 67.41 38.41
C MET L 398 44.94 68.83 38.67
N VAL L 399 43.69 69.03 39.07
CA VAL L 399 43.41 70.39 39.50
C VAL L 399 43.83 70.56 40.96
N LEU L 400 43.68 69.49 41.76
CA LEU L 400 44.27 69.49 43.08
C LEU L 400 45.79 69.57 42.97
N ALA L 401 46.32 68.86 41.99
CA ALA L 401 47.75 68.89 41.78
C ALA L 401 48.22 70.24 41.25
N ILE L 402 47.39 70.97 40.52
CA ILE L 402 47.90 72.27 40.11
C ILE L 402 47.82 73.24 41.27
N GLY L 403 46.93 73.01 42.23
CA GLY L 403 47.10 73.68 43.52
C GLY L 403 48.45 73.37 44.14
N LEU L 404 48.87 72.11 44.02
CA LEU L 404 50.13 71.69 44.61
C LEU L 404 51.34 72.29 43.90
N LEU L 405 51.34 72.37 42.57
CA LEU L 405 52.53 72.97 42.00
C LEU L 405 52.46 74.48 41.95
N VAL L 406 51.30 75.09 42.12
CA VAL L 406 51.39 76.54 42.23
C VAL L 406 51.90 76.92 43.61
N ASP L 407 51.56 76.17 44.67
CA ASP L 407 52.20 76.63 45.89
C ASP L 407 53.63 76.08 46.05
N ASP L 408 54.00 75.03 45.30
CA ASP L 408 55.42 74.75 45.15
C ASP L 408 56.12 75.89 44.40
N ALA L 409 55.44 76.43 43.39
CA ALA L 409 56.00 77.54 42.64
C ALA L 409 56.23 78.75 43.53
N ILE L 410 55.30 79.04 44.43
CA ILE L 410 55.53 80.22 45.24
C ILE L 410 56.45 79.95 46.41
N VAL L 411 56.66 78.69 46.82
CA VAL L 411 57.69 78.53 47.85
C VAL L 411 59.07 78.72 47.25
N VAL L 412 59.28 78.25 46.01
CA VAL L 412 60.61 78.44 45.45
C VAL L 412 60.83 79.90 45.07
N VAL L 413 59.83 80.55 44.47
CA VAL L 413 60.11 81.91 44.03
C VAL L 413 60.02 82.90 45.17
N GLU L 414 59.29 82.57 46.25
CA GLU L 414 59.34 83.48 47.38
C GLU L 414 60.64 83.30 48.14
N ASN L 415 61.17 82.07 48.17
CA ASN L 415 62.46 81.89 48.82
C ASN L 415 63.56 82.58 48.02
N VAL L 416 63.46 82.52 46.70
CA VAL L 416 64.42 83.23 45.85
C VAL L 416 64.28 84.73 46.02
N GLU L 417 63.05 85.25 45.98
CA GLU L 417 62.79 86.67 46.11
C GLU L 417 63.23 87.20 47.46
N ARG L 418 63.09 86.36 48.49
CA ARG L 418 63.58 86.71 49.81
C ARG L 418 65.10 86.81 49.81
N VAL L 419 65.78 85.74 49.37
CA VAL L 419 67.23 85.66 49.44
C VAL L 419 67.88 86.77 48.65
N MET L 420 67.33 87.08 47.47
CA MET L 420 67.82 88.27 46.80
C MET L 420 67.31 89.55 47.44
N ALA L 421 66.30 89.48 48.31
CA ALA L 421 65.70 90.69 48.81
C ALA L 421 66.35 91.22 50.09
N GLU L 422 66.88 90.36 50.96
CA GLU L 422 67.26 90.89 52.26
C GLU L 422 68.63 91.56 52.26
N GLU L 423 69.53 91.19 51.34
CA GLU L 423 70.83 91.83 51.32
C GLU L 423 71.11 92.59 50.04
N GLY L 424 70.28 92.45 49.01
CA GLY L 424 70.26 93.36 47.88
C GLY L 424 71.48 93.42 46.99
N LEU L 425 72.34 92.39 47.03
CA LEU L 425 73.45 92.30 46.10
C LEU L 425 72.93 91.91 44.71
N PRO L 426 73.73 92.09 43.65
CA PRO L 426 73.31 91.62 42.31
C PRO L 426 73.07 90.12 42.30
N PRO L 427 71.95 89.70 41.72
CA PRO L 427 71.26 88.47 42.17
C PRO L 427 71.98 87.18 41.88
N LYS L 428 73.15 87.25 41.22
CA LYS L 428 73.97 86.08 40.93
C LYS L 428 74.27 85.28 42.17
N GLU L 429 75.01 85.89 43.11
CA GLU L 429 75.47 85.17 44.27
C GLU L 429 74.33 84.90 45.24
N ALA L 430 73.30 85.75 45.20
CA ALA L 430 72.09 85.52 45.97
C ALA L 430 71.45 84.20 45.58
N THR L 431 71.18 84.01 44.29
CA THR L 431 70.63 82.74 43.90
C THR L 431 71.66 81.63 43.87
N ARG L 432 72.95 81.95 43.98
CA ARG L 432 73.94 80.89 44.17
C ARG L 432 73.80 80.25 45.53
N LYS L 433 73.78 81.07 46.60
CA LYS L 433 73.54 80.52 47.93
C LYS L 433 72.16 79.91 48.02
N SER L 434 71.17 80.61 47.46
CA SER L 434 69.79 80.15 47.46
C SER L 434 69.66 78.78 46.83
N MET L 435 70.22 78.61 45.62
CA MET L 435 70.24 77.29 45.01
C MET L 435 71.17 76.31 45.70
N GLY L 436 72.03 76.78 46.59
CA GLY L 436 72.68 75.85 47.48
C GLY L 436 71.65 75.22 48.38
N GLN L 437 71.04 76.05 49.23
CA GLN L 437 70.16 75.52 50.27
C GLN L 437 68.92 74.86 49.67
N ILE L 438 68.47 75.28 48.50
CA ILE L 438 67.31 74.61 47.94
C ILE L 438 67.68 73.80 46.70
N GLN L 439 68.96 73.58 46.41
CA GLN L 439 69.21 72.32 45.74
C GLN L 439 69.06 71.21 46.76
N GLY L 440 69.49 71.48 48.00
CA GLY L 440 69.23 70.54 49.07
C GLY L 440 67.75 70.41 49.38
N ALA L 441 67.02 71.52 49.37
CA ALA L 441 65.62 71.44 49.75
C ALA L 441 64.76 70.97 48.59
N LEU L 442 65.16 71.25 47.35
CA LEU L 442 64.41 70.74 46.22
C LEU L 442 64.56 69.24 46.08
N VAL L 443 65.79 68.72 46.27
CA VAL L 443 65.90 67.26 46.28
C VAL L 443 65.24 66.71 47.53
N GLY L 444 65.13 67.53 48.57
CA GLY L 444 64.32 67.18 49.73
C GLY L 444 62.86 66.93 49.38
N ILE L 445 62.20 67.96 48.86
CA ILE L 445 60.75 67.90 48.65
C ILE L 445 60.39 66.93 47.55
N ALA L 446 61.27 66.76 46.56
CA ALA L 446 61.04 65.77 45.53
C ALA L 446 61.18 64.37 46.12
N MET L 447 62.20 64.19 46.96
CA MET L 447 62.49 62.87 47.52
C MET L 447 61.38 62.42 48.47
N VAL L 448 61.01 63.29 49.41
CA VAL L 448 60.01 62.90 50.39
C VAL L 448 58.62 62.92 49.76
N LEU L 449 58.41 63.72 48.73
CA LEU L 449 57.07 63.81 48.17
C LEU L 449 56.81 62.59 47.29
N SER L 450 57.81 62.23 46.48
CA SER L 450 57.85 60.93 45.82
C SER L 450 57.63 59.80 46.82
N ALA L 451 58.24 59.92 48.00
CA ALA L 451 57.99 58.94 49.05
C ALA L 451 56.56 58.97 49.55
N VAL L 452 55.86 60.10 49.48
CA VAL L 452 54.50 60.04 50.01
C VAL L 452 53.52 59.51 48.98
N PHE L 453 53.87 59.47 47.69
CA PHE L 453 52.86 58.83 46.85
C PHE L 453 53.38 57.72 45.96
N VAL L 454 54.53 57.12 46.29
CA VAL L 454 54.77 55.73 45.86
C VAL L 454 53.82 54.70 46.46
N PRO L 455 53.21 54.87 47.67
CA PRO L 455 52.12 53.95 48.02
C PRO L 455 50.92 54.06 47.12
N MET L 456 50.66 55.27 46.63
CA MET L 456 49.58 55.46 45.69
C MET L 456 49.90 54.76 44.38
N ALA L 457 51.19 54.61 44.06
CA ALA L 457 51.59 53.79 42.94
C ALA L 457 51.41 52.31 43.24
N PHE L 458 51.71 51.88 44.47
CA PHE L 458 51.72 50.46 44.75
C PHE L 458 50.43 49.93 45.33
N PHE L 459 49.29 50.49 44.98
CA PHE L 459 48.03 49.87 45.38
C PHE L 459 47.73 48.60 44.60
N GLY L 460 46.71 47.90 45.09
CA GLY L 460 45.96 46.93 44.32
C GLY L 460 44.51 47.38 44.19
N GLY L 461 43.77 46.63 43.38
CA GLY L 461 42.37 46.93 43.17
C GLY L 461 42.17 47.99 42.09
N SER L 462 40.95 48.03 41.56
CA SER L 462 40.63 48.93 40.46
C SER L 462 40.58 50.37 40.94
N THR L 463 39.92 50.58 42.08
CA THR L 463 40.02 51.84 42.80
C THR L 463 41.47 52.18 43.09
N GLY L 464 42.26 51.18 43.45
CA GLY L 464 43.68 51.38 43.60
C GLY L 464 44.38 51.75 42.31
N ALA L 465 43.83 51.34 41.16
CA ALA L 465 44.38 51.82 39.90
C ALA L 465 43.98 53.27 39.64
N ILE L 466 42.85 53.68 40.19
CA ILE L 466 42.52 55.10 40.11
C ILE L 466 43.49 55.89 40.98
N TYR L 467 43.83 55.34 42.15
CA TYR L 467 44.93 55.86 42.95
C TYR L 467 46.24 55.87 42.18
N ARG L 468 46.44 54.91 41.28
CA ARG L 468 47.61 54.96 40.42
C ARG L 468 47.51 56.13 39.45
N GLN L 469 46.30 56.50 39.04
CA GLN L 469 46.17 57.63 38.14
C GLN L 469 46.44 58.95 38.86
N PHE L 470 45.95 59.10 40.08
CA PHE L 470 46.31 60.27 40.86
C PHE L 470 47.79 60.26 41.19
N SER L 471 48.33 59.06 41.37
CA SER L 471 49.73 58.88 41.70
C SER L 471 50.60 59.42 40.59
N ILE L 472 50.37 58.98 39.35
CA ILE L 472 51.18 59.44 38.24
C ILE L 472 50.93 60.91 37.95
N THR L 473 49.73 61.38 38.27
CA THR L 473 49.44 62.80 38.16
C THR L 473 50.37 63.63 39.03
N ILE L 474 50.48 63.27 40.30
CA ILE L 474 51.35 64.08 41.14
C ILE L 474 52.81 63.67 41.00
N VAL L 475 53.08 62.53 40.37
CA VAL L 475 54.44 62.22 39.91
C VAL L 475 54.88 63.28 38.91
N SER L 476 54.04 63.54 37.92
CA SER L 476 54.30 64.57 36.92
C SER L 476 54.46 65.93 37.57
N ALA L 477 53.48 66.29 38.42
CA ALA L 477 53.45 67.60 39.07
C ALA L 477 54.68 67.84 39.91
N MET L 478 54.95 66.92 40.84
CA MET L 478 56.12 66.97 41.69
C MET L 478 57.40 67.04 40.89
N ALA L 479 57.59 66.06 40.00
CA ALA L 479 58.86 65.86 39.34
C ALA L 479 59.23 67.03 38.45
N LEU L 480 58.35 67.36 37.51
CA LEU L 480 58.72 68.41 36.58
C LEU L 480 58.64 69.77 37.23
N SER L 481 57.83 69.89 38.29
CA SER L 481 57.81 71.14 39.04
C SER L 481 59.15 71.40 39.72
N VAL L 482 59.72 70.36 40.34
CA VAL L 482 61.03 70.49 40.96
C VAL L 482 62.10 70.78 39.91
N LEU L 483 61.97 70.14 38.74
CA LEU L 483 62.96 70.35 37.69
C LEU L 483 62.92 71.77 37.12
N VAL L 484 61.73 72.31 36.87
CA VAL L 484 61.70 73.67 36.33
C VAL L 484 62.02 74.68 37.42
N ALA L 485 61.79 74.32 38.68
CA ALA L 485 62.25 75.19 39.75
C ALA L 485 63.77 75.18 39.82
N LEU L 486 64.39 74.05 39.46
CA LEU L 486 65.83 73.91 39.57
C LEU L 486 66.57 74.75 38.55
N ILE L 487 66.11 74.75 37.30
CA ILE L 487 66.85 75.34 36.20
C ILE L 487 66.21 76.63 35.73
N LEU L 488 64.91 76.58 35.42
CA LEU L 488 64.27 77.70 34.76
C LEU L 488 64.08 78.87 35.71
N THR L 489 63.59 78.59 36.90
CA THR L 489 63.34 79.63 37.91
C THR L 489 64.56 80.47 38.29
N PRO L 490 65.76 79.93 38.57
CA PRO L 490 66.87 80.83 38.89
C PRO L 490 67.35 81.63 37.71
N ALA L 491 67.11 81.15 36.50
CA ALA L 491 67.45 81.93 35.32
C ALA L 491 66.50 83.09 35.15
N LEU L 492 65.19 82.84 35.28
CA LEU L 492 64.20 83.89 35.12
C LEU L 492 64.34 84.94 36.21
N CYS L 493 64.59 84.50 37.43
CA CYS L 493 64.83 85.46 38.50
C CYS L 493 66.18 86.13 38.32
N ALA L 494 67.14 85.43 37.74
CA ALA L 494 68.49 85.94 37.64
C ALA L 494 68.64 87.01 36.57
N THR L 495 67.84 86.92 35.50
CA THR L 495 68.02 87.81 34.36
C THR L 495 67.17 89.08 34.44
N MET L 496 65.86 88.94 34.37
CA MET L 496 65.01 90.08 34.09
C MET L 496 64.50 90.78 35.33
N LEU L 497 65.19 90.65 36.45
CA LEU L 497 64.88 91.46 37.62
C LEU L 497 65.82 92.65 37.75
N LYS L 498 65.49 93.52 38.69
CA LYS L 498 66.31 94.69 38.83
C LYS L 498 67.35 94.50 39.93
N PRO L 499 68.58 94.95 39.70
CA PRO L 499 69.53 95.11 40.81
C PRO L 499 68.99 96.17 41.76
N ILE L 500 68.62 95.73 42.95
CA ILE L 500 67.99 96.59 43.94
C ILE L 500 69.04 97.01 44.95
N ALA L 501 68.65 97.92 45.83
CA ALA L 501 69.54 98.41 46.86
C ALA L 501 69.77 97.33 47.92
N LYS L 502 70.85 97.49 48.67
CA LYS L 502 71.25 96.49 49.64
C LYS L 502 70.63 96.75 51.00
N GLY L 503 70.06 95.69 51.58
CA GLY L 503 69.35 95.79 52.83
C GLY L 503 68.11 96.68 52.80
N ASP L 504 67.51 96.84 51.62
CA ASP L 504 66.39 97.76 51.46
C ASP L 504 65.12 97.14 52.00
N HIS L 505 64.43 97.86 52.87
CA HIS L 505 63.16 97.40 53.44
C HIS L 505 61.97 98.09 52.78
N GLY L 506 62.22 99.07 51.92
CA GLY L 506 61.14 99.82 51.31
C GLY L 506 60.76 101.04 52.10
N GLU L 507 61.73 101.93 52.31
CA GLU L 507 61.51 103.12 53.14
C GLU L 507 60.60 104.13 52.45
N GLY L 508 60.48 104.05 51.13
CA GLY L 508 59.59 104.93 50.39
C GLY L 508 58.20 104.35 50.18
N LYS L 509 58.08 103.02 50.27
CA LYS L 509 56.77 102.39 50.19
C LYS L 509 55.97 102.67 51.46
N LYS L 510 54.90 103.44 51.32
CA LYS L 510 54.22 103.98 52.49
C LYS L 510 52.72 103.72 52.44
N GLY L 511 51.99 104.36 53.33
CA GLY L 511 50.54 104.23 53.32
C GLY L 511 50.10 102.93 53.94
N PHE L 512 48.99 102.41 53.40
CA PHE L 512 48.38 101.18 53.89
C PHE L 512 49.30 99.98 53.72
N PHE L 513 50.20 100.04 52.75
CA PHE L 513 50.94 98.88 52.29
C PHE L 513 52.15 98.64 53.18
N GLY L 514 53.06 99.62 53.22
CA GLY L 514 54.15 99.58 54.17
C GLY L 514 53.67 99.66 55.60
N TRP L 515 52.53 100.32 55.83
CA TRP L 515 51.90 100.29 57.14
C TRP L 515 51.48 98.88 57.51
N PHE L 516 51.00 98.12 56.53
CA PHE L 516 50.74 96.72 56.81
C PHE L 516 52.04 95.93 56.96
N ASN L 517 53.12 96.41 56.38
CA ASN L 517 54.40 95.76 56.67
C ASN L 517 54.88 96.09 58.07
N ARG L 518 54.42 97.21 58.62
CA ARG L 518 54.68 97.50 60.02
C ARG L 518 53.81 96.63 60.91
N MET L 519 52.60 96.30 60.44
CA MET L 519 51.82 95.25 61.09
C MET L 519 52.53 93.91 60.99
N PHE L 520 53.23 93.69 59.89
CA PHE L 520 53.96 92.44 59.69
C PHE L 520 55.10 92.32 60.67
N GLU L 521 55.87 93.38 60.87
CA GLU L 521 56.95 93.29 61.85
C GLU L 521 56.41 93.31 63.27
N LYS L 522 55.26 93.96 63.47
CA LYS L 522 54.56 93.87 64.76
C LYS L 522 54.21 92.43 65.10
N SER L 523 53.66 91.70 64.13
CA SER L 523 53.34 90.31 64.36
C SER L 523 54.59 89.45 64.38
N THR L 524 55.68 89.96 63.79
CA THR L 524 56.94 89.22 63.80
C THR L 524 57.56 89.23 65.19
N HIS L 525 57.64 90.41 65.79
CA HIS L 525 58.22 90.51 67.12
C HIS L 525 57.27 89.98 68.17
N HIS L 526 55.97 90.18 67.95
CA HIS L 526 54.94 89.47 68.69
C HIS L 526 55.15 87.96 68.64
N TYR L 527 55.51 87.46 67.45
CA TYR L 527 55.80 86.04 67.32
C TYR L 527 57.11 85.67 68.00
N THR L 528 58.06 86.59 68.10
CA THR L 528 59.28 86.30 68.84
C THR L 528 58.97 86.12 70.32
N ASP L 529 58.08 86.95 70.83
CA ASP L 529 57.55 86.78 72.18
C ASP L 529 56.78 85.47 72.29
N SER L 530 56.15 85.04 71.20
CA SER L 530 55.54 83.72 71.18
C SER L 530 56.58 82.61 71.18
N VAL L 531 57.80 82.90 70.72
CA VAL L 531 58.83 81.86 70.78
C VAL L 531 59.31 81.66 72.21
N GLY L 532 59.49 82.76 72.95
CA GLY L 532 59.88 82.57 74.35
C GLY L 532 58.77 82.02 75.24
N GLY L 533 57.64 82.73 75.22
CA GLY L 533 56.52 82.33 76.06
C GLY L 533 55.92 81.00 75.64
N ILE L 534 56.06 80.65 74.37
CA ILE L 534 55.52 79.38 73.91
C ILE L 534 56.71 78.41 73.77
N LEU L 535 57.86 78.81 74.31
CA LEU L 535 58.79 77.79 74.79
C LEU L 535 58.36 77.29 76.16
N ARG L 536 57.95 78.21 77.04
CA ARG L 536 57.26 77.76 78.25
C ARG L 536 55.98 76.98 77.91
N SER L 537 55.33 77.35 76.82
CA SER L 537 54.30 76.49 76.28
C SER L 537 54.83 75.51 75.24
N THR L 538 56.15 75.21 75.23
CA THR L 538 56.47 73.85 74.81
C THR L 538 56.45 72.94 76.00
N GLY L 539 56.54 73.51 77.20
CA GLY L 539 56.09 72.70 78.32
C GLY L 539 54.60 72.43 78.23
N ARG L 540 53.80 73.48 78.42
CA ARG L 540 52.37 73.20 78.53
C ARG L 540 51.72 72.98 77.17
N TYR L 541 52.33 73.42 76.08
CA TYR L 541 51.81 72.97 74.80
C TYR L 541 52.53 71.75 74.26
N LEU L 542 53.56 71.27 74.95
CA LEU L 542 53.94 69.87 74.77
C LEU L 542 52.81 68.98 75.22
N VAL L 543 52.34 69.15 76.46
CA VAL L 543 51.28 68.25 76.91
C VAL L 543 49.96 68.56 76.20
N LEU L 544 49.76 69.82 75.78
CA LEU L 544 48.61 70.14 74.94
C LEU L 544 48.74 69.51 73.57
N TYR L 545 49.97 69.36 73.08
CA TYR L 545 50.17 68.64 71.83
C TYR L 545 49.77 67.17 71.95
N LEU L 546 50.08 66.57 73.10
CA LEU L 546 49.64 65.19 73.31
C LEU L 546 48.13 65.07 73.37
N ILE L 547 47.45 66.07 73.97
CA ILE L 547 46.01 65.89 74.05
C ILE L 547 45.35 66.18 72.70
N ILE L 548 45.93 67.06 71.89
CA ILE L 548 45.29 67.28 70.59
C ILE L 548 45.61 66.14 69.64
N VAL L 549 46.75 65.48 69.83
CA VAL L 549 47.03 64.39 68.91
C VAL L 549 46.18 63.17 69.27
N VAL L 550 45.83 63.00 70.54
CA VAL L 550 44.93 61.88 70.83
C VAL L 550 43.49 62.23 70.51
N GLY L 551 43.10 63.51 70.58
CA GLY L 551 41.79 63.88 70.07
C GLY L 551 41.72 63.74 68.56
N MET L 552 42.85 63.94 67.89
CA MET L 552 42.95 63.67 66.47
C MET L 552 42.73 62.19 66.19
N ALA L 553 43.25 61.33 67.06
CA ALA L 553 42.95 59.91 66.95
C ALA L 553 41.46 59.65 67.15
N TYR L 554 40.82 60.42 68.04
CA TYR L 554 39.40 60.23 68.32
C TYR L 554 38.53 60.54 67.12
N LEU L 555 38.71 61.73 66.54
CA LEU L 555 37.89 62.08 65.39
C LEU L 555 38.31 61.28 64.17
N PHE L 556 39.59 60.90 64.13
CA PHE L 556 40.11 60.02 63.09
C PHE L 556 39.37 58.70 63.05
N VAL L 557 39.19 58.07 64.21
CA VAL L 557 38.57 56.76 64.17
C VAL L 557 37.06 56.87 64.10
N ARG L 558 36.47 57.95 64.62
CA ARG L 558 35.03 57.97 64.71
C ARG L 558 34.36 58.35 63.40
N LEU L 559 35.12 58.76 62.41
CA LEU L 559 34.49 59.16 61.17
C LEU L 559 34.14 57.93 60.34
N PRO L 560 32.93 57.85 59.80
CA PRO L 560 32.59 56.78 58.86
C PRO L 560 33.18 57.02 57.47
N SER L 561 32.82 56.14 56.54
CA SER L 561 33.43 56.07 55.23
C SER L 561 32.37 55.81 54.17
N SER L 562 32.80 55.93 52.92
CA SER L 562 31.95 55.64 51.76
C SER L 562 32.85 55.44 50.53
N PHE L 563 32.21 55.16 49.40
CA PHE L 563 32.87 55.16 48.10
C PHE L 563 32.69 56.53 47.46
N LEU L 564 32.95 56.61 46.17
CA LEU L 564 32.82 57.87 45.46
C LEU L 564 31.34 58.18 45.22
N PRO L 565 30.93 59.42 45.44
CA PRO L 565 29.50 59.73 45.51
C PRO L 565 28.85 59.79 44.14
N ASP L 566 27.55 59.50 44.14
CA ASP L 566 26.72 59.75 42.96
C ASP L 566 26.15 61.16 43.10
N GLU L 567 26.83 62.09 42.45
CA GLU L 567 26.28 63.43 42.33
C GLU L 567 25.29 63.49 41.17
N ASP L 568 25.01 64.72 40.74
CA ASP L 568 24.10 64.99 39.64
C ASP L 568 24.57 64.30 38.37
N GLN L 569 23.62 64.00 37.53
CA GLN L 569 23.80 63.41 36.23
C GLN L 569 23.05 64.14 35.13
N GLY L 570 21.87 64.68 35.44
CA GLY L 570 21.00 65.24 34.44
C GLY L 570 19.87 64.32 34.02
N VAL L 571 20.02 63.02 34.19
CA VAL L 571 18.94 62.06 34.04
C VAL L 571 18.91 61.25 35.32
N PHE L 572 17.93 60.35 35.44
CA PHE L 572 18.01 59.38 36.51
C PHE L 572 17.30 58.11 36.10
N MET L 573 17.50 57.11 36.95
CA MET L 573 17.08 55.74 36.73
C MET L 573 15.78 55.45 37.44
N THR L 574 14.75 55.18 36.65
CA THR L 574 13.41 55.00 37.20
C THR L 574 13.06 53.51 37.22
N MET L 575 13.14 52.91 38.40
CA MET L 575 12.96 51.48 38.53
C MET L 575 11.52 51.14 38.85
N VAL L 576 10.84 50.50 37.90
CA VAL L 576 9.41 50.25 38.02
C VAL L 576 9.17 48.75 38.11
N GLN L 577 8.57 48.32 39.22
CA GLN L 577 8.38 46.90 39.49
C GLN L 577 6.93 46.60 39.83
N LEU L 578 6.44 45.47 39.36
CA LEU L 578 5.08 45.05 39.57
C LEU L 578 5.02 43.63 40.10
N PRO L 579 3.87 43.21 40.65
CA PRO L 579 3.68 41.78 40.90
C PRO L 579 3.67 40.95 39.64
N ALA L 580 3.90 39.65 39.81
CA ALA L 580 3.92 38.72 38.70
C ALA L 580 2.52 38.52 38.14
N GLY L 581 2.47 37.98 36.93
CA GLY L 581 1.23 37.74 36.24
C GLY L 581 0.60 38.94 35.60
N ALA L 582 0.87 40.14 36.09
CA ALA L 582 0.33 41.37 35.52
C ALA L 582 0.97 41.62 34.16
N THR L 583 0.14 41.91 33.17
CA THR L 583 0.63 42.03 31.81
C THR L 583 1.20 43.41 31.52
N GLN L 584 1.90 43.48 30.40
CA GLN L 584 2.46 44.71 29.88
C GLN L 584 1.39 45.68 29.40
N GLU L 585 0.15 45.21 29.27
CA GLU L 585 -0.97 46.14 29.16
C GLU L 585 -1.21 46.84 30.48
N ARG L 586 -1.35 46.06 31.56
CA ARG L 586 -1.52 46.63 32.90
C ARG L 586 -0.30 47.42 33.30
N THR L 587 0.86 46.84 33.08
CA THR L 587 2.13 47.50 33.35
C THR L 587 2.24 48.75 32.51
N GLN L 588 1.75 48.67 31.28
CA GLN L 588 1.78 49.80 30.39
C GLN L 588 0.93 50.93 30.91
N LYS L 589 -0.22 50.57 31.49
CA LYS L 589 -1.06 51.55 32.17
C LYS L 589 -0.32 52.18 33.33
N VAL L 590 0.44 51.39 34.07
CA VAL L 590 1.22 51.92 35.19
C VAL L 590 2.26 52.92 34.69
N LEU L 591 2.91 52.58 33.58
CA LEU L 591 3.85 53.51 32.95
C LEU L 591 3.17 54.77 32.49
N ASN L 592 1.92 54.66 32.05
CA ASN L 592 1.22 55.85 31.64
C ASN L 592 0.90 56.73 32.84
N GLU L 593 0.67 56.09 33.98
CA GLU L 593 0.39 56.83 35.20
C GLU L 593 1.64 57.55 35.69
N VAL L 594 2.75 56.81 35.79
CA VAL L 594 3.98 57.37 36.32
C VAL L 594 4.53 58.40 35.37
N THR L 595 4.53 58.06 34.08
CA THR L 595 4.86 58.98 33.01
C THR L 595 4.02 60.24 33.09
N HIS L 596 2.73 60.06 33.35
CA HIS L 596 1.84 61.20 33.52
C HIS L 596 2.20 62.03 34.73
N TYR L 597 2.68 61.39 35.79
CA TYR L 597 3.08 62.14 36.98
C TYR L 597 4.30 62.99 36.71
N TYR L 598 5.35 62.37 36.21
CA TYR L 598 6.59 63.10 36.09
C TYR L 598 6.62 64.00 34.88
N LEU L 599 5.69 63.82 33.95
CA LEU L 599 5.50 64.86 32.96
C LEU L 599 4.68 66.00 33.52
N THR L 600 3.48 65.71 34.02
CA THR L 600 2.55 66.77 34.41
C THR L 600 3.03 67.50 35.66
N LYS L 601 3.13 66.79 36.76
CA LYS L 601 3.48 67.42 38.01
C LYS L 601 4.96 67.73 38.12
N GLU L 602 5.76 67.29 37.16
CA GLU L 602 7.16 67.66 37.18
C GLU L 602 7.57 68.27 35.84
N LYS L 603 6.82 69.26 35.38
CA LYS L 603 7.27 70.02 34.23
C LYS L 603 8.53 70.81 34.51
N ASN L 604 8.77 71.15 35.77
CA ASN L 604 9.62 72.29 36.09
C ASN L 604 11.08 71.99 35.93
N ASN L 605 11.51 70.81 36.34
CA ASN L 605 12.92 70.44 36.28
C ASN L 605 13.20 69.35 35.28
N VAL L 606 12.22 68.54 34.92
CA VAL L 606 12.42 67.47 33.97
C VAL L 606 12.56 68.06 32.59
N GLU L 607 13.61 67.65 31.88
CA GLU L 607 13.59 67.92 30.46
C GLU L 607 12.61 67.01 29.75
N SER L 608 12.76 65.70 29.94
CA SER L 608 12.02 64.74 29.15
C SER L 608 11.99 63.42 29.91
N VAL L 609 11.13 62.52 29.45
CA VAL L 609 10.94 61.24 30.09
C VAL L 609 10.97 60.14 29.03
N PHE L 610 11.82 59.17 29.23
CA PHE L 610 11.87 57.97 28.39
C PHE L 610 11.63 56.73 29.24
N ALA L 611 10.52 56.06 29.01
CA ALA L 611 10.22 54.85 29.74
C ALA L 611 10.35 53.64 28.83
N VAL L 612 10.61 52.49 29.43
CA VAL L 612 10.61 51.22 28.75
C VAL L 612 9.73 50.27 29.52
N ASN L 613 9.31 49.22 28.83
CA ASN L 613 8.50 48.20 29.45
C ASN L 613 8.87 46.87 28.82
N GLY L 614 8.77 45.83 29.61
CA GLY L 614 9.16 44.49 29.19
C GLY L 614 10.58 44.17 29.56
N PHE L 615 11.48 45.12 29.37
CA PHE L 615 12.86 44.93 29.78
C PHE L 615 12.99 45.20 31.26
N GLY L 616 13.85 44.43 31.89
CA GLY L 616 14.36 44.79 33.20
C GLY L 616 15.85 44.49 33.24
N PHE L 617 16.61 45.47 33.72
CA PHE L 617 18.02 45.21 33.99
C PHE L 617 18.16 44.28 35.19
N ALA L 618 17.22 44.34 36.12
CA ALA L 618 17.16 43.39 37.22
C ALA L 618 16.45 42.11 36.79
N GLY L 619 16.06 42.01 35.54
CA GLY L 619 15.43 40.83 34.97
C GLY L 619 14.33 41.24 34.03
N ARG L 620 14.38 40.74 32.80
CA ARG L 620 13.43 41.11 31.78
C ARG L 620 12.09 40.41 32.05
N GLY L 621 11.00 41.05 31.63
CA GLY L 621 9.71 40.46 31.88
C GLY L 621 8.61 41.49 32.01
N GLN L 622 7.37 41.02 32.11
CA GLN L 622 6.22 41.90 32.00
C GLN L 622 6.05 42.82 33.18
N ASN L 623 6.50 42.45 34.38
CA ASN L 623 6.21 43.25 35.56
C ASN L 623 7.21 44.36 35.82
N THR L 624 8.04 44.72 34.85
CA THR L 624 9.00 45.79 35.06
C THR L 624 9.04 46.76 33.90
N GLY L 625 9.35 48.01 34.23
CA GLY L 625 9.49 49.07 33.25
C GLY L 625 10.42 50.11 33.83
N ILE L 626 11.28 50.70 33.01
CA ILE L 626 12.37 51.52 33.52
C ILE L 626 12.39 52.82 32.74
N ALA L 627 12.38 53.95 33.45
CA ALA L 627 12.42 55.20 32.72
C ALA L 627 13.73 55.92 32.99
N PHE L 628 14.59 55.92 31.96
CA PHE L 628 15.60 56.95 31.81
C PHE L 628 14.91 58.31 31.78
N VAL L 629 15.15 59.16 32.78
CA VAL L 629 14.40 60.42 32.84
C VAL L 629 15.36 61.61 32.89
N SER L 630 15.28 62.46 31.87
CA SER L 630 16.14 63.62 31.72
C SER L 630 15.62 64.85 32.46
N LEU L 631 16.49 65.43 33.27
CA LEU L 631 16.30 66.78 33.76
C LEU L 631 16.84 67.76 32.75
N LYS L 632 16.62 69.02 33.05
CA LYS L 632 17.02 70.15 32.25
C LYS L 632 18.50 70.46 32.48
N ASP L 633 18.94 71.66 32.12
CA ASP L 633 20.30 72.09 32.47
C ASP L 633 20.42 72.28 33.97
N TRP L 634 21.65 72.16 34.46
CA TRP L 634 22.01 72.61 35.80
C TRP L 634 21.59 74.04 36.05
N ALA L 635 21.89 74.93 35.10
CA ALA L 635 21.44 76.31 35.21
C ALA L 635 19.93 76.39 35.12
N ASP L 636 19.32 75.45 34.42
CA ASP L 636 17.87 75.38 34.42
C ASP L 636 17.31 74.70 35.66
N ARG L 637 18.15 74.18 36.55
CA ARG L 637 17.70 73.74 37.87
C ARG L 637 18.50 74.40 39.01
N PRO L 638 18.31 75.69 39.24
CA PRO L 638 18.87 76.28 40.45
C PRO L 638 17.99 75.92 41.63
N GLY L 639 18.49 76.18 42.83
CA GLY L 639 17.69 75.88 43.99
C GLY L 639 17.80 74.43 44.41
N GLU L 640 17.88 74.21 45.72
CA GLU L 640 18.35 72.94 46.26
C GLU L 640 17.32 71.84 46.05
N GLU L 641 16.03 72.17 46.04
CA GLU L 641 15.00 71.19 45.73
C GLU L 641 15.10 70.70 44.30
N ASN L 642 15.73 71.46 43.42
CA ASN L 642 15.93 71.04 42.05
C ASN L 642 17.18 70.22 41.88
N LYS L 643 17.69 69.65 42.96
CA LYS L 643 18.80 68.73 42.91
C LYS L 643 18.27 67.33 43.06
N VAL L 644 19.01 66.38 42.47
CA VAL L 644 18.46 65.12 42.00
C VAL L 644 17.98 64.27 43.16
N GLU L 645 18.67 64.36 44.29
CA GLU L 645 18.32 63.58 45.46
C GLU L 645 16.96 63.97 46.01
N ALA L 646 16.72 65.28 46.15
CA ALA L 646 15.43 65.76 46.63
C ALA L 646 14.32 65.45 45.66
N ILE L 647 14.66 65.46 44.37
CA ILE L 647 13.74 65.01 43.34
C ILE L 647 13.37 63.56 43.57
N THR L 648 14.36 62.74 43.95
CA THR L 648 14.05 61.38 44.29
C THR L 648 13.30 61.25 45.61
N MET L 649 13.42 62.24 46.50
CA MET L 649 12.68 62.15 47.75
C MET L 649 11.21 62.40 47.52
N ARG L 650 10.91 63.45 46.74
CA ARG L 650 9.54 63.68 46.33
C ARG L 650 9.02 62.56 45.45
N ALA L 651 9.92 61.90 44.72
CA ALA L 651 9.57 60.70 44.00
C ALA L 651 9.17 59.58 44.96
N THR L 652 9.90 59.43 46.06
CA THR L 652 9.56 58.39 47.05
C THR L 652 8.23 58.69 47.71
N ARG L 653 7.94 59.97 47.91
CA ARG L 653 6.63 60.32 48.43
C ARG L 653 5.55 60.01 47.41
N ALA L 654 5.85 60.17 46.12
CA ALA L 654 4.93 59.74 45.09
C ALA L 654 4.79 58.23 45.09
N PHE L 655 5.84 57.51 45.44
CA PHE L 655 5.81 56.05 45.39
C PHE L 655 4.99 55.50 46.53
N SER L 656 5.13 56.11 47.70
CA SER L 656 4.19 55.85 48.78
C SER L 656 2.77 56.19 48.38
N GLN L 657 2.60 57.28 47.63
CA GLN L 657 1.29 57.61 47.09
C GLN L 657 0.88 56.60 46.04
N ILE L 658 1.84 56.04 45.30
CA ILE L 658 1.55 55.02 44.30
C ILE L 658 1.04 53.76 44.98
N LYS L 659 -0.10 53.27 44.52
CA LYS L 659 -0.63 51.99 44.95
C LYS L 659 -0.31 50.92 43.92
N ASP L 660 -0.55 49.67 44.32
CA ASP L 660 -0.69 48.52 43.41
C ASP L 660 0.62 48.13 42.73
N ALA L 661 1.75 48.59 43.25
CA ALA L 661 3.03 48.34 42.60
C ALA L 661 4.17 48.52 43.58
N MET L 662 5.38 48.25 43.11
CA MET L 662 6.61 48.51 43.86
C MET L 662 7.62 49.18 42.93
N VAL L 663 7.77 50.48 43.10
CA VAL L 663 8.56 51.32 42.20
C VAL L 663 9.51 52.15 43.04
N PHE L 664 10.79 52.14 42.69
CA PHE L 664 11.64 53.21 43.18
C PHE L 664 12.65 53.62 42.13
N ALA L 665 12.96 54.91 42.15
CA ALA L 665 13.89 55.55 41.24
C ALA L 665 15.05 56.14 42.03
N PHE L 666 16.16 56.38 41.33
CA PHE L 666 17.47 56.60 41.93
C PHE L 666 18.45 56.91 40.82
N ASN L 667 19.65 57.33 41.22
CA ASN L 667 20.78 57.31 40.32
C ASN L 667 21.59 56.04 40.55
N LEU L 668 22.13 55.53 39.46
CA LEU L 668 23.12 54.48 39.54
C LEU L 668 24.47 55.05 39.95
N PRO L 669 25.43 54.18 40.32
CA PRO L 669 26.82 54.59 40.31
C PRO L 669 27.25 55.12 38.96
N ALA L 670 28.12 56.15 39.01
CA ALA L 670 28.61 56.78 37.79
C ALA L 670 29.38 55.80 36.92
N ILE L 671 30.15 54.94 37.54
CA ILE L 671 30.58 53.71 36.92
C ILE L 671 29.48 52.72 37.18
N VAL L 672 28.61 52.54 36.19
CA VAL L 672 27.37 51.76 36.38
C VAL L 672 27.62 50.28 36.56
N GLU L 673 28.85 49.83 36.37
CA GLU L 673 29.22 48.43 36.42
C GLU L 673 29.53 47.97 37.84
N LEU L 674 29.05 48.70 38.84
CA LEU L 674 29.43 48.43 40.21
C LEU L 674 28.26 48.09 41.12
N GLY L 675 27.02 48.14 40.59
CA GLY L 675 25.87 47.76 41.37
C GLY L 675 25.06 48.93 41.86
N THR L 676 24.94 49.04 43.18
CA THR L 676 24.28 50.16 43.82
C THR L 676 25.22 50.94 44.72
N ALA L 677 26.30 50.29 45.18
CA ALA L 677 27.30 50.71 46.16
C ALA L 677 26.74 50.86 47.56
N THR L 678 25.44 50.66 47.77
CA THR L 678 24.85 50.54 49.09
C THR L 678 24.32 49.15 49.37
N GLY L 679 23.48 48.62 48.48
CA GLY L 679 23.18 47.21 48.52
C GLY L 679 24.40 46.41 48.15
N PHE L 680 24.88 45.56 49.06
CA PHE L 680 25.89 44.58 48.70
C PHE L 680 25.32 43.57 47.72
N ASP L 681 26.21 42.86 47.03
CA ASP L 681 25.79 41.67 46.32
C ASP L 681 26.03 40.49 47.24
N PHE L 682 24.98 39.74 47.50
CA PHE L 682 25.08 38.53 48.28
C PHE L 682 24.40 37.40 47.54
N GLU L 683 25.03 36.23 47.61
CA GLU L 683 24.48 35.04 46.99
C GLU L 683 24.54 33.91 47.98
N LEU L 684 23.40 33.58 48.53
CA LEU L 684 23.35 32.40 49.37
C LEU L 684 23.22 31.20 48.43
N ILE L 685 24.20 30.32 48.50
CA ILE L 685 24.42 29.30 47.48
C ILE L 685 24.21 27.93 48.09
N ASP L 686 23.34 27.14 47.48
CA ASP L 686 23.23 25.75 47.93
C ASP L 686 24.38 24.96 47.32
N GLN L 687 25.18 24.34 48.17
CA GLN L 687 26.29 23.54 47.66
C GLN L 687 25.83 22.15 47.28
N ALA L 688 24.81 21.63 47.96
CA ALA L 688 24.49 20.21 47.87
C ALA L 688 23.43 19.89 46.84
N GLY L 689 22.87 20.89 46.16
CA GLY L 689 21.75 20.62 45.28
C GLY L 689 20.51 20.24 46.07
N LEU L 690 20.29 20.91 47.20
CA LEU L 690 19.18 20.52 48.08
C LEU L 690 17.83 20.90 47.50
N GLY L 691 17.78 21.89 46.63
CA GLY L 691 16.52 22.31 46.08
C GLY L 691 16.41 23.80 45.99
N HIS L 692 16.17 24.28 44.77
CA HIS L 692 15.93 25.70 44.54
C HIS L 692 14.72 26.18 45.30
N GLU L 693 13.69 25.34 45.37
CA GLU L 693 12.57 25.55 46.25
C GLU L 693 13.01 25.65 47.70
N LYS L 694 13.98 24.83 48.11
CA LYS L 694 14.44 24.87 49.49
C LYS L 694 15.43 25.98 49.68
N LEU L 695 16.12 26.35 48.60
CA LEU L 695 16.91 27.56 48.59
C LEU L 695 16.04 28.78 48.75
N THR L 696 14.81 28.69 48.30
CA THR L 696 13.84 29.76 48.45
C THR L 696 13.23 29.72 49.83
N GLN L 697 13.08 28.53 50.38
CA GLN L 697 12.64 28.37 51.77
C GLN L 697 13.64 28.99 52.72
N ALA L 698 14.89 28.59 52.60
CA ALA L 698 15.95 29.17 53.40
C ALA L 698 16.17 30.63 53.03
N ARG L 699 15.87 30.98 51.79
CA ARG L 699 16.07 32.35 51.35
C ARG L 699 15.08 33.28 52.02
N ASN L 700 13.80 33.09 51.73
CA ASN L 700 12.76 33.95 52.28
C ASN L 700 12.60 33.75 53.76
N GLN L 701 12.99 32.57 54.24
CA GLN L 701 13.32 32.40 55.64
C GLN L 701 14.33 33.44 56.09
N LEU L 702 15.37 33.63 55.31
CA LEU L 702 16.37 34.61 55.68
C LEU L 702 16.00 36.00 55.17
N LEU L 703 14.83 36.15 54.56
CA LEU L 703 14.24 37.46 54.34
C LEU L 703 13.36 37.86 55.49
N ALA L 704 12.70 36.87 56.10
CA ALA L 704 12.11 37.08 57.40
C ALA L 704 13.20 37.47 58.39
N GLU L 705 14.30 36.73 58.37
CA GLU L 705 15.44 37.07 59.22
C GLU L 705 16.07 38.38 58.79
N ALA L 706 16.06 38.68 57.49
CA ALA L 706 16.57 39.95 57.00
C ALA L 706 15.68 41.10 57.43
N ALA L 707 14.41 40.82 57.69
CA ALA L 707 13.51 41.80 58.25
C ALA L 707 13.60 41.87 59.77
N LYS L 708 14.20 40.86 60.39
CA LYS L 708 14.35 40.89 61.84
C LYS L 708 15.40 41.89 62.33
N HIS L 709 16.16 42.51 61.43
CA HIS L 709 17.14 43.51 61.80
C HIS L 709 16.92 44.77 60.99
N PRO L 710 15.94 45.60 61.38
CA PRO L 710 15.80 46.90 60.72
C PRO L 710 16.87 47.88 61.13
N ASP L 711 17.52 47.62 62.25
CA ASP L 711 18.66 48.41 62.69
C ASP L 711 19.82 48.29 61.73
N MET L 712 19.98 47.13 61.10
CA MET L 712 21.08 46.90 60.17
C MET L 712 20.79 47.38 58.76
N LEU L 713 19.65 47.00 58.19
CA LEU L 713 19.40 47.19 56.77
C LEU L 713 18.25 48.17 56.56
N THR L 714 18.31 48.90 55.45
CA THR L 714 17.25 49.84 55.12
C THR L 714 16.40 49.34 53.96
N SER L 715 17.04 48.81 52.91
CA SER L 715 16.31 48.20 51.80
C SER L 715 16.88 46.82 51.55
N VAL L 716 16.34 45.82 52.26
CA VAL L 716 16.91 44.48 52.30
C VAL L 716 16.27 43.57 51.26
N ARG L 717 15.71 44.15 50.23
CA ARG L 717 14.96 43.41 49.23
C ARG L 717 15.87 42.50 48.41
N PRO L 718 15.36 41.39 47.91
CA PRO L 718 16.11 40.62 46.91
C PRO L 718 15.71 41.04 45.51
N ASN L 719 16.28 40.39 44.50
CA ASN L 719 15.75 40.44 43.15
C ASN L 719 14.99 39.15 42.85
N GLY L 720 14.18 38.69 43.79
CA GLY L 720 13.45 37.46 43.62
C GLY L 720 12.32 37.59 42.62
N LEU L 721 12.52 37.07 41.42
CA LEU L 721 11.44 36.96 40.45
C LEU L 721 10.64 35.72 40.82
N GLU L 722 9.41 35.95 41.28
CA GLU L 722 8.69 34.94 42.02
C GLU L 722 8.14 33.83 41.12
N ASP L 723 8.21 32.60 41.65
CA ASP L 723 7.64 31.37 41.08
C ASP L 723 6.29 31.56 40.41
N THR L 724 6.25 31.22 39.14
CA THR L 724 5.10 31.49 38.30
C THR L 724 4.27 30.23 38.17
N PRO L 725 3.00 30.28 38.58
CA PRO L 725 2.06 29.22 38.22
C PRO L 725 1.93 29.13 36.70
N GLN L 726 1.82 27.91 36.22
CA GLN L 726 2.18 27.62 34.84
C GLN L 726 1.66 26.23 34.54
N PHE L 727 1.68 25.86 33.28
CA PHE L 727 0.69 24.92 32.79
C PHE L 727 1.35 23.78 32.04
N LYS L 728 1.35 22.62 32.68
CA LYS L 728 1.94 21.41 32.11
C LYS L 728 0.85 20.47 31.62
N ILE L 729 1.07 19.90 30.45
CA ILE L 729 0.23 18.88 29.86
C ILE L 729 1.06 17.64 29.62
N ASP L 730 0.63 16.52 30.19
CA ASP L 730 1.24 15.25 29.88
C ASP L 730 0.41 14.52 28.84
N ILE L 731 1.08 13.64 28.10
CA ILE L 731 0.48 12.90 26.99
C ILE L 731 0.71 11.42 27.24
N ASP L 732 -0.31 10.60 26.97
CA ASP L 732 -0.14 9.16 26.96
C ASP L 732 0.48 8.72 25.64
N GLN L 733 1.60 8.01 25.73
CA GLN L 733 2.30 7.57 24.55
C GLN L 733 1.53 6.46 23.85
N GLU L 734 0.77 5.68 24.59
CA GLU L 734 0.00 4.61 23.97
C GLU L 734 -1.24 5.15 23.31
N LYS L 735 -1.82 6.22 23.88
CA LYS L 735 -2.81 6.98 23.13
C LYS L 735 -2.19 7.61 21.90
N ALA L 736 -0.92 8.03 21.99
CA ALA L 736 -0.25 8.55 20.81
C ALA L 736 -0.03 7.46 19.78
N GLN L 737 0.08 6.22 20.22
CA GLN L 737 0.13 5.13 19.26
C GLN L 737 -1.26 4.71 18.83
N ALA L 738 -2.29 5.07 19.59
CA ALA L 738 -3.64 4.94 19.07
C ALA L 738 -3.86 5.94 17.95
N LEU L 739 -3.29 7.13 18.10
CA LEU L 739 -3.08 8.00 16.94
C LEU L 739 -2.11 7.36 15.96
N GLY L 740 -1.03 6.79 16.48
CA GLY L 740 -0.01 6.25 15.62
C GLY L 740 0.76 7.31 14.86
N VAL L 741 0.86 8.51 15.38
CA VAL L 741 1.55 9.59 14.69
C VAL L 741 2.65 10.13 15.61
N SER L 742 3.73 10.60 15.00
CA SER L 742 4.97 10.89 15.73
C SER L 742 4.80 12.07 16.65
N ILE L 743 5.11 11.84 17.92
CA ILE L 743 4.89 12.80 18.99
C ILE L 743 5.74 14.03 18.77
N ASN L 744 6.93 13.83 18.20
CA ASN L 744 7.88 14.92 18.02
C ASN L 744 7.34 15.94 17.05
N ASP L 745 6.58 15.49 16.08
CA ASP L 745 6.00 16.42 15.14
C ASP L 745 4.75 17.04 15.70
N ILE L 746 4.10 16.35 16.64
CA ILE L 746 2.97 16.94 17.34
C ILE L 746 3.45 18.08 18.21
N ASN L 747 4.58 17.88 18.86
CA ASN L 747 5.15 18.92 19.70
C ASN L 747 5.73 20.01 18.83
N THR L 748 6.22 19.63 17.65
CA THR L 748 6.70 20.59 16.69
C THR L 748 5.58 21.50 16.24
N THR L 749 4.42 20.89 16.00
CA THR L 749 3.20 21.64 15.76
C THR L 749 2.86 22.50 16.95
N LEU L 750 3.11 21.97 18.15
CA LEU L 750 2.65 22.62 19.36
C LEU L 750 3.43 23.89 19.62
N GLY L 751 4.72 23.74 19.94
CA GLY L 751 5.58 24.88 20.15
C GLY L 751 5.79 25.72 18.92
N ALA L 752 5.53 25.16 17.74
CA ALA L 752 5.44 25.98 16.54
C ALA L 752 4.28 26.96 16.65
N ALA L 753 3.15 26.50 17.16
CA ALA L 753 1.96 27.30 17.27
C ALA L 753 1.72 27.81 18.67
N TRP L 754 2.61 27.53 19.60
CA TRP L 754 2.36 27.95 20.97
C TRP L 754 3.60 28.57 21.57
N GLY L 755 4.71 28.46 20.85
CA GLY L 755 5.87 29.27 21.15
C GLY L 755 6.38 30.05 19.96
N GLY L 756 5.67 30.03 18.84
CA GLY L 756 6.18 30.62 17.63
C GLY L 756 7.05 29.65 16.86
N SER L 757 7.17 29.89 15.56
CA SER L 757 7.97 29.02 14.73
C SER L 757 8.78 29.84 13.76
N TYR L 758 10.06 29.99 14.05
CA TYR L 758 10.97 30.45 13.03
C TYR L 758 11.17 29.38 11.98
N VAL L 759 11.34 29.79 10.73
CA VAL L 759 11.71 28.84 9.70
C VAL L 759 13.02 29.23 9.06
N ASN L 760 13.01 30.31 8.29
CA ASN L 760 14.15 30.67 7.47
C ASN L 760 14.02 32.15 7.11
N ASP L 761 14.69 32.55 6.05
CA ASP L 761 14.87 33.96 5.75
C ASP L 761 14.47 34.26 4.32
N PHE L 762 14.69 35.51 3.93
CA PHE L 762 14.42 35.98 2.57
C PHE L 762 15.13 37.32 2.36
N ILE L 763 14.72 38.00 1.30
CA ILE L 763 15.25 39.29 0.89
C ILE L 763 14.10 40.25 0.68
N ASP L 764 14.18 41.42 1.30
CA ASP L 764 13.51 42.59 0.77
C ASP L 764 14.56 43.67 0.55
N ARG L 765 14.67 44.11 -0.71
CA ARG L 765 15.52 45.23 -1.10
C ARG L 765 16.97 44.97 -0.70
N GLY L 766 17.38 43.71 -0.85
CA GLY L 766 18.68 43.28 -0.41
C GLY L 766 18.77 43.16 1.09
N ARG L 767 17.81 42.49 1.72
CA ARG L 767 17.91 42.36 3.17
C ARG L 767 17.30 41.04 3.63
N VAL L 768 18.19 40.15 4.07
CA VAL L 768 17.84 38.86 4.63
C VAL L 768 16.96 39.04 5.85
N LYS L 769 15.81 38.36 5.87
CA LYS L 769 14.85 38.56 6.95
C LYS L 769 14.19 37.26 7.39
N LYS L 770 13.89 37.20 8.67
CA LYS L 770 13.37 36.02 9.36
C LYS L 770 11.95 35.71 8.92
N VAL L 771 11.50 34.51 9.23
CA VAL L 771 10.13 34.08 8.97
C VAL L 771 9.57 33.43 10.22
N TYR L 772 8.48 33.98 10.75
CA TYR L 772 7.85 33.42 11.93
C TYR L 772 6.39 33.09 11.65
N VAL L 773 5.87 32.13 12.41
CA VAL L 773 4.49 31.72 12.29
C VAL L 773 4.01 31.14 13.62
N MET L 774 2.86 31.65 14.08
CA MET L 774 2.11 31.19 15.21
C MET L 774 0.77 31.91 15.17
N SER L 775 -0.28 31.22 15.54
CA SER L 775 -1.63 31.70 15.26
C SER L 775 -2.02 32.86 16.19
N GLU L 776 -3.28 33.27 16.05
CA GLU L 776 -3.83 34.49 16.60
C GLU L 776 -3.78 34.49 18.12
N ALA L 777 -3.75 35.69 18.68
CA ALA L 777 -3.74 35.86 20.13
C ALA L 777 -4.97 35.22 20.75
N LYS L 778 -6.14 35.47 20.15
CA LYS L 778 -7.37 34.80 20.54
C LYS L 778 -7.29 33.30 20.29
N TYR L 779 -6.42 32.87 19.38
CA TYR L 779 -6.23 31.47 19.13
C TYR L 779 -5.12 30.87 19.96
N ARG L 780 -4.37 31.69 20.70
CA ARG L 780 -3.30 31.17 21.52
C ARG L 780 -3.45 31.59 22.98
N MET L 781 -4.67 31.86 23.41
CA MET L 781 -4.83 32.49 24.71
C MET L 781 -5.22 31.52 25.83
N LEU L 782 -6.18 30.65 25.61
CA LEU L 782 -6.69 29.84 26.71
C LEU L 782 -5.96 28.53 26.84
N PRO L 783 -5.97 27.94 28.03
CA PRO L 783 -5.59 26.53 28.13
C PRO L 783 -6.55 25.63 27.40
N ASP L 784 -7.80 26.05 27.27
CA ASP L 784 -8.74 25.28 26.47
C ASP L 784 -8.41 25.34 24.99
N ASP L 785 -7.72 26.42 24.55
CA ASP L 785 -7.41 26.59 23.14
C ASP L 785 -6.48 25.51 22.61
N ILE L 786 -5.75 24.84 23.51
CA ILE L 786 -4.97 23.66 23.18
C ILE L 786 -5.83 22.60 22.51
N GLY L 787 -7.02 22.37 23.06
CA GLY L 787 -7.94 21.43 22.46
C GLY L 787 -8.46 21.84 21.11
N ASP L 788 -8.30 23.13 20.75
CA ASP L 788 -8.75 23.64 19.47
C ASP L 788 -7.84 23.25 18.33
N TRP L 789 -6.77 22.53 18.59
CA TRP L 789 -5.82 22.20 17.57
C TRP L 789 -5.87 20.72 17.26
N TYR L 790 -5.77 20.41 15.98
CA TYR L 790 -6.09 19.10 15.46
C TYR L 790 -4.94 18.67 14.57
N VAL L 791 -4.57 17.41 14.65
CA VAL L 791 -3.40 16.89 13.96
C VAL L 791 -3.80 15.63 13.21
N ARG L 792 -3.40 15.56 11.94
CA ARG L 792 -3.51 14.35 11.15
C ARG L 792 -2.76 13.21 11.80
N ALA L 793 -3.47 12.12 12.03
CA ALA L 793 -2.88 10.94 12.64
C ALA L 793 -2.27 10.07 11.54
N ALA L 794 -2.04 8.80 11.83
CA ALA L 794 -1.51 7.87 10.83
C ALA L 794 -2.46 7.71 9.65
N ASP L 795 -3.76 7.85 9.88
CA ASP L 795 -4.73 7.88 8.79
C ASP L 795 -4.86 9.26 8.16
N GLY L 796 -4.16 10.26 8.67
CA GLY L 796 -4.36 11.61 8.17
C GLY L 796 -5.58 12.30 8.70
N GLN L 797 -6.08 11.89 9.85
CA GLN L 797 -7.29 12.47 10.42
C GLN L 797 -6.93 13.43 11.54
N MET L 798 -7.48 14.64 11.46
CA MET L 798 -7.37 15.69 12.47
C MET L 798 -7.74 15.20 13.87
N VAL L 799 -6.80 15.33 14.81
CA VAL L 799 -6.98 14.82 16.15
C VAL L 799 -6.76 15.92 17.18
N PRO L 800 -7.74 16.21 18.04
CA PRO L 800 -7.55 17.23 19.08
C PRO L 800 -6.52 16.82 20.09
N PHE L 801 -5.95 17.83 20.73
CA PHE L 801 -4.93 17.58 21.73
C PHE L 801 -5.53 16.97 22.97
N SER L 802 -6.78 17.32 23.24
CA SER L 802 -7.59 16.78 24.32
C SER L 802 -7.80 15.28 24.22
N ALA L 803 -7.53 14.68 23.05
CA ALA L 803 -7.57 13.22 22.94
C ALA L 803 -6.51 12.57 23.82
N PHE L 804 -5.47 13.29 24.17
CA PHE L 804 -4.34 12.74 24.88
C PHE L 804 -3.71 13.69 25.88
N SER L 805 -4.26 14.87 26.07
CA SER L 805 -3.67 15.87 26.94
C SER L 805 -3.91 15.56 28.40
N SER L 806 -3.19 16.28 29.27
CA SER L 806 -3.52 16.32 30.69
C SER L 806 -2.95 17.60 31.28
N SER L 807 -3.77 18.28 32.08
CA SER L 807 -3.61 19.68 32.36
C SER L 807 -3.37 19.91 33.85
N ARG L 808 -2.37 20.75 34.17
CA ARG L 808 -2.12 21.14 35.56
C ARG L 808 -1.25 22.38 35.59
N TRP L 809 -0.90 22.80 36.81
CA TRP L 809 -0.16 24.02 37.07
C TRP L 809 0.98 23.71 38.01
N GLU L 810 1.95 24.62 38.08
CA GLU L 810 3.05 24.59 39.05
C GLU L 810 3.72 25.96 39.06
N TYR L 811 4.86 26.04 39.76
CA TYR L 811 5.40 27.31 40.26
C TYR L 811 6.83 27.51 39.81
N GLY L 812 7.08 27.48 38.52
CA GLY L 812 8.43 27.74 38.04
C GLY L 812 8.83 29.17 38.24
N SER L 813 10.08 29.35 38.68
CA SER L 813 10.64 30.68 38.68
C SER L 813 10.85 31.15 37.25
N PRO L 814 10.45 32.39 36.95
CA PRO L 814 10.56 32.85 35.56
C PRO L 814 11.98 33.13 35.16
N ARG L 815 12.87 33.28 36.14
CA ARG L 815 14.24 33.71 35.92
C ARG L 815 15.09 32.96 36.93
N LEU L 816 15.69 31.88 36.49
CA LEU L 816 16.65 31.22 37.35
C LEU L 816 17.99 31.91 37.24
N GLU L 817 18.86 31.63 38.20
CA GLU L 817 20.16 32.28 38.31
C GLU L 817 21.15 31.27 38.85
N ARG L 818 22.26 31.09 38.17
CA ARG L 818 23.34 30.30 38.70
C ARG L 818 24.60 31.14 38.81
N TYR L 819 25.25 31.03 39.97
CA TYR L 819 26.37 31.90 40.27
C TYR L 819 27.60 31.07 40.58
N ASN L 820 28.66 31.29 39.78
CA ASN L 820 29.86 30.48 39.79
C ASN L 820 29.50 29.00 39.74
N GLY L 821 28.70 28.66 38.73
CA GLY L 821 28.18 27.33 38.61
C GLY L 821 26.90 27.14 39.38
N LEU L 822 26.96 27.27 40.62
CA LEU L 822 25.82 26.82 41.38
C LEU L 822 24.71 27.86 41.40
N PRO L 823 23.47 27.38 41.52
CA PRO L 823 22.34 28.29 41.62
C PRO L 823 22.36 29.05 42.93
N SER L 824 21.99 30.32 42.85
CA SER L 824 21.77 31.16 44.00
C SER L 824 20.86 32.29 43.58
N MET L 825 20.46 33.11 44.55
CA MET L 825 19.53 34.20 44.29
C MET L 825 20.09 35.53 44.78
N GLU L 826 19.68 36.58 44.08
CA GLU L 826 20.27 37.90 44.22
C GLU L 826 19.78 38.53 45.52
N ILE L 827 20.72 38.78 46.42
CA ILE L 827 20.41 39.22 47.76
C ILE L 827 21.10 40.56 47.95
N LEU L 828 20.32 41.61 47.97
CA LEU L 828 20.79 42.97 48.07
C LEU L 828 20.80 43.39 49.53
N GLY L 829 20.90 44.69 49.76
CA GLY L 829 20.60 45.26 51.05
C GLY L 829 21.53 46.37 51.45
N GLN L 830 20.99 47.56 51.71
CA GLN L 830 21.84 48.66 52.11
C GLN L 830 21.99 48.68 53.62
N ALA L 831 23.24 48.71 54.06
CA ALA L 831 23.55 48.64 55.49
C ALA L 831 23.17 49.95 56.18
N ALA L 832 23.30 49.95 57.50
CA ALA L 832 22.91 51.11 58.27
C ALA L 832 23.89 52.26 58.05
N PRO L 833 23.39 53.49 57.98
CA PRO L 833 24.29 54.65 58.00
C PRO L 833 25.01 54.75 59.33
N GLY L 834 26.32 54.52 59.28
CA GLY L 834 27.12 54.35 60.47
C GLY L 834 27.51 52.93 60.77
N LYS L 835 27.08 51.97 59.95
CA LYS L 835 27.49 50.58 60.10
C LYS L 835 28.03 50.09 58.76
N SER L 836 29.22 49.49 58.79
CA SER L 836 29.84 49.06 57.56
C SER L 836 29.15 47.83 57.02
N THR L 837 29.33 47.59 55.73
CA THR L 837 28.75 46.41 55.13
C THR L 837 29.45 45.13 55.57
N GLY L 838 30.67 45.22 56.11
CA GLY L 838 31.28 44.06 56.71
C GLY L 838 30.63 43.67 58.03
N GLU L 839 30.00 44.65 58.68
CA GLU L 839 29.18 44.33 59.85
C GLU L 839 27.88 43.67 59.41
N ALA L 840 27.37 44.06 58.25
CA ALA L 840 26.25 43.35 57.67
C ALA L 840 26.67 41.95 57.25
N MET L 841 27.93 41.78 56.85
CA MET L 841 28.47 40.47 56.58
C MET L 841 28.52 39.63 57.84
N GLU L 842 28.96 40.23 58.94
CA GLU L 842 29.02 39.51 60.20
C GLU L 842 27.63 39.11 60.67
N LEU L 843 26.66 40.01 60.48
CA LEU L 843 25.29 39.71 60.85
C LEU L 843 24.71 38.60 59.99
N MET L 844 24.84 38.70 58.67
CA MET L 844 24.10 37.74 57.88
C MET L 844 24.86 36.42 57.76
N GLU L 845 26.17 36.46 57.92
CA GLU L 845 26.96 35.25 57.97
C GLU L 845 26.76 34.53 59.29
N GLN L 846 26.54 35.27 60.38
CA GLN L 846 26.14 34.56 61.58
C GLN L 846 24.70 34.13 61.52
N LEU L 847 23.91 34.73 60.63
CA LEU L 847 22.59 34.20 60.30
C LEU L 847 22.66 33.22 59.14
N ALA L 848 23.79 33.16 58.44
CA ALA L 848 24.05 32.04 57.56
C ALA L 848 24.49 30.80 58.31
N SER L 849 24.66 30.90 59.62
CA SER L 849 24.67 29.70 60.44
C SER L 849 23.34 28.98 60.37
N LYS L 850 22.25 29.71 60.16
CA LYS L 850 20.91 29.15 60.13
C LYS L 850 20.59 28.58 58.75
N LEU L 851 21.47 27.71 58.30
CA LEU L 851 21.54 27.11 56.99
C LEU L 851 21.75 25.60 57.10
N PRO L 852 21.18 24.83 56.19
CA PRO L 852 21.46 23.39 56.16
C PRO L 852 22.88 23.12 55.67
N THR L 853 23.24 21.85 55.76
CA THR L 853 24.51 21.39 55.21
C THR L 853 24.48 21.46 53.68
N GLY L 854 25.65 21.61 53.09
CA GLY L 854 25.73 21.84 51.67
C GLY L 854 25.05 23.11 51.22
N VAL L 855 25.18 24.17 52.01
CA VAL L 855 24.70 25.48 51.62
C VAL L 855 25.81 26.48 51.95
N GLY L 856 26.15 27.34 51.01
CA GLY L 856 27.08 28.43 51.26
C GLY L 856 26.55 29.73 50.68
N TYR L 857 27.47 30.59 50.20
CA TYR L 857 27.14 31.98 49.96
C TYR L 857 28.34 32.67 49.32
N ASP L 858 28.21 33.99 49.13
CA ASP L 858 29.22 34.80 48.48
C ASP L 858 28.87 36.28 48.64
N TRP L 859 29.91 37.09 48.82
CA TRP L 859 29.79 38.53 48.89
C TRP L 859 30.57 39.15 47.75
N THR L 860 29.87 39.86 46.87
CA THR L 860 30.53 40.42 45.71
C THR L 860 29.87 41.72 45.29
N GLY L 861 30.30 42.21 44.15
CA GLY L 861 29.89 43.52 43.65
C GLY L 861 30.98 44.54 43.94
N MET L 862 30.61 45.62 44.60
CA MET L 862 31.65 46.38 45.29
C MET L 862 32.05 45.70 46.58
N SER L 863 31.20 44.80 47.08
CA SER L 863 31.60 43.86 48.11
C SER L 863 32.55 42.80 47.61
N TYR L 864 32.80 42.75 46.30
CA TYR L 864 33.95 41.99 45.84
C TYR L 864 35.22 42.78 46.11
N GLN L 865 35.18 44.09 45.87
CA GLN L 865 36.33 44.95 46.17
C GLN L 865 36.61 45.02 47.66
N GLU L 866 35.56 45.23 48.46
CA GLU L 866 35.73 45.16 49.90
C GLU L 866 36.00 43.74 50.36
N ARG L 867 35.53 42.75 49.59
CA ARG L 867 35.84 41.35 49.89
C ARG L 867 37.31 41.05 49.63
N LEU L 868 37.97 41.89 48.83
CA LEU L 868 39.42 41.78 48.72
C LEU L 868 40.10 42.44 49.91
N SER L 869 39.96 43.76 50.02
CA SER L 869 40.60 44.55 51.06
C SER L 869 40.00 45.95 51.05
N GLY L 870 40.21 46.65 52.15
CA GLY L 870 40.02 48.08 52.22
C GLY L 870 41.03 48.65 53.19
N ASN L 871 41.86 47.77 53.74
CA ASN L 871 42.75 48.12 54.85
C ASN L 871 44.19 47.80 54.50
N GLN L 872 44.49 47.75 53.22
CA GLN L 872 45.89 47.75 52.82
C GLN L 872 46.43 49.15 52.74
N ALA L 873 45.56 50.16 52.69
CA ALA L 873 45.98 51.55 52.77
C ALA L 873 46.72 51.90 54.06
N PRO L 874 46.29 51.49 55.27
CA PRO L 874 47.16 51.74 56.44
C PRO L 874 48.43 50.93 56.44
N SER L 875 48.48 49.81 55.73
CA SER L 875 49.76 49.15 55.51
C SER L 875 50.66 50.02 54.66
N LEU L 876 50.07 50.72 53.70
CA LEU L 876 50.82 51.66 52.90
C LEU L 876 51.19 52.90 53.68
N TYR L 877 50.38 53.29 54.67
CA TYR L 877 50.78 54.39 55.52
C TYR L 877 51.90 53.96 56.45
N ALA L 878 51.95 52.67 56.76
CA ALA L 878 53.01 52.17 57.61
C ALA L 878 54.34 52.14 56.88
N ILE L 879 54.39 51.43 55.75
CA ILE L 879 55.63 51.31 55.02
C ILE L 879 56.00 52.63 54.35
N SER L 880 55.02 53.50 54.17
CA SER L 880 55.30 54.80 53.59
C SER L 880 55.78 55.75 54.66
N LEU L 881 55.29 55.58 55.88
CA LEU L 881 55.90 56.23 57.02
C LEU L 881 57.35 55.79 57.18
N ILE L 882 57.63 54.53 56.88
CA ILE L 882 59.00 54.05 56.92
C ILE L 882 59.83 54.74 55.85
N VAL L 883 59.31 54.84 54.63
CA VAL L 883 60.16 55.36 53.56
C VAL L 883 60.32 56.86 53.69
N VAL L 884 59.33 57.54 54.28
CA VAL L 884 59.49 58.94 54.61
C VAL L 884 60.50 59.11 55.73
N PHE L 885 60.49 58.15 56.67
CA PHE L 885 61.43 58.21 57.78
C PHE L 885 62.86 58.06 57.32
N LEU L 886 63.10 57.16 56.39
CA LEU L 886 64.48 56.97 55.95
C LEU L 886 64.90 58.03 54.95
N CYS L 887 63.98 58.52 54.11
CA CYS L 887 64.41 59.54 53.16
C CYS L 887 64.73 60.82 53.89
N LEU L 888 63.94 61.15 54.91
CA LEU L 888 64.29 62.26 55.78
C LEU L 888 65.54 61.96 56.59
N ALA L 889 65.80 60.68 56.87
CA ALA L 889 67.08 60.33 57.48
C ALA L 889 68.24 60.50 56.52
N ALA L 890 67.99 60.66 55.22
CA ALA L 890 69.05 61.09 54.32
C ALA L 890 69.14 62.61 54.22
N LEU L 891 67.99 63.28 54.22
CA LEU L 891 67.96 64.72 53.98
C LEU L 891 68.46 65.49 55.19
N TYR L 892 67.96 65.11 56.37
CA TYR L 892 68.64 65.45 57.61
C TYR L 892 70.07 64.94 57.62
N GLU L 893 70.28 63.74 57.08
CA GLU L 893 71.50 62.95 57.26
C GLU L 893 71.84 62.83 58.74
N SER L 894 70.83 62.48 59.53
CA SER L 894 70.94 62.53 60.97
C SER L 894 70.11 61.44 61.63
N TRP L 895 70.57 61.00 62.79
CA TRP L 895 69.91 59.95 63.55
C TRP L 895 68.74 60.54 64.34
N SER L 896 67.51 60.26 63.87
CA SER L 896 66.24 60.51 64.58
C SER L 896 65.87 61.97 64.78
N ILE L 897 66.76 62.90 64.43
CA ILE L 897 66.40 64.28 64.13
C ILE L 897 65.27 64.40 63.09
N PRO L 898 65.16 63.53 62.05
CA PRO L 898 63.94 63.59 61.22
C PRO L 898 62.62 63.39 61.93
N PHE L 899 62.62 62.58 63.01
CA PHE L 899 61.38 62.10 63.62
C PHE L 899 60.55 63.24 64.16
N SER L 900 61.20 64.35 64.52
CA SER L 900 60.62 65.65 64.78
C SER L 900 59.47 66.02 63.84
N VAL L 901 59.76 66.05 62.54
CA VAL L 901 58.77 66.51 61.59
C VAL L 901 57.66 65.49 61.41
N MET L 902 57.87 64.24 61.87
CA MET L 902 56.80 63.27 61.88
C MET L 902 55.65 63.73 62.74
N LEU L 903 55.97 64.41 63.85
CA LEU L 903 54.97 64.96 64.74
C LEU L 903 54.07 65.96 64.04
N VAL L 904 54.57 66.69 63.04
CA VAL L 904 53.70 67.67 62.43
C VAL L 904 53.03 67.12 61.18
N VAL L 905 53.21 65.83 60.91
CA VAL L 905 52.56 65.23 59.73
C VAL L 905 51.04 65.29 59.80
N PRO L 906 50.36 64.72 60.81
CA PRO L 906 48.93 64.47 60.58
C PRO L 906 48.04 65.66 60.92
N LEU L 907 48.65 66.75 61.39
CA LEU L 907 47.92 67.69 62.25
C LEU L 907 46.88 68.45 61.44
N GLY L 908 47.22 68.78 60.19
CA GLY L 908 46.32 69.48 59.31
C GLY L 908 45.02 68.75 59.04
N VAL L 909 45.04 67.41 59.15
CA VAL L 909 43.83 66.67 58.80
C VAL L 909 42.75 66.85 59.84
N ILE L 910 43.13 67.34 61.04
CA ILE L 910 42.22 67.87 62.04
C ILE L 910 41.18 68.77 61.40
N GLY L 911 41.66 69.73 60.60
CA GLY L 911 40.75 70.60 59.89
C GLY L 911 39.88 69.82 58.93
N ALA L 912 40.49 68.91 58.18
CA ALA L 912 39.76 67.99 57.32
C ALA L 912 38.79 67.16 58.14
N LEU L 913 39.23 66.69 59.31
CA LEU L 913 38.36 66.03 60.27
C LEU L 913 37.17 66.90 60.61
N LEU L 914 37.45 68.14 61.01
CA LEU L 914 36.32 68.97 61.34
C LEU L 914 35.61 69.47 60.10
N ALA L 915 36.26 69.43 58.93
CA ALA L 915 35.54 69.70 57.69
C ALA L 915 34.44 68.69 57.51
N ALA L 916 34.70 67.43 57.87
CA ALA L 916 33.66 66.42 57.93
C ALA L 916 32.58 66.84 58.90
N THR L 917 32.96 67.32 60.09
CA THR L 917 31.96 67.83 61.01
C THR L 917 31.35 69.11 60.50
N PHE L 918 32.09 69.89 59.73
CA PHE L 918 31.47 71.05 59.13
C PHE L 918 30.86 70.76 57.77
N ARG L 919 30.80 69.49 57.36
CA ARG L 919 29.96 69.26 56.21
C ARG L 919 29.01 68.08 56.42
N GLY L 920 29.50 67.03 57.07
CA GLY L 920 28.75 65.80 57.11
C GLY L 920 29.06 64.85 55.98
N LEU L 921 30.30 64.82 55.51
CA LEU L 921 30.72 63.89 54.47
C LEU L 921 31.87 63.03 54.96
N THR L 922 31.92 61.81 54.43
CA THR L 922 32.75 60.74 54.97
C THR L 922 33.98 60.51 54.10
N ASN L 923 34.67 59.42 54.39
CA ASN L 923 35.86 59.03 53.65
C ASN L 923 35.49 58.56 52.25
N ASP L 924 36.36 58.86 51.30
CA ASP L 924 36.45 58.20 50.01
C ASP L 924 37.86 58.43 49.45
N VAL L 925 38.04 58.18 48.16
CA VAL L 925 39.34 58.34 47.53
C VAL L 925 39.73 59.79 47.47
N TYR L 926 38.76 60.67 47.17
CA TYR L 926 39.00 62.10 47.18
C TYR L 926 39.39 62.58 48.57
N PHE L 927 38.77 61.97 49.58
CA PHE L 927 39.12 62.29 50.95
C PHE L 927 40.56 61.88 51.25
N GLN L 928 40.93 60.68 50.80
CA GLN L 928 42.29 60.17 51.01
C GLN L 928 43.32 61.04 50.32
N VAL L 929 43.05 61.45 49.07
CA VAL L 929 44.03 62.29 48.40
C VAL L 929 44.00 63.69 48.98
N GLY L 930 42.89 64.07 49.62
CA GLY L 930 42.87 65.29 50.40
C GLY L 930 43.84 65.22 51.56
N LEU L 931 43.86 64.07 52.25
CA LEU L 931 44.87 63.81 53.28
C LEU L 931 46.27 63.92 52.71
N LEU L 932 46.49 63.35 51.52
CA LEU L 932 47.79 63.44 50.85
C LEU L 932 48.19 64.87 50.59
N THR L 933 47.25 65.71 50.17
CA THR L 933 47.55 67.11 49.93
C THR L 933 47.91 67.82 51.21
N THR L 934 47.21 67.51 52.30
CA THR L 934 47.49 68.16 53.57
C THR L 934 48.88 67.81 54.07
N ILE L 935 49.21 66.53 54.07
CA ILE L 935 50.50 66.14 54.62
C ILE L 935 51.63 66.57 53.70
N GLY L 936 51.37 66.59 52.39
CA GLY L 936 52.41 66.96 51.46
C GLY L 936 52.73 68.44 51.54
N LEU L 937 51.71 69.27 51.46
CA LEU L 937 51.94 70.72 51.49
C LEU L 937 52.40 71.15 52.87
N SER L 938 51.71 70.66 53.90
CA SER L 938 51.99 71.06 55.27
C SER L 938 53.36 70.60 55.72
N ALA L 939 53.58 69.28 55.67
CA ALA L 939 54.84 68.70 56.10
C ALA L 939 55.98 69.16 55.22
N LYS L 940 55.69 69.41 53.94
CA LYS L 940 56.62 70.09 53.05
C LYS L 940 57.08 71.42 53.63
N ASN L 941 56.12 72.24 54.04
CA ASN L 941 56.44 73.56 54.58
C ASN L 941 57.27 73.44 55.84
N ALA L 942 56.98 72.44 56.66
CA ALA L 942 57.79 72.23 57.85
C ALA L 942 59.18 71.74 57.51
N ILE L 943 59.33 71.01 56.41
CA ILE L 943 60.66 70.65 55.93
C ILE L 943 61.40 71.88 55.47
N LEU L 944 60.68 72.85 54.94
CA LEU L 944 61.32 74.12 54.59
C LEU L 944 61.74 74.86 55.85
N ILE L 945 60.97 74.71 56.93
CA ILE L 945 61.32 75.35 58.20
C ILE L 945 62.62 74.77 58.75
N VAL L 946 62.61 73.45 59.01
CA VAL L 946 63.79 72.79 59.55
C VAL L 946 64.94 72.76 58.56
N GLU L 947 64.64 73.00 57.29
CA GLU L 947 65.69 73.23 56.32
C GLU L 947 66.34 74.58 56.55
N PHE L 948 65.54 75.59 56.92
CA PHE L 948 66.14 76.88 57.25
C PHE L 948 66.92 76.80 58.54
N ALA L 949 66.43 76.01 59.50
CA ALA L 949 67.18 75.73 60.71
C ALA L 949 68.49 75.03 60.38
N LYS L 950 68.42 74.04 59.48
CA LYS L 950 69.60 73.28 59.08
C LYS L 950 70.56 74.14 58.29
N ASP L 951 70.04 75.16 57.59
CA ASP L 951 70.88 76.20 57.02
C ASP L 951 71.57 76.98 58.12
N LEU L 952 70.91 77.16 59.25
CA LEU L 952 71.49 77.95 60.32
C LEU L 952 71.93 77.09 61.49
N MET L 953 72.39 75.87 61.22
CA MET L 953 72.99 75.02 62.24
C MET L 953 74.49 75.18 62.33
N ASP L 954 75.20 74.89 61.25
CA ASP L 954 76.65 74.92 61.26
C ASP L 954 77.24 75.82 60.19
N LYS L 955 76.50 76.09 59.11
CA LYS L 955 76.81 77.25 58.28
C LYS L 955 76.73 78.51 59.12
N GLU L 956 75.72 78.60 59.98
CA GLU L 956 75.68 79.58 61.03
C GLU L 956 75.70 78.82 62.35
N GLY L 957 76.88 78.73 62.96
CA GLY L 957 77.07 77.93 64.16
C GLY L 957 76.68 78.61 65.44
N LYS L 958 75.49 79.22 65.45
CA LYS L 958 75.04 79.93 66.64
C LYS L 958 74.31 79.01 67.60
N GLY L 959 73.78 79.62 68.65
CA GLY L 959 72.76 78.97 69.43
C GLY L 959 71.49 78.77 68.62
N LEU L 960 70.69 77.81 69.08
CA LEU L 960 69.59 77.32 68.27
C LEU L 960 68.47 78.33 68.16
N ILE L 961 68.32 79.19 69.16
CA ILE L 961 67.09 79.95 69.31
C ILE L 961 67.11 81.16 68.40
N GLU L 962 68.23 81.87 68.34
CA GLU L 962 68.29 83.08 67.53
C GLU L 962 68.36 82.74 66.04
N ALA L 963 69.05 81.66 65.70
CA ALA L 963 69.03 81.16 64.34
C ALA L 963 67.65 80.67 63.96
N THR L 964 66.95 80.08 64.94
CA THR L 964 65.55 79.74 64.78
C THR L 964 64.70 80.98 64.53
N LEU L 965 65.02 82.10 65.18
CA LEU L 965 64.23 83.31 65.01
C LEU L 965 64.44 83.93 63.64
N ASP L 966 65.69 83.97 63.17
CA ASP L 966 65.96 84.51 61.85
C ASP L 966 65.36 83.61 60.78
N ALA L 967 65.52 82.30 60.96
CA ALA L 967 64.95 81.32 60.05
C ALA L 967 63.44 81.29 60.09
N VAL L 968 62.83 81.78 61.17
CA VAL L 968 61.38 81.76 61.27
C VAL L 968 60.79 83.11 60.92
N ARG L 969 61.59 84.15 60.81
CA ARG L 969 61.18 85.39 60.18
C ARG L 969 61.24 85.26 58.67
N MET L 970 62.44 84.91 58.18
CA MET L 970 62.67 84.54 56.79
C MET L 970 61.77 83.40 56.36
N ARG L 971 61.42 82.51 57.28
CA ARG L 971 60.38 81.54 57.00
C ARG L 971 58.98 82.10 57.22
N LEU L 972 58.86 83.14 58.04
CA LEU L 972 57.55 83.57 58.53
C LEU L 972 56.74 84.21 57.41
N ARG L 973 57.39 85.03 56.59
CA ARG L 973 56.65 85.60 55.46
C ARG L 973 56.20 84.55 54.42
N PRO L 974 56.99 83.51 54.09
CA PRO L 974 56.43 82.39 53.31
C PRO L 974 55.20 81.73 53.87
N ILE L 975 55.05 81.61 55.19
CA ILE L 975 53.90 80.89 55.71
C ILE L 975 52.61 81.66 55.44
N LEU L 976 52.68 82.98 55.60
CA LEU L 976 51.52 83.82 55.33
C LEU L 976 51.19 83.83 53.84
N MET L 977 52.21 84.04 53.00
CA MET L 977 51.95 84.19 51.58
C MET L 977 51.50 82.89 50.94
N THR L 978 52.07 81.77 51.38
CA THR L 978 51.60 80.47 50.93
C THR L 978 50.20 80.18 51.45
N SER L 979 49.91 80.61 52.67
CA SER L 979 48.65 80.26 53.29
C SER L 979 47.49 80.97 52.61
N LEU L 980 47.56 82.31 52.57
CA LEU L 980 46.53 83.09 51.91
C LEU L 980 46.47 82.79 50.43
N ALA L 981 47.64 82.52 49.82
CA ALA L 981 47.70 82.15 48.42
C ALA L 981 46.92 80.88 48.14
N PHE L 982 47.10 79.88 48.96
CA PHE L 982 46.42 78.62 48.70
C PHE L 982 44.95 78.67 49.05
N ILE L 983 44.59 79.40 50.11
CA ILE L 983 43.17 79.42 50.47
C ILE L 983 42.39 80.24 49.45
N LEU L 984 43.01 81.25 48.85
CA LEU L 984 42.40 81.86 47.69
C LEU L 984 42.46 80.92 46.50
N GLY L 985 43.40 79.97 46.52
CA GLY L 985 43.37 78.89 45.56
C GLY L 985 42.14 78.01 45.69
N VAL L 986 41.63 77.86 46.90
CA VAL L 986 40.56 76.89 47.12
C VAL L 986 39.23 77.54 47.40
N MET L 987 39.14 78.87 47.32
CA MET L 987 37.85 79.55 47.17
C MET L 987 36.92 78.95 46.12
N PRO L 988 37.35 78.65 44.87
CA PRO L 988 36.37 78.09 43.91
C PRO L 988 35.94 76.69 44.28
N LEU L 989 36.82 75.97 44.97
CA LEU L 989 36.52 74.62 45.38
C LEU L 989 35.40 74.60 46.39
N VAL L 990 35.33 75.61 47.24
CA VAL L 990 34.36 75.63 48.31
C VAL L 990 33.08 76.35 47.90
N ILE L 991 33.17 77.30 46.97
CA ILE L 991 31.94 77.93 46.51
C ILE L 991 31.16 77.06 45.55
N SER L 992 31.75 75.95 45.11
CA SER L 992 31.19 75.17 44.00
C SER L 992 29.91 74.47 44.40
N THR L 993 28.92 74.52 43.51
CA THR L 993 27.70 73.75 43.63
C THR L 993 27.57 72.88 42.39
N GLY L 994 27.41 71.58 42.59
CA GLY L 994 27.41 70.62 41.49
C GLY L 994 28.83 70.35 41.00
N ALA L 995 28.90 69.40 40.07
CA ALA L 995 30.10 69.08 39.27
C ALA L 995 31.27 68.65 40.15
N GLY L 996 31.12 67.49 40.78
CA GLY L 996 32.17 66.96 41.63
C GLY L 996 32.14 67.61 42.98
N SER L 997 31.01 68.27 43.28
CA SER L 997 30.82 69.18 44.41
C SER L 997 31.19 68.57 45.75
N GLY L 998 30.96 67.27 45.92
CA GLY L 998 31.49 66.58 47.09
C GLY L 998 33.00 66.60 47.15
N ALA L 999 33.66 66.53 46.01
CA ALA L 999 35.11 66.39 46.02
C ALA L 999 35.78 67.74 46.13
N GLN L 1000 35.35 68.72 45.32
CA GLN L 1000 35.97 70.03 45.49
C GLN L 1000 35.48 70.75 46.73
N ASN L 1001 34.21 70.60 47.09
CA ASN L 1001 33.73 71.23 48.31
C ASN L 1001 34.31 70.55 49.53
N ALA L 1002 34.12 69.23 49.65
CA ALA L 1002 34.54 68.52 50.85
C ALA L 1002 36.05 68.45 50.95
N VAL L 1003 36.71 68.18 49.84
CA VAL L 1003 38.15 68.01 49.89
C VAL L 1003 38.84 69.36 49.84
N GLY L 1004 38.23 70.34 49.17
CA GLY L 1004 38.73 71.70 49.24
C GLY L 1004 38.68 72.27 50.64
N THR L 1005 37.57 72.03 51.34
CA THR L 1005 37.49 72.39 52.76
C THR L 1005 38.41 71.52 53.60
N GLY L 1006 38.67 70.30 53.15
CA GLY L 1006 39.53 69.42 53.90
C GLY L 1006 40.97 69.89 53.90
N VAL L 1007 41.47 70.30 52.74
CA VAL L 1007 42.81 70.84 52.65
C VAL L 1007 42.86 72.28 53.14
N MET L 1008 41.73 73.00 53.11
CA MET L 1008 41.64 74.30 53.75
C MET L 1008 41.84 74.18 55.25
N GLY L 1009 41.14 73.22 55.86
CA GLY L 1009 41.39 72.91 57.25
C GLY L 1009 42.77 72.33 57.45
N GLY L 1010 43.33 71.71 56.42
CA GLY L 1010 44.73 71.37 56.44
C GLY L 1010 45.63 72.59 56.56
N MET L 1011 45.27 73.68 55.91
CA MET L 1011 46.03 74.90 56.04
C MET L 1011 45.90 75.48 57.43
N VAL L 1012 44.67 75.79 57.86
CA VAL L 1012 44.52 76.53 59.10
C VAL L 1012 44.88 75.68 60.32
N THR L 1013 44.68 74.36 60.23
CA THR L 1013 45.17 73.48 61.28
C THR L 1013 46.55 72.94 60.97
N ALA L 1014 47.22 73.49 59.96
CA ALA L 1014 48.64 73.19 59.82
C ALA L 1014 49.48 74.45 59.83
N THR L 1015 49.14 75.40 58.97
CA THR L 1015 49.98 76.58 58.76
C THR L 1015 49.93 77.48 59.98
N VAL L 1016 48.76 78.01 60.30
CA VAL L 1016 48.67 78.63 61.61
C VAL L 1016 48.23 77.57 62.60
N LEU L 1017 49.07 76.56 62.77
CA LEU L 1017 49.13 75.78 63.98
C LEU L 1017 50.59 75.62 64.37
N ALA L 1018 51.34 75.06 63.44
CA ALA L 1018 52.62 74.45 63.75
C ALA L 1018 53.77 75.38 63.45
N ILE L 1019 53.47 76.62 63.08
CA ILE L 1019 54.42 77.72 63.20
C ILE L 1019 55.05 77.77 64.58
N PHE L 1020 54.26 77.47 65.61
CA PHE L 1020 54.80 77.33 66.95
C PHE L 1020 55.50 76.00 67.12
N PHE L 1021 54.93 74.93 66.55
CA PHE L 1021 55.29 73.59 66.98
C PHE L 1021 56.58 73.10 66.37
N VAL L 1022 56.82 73.39 65.10
CA VAL L 1022 58.03 72.91 64.42
C VAL L 1022 59.32 73.38 65.09
N PRO L 1023 59.50 74.67 65.45
CA PRO L 1023 60.74 75.02 66.15
C PRO L 1023 60.84 74.39 67.53
N VAL L 1024 59.73 74.26 68.24
CA VAL L 1024 59.86 73.75 69.59
C VAL L 1024 60.01 72.24 69.57
N PHE L 1025 59.50 71.59 68.52
CA PHE L 1025 59.80 70.18 68.35
C PHE L 1025 61.26 69.99 67.99
N PHE L 1026 61.81 70.93 67.21
CA PHE L 1026 63.24 70.88 66.91
C PHE L 1026 64.08 71.05 68.16
N VAL L 1027 63.68 71.97 69.05
CA VAL L 1027 64.53 72.19 70.20
C VAL L 1027 64.23 71.22 71.32
N VAL L 1028 63.19 70.40 71.20
CA VAL L 1028 63.08 69.34 72.19
C VAL L 1028 63.79 68.09 71.68
N VAL L 1029 63.83 67.90 70.36
CA VAL L 1029 64.61 66.82 69.79
C VAL L 1029 66.10 67.08 69.97
N ARG L 1030 66.51 68.32 69.70
CA ARG L 1030 67.90 68.67 69.92
C ARG L 1030 68.17 68.96 71.38
N ARG L 1031 67.48 69.95 71.94
CA ARG L 1031 67.77 70.39 73.30
C ARG L 1031 67.32 69.40 74.36
N ARG L 1032 66.63 68.33 73.99
CA ARG L 1032 66.57 67.19 74.88
C ARG L 1032 67.48 66.07 74.40
N PHE L 1033 67.67 65.93 73.09
CA PHE L 1033 68.44 64.81 72.55
C PHE L 1033 69.38 65.24 71.43
N SER L 1034 70.20 66.26 71.68
CA SER L 1034 71.43 66.35 70.93
C SER L 1034 72.50 65.47 71.57
N ARG L 1035 73.73 65.65 71.12
CA ARG L 1035 74.86 65.04 71.79
C ARG L 1035 75.29 65.89 72.97
N LYS L 1036 76.30 65.40 73.71
CA LYS L 1036 76.85 66.17 74.82
C LYS L 1036 77.65 67.36 74.32
N ASN L 1037 78.28 67.25 73.16
CA ASN L 1037 78.99 68.36 72.56
C ASN L 1037 78.03 69.19 71.71
#